data_6LXV
#
_entry.id   6LXV
#
_cell.length_a   1.00
_cell.length_b   1.00
_cell.length_c   1.00
_cell.angle_alpha   90.00
_cell.angle_beta   90.00
_cell.angle_gamma   90.00
#
_symmetry.space_group_name_H-M   'P 1'
#
loop_
_entity.id
_entity.type
_entity.pdbx_description
1 polymer Phosphoketolase
2 non-polymer 'THIAMINE DIPHOSPHATE'
3 non-polymer 'CALCIUM ION'
4 water water
#
_entity_poly.entity_id   1
_entity_poly.type   'polypeptide(L)'
_entity_poly.pdbx_seq_one_letter_code
;MTSPVIGTPWKKLNAPVSEEALEGVDKYWRVANYLSIGQIYLRSNPLMKEPFTREDVKHRLVGHWGTTPGLNFLIGHINR
FIADHGQNTVIIMGPGHGGPAGTSQSYLDGTYTETFPKITKDEAGLQKFFRQFSYPGGIPSHFAPETPGSIHEGGELGYA
LSHAYGAIMDNPSLFVPAIVGDGEAETGPLATGWQSNKLVNPRTDGIVLPILHLNGYKIANPTILSRISDEELHEFFHGM
GYEPYEFVAGFDDEDHMSIHRRFAELWETIWDEICDIKATAQTDNVHRPFYPMLIFRTPKGWTCPKYIDGKKTEGSWRSH
QVPLASARDTEAHFEVLKNWLESYKPEELFDANGAVKDDVLAFMPKGELRIGANPNANGGVIRNDLKLPNLEDYEVKEVA
EYGHGWGQLEATRTLGAYTRDIIKNNPRDFRIFGPDETASNRLQASYEVTNKQWDAGYISDEVDEHMHVSGQVVEQLSEH
QMEGFLEAYLLTGRHGIWSSYESFVHVIDSMLNQHAKWLEATVREIPWRKPIASMNLLVSSHVWRQDHNGFSHQDPGVTS
VLLNKCFHNDHVIGIYFATDANMLLAIAEKCYKSTNKINAIIAGKQPAATWLTLDEARAELEKGAAAWDWASTAKNNDEA
EVVLAAAGDVPTQEIMAASDKLKELGVKFKVVNVADLLSLQSAKENDEALTDEEFADIFTADKPVLFAYHSYAHDVRGLI
YDRPNHDNFNVHGYEEEGSTTTPYDMVRVNRIDRYELTAEALRMIDADKYADKIDELEKFRDEAFQFAVDNGYDHPDYTD
WVYSGVNTDKKGAVTATAATAGDNEHHHHHH
;
_entity_poly.pdbx_strand_id   A,B,C,D,E,F,G,H
#
loop_
_chem_comp.id
_chem_comp.type
_chem_comp.name
_chem_comp.formula
CA non-polymer 'CALCIUM ION' 'Ca 2'
TPP non-polymer 'THIAMINE DIPHOSPHATE' 'C12 H19 N4 O7 P2 S 1'
#
# COMPACT_ATOMS: atom_id res chain seq x y z
N THR A 2 -24.47 15.14 47.03
CA THR A 2 -23.77 14.87 45.79
C THR A 2 -24.65 15.22 44.60
N SER A 3 -24.17 14.97 43.40
CA SER A 3 -24.91 15.31 42.20
C SER A 3 -26.11 14.39 42.03
N PRO A 4 -27.26 14.91 41.65
CA PRO A 4 -28.39 14.03 41.32
C PRO A 4 -28.18 13.33 39.98
N VAL A 5 -28.56 12.06 39.93
CA VAL A 5 -28.75 11.35 38.68
C VAL A 5 -30.06 11.81 38.05
N ILE A 6 -29.99 12.44 36.90
CA ILE A 6 -31.15 13.07 36.25
C ILE A 6 -31.35 12.38 34.92
N GLY A 7 -32.57 11.98 34.64
CA GLY A 7 -32.90 11.48 33.32
C GLY A 7 -32.44 10.05 33.11
N THR A 8 -32.22 9.70 31.85
CA THR A 8 -31.77 8.38 31.44
C THR A 8 -30.46 8.60 30.71
N PRO A 9 -29.34 8.64 31.42
CA PRO A 9 -28.11 9.09 30.77
C PRO A 9 -27.52 8.05 29.85
N TRP A 10 -26.79 8.55 28.87
CA TRP A 10 -25.94 7.80 27.96
C TRP A 10 -26.75 6.75 27.16
N LYS A 11 -27.91 7.14 26.68
CA LYS A 11 -28.75 6.26 25.86
C LYS A 11 -28.65 6.60 24.39
N LYS A 12 -28.39 5.58 23.59
CA LYS A 12 -28.47 5.69 22.16
C LYS A 12 -29.91 5.82 21.69
N LEU A 13 -30.06 6.39 20.51
CA LEU A 13 -31.35 6.63 19.91
C LEU A 13 -31.89 5.40 19.21
N ASN A 14 -31.03 4.70 18.45
CA ASN A 14 -31.32 3.47 17.70
C ASN A 14 -32.40 3.67 16.62
N ALA A 15 -32.50 4.88 16.08
CA ALA A 15 -33.40 5.26 15.01
C ALA A 15 -32.86 6.54 14.39
N PRO A 16 -33.19 6.84 13.13
CA PRO A 16 -32.85 8.14 12.58
C PRO A 16 -33.66 9.22 13.28
N VAL A 17 -33.13 10.43 13.27
CA VAL A 17 -33.88 11.55 13.80
C VAL A 17 -35.12 11.76 12.94
N SER A 18 -36.26 11.97 13.60
CA SER A 18 -37.51 12.07 12.90
C SER A 18 -37.56 13.37 12.13
N GLU A 19 -38.15 13.30 10.95
CA GLU A 19 -38.32 14.47 10.11
C GLU A 19 -39.14 15.55 10.79
N GLU A 20 -40.12 15.17 11.60
CA GLU A 20 -40.90 16.16 12.35
C GLU A 20 -40.03 16.92 13.36
N ALA A 21 -39.20 16.22 14.14
CA ALA A 21 -38.29 16.89 15.06
C ALA A 21 -37.36 17.85 14.36
N LEU A 22 -36.91 17.49 13.17
CA LEU A 22 -36.08 18.41 12.41
C LEU A 22 -36.84 19.64 11.94
N GLU A 23 -38.14 19.52 11.67
CA GLU A 23 -38.91 20.71 11.35
C GLU A 23 -39.11 21.57 12.58
N GLY A 24 -39.27 20.94 13.73
CA GLY A 24 -39.13 21.64 14.99
C GLY A 24 -37.83 22.42 15.12
N VAL A 25 -36.70 21.78 14.86
CA VAL A 25 -35.40 22.45 15.04
C VAL A 25 -35.27 23.64 14.08
N ASP A 26 -35.79 23.50 12.87
CA ASP A 26 -35.66 24.60 11.91
C ASP A 26 -36.52 25.78 12.30
N LYS A 27 -37.71 25.55 12.81
CA LYS A 27 -38.53 26.62 13.36
C LYS A 27 -37.92 27.22 14.61
N TYR A 28 -37.38 26.40 15.52
CA TYR A 28 -36.62 26.93 16.64
C TYR A 28 -35.56 27.93 16.19
N TRP A 29 -34.73 27.57 15.19
CA TRP A 29 -33.66 28.42 14.75
C TRP A 29 -34.19 29.74 14.20
N ARG A 30 -35.23 29.68 13.38
CA ARG A 30 -35.87 30.89 12.87
C ARG A 30 -36.38 31.79 13.98
N VAL A 31 -37.15 31.26 14.92
CA VAL A 31 -37.72 32.07 15.97
C VAL A 31 -36.67 32.51 16.99
N ALA A 32 -35.67 31.67 17.30
CA ALA A 32 -34.63 32.15 18.17
C ALA A 32 -33.83 33.25 17.48
N ASN A 33 -33.64 33.16 16.17
CA ASN A 33 -32.91 34.21 15.46
C ASN A 33 -33.71 35.51 15.44
N TYR A 34 -35.00 35.40 15.13
CA TYR A 34 -35.92 36.52 15.24
C TYR A 34 -35.91 37.14 16.62
N LEU A 35 -35.97 36.33 17.66
CA LEU A 35 -36.01 36.86 19.02
C LEU A 35 -34.69 37.41 19.45
N SER A 36 -33.61 36.91 18.91
CA SER A 36 -32.32 37.49 19.15
C SER A 36 -32.20 38.88 18.52
N ILE A 37 -32.60 39.04 17.25
CA ILE A 37 -32.65 40.34 16.55
C ILE A 37 -33.63 41.31 17.21
N GLY A 38 -34.79 40.84 17.64
CA GLY A 38 -35.76 41.71 18.29
C GLY A 38 -35.22 42.35 19.56
N GLN A 39 -34.46 41.57 20.35
CA GLN A 39 -33.81 42.01 21.57
C GLN A 39 -32.73 43.05 21.31
N ILE A 40 -31.97 42.92 20.22
CA ILE A 40 -30.96 43.89 19.84
C ILE A 40 -31.57 45.16 19.28
N TYR A 41 -32.53 45.06 18.37
CA TYR A 41 -32.95 46.20 17.56
C TYR A 41 -34.24 46.89 18.01
N LEU A 42 -35.19 46.19 18.58
CA LEU A 42 -36.55 46.69 18.73
C LEU A 42 -36.87 47.15 20.14
N ARG A 43 -37.42 48.34 20.25
CA ARG A 43 -37.97 48.80 21.52
C ARG A 43 -39.48 48.68 21.56
N SER A 44 -40.14 48.62 20.43
CA SER A 44 -41.58 48.46 20.35
C SER A 44 -41.92 47.59 19.17
N ASN A 45 -43.20 47.27 19.09
CA ASN A 45 -43.85 46.61 17.95
C ASN A 45 -43.15 45.31 17.53
N PRO A 46 -43.10 44.31 18.42
CA PRO A 46 -42.21 43.15 18.19
C PRO A 46 -42.53 42.33 16.98
N LEU A 47 -43.81 42.25 16.63
CA LEU A 47 -44.27 41.44 15.52
C LEU A 47 -44.48 42.26 14.26
N MET A 48 -43.92 43.48 14.22
CA MET A 48 -43.95 44.38 13.06
C MET A 48 -45.37 44.57 12.49
N LYS A 49 -46.34 44.83 13.36
CA LYS A 49 -47.65 45.27 12.93
C LYS A 49 -47.53 46.60 12.24
N GLU A 50 -48.27 46.76 11.17
CA GLU A 50 -48.55 48.04 10.52
C GLU A 50 -49.00 49.09 11.52
N PRO A 51 -48.27 50.21 11.69
CA PRO A 51 -47.02 50.44 10.96
C PRO A 51 -45.75 50.16 11.78
N PHE A 52 -44.87 49.43 11.15
CA PHE A 52 -43.54 49.18 11.67
C PHE A 52 -42.60 50.21 11.08
N THR A 53 -42.20 51.18 11.89
CA THR A 53 -41.35 52.26 11.41
C THR A 53 -40.08 52.36 12.25
N ARG A 54 -39.24 53.33 11.90
CA ARG A 54 -37.99 53.59 12.56
C ARG A 54 -38.13 53.96 14.02
N GLU A 55 -39.27 54.48 14.44
CA GLU A 55 -39.55 54.68 15.85
C GLU A 55 -39.58 53.40 16.68
N ASP A 56 -39.82 52.26 16.08
CA ASP A 56 -39.76 51.02 16.83
C ASP A 56 -38.33 50.55 17.11
N VAL A 57 -37.32 51.20 16.57
CA VAL A 57 -35.95 50.76 16.68
C VAL A 57 -35.34 51.42 17.91
N LYS A 58 -34.55 50.67 18.66
CA LYS A 58 -33.86 51.21 19.81
C LYS A 58 -32.88 52.31 19.41
N HIS A 59 -32.78 53.30 20.26
CA HIS A 59 -31.93 54.44 19.97
C HIS A 59 -30.47 54.10 20.01
N ARG A 60 -30.10 53.10 20.77
CA ARG A 60 -28.72 52.70 20.85
C ARG A 60 -28.65 51.19 20.73
N LEU A 61 -27.89 50.71 19.78
CA LEU A 61 -27.83 49.29 19.51
C LEU A 61 -26.68 48.68 20.29
N VAL A 62 -27.02 47.79 21.18
CA VAL A 62 -26.11 47.10 22.08
C VAL A 62 -26.28 45.61 21.85
N GLY A 63 -25.19 44.88 21.83
CA GLY A 63 -25.26 43.44 21.76
C GLY A 63 -24.49 42.94 20.55
N HIS A 64 -24.55 41.63 20.39
CA HIS A 64 -23.66 40.93 19.47
C HIS A 64 -24.51 40.01 18.63
N TRP A 65 -24.49 40.22 17.33
CA TRP A 65 -25.09 39.30 16.40
C TRP A 65 -24.19 38.16 15.98
N GLY A 66 -22.88 38.34 15.83
CA GLY A 66 -22.05 37.44 15.03
C GLY A 66 -22.05 35.99 15.48
N THR A 67 -21.82 35.77 16.76
CA THR A 67 -21.89 34.43 17.31
C THR A 67 -23.33 33.88 17.42
N THR A 68 -24.34 34.73 17.47
CA THR A 68 -25.70 34.34 17.88
C THR A 68 -26.41 33.33 16.98
N PRO A 69 -26.52 33.50 15.65
CA PRO A 69 -27.25 32.49 14.90
C PRO A 69 -26.57 31.14 14.92
N GLY A 70 -25.26 31.09 15.04
CA GLY A 70 -24.60 29.83 15.27
C GLY A 70 -24.96 29.19 16.60
N LEU A 71 -25.08 29.99 17.64
CA LEU A 71 -25.45 29.47 18.95
C LEU A 71 -26.88 28.98 18.94
N ASN A 72 -27.78 29.71 18.27
CA ASN A 72 -29.19 29.34 18.14
C ASN A 72 -29.36 28.03 17.37
N PHE A 73 -28.49 27.78 16.39
CA PHE A 73 -28.50 26.53 15.64
C PHE A 73 -28.15 25.40 16.57
N LEU A 74 -27.01 25.51 17.23
CA LEU A 74 -26.52 24.50 18.16
C LEU A 74 -27.50 24.23 19.27
N ILE A 75 -28.08 25.28 19.85
CA ILE A 75 -29.00 25.16 20.98
C ILE A 75 -30.30 24.47 20.56
N GLY A 76 -30.84 24.83 19.39
CA GLY A 76 -31.94 24.10 18.80
C GLY A 76 -31.72 22.61 18.65
N HIS A 77 -30.56 22.21 18.13
CA HIS A 77 -30.24 20.81 17.95
C HIS A 77 -29.98 20.12 19.28
N ILE A 78 -29.39 20.83 20.26
CA ILE A 78 -29.17 20.29 21.58
C ILE A 78 -30.47 20.07 22.32
N ASN A 79 -31.42 21.00 22.23
CA ASN A 79 -32.77 20.79 22.77
C ASN A 79 -33.49 19.60 22.17
N ARG A 80 -33.45 19.41 20.85
CA ARG A 80 -33.94 18.20 20.22
C ARG A 80 -33.27 16.95 20.79
N PHE A 81 -31.95 16.93 20.82
CA PHE A 81 -31.19 15.87 21.47
C PHE A 81 -31.68 15.60 22.88
N ILE A 82 -31.94 16.63 23.68
CA ILE A 82 -32.26 16.40 25.08
C ILE A 82 -33.63 15.74 25.20
N ALA A 83 -34.61 16.25 24.47
CA ALA A 83 -35.95 15.69 24.50
C ALA A 83 -36.01 14.26 23.97
N ASP A 84 -35.25 13.93 22.92
CA ASP A 84 -35.19 12.57 22.38
C ASP A 84 -34.47 11.57 23.29
N HIS A 85 -33.47 11.99 24.06
CA HIS A 85 -32.68 11.03 24.79
C HIS A 85 -32.89 11.07 26.30
N GLY A 86 -33.63 12.05 26.81
CA GLY A 86 -33.65 12.32 28.24
C GLY A 86 -32.28 12.49 28.90
N GLN A 87 -31.36 13.18 28.26
CA GLN A 87 -30.03 13.41 28.82
C GLN A 87 -29.97 14.64 29.73
N ASN A 88 -29.46 14.46 30.93
CA ASN A 88 -29.03 15.52 31.84
C ASN A 88 -27.92 16.37 31.19
N THR A 89 -28.19 17.63 30.94
CA THR A 89 -27.35 18.43 30.04
C THR A 89 -27.24 19.84 30.61
N VAL A 90 -26.03 20.36 30.69
CA VAL A 90 -25.76 21.77 30.93
C VAL A 90 -24.90 22.32 29.80
N ILE A 91 -25.24 23.48 29.28
CA ILE A 91 -24.46 24.09 28.20
CA ILE A 91 -24.46 24.09 28.21
C ILE A 91 -23.52 25.14 28.78
N ILE A 92 -22.28 25.11 28.36
CA ILE A 92 -21.34 26.18 28.62
C ILE A 92 -21.29 27.04 27.36
N MET A 93 -21.76 28.27 27.44
CA MET A 93 -21.77 29.21 26.33
C MET A 93 -20.52 30.07 26.46
N GLY A 94 -19.43 29.55 25.95
CA GLY A 94 -18.15 30.20 25.84
C GLY A 94 -18.16 31.59 25.25
N PRO A 95 -18.76 31.78 24.04
CA PRO A 95 -18.96 33.15 23.53
C PRO A 95 -20.14 33.81 24.23
N GLY A 96 -19.88 34.26 25.45
CA GLY A 96 -20.95 34.62 26.33
C GLY A 96 -21.62 35.92 25.96
N HIS A 97 -20.99 36.71 25.11
CA HIS A 97 -21.60 37.83 24.44
C HIS A 97 -22.70 37.43 23.46
N GLY A 98 -22.93 36.16 23.22
CA GLY A 98 -24.11 35.62 22.63
C GLY A 98 -25.30 35.48 23.55
N GLY A 99 -25.41 36.41 24.48
CA GLY A 99 -26.53 36.67 25.34
C GLY A 99 -27.89 36.46 24.75
N PRO A 100 -28.29 37.13 23.63
CA PRO A 100 -29.62 36.90 23.04
C PRO A 100 -30.00 35.46 22.76
N ALA A 101 -29.05 34.58 22.47
CA ALA A 101 -29.32 33.16 22.30
C ALA A 101 -29.73 32.48 23.61
N GLY A 102 -29.06 32.84 24.70
CA GLY A 102 -29.39 32.31 26.00
C GLY A 102 -30.72 32.78 26.52
N THR A 103 -31.03 34.06 26.37
CA THR A 103 -32.32 34.57 26.78
C THR A 103 -33.43 34.07 25.88
N SER A 104 -33.15 33.91 24.57
CA SER A 104 -34.15 33.39 23.64
C SER A 104 -34.48 31.95 23.97
N GLN A 105 -33.46 31.15 24.32
CA GLN A 105 -33.64 29.77 24.72
C GLN A 105 -34.54 29.67 25.94
N SER A 106 -34.24 30.42 26.98
CA SER A 106 -35.02 30.42 28.18
C SER A 106 -36.43 30.95 27.93
N TYR A 107 -36.62 31.87 27.00
CA TYR A 107 -37.97 32.33 26.65
C TYR A 107 -38.76 31.25 25.93
N LEU A 108 -38.14 30.57 24.99
CA LEU A 108 -38.73 29.46 24.26
C LEU A 108 -38.98 28.22 25.12
N ASP A 109 -38.06 27.85 26.03
CA ASP A 109 -38.30 26.68 26.88
C ASP A 109 -39.27 26.96 28.02
N GLY A 110 -39.72 28.17 28.18
CA GLY A 110 -40.71 28.53 29.15
C GLY A 110 -40.16 28.89 30.51
N THR A 111 -38.89 28.65 30.77
CA THR A 111 -38.33 28.99 32.05
C THR A 111 -38.20 30.47 32.25
N TYR A 112 -38.20 31.29 31.20
CA TYR A 112 -38.07 32.73 31.43
C TYR A 112 -39.33 33.30 32.07
N THR A 113 -40.49 32.93 31.57
CA THR A 113 -41.73 33.48 32.09
C THR A 113 -42.02 32.95 33.47
N GLU A 114 -41.69 31.68 33.70
CA GLU A 114 -41.68 31.08 35.04
C GLU A 114 -40.88 31.88 36.06
N THR A 115 -39.67 32.26 35.71
CA THR A 115 -38.74 32.99 36.56
C THR A 115 -39.07 34.46 36.61
N PHE A 116 -39.56 35.05 35.52
CA PHE A 116 -39.76 36.48 35.38
C PHE A 116 -41.19 36.65 34.94
N PRO A 117 -42.14 36.64 35.86
CA PRO A 117 -43.57 36.58 35.52
C PRO A 117 -44.09 37.76 34.70
N LYS A 118 -43.49 38.94 34.73
CA LYS A 118 -43.94 40.01 33.84
C LYS A 118 -43.64 39.76 32.36
N ILE A 119 -42.74 38.86 32.00
CA ILE A 119 -42.35 38.68 30.61
C ILE A 119 -43.21 37.53 30.13
N THR A 120 -44.41 37.84 29.69
CA THR A 120 -45.39 36.81 29.35
C THR A 120 -45.16 36.31 27.93
N LYS A 121 -45.79 35.20 27.63
CA LYS A 121 -45.71 34.56 26.32
C LYS A 121 -46.84 35.02 25.40
N ASP A 122 -46.84 36.31 25.14
CA ASP A 122 -47.77 36.95 24.22
C ASP A 122 -47.13 38.25 23.75
N GLU A 123 -47.90 39.07 23.06
CA GLU A 123 -47.32 40.17 22.32
C GLU A 123 -46.83 41.28 23.24
N ALA A 124 -47.53 41.53 24.34
CA ALA A 124 -47.01 42.49 25.29
C ALA A 124 -45.84 41.96 26.09
N GLY A 125 -45.79 40.66 26.38
CA GLY A 125 -44.61 40.13 26.99
C GLY A 125 -43.43 40.11 26.05
N LEU A 126 -43.70 39.91 24.77
CA LEU A 126 -42.66 39.91 23.75
C LEU A 126 -42.07 41.29 23.53
N GLN A 127 -42.88 42.31 23.69
CA GLN A 127 -42.45 43.68 23.63
C GLN A 127 -41.52 44.00 24.80
N LYS A 128 -41.93 43.59 26.00
CA LYS A 128 -41.08 43.74 27.16
C LYS A 128 -39.81 42.91 27.06
N PHE A 129 -39.90 41.73 26.46
CA PHE A 129 -38.72 40.90 26.27
C PHE A 129 -37.70 41.59 25.39
N PHE A 130 -38.15 42.25 24.31
CA PHE A 130 -37.25 42.88 23.34
C PHE A 130 -36.65 44.16 23.88
N ARG A 131 -37.47 45.00 24.49
CA ARG A 131 -37.00 46.27 25.04
C ARG A 131 -35.97 46.08 26.15
N GLN A 132 -36.18 45.14 27.08
CA GLN A 132 -35.33 44.99 28.27
C GLN A 132 -33.89 44.58 27.96
N PHE A 133 -33.62 43.92 26.84
CA PHE A 133 -32.29 43.42 26.55
C PHE A 133 -31.31 44.56 26.41
N SER A 134 -30.29 44.54 27.24
CA SER A 134 -29.16 45.47 27.27
C SER A 134 -29.60 46.91 27.31
N TYR A 135 -30.57 47.22 28.13
CA TYR A 135 -31.27 48.46 28.16
C TYR A 135 -31.30 49.00 29.58
N PRO A 136 -31.38 50.32 29.80
CA PRO A 136 -31.42 50.86 31.17
C PRO A 136 -32.57 50.34 32.03
N GLY A 137 -32.23 49.65 33.10
CA GLY A 137 -33.19 48.97 33.93
C GLY A 137 -33.69 47.64 33.42
N GLY A 138 -33.09 47.08 32.38
CA GLY A 138 -33.43 45.76 31.87
C GLY A 138 -32.42 44.72 32.28
N ILE A 139 -31.92 43.92 31.36
CA ILE A 139 -31.15 42.72 31.65
C ILE A 139 -29.81 42.85 30.93
N PRO A 140 -28.78 42.05 31.23
CA PRO A 140 -27.46 42.34 30.66
C PRO A 140 -27.29 41.87 29.21
N SER A 141 -26.19 42.29 28.64
CA SER A 141 -25.85 41.89 27.28
C SER A 141 -25.33 40.47 27.16
N HIS A 142 -24.79 39.91 28.22
CA HIS A 142 -24.14 38.62 28.18
C HIS A 142 -25.07 37.54 28.71
N PHE A 143 -24.57 36.32 28.75
CA PHE A 143 -25.26 35.16 29.34
C PHE A 143 -25.10 35.14 30.86
N ALA A 144 -25.59 36.18 31.48
CA ALA A 144 -25.37 36.60 32.84
C ALA A 144 -26.01 35.63 33.84
N PRO A 145 -25.67 35.69 35.15
CA PRO A 145 -26.37 34.83 36.12
C PRO A 145 -27.86 35.08 36.24
N GLU A 146 -28.36 36.24 35.83
CA GLU A 146 -29.78 36.51 35.69
C GLU A 146 -30.54 35.61 34.70
N THR A 147 -29.90 34.95 33.80
CA THR A 147 -30.52 34.09 32.80
C THR A 147 -30.67 32.67 33.32
N PRO A 148 -31.85 32.07 33.30
CA PRO A 148 -31.99 30.65 33.60
C PRO A 148 -31.20 29.77 32.62
N GLY A 149 -30.39 28.90 33.16
CA GLY A 149 -29.53 28.06 32.37
C GLY A 149 -28.06 28.43 32.35
N SER A 150 -27.67 29.63 32.73
CA SER A 150 -26.26 29.98 32.73
C SER A 150 -25.56 29.56 34.02
N ILE A 151 -24.38 28.97 33.88
CA ILE A 151 -23.41 28.89 34.98
C ILE A 151 -22.11 29.59 34.63
N HIS A 152 -22.08 30.38 33.59
CA HIS A 152 -20.85 30.90 33.01
C HIS A 152 -21.24 32.09 32.16
N GLU A 153 -20.83 33.27 32.55
CA GLU A 153 -21.18 34.45 31.79
C GLU A 153 -20.37 34.55 30.48
N GLY A 154 -19.16 34.04 30.46
CA GLY A 154 -18.30 34.13 29.29
C GLY A 154 -18.10 35.53 28.80
N GLY A 155 -17.97 36.48 29.71
CA GLY A 155 -17.61 37.84 29.36
C GLY A 155 -16.13 37.94 29.09
N GLU A 156 -15.36 37.68 30.11
CA GLU A 156 -13.96 37.40 29.95
C GLU A 156 -13.73 36.01 29.39
N LEU A 157 -13.00 35.92 28.30
CA LEU A 157 -12.95 34.68 27.54
C LEU A 157 -11.83 33.76 27.97
N GLY A 158 -12.05 32.47 27.81
CA GLY A 158 -11.05 31.45 28.02
C GLY A 158 -11.29 30.48 29.15
N TYR A 159 -12.40 30.49 29.87
CA TYR A 159 -12.64 29.57 30.97
C TYR A 159 -13.72 28.55 30.67
N ALA A 160 -14.20 28.48 29.43
CA ALA A 160 -15.28 27.58 29.05
C ALA A 160 -14.96 26.12 29.34
N LEU A 161 -13.75 25.68 29.05
CA LEU A 161 -13.43 24.28 29.18
C LEU A 161 -13.09 23.91 30.59
N SER A 162 -12.41 24.76 31.33
CA SER A 162 -12.19 24.53 32.75
C SER A 162 -13.52 24.44 33.49
N HIS A 163 -14.48 25.26 33.11
CA HIS A 163 -15.77 25.20 33.76
C HIS A 163 -16.53 23.98 33.32
N ALA A 164 -16.42 23.60 32.05
CA ALA A 164 -17.09 22.41 31.58
C ALA A 164 -16.59 21.17 32.32
N TYR A 165 -15.28 21.03 32.44
CA TYR A 165 -14.72 19.86 33.09
C TYR A 165 -14.91 19.86 34.59
N GLY A 166 -14.87 21.01 35.26
CA GLY A 166 -15.25 21.09 36.66
C GLY A 166 -16.67 20.65 36.92
N ALA A 167 -17.60 21.01 36.03
CA ALA A 167 -19.01 20.65 36.13
C ALA A 167 -19.22 19.14 36.13
N ILE A 168 -18.49 18.40 35.32
CA ILE A 168 -18.72 16.97 35.18
C ILE A 168 -17.99 16.14 36.21
N MET A 169 -17.07 16.69 36.98
CA MET A 169 -16.38 15.94 38.02
C MET A 169 -17.36 15.45 39.05
N ASP A 170 -17.27 14.17 39.43
CA ASP A 170 -18.20 13.45 40.34
C ASP A 170 -19.66 13.62 39.93
N ASN A 171 -19.89 13.84 38.66
CA ASN A 171 -21.21 14.05 38.10
C ASN A 171 -21.35 13.09 36.92
N PRO A 172 -21.41 11.79 37.18
CA PRO A 172 -21.36 10.80 36.11
C PRO A 172 -22.57 10.76 35.19
N SER A 173 -23.72 11.29 35.53
CA SER A 173 -24.79 11.39 34.55
C SER A 173 -24.78 12.69 33.74
N LEU A 174 -23.91 13.65 34.00
CA LEU A 174 -24.00 14.96 33.37
C LEU A 174 -23.26 15.04 32.03
N PHE A 175 -23.94 15.48 31.00
CA PHE A 175 -23.39 15.81 29.69
C PHE A 175 -23.24 17.33 29.56
N VAL A 176 -22.06 17.81 29.19
CA VAL A 176 -21.79 19.24 29.03
C VAL A 176 -21.30 19.48 27.62
N PRO A 177 -22.13 20.02 26.76
CA PRO A 177 -21.71 20.55 25.47
C PRO A 177 -21.06 21.91 25.70
N ALA A 178 -19.80 22.03 25.41
CA ALA A 178 -19.03 23.23 25.77
C ALA A 178 -18.67 24.02 24.51
N ILE A 179 -19.35 25.12 24.28
CA ILE A 179 -19.18 25.88 23.06
C ILE A 179 -18.01 26.82 23.24
N VAL A 180 -17.03 26.72 22.40
CA VAL A 180 -15.80 27.47 22.51
C VAL A 180 -15.71 28.39 21.31
N GLY A 181 -15.66 29.68 21.53
CA GLY A 181 -15.26 30.66 20.53
C GLY A 181 -13.98 30.35 19.77
N ASP A 182 -13.86 30.57 18.47
CA ASP A 182 -12.57 30.27 17.89
C ASP A 182 -11.54 31.36 18.19
N GLY A 183 -12.00 32.57 18.45
CA GLY A 183 -11.16 33.57 19.08
C GLY A 183 -10.83 33.23 20.51
N GLU A 184 -11.82 32.77 21.26
CA GLU A 184 -11.58 32.36 22.64
C GLU A 184 -10.55 31.24 22.75
N ALA A 185 -10.49 30.34 21.78
CA ALA A 185 -9.46 29.33 21.71
C ALA A 185 -8.03 29.87 21.54
N GLU A 186 -7.85 31.13 21.15
CA GLU A 186 -6.53 31.78 21.18
C GLU A 186 -6.05 32.14 22.59
N THR A 187 -6.90 32.17 23.63
CA THR A 187 -6.43 32.61 24.93
C THR A 187 -5.59 31.54 25.61
N GLY A 188 -4.74 31.98 26.52
CA GLY A 188 -4.02 31.14 27.45
C GLY A 188 -4.90 30.13 28.16
N PRO A 189 -5.84 30.58 29.00
CA PRO A 189 -6.69 29.65 29.76
C PRO A 189 -7.46 28.64 28.91
N LEU A 190 -7.98 29.01 27.77
CA LEU A 190 -8.61 28.03 26.93
C LEU A 190 -7.61 27.02 26.39
N ALA A 191 -6.45 27.45 25.92
CA ALA A 191 -5.47 26.57 25.28
C ALA A 191 -5.05 25.42 26.18
N THR A 192 -4.79 25.67 27.46
CA THR A 192 -4.51 24.58 28.36
C THR A 192 -5.73 23.76 28.79
N GLY A 193 -6.93 24.34 28.73
CA GLY A 193 -8.18 23.68 29.05
C GLY A 193 -8.51 22.44 28.24
N TRP A 194 -7.98 22.34 27.03
CA TRP A 194 -8.14 21.13 26.23
C TRP A 194 -7.51 19.89 26.85
N GLN A 195 -6.47 20.03 27.65
CA GLN A 195 -5.82 18.91 28.29
C GLN A 195 -6.54 18.36 29.51
N SER A 196 -7.66 18.94 29.90
CA SER A 196 -8.37 18.52 31.09
C SER A 196 -8.90 17.11 30.96
N ASN A 197 -9.07 16.57 29.73
CA ASN A 197 -9.54 15.21 29.51
C ASN A 197 -8.53 14.15 30.02
N LYS A 198 -7.33 14.54 30.33
CA LYS A 198 -6.38 13.71 31.02
C LYS A 198 -6.59 13.73 32.54
N LEU A 199 -7.50 14.51 33.06
CA LEU A 199 -7.74 14.60 34.48
C LEU A 199 -9.14 14.14 34.86
N VAL A 200 -9.93 13.61 33.94
CA VAL A 200 -11.26 13.14 34.26
C VAL A 200 -11.34 11.66 33.95
N ASN A 201 -12.29 11.00 34.56
CA ASN A 201 -12.48 9.59 34.42
C ASN A 201 -13.88 9.32 33.89
N PRO A 202 -14.02 8.60 32.80
CA PRO A 202 -15.35 8.41 32.19
C PRO A 202 -16.30 7.55 33.01
N ARG A 203 -15.84 6.78 33.96
CA ARG A 203 -16.82 6.18 34.84
C ARG A 203 -17.27 7.12 35.95
N THR A 204 -16.36 7.70 36.72
CA THR A 204 -16.72 8.45 37.90
C THR A 204 -17.14 9.87 37.59
N ASP A 205 -16.84 10.40 36.43
CA ASP A 205 -17.21 11.74 36.00
C ASP A 205 -18.18 11.71 34.82
N GLY A 206 -18.71 12.85 34.43
CA GLY A 206 -19.53 12.95 33.25
C GLY A 206 -18.76 13.07 31.96
N ILE A 207 -19.33 13.71 30.95
CA ILE A 207 -18.72 13.81 29.63
C ILE A 207 -18.82 15.25 29.15
N VAL A 208 -17.72 15.81 28.72
CA VAL A 208 -17.69 17.08 28.03
C VAL A 208 -17.54 16.80 26.53
N LEU A 209 -18.40 17.39 25.73
CA LEU A 209 -18.23 17.52 24.28
C LEU A 209 -17.80 18.92 23.91
N PRO A 210 -16.55 19.17 23.61
CA PRO A 210 -16.17 20.53 23.23
C PRO A 210 -16.65 20.79 21.81
N ILE A 211 -17.20 21.97 21.62
CA ILE A 211 -17.71 22.43 20.32
C ILE A 211 -16.99 23.70 19.94
N LEU A 212 -16.12 23.62 18.97
CA LEU A 212 -15.36 24.77 18.53
C LEU A 212 -16.21 25.53 17.55
N HIS A 213 -16.67 26.70 17.97
CA HIS A 213 -17.49 27.60 17.17
C HIS A 213 -16.60 28.34 16.16
N LEU A 214 -16.15 27.57 15.16
CA LEU A 214 -15.21 28.02 14.16
C LEU A 214 -15.90 28.89 13.10
N ASN A 215 -16.25 30.08 13.51
CA ASN A 215 -16.93 30.92 12.55
C ASN A 215 -15.94 31.77 11.78
N GLY A 216 -14.66 31.66 12.04
CA GLY A 216 -13.63 32.25 11.25
C GLY A 216 -13.07 33.56 11.73
N TYR A 217 -13.72 34.24 12.67
CA TYR A 217 -13.52 35.64 13.02
C TYR A 217 -13.73 35.80 14.51
N LYS A 218 -13.02 36.74 15.07
CA LYS A 218 -13.12 37.34 16.36
C LYS A 218 -13.63 38.77 16.08
N ILE A 219 -13.27 39.76 16.88
CA ILE A 219 -13.87 41.10 16.74
C ILE A 219 -13.57 41.72 15.37
N ALA A 220 -12.32 41.76 14.98
CA ALA A 220 -11.93 42.49 13.81
C ALA A 220 -10.90 41.77 12.96
N ASN A 221 -10.60 40.53 13.27
CA ASN A 221 -9.52 39.71 12.76
C ASN A 221 -10.04 38.33 12.42
N PRO A 222 -9.38 37.62 11.52
CA PRO A 222 -9.60 36.18 11.42
C PRO A 222 -9.05 35.44 12.62
N THR A 223 -9.42 34.21 12.75
CA THR A 223 -8.96 33.41 13.85
C THR A 223 -7.89 32.46 13.33
N ILE A 224 -6.83 32.30 14.10
CA ILE A 224 -5.75 31.34 13.84
C ILE A 224 -6.28 29.96 13.49
N LEU A 225 -7.19 29.41 14.27
CA LEU A 225 -7.60 28.04 14.06
C LEU A 225 -8.46 27.87 12.82
N SER A 226 -9.02 28.89 12.28
CA SER A 226 -9.79 28.78 11.05
C SER A 226 -8.97 29.08 9.82
N ARG A 227 -7.74 29.55 9.97
CA ARG A 227 -6.88 29.87 8.86
C ARG A 227 -5.71 28.92 8.66
N ILE A 228 -5.45 28.00 9.57
CA ILE A 228 -4.48 26.95 9.44
C ILE A 228 -5.15 25.85 8.64
N SER A 229 -4.40 24.88 8.20
CA SER A 229 -4.98 23.87 7.36
C SER A 229 -5.87 22.93 8.17
N ASP A 230 -6.78 22.28 7.47
CA ASP A 230 -7.68 21.33 8.08
C ASP A 230 -6.96 20.11 8.62
N GLU A 231 -5.86 19.72 7.99
CA GLU A 231 -5.00 18.68 8.50
C GLU A 231 -4.28 19.09 9.78
N GLU A 232 -3.78 20.33 9.86
CA GLU A 232 -3.20 20.81 11.10
C GLU A 232 -4.25 20.85 12.21
N LEU A 233 -5.43 21.33 11.91
CA LEU A 233 -6.48 21.51 12.89
C LEU A 233 -6.95 20.17 13.45
N HIS A 234 -6.99 19.16 12.62
CA HIS A 234 -7.38 17.83 13.08
C HIS A 234 -6.30 17.14 13.87
N GLU A 235 -5.05 17.21 13.41
CA GLU A 235 -3.89 16.71 14.16
C GLU A 235 -3.78 17.32 15.54
N PHE A 236 -4.00 18.62 15.64
CA PHE A 236 -4.03 19.35 16.90
C PHE A 236 -4.98 18.73 17.90
N PHE A 237 -6.23 18.52 17.53
CA PHE A 237 -7.23 17.97 18.43
C PHE A 237 -6.99 16.51 18.73
N HIS A 238 -6.40 15.79 17.79
CA HIS A 238 -6.08 14.42 18.02
C HIS A 238 -4.88 14.27 18.93
N GLY A 239 -3.97 15.23 18.88
CA GLY A 239 -2.84 15.30 19.77
C GLY A 239 -3.20 15.54 21.20
N MET A 240 -4.31 16.20 21.46
CA MET A 240 -4.84 16.55 22.77
C MET A 240 -5.81 15.52 23.31
N GLY A 241 -5.87 14.35 22.72
CA GLY A 241 -6.75 13.31 23.15
C GLY A 241 -8.19 13.41 22.71
N TYR A 242 -8.48 14.04 21.60
CA TYR A 242 -9.83 14.13 21.09
C TYR A 242 -9.92 13.42 19.76
N GLU A 243 -11.08 12.92 19.45
CA GLU A 243 -11.42 12.45 18.13
C GLU A 243 -12.22 13.50 17.39
N PRO A 244 -11.66 14.33 16.53
CA PRO A 244 -12.43 15.47 16.01
C PRO A 244 -13.36 15.13 14.84
N TYR A 245 -14.53 15.70 14.87
CA TYR A 245 -15.54 15.61 13.83
C TYR A 245 -15.74 17.02 13.33
N GLU A 246 -15.89 17.17 12.05
CA GLU A 246 -16.10 18.49 11.50
C GLU A 246 -17.46 18.55 10.85
N PHE A 247 -18.16 19.64 11.09
CA PHE A 247 -19.35 20.02 10.37
C PHE A 247 -19.14 21.35 9.66
N VAL A 248 -19.48 21.42 8.40
CA VAL A 248 -19.35 22.65 7.63
C VAL A 248 -20.71 23.00 7.06
N ALA A 249 -21.17 24.23 7.27
CA ALA A 249 -22.44 24.63 6.69
C ALA A 249 -22.53 26.12 6.53
N GLY A 250 -23.39 26.51 5.63
CA GLY A 250 -23.74 27.87 5.36
C GLY A 250 -22.89 28.62 4.37
N PHE A 251 -21.91 28.01 3.75
CA PHE A 251 -21.06 28.68 2.79
C PHE A 251 -21.46 28.39 1.35
N ASP A 252 -22.64 27.84 1.11
CA ASP A 252 -23.16 27.55 -0.22
C ASP A 252 -24.67 27.79 -0.14
N ASP A 253 -25.43 27.23 -1.05
CA ASP A 253 -26.86 27.44 -1.08
C ASP A 253 -27.65 26.19 -0.74
N GLU A 254 -27.08 25.31 0.06
CA GLU A 254 -27.81 24.21 0.66
C GLU A 254 -29.03 24.72 1.42
N ASP A 255 -30.15 24.11 1.16
CA ASP A 255 -31.33 24.53 1.87
C ASP A 255 -31.23 24.13 3.32
N HIS A 256 -31.92 24.88 4.13
CA HIS A 256 -31.74 24.76 5.56
C HIS A 256 -32.16 23.40 6.10
N MET A 257 -33.13 22.74 5.47
CA MET A 257 -33.53 21.43 5.92
C MET A 257 -32.50 20.35 5.63
N SER A 258 -31.71 20.43 4.57
CA SER A 258 -30.60 19.49 4.41
C SER A 258 -29.53 19.66 5.47
N ILE A 259 -29.24 20.91 5.84
CA ILE A 259 -28.27 21.23 6.87
C ILE A 259 -28.66 20.58 8.19
N HIS A 260 -29.91 20.77 8.62
CA HIS A 260 -30.40 20.16 9.85
C HIS A 260 -30.31 18.64 9.82
N ARG A 261 -30.67 17.99 8.70
CA ARG A 261 -30.55 16.54 8.62
C ARG A 261 -29.11 16.10 8.70
N ARG A 262 -28.23 16.81 8.00
CA ARG A 262 -26.81 16.49 8.04
C ARG A 262 -26.29 16.63 9.44
N PHE A 263 -26.73 17.64 10.16
CA PHE A 263 -26.21 17.90 11.48
C PHE A 263 -26.75 16.89 12.48
N ALA A 264 -28.02 16.57 12.39
CA ALA A 264 -28.61 15.61 13.32
C ALA A 264 -27.98 14.23 13.15
N GLU A 265 -27.63 13.83 11.93
CA GLU A 265 -26.90 12.61 11.64
C GLU A 265 -25.51 12.61 12.28
N LEU A 266 -24.78 13.70 12.14
CA LEU A 266 -23.47 13.82 12.76
C LEU A 266 -23.57 13.89 14.28
N TRP A 267 -24.54 14.62 14.80
CA TRP A 267 -24.76 14.65 16.25
C TRP A 267 -25.00 13.26 16.82
N GLU A 268 -25.83 12.47 16.16
CA GLU A 268 -26.15 11.17 16.69
C GLU A 268 -25.01 10.19 16.55
N THR A 269 -24.16 10.33 15.52
CA THR A 269 -22.91 9.59 15.42
C THR A 269 -21.94 9.91 16.56
N ILE A 270 -21.69 11.21 16.82
CA ILE A 270 -20.95 11.67 17.99
C ILE A 270 -21.56 11.09 19.26
N TRP A 271 -22.87 11.19 19.44
CA TRP A 271 -23.49 10.69 20.65
C TRP A 271 -23.38 9.19 20.80
N ASP A 272 -23.47 8.45 19.72
CA ASP A 272 -23.21 7.01 19.80
C ASP A 272 -21.78 6.68 20.23
N GLU A 273 -20.82 7.53 19.89
CA GLU A 273 -19.45 7.39 20.32
C GLU A 273 -19.29 7.67 21.80
N ILE A 274 -20.05 8.63 22.32
CA ILE A 274 -20.00 8.96 23.73
C ILE A 274 -20.67 7.88 24.56
N CYS A 275 -21.78 7.33 24.07
CA CYS A 275 -22.48 6.27 24.76
C CYS A 275 -21.63 5.01 24.81
N ASP A 276 -20.87 4.75 23.75
CA ASP A 276 -19.88 3.67 23.74
C ASP A 276 -18.79 3.87 24.78
N ILE A 277 -18.27 5.10 24.93
CA ILE A 277 -17.28 5.44 25.94
C ILE A 277 -17.82 5.19 27.33
N LYS A 278 -19.04 5.58 27.57
CA LYS A 278 -19.66 5.46 28.87
C LYS A 278 -19.97 4.00 29.17
N ALA A 279 -20.37 3.24 28.18
CA ALA A 279 -20.65 1.81 28.35
C ALA A 279 -19.38 1.01 28.58
N THR A 280 -18.30 1.34 27.89
CA THR A 280 -16.99 0.74 28.09
C THR A 280 -16.45 1.04 29.49
N ALA A 281 -16.65 2.26 29.97
CA ALA A 281 -16.13 2.69 31.26
C ALA A 281 -16.81 2.01 32.44
N GLN A 282 -17.97 1.40 32.25
CA GLN A 282 -18.57 0.57 33.30
C GLN A 282 -17.76 -0.69 33.56
N THR A 283 -16.88 -1.07 32.64
CA THR A 283 -15.98 -2.21 32.77
C THR A 283 -14.50 -1.83 32.81
N ASP A 284 -14.04 -0.99 31.91
CA ASP A 284 -12.65 -0.60 31.78
C ASP A 284 -12.63 0.91 31.85
N ASN A 285 -12.22 1.46 32.97
CA ASN A 285 -11.96 2.89 33.10
C ASN A 285 -10.51 3.18 33.40
N VAL A 286 -9.63 2.27 33.04
CA VAL A 286 -8.21 2.40 33.22
C VAL A 286 -7.54 2.95 31.97
N HIS A 287 -8.18 2.86 30.83
CA HIS A 287 -7.62 3.26 29.55
C HIS A 287 -8.40 4.46 29.03
N ARG A 288 -7.72 5.56 28.87
CA ARG A 288 -8.33 6.83 28.49
C ARG A 288 -8.86 6.77 27.07
N PRO A 289 -10.14 6.99 26.83
CA PRO A 289 -10.61 7.06 25.44
C PRO A 289 -10.20 8.38 24.79
N PHE A 290 -10.26 8.41 23.49
CA PHE A 290 -10.34 9.67 22.77
C PHE A 290 -11.77 10.19 22.80
N TYR A 291 -12.01 11.26 23.41
CA TYR A 291 -13.34 11.85 23.43
C TYR A 291 -13.65 12.54 22.11
N PRO A 292 -14.88 12.52 21.67
CA PRO A 292 -15.24 13.30 20.50
C PRO A 292 -15.15 14.79 20.77
N MET A 293 -14.98 15.57 19.73
CA MET A 293 -15.16 17.00 19.77
C MET A 293 -15.71 17.42 18.44
N LEU A 294 -16.39 18.50 18.42
CA LEU A 294 -17.01 18.98 17.21
C LEU A 294 -16.38 20.27 16.77
N ILE A 295 -15.89 20.30 15.56
CA ILE A 295 -15.51 21.52 14.87
C ILE A 295 -16.70 21.96 14.03
N PHE A 296 -17.31 23.01 14.44
CA PHE A 296 -18.51 23.58 13.85
C PHE A 296 -18.10 24.79 13.02
N ARG A 297 -18.06 24.62 11.72
CA ARG A 297 -17.55 25.64 10.83
C ARG A 297 -18.72 26.24 10.07
N THR A 298 -19.08 27.49 10.36
CA THR A 298 -20.27 28.18 9.87
C THR A 298 -19.90 29.63 9.67
N PRO A 299 -20.63 30.37 8.81
CA PRO A 299 -20.23 31.77 8.58
C PRO A 299 -20.62 32.64 9.75
N LYS A 300 -19.75 33.56 10.12
CA LYS A 300 -20.05 34.42 11.24
C LYS A 300 -21.24 35.32 10.90
N GLY A 301 -22.18 35.40 11.82
CA GLY A 301 -23.34 36.15 11.51
C GLY A 301 -24.30 35.46 10.58
N TRP A 302 -24.18 34.15 10.38
CA TRP A 302 -25.01 33.31 9.51
C TRP A 302 -26.48 33.74 9.44
N THR A 303 -27.02 33.98 8.26
CA THR A 303 -28.39 34.43 7.91
C THR A 303 -28.60 35.95 8.06
N CYS A 304 -27.63 36.76 8.47
CA CYS A 304 -27.67 38.22 8.30
C CYS A 304 -27.54 38.54 6.80
N PRO A 305 -27.88 39.76 6.35
CA PRO A 305 -27.70 40.08 4.92
C PRO A 305 -26.23 39.97 4.52
N LYS A 306 -25.99 39.34 3.37
CA LYS A 306 -24.63 39.04 2.90
C LYS A 306 -23.77 40.29 2.74
N TYR A 307 -24.33 41.35 2.21
CA TYR A 307 -23.63 42.61 2.00
C TYR A 307 -24.50 43.72 2.51
N ILE A 308 -23.91 44.56 3.34
CA ILE A 308 -24.47 45.82 3.77
C ILE A 308 -23.54 46.94 3.34
N ASP A 309 -24.03 47.83 2.47
CA ASP A 309 -23.29 48.97 1.91
C ASP A 309 -22.04 48.54 1.14
N GLY A 310 -22.12 47.42 0.46
CA GLY A 310 -21.00 46.88 -0.27
C GLY A 310 -19.93 46.20 0.54
N LYS A 311 -20.09 46.02 1.83
CA LYS A 311 -19.12 45.31 2.65
C LYS A 311 -19.69 43.96 3.01
N LYS A 312 -18.88 42.93 2.85
CA LYS A 312 -19.25 41.60 3.28
C LYS A 312 -19.51 41.57 4.78
N THR A 313 -20.68 41.08 5.14
CA THR A 313 -21.12 41.08 6.50
C THR A 313 -21.33 39.66 7.01
N GLU A 314 -22.15 38.83 6.39
CA GLU A 314 -22.17 37.40 6.68
C GLU A 314 -20.83 36.78 6.29
N GLY A 315 -20.31 35.93 7.15
CA GLY A 315 -18.98 35.41 7.06
C GLY A 315 -17.83 36.41 7.16
N SER A 316 -17.99 37.43 7.97
CA SER A 316 -16.96 38.39 8.27
C SER A 316 -16.99 38.81 9.73
N TRP A 317 -15.86 39.34 10.20
CA TRP A 317 -15.80 40.04 11.47
C TRP A 317 -16.74 41.25 11.55
N ARG A 318 -17.26 41.74 10.44
CA ARG A 318 -18.14 42.89 10.39
C ARG A 318 -19.51 42.63 10.99
N SER A 319 -19.93 41.40 11.06
CA SER A 319 -21.12 40.94 11.75
C SER A 319 -20.92 40.72 13.26
N HIS A 320 -19.79 41.09 13.86
CA HIS A 320 -19.50 40.72 15.24
C HIS A 320 -20.45 41.39 16.23
N GLN A 321 -20.53 42.69 16.21
CA GLN A 321 -21.45 43.37 17.07
C GLN A 321 -22.84 43.52 16.43
N VAL A 322 -23.02 44.46 15.54
CA VAL A 322 -24.29 44.53 14.82
C VAL A 322 -23.97 44.65 13.35
N PRO A 323 -24.56 43.83 12.53
CA PRO A 323 -24.32 43.93 11.10
C PRO A 323 -24.71 45.25 10.51
N LEU A 324 -25.78 45.79 11.03
CA LEU A 324 -26.39 46.98 10.53
C LEU A 324 -26.27 47.92 11.68
N ALA A 325 -25.77 49.10 11.43
CA ALA A 325 -25.14 49.83 12.50
C ALA A 325 -26.08 50.84 13.11
N SER A 326 -26.98 51.38 12.31
CA SER A 326 -28.02 52.30 12.75
C SER A 326 -29.25 52.14 11.84
N ALA A 327 -30.16 51.26 12.21
CA ALA A 327 -31.40 51.15 11.47
C ALA A 327 -32.38 52.27 11.78
N ARG A 328 -32.10 53.12 12.75
CA ARG A 328 -32.97 54.22 13.14
C ARG A 328 -32.71 55.52 12.38
N ASP A 329 -31.64 55.63 11.60
CA ASP A 329 -31.17 56.89 11.04
C ASP A 329 -31.35 57.08 9.54
N THR A 330 -31.73 56.06 8.82
CA THR A 330 -31.74 56.11 7.39
C THR A 330 -32.85 55.20 6.98
N GLU A 331 -33.61 55.62 5.98
CA GLU A 331 -34.64 54.77 5.42
C GLU A 331 -34.05 53.51 4.82
N ALA A 332 -32.89 53.64 4.16
CA ALA A 332 -32.22 52.51 3.54
C ALA A 332 -31.86 51.44 4.55
N HIS A 333 -31.33 51.83 5.69
CA HIS A 333 -30.90 50.88 6.70
C HIS A 333 -32.06 50.30 7.47
N PHE A 334 -33.14 51.06 7.62
CA PHE A 334 -34.34 50.50 8.20
C PHE A 334 -34.93 49.42 7.31
N GLU A 335 -34.85 49.59 6.00
CA GLU A 335 -35.41 48.61 5.10
C GLU A 335 -34.62 47.32 5.12
N VAL A 336 -33.31 47.43 5.27
CA VAL A 336 -32.47 46.26 5.48
C VAL A 336 -32.85 45.53 6.75
N LEU A 337 -33.05 46.25 7.85
CA LEU A 337 -33.50 45.58 9.08
C LEU A 337 -34.86 44.91 8.90
N LYS A 338 -35.77 45.54 8.19
CA LYS A 338 -37.12 45.04 8.04
C LYS A 338 -37.14 43.76 7.21
N ASN A 339 -36.35 43.72 6.16
CA ASN A 339 -36.26 42.56 5.29
C ASN A 339 -35.55 41.41 5.98
N TRP A 340 -34.52 41.74 6.77
CA TRP A 340 -33.84 40.77 7.62
C TRP A 340 -34.80 40.10 8.60
N LEU A 341 -35.59 40.89 9.32
CA LEU A 341 -36.58 40.38 10.28
C LEU A 341 -37.63 39.52 9.59
N GLU A 342 -38.03 39.91 8.39
CA GLU A 342 -39.01 39.17 7.61
C GLU A 342 -38.47 37.91 6.98
N SER A 343 -37.16 37.78 6.81
CA SER A 343 -36.59 36.58 6.22
C SER A 343 -36.80 35.33 7.07
N TYR A 344 -36.95 35.47 8.36
CA TYR A 344 -37.32 34.37 9.24
C TYR A 344 -38.79 34.02 9.18
N LYS A 345 -39.60 34.82 8.51
CA LYS A 345 -41.03 34.69 8.32
C LYS A 345 -41.76 34.53 9.65
N PRO A 346 -41.77 35.57 10.47
CA PRO A 346 -42.44 35.48 11.78
C PRO A 346 -43.94 35.24 11.75
N GLU A 347 -44.63 35.51 10.64
CA GLU A 347 -46.05 35.16 10.47
C GLU A 347 -46.33 33.66 10.64
N GLU A 348 -45.35 32.81 10.38
CA GLU A 348 -45.52 31.39 10.61
C GLU A 348 -45.08 30.96 12.01
N LEU A 349 -44.35 31.78 12.72
CA LEU A 349 -43.81 31.44 14.02
C LEU A 349 -44.72 31.81 15.16
N PHE A 350 -45.35 32.95 15.11
CA PHE A 350 -46.13 33.49 16.20
C PHE A 350 -47.60 33.45 15.78
N ASP A 351 -48.50 33.22 16.73
CA ASP A 351 -49.91 33.22 16.38
C ASP A 351 -50.49 34.62 16.55
N ALA A 352 -51.82 34.73 16.53
CA ALA A 352 -52.48 36.03 16.49
C ALA A 352 -52.25 36.83 17.75
N ASN A 353 -52.20 36.17 18.90
CA ASN A 353 -51.88 36.78 20.18
C ASN A 353 -50.39 37.01 20.44
N GLY A 354 -49.48 36.63 19.57
CA GLY A 354 -48.08 36.78 19.87
C GLY A 354 -47.42 35.67 20.67
N ALA A 355 -48.07 34.56 20.90
CA ALA A 355 -47.40 33.40 21.46
C ALA A 355 -46.70 32.66 20.34
N VAL A 356 -45.50 32.15 20.62
CA VAL A 356 -44.86 31.20 19.73
C VAL A 356 -45.77 29.99 19.57
N LYS A 357 -45.99 29.55 18.34
CA LYS A 357 -46.91 28.46 18.03
C LYS A 357 -46.44 27.13 18.58
N ASP A 358 -47.42 26.26 18.88
CA ASP A 358 -47.14 24.94 19.44
C ASP A 358 -46.21 24.11 18.58
N ASP A 359 -46.37 24.15 17.28
CA ASP A 359 -45.52 23.30 16.46
C ASP A 359 -44.10 23.80 16.32
N VAL A 360 -43.81 25.00 16.80
CA VAL A 360 -42.44 25.45 16.83
C VAL A 360 -41.69 24.71 17.92
N LEU A 361 -42.34 24.47 19.05
CA LEU A 361 -41.67 24.05 20.28
C LEU A 361 -42.06 22.67 20.75
N ALA A 362 -42.79 21.90 19.97
CA ALA A 362 -43.27 20.60 20.39
C ALA A 362 -42.16 19.57 20.51
N PHE A 363 -41.01 19.79 19.87
CA PHE A 363 -39.81 18.98 20.02
C PHE A 363 -39.03 19.30 21.31
N MET A 364 -39.33 20.36 22.05
CA MET A 364 -38.49 20.82 23.15
C MET A 364 -38.51 19.84 24.33
N PRO A 365 -37.45 19.76 25.12
CA PRO A 365 -37.52 19.03 26.39
C PRO A 365 -38.45 19.70 27.39
N LYS A 366 -38.82 18.96 28.41
CA LYS A 366 -39.77 19.37 29.42
C LYS A 366 -39.17 19.18 30.81
N GLY A 367 -39.68 19.93 31.77
CA GLY A 367 -39.40 19.61 33.16
C GLY A 367 -38.00 20.01 33.58
N GLU A 368 -37.38 19.20 34.41
CA GLU A 368 -36.01 19.46 34.84
C GLU A 368 -34.99 19.20 33.74
N LEU A 369 -35.34 18.51 32.68
CA LEU A 369 -34.42 18.38 31.58
C LEU A 369 -34.26 19.61 30.73
N ARG A 370 -35.09 20.63 30.87
CA ARG A 370 -34.89 21.87 30.14
C ARG A 370 -33.62 22.58 30.61
N ILE A 371 -32.92 23.18 29.65
CA ILE A 371 -31.68 23.90 29.90
C ILE A 371 -31.81 24.93 31.02
N GLY A 372 -32.83 25.75 31.01
CA GLY A 372 -33.04 26.64 32.12
C GLY A 372 -33.63 26.04 33.38
N ALA A 373 -34.00 24.79 33.42
CA ALA A 373 -34.52 24.18 34.64
C ALA A 373 -33.63 23.09 35.21
N ASN A 374 -32.57 22.72 34.56
CA ASN A 374 -31.68 21.72 35.09
C ASN A 374 -31.04 22.20 36.40
N PRO A 375 -31.20 21.47 37.49
CA PRO A 375 -30.55 21.89 38.75
C PRO A 375 -29.06 22.07 38.70
N ASN A 376 -28.32 21.34 37.88
CA ASN A 376 -26.89 21.63 37.72
C ASN A 376 -26.62 23.06 37.25
N ALA A 377 -27.52 23.68 36.52
CA ALA A 377 -27.42 25.11 36.23
C ALA A 377 -27.95 26.04 37.33
N ASN A 378 -28.45 25.55 38.44
CA ASN A 378 -28.78 26.40 39.59
C ASN A 378 -28.34 25.54 40.78
N GLY A 379 -27.04 25.46 41.00
CA GLY A 379 -26.48 24.37 41.79
C GLY A 379 -26.62 24.54 43.28
N GLY A 380 -26.89 25.74 43.73
CA GLY A 380 -27.42 25.97 45.06
C GLY A 380 -28.62 25.12 45.46
N VAL A 381 -29.44 24.70 44.51
CA VAL A 381 -30.53 23.79 44.85
C VAL A 381 -30.04 22.37 45.12
N ILE A 382 -28.88 21.97 44.63
CA ILE A 382 -28.31 20.64 44.82
C ILE A 382 -27.50 20.59 46.11
N ARG A 383 -26.90 21.69 46.48
CA ARG A 383 -25.92 21.76 47.54
C ARG A 383 -26.50 21.53 48.93
N ASN A 384 -25.88 20.66 49.71
CA ASN A 384 -26.15 20.49 51.13
C ASN A 384 -24.94 20.92 51.95
N ASP A 385 -25.18 21.23 53.22
CA ASP A 385 -24.11 21.42 54.19
C ASP A 385 -23.18 20.23 54.21
N LEU A 386 -21.89 20.48 54.29
CA LEU A 386 -20.92 19.41 54.54
C LEU A 386 -21.16 18.77 55.91
N LYS A 387 -20.99 17.47 55.99
CA LYS A 387 -20.77 16.81 57.26
C LYS A 387 -19.38 17.18 57.77
N LEU A 388 -19.30 18.01 58.76
CA LEU A 388 -17.98 18.44 59.17
C LEU A 388 -17.61 17.75 60.44
N PRO A 389 -16.36 17.36 60.58
CA PRO A 389 -15.91 16.67 61.78
C PRO A 389 -15.77 17.65 62.93
N ASN A 390 -15.68 17.09 64.10
CA ASN A 390 -15.68 17.88 65.32
C ASN A 390 -14.36 18.61 65.46
N LEU A 391 -14.41 19.94 65.52
CA LEU A 391 -13.24 20.77 65.36
C LEU A 391 -12.24 20.63 66.50
N GLU A 392 -12.67 20.23 67.68
CA GLU A 392 -11.76 20.02 68.81
C GLU A 392 -10.88 18.79 68.66
N ASP A 393 -11.21 17.86 67.77
CA ASP A 393 -10.31 16.74 67.52
C ASP A 393 -8.98 17.15 66.90
N TYR A 394 -8.87 18.36 66.36
CA TYR A 394 -7.72 18.83 65.61
C TYR A 394 -7.04 19.98 66.31
N GLU A 395 -7.62 20.45 67.39
CA GLU A 395 -7.11 21.56 68.15
C GLU A 395 -5.71 21.25 68.67
N VAL A 396 -4.80 22.19 68.51
CA VAL A 396 -3.53 22.14 69.21
C VAL A 396 -3.79 22.38 70.68
N LYS A 397 -3.77 21.32 71.48
CA LYS A 397 -4.04 21.43 72.91
C LYS A 397 -2.89 21.99 73.71
N GLU A 398 -1.69 22.04 73.16
CA GLU A 398 -0.48 22.40 73.88
C GLU A 398 -0.41 23.87 74.30
N VAL A 399 -1.18 24.78 73.68
CA VAL A 399 -1.28 26.15 74.17
C VAL A 399 -1.79 26.16 75.59
N ALA A 400 -2.78 25.34 75.88
CA ALA A 400 -3.36 25.34 77.21
C ALA A 400 -2.44 24.67 78.22
N GLU A 401 -1.78 23.59 77.85
CA GLU A 401 -0.74 22.99 78.68
C GLU A 401 0.40 23.96 78.99
N TYR A 402 1.14 24.37 77.95
CA TYR A 402 2.44 25.03 78.07
C TYR A 402 2.43 26.53 78.03
N GLY A 403 1.46 27.17 77.40
CA GLY A 403 1.42 28.61 77.34
C GLY A 403 1.25 29.05 75.90
N HIS A 404 0.64 30.21 75.75
CA HIS A 404 0.65 30.93 74.49
C HIS A 404 2.04 31.11 73.92
N GLY A 405 2.21 30.76 72.66
CA GLY A 405 3.48 30.88 72.03
C GLY A 405 4.30 29.64 71.98
N TRP A 406 3.74 28.51 72.36
CA TRP A 406 4.41 27.24 72.36
C TRP A 406 4.60 26.72 70.92
N GLY A 407 5.66 25.97 70.73
CA GLY A 407 5.80 25.01 69.67
C GLY A 407 6.38 25.54 68.39
N GLN A 408 6.59 24.63 67.49
CA GLN A 408 7.07 24.91 66.16
C GLN A 408 6.22 24.21 65.12
N LEU A 409 4.92 24.23 65.29
CA LEU A 409 4.02 23.55 64.37
C LEU A 409 3.94 24.26 63.03
N GLU A 410 3.62 23.49 62.01
CA GLU A 410 3.26 24.00 60.70
C GLU A 410 1.75 24.02 60.67
N ALA A 411 1.18 25.23 60.67
CA ALA A 411 -0.25 25.42 60.81
C ALA A 411 -1.07 24.73 59.72
N THR A 412 -0.60 24.73 58.48
CA THR A 412 -1.35 24.10 57.40
C THR A 412 -1.41 22.57 57.53
N ARG A 413 -0.56 21.91 58.31
CA ARG A 413 -0.73 20.48 58.57
C ARG A 413 -2.01 20.19 59.34
N THR A 414 -2.38 21.09 60.24
CA THR A 414 -3.62 20.99 60.99
C THR A 414 -4.83 21.08 60.08
N LEU A 415 -4.86 22.09 59.21
CA LEU A 415 -5.89 22.19 58.18
C LEU A 415 -5.89 20.95 57.29
N GLY A 416 -4.72 20.41 56.97
CA GLY A 416 -4.63 19.20 56.18
C GLY A 416 -5.33 17.99 56.79
N ALA A 417 -5.16 17.80 58.10
CA ALA A 417 -5.83 16.71 58.79
C ALA A 417 -7.33 16.92 58.87
N TYR A 418 -7.76 18.14 59.15
CA TYR A 418 -9.16 18.49 59.15
C TYR A 418 -9.81 18.25 57.79
N THR A 419 -9.16 18.67 56.71
CA THR A 419 -9.73 18.52 55.38
C THR A 419 -9.77 17.07 54.95
N ARG A 420 -8.78 16.27 55.34
CA ARG A 420 -8.80 14.81 55.17
C ARG A 420 -10.09 14.17 55.69
N ASP A 421 -10.50 14.53 56.87
CA ASP A 421 -11.70 13.94 57.40
C ASP A 421 -12.97 14.57 56.86
N ILE A 422 -12.95 15.80 56.36
CA ILE A 422 -14.06 16.28 55.55
C ILE A 422 -14.22 15.41 54.33
N ILE A 423 -13.13 15.15 53.60
CA ILE A 423 -13.17 14.35 52.39
C ILE A 423 -13.72 12.96 52.69
N LYS A 424 -13.22 12.35 53.77
CA LYS A 424 -13.71 11.05 54.23
C LYS A 424 -15.21 11.06 54.56
N ASN A 425 -15.71 12.09 55.19
CA ASN A 425 -17.14 12.15 55.52
C ASN A 425 -18.01 12.62 54.37
N ASN A 426 -17.45 13.24 53.37
CA ASN A 426 -18.24 13.81 52.30
C ASN A 426 -17.71 13.27 50.99
N PRO A 427 -17.87 11.96 50.75
CA PRO A 427 -17.37 11.38 49.52
C PRO A 427 -18.16 11.90 48.34
N ARG A 428 -17.44 12.13 47.25
N ARG A 428 -17.45 12.13 47.24
CA ARG A 428 -17.94 12.70 45.98
CA ARG A 428 -17.94 12.70 45.97
C ARG A 428 -18.52 14.12 46.14
C ARG A 428 -18.52 14.12 46.14
N ASP A 429 -18.24 14.80 47.21
CA ASP A 429 -18.85 16.09 47.44
C ASP A 429 -17.83 17.15 47.74
N PHE A 430 -16.61 16.79 48.03
CA PHE A 430 -15.55 17.69 48.39
C PHE A 430 -14.32 17.36 47.55
N ARG A 431 -13.71 18.35 46.95
CA ARG A 431 -12.47 18.16 46.21
C ARG A 431 -11.39 19.11 46.64
N ILE A 432 -10.16 18.71 46.47
CA ILE A 432 -9.03 19.60 46.59
C ILE A 432 -8.41 19.79 45.23
N PHE A 433 -8.15 21.02 44.88
CA PHE A 433 -7.38 21.33 43.69
C PHE A 433 -6.07 22.00 44.08
N GLY A 434 -5.06 21.85 43.28
CA GLY A 434 -3.83 22.57 43.48
C GLY A 434 -2.91 22.58 42.29
N PRO A 435 -2.18 23.66 42.06
CA PRO A 435 -1.30 23.61 40.91
C PRO A 435 0.04 22.96 41.24
N ASP A 436 0.01 21.65 41.49
CA ASP A 436 1.18 20.82 41.84
C ASP A 436 1.77 21.30 43.17
N GLU A 437 0.91 21.77 44.05
CA GLU A 437 1.35 22.37 45.29
C GLU A 437 0.64 21.83 46.53
N THR A 438 -0.13 20.74 46.43
CA THR A 438 -0.88 20.24 47.58
C THR A 438 0.05 19.71 48.67
N ALA A 439 1.02 18.87 48.31
CA ALA A 439 2.00 18.38 49.26
C ALA A 439 2.90 19.49 49.78
N SER A 440 3.32 20.37 48.89
CA SER A 440 4.19 21.47 49.23
C SER A 440 3.55 22.43 50.23
N ASN A 441 2.28 22.77 50.04
CA ASN A 441 1.49 23.51 51.03
C ASN A 441 0.98 22.64 52.18
N ARG A 442 1.50 21.42 52.33
CA ARG A 442 1.33 20.50 53.47
C ARG A 442 -0.09 19.99 53.62
N LEU A 443 -0.80 19.76 52.54
CA LEU A 443 -2.17 19.28 52.63
C LEU A 443 -2.27 17.81 52.28
N GLN A 444 -1.19 17.08 52.37
CA GLN A 444 -1.10 15.73 51.83
C GLN A 444 -1.59 14.63 52.77
N ALA A 445 -2.07 14.95 53.97
CA ALA A 445 -2.86 14.01 54.77
C ALA A 445 -4.12 13.54 54.06
N SER A 446 -4.63 14.27 53.08
CA SER A 446 -5.75 13.78 52.28
C SER A 446 -5.44 12.53 51.50
N TYR A 447 -4.18 12.20 51.24
CA TYR A 447 -3.82 11.00 50.51
C TYR A 447 -4.00 9.76 51.34
N GLU A 448 -4.19 9.87 52.64
CA GLU A 448 -4.63 8.75 53.45
C GLU A 448 -6.05 8.32 53.15
N VAL A 449 -6.88 9.16 52.57
CA VAL A 449 -8.26 8.78 52.31
C VAL A 449 -8.65 8.86 50.84
N THR A 450 -7.82 9.39 49.97
CA THR A 450 -8.16 9.52 48.58
C THR A 450 -6.88 9.56 47.78
N ASN A 451 -7.01 9.80 46.50
CA ASN A 451 -5.90 9.87 45.60
C ASN A 451 -5.98 11.14 44.76
N LYS A 452 -4.87 11.45 44.13
CA LYS A 452 -4.82 12.40 43.05
C LYS A 452 -5.37 11.78 41.79
N GLN A 453 -6.34 12.41 41.19
CA GLN A 453 -6.97 11.88 40.01
C GLN A 453 -6.04 12.06 38.85
N TRP A 454 -5.64 10.97 38.23
CA TRP A 454 -4.71 11.02 37.10
C TRP A 454 -5.19 10.06 36.02
N ASP A 455 -5.40 10.55 34.83
CA ASP A 455 -5.87 9.68 33.76
C ASP A 455 -4.99 9.77 32.54
N ALA A 456 -3.76 10.17 32.71
CA ALA A 456 -2.77 9.96 31.69
C ALA A 456 -2.05 8.65 32.04
N GLY A 457 -0.92 8.37 31.42
CA GLY A 457 -0.28 7.09 31.61
C GLY A 457 0.37 6.91 32.97
N TYR A 458 0.37 5.68 33.45
CA TYR A 458 1.08 5.25 34.65
C TYR A 458 2.32 4.49 34.19
N ILE A 459 3.43 4.60 34.91
CA ILE A 459 4.66 3.87 34.53
C ILE A 459 5.26 3.00 35.64
N SER A 460 5.23 3.43 36.89
CA SER A 460 5.94 2.77 37.96
C SER A 460 5.42 3.18 39.32
N ASP A 461 5.28 2.21 40.22
CA ASP A 461 5.02 2.48 41.61
C ASP A 461 6.16 3.22 42.34
N GLU A 462 7.38 3.26 41.82
CA GLU A 462 8.41 4.10 42.42
C GLU A 462 8.19 5.61 42.23
N VAL A 463 7.46 6.04 41.22
CA VAL A 463 7.19 7.45 41.00
C VAL A 463 5.74 7.84 41.19
N ASP A 464 4.78 6.93 41.05
CA ASP A 464 3.37 7.22 40.88
C ASP A 464 2.56 7.06 42.15
N GLU A 465 3.14 7.22 43.31
CA GLU A 465 2.45 7.16 44.59
C GLU A 465 1.28 8.14 44.67
N HIS A 466 0.24 7.70 45.35
CA HIS A 466 -0.98 8.44 45.64
C HIS A 466 -1.75 8.84 44.40
N MET A 467 -1.58 8.19 43.27
CA MET A 467 -2.32 8.50 42.07
C MET A 467 -3.30 7.37 41.75
N HIS A 468 -4.46 7.71 41.21
CA HIS A 468 -5.49 6.78 40.79
C HIS A 468 -6.32 7.42 39.70
N VAL A 469 -6.96 6.61 38.87
CA VAL A 469 -7.79 7.16 37.80
C VAL A 469 -9.01 7.87 38.35
N SER A 470 -9.40 7.64 39.56
CA SER A 470 -10.33 8.53 40.19
C SER A 470 -9.87 8.86 41.59
N GLY A 471 -10.22 10.03 42.06
CA GLY A 471 -9.88 10.49 43.38
C GLY A 471 -10.29 11.93 43.51
N GLN A 472 -10.25 12.42 44.73
CA GLN A 472 -10.78 13.72 45.07
C GLN A 472 -9.72 14.85 45.09
N VAL A 473 -8.51 14.63 44.64
CA VAL A 473 -7.49 15.66 44.52
C VAL A 473 -7.12 15.75 43.05
N VAL A 474 -7.05 16.94 42.50
CA VAL A 474 -6.69 17.14 41.12
C VAL A 474 -5.58 18.17 41.07
N GLU A 475 -4.54 17.85 40.34
CA GLU A 475 -3.38 18.72 40.21
C GLU A 475 -3.01 18.82 38.74
N GLN A 476 -2.84 20.04 38.29
CA GLN A 476 -2.29 20.38 37.01
C GLN A 476 -1.59 21.69 37.27
N LEU A 477 -0.46 21.88 36.65
CA LEU A 477 0.27 23.13 36.81
C LEU A 477 -0.36 24.23 35.95
N SER A 478 -1.47 24.74 36.44
CA SER A 478 -2.23 25.83 35.86
C SER A 478 -3.17 26.32 36.95
N GLU A 479 -2.93 27.53 37.41
CA GLU A 479 -3.85 28.21 38.31
C GLU A 479 -5.20 28.45 37.64
N HIS A 480 -5.22 28.71 36.33
CA HIS A 480 -6.46 28.88 35.58
C HIS A 480 -7.33 27.62 35.62
N GLN A 481 -6.73 26.46 35.40
CA GLN A 481 -7.44 25.18 35.49
C GLN A 481 -7.97 24.92 36.90
N MET A 482 -7.12 25.04 37.91
CA MET A 482 -7.51 24.79 39.30
C MET A 482 -8.64 25.72 39.75
N GLU A 483 -8.50 27.01 39.50
CA GLU A 483 -9.55 27.93 39.88
C GLU A 483 -10.82 27.68 39.09
N GLY A 484 -10.68 27.33 37.82
CA GLY A 484 -11.83 27.12 36.97
C GLY A 484 -12.57 25.81 37.20
N PHE A 485 -11.85 24.70 37.39
CA PHE A 485 -12.41 23.45 37.89
C PHE A 485 -13.20 23.67 39.17
N LEU A 486 -12.59 24.30 40.16
CA LEU A 486 -13.24 24.47 41.44
C LEU A 486 -14.49 25.32 41.31
N GLU A 487 -14.41 26.44 40.60
CA GLU A 487 -15.56 27.32 40.37
C GLU A 487 -16.77 26.59 39.81
N ALA A 488 -16.58 25.68 38.88
CA ALA A 488 -17.72 24.95 38.37
C ALA A 488 -18.18 23.81 39.27
N TYR A 489 -17.29 23.20 40.05
CA TYR A 489 -17.65 22.23 41.07
C TYR A 489 -18.57 22.87 42.11
N LEU A 490 -18.31 24.11 42.44
CA LEU A 490 -19.16 24.86 43.34
C LEU A 490 -20.45 25.27 42.69
N LEU A 491 -20.42 25.74 41.44
CA LEU A 491 -21.64 26.17 40.80
C LEU A 491 -22.58 25.02 40.51
N THR A 492 -22.10 23.79 40.53
CA THR A 492 -22.94 22.63 40.36
C THR A 492 -23.26 21.95 41.69
N GLY A 493 -23.02 22.62 42.79
CA GLY A 493 -23.55 22.20 44.06
C GLY A 493 -22.62 21.49 44.99
N ARG A 494 -21.35 21.33 44.66
CA ARG A 494 -20.43 20.61 45.51
C ARG A 494 -19.52 21.61 46.25
N HIS A 495 -18.44 21.13 46.84
CA HIS A 495 -17.63 21.90 47.78
C HIS A 495 -16.16 21.65 47.54
N GLY A 496 -15.32 22.55 48.00
CA GLY A 496 -13.92 22.24 48.01
C GLY A 496 -12.98 23.34 48.43
N ILE A 497 -11.75 23.21 48.01
CA ILE A 497 -10.69 24.11 48.40
C ILE A 497 -9.60 24.00 47.38
N TRP A 498 -8.97 25.11 47.07
CA TRP A 498 -7.70 24.95 46.42
C TRP A 498 -6.65 25.71 47.18
N SER A 499 -5.42 25.41 46.92
CA SER A 499 -4.32 26.08 47.57
C SER A 499 -3.34 26.51 46.52
N SER A 500 -2.54 27.48 46.87
CA SER A 500 -1.64 28.16 45.97
C SER A 500 -0.56 28.84 46.77
N TYR A 501 0.58 28.98 46.17
CA TYR A 501 1.54 29.95 46.66
C TYR A 501 0.97 31.32 46.43
N GLU A 502 1.22 32.17 47.40
CA GLU A 502 0.65 33.49 47.49
C GLU A 502 0.89 34.31 46.23
N SER A 503 2.14 34.43 45.80
CA SER A 503 2.48 35.27 44.65
C SER A 503 1.87 34.79 43.35
N PHE A 504 1.53 33.54 43.22
CA PHE A 504 0.89 33.06 42.01
C PHE A 504 -0.62 33.13 42.05
N VAL A 505 -1.23 33.54 43.15
CA VAL A 505 -2.65 33.85 43.12
C VAL A 505 -2.98 34.90 42.06
N HIS A 506 -2.05 35.82 41.81
CA HIS A 506 -2.21 36.91 40.86
C HIS A 506 -2.48 36.44 39.45
N VAL A 507 -1.96 35.26 39.09
CA VAL A 507 -2.29 34.56 37.86
C VAL A 507 -3.80 34.50 37.61
N ILE A 508 -4.61 34.32 38.63
CA ILE A 508 -6.04 34.21 38.40
C ILE A 508 -6.84 35.37 39.00
N ASP A 509 -6.21 36.52 39.23
CA ASP A 509 -6.91 37.72 39.70
C ASP A 509 -8.17 38.01 38.89
N SER A 510 -8.07 37.90 37.59
CA SER A 510 -9.21 38.17 36.75
C SER A 510 -10.28 37.08 36.82
N MET A 511 -9.92 35.84 37.11
CA MET A 511 -10.93 34.80 37.39
C MET A 511 -11.61 35.05 38.73
N LEU A 512 -10.86 35.42 39.76
CA LEU A 512 -11.45 35.83 41.01
C LEU A 512 -12.40 37.02 40.84
N ASN A 513 -12.05 37.96 39.98
CA ASN A 513 -12.90 39.11 39.71
C ASN A 513 -14.21 38.66 39.10
N GLN A 514 -14.15 37.78 38.10
CA GLN A 514 -15.34 37.31 37.44
C GLN A 514 -16.20 36.45 38.34
N HIS A 515 -15.61 35.67 39.22
CA HIS A 515 -16.42 34.92 40.17
C HIS A 515 -17.08 35.84 41.17
N ALA A 516 -16.41 36.92 41.55
CA ALA A 516 -16.96 37.88 42.49
C ALA A 516 -18.07 38.72 41.88
N LYS A 517 -18.01 38.99 40.59
CA LYS A 517 -19.10 39.69 39.94
C LYS A 517 -20.30 38.81 39.75
N TRP A 518 -20.09 37.53 39.46
CA TRP A 518 -21.15 36.52 39.52
C TRP A 518 -21.85 36.56 40.88
N LEU A 519 -21.07 36.43 41.95
CA LEU A 519 -21.61 36.44 43.31
C LEU A 519 -22.30 37.75 43.68
N GLU A 520 -21.70 38.87 43.32
CA GLU A 520 -22.27 40.19 43.63
C GLU A 520 -23.62 40.37 42.96
N ALA A 521 -23.70 40.04 41.69
CA ALA A 521 -24.98 40.11 41.00
C ALA A 521 -26.00 39.12 41.55
N THR A 522 -25.56 37.96 42.02
CA THR A 522 -26.48 36.97 42.55
C THR A 522 -27.09 37.39 43.88
N VAL A 523 -26.28 37.90 44.79
CA VAL A 523 -26.79 38.28 46.11
C VAL A 523 -27.51 39.60 46.09
N ARG A 524 -27.22 40.48 45.15
CA ARG A 524 -27.97 41.72 45.02
C ARG A 524 -29.35 41.50 44.42
N GLU A 525 -29.47 40.73 43.36
CA GLU A 525 -30.72 40.76 42.61
C GLU A 525 -31.24 39.45 42.04
N ILE A 526 -30.64 38.32 42.35
CA ILE A 526 -31.11 37.11 41.70
C ILE A 526 -31.50 36.12 42.80
N PRO A 527 -32.64 36.29 43.46
CA PRO A 527 -33.01 35.40 44.57
C PRO A 527 -33.37 33.99 44.16
N TRP A 528 -33.86 33.74 42.95
CA TRP A 528 -34.09 32.39 42.48
C TRP A 528 -32.81 31.57 42.30
N ARG A 529 -31.64 32.17 42.33
CA ARG A 529 -30.38 31.47 42.18
C ARG A 529 -29.86 31.19 43.59
N LYS A 530 -29.95 29.95 44.00
CA LYS A 530 -29.71 29.56 45.39
C LYS A 530 -28.23 29.67 45.77
N PRO A 531 -27.90 29.83 47.05
CA PRO A 531 -26.49 29.98 47.45
C PRO A 531 -25.62 28.76 47.16
N ILE A 532 -24.50 28.98 46.58
CA ILE A 532 -23.53 27.96 46.29
C ILE A 532 -22.50 28.01 47.40
N ALA A 533 -21.76 26.93 47.56
CA ALA A 533 -20.64 26.86 48.47
C ALA A 533 -19.53 27.84 48.09
N SER A 534 -18.79 28.27 49.06
CA SER A 534 -17.81 29.29 48.87
C SER A 534 -16.57 28.81 48.13
N MET A 535 -15.92 29.73 47.49
CA MET A 535 -14.64 29.51 46.83
C MET A 535 -13.55 29.72 47.86
N ASN A 536 -12.97 28.64 48.32
CA ASN A 536 -12.03 28.67 49.44
C ASN A 536 -10.61 28.53 48.93
N LEU A 537 -9.77 29.49 49.24
CA LEU A 537 -8.42 29.50 48.75
C LEU A 537 -7.42 29.56 49.89
N LEU A 538 -6.69 28.49 50.08
CA LEU A 538 -5.55 28.49 50.97
C LEU A 538 -4.35 29.20 50.32
N VAL A 539 -3.98 30.33 50.87
CA VAL A 539 -2.88 31.13 50.37
C VAL A 539 -1.71 30.78 51.28
N SER A 540 -0.81 29.95 50.81
CA SER A 540 0.30 29.62 51.66
C SER A 540 1.61 29.91 50.96
N SER A 541 2.71 29.48 51.54
CA SER A 541 4.07 29.84 51.19
C SER A 541 4.21 31.32 50.90
N HIS A 542 3.90 32.14 51.87
CA HIS A 542 3.66 33.55 51.63
C HIS A 542 4.96 34.34 51.57
N VAL A 543 4.85 35.67 51.53
CA VAL A 543 5.97 36.54 51.21
C VAL A 543 7.10 36.44 52.23
N TRP A 544 6.78 36.28 53.51
CA TRP A 544 7.81 36.29 54.52
C TRP A 544 8.66 35.03 54.52
N ARG A 545 8.19 33.94 53.97
CA ARG A 545 8.91 32.69 54.01
C ARG A 545 9.18 32.22 52.60
N GLN A 546 9.42 33.14 51.70
N GLN A 546 9.37 33.21 51.75
CA GLN A 546 9.75 32.75 50.33
CA GLN A 546 9.81 33.12 50.37
C GLN A 546 11.22 32.41 50.28
C GLN A 546 11.21 33.66 50.20
N ASP A 547 11.48 31.10 50.49
N ASP A 547 11.99 33.59 51.27
CA ASP A 547 12.69 30.42 50.95
CA ASP A 547 13.41 33.86 51.25
C ASP A 547 13.63 29.91 49.86
C ASP A 547 14.23 32.70 50.64
N HIS A 548 13.14 28.98 49.05
N HIS A 548 13.62 31.66 50.06
CA HIS A 548 13.92 28.59 47.89
CA HIS A 548 14.39 30.67 49.28
C HIS A 548 13.86 29.59 46.76
C HIS A 548 14.20 30.84 47.77
N ASN A 549 13.20 30.77 46.92
N ASN A 549 12.99 31.11 47.29
CA ASN A 549 12.81 31.54 45.74
CA ASN A 549 12.80 31.56 45.92
C ASN A 549 13.17 33.03 45.70
C ASN A 549 13.13 33.02 45.74
N GLY A 550 13.07 33.79 46.77
CA GLY A 550 13.56 35.14 46.61
C GLY A 550 12.59 36.09 45.91
N PHE A 551 13.17 37.21 45.48
CA PHE A 551 12.53 38.50 45.30
C PHE A 551 11.37 38.47 44.33
N SER A 552 11.51 37.74 43.25
CA SER A 552 10.46 37.80 42.28
C SER A 552 9.33 36.83 42.58
N HIS A 553 9.37 36.12 43.69
CA HIS A 553 8.26 35.33 44.19
C HIS A 553 7.58 35.98 45.38
N GLN A 554 7.92 37.19 45.68
CA GLN A 554 7.42 37.89 46.85
C GLN A 554 6.35 38.88 46.40
N ASP A 555 5.10 38.47 46.40
CA ASP A 555 4.00 39.41 46.12
C ASP A 555 2.79 39.01 46.90
N PRO A 556 2.56 39.66 48.04
CA PRO A 556 1.35 39.41 48.82
C PRO A 556 0.10 40.13 48.31
N GLY A 557 0.10 40.65 47.10
CA GLY A 557 -0.91 41.55 46.66
C GLY A 557 -2.29 41.02 46.33
N VAL A 558 -2.58 39.76 46.64
CA VAL A 558 -3.92 39.23 46.53
C VAL A 558 -4.92 40.03 47.36
N THR A 559 -4.50 40.45 48.56
CA THR A 559 -5.35 41.21 49.47
C THR A 559 -5.86 42.51 48.86
N SER A 560 -5.04 43.25 48.11
CA SER A 560 -5.49 44.50 47.49
C SER A 560 -6.54 44.25 46.42
N VAL A 561 -6.38 43.18 45.64
CA VAL A 561 -7.36 42.79 44.65
C VAL A 561 -8.70 42.46 45.30
N LEU A 562 -8.70 41.66 46.34
CA LEU A 562 -9.94 41.24 46.94
C LEU A 562 -10.62 42.36 47.71
N LEU A 563 -9.91 43.40 48.12
CA LEU A 563 -10.53 44.54 48.76
C LEU A 563 -11.36 45.39 47.81
N ASN A 564 -11.12 45.33 46.51
CA ASN A 564 -11.95 45.98 45.53
C ASN A 564 -13.28 45.28 45.26
N LYS A 565 -13.58 44.17 45.88
CA LYS A 565 -14.87 43.56 45.71
C LYS A 565 -15.66 43.57 46.99
N CYS A 566 -15.42 44.54 47.87
CA CYS A 566 -16.10 44.61 49.16
C CYS A 566 -16.94 45.89 49.26
N PHE A 567 -18.12 45.87 48.67
CA PHE A 567 -19.00 47.01 48.67
C PHE A 567 -20.44 46.59 48.91
N HIS A 568 -21.21 47.58 49.34
N HIS A 568 -21.27 47.59 49.28
CA HIS A 568 -22.67 47.61 49.36
CA HIS A 568 -22.73 47.51 49.21
C HIS A 568 -23.27 46.45 50.14
C HIS A 568 -23.30 46.44 50.14
N ASN A 569 -22.54 46.08 51.19
CA ASN A 569 -22.83 44.94 52.06
C ASN A 569 -23.09 43.63 51.33
N ASP A 570 -22.42 43.39 50.22
CA ASP A 570 -22.54 42.12 49.54
C ASP A 570 -22.03 40.97 50.39
N HIS A 571 -20.92 41.19 51.10
CA HIS A 571 -20.20 40.18 51.89
C HIS A 571 -19.89 38.93 51.08
N VAL A 572 -19.31 39.13 49.90
CA VAL A 572 -18.88 38.02 49.09
C VAL A 572 -17.38 37.75 49.21
N ILE A 573 -16.65 38.47 50.04
CA ILE A 573 -15.22 38.34 50.21
C ILE A 573 -14.90 38.07 51.68
N GLY A 574 -14.10 37.08 51.94
CA GLY A 574 -13.50 36.91 53.25
C GLY A 574 -12.00 36.93 53.12
N ILE A 575 -11.32 37.72 53.91
CA ILE A 575 -9.88 37.82 53.91
C ILE A 575 -9.44 37.50 55.33
N TYR A 576 -8.74 36.39 55.52
CA TYR A 576 -8.44 35.88 56.85
C TYR A 576 -6.97 35.59 56.99
N PHE A 577 -6.41 36.08 58.07
CA PHE A 577 -5.04 35.85 58.42
C PHE A 577 -5.02 34.80 59.52
N ALA A 578 -4.51 33.64 59.19
CA ALA A 578 -4.43 32.58 60.16
C ALA A 578 -3.23 32.86 61.06
N THR A 579 -3.51 33.26 62.29
CA THR A 579 -2.48 33.56 63.28
C THR A 579 -1.66 32.34 63.68
N ASP A 580 -2.26 31.17 63.70
CA ASP A 580 -1.66 29.91 64.11
C ASP A 580 -2.60 28.80 63.68
N ALA A 581 -2.28 27.58 64.07
CA ALA A 581 -3.08 26.42 63.70
C ALA A 581 -4.49 26.44 64.29
N ASN A 582 -4.67 26.94 65.51
CA ASN A 582 -6.01 26.98 66.08
C ASN A 582 -6.88 28.06 65.45
N MET A 583 -6.31 29.17 65.04
CA MET A 583 -7.04 30.18 64.28
C MET A 583 -7.35 29.67 62.88
N LEU A 584 -6.42 28.92 62.28
CA LEU A 584 -6.67 28.32 60.99
C LEU A 584 -7.86 27.36 61.01
N LEU A 585 -7.98 26.58 62.07
CA LEU A 585 -9.15 25.72 62.25
C LEU A 585 -10.43 26.52 62.32
N ALA A 586 -10.46 27.55 63.16
CA ALA A 586 -11.64 28.37 63.29
C ALA A 586 -12.01 29.03 61.96
N ILE A 587 -11.02 29.51 61.21
CA ILE A 587 -11.27 30.13 59.93
C ILE A 587 -11.84 29.12 58.96
N ALA A 588 -11.23 27.94 58.93
CA ALA A 588 -11.55 26.90 57.96
C ALA A 588 -12.94 26.38 58.13
N GLU A 589 -13.36 26.19 59.37
CA GLU A 589 -14.72 25.81 59.67
C GLU A 589 -15.73 26.87 59.24
N LYS A 590 -15.46 28.14 59.50
CA LYS A 590 -16.31 29.22 59.02
C LYS A 590 -16.40 29.27 57.49
N CYS A 591 -15.26 29.16 56.81
CA CYS A 591 -15.27 29.13 55.35
C CYS A 591 -15.96 27.88 54.80
N TYR A 592 -15.79 26.73 55.44
CA TYR A 592 -16.43 25.50 54.99
C TYR A 592 -17.93 25.50 55.23
N LYS A 593 -18.42 26.24 56.19
CA LYS A 593 -19.84 26.49 56.38
C LYS A 593 -20.42 27.65 55.57
N SER A 594 -19.62 28.52 55.00
CA SER A 594 -20.13 29.70 54.35
C SER A 594 -20.62 29.39 52.94
N THR A 595 -21.49 30.23 52.46
CA THR A 595 -22.02 30.16 51.12
C THR A 595 -21.78 31.50 50.42
N ASN A 596 -21.75 31.46 49.09
CA ASN A 596 -21.70 32.63 48.20
C ASN A 596 -20.51 33.54 48.47
N LYS A 597 -19.34 32.99 48.72
CA LYS A 597 -18.19 33.82 49.02
C LYS A 597 -16.94 33.39 48.24
N ILE A 598 -16.00 34.28 48.22
CA ILE A 598 -14.61 33.97 47.95
C ILE A 598 -13.87 34.20 49.26
N ASN A 599 -13.33 33.13 49.81
CA ASN A 599 -12.57 33.14 51.05
C ASN A 599 -11.09 32.94 50.78
N ALA A 600 -10.28 33.94 51.05
CA ALA A 600 -8.84 33.81 51.03
C ALA A 600 -8.33 33.52 52.44
N ILE A 601 -7.59 32.46 52.60
CA ILE A 601 -7.11 32.05 53.90
C ILE A 601 -5.61 32.10 53.81
N ILE A 602 -5.03 33.07 54.43
CA ILE A 602 -3.61 33.28 54.35
C ILE A 602 -3.01 32.64 55.58
N ALA A 603 -2.32 31.53 55.36
CA ALA A 603 -1.78 30.68 56.39
C ALA A 603 -0.34 30.35 56.07
N GLY A 604 0.50 30.37 57.07
CA GLY A 604 1.84 29.92 56.87
C GLY A 604 1.97 28.42 56.95
N LYS A 605 2.91 27.91 56.22
CA LYS A 605 3.27 26.51 56.32
C LYS A 605 4.64 26.27 56.96
N GLN A 606 5.36 27.30 57.35
CA GLN A 606 6.62 27.19 58.05
C GLN A 606 6.41 26.88 59.55
N PRO A 607 7.40 26.35 60.24
CA PRO A 607 7.26 26.14 61.69
C PRO A 607 7.12 27.46 62.41
N ALA A 608 6.14 27.56 63.27
CA ALA A 608 5.79 28.80 63.93
C ALA A 608 5.13 28.48 65.27
N ALA A 609 4.98 29.46 66.11
CA ALA A 609 4.35 29.31 67.40
C ALA A 609 2.85 29.15 67.28
N THR A 610 2.25 28.57 68.30
CA THR A 610 0.80 28.57 68.43
C THR A 610 0.44 29.52 69.55
N TRP A 611 -0.40 30.51 69.24
CA TRP A 611 -0.67 31.63 70.12
C TRP A 611 -1.96 31.47 70.91
N LEU A 612 -2.98 30.90 70.33
CA LEU A 612 -4.33 30.87 70.86
C LEU A 612 -4.81 29.44 71.01
N THR A 613 -5.71 29.25 71.97
CA THR A 613 -6.50 28.03 71.99
C THR A 613 -7.62 28.17 70.97
N LEU A 614 -8.30 27.07 70.73
CA LEU A 614 -9.37 27.10 69.75
C LEU A 614 -10.53 27.95 70.24
N ASP A 615 -10.83 27.90 71.53
CA ASP A 615 -11.90 28.72 72.08
C ASP A 615 -11.54 30.20 72.07
N GLU A 616 -10.27 30.56 72.24
CA GLU A 616 -9.90 31.95 72.04
C GLU A 616 -9.93 32.35 70.57
N ALA A 617 -9.48 31.45 69.69
CA ALA A 617 -9.48 31.71 68.24
C ALA A 617 -10.89 31.95 67.73
N ARG A 618 -11.85 31.17 68.20
CA ARG A 618 -13.25 31.39 67.82
C ARG A 618 -13.80 32.69 68.35
N ALA A 619 -13.29 33.20 69.47
CA ALA A 619 -13.75 34.47 69.99
C ALA A 619 -13.20 35.64 69.19
N GLU A 620 -11.89 35.64 68.91
CA GLU A 620 -11.29 36.65 68.06
C GLU A 620 -11.90 36.66 66.67
N LEU A 621 -12.19 35.49 66.12
CA LEU A 621 -12.72 35.38 64.75
C LEU A 621 -14.12 35.95 64.62
N GLU A 622 -14.97 35.81 65.63
CA GLU A 622 -16.33 36.33 65.55
C GLU A 622 -16.37 37.85 65.44
N LYS A 623 -15.53 38.54 66.20
CA LYS A 623 -15.40 39.98 66.02
C LYS A 623 -14.49 40.33 64.87
N GLY A 624 -13.41 39.61 64.68
CA GLY A 624 -12.54 39.84 63.56
C GLY A 624 -11.19 40.27 64.01
N ALA A 625 -11.17 41.14 65.00
CA ALA A 625 -9.99 41.57 65.73
C ALA A 625 -10.26 41.43 67.22
N ALA A 626 -9.19 41.32 68.01
CA ALA A 626 -9.33 41.19 69.46
C ALA A 626 -8.07 41.62 70.17
N ALA A 627 -8.23 42.24 71.31
CA ALA A 627 -7.13 42.47 72.23
C ALA A 627 -6.67 41.17 72.86
N TRP A 628 -5.39 41.05 73.11
CA TRP A 628 -4.81 39.89 73.75
C TRP A 628 -4.42 40.35 75.16
N ASP A 629 -5.36 40.25 76.10
CA ASP A 629 -5.08 40.77 77.44
C ASP A 629 -4.04 39.95 78.15
N TRP A 630 -3.90 38.68 77.81
CA TRP A 630 -2.82 37.89 78.35
C TRP A 630 -1.45 38.37 77.91
N ALA A 631 -1.36 39.12 76.81
CA ALA A 631 -0.08 39.62 76.33
C ALA A 631 0.14 41.09 76.62
N SER A 632 -0.89 41.86 76.94
CA SER A 632 -0.71 43.25 77.25
C SER A 632 -0.10 43.38 78.63
N THR A 633 0.67 44.43 78.83
CA THR A 633 1.06 44.88 80.16
C THR A 633 0.33 46.15 80.56
N ALA A 634 -0.32 46.83 79.64
CA ALA A 634 -1.32 47.79 80.03
C ALA A 634 -2.56 47.06 80.50
N LYS A 635 -3.23 47.62 81.47
CA LYS A 635 -4.35 46.94 82.08
C LYS A 635 -5.68 47.63 81.79
N ASN A 636 -5.65 48.78 81.12
CA ASN A 636 -6.78 49.31 80.36
C ASN A 636 -6.20 50.27 79.32
N ASN A 637 -7.09 50.99 78.65
CA ASN A 637 -6.71 51.80 77.52
C ASN A 637 -5.97 53.08 77.90
N ASP A 638 -6.18 53.62 79.09
CA ASP A 638 -5.49 54.85 79.46
C ASP A 638 -4.09 54.64 79.97
N GLU A 639 -3.70 53.46 80.40
CA GLU A 639 -2.30 53.35 80.77
C GLU A 639 -1.45 52.74 79.67
N ALA A 640 -2.04 52.29 78.56
CA ALA A 640 -1.24 51.93 77.41
C ALA A 640 -0.49 53.12 76.86
N GLU A 641 0.77 52.93 76.60
CA GLU A 641 1.51 53.93 75.86
C GLU A 641 1.51 53.67 74.38
N VAL A 642 1.33 52.41 73.97
CA VAL A 642 1.42 52.04 72.58
C VAL A 642 0.55 50.81 72.40
N VAL A 643 0.03 50.63 71.20
CA VAL A 643 -0.76 49.46 70.85
C VAL A 643 0.01 48.70 69.79
N LEU A 644 0.32 47.47 70.09
CA LEU A 644 1.04 46.62 69.16
C LEU A 644 0.04 45.71 68.47
N ALA A 645 -0.30 46.01 67.25
CA ALA A 645 -1.25 45.21 66.50
C ALA A 645 -0.52 44.42 65.43
N ALA A 646 -1.09 43.28 65.04
CA ALA A 646 -0.54 42.45 63.99
C ALA A 646 -1.66 41.72 63.24
N ALA A 647 -1.47 41.58 61.95
CA ALA A 647 -2.27 40.72 61.10
C ALA A 647 -1.35 39.82 60.30
N GLY A 648 -1.44 38.52 60.52
CA GLY A 648 -0.63 37.49 59.89
C GLY A 648 0.31 36.84 60.87
N ASP A 649 0.69 35.59 60.57
CA ASP A 649 1.53 34.80 61.48
C ASP A 649 2.95 35.34 61.63
N VAL A 650 3.61 35.75 60.56
CA VAL A 650 4.93 36.35 60.72
C VAL A 650 4.85 37.75 61.34
N PRO A 651 3.93 38.65 60.98
CA PRO A 651 3.78 39.87 61.79
C PRO A 651 3.46 39.63 63.25
N THR A 652 2.70 38.59 63.55
CA THR A 652 2.37 38.26 64.93
C THR A 652 3.61 37.81 65.68
N GLN A 653 4.48 37.04 65.04
CA GLN A 653 5.69 36.56 65.67
C GLN A 653 6.61 37.72 66.01
N GLU A 654 6.82 38.64 65.07
CA GLU A 654 7.66 39.80 65.28
C GLU A 654 7.07 40.78 66.30
N ILE A 655 5.76 40.95 66.34
CA ILE A 655 5.15 41.84 67.32
C ILE A 655 5.20 41.21 68.71
N MET A 656 5.06 39.88 68.82
CA MET A 656 5.14 39.24 70.12
C MET A 656 6.56 39.23 70.66
N ALA A 657 7.55 39.12 69.77
CA ALA A 657 8.95 39.25 70.16
C ALA A 657 9.32 40.69 70.48
N ALA A 658 8.65 41.66 69.88
CA ALA A 658 8.88 43.05 70.24
C ALA A 658 8.25 43.39 71.57
N SER A 659 7.08 42.82 71.87
CA SER A 659 6.42 43.06 73.15
C SER A 659 7.22 42.49 74.32
N ASP A 660 7.99 41.43 74.12
CA ASP A 660 8.82 40.89 75.18
C ASP A 660 10.01 41.79 75.49
N LYS A 661 10.61 42.37 74.46
CA LYS A 661 11.66 43.37 74.64
C LYS A 661 11.13 44.67 75.19
N LEU A 662 9.89 45.02 74.90
CA LEU A 662 9.31 46.22 75.47
C LEU A 662 8.98 46.02 76.94
N LYS A 663 8.49 44.84 77.29
CA LYS A 663 8.19 44.46 78.65
C LYS A 663 9.42 44.50 79.53
N GLU A 664 10.54 43.95 79.04
CA GLU A 664 11.86 44.05 79.65
C GLU A 664 12.29 45.48 79.90
N LEU A 665 11.85 46.43 79.09
CA LEU A 665 12.07 47.85 79.33
C LEU A 665 11.05 48.48 80.24
N GLY A 666 10.10 47.73 80.76
CA GLY A 666 9.09 48.32 81.59
C GLY A 666 7.91 48.96 80.91
N VAL A 667 7.83 49.00 79.58
CA VAL A 667 6.79 49.74 78.86
C VAL A 667 5.40 49.13 79.06
N LYS A 668 4.40 49.98 79.20
CA LYS A 668 3.00 49.60 79.29
C LYS A 668 2.39 49.64 77.89
N PHE A 669 2.01 48.49 77.35
CA PHE A 669 1.48 48.41 76.00
C PHE A 669 0.27 47.50 75.98
N LYS A 670 -0.43 47.53 74.88
CA LYS A 670 -1.53 46.65 74.60
C LYS A 670 -1.26 45.92 73.28
N VAL A 671 -1.55 44.64 73.24
CA VAL A 671 -1.33 43.80 72.06
C VAL A 671 -2.68 43.45 71.42
N VAL A 672 -2.81 43.66 70.11
CA VAL A 672 -4.01 43.37 69.34
C VAL A 672 -3.70 42.39 68.21
N ASN A 673 -4.59 41.46 67.95
CA ASN A 673 -4.48 40.62 66.78
C ASN A 673 -5.67 40.82 65.86
N VAL A 674 -5.41 40.86 64.58
CA VAL A 674 -6.42 41.02 63.55
C VAL A 674 -6.45 39.73 62.74
N ALA A 675 -7.49 38.96 62.86
CA ALA A 675 -7.64 37.77 62.06
C ALA A 675 -8.43 37.99 60.77
N ASP A 676 -9.38 38.90 60.77
CA ASP A 676 -10.31 39.14 59.66
C ASP A 676 -10.16 40.58 59.23
N LEU A 677 -9.67 40.79 58.01
CA LEU A 677 -9.22 42.09 57.54
C LEU A 677 -10.38 43.06 57.33
N LEU A 678 -11.52 42.59 56.86
CA LEU A 678 -12.67 43.43 56.66
C LEU A 678 -13.37 43.84 57.94
N SER A 679 -12.94 43.39 59.10
CA SER A 679 -13.44 43.91 60.37
C SER A 679 -13.02 45.35 60.60
N LEU A 680 -11.98 45.81 59.91
CA LEU A 680 -11.44 47.15 60.04
C LEU A 680 -12.09 48.14 59.11
N GLN A 681 -12.82 47.65 58.11
CA GLN A 681 -13.57 48.45 57.14
C GLN A 681 -14.54 49.36 57.86
N SER A 682 -14.72 50.55 57.31
CA SER A 682 -15.68 51.54 57.74
C SER A 682 -17.02 50.93 58.13
N ALA A 683 -17.44 51.22 59.34
CA ALA A 683 -18.69 50.70 59.88
C ALA A 683 -19.91 51.19 59.10
N LYS A 684 -19.80 52.30 58.42
CA LYS A 684 -20.84 52.74 57.50
C LYS A 684 -20.89 51.86 56.28
N GLU A 685 -19.74 51.50 55.74
CA GLU A 685 -19.67 50.72 54.54
C GLU A 685 -20.02 49.26 54.75
N ASN A 686 -19.76 48.71 55.92
CA ASN A 686 -19.76 47.27 56.17
C ASN A 686 -20.46 47.04 57.51
N ASP A 687 -21.66 46.48 57.51
CA ASP A 687 -22.36 46.25 58.78
C ASP A 687 -21.94 44.98 59.51
N GLU A 688 -21.01 44.21 58.98
CA GLU A 688 -20.33 43.18 59.76
C GLU A 688 -19.03 43.67 60.39
N ALA A 689 -18.51 44.80 59.99
CA ALA A 689 -17.25 45.25 60.56
C ALA A 689 -17.46 45.82 61.95
N LEU A 690 -16.37 45.88 62.71
CA LEU A 690 -16.34 46.51 64.04
C LEU A 690 -17.03 47.87 64.05
N THR A 691 -17.93 48.07 65.02
CA THR A 691 -18.48 49.39 65.24
C THR A 691 -17.36 50.34 65.63
N ASP A 692 -17.62 51.64 65.53
CA ASP A 692 -16.56 52.61 65.86
C ASP A 692 -16.23 52.59 67.35
N GLU A 693 -17.19 52.21 68.18
CA GLU A 693 -16.96 52.07 69.61
C GLU A 693 -16.20 50.80 69.94
N GLU A 694 -16.53 49.68 69.31
CA GLU A 694 -15.73 48.46 69.38
C GLU A 694 -14.33 48.67 68.82
N PHE A 695 -14.20 49.48 67.79
CA PHE A 695 -12.87 49.72 67.21
C PHE A 695 -12.02 50.54 68.16
N ALA A 696 -12.59 51.53 68.81
CA ALA A 696 -11.83 52.33 69.72
C ALA A 696 -11.62 51.69 71.08
N ASP A 697 -12.34 50.64 71.41
CA ASP A 697 -11.97 49.91 72.61
C ASP A 697 -10.73 49.07 72.34
N ILE A 698 -10.69 48.45 71.17
CA ILE A 698 -9.57 47.61 70.80
C ILE A 698 -8.33 48.45 70.57
N PHE A 699 -8.44 49.46 69.74
CA PHE A 699 -7.24 50.13 69.26
C PHE A 699 -6.79 51.34 70.07
N THR A 700 -7.64 52.30 70.38
CA THR A 700 -7.75 53.11 71.61
C THR A 700 -8.44 54.33 71.02
N ALA A 701 -8.75 55.33 71.81
CA ALA A 701 -9.11 56.59 71.19
C ALA A 701 -7.89 57.39 70.73
N ASP A 702 -6.75 57.27 71.42
CA ASP A 702 -5.65 58.18 71.16
C ASP A 702 -4.23 57.64 71.30
N LYS A 703 -4.02 56.46 71.43
CA LYS A 703 -2.65 56.01 71.60
C LYS A 703 -2.01 55.67 70.26
N PRO A 704 -0.71 55.83 70.14
CA PRO A 704 0.00 55.33 68.96
C PRO A 704 -0.18 53.83 68.73
N VAL A 705 -0.66 53.46 67.56
CA VAL A 705 -0.79 52.05 67.19
C VAL A 705 0.33 51.71 66.24
N LEU A 706 1.19 50.79 66.62
CA LEU A 706 2.10 50.16 65.70
C LEU A 706 1.44 48.90 65.16
N PHE A 707 1.36 48.79 63.84
CA PHE A 707 0.57 47.79 63.15
C PHE A 707 1.49 47.05 62.17
N ALA A 708 1.85 45.83 62.48
CA ALA A 708 2.60 45.01 61.55
C ALA A 708 1.62 44.23 60.70
N TYR A 709 1.64 44.44 59.41
CA TYR A 709 0.66 43.87 58.48
C TYR A 709 1.35 42.94 57.51
N HIS A 710 0.70 41.84 57.16
CA HIS A 710 1.28 40.82 56.29
C HIS A 710 1.53 41.34 54.85
N SER A 711 0.70 42.22 54.33
CA SER A 711 0.71 42.55 52.91
C SER A 711 1.06 44.01 52.81
N TYR A 712 0.73 44.71 51.76
CA TYR A 712 1.07 46.12 51.62
C TYR A 712 0.30 47.00 52.62
N ALA A 713 1.05 47.80 53.37
CA ALA A 713 0.51 48.80 54.30
C ALA A 713 -0.58 49.68 53.70
N HIS A 714 -0.49 49.97 52.41
CA HIS A 714 -1.54 50.67 51.68
C HIS A 714 -2.94 50.06 51.82
N ASP A 715 -3.05 48.72 51.87
CA ASP A 715 -4.35 48.05 52.14
C ASP A 715 -4.98 48.54 53.43
N VAL A 716 -4.20 48.60 54.49
CA VAL A 716 -4.73 48.96 55.79
C VAL A 716 -5.00 50.45 55.87
N ARG A 717 -4.09 51.28 55.38
CA ARG A 717 -4.24 52.73 55.43
C ARG A 717 -5.50 53.17 54.70
N GLY A 718 -5.79 52.51 53.58
CA GLY A 718 -7.01 52.78 52.85
C GLY A 718 -8.28 52.36 53.55
N LEU A 719 -8.25 51.27 54.28
CA LEU A 719 -9.40 50.73 54.98
C LEU A 719 -9.79 51.51 56.21
N ILE A 720 -8.84 52.05 56.96
CA ILE A 720 -9.12 52.69 58.23
C ILE A 720 -9.25 54.20 58.10
N TYR A 721 -9.52 54.73 56.91
CA TYR A 721 -9.37 56.17 56.62
C TYR A 721 -10.31 57.03 57.43
N ASP A 722 -11.45 56.48 57.84
CA ASP A 722 -12.40 57.17 58.69
C ASP A 722 -12.61 56.50 60.05
N ARG A 723 -11.69 55.69 60.48
CA ARG A 723 -11.79 55.07 61.78
C ARG A 723 -11.28 56.01 62.87
N PRO A 724 -11.78 55.89 64.10
CA PRO A 724 -11.19 56.65 65.23
C PRO A 724 -9.73 56.33 65.43
N ASN A 725 -8.96 57.36 65.75
CA ASN A 725 -7.53 57.26 66.02
C ASN A 725 -6.72 56.79 64.81
N HIS A 726 -7.17 57.03 63.59
CA HIS A 726 -6.46 56.43 62.45
C HIS A 726 -5.21 57.16 62.09
N ASP A 727 -5.12 58.46 62.40
CA ASP A 727 -3.90 59.24 62.25
C ASP A 727 -2.79 58.77 63.16
N ASN A 728 -3.07 57.95 64.15
CA ASN A 728 -2.02 57.46 65.01
C ASN A 728 -1.52 56.09 64.60
N PHE A 729 -2.15 55.46 63.63
CA PHE A 729 -1.64 54.19 63.14
C PHE A 729 -0.33 54.39 62.41
N ASN A 730 0.54 53.41 62.55
CA ASN A 730 1.82 53.35 61.87
C ASN A 730 1.95 51.95 61.29
N VAL A 731 1.55 51.80 60.05
CA VAL A 731 1.41 50.48 59.46
C VAL A 731 2.74 50.08 58.87
N HIS A 732 3.20 48.87 59.15
CA HIS A 732 4.37 48.30 58.50
C HIS A 732 3.90 47.07 57.74
N GLY A 733 4.13 47.06 56.45
CA GLY A 733 3.91 45.89 55.66
C GLY A 733 5.06 45.42 54.81
N TYR A 734 4.80 44.54 53.86
CA TYR A 734 5.72 44.30 52.76
C TYR A 734 5.98 45.60 52.00
N GLU A 735 7.23 45.89 51.76
CA GLU A 735 7.55 47.10 51.02
C GLU A 735 8.45 46.81 49.85
N GLU A 736 8.23 45.71 49.15
CA GLU A 736 8.98 45.36 47.94
C GLU A 736 10.47 45.20 48.18
N GLU A 737 10.88 44.75 49.34
CA GLU A 737 12.27 44.43 49.55
C GLU A 737 12.39 42.95 49.84
N GLY A 738 13.50 42.39 49.41
CA GLY A 738 13.80 41.01 49.66
C GLY A 738 14.74 40.46 48.61
N SER A 739 15.15 39.26 48.82
CA SER A 739 16.12 38.55 47.98
C SER A 739 16.02 37.11 48.43
N THR A 740 16.86 36.24 47.91
CA THR A 740 16.96 34.92 48.50
C THR A 740 17.85 35.06 49.73
N THR A 741 17.33 34.77 50.91
CA THR A 741 18.05 35.18 52.12
C THR A 741 17.51 34.38 53.32
N THR A 742 17.80 34.79 54.48
CA THR A 742 17.30 34.12 55.67
C THR A 742 15.94 34.71 56.05
N PRO A 743 15.15 34.04 56.89
CA PRO A 743 13.88 34.63 57.32
C PRO A 743 14.00 35.93 58.08
N TYR A 744 15.03 36.09 58.91
CA TYR A 744 15.23 37.36 59.61
C TYR A 744 15.50 38.46 58.63
N ASP A 745 16.35 38.21 57.65
CA ASP A 745 16.64 39.24 56.68
C ASP A 745 15.43 39.68 55.87
N MET A 746 14.45 38.81 55.63
CA MET A 746 13.20 39.21 54.99
C MET A 746 12.41 40.20 55.84
N VAL A 747 12.30 39.96 57.14
CA VAL A 747 11.55 40.88 57.94
C VAL A 747 12.36 42.17 58.19
N ARG A 748 13.68 42.09 58.21
CA ARG A 748 14.53 43.24 58.46
C ARG A 748 14.46 44.26 57.33
N VAL A 749 14.56 43.81 56.09
CA VAL A 749 14.60 44.74 54.97
C VAL A 749 13.25 45.37 54.70
N ASN A 750 12.17 44.83 55.23
CA ASN A 750 10.85 45.38 55.09
C ASN A 750 10.41 46.11 56.35
N ARG A 751 11.31 46.26 57.33
CA ARG A 751 11.11 47.10 58.53
C ARG A 751 9.98 46.60 59.41
N ILE A 752 9.94 45.29 59.55
CA ILE A 752 8.92 44.61 60.32
C ILE A 752 9.50 43.59 61.28
N ASP A 753 10.82 43.42 61.30
CA ASP A 753 11.51 42.61 62.29
C ASP A 753 11.29 43.14 63.69
N ARG A 754 11.45 42.24 64.66
CA ARG A 754 11.23 42.53 66.07
C ARG A 754 12.07 43.68 66.61
N TYR A 755 13.26 43.93 66.07
CA TYR A 755 14.11 44.96 66.63
C TYR A 755 13.70 46.31 66.11
N GLU A 756 13.36 46.39 64.83
CA GLU A 756 12.83 47.61 64.27
C GLU A 756 11.49 47.99 64.87
N LEU A 757 10.62 47.01 65.06
CA LEU A 757 9.32 47.21 65.68
C LEU A 757 9.46 47.65 67.14
N THR A 758 10.40 47.07 67.88
CA THR A 758 10.70 47.54 69.22
C THR A 758 11.15 48.99 69.20
N ALA A 759 12.01 49.32 68.26
CA ALA A 759 12.54 50.67 68.12
C ALA A 759 11.48 51.66 67.68
N GLU A 760 10.59 51.27 66.76
CA GLU A 760 9.49 52.14 66.35
C GLU A 760 8.53 52.42 67.48
N ALA A 761 8.23 51.42 68.31
CA ALA A 761 7.42 51.66 69.50
C ALA A 761 8.04 52.67 70.45
N LEU A 762 9.36 52.62 70.64
CA LEU A 762 10.01 53.57 71.54
C LEU A 762 10.06 54.97 70.94
N ARG A 763 10.17 55.08 69.62
CA ARG A 763 10.12 56.40 69.00
C ARG A 763 8.74 57.00 69.09
N MET A 764 7.70 56.18 69.02
CA MET A 764 6.33 56.62 69.18
C MET A 764 6.02 57.02 70.62
N ILE A 765 6.67 56.41 71.60
CA ILE A 765 6.37 56.71 73.00
C ILE A 765 7.13 57.93 73.45
N ASP A 766 8.46 57.88 73.32
CA ASP A 766 9.36 59.00 73.60
C ASP A 766 10.69 58.68 72.91
N ALA A 767 10.95 59.31 71.77
CA ALA A 767 12.13 58.98 70.97
C ALA A 767 13.41 59.48 71.55
N ASP A 768 13.33 60.16 72.69
CA ASP A 768 14.34 60.98 73.31
C ASP A 768 14.88 60.39 74.61
N LYS A 769 13.99 59.91 75.49
CA LYS A 769 14.43 59.16 76.65
C LYS A 769 14.88 57.75 76.30
N TYR A 770 14.40 57.19 75.20
CA TYR A 770 14.81 55.86 74.79
C TYR A 770 15.87 55.92 73.72
N ALA A 771 16.53 57.08 73.56
CA ALA A 771 17.43 57.31 72.44
C ALA A 771 18.62 56.36 72.48
N ASP A 772 19.10 56.03 73.67
CA ASP A 772 20.23 55.12 73.79
C ASP A 772 19.82 53.73 73.34
N LYS A 773 18.70 53.24 73.84
CA LYS A 773 18.23 51.89 73.55
C LYS A 773 17.78 51.75 72.11
N ILE A 774 17.26 52.82 71.52
CA ILE A 774 16.94 52.81 70.10
C ILE A 774 18.19 52.61 69.24
N ASP A 775 19.24 53.41 69.48
CA ASP A 775 20.52 53.23 68.79
C ASP A 775 21.12 51.85 69.02
N GLU A 776 20.86 51.25 70.17
CA GLU A 776 21.26 49.88 70.43
C GLU A 776 20.49 48.86 69.59
N LEU A 777 19.19 49.04 69.43
CA LEU A 777 18.43 48.08 68.65
C LEU A 777 18.79 48.14 67.17
N GLU A 778 18.98 49.34 66.63
CA GLU A 778 19.38 49.52 65.24
C GLU A 778 20.74 48.93 64.93
N LYS A 779 21.66 48.96 65.89
CA LYS A 779 22.96 48.39 65.68
C LYS A 779 22.91 46.87 65.69
N PHE A 780 22.06 46.28 66.53
CA PHE A 780 21.86 44.84 66.51
C PHE A 780 21.28 44.36 65.19
N ARG A 781 20.43 45.16 64.55
CA ARG A 781 19.83 44.73 63.30
C ARG A 781 20.87 44.51 62.24
N ASP A 782 21.87 45.38 62.20
CA ASP A 782 22.98 45.23 61.30
C ASP A 782 23.88 44.08 61.71
N GLU A 783 23.92 43.78 63.00
CA GLU A 783 24.79 42.74 63.49
C GLU A 783 24.17 41.36 63.31
N ALA A 784 22.88 41.22 63.56
CA ALA A 784 22.19 39.98 63.22
C ALA A 784 22.16 39.74 61.70
N PHE A 785 22.15 40.79 60.87
CA PHE A 785 22.36 40.55 59.44
C PHE A 785 23.77 40.11 59.13
N GLN A 786 24.76 40.72 59.75
CA GLN A 786 26.14 40.30 59.52
C GLN A 786 26.42 38.89 60.03
N PHE A 787 25.71 38.42 61.05
CA PHE A 787 25.81 37.04 61.48
C PHE A 787 25.33 36.08 60.40
N ALA A 788 24.19 36.37 59.79
CA ALA A 788 23.65 35.51 58.75
C ALA A 788 24.62 35.40 57.58
N VAL A 789 25.21 36.51 57.17
CA VAL A 789 26.20 36.52 56.10
C VAL A 789 27.41 35.65 56.47
N ASP A 790 27.91 35.79 57.69
CA ASP A 790 29.11 35.09 58.10
C ASP A 790 28.87 33.59 58.27
N ASN A 791 27.78 33.21 58.90
CA ASN A 791 27.60 31.86 59.37
C ASN A 791 26.69 31.03 58.52
N GLY A 792 25.76 31.63 57.80
CA GLY A 792 24.86 30.90 56.97
C GLY A 792 23.49 30.57 57.55
N TYR A 793 23.07 31.23 58.61
CA TYR A 793 21.83 30.95 59.33
C TYR A 793 21.66 32.10 60.28
N ASP A 794 20.44 32.29 60.78
CA ASP A 794 20.11 33.46 61.54
C ASP A 794 20.70 33.42 62.95
N HIS A 795 20.89 34.60 63.50
CA HIS A 795 21.45 34.82 64.82
C HIS A 795 20.62 34.11 65.89
N PRO A 796 21.27 33.48 66.88
CA PRO A 796 20.51 32.71 67.88
C PRO A 796 19.55 33.52 68.71
N ASP A 797 19.76 34.83 68.88
CA ASP A 797 18.74 35.62 69.53
C ASP A 797 17.47 35.68 68.73
N TYR A 798 17.57 35.59 67.41
CA TYR A 798 16.40 35.49 66.59
C TYR A 798 15.82 34.09 66.62
N THR A 799 16.61 33.07 66.28
CA THR A 799 16.06 31.74 66.03
C THR A 799 15.62 31.02 67.30
N ASP A 800 16.21 31.33 68.43
CA ASP A 800 15.94 30.55 69.63
C ASP A 800 14.92 31.22 70.53
N TRP A 801 14.26 32.27 70.07
CA TRP A 801 13.35 33.04 70.91
C TRP A 801 12.05 32.27 71.15
N VAL A 802 11.64 32.20 72.38
CA VAL A 802 10.34 31.68 72.75
C VAL A 802 9.68 32.76 73.58
N TYR A 803 8.39 32.93 73.40
CA TYR A 803 7.65 33.91 74.17
C TYR A 803 7.64 33.56 75.65
N SER A 804 7.78 34.58 76.48
CA SER A 804 7.95 34.43 77.93
C SER A 804 6.73 33.79 78.59
N GLY A 805 5.56 33.92 77.99
CA GLY A 805 4.39 33.15 78.36
C GLY A 805 4.53 31.64 78.30
N VAL A 806 5.54 31.12 77.65
CA VAL A 806 5.72 29.67 77.55
C VAL A 806 6.42 29.16 78.79
N ASN A 807 5.77 28.24 79.46
CA ASN A 807 6.34 27.49 80.55
C ASN A 807 6.89 26.19 80.09
N THR B 2 17.56 49.89 15.61
CA THR B 2 17.01 48.57 15.32
C THR B 2 17.98 47.49 15.81
N SER B 3 17.65 46.24 15.57
CA SER B 3 18.47 45.14 16.04
C SER B 3 19.78 45.07 15.26
N PRO B 4 20.90 44.84 15.91
CA PRO B 4 22.14 44.61 15.17
C PRO B 4 22.15 43.24 14.51
N VAL B 5 22.68 43.19 13.29
CA VAL B 5 23.08 41.94 12.65
C VAL B 5 24.39 41.47 13.28
N ILE B 6 24.37 40.34 13.95
CA ILE B 6 25.50 39.84 14.72
C ILE B 6 25.93 38.53 14.12
N GLY B 7 27.21 38.37 13.86
CA GLY B 7 27.73 37.08 13.46
C GLY B 7 27.46 36.77 12.00
N THR B 8 27.41 35.49 11.68
CA THR B 8 27.15 34.99 10.33
C THR B 8 25.91 34.13 10.45
N PRO B 9 24.73 34.71 10.34
CA PRO B 9 23.53 33.94 10.68
C PRO B 9 23.16 32.93 9.63
N TRP B 10 22.48 31.89 10.09
CA TRP B 10 21.83 30.87 9.29
C TRP B 10 22.82 30.13 8.37
N LYS B 11 23.98 29.79 8.90
CA LYS B 11 24.99 29.05 8.15
C LYS B 11 25.02 27.59 8.54
N LYS B 12 24.95 26.74 7.54
CA LYS B 12 25.17 25.32 7.72
C LYS B 12 26.63 25.02 8.02
N LEU B 13 26.84 23.87 8.64
CA LEU B 13 28.16 23.43 9.04
C LEU B 13 28.89 22.76 7.92
N ASN B 14 28.21 21.89 7.16
CA ASN B 14 28.71 21.14 6.00
C ASN B 14 29.87 20.19 6.37
N ALA B 15 29.88 19.70 7.59
CA ALA B 15 30.84 18.75 8.11
C ALA B 15 30.23 18.11 9.36
N PRO B 16 30.67 16.91 9.74
CA PRO B 16 30.25 16.37 11.03
C PRO B 16 30.85 17.18 12.15
N VAL B 17 30.20 17.16 13.29
CA VAL B 17 30.77 17.80 14.47
C VAL B 17 32.07 17.08 14.85
N SER B 18 33.09 17.86 15.16
CA SER B 18 34.39 17.29 15.42
C SER B 18 34.38 16.58 16.77
N GLU B 19 35.10 15.48 16.82
CA GLU B 19 35.21 14.70 18.05
C GLU B 19 35.86 15.51 19.18
N GLU B 20 36.77 16.42 18.85
CA GLU B 20 37.35 17.29 19.86
C GLU B 20 36.30 18.21 20.48
N ALA B 21 35.46 18.85 19.66
CA ALA B 21 34.39 19.69 20.19
C ALA B 21 33.43 18.92 21.07
N LEU B 22 33.12 17.68 20.72
CA LEU B 22 32.29 16.86 21.58
C LEU B 22 32.98 16.52 22.88
N GLU B 23 34.30 16.37 22.85
CA GLU B 23 35.05 16.16 24.07
C GLU B 23 35.04 17.42 24.92
N GLY B 24 35.06 18.59 24.30
CA GLY B 24 34.74 19.81 24.99
C GLY B 24 33.35 19.84 25.62
N VAL B 25 32.32 19.46 24.87
CA VAL B 25 30.95 19.52 25.40
C VAL B 25 30.78 18.60 26.61
N ASP B 26 31.43 17.44 26.58
CA ASP B 26 31.30 16.52 27.70
C ASP B 26 31.96 17.03 28.96
N LYS B 27 33.11 17.68 28.82
CA LYS B 27 33.75 18.34 29.95
C LYS B 27 32.95 19.53 30.43
N TYR B 28 32.40 20.34 29.53
CA TYR B 28 31.48 21.40 29.91
C TYR B 28 30.36 20.86 30.81
N TRP B 29 29.69 19.78 30.41
CA TRP B 29 28.58 19.24 31.16
C TRP B 29 29.02 18.80 32.55
N ARG B 30 30.15 18.09 32.65
CA ARG B 30 30.70 17.69 33.93
C ARG B 30 30.99 18.88 34.84
N VAL B 31 31.70 19.88 34.35
CA VAL B 31 32.07 21.02 35.17
C VAL B 31 30.87 21.92 35.45
N ALA B 32 29.94 22.10 34.50
CA ALA B 32 28.78 22.86 34.83
C ALA B 32 27.94 22.12 35.86
N ASN B 33 27.89 20.80 35.81
CA ASN B 33 27.14 20.04 36.80
C ASN B 33 27.78 20.15 38.18
N TYR B 34 29.11 19.98 38.23
CA TYR B 34 29.88 20.23 39.43
C TYR B 34 29.66 21.62 39.98
N LEU B 35 29.69 22.63 39.14
CA LEU B 35 29.54 24.01 39.62
C LEU B 35 28.12 24.31 40.00
N SER B 36 27.16 23.63 39.41
CA SER B 36 25.79 23.75 39.85
C SER B 36 25.60 23.16 41.25
N ILE B 37 26.11 21.95 41.49
CA ILE B 37 26.09 21.29 42.82
C ILE B 37 26.88 22.09 43.86
N GLY B 38 28.03 22.63 43.50
CA GLY B 38 28.82 23.41 44.44
C GLY B 38 28.09 24.63 44.96
N GLN B 39 27.34 25.30 44.08
CA GLN B 39 26.52 26.45 44.40
C GLN B 39 25.37 26.12 45.32
N ILE B 40 24.75 24.94 45.16
CA ILE B 40 23.67 24.49 46.03
C ILE B 40 24.20 24.04 47.38
N TYR B 41 25.26 23.24 47.42
CA TYR B 41 25.63 22.51 48.63
C TYR B 41 26.77 23.12 49.43
N LEU B 42 27.74 23.77 48.82
CA LEU B 42 29.01 24.09 49.45
C LEU B 42 29.13 25.54 49.88
N ARG B 43 29.53 25.75 51.11
CA ARG B 43 29.89 27.08 51.58
C ARG B 43 31.39 27.28 51.62
N SER B 44 32.17 26.23 51.67
CA SER B 44 33.62 26.30 51.67
C SER B 44 34.17 25.14 50.90
N ASN B 45 35.49 25.19 50.71
CA ASN B 45 36.32 24.11 50.17
C ASN B 45 35.81 23.57 48.83
N PRO B 46 35.78 24.42 47.79
CA PRO B 46 35.05 24.06 46.56
C PRO B 46 35.59 22.87 45.82
N LEU B 47 36.90 22.67 45.89
CA LEU B 47 37.55 21.58 45.20
C LEU B 47 37.81 20.37 46.08
N MET B 48 37.13 20.31 47.23
CA MET B 48 37.18 19.19 48.18
C MET B 48 38.62 18.79 48.54
N LYS B 49 39.46 19.77 48.87
CA LYS B 49 40.76 19.50 49.46
C LYS B 49 40.56 18.84 50.80
N GLU B 50 41.39 17.87 51.09
CA GLU B 50 41.59 17.29 52.41
C GLU B 50 41.83 18.37 53.46
N PRO B 51 40.95 18.49 54.49
CA PRO B 51 39.77 17.64 54.62
C PRO B 51 38.46 18.30 54.17
N PHE B 52 37.74 17.56 53.38
CA PHE B 52 36.39 17.91 52.96
C PHE B 52 35.41 17.26 53.92
N THR B 53 34.83 18.05 54.80
CA THR B 53 33.92 17.52 55.81
C THR B 53 32.56 18.22 55.74
N ARG B 54 31.67 17.81 56.63
CA ARG B 54 30.33 18.33 56.72
C ARG B 54 30.27 19.80 57.04
N GLU B 55 31.30 20.37 57.66
CA GLU B 55 31.40 21.80 57.83
C GLU B 55 31.48 22.59 56.53
N ASP B 56 31.91 21.98 55.44
CA ASP B 56 31.91 22.69 54.17
C ASP B 56 30.52 22.79 53.54
N VAL B 57 29.51 22.16 54.10
CA VAL B 57 28.19 22.11 53.51
C VAL B 57 27.39 23.28 54.06
N LYS B 58 26.61 23.92 53.19
CA LYS B 58 25.74 25.00 53.61
C LYS B 58 24.69 24.53 54.61
N HIS B 59 24.40 25.40 55.55
CA HIS B 59 23.46 25.05 56.61
C HIS B 59 22.06 24.92 56.11
N ARG B 60 21.72 25.60 55.05
CA ARG B 60 20.39 25.52 54.50
C ARG B 60 20.50 25.35 53.00
N LEU B 61 19.90 24.31 52.48
CA LEU B 61 20.03 23.99 51.07
C LEU B 61 18.88 24.61 50.32
N VAL B 62 19.21 25.51 49.42
CA VAL B 62 18.30 26.28 48.60
C VAL B 62 18.65 26.02 47.15
N GLY B 63 17.66 25.86 46.31
CA GLY B 63 17.89 25.75 44.89
C GLY B 63 17.32 24.45 44.37
N HIS B 64 17.53 24.25 43.08
CA HIS B 64 16.83 23.23 42.33
C HIS B 64 17.86 22.45 41.54
N TRP B 65 17.96 21.17 41.80
CA TRP B 65 18.75 20.28 41.01
C TRP B 65 18.02 19.72 39.79
N GLY B 66 16.72 19.44 39.83
CA GLY B 66 16.09 18.52 38.88
C GLY B 66 16.20 18.93 37.43
N THR B 67 15.87 20.16 37.12
CA THR B 67 16.02 20.68 35.78
C THR B 67 17.50 20.93 35.38
N THR B 68 18.40 21.12 36.33
CA THR B 68 19.74 21.66 36.07
C THR B 68 20.64 20.82 35.18
N PRO B 69 20.87 19.51 35.42
CA PRO B 69 21.78 18.81 34.53
C PRO B 69 21.26 18.71 33.11
N GLY B 70 19.96 18.69 32.92
CA GLY B 70 19.42 18.81 31.58
C GLY B 70 19.70 20.15 30.92
N LEU B 71 19.63 21.22 31.69
CA LEU B 71 19.91 22.54 31.15
C LEU B 71 21.38 22.68 30.83
N ASN B 72 22.26 22.14 31.67
CA ASN B 72 23.71 22.14 31.45
C ASN B 72 24.10 21.36 30.21
N PHE B 73 23.38 20.28 29.91
CA PHE B 73 23.60 19.50 28.70
C PHE B 73 23.29 20.35 27.50
N LEU B 74 22.07 20.89 27.46
CA LEU B 74 21.60 21.72 26.37
C LEU B 74 22.48 22.93 26.15
N ILE B 75 22.88 23.60 27.23
CA ILE B 75 23.68 24.81 27.16
C ILE B 75 25.08 24.52 26.64
N GLY B 76 25.70 23.43 27.10
CA GLY B 76 26.93 22.94 26.51
C GLY B 76 26.89 22.72 25.02
N HIS B 77 25.85 22.07 24.53
CA HIS B 77 25.71 21.81 23.10
C HIS B 77 25.38 23.08 22.34
N ILE B 78 24.62 24.01 22.94
CA ILE B 78 24.31 25.28 22.32
C ILE B 78 25.54 26.15 22.21
N ASN B 79 26.40 26.18 23.23
CA ASN B 79 27.69 26.87 23.14
C ASN B 79 28.60 26.32 22.05
N ARG B 80 28.72 25.00 21.93
CA ARG B 80 29.41 24.39 20.80
C ARG B 80 28.82 24.84 19.47
N PHE B 81 27.51 24.72 19.31
CA PHE B 81 26.82 25.25 18.15
C PHE B 81 27.18 26.70 17.87
N ILE B 82 27.24 27.56 18.88
CA ILE B 82 27.43 28.98 18.63
C ILE B 82 28.84 29.23 18.12
N ALA B 83 29.84 28.62 18.76
CA ALA B 83 31.22 28.78 18.34
C ALA B 83 31.49 28.22 16.95
N ASP B 84 30.89 27.08 16.58
CA ASP B 84 31.03 26.50 15.26
C ASP B 84 30.33 27.29 14.14
N HIS B 85 29.22 27.96 14.42
CA HIS B 85 28.46 28.57 13.35
C HIS B 85 28.51 30.09 13.35
N GLY B 86 29.08 30.71 14.38
CA GLY B 86 28.90 32.14 14.59
C GLY B 86 27.48 32.65 14.59
N GLN B 87 26.55 31.93 15.20
CA GLN B 87 25.16 32.35 15.26
C GLN B 87 24.87 33.29 16.44
N ASN B 88 24.26 34.42 16.15
CA ASN B 88 23.62 35.31 17.12
C ASN B 88 22.50 34.57 17.88
N THR B 89 22.65 34.39 19.17
CA THR B 89 21.83 33.43 19.92
C THR B 89 21.51 34.02 21.28
N VAL B 90 20.24 33.98 21.66
CA VAL B 90 19.78 34.23 23.03
C VAL B 90 19.00 33.02 23.52
N ILE B 91 19.28 32.56 24.72
CA ILE B 91 18.53 31.45 25.29
C ILE B 91 17.42 31.98 26.19
N ILE B 92 16.25 31.41 26.05
CA ILE B 92 15.18 31.59 27.02
C ILE B 92 15.18 30.36 27.93
N MET B 93 15.49 30.54 29.19
CA MET B 93 15.51 29.47 30.18
C MET B 93 14.17 29.49 30.90
N GLY B 94 13.20 28.84 30.30
CA GLY B 94 11.88 28.62 30.81
C GLY B 94 11.81 28.07 32.22
N PRO B 95 12.50 26.94 32.52
CA PRO B 95 12.60 26.50 33.93
C PRO B 95 13.63 27.34 34.68
N GLY B 96 13.20 28.54 35.04
CA GLY B 96 14.12 29.54 35.48
C GLY B 96 14.68 29.29 36.85
N HIS B 97 14.06 28.40 37.61
CA HIS B 97 14.61 27.83 38.82
C HIS B 97 15.84 26.97 38.58
N GLY B 98 16.23 26.72 37.35
CA GLY B 98 17.53 26.25 36.96
C GLY B 98 18.62 27.29 36.91
N GLY B 99 18.52 28.26 37.81
CA GLY B 99 19.51 29.24 38.15
C GLY B 99 20.95 28.79 38.11
N PRO B 100 21.38 27.75 38.87
CA PRO B 100 22.79 27.30 38.81
C PRO B 100 23.34 27.01 37.43
N ALA B 101 22.53 26.59 36.47
CA ALA B 101 22.97 26.42 35.09
C ALA B 101 23.31 27.74 34.40
N GLY B 102 22.50 28.76 34.64
CA GLY B 102 22.75 30.07 34.09
C GLY B 102 23.95 30.75 34.67
N THR B 103 24.14 30.68 35.98
CA THR B 103 25.32 31.24 36.62
C THR B 103 26.56 30.45 36.27
N SER B 104 26.44 29.11 36.15
CA SER B 104 27.58 28.28 35.78
C SER B 104 28.03 28.60 34.36
N GLN B 105 27.08 28.82 33.44
CA GLN B 105 27.36 29.19 32.07
C GLN B 105 28.13 30.49 32.01
N SER B 106 27.65 31.51 32.69
CA SER B 106 28.29 32.80 32.72
C SER B 106 29.65 32.72 33.40
N TYR B 107 29.83 31.84 34.38
CA TYR B 107 31.16 31.66 34.99
C TYR B 107 32.13 31.00 34.03
N LEU B 108 31.69 29.97 33.33
CA LEU B 108 32.48 29.28 32.33
C LEU B 108 32.77 30.13 31.09
N ASP B 109 31.80 30.91 30.58
CA ASP B 109 32.08 31.75 29.40
C ASP B 109 32.89 33.00 29.74
N GLY B 110 33.18 33.24 30.98
CA GLY B 110 34.01 34.32 31.40
C GLY B 110 33.29 35.62 31.65
N THR B 111 32.04 35.74 31.26
CA THR B 111 31.31 36.96 31.47
C THR B 111 30.99 37.19 32.93
N TYR B 112 31.02 36.17 33.79
CA TYR B 112 30.70 36.42 35.19
C TYR B 112 31.82 37.22 35.87
N THR B 113 33.06 36.85 35.64
CA THR B 113 34.17 37.51 36.30
C THR B 113 34.37 38.90 35.74
N GLU B 114 34.15 39.05 34.44
CA GLU B 114 34.07 40.36 33.78
C GLU B 114 33.08 41.31 34.45
N THR B 115 31.88 40.84 34.72
CA THR B 115 30.80 41.61 35.31
C THR B 115 30.95 41.74 36.80
N PHE B 116 31.49 40.73 37.48
CA PHE B 116 31.55 40.66 38.93
C PHE B 116 32.99 40.38 39.27
N PRO B 117 33.83 41.41 39.31
CA PRO B 117 35.28 41.22 39.43
C PRO B 117 35.76 40.50 40.69
N LYS B 118 35.03 40.50 41.80
CA LYS B 118 35.45 39.70 42.95
C LYS B 118 35.34 38.19 42.73
N ILE B 119 34.58 37.70 41.76
CA ILE B 119 34.37 36.28 41.60
C ILE B 119 35.39 35.85 40.56
N THR B 120 36.60 35.56 41.02
CA THR B 120 37.71 35.29 40.11
C THR B 120 37.69 33.85 39.66
N LYS B 121 38.46 33.58 38.63
CA LYS B 121 38.60 32.25 38.05
C LYS B 121 39.75 31.48 38.66
N ASP B 122 39.65 31.26 39.95
CA ASP B 122 40.59 30.47 40.73
C ASP B 122 39.87 29.97 41.97
N GLU B 123 40.61 29.40 42.89
CA GLU B 123 39.99 28.63 43.96
C GLU B 123 39.29 29.53 44.97
N ALA B 124 39.84 30.70 45.24
CA ALA B 124 39.12 31.62 46.11
C ALA B 124 37.93 32.27 45.41
N GLY B 125 38.00 32.52 44.11
CA GLY B 125 36.82 32.97 43.43
C GLY B 125 35.76 31.91 43.32
N LEU B 126 36.18 30.66 43.21
CA LEU B 126 35.26 29.53 43.14
C LEU B 126 34.55 29.29 44.46
N GLN B 127 35.23 29.57 45.56
CA GLN B 127 34.65 29.51 46.87
C GLN B 127 33.59 30.58 47.04
N LYS B 128 33.90 31.80 46.63
CA LYS B 128 32.92 32.87 46.64
C LYS B 128 31.77 32.59 45.69
N PHE B 129 32.05 31.98 44.54
CA PHE B 129 31.00 31.63 43.60
C PHE B 129 30.01 30.67 44.22
N PHE B 130 30.49 29.67 44.97
CA PHE B 130 29.63 28.62 45.54
C PHE B 130 28.85 29.14 46.72
N ARG B 131 29.50 29.85 47.63
CA ARG B 131 28.84 30.39 48.80
C ARG B 131 27.73 31.38 48.47
N GLN B 132 27.93 32.29 47.51
CA GLN B 132 26.98 33.37 47.22
C GLN B 132 25.64 32.89 46.68
N PHE B 133 25.57 31.73 46.04
CA PHE B 133 24.33 31.28 45.42
C PHE B 133 23.26 31.07 46.45
N SER B 134 22.16 31.79 46.27
CA SER B 134 20.94 31.72 47.08
C SER B 134 21.21 31.85 48.57
N TYR B 135 22.05 32.78 48.94
CA TYR B 135 22.61 32.93 50.25
C TYR B 135 22.42 34.36 50.72
N PRO B 136 22.33 34.62 52.03
CA PRO B 136 22.16 36.01 52.51
C PRO B 136 23.27 36.97 52.08
N GLY B 137 22.89 37.97 51.32
CA GLY B 137 23.83 38.88 50.71
C GLY B 137 24.53 38.39 49.46
N GLY B 138 24.11 37.28 48.88
CA GLY B 138 24.64 36.76 47.63
C GLY B 138 23.71 37.03 46.48
N ILE B 139 23.40 36.04 45.66
CA ILE B 139 22.74 36.21 44.38
C ILE B 139 21.48 35.34 44.40
N PRO B 140 20.52 35.50 43.49
CA PRO B 140 19.25 34.80 43.65
C PRO B 140 19.28 33.33 43.23
N SER B 141 18.21 32.65 43.56
CA SER B 141 18.06 31.25 43.18
C SER B 141 17.72 31.03 41.72
N HIS B 142 17.13 32.01 41.06
CA HIS B 142 16.64 31.85 39.72
C HIS B 142 17.62 32.46 38.72
N PHE B 143 17.26 32.39 37.45
CA PHE B 143 18.00 33.02 36.34
C PHE B 143 17.68 34.52 36.24
N ALA B 144 17.99 35.22 37.30
CA ALA B 144 17.58 36.56 37.64
C ALA B 144 18.21 37.59 36.69
N PRO B 145 17.73 38.85 36.66
CA PRO B 145 18.42 39.87 35.84
C PRO B 145 19.85 40.16 36.24
N GLU B 146 20.25 39.84 37.46
CA GLU B 146 21.65 39.87 37.89
C GLU B 146 22.60 38.95 37.12
N THR B 147 22.14 37.96 36.43
CA THR B 147 22.95 37.01 35.69
C THR B 147 23.20 37.49 34.27
N PRO B 148 24.44 37.58 33.81
CA PRO B 148 24.69 37.85 32.39
C PRO B 148 24.12 36.77 31.48
N GLY B 149 23.35 37.19 30.50
CA GLY B 149 22.68 36.29 29.61
C GLY B 149 21.18 36.12 29.83
N SER B 150 20.63 36.48 30.95
CA SER B 150 19.20 36.34 31.16
C SER B 150 18.41 37.53 30.61
N ILE B 151 17.32 37.24 29.91
CA ILE B 151 16.26 38.22 29.68
C ILE B 151 14.94 37.76 30.25
N HIS B 152 14.93 36.75 31.08
CA HIS B 152 13.72 36.05 31.48
C HIS B 152 14.07 35.29 32.74
N GLU B 153 13.49 35.67 33.86
CA GLU B 153 13.78 34.98 35.10
C GLU B 153 13.12 33.61 35.17
N GLY B 154 11.96 33.43 34.53
CA GLY B 154 11.25 32.16 34.58
C GLY B 154 10.93 31.71 35.99
N GLY B 155 10.61 32.63 36.87
CA GLY B 155 10.14 32.29 38.18
C GLY B 155 8.70 31.86 38.15
N GLU B 156 7.86 32.78 37.77
CA GLU B 156 6.52 32.47 37.35
C GLU B 156 6.51 31.82 35.97
N LEU B 157 5.91 30.68 35.85
CA LEU B 157 6.08 29.87 34.64
C LEU B 157 5.02 30.15 33.58
N GLY B 158 5.40 29.97 32.34
CA GLY B 158 4.50 30.04 31.21
C GLY B 158 4.72 31.15 30.22
N TYR B 159 5.75 31.99 30.32
CA TYR B 159 5.97 33.08 29.38
C TYR B 159 7.19 32.87 28.50
N ALA B 160 7.79 31.69 28.53
CA ALA B 160 9.00 31.40 27.77
C ALA B 160 8.81 31.61 26.27
N LEU B 161 7.69 31.17 25.72
CA LEU B 161 7.52 31.22 24.29
C LEU B 161 7.08 32.59 23.82
N SER B 162 6.23 33.26 24.57
CA SER B 162 5.89 34.64 24.25
C SER B 162 7.14 35.52 24.28
N HIS B 163 8.04 35.28 25.20
CA HIS B 163 9.25 36.06 25.25
C HIS B 163 10.18 35.67 24.14
N ALA B 164 10.25 34.38 23.81
CA ALA B 164 11.08 33.95 22.71
C ALA B 164 10.65 34.59 21.40
N TYR B 165 9.36 34.58 21.11
CA TYR B 165 8.86 35.10 19.87
C TYR B 165 8.89 36.63 19.83
N GLY B 166 8.66 37.32 20.93
CA GLY B 166 8.88 38.75 20.99
C GLY B 166 10.30 39.16 20.69
N ALA B 167 11.28 38.39 21.18
CA ALA B 167 12.70 38.63 20.97
C ALA B 167 13.08 38.60 19.50
N ILE B 168 12.51 37.70 18.72
CA ILE B 168 12.92 37.53 17.33
C ILE B 168 12.18 38.46 16.38
N MET B 169 11.13 39.14 16.80
CA MET B 169 10.41 40.07 15.94
C MET B 169 11.33 41.19 15.51
N ASP B 170 11.33 41.52 14.21
CA ASP B 170 12.25 42.50 13.55
C ASP B 170 13.71 42.26 13.89
N ASN B 171 14.05 41.02 14.20
CA ASN B 171 15.39 40.63 14.57
C ASN B 171 15.76 39.43 13.68
N PRO B 172 15.94 39.66 12.38
CA PRO B 172 16.11 38.56 11.44
C PRO B 172 17.40 37.78 11.57
N SER B 173 18.45 38.26 12.20
CA SER B 173 19.59 37.40 12.46
C SER B 173 19.53 36.65 13.78
N LEU B 174 18.53 36.83 14.63
CA LEU B 174 18.55 36.26 15.97
C LEU B 174 17.95 34.85 16.02
N PHE B 175 18.68 33.91 16.59
CA PHE B 175 18.24 32.55 16.90
C PHE B 175 17.94 32.47 18.41
N VAL B 176 16.75 31.99 18.78
CA VAL B 176 16.35 31.84 20.17
C VAL B 176 15.99 30.39 20.42
N PRO B 177 16.85 29.65 21.08
CA PRO B 177 16.50 28.33 21.62
C PRO B 177 15.69 28.53 22.90
N ALA B 178 14.45 28.12 22.89
CA ALA B 178 13.54 28.41 24.00
C ALA B 178 13.22 27.15 24.79
N ILE B 179 13.80 27.04 25.96
CA ILE B 179 13.68 25.83 26.75
C ILE B 179 12.40 25.90 27.56
N VAL B 180 11.52 24.96 27.38
CA VAL B 180 10.22 24.95 28.00
C VAL B 180 10.15 23.78 28.95
N GLY B 181 9.94 24.04 30.21
CA GLY B 181 9.54 23.03 31.19
C GLY B 181 8.40 22.12 30.78
N ASP B 182 8.39 20.83 31.04
CA ASP B 182 7.21 20.10 30.63
C ASP B 182 6.04 20.32 31.59
N GLY B 183 6.32 20.67 32.84
CA GLY B 183 5.33 21.23 33.71
C GLY B 183 4.89 22.61 33.28
N GLU B 184 5.82 23.45 32.89
CA GLU B 184 5.50 24.78 32.40
C GLU B 184 4.59 24.74 31.17
N ALA B 185 4.74 23.74 30.32
CA ALA B 185 3.84 23.52 29.21
C ALA B 185 2.38 23.22 29.60
N GLU B 186 2.10 22.84 30.84
CA GLU B 186 0.73 22.76 31.35
C GLU B 186 0.06 24.12 31.60
N THR B 187 0.79 25.24 31.67
CA THR B 187 0.13 26.49 32.01
C THR B 187 -0.65 27.04 30.83
N GLY B 188 -1.63 27.87 31.14
CA GLY B 188 -2.34 28.68 30.18
C GLY B 188 -1.45 29.45 29.24
N PRO B 189 -0.65 30.41 29.75
CA PRO B 189 0.21 31.23 28.88
C PRO B 189 1.17 30.44 27.99
N LEU B 190 1.77 29.38 28.47
CA LEU B 190 2.58 28.58 27.60
C LEU B 190 1.76 27.90 26.50
N ALA B 191 0.61 27.32 26.84
CA ALA B 191 -0.19 26.54 25.89
C ALA B 191 -0.57 27.36 24.67
N THR B 192 -0.99 28.60 24.84
CA THR B 192 -1.25 29.44 23.68
C THR B 192 0.00 29.97 22.98
N GLY B 193 1.14 30.07 23.68
CA GLY B 193 2.41 30.50 23.14
C GLY B 193 2.96 29.70 21.98
N TRP B 194 2.58 28.43 21.88
CA TRP B 194 2.95 27.62 20.73
C TRP B 194 2.40 28.12 19.41
N GLN B 195 1.28 28.81 19.40
CA GLN B 195 0.68 29.34 18.18
C GLN B 195 1.33 30.61 17.66
N SER B 196 2.33 31.14 18.34
CA SER B 196 2.95 32.39 17.95
C SER B 196 3.64 32.27 16.61
N ASN B 197 4.00 31.06 16.15
CA ASN B 197 4.63 30.84 14.85
C ASN B 197 3.71 31.21 13.67
N LYS B 198 2.44 31.39 13.92
CA LYS B 198 1.52 31.95 12.97
C LYS B 198 1.56 33.48 12.94
N LEU B 199 2.32 34.12 13.79
CA LEU B 199 2.40 35.56 13.84
C LEU B 199 3.79 36.08 13.51
N VAL B 200 4.73 35.24 13.12
CA VAL B 200 6.07 35.68 12.77
C VAL B 200 6.33 35.34 11.32
N ASN B 201 7.28 36.03 10.75
CA ASN B 201 7.64 35.87 9.37
C ASN B 201 9.11 35.49 9.28
N PRO B 202 9.45 34.39 8.62
CA PRO B 202 10.84 33.94 8.60
C PRO B 202 11.79 34.82 7.81
N ARG B 203 11.32 35.69 6.96
CA ARG B 203 12.26 36.65 6.42
C ARG B 203 12.49 37.84 7.35
N THR B 204 11.45 38.52 7.80
CA THR B 204 11.59 39.75 8.54
C THR B 204 11.88 39.54 10.01
N ASP B 205 11.65 38.36 10.56
CA ASP B 205 11.91 38.03 11.94
C ASP B 205 12.99 36.95 12.06
N GLY B 206 13.44 36.66 13.26
CA GLY B 206 14.37 35.58 13.51
C GLY B 206 13.73 34.21 13.60
N ILE B 207 14.33 33.30 14.34
CA ILE B 207 13.86 31.92 14.43
C ILE B 207 13.85 31.51 15.89
N VAL B 208 12.74 30.98 16.35
CA VAL B 208 12.65 30.32 17.63
C VAL B 208 12.68 28.81 17.41
N LEU B 209 13.56 28.13 18.12
CA LEU B 209 13.53 26.68 18.29
C LEU B 209 12.99 26.30 19.65
N PRO B 210 11.75 25.88 19.78
CA PRO B 210 11.27 25.49 21.11
C PRO B 210 11.86 24.15 21.48
N ILE B 211 12.31 24.05 22.72
CA ILE B 211 12.89 22.83 23.28
C ILE B 211 12.09 22.42 24.49
N LEU B 212 11.34 21.35 24.35
CA LEU B 212 10.50 20.87 25.43
C LEU B 212 11.36 20.01 26.34
N HIS B 213 11.64 20.52 27.52
CA HIS B 213 12.44 19.84 28.54
C HIS B 213 11.59 18.76 29.21
N LEU B 214 11.34 17.70 28.45
CA LEU B 214 10.46 16.61 28.85
C LEU B 214 11.16 15.67 29.82
N ASN B 215 11.33 16.15 31.02
CA ASN B 215 12.01 15.30 31.97
C ASN B 215 11.02 14.45 32.75
N GLY B 216 9.74 14.57 32.48
CA GLY B 216 8.74 13.69 33.00
C GLY B 216 7.99 14.14 34.22
N TYR B 217 8.45 15.17 34.92
CA TYR B 217 8.07 15.53 36.28
C TYR B 217 8.10 17.05 36.39
N LYS B 218 7.24 17.55 37.23
CA LYS B 218 7.14 18.87 37.78
C LYS B 218 7.51 18.68 39.27
N ILE B 219 6.96 19.47 40.18
CA ILE B 219 7.42 19.43 41.59
C ILE B 219 7.21 18.06 42.22
N ALA B 220 6.01 17.54 42.14
CA ALA B 220 5.67 16.36 42.88
C ALA B 220 4.82 15.38 42.09
N ASN B 221 4.62 15.62 40.82
CA ASN B 221 3.70 14.96 39.91
C ASN B 221 4.40 14.65 38.60
N PRO B 222 3.92 13.66 37.87
CA PRO B 222 4.31 13.53 36.47
C PRO B 222 3.72 14.64 35.63
N THR B 223 4.20 14.77 34.44
CA THR B 223 3.72 15.79 33.54
C THR B 223 2.82 15.12 32.51
N ILE B 224 1.71 15.77 32.21
CA ILE B 224 0.78 15.37 31.15
C ILE B 224 1.49 15.03 29.85
N LEU B 225 2.37 15.89 29.37
CA LEU B 225 2.95 15.68 28.06
C LEU B 225 3.94 14.54 28.03
N SER B 226 4.45 14.10 29.13
CA SER B 226 5.35 12.95 29.15
C SER B 226 4.63 11.65 29.42
N ARG B 227 3.36 11.68 29.74
CA ARG B 227 2.58 10.49 30.02
C ARG B 227 1.56 10.14 28.96
N ILE B 228 1.31 10.98 27.99
CA ILE B 228 0.47 10.70 26.84
C ILE B 228 1.34 9.96 25.86
N SER B 229 0.75 9.40 24.83
CA SER B 229 1.53 8.60 23.93
C SER B 229 2.42 9.48 23.05
N ASP B 230 3.46 8.86 22.53
CA ASP B 230 4.40 9.54 21.66
C ASP B 230 3.76 9.96 20.34
N GLU B 231 2.79 9.20 19.87
CA GLU B 231 2.00 9.58 18.72
C GLU B 231 1.10 10.78 19.00
N GLU B 232 0.46 10.84 20.17
CA GLU B 232 -0.29 12.03 20.53
C GLU B 232 0.61 13.25 20.64
N LEU B 233 1.77 13.11 21.26
CA LEU B 233 2.68 14.20 21.50
C LEU B 233 3.23 14.76 20.20
N HIS B 234 3.48 13.91 19.23
CA HIS B 234 3.96 14.36 17.93
C HIS B 234 2.87 15.01 17.10
N GLU B 235 1.68 14.42 17.06
CA GLU B 235 0.52 15.02 16.40
C GLU B 235 0.20 16.39 16.94
N PHE B 236 0.26 16.56 18.25
CA PHE B 236 0.07 17.83 18.93
C PHE B 236 0.98 18.92 18.36
N PHE B 237 2.27 18.68 18.31
CA PHE B 237 3.23 19.67 17.82
C PHE B 237 3.12 19.89 16.34
N HIS B 238 2.71 18.87 15.61
CA HIS B 238 2.53 19.02 14.19
C HIS B 238 1.26 19.79 13.88
N GLY B 239 0.26 19.67 14.74
CA GLY B 239 -0.96 20.43 14.65
C GLY B 239 -0.79 21.90 14.87
N MET B 240 0.22 22.31 15.63
CA MET B 240 0.56 23.67 15.97
C MET B 240 1.58 24.28 15.03
N GLY B 241 1.82 23.67 13.90
CA GLY B 241 2.77 24.16 12.95
C GLY B 241 4.22 23.88 13.21
N TYR B 242 4.55 22.83 13.92
CA TYR B 242 5.93 22.47 14.17
C TYR B 242 6.24 21.14 13.54
N GLU B 243 7.48 20.95 13.18
CA GLU B 243 8.00 19.66 12.79
C GLU B 243 8.77 19.04 13.96
N PRO B 244 8.20 18.15 14.76
CA PRO B 244 8.90 17.75 16.00
C PRO B 244 9.98 16.69 15.81
N TYR B 245 11.07 16.86 16.50
CA TYR B 245 12.19 15.94 16.56
C TYR B 245 12.28 15.50 18.00
N GLU B 246 12.55 14.26 18.22
CA GLU B 246 12.67 13.77 19.58
C GLU B 246 14.08 13.28 19.81
N PHE B 247 14.62 13.63 20.96
CA PHE B 247 15.83 13.06 21.49
C PHE B 247 15.55 12.37 22.83
N VAL B 248 16.02 11.16 22.98
CA VAL B 248 15.84 10.42 24.22
C VAL B 248 17.20 10.01 24.73
N ALA B 249 17.50 10.30 26.00
CA ALA B 249 18.77 9.88 26.55
C ALA B 249 18.70 9.78 28.05
N GLY B 250 19.62 9.00 28.57
CA GLY B 250 19.84 8.81 29.97
C GLY B 250 19.02 7.75 30.67
N PHE B 251 18.18 7.01 29.98
CA PHE B 251 17.37 5.99 30.60
C PHE B 251 17.94 4.59 30.42
N ASP B 252 19.20 4.47 30.00
CA ASP B 252 19.89 3.19 29.83
C ASP B 252 21.34 3.44 30.22
N ASP B 253 22.26 2.61 29.79
CA ASP B 253 23.65 2.74 30.16
C ASP B 253 24.53 3.12 28.98
N GLU B 254 23.98 3.83 28.01
CA GLU B 254 24.76 4.47 26.96
C GLU B 254 25.83 5.36 27.57
N ASP B 255 27.03 5.22 27.10
CA ASP B 255 28.08 6.07 27.61
C ASP B 255 27.87 7.49 27.14
N HIS B 256 28.38 8.39 27.92
CA HIS B 256 28.07 9.78 27.72
C HIS B 256 28.57 10.32 26.39
N MET B 257 29.67 9.79 25.87
CA MET B 257 30.16 10.23 24.58
C MET B 257 29.29 9.81 23.40
N SER B 258 28.61 8.67 23.46
CA SER B 258 27.64 8.35 22.41
C SER B 258 26.46 9.30 22.43
N ILE B 259 25.99 9.67 23.62
CA ILE B 259 24.89 10.60 23.79
C ILE B 259 25.21 11.93 23.13
N HIS B 260 26.38 12.50 23.43
CA HIS B 260 26.80 13.76 22.82
C HIS B 260 26.87 13.67 21.30
N ARG B 261 27.41 12.58 20.74
CA ARG B 261 27.47 12.43 19.30
C ARG B 261 26.09 12.35 18.70
N ARG B 262 25.21 11.58 19.34
CA ARG B 262 23.84 11.45 18.87
C ARG B 262 23.16 12.79 18.90
N PHE B 263 23.41 13.58 19.92
CA PHE B 263 22.73 14.85 20.07
C PHE B 263 23.27 15.86 19.07
N ALA B 264 24.56 15.91 18.89
CA ALA B 264 25.14 16.87 17.97
C ALA B 264 24.70 16.59 16.53
N GLU B 265 24.53 15.31 16.16
CA GLU B 265 23.97 14.92 14.87
C GLU B 265 22.53 15.40 14.70
N LEU B 266 21.70 15.22 15.71
CA LEU B 266 20.33 15.68 15.67
C LEU B 266 20.26 17.21 15.68
N TRP B 267 21.09 17.86 16.48
CA TRP B 267 21.15 19.32 16.48
C TRP B 267 21.48 19.88 15.10
N GLU B 268 22.45 19.29 14.43
CA GLU B 268 22.86 19.80 13.15
C GLU B 268 21.85 19.51 12.06
N THR B 269 21.11 18.40 12.15
CA THR B 269 19.96 18.13 11.29
C THR B 269 18.84 19.17 11.46
N ILE B 270 18.44 19.44 12.71
CA ILE B 270 17.53 20.54 13.04
C ILE B 270 18.05 21.85 12.47
N TRP B 271 19.32 22.18 12.70
CA TRP B 271 19.86 23.43 12.22
C TRP B 271 19.91 23.52 10.71
N ASP B 272 20.19 22.44 10.03
CA ASP B 272 20.07 22.44 8.57
C ASP B 272 18.65 22.70 8.07
N GLU B 273 17.65 22.29 8.83
CA GLU B 273 16.26 22.56 8.53
C GLU B 273 15.92 24.01 8.73
N ILE B 274 16.51 24.65 9.74
CA ILE B 274 16.28 26.06 10.00
C ILE B 274 16.97 26.92 8.97
N CYS B 275 18.18 26.54 8.56
CA CYS B 275 18.91 27.27 7.55
C CYS B 275 18.21 27.18 6.20
N ASP B 276 17.60 26.04 5.90
CA ASP B 276 16.74 25.88 4.73
C ASP B 276 15.52 26.81 4.77
N ILE B 277 14.87 26.93 5.93
CA ILE B 277 13.74 27.84 6.12
C ILE B 277 14.15 29.27 5.86
N LYS B 278 15.29 29.66 6.38
CA LYS B 278 15.78 31.01 6.27
C LYS B 278 16.21 31.30 4.84
N ALA B 279 16.80 30.33 4.16
CA ALA B 279 17.22 30.49 2.77
C ALA B 279 16.02 30.56 1.83
N THR B 280 14.99 29.75 2.08
CA THR B 280 13.74 29.80 1.33
C THR B 280 13.03 31.14 1.50
N ALA B 281 13.04 31.67 2.72
CA ALA B 281 12.34 32.92 3.04
C ALA B 281 12.97 34.13 2.39
N GLN B 282 14.20 34.05 1.90
CA GLN B 282 14.77 35.14 1.10
C GLN B 282 14.08 35.27 -0.25
N THR B 283 13.36 34.25 -0.68
CA THR B 283 12.57 34.24 -1.91
C THR B 283 11.06 34.14 -1.70
N ASP B 284 10.62 33.20 -0.88
CA ASP B 284 9.21 32.94 -0.63
C ASP B 284 9.01 33.06 0.87
N ASN B 285 8.43 34.15 1.33
CA ASN B 285 8.01 34.29 2.71
C ASN B 285 6.49 34.44 2.84
N VAL B 286 5.78 33.96 1.85
CA VAL B 286 4.33 33.98 1.82
C VAL B 286 3.75 32.68 2.36
N HIS B 287 4.52 31.62 2.38
CA HIS B 287 4.05 30.30 2.77
C HIS B 287 4.75 29.90 4.07
N ARG B 288 3.97 29.70 5.10
CA ARG B 288 4.48 29.44 6.45
C ARG B 288 5.15 28.08 6.50
N PRO B 289 6.41 27.99 6.86
CA PRO B 289 7.03 26.66 7.05
C PRO B 289 6.54 26.01 8.34
N PHE B 290 6.74 24.73 8.44
CA PHE B 290 6.75 24.06 9.72
C PHE B 290 8.11 24.26 10.39
N TYR B 291 8.16 24.93 11.46
CA TYR B 291 9.41 25.12 12.18
C TYR B 291 9.77 23.86 12.95
N PRO B 292 11.04 23.55 13.08
CA PRO B 292 11.44 22.45 13.95
C PRO B 292 11.16 22.77 15.41
N MET B 293 11.02 21.73 16.20
CA MET B 293 11.02 21.85 17.63
C MET B 293 11.66 20.59 18.17
N LEU B 294 12.22 20.68 19.32
CA LEU B 294 12.91 19.56 19.91
C LEU B 294 12.19 19.10 21.15
N ILE B 295 11.83 17.84 21.18
CA ILE B 295 11.39 17.15 22.38
C ILE B 295 12.61 16.46 22.98
N PHE B 296 13.05 16.97 24.07
CA PHE B 296 14.24 16.53 24.79
C PHE B 296 13.78 15.70 25.98
N ARG B 297 13.90 14.40 25.87
CA ARG B 297 13.38 13.49 26.86
C ARG B 297 14.55 12.88 27.62
N THR B 298 14.74 13.25 28.88
CA THR B 298 15.89 12.92 29.72
C THR B 298 15.40 12.72 31.13
N PRO B 299 16.11 11.97 31.98
CA PRO B 299 15.60 11.74 33.33
C PRO B 299 15.76 12.98 34.19
N LYS B 300 14.76 13.27 34.99
CA LYS B 300 14.85 14.44 35.84
C LYS B 300 15.96 14.27 36.86
N GLY B 301 16.79 15.29 37.01
CA GLY B 301 17.88 15.13 37.89
C GLY B 301 19.01 14.29 37.35
N TRP B 302 19.05 14.04 36.04
CA TRP B 302 20.06 13.24 35.33
C TRP B 302 21.47 13.35 35.91
N THR B 303 22.10 12.24 36.27
CA THR B 303 23.45 12.05 36.87
C THR B 303 23.46 12.28 38.40
N CYS B 304 22.37 12.60 39.08
CA CYS B 304 22.26 12.48 40.55
C CYS B 304 22.27 10.98 40.91
N PRO B 305 22.53 10.62 42.18
CA PRO B 305 22.45 9.18 42.54
C PRO B 305 21.06 8.63 42.29
N LYS B 306 21.01 7.44 41.69
CA LYS B 306 19.75 6.81 41.26
C LYS B 306 18.78 6.60 42.42
N TYR B 307 19.27 6.16 43.56
CA TYR B 307 18.47 5.92 44.74
C TYR B 307 19.15 6.55 45.92
N ILE B 308 18.38 7.33 46.66
CA ILE B 308 18.75 7.87 47.95
C ILE B 308 17.75 7.37 48.98
N ASP B 309 18.23 6.59 49.95
CA ASP B 309 17.43 5.99 51.04
C ASP B 309 16.33 5.08 50.51
N GLY B 310 16.60 4.37 49.43
CA GLY B 310 15.64 3.51 48.81
C GLY B 310 14.56 4.18 47.98
N LYS B 311 14.60 5.48 47.78
CA LYS B 311 13.64 6.15 46.93
C LYS B 311 14.32 6.53 45.63
N LYS B 312 13.66 6.25 44.52
CA LYS B 312 14.12 6.67 43.23
C LYS B 312 14.22 8.19 43.17
N THR B 313 15.38 8.65 42.79
CA THR B 313 15.67 10.07 42.79
C THR B 313 15.96 10.57 41.38
N GLU B 314 16.93 10.01 40.67
CA GLU B 314 17.07 10.25 39.25
C GLU B 314 15.86 9.69 38.49
N GLY B 315 15.37 10.46 37.55
CA GLY B 315 14.12 10.20 36.88
C GLY B 315 12.88 10.22 37.74
N SER B 316 12.84 11.06 38.75
CA SER B 316 11.68 11.28 39.58
C SER B 316 11.50 12.74 39.93
N TRP B 317 10.28 13.10 40.33
CA TRP B 317 10.00 14.39 40.95
C TRP B 317 10.79 14.61 42.26
N ARG B 318 11.38 13.57 42.84
CA ARG B 318 12.12 13.66 44.09
C ARG B 318 13.44 14.39 43.94
N SER B 319 13.98 14.48 42.76
CA SER B 319 15.12 15.27 42.40
C SER B 319 14.80 16.74 42.10
N HIS B 320 13.58 17.23 42.32
CA HIS B 320 13.19 18.56 41.87
C HIS B 320 13.95 19.67 42.59
N GLN B 321 13.89 19.69 43.89
CA GLN B 321 14.63 20.68 44.62
C GLN B 321 16.05 20.20 44.95
N VAL B 322 16.22 19.36 45.93
CA VAL B 322 17.54 18.79 46.17
C VAL B 322 17.37 17.30 46.32
N PRO B 323 18.14 16.53 45.62
CA PRO B 323 18.04 15.07 45.74
C PRO B 323 18.34 14.58 47.11
N LEU B 324 19.28 15.23 47.74
CA LEU B 324 19.81 14.83 49.02
C LEU B 324 19.47 15.99 49.89
N ALA B 325 18.87 15.72 51.02
CA ALA B 325 18.06 16.75 51.62
C ALA B 325 18.81 17.48 52.71
N SER B 326 19.73 16.80 53.37
CA SER B 326 20.60 17.38 54.38
C SER B 326 21.93 16.60 54.38
N ALA B 327 22.89 17.05 53.59
CA ALA B 327 24.20 16.44 53.65
C ALA B 327 25.01 16.90 54.85
N ARG B 328 24.54 17.86 55.62
CA ARG B 328 25.24 18.37 56.79
C ARG B 328 24.92 17.63 58.09
N ASP B 329 23.93 16.74 58.12
CA ASP B 329 23.39 16.17 59.35
C ASP B 329 23.70 14.71 59.61
N THR B 330 24.27 14.01 58.67
CA THR B 330 24.42 12.58 58.79
C THR B 330 25.67 12.27 58.02
N GLU B 331 26.47 11.37 58.56
CA GLU B 331 27.64 10.91 57.85
C GLU B 331 27.26 10.20 56.56
N ALA B 332 26.17 9.43 56.59
CA ALA B 332 25.70 8.70 55.43
C ALA B 332 25.36 9.63 54.29
N HIS B 333 24.67 10.72 54.57
CA HIS B 333 24.24 11.64 53.53
C HIS B 333 25.37 12.52 53.05
N PHE B 334 26.34 12.81 53.91
CA PHE B 334 27.53 13.49 53.46
C PHE B 334 28.32 12.64 52.48
N GLU B 335 28.36 11.34 52.70
CA GLU B 335 29.12 10.48 51.82
C GLU B 335 28.47 10.37 50.46
N VAL B 336 27.15 10.38 50.42
CA VAL B 336 26.43 10.46 49.16
C VAL B 336 26.76 11.74 48.42
N LEU B 337 26.75 12.88 49.11
CA LEU B 337 27.14 14.13 48.43
C LEU B 337 28.58 14.08 47.92
N LYS B 338 29.48 13.49 48.68
CA LYS B 338 30.89 13.47 48.33
C LYS B 338 31.14 12.62 47.11
N ASN B 339 30.47 11.48 47.02
CA ASN B 339 30.61 10.57 45.89
C ASN B 339 29.95 11.14 44.65
N TRP B 340 28.82 11.82 44.83
CA TRP B 340 28.16 12.56 43.76
C TRP B 340 29.08 13.62 43.15
N LEU B 341 29.70 14.45 43.99
CA LEU B 341 30.63 15.49 43.54
C LEU B 341 31.83 14.90 42.84
N GLU B 342 32.32 13.77 43.31
CA GLU B 342 33.44 13.07 42.71
C GLU B 342 33.12 12.35 41.43
N SER B 343 31.86 12.02 41.17
CA SER B 343 31.48 11.34 39.94
C SER B 343 31.75 12.17 38.69
N TYR B 344 31.75 13.48 38.79
CA TYR B 344 32.13 14.35 37.70
C TYR B 344 33.63 14.45 37.51
N LYS B 345 34.42 13.90 38.42
CA LYS B 345 35.87 13.87 38.43
C LYS B 345 36.46 15.26 38.29
N PRO B 346 36.27 16.13 39.29
CA PRO B 346 36.78 17.50 39.19
C PRO B 346 38.29 17.65 39.11
N GLU B 347 39.06 16.63 39.46
CA GLU B 347 40.53 16.60 39.30
C GLU B 347 40.97 16.75 37.85
N GLU B 348 40.15 16.35 36.91
CA GLU B 348 40.42 16.54 35.50
C GLU B 348 39.89 17.86 34.97
N LEU B 349 39.01 18.52 35.70
CA LEU B 349 38.36 19.73 35.26
C LEU B 349 39.10 20.98 35.68
N PHE B 350 39.60 21.03 36.89
CA PHE B 350 40.20 22.21 37.46
C PHE B 350 41.70 21.96 37.60
N ASP B 351 42.51 22.99 37.41
CA ASP B 351 43.94 22.79 37.59
C ASP B 351 44.35 23.07 39.03
N ALA B 352 45.65 23.21 39.28
CA ALA B 352 46.16 23.28 40.64
C ALA B 352 45.71 24.52 41.36
N ASN B 353 45.61 25.65 40.65
CA ASN B 353 45.09 26.90 41.17
C ASN B 353 43.57 27.00 41.23
N GLY B 354 42.81 26.02 40.79
CA GLY B 354 41.38 26.17 40.78
C GLY B 354 40.76 26.86 39.57
N ALA B 355 41.50 27.13 38.53
CA ALA B 355 40.90 27.57 37.28
C ALA B 355 40.41 26.36 36.52
N VAL B 356 39.26 26.49 35.87
CA VAL B 356 38.82 25.51 34.90
C VAL B 356 39.87 25.41 33.80
N LYS B 357 40.27 24.20 33.44
CA LYS B 357 41.33 23.96 32.47
C LYS B 357 40.95 24.41 31.07
N ASP B 358 41.98 24.79 30.30
CA ASP B 358 41.79 25.28 28.93
C ASP B 358 41.06 24.30 28.04
N ASP B 359 41.35 23.02 28.16
CA ASP B 359 40.69 22.09 27.26
C ASP B 359 39.25 21.81 27.61
N VAL B 360 38.78 22.29 28.75
CA VAL B 360 37.37 22.18 29.06
C VAL B 360 36.59 23.16 28.19
N LEU B 361 37.14 24.35 27.98
CA LEU B 361 36.40 25.48 27.44
C LEU B 361 36.89 25.95 26.08
N ALA B 362 37.77 25.23 25.44
CA ALA B 362 38.34 25.66 24.17
C ALA B 362 37.35 25.62 23.02
N PHE B 363 36.26 24.86 23.15
CA PHE B 363 35.14 24.85 22.22
C PHE B 363 34.20 26.06 22.39
N MET B 364 34.30 26.86 23.45
CA MET B 364 33.30 27.88 23.77
C MET B 364 33.31 29.03 22.74
N PRO B 365 32.19 29.69 22.52
CA PRO B 365 32.21 30.94 21.75
C PRO B 365 32.94 32.05 22.47
N LYS B 366 33.28 33.08 21.72
CA LYS B 366 34.07 34.21 22.19
C LYS B 366 33.35 35.52 21.88
N GLY B 367 33.67 36.55 22.63
CA GLY B 367 33.28 37.88 22.23
C GLY B 367 31.80 38.15 22.47
N GLU B 368 31.19 38.90 21.56
CA GLU B 368 29.77 39.18 21.65
C GLU B 368 28.90 37.96 21.33
N LEU B 369 29.43 36.93 20.73
CA LEU B 369 28.65 35.74 20.54
C LEU B 369 28.44 34.91 21.79
N ARG B 370 29.15 35.17 22.88
CA ARG B 370 28.89 34.46 24.12
C ARG B 370 27.51 34.81 24.67
N ILE B 371 26.86 33.80 25.24
CA ILE B 371 25.52 33.94 25.82
C ILE B 371 25.42 35.10 26.80
N GLY B 372 26.34 35.22 27.72
CA GLY B 372 26.33 36.37 28.58
C GLY B 372 26.85 37.67 28.00
N ALA B 373 27.34 37.72 26.79
CA ALA B 373 27.80 38.96 26.19
C ALA B 373 26.98 39.39 24.98
N ASN B 374 26.04 38.62 24.54
CA ASN B 374 25.21 39.02 23.42
C ASN B 374 24.39 40.26 23.78
N PRO B 375 24.51 41.35 23.02
CA PRO B 375 23.69 42.54 23.32
C PRO B 375 22.20 42.33 23.34
N ASN B 376 21.64 41.41 22.57
CA ASN B 376 20.21 41.11 22.72
C ASN B 376 19.83 40.65 24.13
N ALA B 377 20.73 40.04 24.87
CA ALA B 377 20.50 39.79 26.29
C ALA B 377 20.81 40.98 27.22
N ASN B 378 21.24 42.11 26.75
CA ASN B 378 21.35 43.32 27.57
C ASN B 378 20.89 44.42 26.62
N GLY B 379 19.59 44.50 26.40
CA GLY B 379 19.08 45.19 25.22
C GLY B 379 19.04 46.69 25.34
N GLY B 380 19.12 47.21 26.54
CA GLY B 380 19.48 48.58 26.77
C GLY B 380 20.71 49.09 26.03
N VAL B 381 21.67 48.22 25.74
CA VAL B 381 22.81 48.65 24.94
C VAL B 381 22.46 48.83 23.46
N ILE B 382 21.41 48.20 22.96
CA ILE B 382 20.97 48.29 21.58
C ILE B 382 20.04 49.48 21.38
N ARG B 383 19.28 49.81 22.40
CA ARG B 383 18.20 50.76 22.32
C ARG B 383 18.65 52.19 22.09
N ASN B 384 18.05 52.87 21.13
CA ASN B 384 18.18 54.31 20.93
C ASN B 384 16.87 55.01 21.19
N ASP B 385 16.93 56.29 21.48
CA ASP B 385 15.75 57.15 21.51
C ASP B 385 14.95 57.04 20.22
N LEU B 386 13.64 56.98 20.33
CA LEU B 386 12.78 57.09 19.15
C LEU B 386 12.93 58.46 18.48
N LYS B 387 12.90 58.48 17.18
CA LYS B 387 12.62 59.70 16.44
C LYS B 387 11.15 60.06 16.64
N LEU B 388 10.88 61.06 17.41
CA LEU B 388 9.49 61.34 17.68
C LEU B 388 9.06 62.54 16.90
N PRO B 389 7.85 62.52 16.38
CA PRO B 389 7.35 63.64 15.59
C PRO B 389 6.99 64.80 16.51
N ASN B 390 6.84 65.94 15.88
CA ASN B 390 6.62 67.17 16.62
C ASN B 390 5.22 67.20 17.19
N LEU B 391 5.13 67.31 18.51
CA LEU B 391 3.88 67.04 19.23
C LEU B 391 2.79 68.06 18.93
N GLU B 392 3.14 69.26 18.53
CA GLU B 392 2.15 70.28 18.18
C GLU B 392 1.42 69.99 16.87
N ASP B 393 1.95 69.11 16.02
CA ASP B 393 1.20 68.73 14.82
C ASP B 393 -0.09 67.99 15.12
N TYR B 394 -0.28 67.48 16.33
CA TYR B 394 -1.38 66.61 16.70
C TYR B 394 -2.25 67.27 17.75
N GLU B 395 -1.83 68.43 18.22
CA GLU B 395 -2.55 69.16 19.25
C GLU B 395 -3.95 69.50 18.77
N VAL B 396 -4.94 69.27 19.61
CA VAL B 396 -6.26 69.82 19.40
C VAL B 396 -6.19 71.31 19.62
N LYS B 397 -6.18 72.08 18.55
CA LYS B 397 -6.06 73.53 18.63
C LYS B 397 -7.36 74.24 18.97
N GLU B 398 -8.48 73.56 18.91
CA GLU B 398 -9.80 74.16 19.13
C GLU B 398 -10.08 74.60 20.55
N VAL B 399 -9.36 74.11 21.56
CA VAL B 399 -9.46 74.64 22.92
C VAL B 399 -9.10 76.11 22.93
N ALA B 400 -8.06 76.48 22.20
CA ALA B 400 -7.63 77.87 22.21
C ALA B 400 -8.58 78.75 21.41
N GLU B 401 -9.07 78.27 20.28
CA GLU B 401 -10.13 78.97 19.54
C GLU B 401 -11.38 79.17 20.37
N TYR B 402 -12.06 78.08 20.74
CA TYR B 402 -13.42 78.08 21.25
C TYR B 402 -13.57 78.08 22.75
N GLY B 403 -12.62 77.58 23.51
CA GLY B 403 -12.73 77.57 24.95
C GLY B 403 -12.45 76.18 25.47
N HIS B 404 -11.97 76.12 26.68
CA HIS B 404 -11.92 74.90 27.46
C HIS B 404 -13.26 74.18 27.51
N GLY B 405 -13.25 72.90 27.21
CA GLY B 405 -14.46 72.14 27.22
C GLY B 405 -15.12 71.96 25.90
N TRP B 406 -14.49 72.37 24.82
CA TRP B 406 -15.00 72.25 23.48
C TRP B 406 -14.98 70.78 23.01
N GLY B 407 -15.93 70.46 22.16
CA GLY B 407 -15.86 69.36 21.23
C GLY B 407 -16.35 68.04 21.76
N GLN B 408 -16.36 67.09 20.87
CA GLN B 408 -16.71 65.73 21.16
C GLN B 408 -15.71 64.77 20.59
N LEU B 409 -14.43 65.08 20.74
CA LEU B 409 -13.38 64.25 20.20
C LEU B 409 -13.22 62.94 20.97
N GLU B 410 -12.72 61.94 20.29
CA GLU B 410 -12.28 60.70 20.89
C GLU B 410 -10.78 60.83 21.07
N ALA B 411 -10.36 60.93 22.33
CA ALA B 411 -8.97 61.24 22.67
C ALA B 411 -7.98 60.22 22.12
N THR B 412 -8.32 58.93 22.12
CA THR B 412 -7.39 57.93 21.62
C THR B 412 -7.17 58.01 20.10
N ARG B 413 -8.03 58.68 19.32
CA ARG B 413 -7.72 58.90 17.90
C ARG B 413 -6.51 59.81 17.72
N THR B 414 -6.34 60.77 18.61
CA THR B 414 -5.18 61.64 18.61
C THR B 414 -3.90 60.88 18.87
N LEU B 415 -3.89 60.05 19.92
CA LEU B 415 -2.79 59.13 20.16
C LEU B 415 -2.54 58.22 18.98
N GLY B 416 -3.61 57.76 18.32
CA GLY B 416 -3.47 56.92 17.16
C GLY B 416 -2.72 57.57 16.00
N ALA B 417 -3.00 58.84 15.73
CA ALA B 417 -2.30 59.57 14.69
C ALA B 417 -0.85 59.82 15.05
N TYR B 418 -0.58 60.18 16.30
CA TYR B 418 0.76 60.35 16.80
C TYR B 418 1.57 59.06 16.69
N THR B 419 1.00 57.93 17.08
CA THR B 419 1.72 56.67 17.05
C THR B 419 1.96 56.20 15.63
N ARG B 420 1.03 56.45 14.71
CA ARG B 420 1.24 56.24 13.28
C ARG B 420 2.52 56.88 12.76
N ASP B 421 2.77 58.11 13.10
CA ASP B 421 3.96 58.75 12.62
C ASP B 421 5.21 58.37 13.41
N ILE B 422 5.10 57.90 14.65
CA ILE B 422 6.23 57.24 15.28
C ILE B 422 6.61 56.01 14.49
N ILE B 423 5.64 55.17 14.14
CA ILE B 423 5.90 53.94 13.40
C ILE B 423 6.56 54.26 12.06
N LYS B 424 6.02 55.26 11.36
CA LYS B 424 6.60 55.73 10.10
C LYS B 424 8.04 56.22 10.25
N ASN B 425 8.36 56.94 11.30
CA ASN B 425 9.73 57.42 11.50
C ASN B 425 10.66 56.39 12.11
N ASN B 426 10.14 55.35 12.71
CA ASN B 426 10.98 54.40 13.41
C ASN B 426 10.65 53.01 12.87
N PRO B 427 10.98 52.75 11.60
CA PRO B 427 10.68 51.46 11.02
C PRO B 427 11.52 50.39 11.67
N ARG B 428 10.92 49.23 11.86
N ARG B 428 10.90 49.23 11.88
CA ARG B 428 11.47 48.04 12.54
CA ARG B 428 11.47 48.05 12.55
C ARG B 428 11.87 48.31 14.01
C ARG B 428 11.87 48.31 14.01
N ASP B 429 11.41 49.36 14.62
CA ASP B 429 11.85 49.71 15.94
C ASP B 429 10.69 49.91 16.88
N PHE B 430 9.49 50.07 16.38
CA PHE B 430 8.31 50.33 17.14
C PHE B 430 7.21 49.35 16.72
N ARG B 431 6.57 48.72 17.67
CA ARG B 431 5.44 47.84 17.37
C ARG B 431 4.23 48.18 18.18
N ILE B 432 3.07 47.86 17.66
CA ILE B 432 1.84 47.89 18.43
C ILE B 432 1.35 46.48 18.61
N PHE B 433 1.00 46.14 19.82
CA PHE B 433 0.33 44.88 20.09
C PHE B 433 -1.08 45.15 20.60
N GLY B 434 -1.98 44.24 20.38
CA GLY B 434 -3.29 44.32 20.96
C GLY B 434 -4.08 43.04 20.92
N PRO B 435 -4.90 42.77 21.93
CA PRO B 435 -5.64 41.53 21.83
C PRO B 435 -6.93 41.68 21.04
N ASP B 436 -6.78 41.89 19.72
CA ASP B 436 -7.88 42.09 18.76
C ASP B 436 -8.66 43.36 19.12
N GLU B 437 -7.96 44.34 19.64
CA GLU B 437 -8.58 45.55 20.14
C GLU B 437 -7.95 46.84 19.62
N THR B 438 -7.06 46.79 18.62
CA THR B 438 -6.39 48.00 18.15
C THR B 438 -7.37 48.96 17.48
N ALA B 439 -8.20 48.48 16.56
CA ALA B 439 -9.21 49.29 15.94
C ALA B 439 -10.27 49.74 16.91
N SER B 440 -10.69 48.84 17.78
CA SER B 440 -11.71 49.12 18.77
C SER B 440 -11.28 50.22 19.75
N ASN B 441 -10.06 50.18 20.23
CA ASN B 441 -9.45 51.26 21.00
C ASN B 441 -8.97 52.44 20.14
N ARG B 442 -9.37 52.49 18.86
CA ARG B 442 -9.23 53.61 17.93
C ARG B 442 -7.78 53.91 17.56
N LEU B 443 -6.93 52.90 17.46
CA LEU B 443 -5.54 53.12 17.12
C LEU B 443 -5.24 52.73 15.68
N GLN B 444 -6.23 52.69 14.85
CA GLN B 444 -6.14 52.11 13.51
C GLN B 444 -5.61 53.06 12.44
N ALA B 445 -5.31 54.32 12.76
CA ALA B 445 -4.51 55.16 11.87
C ALA B 445 -3.13 54.59 11.56
N SER B 446 -2.61 53.68 12.38
CA SER B 446 -1.36 53.01 12.05
C SER B 446 -1.44 52.15 10.81
N TYR B 447 -2.63 51.75 10.36
CA TYR B 447 -2.78 50.95 9.16
C TYR B 447 -2.55 51.74 7.91
N GLU B 448 -2.50 53.06 7.99
CA GLU B 448 -2.05 53.88 6.89
C GLU B 448 -0.56 53.73 6.62
N VAL B 449 0.24 53.27 7.57
CA VAL B 449 1.67 53.15 7.35
C VAL B 449 2.19 51.74 7.53
N THR B 450 1.41 50.80 8.01
CA THR B 450 1.89 49.45 8.24
C THR B 450 0.70 48.52 8.18
N ASN B 451 0.93 47.28 8.48
CA ASN B 451 -0.08 46.26 8.47
C ASN B 451 -0.05 45.47 9.77
N LYS B 452 -1.11 44.74 10.00
CA LYS B 452 -1.15 43.69 10.98
C LYS B 452 -0.40 42.47 10.47
N GLN B 453 0.55 42.01 11.23
CA GLN B 453 1.36 40.89 10.82
C GLN B 453 0.54 39.63 10.96
N TRP B 454 0.33 38.94 9.86
CA TRP B 454 -0.47 37.72 9.84
C TRP B 454 0.22 36.67 9.00
N ASP B 455 0.49 35.53 9.56
CA ASP B 455 1.17 34.49 8.80
C ASP B 455 0.42 33.18 8.83
N ALA B 456 -0.86 33.23 9.09
CA ALA B 456 -1.70 32.10 8.83
C ALA B 456 -2.31 32.33 7.43
N GLY B 457 -3.33 31.57 7.07
CA GLY B 457 -3.84 31.65 5.71
C GLY B 457 -4.61 32.93 5.41
N TYR B 458 -4.52 33.36 4.17
CA TYR B 458 -5.31 34.47 3.61
C TYR B 458 -6.39 33.85 2.74
N ILE B 459 -7.58 34.44 2.70
CA ILE B 459 -8.68 33.91 1.87
C ILE B 459 -9.29 34.92 0.89
N SER B 460 -9.44 36.18 1.27
CA SER B 460 -10.18 37.16 0.48
C SER B 460 -9.86 38.57 0.90
N ASP B 461 -9.71 39.44 -0.09
CA ASP B 461 -9.63 40.87 0.14
C ASP B 461 -10.92 41.49 0.73
N GLU B 462 -12.08 40.84 0.66
CA GLU B 462 -13.26 41.34 1.36
C GLU B 462 -13.16 41.23 2.89
N VAL B 463 -12.39 40.32 3.44
CA VAL B 463 -12.26 40.18 4.88
C VAL B 463 -10.89 40.54 5.41
N ASP B 464 -9.83 40.47 4.61
CA ASP B 464 -8.44 40.46 5.06
C ASP B 464 -7.76 41.81 4.94
N GLU B 465 -8.49 42.91 4.98
CA GLU B 465 -7.92 44.25 4.94
C GLU B 465 -6.88 44.50 6.04
N HIS B 466 -5.88 45.27 5.68
CA HIS B 466 -4.79 45.71 6.53
C HIS B 466 -3.93 44.58 7.06
N MET B 467 -3.91 43.41 6.45
CA MET B 467 -3.09 42.32 6.88
C MET B 467 -1.96 42.07 5.88
N HIS B 468 -0.81 41.67 6.36
CA HIS B 468 0.36 41.34 5.56
C HIS B 468 1.24 40.36 6.34
N VAL B 469 2.04 39.59 5.63
CA VAL B 469 2.92 38.64 6.31
C VAL B 469 3.98 39.34 7.13
N SER B 470 4.27 40.58 6.88
CA SER B 470 5.03 41.33 7.84
C SER B 470 4.38 42.68 8.06
N GLY B 471 4.55 43.22 9.24
CA GLY B 471 4.02 44.51 9.60
C GLY B 471 4.26 44.73 11.08
N GLN B 472 4.04 45.95 11.50
CA GLN B 472 4.38 46.39 12.84
C GLN B 472 3.21 46.32 13.85
N VAL B 473 2.08 45.74 13.51
CA VAL B 473 0.98 45.54 14.43
C VAL B 473 0.76 44.04 14.55
N VAL B 474 0.61 43.53 15.75
CA VAL B 474 0.38 42.12 15.97
C VAL B 474 -0.82 41.99 16.87
N GLU B 475 -1.74 41.13 16.48
CA GLU B 475 -2.97 40.90 17.23
C GLU B 475 -3.20 39.41 17.35
N GLN B 476 -3.45 38.98 18.56
CA GLN B 476 -3.89 37.66 18.90
C GLN B 476 -4.75 37.88 20.11
N LEU B 477 -5.83 37.15 20.21
CA LEU B 477 -6.70 37.27 21.37
C LEU B 477 -6.11 36.51 22.57
N SER B 478 -5.11 37.14 23.16
CA SER B 478 -4.42 36.68 24.36
C SER B 478 -3.67 37.88 24.90
N GLU B 479 -4.09 38.35 26.05
CA GLU B 479 -3.34 39.36 26.79
C GLU B 479 -1.97 38.85 27.20
N HIS B 480 -1.83 37.56 27.51
CA HIS B 480 -0.55 36.96 27.84
C HIS B 480 0.44 37.06 26.68
N GLN B 481 0.00 36.74 25.47
CA GLN B 481 0.83 36.87 24.28
C GLN B 481 1.24 38.32 24.02
N MET B 482 0.28 39.23 24.00
CA MET B 482 0.54 40.65 23.74
C MET B 482 1.51 41.24 24.76
N GLU B 483 1.26 41.02 26.03
CA GLU B 483 2.15 41.54 27.05
C GLU B 483 3.52 40.89 26.96
N GLY B 484 3.56 39.60 26.66
CA GLY B 484 4.80 38.88 26.61
C GLY B 484 5.66 39.15 25.38
N PHE B 485 5.04 39.21 24.19
CA PHE B 485 5.68 39.74 22.98
C PHE B 485 6.30 41.10 23.23
N LEU B 486 5.52 42.04 23.75
CA LEU B 486 6.02 43.39 23.93
C LEU B 486 7.17 43.42 24.91
N GLU B 487 7.05 42.75 26.05
CA GLU B 487 8.11 42.67 27.05
C GLU B 487 9.45 42.22 26.48
N ALA B 488 9.46 41.26 25.59
CA ALA B 488 10.72 40.85 25.01
C ALA B 488 11.19 41.76 23.89
N TYR B 489 10.30 42.41 23.16
CA TYR B 489 10.66 43.43 22.19
C TYR B 489 11.38 44.59 22.87
N LEU B 490 10.96 44.93 24.07
CA LEU B 490 11.62 45.94 24.87
C LEU B 490 12.92 45.45 25.44
N LEU B 491 12.97 44.22 25.95
CA LEU B 491 14.19 43.73 26.54
C LEU B 491 15.29 43.51 25.50
N THR B 492 14.94 43.43 24.23
CA THR B 492 15.92 43.33 23.18
C THR B 492 16.16 44.66 22.48
N GLY B 493 15.74 45.75 23.07
CA GLY B 493 16.17 47.06 22.66
C GLY B 493 15.23 47.85 21.81
N ARG B 494 14.04 47.38 21.53
CA ARG B 494 13.11 48.10 20.69
C ARG B 494 12.02 48.77 21.54
N HIS B 495 10.95 49.22 20.93
CA HIS B 495 9.97 50.09 21.57
C HIS B 495 8.57 49.68 21.17
N GLY B 496 7.58 50.07 21.96
CA GLY B 496 6.24 49.92 21.50
C GLY B 496 5.14 50.27 22.48
N ILE B 497 3.98 49.71 22.24
CA ILE B 497 2.80 50.02 23.00
C ILE B 497 1.83 48.88 22.82
N TRP B 498 1.13 48.54 23.87
CA TRP B 498 -0.03 47.73 23.60
C TRP B 498 -1.24 48.40 24.22
N SER B 499 -2.40 48.00 23.80
CA SER B 499 -3.62 48.56 24.31
C SER B 499 -4.54 47.42 24.68
N SER B 500 -5.47 47.71 25.56
CA SER B 500 -6.33 46.73 26.17
C SER B 500 -7.56 47.42 26.70
N TYR B 501 -8.65 46.71 26.75
CA TYR B 501 -9.74 47.12 27.59
C TYR B 501 -9.30 47.00 29.02
N GLU B 502 -9.76 47.96 29.79
CA GLU B 502 -9.34 48.16 31.16
C GLU B 502 -9.54 46.90 32.00
N SER B 503 -10.74 46.34 32.01
CA SER B 503 -11.05 45.19 32.85
C SER B 503 -10.26 43.94 32.50
N PHE B 504 -9.77 43.82 31.30
CA PHE B 504 -8.96 42.67 30.95
C PHE B 504 -7.48 42.88 31.17
N VAL B 505 -7.03 44.05 31.59
CA VAL B 505 -5.66 44.18 32.06
C VAL B 505 -5.34 43.20 33.18
N HIS B 506 -6.33 42.89 34.01
CA HIS B 506 -6.19 41.99 35.14
C HIS B 506 -5.73 40.60 34.77
N VAL B 507 -6.07 40.15 33.55
CA VAL B 507 -5.53 38.95 32.95
C VAL B 507 -4.02 38.86 33.06
N ILE B 508 -3.30 39.96 32.93
CA ILE B 508 -1.86 39.88 32.98
C ILE B 508 -1.25 40.60 34.18
N ASP B 509 -2.03 40.80 35.25
CA ASP B 509 -1.51 41.37 36.50
C ASP B 509 -0.22 40.72 36.96
N SER B 510 -0.16 39.41 36.89
CA SER B 510 1.02 38.71 37.32
C SER B 510 2.19 38.87 36.35
N MET B 511 1.94 39.08 35.06
CA MET B 511 3.02 39.44 34.12
C MET B 511 3.53 40.85 34.39
N LEU B 512 2.64 41.80 34.63
CA LEU B 512 3.05 43.12 35.04
C LEU B 512 3.86 43.10 36.33
N ASN B 513 3.51 42.23 37.27
CA ASN B 513 4.25 42.09 38.52
C ASN B 513 5.66 41.61 38.24
N GLN B 514 5.80 40.59 37.40
CA GLN B 514 7.10 40.04 37.08
C GLN B 514 7.96 41.01 36.28
N HIS B 515 7.36 41.79 35.40
CA HIS B 515 8.14 42.81 34.71
C HIS B 515 8.59 43.91 35.65
N ALA B 516 7.77 44.24 36.63
CA ALA B 516 8.10 45.26 37.60
C ALA B 516 9.18 44.80 38.58
N LYS B 517 9.22 43.53 38.89
CA LYS B 517 10.29 43.02 39.74
C LYS B 517 11.61 42.94 39.00
N TRP B 518 11.56 42.59 37.71
CA TRP B 518 12.71 42.73 36.83
C TRP B 518 13.25 44.15 36.88
N LEU B 519 12.38 45.13 36.63
CA LEU B 519 12.78 46.54 36.62
C LEU B 519 13.27 47.02 37.98
N GLU B 520 12.59 46.64 39.06
CA GLU B 520 12.97 47.05 40.41
C GLU B 520 14.37 46.54 40.76
N ALA B 521 14.62 45.27 40.50
CA ALA B 521 15.94 44.73 40.73
C ALA B 521 17.01 45.36 39.83
N THR B 522 16.65 45.74 38.62
CA THR B 522 17.61 46.34 37.70
C THR B 522 18.02 47.73 38.13
N VAL B 523 17.07 48.57 38.51
CA VAL B 523 17.39 49.95 38.88
C VAL B 523 17.96 50.05 40.28
N ARG B 524 17.68 49.11 41.16
CA ARG B 524 18.30 49.10 42.48
C ARG B 524 19.74 48.66 42.42
N GLU B 525 20.07 47.59 41.72
CA GLU B 525 21.37 46.98 41.91
C GLU B 525 22.09 46.44 40.69
N ILE B 526 21.59 46.64 39.49
CA ILE B 526 22.26 46.01 38.37
C ILE B 526 22.63 47.11 37.38
N PRO B 527 23.68 47.90 37.65
CA PRO B 527 24.02 49.01 36.74
C PRO B 527 24.57 48.60 35.40
N TRP B 528 25.21 47.45 35.26
CA TRP B 528 25.64 46.97 33.96
C TRP B 528 24.48 46.62 33.02
N ARG B 529 23.26 46.54 33.49
CA ARG B 529 22.10 46.23 32.67
C ARG B 529 21.47 47.56 32.27
N LYS B 530 21.65 47.94 31.03
CA LYS B 530 21.32 49.28 30.56
C LYS B 530 19.80 49.50 30.49
N PRO B 531 19.32 50.74 30.57
CA PRO B 531 17.86 50.99 30.54
C PRO B 531 17.18 50.57 29.25
N ILE B 532 16.10 49.87 29.38
CA ILE B 532 15.28 49.45 28.28
C ILE B 532 14.14 50.44 28.18
N ALA B 533 13.52 50.48 27.02
CA ALA B 533 12.32 51.26 26.78
C ALA B 533 11.15 50.79 27.66
N SER B 534 10.27 51.69 27.96
CA SER B 534 9.21 51.42 28.89
C SER B 534 8.12 50.53 28.30
N MET B 535 7.44 49.86 29.18
CA MET B 535 6.27 49.05 28.86
C MET B 535 5.07 49.97 28.90
N ASN B 536 4.56 50.33 27.75
CA ASN B 536 3.51 51.33 27.63
C ASN B 536 2.16 50.67 27.36
N LEU B 537 1.21 50.92 28.21
CA LEU B 537 -0.08 50.27 28.10
C LEU B 537 -1.19 51.30 28.01
N LEU B 538 -1.82 51.38 26.86
CA LEU B 538 -3.04 52.14 26.71
C LEU B 538 -4.23 51.39 27.31
N VAL B 539 -4.78 51.92 28.37
CA VAL B 539 -5.91 51.33 29.06
C VAL B 539 -7.12 52.09 28.56
N SER B 540 -7.86 51.50 27.66
CA SER B 540 -9.02 52.21 27.18
C SER B 540 -10.26 51.38 27.36
N SER B 541 -11.37 51.83 26.78
CA SER B 541 -12.72 51.35 27.02
C SER B 541 -12.99 51.09 28.49
N HIS B 542 -12.87 52.11 29.29
CA HIS B 542 -12.76 51.94 30.72
C HIS B 542 -14.13 51.76 31.38
N VAL B 543 -14.16 51.78 32.71
CA VAL B 543 -15.33 51.35 33.48
C VAL B 543 -16.54 52.24 33.21
N TRP B 544 -16.36 53.54 33.02
CA TRP B 544 -17.48 54.44 32.88
C TRP B 544 -18.17 54.31 31.54
N ARG B 545 -17.52 53.78 30.54
CA ARG B 545 -18.11 53.70 29.21
C ARG B 545 -18.16 52.26 28.78
N GLN B 546 -18.42 51.37 29.71
N GLN B 546 -18.39 51.42 29.78
CA GLN B 546 -18.56 49.95 29.34
CA GLN B 546 -18.65 50.00 29.70
C GLN B 546 -19.97 49.73 28.85
C GLN B 546 -20.09 49.69 30.09
N ASP B 547 -20.10 49.87 27.51
N ASP B 547 -20.96 50.66 29.89
CA ASP B 547 -21.28 50.17 26.68
CA ASP B 547 -22.40 50.49 30.01
C ASP B 547 -22.03 48.97 26.13
C ASP B 547 -23.02 49.77 28.81
N HIS B 548 -21.36 48.19 25.29
N HIS B 548 -22.24 49.22 27.85
CA HIS B 548 -21.96 46.94 24.87
CA HIS B 548 -22.80 48.34 26.83
C HIS B 548 -21.90 45.86 25.92
C HIS B 548 -22.48 46.86 27.08
N ASN B 549 -21.39 46.13 27.16
N ASN B 549 -21.26 46.52 27.50
CA ASN B 549 -20.97 45.01 28.01
CA ASN B 549 -20.98 45.20 28.02
C ASN B 549 -21.47 44.99 29.46
C ASN B 549 -21.45 45.03 29.44
N GLY B 550 -21.58 46.08 30.18
CA GLY B 550 -22.19 45.91 31.47
C GLY B 550 -21.28 45.36 32.55
N PHE B 551 -21.91 44.91 33.61
CA PHE B 551 -21.40 44.83 34.97
C PHE B 551 -20.16 43.99 35.11
N SER B 552 -20.09 42.89 34.42
CA SER B 552 -18.96 42.03 34.62
C SER B 552 -17.77 42.42 33.77
N HIS B 553 -17.85 43.50 33.02
CA HIS B 553 -16.71 44.10 32.33
C HIS B 553 -16.24 45.37 32.98
N GLN B 554 -16.74 45.67 34.14
CA GLN B 554 -16.46 46.90 34.85
C GLN B 554 -15.46 46.61 35.96
N ASP B 555 -14.17 46.75 35.68
CA ASP B 555 -13.16 46.61 36.74
C ASP B 555 -12.01 47.51 36.44
N PRO B 556 -11.97 48.68 37.07
CA PRO B 556 -10.83 49.58 36.91
C PRO B 556 -9.62 49.24 37.78
N GLY B 557 -9.55 48.06 38.35
CA GLY B 557 -8.60 47.75 39.37
C GLY B 557 -7.15 47.56 39.01
N VAL B 558 -6.76 47.86 37.77
CA VAL B 558 -5.36 47.88 37.39
C VAL B 558 -4.54 48.84 38.25
N THR B 559 -5.13 50.00 38.58
CA THR B 559 -4.48 51.01 39.39
C THR B 559 -4.05 50.51 40.76
N SER B 560 -4.86 49.70 41.44
CA SER B 560 -4.49 49.17 42.75
C SER B 560 -3.31 48.22 42.66
N VAL B 561 -3.26 47.39 41.61
CA VAL B 561 -2.15 46.50 41.37
C VAL B 561 -0.86 47.29 41.16
N LEU B 562 -0.89 48.30 40.31
CA LEU B 562 0.33 49.01 40.01
C LEU B 562 0.80 49.89 41.16
N LEU B 563 -0.06 50.25 42.09
CA LEU B 563 0.36 50.99 43.26
C LEU B 563 1.18 50.16 44.23
N ASN B 564 1.09 48.85 44.21
CA ASN B 564 1.94 47.98 44.99
C ASN B 564 3.36 47.84 44.45
N LYS B 565 3.71 48.45 43.35
CA LYS B 565 5.08 48.40 42.88
C LYS B 565 5.73 49.77 42.93
N CYS B 566 5.29 50.64 43.82
CA CYS B 566 5.81 52.00 43.92
C CYS B 566 6.49 52.24 45.26
N PHE B 567 7.72 51.78 45.40
CA PHE B 567 8.46 51.91 46.63
C PHE B 567 9.91 52.29 46.36
N HIS B 568 10.52 52.84 47.41
N HIS B 568 10.58 52.76 47.41
CA HIS B 568 11.95 53.01 47.58
CA HIS B 568 12.04 52.86 47.50
C HIS B 568 12.58 53.82 46.46
C HIS B 568 12.61 53.82 46.45
N ASN B 569 11.80 54.77 45.97
CA ASN B 569 12.12 55.63 44.84
C ASN B 569 12.59 54.90 43.58
N ASP B 570 12.08 53.71 43.33
CA ASP B 570 12.41 53.01 42.10
C ASP B 570 11.94 53.76 40.87
N HIS B 571 10.75 54.35 40.94
CA HIS B 571 10.06 55.02 39.84
C HIS B 571 9.98 54.14 38.60
N VAL B 572 9.51 52.92 38.77
CA VAL B 572 9.29 52.03 37.67
C VAL B 572 7.83 51.98 37.23
N ILE B 573 6.95 52.74 37.83
CA ILE B 573 5.51 52.76 37.53
C ILE B 573 5.08 54.17 37.17
N GLY B 574 4.36 54.31 36.10
CA GLY B 574 3.66 55.54 35.81
C GLY B 574 2.19 55.25 35.68
N ILE B 575 1.34 55.98 36.35
CA ILE B 575 -0.10 55.83 36.30
C ILE B 575 -0.65 57.18 35.87
N TYR B 576 -1.23 57.26 34.69
CA TYR B 576 -1.62 58.52 34.10
C TYR B 576 -3.05 58.50 33.64
N PHE B 577 -3.77 59.52 34.03
CA PHE B 577 -5.14 59.72 33.64
C PHE B 577 -5.16 60.76 32.55
N ALA B 578 -5.50 60.35 31.35
CA ALA B 578 -5.57 61.28 30.25
C ALA B 578 -6.88 62.05 30.36
N THR B 579 -6.78 63.31 30.74
CA THR B 579 -7.93 64.19 30.89
C THR B 579 -8.65 64.46 29.57
N ASP B 580 -7.93 64.51 28.47
CA ASP B 580 -8.44 64.82 27.14
C ASP B 580 -7.33 64.45 26.15
N ALA B 581 -7.55 64.77 24.89
CA ALA B 581 -6.60 64.45 23.84
C ALA B 581 -5.27 65.19 23.98
N ASN B 582 -5.28 66.44 24.44
CA ASN B 582 -4.01 67.15 24.60
C ASN B 582 -3.21 66.66 25.79
N MET B 583 -3.85 66.22 26.86
CA MET B 583 -3.16 65.58 27.96
C MET B 583 -2.65 64.20 27.55
N LEU B 584 -3.42 63.48 26.74
CA LEU B 584 -2.97 62.21 26.22
C LEU B 584 -1.70 62.33 25.39
N LEU B 585 -1.61 63.37 24.58
CA LEU B 585 -0.37 63.66 23.85
C LEU B 585 0.80 63.89 24.77
N ALA B 586 0.62 64.76 25.76
CA ALA B 586 1.69 65.04 26.70
C ALA B 586 2.13 63.78 27.45
N ILE B 587 1.17 62.94 27.85
CA ILE B 587 1.49 61.71 28.55
C ILE B 587 2.26 60.79 27.65
N ALA B 588 1.80 60.65 26.41
CA ALA B 588 2.32 59.69 25.46
C ALA B 588 3.74 59.99 25.09
N GLU B 589 4.04 61.27 24.88
CA GLU B 589 5.39 61.71 24.63
C GLU B 589 6.33 61.43 25.82
N LYS B 590 5.89 61.70 27.05
CA LYS B 590 6.66 61.34 28.22
C LYS B 590 6.91 59.84 28.34
N CYS B 591 5.87 59.02 28.15
CA CYS B 591 6.03 57.58 28.17
C CYS B 591 6.91 57.07 27.04
N TYR B 592 6.81 57.65 25.84
CA TYR B 592 7.62 57.23 24.71
C TYR B 592 9.08 57.63 24.86
N LYS B 593 9.38 58.67 25.60
CA LYS B 593 10.73 59.03 25.99
C LYS B 593 11.27 58.33 27.24
N SER B 594 10.44 57.69 28.04
CA SER B 594 10.88 57.13 29.30
C SER B 594 11.55 55.78 29.10
N THR B 595 12.37 55.43 30.05
CA THR B 595 13.04 54.14 30.10
C THR B 595 12.73 53.47 31.43
N ASN B 596 12.85 52.15 31.45
CA ASN B 596 12.77 51.29 32.64
C ASN B 596 11.45 51.45 33.41
N LYS B 597 10.33 51.56 32.73
CA LYS B 597 9.07 51.75 33.42
C LYS B 597 7.97 50.84 32.89
N ILE B 598 6.94 50.73 33.68
CA ILE B 598 5.63 50.31 33.24
C ILE B 598 4.73 51.53 33.32
N ASN B 599 4.26 51.98 32.19
CA ASN B 599 3.38 53.14 32.06
C ASN B 599 1.97 52.69 31.71
N ALA B 600 1.03 52.91 32.61
CA ALA B 600 -0.37 52.73 32.33
C ALA B 600 -1.00 54.06 31.93
N ILE B 601 -1.63 54.11 30.79
CA ILE B 601 -2.20 55.33 30.27
C ILE B 601 -3.68 55.08 30.17
N ILE B 602 -4.42 55.67 31.04
CA ILE B 602 -5.84 55.43 31.12
C ILE B 602 -6.49 56.57 30.35
N ALA B 603 -7.03 56.23 29.19
CA ALA B 603 -7.58 57.17 28.25
C ALA B 603 -8.93 56.69 27.78
N GLY B 604 -9.87 57.59 27.66
CA GLY B 604 -11.13 57.23 27.09
C GLY B 604 -11.10 57.25 25.58
N LYS B 605 -11.89 56.40 25.00
CA LYS B 605 -12.10 56.42 23.57
C LYS B 605 -13.50 56.90 23.16
N GLN B 606 -14.37 57.24 24.09
CA GLN B 606 -15.67 57.80 23.81
C GLN B 606 -15.58 59.29 23.47
N PRO B 607 -16.59 59.86 22.80
CA PRO B 607 -16.57 61.30 22.55
C PRO B 607 -16.67 62.07 23.84
N ALA B 608 -15.79 63.05 24.02
CA ALA B 608 -15.65 63.78 25.25
C ALA B 608 -15.11 65.17 24.94
N ALA B 609 -15.16 66.05 25.90
CA ALA B 609 -14.65 67.40 25.76
C ALA B 609 -13.14 67.44 25.77
N THR B 610 -12.59 68.50 25.21
CA THR B 610 -11.17 68.79 25.36
C THR B 610 -11.03 69.97 26.29
N TRP B 611 -10.30 69.78 27.37
CA TRP B 611 -10.23 70.72 28.48
C TRP B 611 -9.03 71.65 28.43
N LEU B 612 -7.89 71.16 27.99
CA LEU B 612 -6.61 71.84 28.08
C LEU B 612 -5.99 72.00 26.71
N THR B 613 -5.18 73.04 26.57
CA THR B 613 -4.28 73.11 25.44
C THR B 613 -3.08 72.23 25.74
N LEU B 614 -2.26 72.02 24.73
CA LEU B 614 -1.10 71.17 24.91
C LEU B 614 -0.10 71.81 25.86
N ASP B 615 0.07 73.13 25.79
CA ASP B 615 0.98 73.81 26.70
C ASP B 615 0.46 73.81 28.13
N GLU B 616 -0.85 73.85 28.34
CA GLU B 616 -1.35 73.65 29.70
C GLU B 616 -1.22 72.21 30.15
N ALA B 617 -1.46 71.26 29.25
CA ALA B 617 -1.34 69.83 29.58
C ALA B 617 0.07 69.48 29.98
N ARG B 618 1.07 70.03 29.29
CA ARG B 618 2.47 69.81 29.67
C ARG B 618 2.81 70.44 31.00
N ALA B 619 2.14 71.51 31.41
CA ALA B 619 2.40 72.12 32.70
C ALA B 619 1.81 71.30 33.83
N GLU B 620 0.55 70.89 33.71
CA GLU B 620 -0.07 70.00 34.68
C GLU B 620 0.68 68.69 34.81
N LEU B 621 1.15 68.14 33.71
CA LEU B 621 1.83 66.83 33.72
C LEU B 621 3.16 66.87 34.43
N GLU B 622 3.92 67.96 34.34
CA GLU B 622 5.21 68.06 35.00
C GLU B 622 5.09 68.00 36.53
N LYS B 623 4.10 68.67 37.09
CA LYS B 623 3.84 68.53 38.51
C LYS B 623 3.02 67.30 38.82
N GLY B 624 2.06 66.97 37.99
CA GLY B 624 1.29 65.77 38.17
C GLY B 624 -0.14 66.08 38.44
N ALA B 625 -0.36 67.09 39.26
CA ALA B 625 -1.65 67.70 39.53
C ALA B 625 -1.53 69.20 39.36
N ALA B 626 -2.65 69.87 39.10
CA ALA B 626 -2.66 71.32 38.92
C ALA B 626 -4.03 71.90 39.19
N ALA B 627 -4.05 73.07 39.77
CA ALA B 627 -5.27 73.87 39.84
C ALA B 627 -5.64 74.41 38.47
N TRP B 628 -6.92 74.51 38.21
CA TRP B 628 -7.43 75.05 36.97
C TRP B 628 -8.02 76.42 37.32
N ASP B 629 -7.18 77.45 37.28
CA ASP B 629 -7.66 78.76 37.72
C ASP B 629 -8.67 79.33 36.75
N TRP B 630 -8.63 78.94 35.50
CA TRP B 630 -9.67 79.34 34.57
C TRP B 630 -11.03 78.76 34.92
N ALA B 631 -11.09 77.68 35.70
CA ALA B 631 -12.35 77.07 36.09
C ALA B 631 -12.76 77.38 37.52
N SER B 632 -11.86 77.84 38.37
CA SER B 632 -12.23 78.17 39.72
C SER B 632 -12.99 79.48 39.73
N THR B 633 -13.90 79.62 40.68
CA THR B 633 -14.46 80.92 41.03
C THR B 633 -13.93 81.44 42.35
N ALA B 634 -13.25 80.61 43.13
CA ALA B 634 -12.41 81.14 44.17
C ALA B 634 -11.16 81.73 43.56
N LYS B 635 -10.66 82.78 44.15
CA LYS B 635 -9.54 83.48 43.57
C LYS B 635 -8.28 83.37 44.40
N ASN B 636 -8.36 82.74 45.57
CA ASN B 636 -7.23 82.12 46.25
C ASN B 636 -7.79 81.06 47.19
N ASN B 637 -6.92 80.51 48.02
CA ASN B 637 -7.26 79.37 48.84
C ASN B 637 -8.17 79.70 50.02
N ASP B 638 -8.16 80.93 50.52
CA ASP B 638 -9.01 81.26 51.66
C ASP B 638 -10.42 81.61 51.28
N GLU B 639 -10.72 81.95 50.05
CA GLU B 639 -12.14 82.16 49.77
C GLU B 639 -12.80 80.96 49.12
N ALA B 640 -12.05 79.91 48.79
CA ALA B 640 -12.68 78.67 48.39
C ALA B 640 -13.49 78.07 49.52
N GLU B 641 -14.68 77.67 49.21
CA GLU B 641 -15.44 76.88 50.16
C GLU B 641 -15.26 75.41 49.95
N VAL B 642 -14.90 74.98 48.75
CA VAL B 642 -14.80 73.58 48.43
C VAL B 642 -13.79 73.45 47.31
N VAL B 643 -13.13 72.31 47.24
CA VAL B 643 -12.18 72.01 46.18
C VAL B 643 -12.74 70.86 45.37
N LEU B 644 -12.95 71.08 44.11
CA LEU B 644 -13.47 70.05 43.24
C LEU B 644 -12.31 69.45 42.46
N ALA B 645 -11.87 68.28 42.85
CA ALA B 645 -10.77 67.62 42.19
C ALA B 645 -11.29 66.45 41.37
N ALA B 646 -10.56 66.09 40.32
CA ALA B 646 -10.90 64.95 39.48
C ALA B 646 -9.65 64.31 38.91
N ALA B 647 -9.67 63.00 38.81
CA ALA B 647 -8.69 62.23 38.07
C ALA B 647 -9.42 61.30 37.11
N GLY B 648 -9.21 61.48 35.82
CA GLY B 648 -9.82 60.74 34.74
C GLY B 648 -10.80 61.59 33.95
N ASP B 649 -11.01 61.21 32.68
CA ASP B 649 -11.84 62.00 31.77
C ASP B 649 -13.32 62.01 32.15
N VAL B 650 -13.90 60.88 32.53
CA VAL B 650 -15.29 60.91 32.98
C VAL B 650 -15.43 61.58 34.35
N PRO B 651 -14.58 61.36 35.36
CA PRO B 651 -14.66 62.22 36.55
C PRO B 651 -14.46 63.69 36.29
N THR B 652 -13.64 64.05 35.32
CA THR B 652 -13.41 65.44 34.97
C THR B 652 -14.67 66.04 34.36
N GLN B 653 -15.38 65.28 33.53
CA GLN B 653 -16.59 65.76 32.90
C GLN B 653 -17.66 66.03 33.94
N GLU B 654 -17.87 65.10 34.87
CA GLU B 654 -18.85 65.26 35.93
C GLU B 654 -18.48 66.37 36.91
N ILE B 655 -17.21 66.55 37.22
CA ILE B 655 -16.81 67.62 38.13
C ILE B 655 -16.94 68.97 37.44
N MET B 656 -16.66 69.06 36.13
CA MET B 656 -16.81 70.32 35.42
C MET B 656 -18.27 70.70 35.24
N ALA B 657 -19.15 69.71 35.06
CA ALA B 657 -20.58 69.95 35.03
C ALA B 657 -21.14 70.26 36.41
N ALA B 658 -20.52 69.78 37.47
CA ALA B 658 -20.94 70.15 38.81
C ALA B 658 -20.49 71.55 39.16
N SER B 659 -19.30 71.96 38.71
CA SER B 659 -18.82 73.31 38.95
C SER B 659 -19.67 74.37 38.26
N ASP B 660 -20.29 74.05 37.13
CA ASP B 660 -21.17 75.00 36.46
C ASP B 660 -22.47 75.21 37.21
N LYS B 661 -23.02 74.13 37.77
CA LYS B 661 -24.19 74.23 38.64
C LYS B 661 -23.86 74.87 39.97
N LEU B 662 -22.65 74.73 40.46
CA LEU B 662 -22.26 75.39 41.70
C LEU B 662 -22.07 76.89 41.46
N LYS B 663 -21.50 77.25 40.33
CA LYS B 663 -21.30 78.63 39.92
C LYS B 663 -22.62 79.37 39.80
N GLU B 664 -23.61 78.74 39.15
CA GLU B 664 -24.99 79.20 39.09
C GLU B 664 -25.60 79.45 40.45
N LEU B 665 -25.18 78.72 41.48
CA LEU B 665 -25.58 78.98 42.85
C LEU B 665 -24.73 80.01 43.55
N GLY B 666 -23.77 80.61 42.88
CA GLY B 666 -22.93 81.57 43.54
C GLY B 666 -21.76 81.05 44.32
N VAL B 667 -21.55 79.73 44.43
CA VAL B 667 -20.52 79.15 45.30
C VAL B 667 -19.10 79.48 44.84
N LYS B 668 -18.22 79.76 45.79
CA LYS B 668 -16.81 79.99 45.55
C LYS B 668 -16.06 78.67 45.72
N PHE B 669 -15.50 78.14 44.64
CA PHE B 669 -14.82 76.86 44.67
C PHE B 669 -13.53 76.94 43.89
N LYS B 670 -12.73 75.92 44.05
CA LYS B 670 -11.51 75.73 43.30
C LYS B 670 -11.55 74.37 42.61
N VAL B 671 -11.13 74.32 41.36
CA VAL B 671 -11.12 73.11 40.56
C VAL B 671 -9.68 72.61 40.38
N VAL B 672 -9.44 71.33 40.65
CA VAL B 672 -8.14 70.68 40.53
C VAL B 672 -8.21 69.50 39.57
N ASN B 673 -7.21 69.30 38.76
CA ASN B 673 -7.11 68.09 37.97
C ASN B 673 -5.85 67.33 38.32
N VAL B 674 -5.97 66.02 38.39
CA VAL B 674 -4.88 65.12 38.70
C VAL B 674 -4.63 64.28 37.46
N ALA B 675 -3.53 64.49 36.80
CA ALA B 675 -3.16 63.67 35.66
C ALA B 675 -2.28 62.48 36.03
N ASP B 676 -1.44 62.62 37.04
CA ASP B 676 -0.43 61.63 37.41
C ASP B 676 -0.69 61.23 38.85
N LEU B 677 -1.06 59.97 39.06
CA LEU B 677 -1.60 59.49 40.32
C LEU B 677 -0.54 59.45 41.41
N LEU B 678 0.69 59.09 41.08
CA LEU B 678 1.76 59.04 42.06
C LEU B 678 2.26 60.40 42.48
N SER B 679 1.76 61.50 41.94
CA SER B 679 2.07 62.83 42.46
C SER B 679 1.47 63.06 43.83
N LEU B 680 0.46 62.27 44.20
CA LEU B 680 -0.23 62.38 45.47
C LEU B 680 0.41 61.56 46.57
N GLN B 681 1.29 60.62 46.20
CA GLN B 681 2.04 59.77 47.11
C GLN B 681 2.82 60.62 48.09
N SER B 682 2.92 60.12 49.32
CA SER B 682 3.73 60.70 50.39
C SER B 682 5.07 61.21 49.90
N ALA B 683 5.33 62.47 50.19
CA ALA B 683 6.56 63.12 49.78
C ALA B 683 7.80 62.51 50.42
N LYS B 684 7.64 61.85 51.55
CA LYS B 684 8.72 61.06 52.14
C LYS B 684 9.00 59.83 51.31
N GLU B 685 7.95 59.16 50.86
CA GLU B 685 8.09 57.93 50.13
C GLU B 685 8.58 58.13 48.70
N ASN B 686 8.26 59.24 48.07
CA ASN B 686 8.39 59.46 46.64
C ASN B 686 8.97 60.85 46.43
N ASP B 687 10.21 60.97 45.99
CA ASP B 687 10.80 62.30 45.79
C ASP B 687 10.44 62.94 44.45
N GLU B 688 9.66 62.29 43.61
CA GLU B 688 9.03 62.95 42.49
C GLU B 688 7.62 63.46 42.81
N ALA B 689 7.02 63.03 43.89
CA ALA B 689 5.67 63.47 44.18
C ALA B 689 5.67 64.90 44.71
N LEU B 690 4.50 65.54 44.62
CA LEU B 690 4.26 66.87 45.18
C LEU B 690 4.79 67.01 46.60
N THR B 691 5.56 68.07 46.86
CA THR B 691 5.94 68.39 48.22
C THR B 691 4.68 68.68 49.03
N ASP B 692 4.79 68.66 50.35
CA ASP B 692 3.62 68.90 51.19
C ASP B 692 3.14 70.33 51.07
N GLU B 693 4.03 71.26 50.76
CA GLU B 693 3.68 72.65 50.54
C GLU B 693 3.03 72.85 49.17
N GLU B 694 3.55 72.23 48.13
CA GLU B 694 2.88 72.17 46.83
C GLU B 694 1.53 71.48 46.90
N PHE B 695 1.41 70.46 47.75
CA PHE B 695 0.15 69.74 47.87
C PHE B 695 -0.89 70.62 48.55
N ALA B 696 -0.50 71.35 49.57
CA ALA B 696 -1.44 72.20 50.25
C ALA B 696 -1.72 73.51 49.53
N ASP B 697 -0.93 73.88 48.55
CA ASP B 697 -1.35 75.01 47.73
C ASP B 697 -2.44 74.58 46.78
N ILE B 698 -2.29 73.40 46.21
CA ILE B 698 -3.26 72.88 45.27
C ILE B 698 -4.56 72.54 45.98
N PHE B 699 -4.48 71.75 47.04
CA PHE B 699 -5.68 71.17 47.60
C PHE B 699 -6.34 71.97 48.70
N THR B 700 -5.65 72.39 49.74
CA THR B 700 -5.75 73.65 50.51
C THR B 700 -5.15 73.18 51.82
N ALA B 701 -5.03 74.03 52.81
CA ALA B 701 -4.75 73.49 54.12
C ALA B 701 -5.99 72.93 54.81
N ASP B 702 -7.17 73.49 54.54
CA ASP B 702 -8.34 73.13 55.34
C ASP B 702 -9.70 73.10 54.64
N LYS B 703 -9.78 73.17 53.45
CA LYS B 703 -11.12 73.17 52.85
C LYS B 703 -11.57 71.76 52.50
N PRO B 704 -12.86 71.50 52.53
CA PRO B 704 -13.38 70.24 52.00
C PRO B 704 -13.01 69.99 50.54
N VAL B 705 -12.37 68.86 50.28
CA VAL B 705 -12.05 68.47 48.90
C VAL B 705 -13.02 67.38 48.49
N LEU B 706 -13.79 67.64 47.47
CA LEU B 706 -14.54 66.60 46.79
C LEU B 706 -13.70 66.10 45.63
N PHE B 707 -13.46 64.80 45.59
CA PHE B 707 -12.50 64.17 44.70
C PHE B 707 -13.22 63.07 43.91
N ALA B 708 -13.48 63.30 42.65
CA ALA B 708 -14.03 62.27 41.79
C ALA B 708 -12.88 61.51 41.16
N TYR B 709 -12.79 60.23 41.43
CA TYR B 709 -11.66 59.40 41.01
C TYR B 709 -12.14 58.32 40.05
N HIS B 710 -11.34 58.01 39.03
CA HIS B 710 -11.71 57.06 38.00
C HIS B 710 -11.86 55.62 38.55
N SER B 711 -11.07 55.22 39.53
CA SER B 711 -10.97 53.81 39.92
C SER B 711 -11.47 53.73 41.34
N TYR B 712 -11.11 52.74 42.12
CA TYR B 712 -11.57 52.60 43.49
C TYR B 712 -11.03 53.71 44.40
N ALA B 713 -11.93 54.40 45.08
CA ALA B 713 -11.61 55.41 46.09
C ALA B 713 -10.57 54.96 47.11
N HIS B 714 -10.55 53.69 47.44
CA HIS B 714 -9.52 53.10 48.28
C HIS B 714 -8.08 53.37 47.81
N ASP B 715 -7.82 53.39 46.49
CA ASP B 715 -6.50 53.78 45.96
C ASP B 715 -6.07 55.14 46.45
N VAL B 716 -6.96 56.11 46.39
CA VAL B 716 -6.61 57.48 46.75
C VAL B 716 -6.51 57.64 48.25
N ARG B 717 -7.45 57.07 49.00
CA ARG B 717 -7.47 57.18 50.46
C ARG B 717 -6.20 56.61 51.05
N GLY B 718 -5.71 55.51 50.48
CA GLY B 718 -4.46 54.92 50.90
C GLY B 718 -3.23 55.75 50.59
N LEU B 719 -3.23 56.43 49.47
CA LEU B 719 -2.10 57.24 49.03
C LEU B 719 -1.93 58.53 49.80
N ILE B 720 -3.02 59.18 50.20
CA ILE B 720 -2.93 60.50 50.81
C ILE B 720 -2.96 60.44 52.33
N TYR B 721 -2.63 59.29 52.93
CA TYR B 721 -2.90 59.03 54.36
C TYR B 721 -2.15 59.97 55.28
N ASP B 722 -1.01 60.49 54.84
CA ASP B 722 -0.24 61.46 55.59
C ASP B 722 -0.10 62.81 54.88
N ARG B 723 -0.97 63.11 53.97
CA ARG B 723 -0.94 64.39 53.30
C ARG B 723 -1.66 65.44 54.14
N PRO B 724 -1.28 66.72 54.01
CA PRO B 724 -2.06 67.80 54.66
C PRO B 724 -3.50 67.83 54.18
N ASN B 725 -4.40 68.10 55.11
CA ASN B 725 -5.84 68.21 54.84
C ASN B 725 -6.46 66.90 54.34
N HIS B 726 -5.91 65.74 54.68
CA HIS B 726 -6.42 64.52 54.06
C HIS B 726 -7.72 64.03 54.68
N ASP B 727 -7.97 64.38 55.94
CA ASP B 727 -9.24 64.12 56.59
C ASP B 727 -10.39 64.89 55.97
N ASN B 728 -10.12 65.88 55.14
CA ASN B 728 -11.19 66.61 54.50
C ASN B 728 -11.50 66.10 53.11
N PHE B 729 -10.70 65.19 52.59
CA PHE B 729 -11.01 64.60 51.30
C PHE B 729 -12.26 63.75 51.39
N ASN B 730 -13.02 63.75 50.31
CA ASN B 730 -14.21 62.94 50.15
C ASN B 730 -14.12 62.30 48.77
N VAL B 731 -13.57 61.10 48.72
CA VAL B 731 -13.23 60.50 47.45
C VAL B 731 -14.44 59.75 46.93
N HIS B 732 -14.78 59.94 45.67
CA HIS B 732 -15.82 59.15 45.00
C HIS B 732 -15.14 58.40 43.87
N GLY B 733 -15.23 57.10 43.89
CA GLY B 733 -14.80 56.30 42.78
C GLY B 733 -15.79 55.32 42.23
N TYR B 734 -15.34 54.37 41.43
CA TYR B 734 -16.10 53.17 41.14
C TYR B 734 -16.42 52.43 42.43
N GLU B 735 -17.67 52.06 42.60
CA GLU B 735 -18.04 51.33 43.80
C GLU B 735 -18.77 50.06 43.47
N GLU B 736 -18.36 49.36 42.43
CA GLU B 736 -18.93 48.05 42.06
C GLU B 736 -20.41 48.13 41.73
N GLU B 737 -20.88 49.22 41.19
CA GLU B 737 -22.25 49.27 40.71
C GLU B 737 -22.24 49.49 39.21
N GLY B 738 -23.22 48.93 38.56
CA GLY B 738 -23.40 49.11 37.14
C GLY B 738 -24.14 47.94 36.55
N SER B 739 -24.45 48.06 35.31
CA SER B 739 -25.24 47.10 34.53
C SER B 739 -25.03 47.52 33.09
N THR B 740 -25.71 46.88 32.16
CA THR B 740 -25.73 47.41 30.81
C THR B 740 -26.75 48.53 30.80
N THR B 741 -26.33 49.76 30.52
CA THR B 741 -27.22 50.89 30.80
C THR B 741 -26.73 52.12 30.01
N THR B 742 -27.18 53.25 30.34
CA THR B 742 -26.73 54.47 29.67
C THR B 742 -25.50 55.02 30.38
N PRO B 743 -24.73 55.92 29.76
CA PRO B 743 -23.59 56.50 30.47
C PRO B 743 -23.93 57.28 31.72
N TYR B 744 -25.05 58.00 31.73
CA TYR B 744 -25.46 58.71 32.94
C TYR B 744 -25.75 57.74 34.05
N ASP B 745 -26.46 56.67 33.75
CA ASP B 745 -26.76 55.71 34.78
C ASP B 745 -25.53 55.05 35.39
N MET B 746 -24.43 54.89 34.64
CA MET B 746 -23.17 54.41 35.19
C MET B 746 -22.58 55.37 36.22
N VAL B 747 -22.59 56.66 35.94
CA VAL B 747 -22.05 57.57 36.90
C VAL B 747 -23.00 57.77 38.08
N ARG B 748 -24.31 57.64 37.87
CA ARG B 748 -25.30 57.83 38.90
C ARG B 748 -25.22 56.75 39.97
N VAL B 749 -25.13 55.49 39.58
CA VAL B 749 -25.16 54.40 40.54
C VAL B 749 -23.87 54.31 41.32
N ASN B 750 -22.80 54.93 40.87
CA ASN B 750 -21.54 54.96 41.57
C ASN B 750 -21.31 56.28 42.28
N ARG B 751 -22.32 57.16 42.30
CA ARG B 751 -22.35 58.40 43.10
C ARG B 751 -21.27 59.38 42.69
N ILE B 752 -21.10 59.49 41.37
CA ILE B 752 -20.10 60.34 40.78
C ILE B 752 -20.66 61.20 39.66
N ASP B 753 -21.95 61.07 39.35
CA ASP B 753 -22.65 61.95 38.43
C ASP B 753 -22.64 63.38 38.93
N ARG B 754 -22.80 64.30 37.97
CA ARG B 754 -22.76 65.74 38.22
C ARG B 754 -23.77 66.21 39.25
N TYR B 755 -24.92 65.56 39.40
CA TYR B 755 -25.94 66.04 40.31
C TYR B 755 -25.62 65.62 41.71
N GLU B 756 -25.16 64.39 41.88
CA GLU B 756 -24.71 63.93 43.18
C GLU B 756 -23.50 64.69 43.67
N LEU B 757 -22.54 64.93 42.78
CA LEU B 757 -21.35 65.70 43.09
C LEU B 757 -21.69 67.15 43.45
N THR B 758 -22.63 67.76 42.74
CA THR B 758 -23.12 69.08 43.12
C THR B 758 -23.73 69.05 44.52
N ALA B 759 -24.51 68.04 44.79
CA ALA B 759 -25.18 67.87 46.09
C ALA B 759 -24.19 67.59 47.19
N GLU B 760 -23.16 66.76 46.94
CA GLU B 760 -22.13 66.50 47.95
C GLU B 760 -21.34 67.74 48.28
N ALA B 761 -21.01 68.57 47.28
CA ALA B 761 -20.36 69.84 47.55
C ALA B 761 -21.19 70.75 48.44
N LEU B 762 -22.50 70.80 48.25
CA LEU B 762 -23.35 71.64 49.08
C LEU B 762 -23.49 71.09 50.49
N ARG B 763 -23.48 69.77 50.65
CA ARG B 763 -23.50 69.20 51.99
C ARG B 763 -22.21 69.46 52.73
N MET B 764 -21.09 69.48 52.03
CA MET B 764 -19.80 69.80 52.60
C MET B 764 -19.69 71.28 52.97
N ILE B 765 -20.36 72.17 52.25
CA ILE B 765 -20.24 73.60 52.52
C ILE B 765 -21.18 73.99 53.64
N ASP B 766 -22.47 73.71 53.45
CA ASP B 766 -23.51 73.95 54.44
C ASP B 766 -24.72 73.10 54.03
N ALA B 767 -24.92 71.97 54.69
CA ALA B 767 -25.97 71.03 54.27
C ALA B 767 -27.36 71.49 54.61
N ASP B 768 -27.48 72.65 55.24
CA ASP B 768 -28.64 73.18 55.91
C ASP B 768 -29.23 74.39 55.21
N LYS B 769 -28.40 75.35 54.78
CA LYS B 769 -28.87 76.44 53.95
C LYS B 769 -29.13 75.98 52.51
N TYR B 770 -28.47 74.92 52.05
CA TYR B 770 -28.69 74.42 50.71
C TYR B 770 -29.62 73.24 50.71
N ALA B 771 -30.39 73.04 51.79
CA ALA B 771 -31.18 71.85 51.97
C ALA B 771 -32.26 71.72 50.91
N ASP B 772 -32.83 72.84 50.48
CA ASP B 772 -33.85 72.81 49.44
C ASP B 772 -33.25 72.36 48.12
N LYS B 773 -32.14 72.96 47.74
CA LYS B 773 -31.50 72.69 46.46
C LYS B 773 -30.89 71.30 46.43
N ILE B 774 -30.44 70.80 47.57
CA ILE B 774 -29.96 69.43 47.66
C ILE B 774 -31.08 68.43 47.36
N ASP B 775 -32.24 68.58 48.04
CA ASP B 775 -33.41 67.75 47.75
C ASP B 775 -33.88 67.88 46.31
N GLU B 776 -33.66 69.02 45.69
CA GLU B 776 -33.95 69.19 44.28
C GLU B 776 -32.98 68.41 43.38
N LEU B 777 -31.70 68.40 43.70
CA LEU B 777 -30.76 67.68 42.86
C LEU B 777 -30.96 66.17 42.95
N GLU B 778 -31.23 65.65 44.14
CA GLU B 778 -31.50 64.23 44.34
C GLU B 778 -32.74 63.76 43.62
N LYS B 779 -33.75 64.61 43.52
CA LYS B 779 -34.95 64.23 42.81
C LYS B 779 -34.74 64.20 41.32
N PHE B 780 -33.92 65.11 40.78
CA PHE B 780 -33.57 65.06 39.38
C PHE B 780 -32.81 63.81 39.01
N ARG B 781 -31.98 63.29 39.93
CA ARG B 781 -31.21 62.10 39.61
C ARG B 781 -32.11 60.93 39.33
N ASP B 782 -33.18 60.81 40.10
CA ASP B 782 -34.17 59.78 39.86
C ASP B 782 -34.97 60.05 38.62
N GLU B 783 -35.12 61.33 38.25
CA GLU B 783 -35.91 61.69 37.11
C GLU B 783 -35.13 61.53 35.81
N ALA B 784 -33.87 61.92 35.79
CA ALA B 784 -33.01 61.61 34.66
C ALA B 784 -32.80 60.10 34.49
N PHE B 785 -32.82 59.32 35.56
CA PHE B 785 -32.84 57.87 35.36
C PHE B 785 -34.17 57.38 34.79
N GLN B 786 -35.27 57.91 35.26
CA GLN B 786 -36.56 57.52 34.71
C GLN B 786 -36.74 57.94 33.25
N PHE B 787 -36.09 59.02 32.83
CA PHE B 787 -36.08 59.40 31.43
C PHE B 787 -35.39 58.34 30.58
N ALA B 788 -34.23 57.88 31.00
CA ALA B 788 -33.49 56.87 30.25
C ALA B 788 -34.31 55.60 30.08
N VAL B 789 -34.98 55.16 31.15
CA VAL B 789 -35.85 54.00 31.09
C VAL B 789 -36.98 54.20 30.09
N ASP B 790 -37.62 55.36 30.13
CA ASP B 790 -38.77 55.61 29.28
C ASP B 790 -38.39 55.76 27.81
N ASN B 791 -37.34 56.50 27.52
CA ASN B 791 -37.06 56.95 26.18
C ASN B 791 -35.98 56.17 25.48
N GLY B 792 -35.05 55.58 26.21
CA GLY B 792 -33.98 54.82 25.61
C GLY B 792 -32.66 55.54 25.42
N TYR B 793 -32.43 56.67 26.06
CA TYR B 793 -31.25 57.51 25.89
C TYR B 793 -31.31 58.50 27.01
N ASP B 794 -30.19 59.14 27.30
CA ASP B 794 -30.06 59.98 28.47
C ASP B 794 -30.79 61.31 28.31
N HIS B 795 -31.17 61.87 29.44
CA HIS B 795 -31.88 63.13 29.54
C HIS B 795 -31.10 64.26 28.87
N PRO B 796 -31.77 65.15 28.14
CA PRO B 796 -31.04 66.20 27.41
C PRO B 796 -30.27 67.16 28.28
N ASP B 797 -30.64 67.34 29.55
CA ASP B 797 -29.79 68.13 30.42
C ASP B 797 -28.46 67.47 30.64
N TYR B 798 -28.41 66.15 30.61
CA TYR B 798 -27.15 65.45 30.67
C TYR B 798 -26.43 65.51 29.33
N THR B 799 -27.06 65.05 28.25
CA THR B 799 -26.34 64.83 27.00
C THR B 799 -25.97 66.11 26.27
N ASP B 800 -26.70 67.18 26.47
CA ASP B 800 -26.48 68.38 25.68
C ASP B 800 -25.63 69.40 26.40
N TRP B 801 -25.05 69.05 27.54
CA TRP B 801 -24.33 70.01 28.36
C TRP B 801 -22.98 70.37 27.72
N VAL B 802 -22.70 71.64 27.65
CA VAL B 802 -21.40 72.13 27.26
C VAL B 802 -20.95 73.06 28.36
N TYR B 803 -19.68 73.03 28.68
CA TYR B 803 -19.13 73.92 29.68
C TYR B 803 -19.25 75.37 29.28
N SER B 804 -19.60 76.21 30.25
CA SER B 804 -19.89 77.62 30.02
C SER B 804 -18.69 78.40 29.48
N GLY B 805 -17.48 77.93 29.76
CA GLY B 805 -16.27 78.40 29.10
C GLY B 805 -16.24 78.27 27.59
N VAL B 806 -17.12 77.51 26.99
CA VAL B 806 -17.12 77.34 25.54
C VAL B 806 -17.89 78.48 24.91
N ASN B 807 -17.22 79.19 24.03
CA ASN B 807 -17.81 80.19 23.18
C ASN B 807 -18.17 79.63 21.85
N THR C 2 -16.63 -16.86 -49.79
CA THR C 2 -16.12 -16.55 -48.48
C THR C 2 -17.13 -16.97 -47.41
N SER C 3 -16.83 -16.70 -46.16
CA SER C 3 -17.69 -17.11 -45.07
C SER C 3 -18.98 -16.29 -45.06
N PRO C 4 -20.12 -16.91 -44.84
CA PRO C 4 -21.35 -16.12 -44.67
C PRO C 4 -21.38 -15.41 -43.32
N VAL C 5 -21.87 -14.19 -43.33
CA VAL C 5 -22.28 -13.49 -42.11
C VAL C 5 -23.63 -14.06 -41.66
N ILE C 6 -23.66 -14.70 -40.51
CA ILE C 6 -24.83 -15.42 -40.01
C ILE C 6 -25.27 -14.76 -38.73
N GLY C 7 -26.54 -14.46 -38.62
CA GLY C 7 -27.09 -14.01 -37.36
C GLY C 7 -26.78 -12.55 -37.09
N THR C 8 -26.76 -12.18 -35.82
CA THR C 8 -26.48 -10.82 -35.36
C THR C 8 -25.26 -10.95 -34.46
N PRO C 9 -24.06 -10.89 -35.01
CA PRO C 9 -22.90 -11.23 -34.20
C PRO C 9 -22.52 -10.15 -33.22
N TRP C 10 -21.89 -10.60 -32.15
CA TRP C 10 -21.24 -9.79 -31.14
C TRP C 10 -22.23 -8.81 -30.46
N LYS C 11 -23.40 -9.29 -30.13
CA LYS C 11 -24.42 -8.50 -29.45
C LYS C 11 -24.49 -8.84 -27.97
N LYS C 12 -24.42 -7.81 -27.15
CA LYS C 12 -24.68 -7.93 -25.73
C LYS C 12 -26.16 -8.18 -25.46
N LEU C 13 -26.42 -8.76 -24.30
CA LEU C 13 -27.75 -9.12 -23.89
C LEU C 13 -28.48 -7.93 -23.26
N ASN C 14 -27.79 -7.17 -22.41
CA ASN C 14 -28.28 -5.97 -21.71
C ASN C 14 -29.48 -6.27 -20.78
N ALA C 15 -29.54 -7.48 -20.25
CA ALA C 15 -30.55 -7.95 -19.31
C ALA C 15 -29.98 -9.18 -18.61
N PRO C 16 -30.46 -9.51 -17.41
CA PRO C 16 -30.08 -10.79 -16.82
C PRO C 16 -30.70 -11.93 -17.61
N VAL C 17 -30.08 -13.08 -17.53
CA VAL C 17 -30.66 -14.26 -18.14
C VAL C 17 -31.99 -14.59 -17.45
N SER C 18 -33.00 -14.89 -18.24
CA SER C 18 -34.32 -15.10 -17.70
C SER C 18 -34.36 -16.42 -16.95
N GLU C 19 -35.12 -16.42 -15.87
CA GLU C 19 -35.28 -17.61 -15.05
C GLU C 19 -35.95 -18.75 -15.83
N GLU C 20 -36.82 -18.43 -16.78
CA GLU C 20 -37.40 -19.46 -17.63
C GLU C 20 -36.34 -20.13 -18.50
N ALA C 21 -35.47 -19.36 -19.15
CA ALA C 21 -34.39 -19.95 -19.94
C ALA C 21 -33.47 -20.83 -19.11
N LEU C 22 -33.19 -20.44 -17.88
CA LEU C 22 -32.41 -21.29 -17.01
C LEU C 22 -33.14 -22.57 -16.64
N GLU C 23 -34.46 -22.49 -16.53
CA GLU C 23 -35.25 -23.69 -16.30
C GLU C 23 -35.23 -24.58 -17.52
N GLY C 24 -35.20 -24.00 -18.72
CA GLY C 24 -34.86 -24.74 -19.91
C GLY C 24 -33.50 -25.40 -19.87
N VAL C 25 -32.45 -24.67 -19.49
CA VAL C 25 -31.10 -25.24 -19.50
C VAL C 25 -30.99 -26.42 -18.53
N ASP C 26 -31.67 -26.33 -17.40
CA ASP C 26 -31.59 -27.42 -16.43
C ASP C 26 -32.28 -28.68 -16.92
N LYS C 27 -33.40 -28.53 -17.60
CA LYS C 27 -34.05 -29.67 -18.24
C LYS C 27 -33.23 -30.21 -19.39
N TYR C 28 -32.64 -29.35 -20.23
CA TYR C 28 -31.70 -29.80 -21.24
C TYR C 28 -30.63 -30.71 -20.64
N TRP C 29 -29.98 -30.29 -19.55
CA TRP C 29 -28.90 -31.05 -18.96
C TRP C 29 -29.39 -32.41 -18.48
N ARG C 30 -30.53 -32.45 -17.80
CA ARG C 30 -31.13 -33.70 -17.37
C ARG C 30 -31.42 -34.64 -18.54
N VAL C 31 -32.09 -34.17 -19.58
CA VAL C 31 -32.45 -35.02 -20.69
C VAL C 31 -31.23 -35.37 -21.55
N ALA C 32 -30.28 -34.45 -21.74
CA ALA C 32 -29.10 -34.83 -22.45
C ALA C 32 -28.31 -35.86 -21.66
N ASN C 33 -28.30 -35.77 -20.34
CA ASN C 33 -27.59 -36.76 -19.53
C ASN C 33 -28.27 -38.11 -19.61
N TYR C 34 -29.59 -38.12 -19.47
CA TYR C 34 -30.40 -39.31 -19.70
C TYR C 34 -30.15 -39.91 -21.07
N LEU C 35 -30.14 -39.11 -22.11
CA LEU C 35 -29.95 -39.63 -23.46
C LEU C 35 -28.54 -40.07 -23.70
N SER C 36 -27.59 -39.48 -23.03
CA SER C 36 -26.23 -39.96 -23.09
C SER C 36 -26.09 -41.34 -22.45
N ILE C 37 -26.64 -41.53 -21.24
CA ILE C 37 -26.68 -42.84 -20.54
C ILE C 37 -27.47 -43.88 -21.32
N GLY C 38 -28.60 -43.51 -21.91
CA GLY C 38 -29.39 -44.45 -22.68
C GLY C 38 -28.64 -45.03 -23.86
N GLN C 39 -27.85 -44.20 -24.53
CA GLN C 39 -27.01 -44.58 -25.65
C GLN C 39 -25.89 -45.52 -25.26
N ILE C 40 -25.30 -45.33 -24.07
CA ILE C 40 -24.26 -46.21 -23.56
C ILE C 40 -24.84 -47.54 -23.07
N TYR C 41 -25.92 -47.52 -22.30
CA TYR C 41 -26.34 -48.69 -21.55
C TYR C 41 -27.49 -49.48 -22.16
N LEU C 42 -28.42 -48.87 -22.86
CA LEU C 42 -29.70 -49.48 -23.19
C LEU C 42 -29.79 -49.96 -24.63
N ARG C 43 -30.22 -51.18 -24.80
CA ARG C 43 -30.56 -51.67 -26.12
C ARG C 43 -32.05 -51.69 -26.37
N SER C 44 -32.86 -51.69 -25.34
CA SER C 44 -34.31 -51.65 -25.45
C SER C 44 -34.87 -50.82 -24.33
N ASN C 45 -36.18 -50.60 -24.43
CA ASN C 45 -37.03 -50.01 -23.39
C ASN C 45 -36.50 -48.66 -22.88
N PRO C 46 -36.41 -47.65 -23.77
CA PRO C 46 -35.66 -46.43 -23.43
C PRO C 46 -36.21 -45.63 -22.28
N LEU C 47 -37.53 -45.66 -22.11
CA LEU C 47 -38.19 -44.91 -21.06
C LEU C 47 -38.50 -45.75 -19.83
N MET C 48 -37.85 -46.91 -19.71
CA MET C 48 -37.96 -47.82 -18.57
C MET C 48 -39.42 -48.13 -18.19
N LYS C 49 -40.24 -48.47 -19.18
CA LYS C 49 -41.56 -49.01 -18.92
C LYS C 49 -41.42 -50.33 -18.22
N GLU C 50 -42.28 -50.57 -17.26
CA GLU C 50 -42.54 -51.86 -16.64
C GLU C 50 -42.77 -52.95 -17.69
N PRO C 51 -41.92 -54.00 -17.75
CA PRO C 51 -40.76 -54.13 -16.86
C PRO C 51 -39.43 -53.74 -17.51
N PHE C 52 -38.70 -52.94 -16.77
CA PHE C 52 -37.34 -52.57 -17.11
C PHE C 52 -36.41 -53.53 -16.39
N THR C 53 -35.82 -54.45 -17.14
CA THR C 53 -34.96 -55.47 -16.54
C THR C 53 -33.59 -55.46 -17.21
N ARG C 54 -32.72 -56.36 -16.74
CA ARG C 54 -31.37 -56.50 -17.22
C ARG C 54 -31.29 -56.88 -18.69
N GLU C 55 -32.32 -57.48 -19.25
CA GLU C 55 -32.38 -57.70 -20.69
C GLU C 55 -32.41 -56.43 -21.52
N ASP C 56 -32.82 -55.31 -20.96
CA ASP C 56 -32.77 -54.07 -21.71
C ASP C 56 -31.36 -53.48 -21.80
N VAL C 57 -30.38 -54.05 -21.12
CA VAL C 57 -29.04 -53.49 -21.05
C VAL C 57 -28.23 -54.09 -22.18
N LYS C 58 -27.41 -53.27 -22.83
CA LYS C 58 -26.53 -53.74 -23.87
C LYS C 58 -25.53 -54.76 -23.34
N HIS C 59 -25.23 -55.74 -24.16
CA HIS C 59 -24.33 -56.81 -23.76
C HIS C 59 -22.91 -56.35 -23.61
N ARG C 60 -22.53 -55.32 -24.31
CA ARG C 60 -21.19 -54.80 -24.21
C ARG C 60 -21.26 -53.29 -24.08
N LEU C 61 -20.67 -52.75 -23.05
CA LEU C 61 -20.77 -51.33 -22.79
C LEU C 61 -19.59 -50.63 -23.40
N VAL C 62 -19.87 -49.76 -24.34
CA VAL C 62 -18.92 -48.99 -25.12
C VAL C 62 -19.23 -47.52 -24.91
N GLY C 63 -18.23 -46.71 -24.75
CA GLY C 63 -18.42 -45.28 -24.70
C GLY C 63 -17.87 -44.72 -23.41
N HIS C 64 -18.05 -43.42 -23.26
CA HIS C 64 -17.36 -42.66 -22.24
C HIS C 64 -18.39 -41.82 -21.52
N TRP C 65 -18.52 -42.04 -20.24
CA TRP C 65 -19.32 -41.18 -19.39
C TRP C 65 -18.57 -39.97 -18.85
N GLY C 66 -17.29 -40.03 -18.54
CA GLY C 66 -16.65 -39.07 -17.64
C GLY C 66 -16.71 -37.63 -18.09
N THR C 67 -16.33 -37.37 -19.33
CA THR C 67 -16.44 -36.04 -19.90
C THR C 67 -17.89 -35.61 -20.20
N THR C 68 -18.81 -36.55 -20.37
CA THR C 68 -20.13 -36.27 -20.96
C THR C 68 -21.04 -35.33 -20.18
N PRO C 69 -21.31 -35.51 -18.87
CA PRO C 69 -22.21 -34.58 -18.23
C PRO C 69 -21.65 -33.17 -18.16
N GLY C 70 -20.35 -33.01 -18.11
CA GLY C 70 -19.77 -31.69 -18.26
C GLY C 70 -20.00 -31.08 -19.63
N LEU C 71 -19.91 -31.88 -20.67
CA LEU C 71 -20.14 -31.39 -22.02
C LEU C 71 -21.60 -31.02 -22.21
N ASN C 72 -22.52 -31.83 -21.66
CA ASN C 72 -23.96 -31.57 -21.71
C ASN C 72 -24.34 -30.29 -20.99
N PHE C 73 -23.64 -29.98 -19.90
CA PHE C 73 -23.85 -28.74 -19.17
C PHE C 73 -23.48 -27.57 -20.04
N LEU C 74 -22.25 -27.58 -20.55
CA LEU C 74 -21.72 -26.53 -21.40
C LEU C 74 -22.57 -26.34 -22.65
N ILE C 75 -22.97 -27.43 -23.29
CA ILE C 75 -23.75 -27.38 -24.52
C ILE C 75 -25.14 -26.81 -24.29
N GLY C 76 -25.80 -27.21 -23.20
CA GLY C 76 -27.03 -26.58 -22.77
C GLY C 76 -26.95 -25.08 -22.60
N HIS C 77 -25.91 -24.59 -21.93
CA HIS C 77 -25.74 -23.16 -21.72
C HIS C 77 -25.35 -22.45 -23.01
N ILE C 78 -24.59 -23.10 -23.89
CA ILE C 78 -24.23 -22.54 -25.18
C ILE C 78 -25.44 -22.42 -26.08
N ASN C 79 -26.31 -23.43 -26.10
CA ASN C 79 -27.58 -23.32 -26.83
C ASN C 79 -28.47 -22.20 -26.35
N ARG C 80 -28.63 -22.02 -25.03
CA ARG C 80 -29.30 -20.86 -24.48
C ARG C 80 -28.67 -19.56 -24.96
N PHE C 81 -27.36 -19.42 -24.81
CA PHE C 81 -26.62 -18.30 -25.36
C PHE C 81 -26.93 -18.07 -26.82
N ILE C 82 -27.00 -19.10 -27.65
CA ILE C 82 -27.15 -18.90 -29.08
C ILE C 82 -28.53 -18.36 -29.39
N ALA C 83 -29.56 -18.95 -28.79
CA ALA C 83 -30.93 -18.51 -29.00
C ALA C 83 -31.17 -17.08 -28.49
N ASP C 84 -30.58 -16.70 -27.35
CA ASP C 84 -30.72 -15.35 -26.81
C ASP C 84 -29.97 -14.28 -27.62
N HIS C 85 -28.86 -14.61 -28.25
CA HIS C 85 -28.04 -13.58 -28.88
C HIS C 85 -28.05 -13.64 -30.40
N GLY C 86 -28.63 -14.67 -31.00
CA GLY C 86 -28.43 -14.93 -32.41
C GLY C 86 -26.98 -14.99 -32.89
N GLN C 87 -26.10 -15.60 -32.12
CA GLN C 87 -24.69 -15.71 -32.50
C GLN C 87 -24.41 -16.93 -33.39
N ASN C 88 -23.76 -16.70 -34.51
CA ASN C 88 -23.12 -17.71 -35.35
C ASN C 88 -22.05 -18.48 -34.56
N THR C 89 -22.24 -19.75 -34.34
CA THR C 89 -21.47 -20.49 -33.33
C THR C 89 -21.16 -21.88 -33.86
N VAL C 90 -19.91 -22.30 -33.78
CA VAL C 90 -19.49 -23.68 -33.97
C VAL C 90 -18.75 -24.15 -32.72
N ILE C 91 -19.07 -25.32 -32.23
CA ILE C 91 -18.37 -25.87 -31.08
C ILE C 91 -17.27 -26.82 -31.54
N ILE C 92 -16.11 -26.69 -30.95
CA ILE C 92 -15.07 -27.70 -31.06
C ILE C 92 -15.13 -28.56 -29.80
N MET C 93 -15.45 -29.82 -29.95
CA MET C 93 -15.55 -30.77 -28.85
C MET C 93 -14.23 -31.52 -28.80
N GLY C 94 -13.25 -30.93 -28.15
CA GLY C 94 -11.95 -31.47 -27.87
C GLY C 94 -11.94 -32.85 -27.28
N PRO C 95 -12.67 -33.10 -26.16
CA PRO C 95 -12.83 -34.49 -25.67
C PRO C 95 -13.84 -35.24 -26.52
N GLY C 96 -13.39 -35.66 -27.69
CA GLY C 96 -14.29 -36.10 -28.70
C GLY C 96 -14.90 -37.45 -28.42
N HIS C 97 -14.32 -38.20 -27.48
CA HIS C 97 -14.92 -39.37 -26.90
C HIS C 97 -16.17 -39.07 -26.08
N GLY C 98 -16.54 -37.82 -25.88
CA GLY C 98 -17.83 -37.38 -25.45
C GLY C 98 -18.89 -37.34 -26.53
N GLY C 99 -18.79 -38.27 -27.46
CA GLY C 99 -19.76 -38.62 -28.46
C GLY C 99 -21.21 -38.53 -28.05
N PRO C 100 -21.69 -39.23 -27.00
CA PRO C 100 -23.10 -39.12 -26.59
C PRO C 100 -23.63 -37.72 -26.37
N ALA C 101 -22.80 -36.77 -25.95
CA ALA C 101 -23.21 -35.37 -25.84
C ALA C 101 -23.50 -34.72 -27.19
N GLY C 102 -22.67 -35.02 -28.18
CA GLY C 102 -22.86 -34.51 -29.51
C GLY C 102 -24.06 -35.08 -30.21
N THR C 103 -24.29 -36.38 -30.10
CA THR C 103 -25.47 -37.00 -30.67
C THR C 103 -26.72 -36.60 -29.93
N SER C 104 -26.63 -36.43 -28.59
CA SER C 104 -27.79 -36.00 -27.80
C SER C 104 -28.19 -34.59 -28.19
N GLN C 105 -27.20 -33.70 -28.40
CA GLN C 105 -27.44 -32.34 -28.83
C GLN C 105 -28.18 -32.31 -30.16
N SER C 106 -27.68 -33.02 -31.14
CA SER C 106 -28.29 -33.09 -32.44
C SER C 106 -29.67 -33.73 -32.38
N TYR C 107 -29.91 -34.67 -31.47
CA TYR C 107 -31.25 -35.24 -31.30
C TYR C 107 -32.21 -34.23 -30.71
N LEU C 108 -31.78 -33.51 -29.69
CA LEU C 108 -32.56 -32.46 -29.06
C LEU C 108 -32.79 -31.24 -29.94
N ASP C 109 -31.79 -30.78 -30.73
CA ASP C 109 -32.01 -29.63 -31.61
C ASP C 109 -32.80 -29.99 -32.87
N GLY C 110 -33.12 -31.24 -33.08
CA GLY C 110 -33.93 -31.66 -34.17
C GLY C 110 -33.18 -31.98 -35.44
N THR C 111 -31.92 -31.62 -35.52
CA THR C 111 -31.16 -31.90 -36.73
C THR C 111 -30.88 -33.38 -36.90
N TYR C 112 -30.95 -34.19 -35.85
CA TYR C 112 -30.67 -35.62 -36.05
C TYR C 112 -31.78 -36.29 -36.85
N THR C 113 -33.03 -36.01 -36.51
CA THR C 113 -34.14 -36.67 -37.19
C THR C 113 -34.29 -36.15 -38.60
N GLU C 114 -34.03 -34.86 -38.79
CA GLU C 114 -33.90 -34.26 -40.12
C GLU C 114 -32.90 -34.98 -41.02
N THR C 115 -31.72 -35.26 -40.51
CA THR C 115 -30.63 -35.91 -41.22
C THR C 115 -30.83 -37.40 -41.31
N PHE C 116 -31.41 -38.03 -40.29
CA PHE C 116 -31.51 -39.47 -40.18
C PHE C 116 -32.97 -39.76 -39.92
N PRO C 117 -33.78 -39.82 -40.98
CA PRO C 117 -35.24 -39.89 -40.82
C PRO C 117 -35.77 -41.12 -40.07
N LYS C 118 -35.07 -42.24 -40.01
CA LYS C 118 -35.54 -43.35 -39.19
C LYS C 118 -35.47 -43.08 -37.68
N ILE C 119 -34.69 -42.12 -37.21
CA ILE C 119 -34.52 -41.91 -35.78
C ILE C 119 -35.52 -40.83 -35.42
N THR C 120 -36.75 -41.25 -35.14
CA THR C 120 -37.84 -40.30 -34.94
C THR C 120 -37.85 -39.80 -33.51
N LYS C 121 -38.60 -38.75 -33.30
CA LYS C 121 -38.75 -38.11 -32.00
C LYS C 121 -39.94 -38.67 -31.23
N ASP C 122 -39.88 -39.95 -30.97
CA ASP C 122 -40.86 -40.67 -30.18
C ASP C 122 -40.19 -41.92 -29.62
N GLU C 123 -40.97 -42.80 -29.04
CA GLU C 123 -40.40 -43.85 -28.22
C GLU C 123 -39.71 -44.91 -29.05
N ALA C 124 -40.23 -45.22 -30.24
CA ALA C 124 -39.51 -46.13 -31.10
C ALA C 124 -38.29 -45.49 -31.75
N GLY C 125 -38.32 -44.20 -32.04
CA GLY C 125 -37.11 -43.57 -32.49
C GLY C 125 -36.07 -43.45 -31.40
N LEU C 126 -36.52 -43.28 -30.16
CA LEU C 126 -35.63 -43.20 -29.02
C LEU C 126 -34.96 -44.53 -28.71
N GLN C 127 -35.66 -45.61 -28.97
CA GLN C 127 -35.12 -46.94 -28.85
C GLN C 127 -34.03 -47.17 -29.88
N LYS C 128 -34.31 -46.80 -31.12
CA LYS C 128 -33.30 -46.87 -32.17
C LYS C 128 -32.13 -45.94 -31.89
N PHE C 129 -32.39 -44.77 -31.32
CA PHE C 129 -31.33 -43.84 -30.98
C PHE C 129 -30.38 -44.46 -29.97
N PHE C 130 -30.91 -45.15 -28.96
CA PHE C 130 -30.10 -45.71 -27.87
C PHE C 130 -29.33 -46.93 -28.32
N ARG C 131 -29.99 -47.84 -29.03
CA ARG C 131 -29.34 -49.06 -29.50
C ARG C 131 -28.20 -48.78 -30.47
N GLN C 132 -28.35 -47.86 -31.42
CA GLN C 132 -27.37 -47.62 -32.49
C GLN C 132 -26.02 -47.10 -31.99
N PHE C 133 -25.96 -46.42 -30.85
CA PHE C 133 -24.73 -45.82 -30.38
C PHE C 133 -23.69 -46.88 -30.11
N SER C 134 -22.56 -46.75 -30.81
CA SER C 134 -21.37 -47.60 -30.68
C SER C 134 -21.68 -49.07 -30.76
N TYR C 135 -22.50 -49.45 -31.70
CA TYR C 135 -23.09 -50.75 -31.82
C TYR C 135 -22.88 -51.28 -33.23
N PRO C 136 -22.82 -52.60 -33.44
CA PRO C 136 -22.63 -53.13 -34.80
C PRO C 136 -23.69 -52.71 -35.81
N GLY C 137 -23.27 -51.99 -36.83
CA GLY C 137 -24.17 -51.38 -37.79
C GLY C 137 -24.84 -50.10 -37.36
N GLY C 138 -24.44 -49.50 -36.25
CA GLY C 138 -24.94 -48.22 -35.79
C GLY C 138 -23.98 -47.10 -36.07
N ILE C 139 -23.68 -46.26 -35.10
CA ILE C 139 -22.98 -44.99 -35.30
C ILE C 139 -21.74 -45.02 -34.40
N PRO C 140 -20.75 -44.14 -34.56
CA PRO C 140 -19.50 -44.31 -33.82
C PRO C 140 -19.56 -43.84 -32.37
N SER C 141 -18.52 -44.18 -31.65
CA SER C 141 -18.40 -43.75 -30.26
C SER C 141 -18.02 -42.29 -30.08
N HIS C 142 -17.39 -41.68 -31.05
CA HIS C 142 -16.86 -40.35 -30.94
C HIS C 142 -17.80 -39.35 -31.60
N PHE C 143 -17.41 -38.08 -31.57
CA PHE C 143 -18.10 -36.99 -32.25
C PHE C 143 -17.74 -36.94 -33.75
N ALA C 144 -18.06 -38.02 -34.42
CA ALA C 144 -17.62 -38.41 -35.74
C ALA C 144 -18.20 -37.49 -36.82
N PRO C 145 -17.69 -37.51 -38.07
CA PRO C 145 -18.32 -36.71 -39.13
C PRO C 145 -19.76 -37.09 -39.45
N GLU C 146 -20.20 -38.28 -39.10
CA GLU C 146 -21.61 -38.67 -39.15
C GLU C 146 -22.56 -37.84 -38.28
N THR C 147 -22.11 -37.13 -37.30
CA THR C 147 -22.92 -36.34 -36.40
C THR C 147 -23.12 -34.92 -36.95
N PRO C 148 -24.34 -34.44 -37.08
CA PRO C 148 -24.55 -33.02 -37.40
C PRO C 148 -23.98 -32.09 -36.34
N GLY C 149 -23.18 -31.15 -36.76
CA GLY C 149 -22.50 -30.25 -35.88
C GLY C 149 -21.02 -30.50 -35.66
N SER C 150 -20.49 -31.66 -35.97
CA SER C 150 -19.07 -31.89 -35.79
C SER C 150 -18.23 -31.40 -36.97
N ILE C 151 -17.14 -30.72 -36.67
CA ILE C 151 -16.04 -30.56 -37.63
C ILE C 151 -14.75 -31.14 -37.11
N HIS C 152 -14.79 -31.94 -36.08
CA HIS C 152 -13.61 -32.35 -35.33
C HIS C 152 -14.02 -33.57 -34.54
N GLU C 153 -13.45 -34.72 -34.86
CA GLU C 153 -13.80 -35.92 -34.14
C GLU C 153 -13.17 -35.96 -32.75
N GLY C 154 -12.02 -35.35 -32.56
CA GLY C 154 -11.32 -35.38 -31.28
C GLY C 154 -11.07 -36.76 -30.77
N GLY C 155 -10.74 -37.69 -31.64
CA GLY C 155 -10.32 -39.01 -31.24
C GLY C 155 -8.88 -39.00 -30.78
N GLU C 156 -8.01 -38.67 -31.69
CA GLU C 156 -6.67 -38.28 -31.35
C GLU C 156 -6.64 -36.87 -30.76
N LEU C 157 -6.07 -36.73 -29.60
CA LEU C 157 -6.22 -35.49 -28.84
C LEU C 157 -5.13 -34.47 -29.12
N GLY C 158 -5.49 -33.21 -29.00
CA GLY C 158 -4.55 -32.11 -29.08
C GLY C 158 -4.72 -31.16 -30.23
N TYR C 159 -5.72 -31.26 -31.09
CA TYR C 159 -5.89 -30.35 -32.22
C TYR C 159 -7.08 -29.43 -32.07
N ALA C 160 -7.72 -29.40 -30.91
CA ALA C 160 -8.92 -28.60 -30.68
C ALA C 160 -8.68 -27.11 -30.94
N LEU C 161 -7.56 -26.58 -30.49
CA LEU C 161 -7.34 -25.16 -30.58
C LEU C 161 -6.86 -24.75 -31.94
N SER C 162 -6.01 -25.54 -32.57
CA SER C 162 -5.63 -25.29 -33.96
C SER C 162 -6.85 -25.30 -34.87
N HIS C 163 -7.78 -26.20 -34.62
CA HIS C 163 -8.97 -26.24 -35.43
C HIS C 163 -9.88 -25.09 -35.11
N ALA C 164 -9.97 -24.72 -33.83
CA ALA C 164 -10.80 -23.58 -33.46
C ALA C 164 -10.30 -22.30 -34.13
N TYR C 165 -9.01 -22.05 -34.09
CA TYR C 165 -8.46 -20.84 -34.65
C TYR C 165 -8.45 -20.85 -36.17
N GLY C 166 -8.23 -21.99 -36.82
CA GLY C 166 -8.41 -22.09 -38.26
C GLY C 166 -9.82 -21.77 -38.71
N ALA C 167 -10.82 -22.21 -37.95
CA ALA C 167 -12.23 -21.96 -38.24
C ALA C 167 -12.57 -20.48 -38.27
N ILE C 168 -12.01 -19.69 -37.38
CA ILE C 168 -12.38 -18.28 -37.27
C ILE C 168 -11.59 -17.39 -38.21
N MET C 169 -10.54 -17.86 -38.84
CA MET C 169 -9.77 -17.05 -39.79
C MET C 169 -10.65 -16.63 -40.94
N ASP C 170 -10.60 -15.35 -41.31
CA ASP C 170 -11.47 -14.70 -42.34
C ASP C 170 -12.95 -14.99 -42.13
N ASN C 171 -13.33 -15.24 -40.90
CA ASN C 171 -14.69 -15.57 -40.52
C ASN C 171 -15.07 -14.63 -39.37
N PRO C 172 -15.20 -13.33 -39.65
CA PRO C 172 -15.38 -12.34 -38.58
C PRO C 172 -16.70 -12.41 -37.83
N SER C 173 -17.74 -13.04 -38.33
CA SER C 173 -18.92 -13.23 -37.49
C SER C 173 -18.91 -14.53 -36.69
N LEU C 174 -17.93 -15.42 -36.82
CA LEU C 174 -18.00 -16.73 -36.20
C LEU C 174 -17.44 -16.75 -34.77
N PHE C 175 -18.22 -17.27 -33.84
CA PHE C 175 -17.82 -17.54 -32.46
C PHE C 175 -17.56 -19.05 -32.31
N VAL C 176 -16.41 -19.43 -31.79
CA VAL C 176 -16.04 -20.83 -31.58
C VAL C 176 -15.72 -21.04 -30.12
N PRO C 177 -16.62 -21.65 -29.37
CA PRO C 177 -16.33 -22.15 -28.03
C PRO C 177 -15.54 -23.46 -28.16
N ALA C 178 -14.33 -23.47 -27.72
CA ALA C 178 -13.42 -24.61 -27.95
C ALA C 178 -13.16 -25.37 -26.65
N ILE C 179 -13.78 -26.51 -26.51
CA ILE C 179 -13.71 -27.27 -25.28
C ILE C 179 -12.45 -28.11 -25.29
N VAL C 180 -11.60 -27.93 -24.33
CA VAL C 180 -10.31 -28.57 -24.27
C VAL C 180 -10.30 -29.48 -23.06
N GLY C 181 -10.12 -30.77 -23.27
CA GLY C 181 -9.77 -31.72 -22.22
C GLY C 181 -8.64 -31.30 -21.29
N ASP C 182 -8.68 -31.52 -19.99
CA ASP C 182 -7.50 -31.12 -19.25
C ASP C 182 -6.36 -32.11 -19.40
N GLY C 183 -6.67 -33.36 -19.72
CA GLY C 183 -5.68 -34.28 -20.22
C GLY C 183 -5.19 -33.91 -21.60
N GLU C 184 -6.10 -33.53 -22.48
CA GLU C 184 -5.72 -33.09 -23.81
C GLU C 184 -4.78 -31.89 -23.79
N ALA C 185 -4.93 -31.00 -22.82
CA ALA C 185 -4.01 -29.91 -22.62
C ALA C 185 -2.57 -30.32 -22.26
N GLU C 186 -2.33 -31.56 -21.83
CA GLU C 186 -0.98 -32.10 -21.70
C GLU C 186 -0.28 -32.42 -23.03
N THR C 187 -0.98 -32.50 -24.17
CA THR C 187 -0.30 -32.90 -25.39
C THR C 187 0.53 -31.76 -25.96
N GLY C 188 1.52 -32.13 -26.74
CA GLY C 188 2.29 -31.22 -27.57
C GLY C 188 1.43 -30.28 -28.40
N PRO C 189 0.65 -30.80 -29.36
CA PRO C 189 -0.16 -29.94 -30.23
C PRO C 189 -1.12 -29.00 -29.50
N LEU C 190 -1.76 -29.43 -28.44
CA LEU C 190 -2.57 -28.50 -27.69
C LEU C 190 -1.74 -27.41 -27.03
N ALA C 191 -0.62 -27.75 -26.40
CA ALA C 191 0.19 -26.80 -25.64
C ALA C 191 0.63 -25.62 -26.49
N THR C 192 1.07 -25.84 -27.71
CA THR C 192 1.38 -24.73 -28.58
C THR C 192 0.16 -24.00 -29.17
N GLY C 193 -0.98 -24.68 -29.27
CA GLY C 193 -2.22 -24.12 -29.76
C GLY C 193 -2.77 -22.92 -29.01
N TRP C 194 -2.42 -22.79 -27.74
CA TRP C 194 -2.78 -21.60 -26.98
C TRP C 194 -2.17 -20.31 -27.50
N GLN C 195 -1.03 -20.35 -28.16
CA GLN C 195 -0.39 -19.18 -28.72
C GLN C 195 -0.99 -18.68 -30.02
N SER C 196 -2.00 -19.35 -30.56
CA SER C 196 -2.57 -18.98 -31.83
C SER C 196 -3.23 -17.62 -31.79
N ASN C 197 -3.61 -17.11 -30.59
CA ASN C 197 -4.21 -15.80 -30.44
C ASN C 197 -3.25 -14.66 -30.83
N LYS C 198 -1.98 -14.94 -30.97
CA LYS C 198 -1.01 -14.03 -31.53
C LYS C 198 -1.02 -14.06 -33.06
N LEU C 199 -1.78 -14.91 -33.69
CA LEU C 199 -1.82 -15.00 -35.13
C LEU C 199 -3.20 -14.66 -35.70
N VAL C 200 -4.14 -14.21 -34.90
CA VAL C 200 -5.46 -13.85 -35.39
C VAL C 200 -5.70 -12.38 -35.10
N ASN C 201 -6.61 -11.80 -35.83
CA ASN C 201 -6.93 -10.41 -35.74
C ASN C 201 -8.41 -10.27 -35.40
N PRO C 202 -8.76 -9.56 -34.34
CA PRO C 202 -10.16 -9.49 -33.92
C PRO C 202 -11.06 -8.71 -34.85
N ARG C 203 -10.55 -7.90 -35.74
CA ARG C 203 -11.45 -7.37 -36.75
C ARG C 203 -11.67 -8.34 -37.91
N THR C 204 -10.61 -8.84 -38.54
CA THR C 204 -10.75 -9.61 -39.75
C THR C 204 -11.09 -11.06 -39.50
N ASP C 205 -10.90 -11.58 -38.29
CA ASP C 205 -11.21 -12.94 -37.92
C ASP C 205 -12.32 -12.99 -36.87
N GLY C 206 -12.81 -14.18 -36.55
CA GLY C 206 -13.77 -14.36 -35.49
C GLY C 206 -13.17 -14.42 -34.10
N ILE C 207 -13.82 -15.11 -33.18
CA ILE C 207 -13.39 -15.17 -31.79
C ILE C 207 -13.43 -16.61 -31.33
N VAL C 208 -12.35 -17.07 -30.75
CA VAL C 208 -12.31 -18.34 -30.05
C VAL C 208 -12.38 -18.07 -28.55
N LEU C 209 -13.29 -18.73 -27.86
CA LEU C 209 -13.30 -18.85 -26.41
C LEU C 209 -12.81 -20.21 -25.98
N PRO C 210 -11.60 -20.35 -25.51
CA PRO C 210 -11.16 -21.67 -25.06
C PRO C 210 -11.80 -21.99 -23.73
N ILE C 211 -12.28 -23.21 -23.60
CA ILE C 211 -12.91 -23.72 -22.38
C ILE C 211 -12.15 -24.93 -21.91
N LEU C 212 -11.42 -24.78 -20.83
CA LEU C 212 -10.63 -25.86 -20.28
C LEU C 212 -11.54 -26.71 -19.41
N HIS C 213 -11.84 -27.90 -19.89
CA HIS C 213 -12.68 -28.87 -19.21
C HIS C 213 -11.88 -29.54 -18.08
N LEU C 214 -11.63 -28.74 -17.04
CA LEU C 214 -10.80 -29.13 -15.91
C LEU C 214 -11.55 -30.04 -14.96
N ASN C 215 -11.74 -31.26 -15.40
CA ASN C 215 -12.47 -32.16 -14.54
C ASN C 215 -11.52 -32.93 -13.63
N GLY C 216 -10.23 -32.71 -13.72
CA GLY C 216 -9.27 -33.21 -12.81
C GLY C 216 -8.54 -34.47 -13.19
N TYR C 217 -9.00 -35.20 -14.21
CA TYR C 217 -8.64 -36.58 -14.52
C TYR C 217 -8.64 -36.74 -16.02
N LYS C 218 -7.79 -37.62 -16.48
CA LYS C 218 -7.66 -38.22 -17.77
C LYS C 218 -8.08 -39.69 -17.55
N ILE C 219 -7.54 -40.64 -18.29
CA ILE C 219 -8.04 -42.03 -18.21
C ILE C 219 -7.87 -42.62 -16.82
N ALA C 220 -6.69 -42.56 -16.26
CA ALA C 220 -6.40 -43.26 -15.05
C ALA C 220 -5.56 -42.47 -14.07
N ASN C 221 -5.32 -41.20 -14.35
CA ASN C 221 -4.39 -40.30 -13.70
C ASN C 221 -5.06 -38.97 -13.45
N PRO C 222 -4.59 -38.21 -12.47
CA PRO C 222 -4.94 -36.80 -12.40
C PRO C 222 -4.30 -36.01 -13.52
N THR C 223 -4.75 -34.81 -13.71
CA THR C 223 -4.21 -33.97 -14.74
C THR C 223 -3.31 -32.94 -14.09
N ILE C 224 -2.17 -32.69 -14.72
CA ILE C 224 -1.22 -31.64 -14.32
C ILE C 224 -1.91 -30.31 -14.05
N LEU C 225 -2.75 -29.84 -14.95
CA LEU C 225 -3.30 -28.50 -14.80
C LEU C 225 -4.32 -28.41 -13.68
N SER C 226 -4.86 -29.48 -13.22
CA SER C 226 -5.79 -29.44 -12.10
C SER C 226 -5.12 -29.67 -10.77
N ARG C 227 -3.85 -30.04 -10.76
CA ARG C 227 -3.12 -30.30 -9.54
C ARG C 227 -2.08 -29.25 -9.19
N ILE C 228 -1.77 -28.32 -10.07
CA ILE C 228 -0.92 -27.18 -9.80
C ILE C 228 -1.78 -26.15 -9.11
N SER C 229 -1.18 -25.13 -8.58
CA SER C 229 -1.95 -24.17 -7.83
C SER C 229 -2.80 -23.30 -8.76
N ASP C 230 -3.84 -22.73 -8.19
CA ASP C 230 -4.73 -21.86 -8.92
C ASP C 230 -4.04 -20.58 -9.37
N GLU C 231 -3.08 -20.10 -8.60
CA GLU C 231 -2.25 -18.99 -8.99
C GLU C 231 -1.33 -19.34 -10.17
N GLU C 232 -0.72 -20.53 -10.18
CA GLU C 232 0.06 -20.95 -11.32
C GLU C 232 -0.83 -21.08 -12.57
N LEU C 233 -2.00 -21.65 -12.42
CA LEU C 233 -2.88 -21.91 -13.53
C LEU C 233 -3.39 -20.61 -14.15
N HIS C 234 -3.63 -19.61 -13.34
CA HIS C 234 -4.06 -18.32 -13.86
C HIS C 234 -2.94 -17.53 -14.50
N GLU C 235 -1.76 -17.52 -13.88
CA GLU C 235 -0.56 -16.90 -14.47
C GLU C 235 -0.22 -17.50 -15.81
N PHE C 236 -0.32 -18.81 -15.94
CA PHE C 236 -0.11 -19.54 -17.18
C PHE C 236 -0.97 -18.98 -18.31
N PHE C 237 -2.27 -18.88 -18.11
CA PHE C 237 -3.19 -18.41 -19.14
C PHE C 237 -3.03 -16.94 -19.41
N HIS C 238 -2.63 -16.18 -18.40
CA HIS C 238 -2.40 -14.78 -18.60
C HIS C 238 -1.11 -14.53 -19.34
N GLY C 239 -0.13 -15.42 -19.17
CA GLY C 239 1.11 -15.38 -19.89
C GLY C 239 0.97 -15.64 -21.36
N MET C 240 -0.05 -16.39 -21.77
CA MET C 240 -0.36 -16.77 -23.13
C MET C 240 -1.34 -15.83 -23.80
N GLY C 241 -1.56 -14.67 -23.23
CA GLY C 241 -2.47 -13.71 -23.78
C GLY C 241 -3.94 -13.93 -23.53
N TYR C 242 -4.32 -14.59 -22.48
CA TYR C 242 -5.71 -14.78 -22.14
C TYR C 242 -6.04 -14.10 -20.84
N GLU C 243 -7.27 -13.70 -20.69
CA GLU C 243 -7.82 -13.25 -19.43
C GLU C 243 -8.62 -14.38 -18.80
N PRO C 244 -8.11 -15.17 -17.86
CA PRO C 244 -8.85 -16.37 -17.45
C PRO C 244 -9.96 -16.11 -16.42
N TYR C 245 -11.06 -16.78 -16.60
CA TYR C 245 -12.20 -16.78 -15.70
C TYR C 245 -12.35 -18.20 -15.22
N GLU C 246 -12.65 -18.38 -13.98
CA GLU C 246 -12.82 -19.71 -13.45
C GLU C 246 -14.25 -19.89 -12.99
N PHE C 247 -14.81 -21.03 -13.31
CA PHE C 247 -16.05 -21.51 -12.76
C PHE C 247 -15.83 -22.83 -12.02
N VAL C 248 -16.34 -22.93 -10.81
CA VAL C 248 -16.21 -24.15 -10.03
C VAL C 248 -17.60 -24.61 -9.64
N ALA C 249 -17.92 -25.87 -9.89
CA ALA C 249 -19.22 -26.39 -9.50
C ALA C 249 -19.20 -27.88 -9.34
N GLY C 250 -20.14 -28.34 -8.56
CA GLY C 250 -20.41 -29.72 -8.33
C GLY C 250 -19.63 -30.41 -7.23
N PHE C 251 -18.80 -29.72 -6.49
CA PHE C 251 -18.03 -30.32 -5.43
C PHE C 251 -18.64 -30.08 -4.05
N ASP C 252 -19.88 -29.63 -3.98
CA ASP C 252 -20.60 -29.39 -2.73
C ASP C 252 -22.06 -29.75 -3.01
N ASP C 253 -22.99 -29.26 -2.21
CA ASP C 253 -24.39 -29.60 -2.37
C ASP C 253 -25.22 -28.42 -2.82
N GLU C 254 -24.63 -27.49 -3.54
CA GLU C 254 -25.36 -26.44 -4.24
C GLU C 254 -26.41 -27.05 -5.14
N ASP C 255 -27.61 -26.54 -5.05
CA ASP C 255 -28.65 -27.05 -5.90
C ASP C 255 -28.39 -26.64 -7.33
N HIS C 256 -28.90 -27.43 -8.22
CA HIS C 256 -28.54 -27.30 -9.61
C HIS C 256 -29.00 -25.98 -10.21
N MET C 257 -30.09 -25.40 -9.73
CA MET C 257 -30.54 -24.12 -10.23
C MET C 257 -29.64 -22.95 -9.82
N SER C 258 -29.00 -22.99 -8.66
CA SER C 258 -28.01 -21.95 -8.35
C SER C 258 -26.79 -22.03 -9.26
N ILE C 259 -26.36 -23.25 -9.58
CA ILE C 259 -25.23 -23.48 -10.48
C ILE C 259 -25.50 -22.86 -11.83
N HIS C 260 -26.66 -23.15 -12.42
CA HIS C 260 -27.03 -22.57 -13.71
C HIS C 260 -27.07 -21.05 -13.68
N ARG C 261 -27.62 -20.44 -12.63
CA ARG C 261 -27.64 -18.99 -12.53
C ARG C 261 -26.25 -18.43 -12.42
N ARG C 262 -25.41 -19.06 -11.61
CA ARG C 262 -24.03 -18.63 -11.46
C ARG C 262 -23.31 -18.72 -12.78
N PHE C 263 -23.57 -19.76 -13.55
CA PHE C 263 -22.86 -19.97 -14.78
C PHE C 263 -23.35 -19.00 -15.85
N ALA C 264 -24.63 -18.78 -15.94
CA ALA C 264 -25.16 -17.87 -16.94
C ALA C 264 -24.69 -16.44 -16.70
N GLU C 265 -24.54 -16.03 -15.43
CA GLU C 265 -23.96 -14.74 -15.07
C GLU C 265 -22.50 -14.63 -15.51
N LEU C 266 -21.71 -15.66 -15.27
CA LEU C 266 -20.32 -15.66 -15.70
C LEU C 266 -20.21 -15.73 -17.23
N TRP C 267 -21.05 -16.54 -17.87
CA TRP C 267 -21.07 -16.58 -19.33
C TRP C 267 -21.34 -15.21 -19.94
N GLU C 268 -22.31 -14.50 -19.40
CA GLU C 268 -22.67 -13.22 -19.97
C GLU C 268 -21.64 -12.15 -19.69
N THR C 269 -20.93 -12.23 -18.56
CA THR C 269 -19.77 -11.39 -18.29
C THR C 269 -18.63 -11.62 -19.29
N ILE C 270 -18.24 -12.89 -19.51
CA ILE C 270 -17.32 -13.28 -20.57
C ILE C 270 -17.79 -12.74 -21.91
N TRP C 271 -19.05 -12.96 -22.26
CA TRP C 271 -19.55 -12.50 -23.54
C TRP C 271 -19.54 -10.99 -23.69
N ASP C 272 -19.84 -10.27 -22.64
CA ASP C 272 -19.69 -8.82 -22.69
C ASP C 272 -18.25 -8.37 -22.92
N GLU C 273 -17.28 -9.14 -22.46
CA GLU C 273 -15.88 -8.87 -22.70
C GLU C 273 -15.50 -9.14 -24.14
N ILE C 274 -16.11 -10.15 -24.75
CA ILE C 274 -15.84 -10.47 -26.15
C ILE C 274 -16.48 -9.45 -27.07
N CYS C 275 -17.69 -9.00 -26.73
CA CYS C 275 -18.37 -7.99 -27.51
C CYS C 275 -17.64 -6.67 -27.45
N ASP C 276 -17.04 -6.34 -26.30
CA ASP C 276 -16.16 -5.19 -26.16
C ASP C 276 -14.92 -5.29 -27.06
N ILE C 277 -14.30 -6.47 -27.12
CA ILE C 277 -13.15 -6.72 -27.98
C ILE C 277 -13.52 -6.51 -29.44
N LYS C 278 -14.66 -7.00 -29.84
CA LYS C 278 -15.11 -6.93 -31.21
C LYS C 278 -15.49 -5.50 -31.56
N ALA C 279 -16.09 -4.77 -30.63
CA ALA C 279 -16.46 -3.38 -30.85
C ALA C 279 -15.24 -2.47 -30.92
N THR C 280 -14.24 -2.72 -30.07
CA THR C 280 -12.97 -2.00 -30.11
C THR C 280 -12.23 -2.25 -31.43
N ALA C 281 -12.25 -3.47 -31.92
CA ALA C 281 -11.53 -3.86 -33.13
C ALA C 281 -12.11 -3.24 -34.38
N GLN C 282 -13.33 -2.72 -34.36
CA GLN C 282 -13.84 -1.94 -35.48
C GLN C 282 -13.12 -0.61 -35.64
N THR C 283 -12.41 -0.16 -34.62
CA THR C 283 -11.59 1.04 -34.63
C THR C 283 -10.09 0.80 -34.48
N ASP C 284 -9.69 -0.01 -33.51
CA ASP C 284 -8.30 -0.28 -33.19
C ASP C 284 -8.14 -1.79 -33.25
N ASN C 285 -7.55 -2.30 -34.31
CA ASN C 285 -7.15 -3.70 -34.39
C ASN C 285 -5.65 -3.87 -34.50
N VAL C 286 -4.91 -2.88 -34.03
CA VAL C 286 -3.47 -2.90 -34.02
C VAL C 286 -2.94 -3.40 -32.68
N HIS C 287 -3.73 -3.36 -31.64
CA HIS C 287 -3.31 -3.72 -30.29
C HIS C 287 -4.05 -4.98 -29.88
N ARG C 288 -3.30 -6.03 -29.62
CA ARG C 288 -3.86 -7.35 -29.32
C ARG C 288 -4.57 -7.34 -27.98
N PRO C 289 -5.85 -7.67 -27.91
CA PRO C 289 -6.49 -7.79 -26.60
C PRO C 289 -6.06 -9.07 -25.89
N PHE C 290 -6.30 -9.11 -24.60
CA PHE C 290 -6.36 -10.38 -23.90
C PHE C 290 -7.74 -11.00 -24.11
N TYR C 291 -7.80 -12.10 -24.75
CA TYR C 291 -9.06 -12.80 -24.95
C TYR C 291 -9.49 -13.52 -23.67
N PRO C 292 -10.76 -13.60 -23.40
CA PRO C 292 -11.21 -14.42 -22.29
C PRO C 292 -10.96 -15.90 -22.54
N MET C 293 -10.87 -16.66 -21.48
CA MET C 293 -10.91 -18.09 -21.54
C MET C 293 -11.60 -18.57 -20.28
N LEU C 294 -12.19 -19.71 -20.35
CA LEU C 294 -12.92 -20.24 -19.23
C LEU C 294 -12.25 -21.48 -18.70
N ILE C 295 -11.92 -21.47 -17.43
CA ILE C 295 -11.54 -22.66 -16.69
C ILE C 295 -12.78 -23.21 -16.02
N PHE C 296 -13.25 -24.30 -16.51
CA PHE C 296 -14.46 -24.97 -16.07
C PHE C 296 -14.06 -26.14 -15.19
N ARG C 297 -14.21 -25.99 -13.91
CA ARG C 297 -13.75 -26.96 -12.94
C ARG C 297 -14.95 -27.66 -12.34
N THR C 298 -15.17 -28.92 -12.66
CA THR C 298 -16.35 -29.72 -12.34
C THR C 298 -15.90 -31.14 -12.09
N PRO C 299 -16.67 -31.94 -11.32
CA PRO C 299 -16.19 -33.30 -11.03
C PRO C 299 -16.34 -34.20 -12.24
N LYS C 300 -15.36 -35.04 -12.48
CA LYS C 300 -15.43 -35.92 -13.63
C LYS C 300 -16.58 -36.92 -13.45
N GLY C 301 -17.37 -37.07 -14.48
CA GLY C 301 -18.50 -37.91 -14.33
C GLY C 301 -19.63 -37.32 -13.55
N TRP C 302 -19.65 -36.00 -13.33
CA TRP C 302 -20.66 -35.23 -12.59
C TRP C 302 -22.08 -35.78 -12.71
N THR C 303 -22.75 -36.08 -11.61
CA THR C 303 -24.12 -36.64 -11.44
C THR C 303 -24.17 -38.17 -11.62
N CYS C 304 -23.09 -38.90 -11.89
CA CYS C 304 -23.03 -40.35 -11.70
C CYS C 304 -23.08 -40.67 -10.20
N PRO C 305 -23.37 -41.91 -9.80
CA PRO C 305 -23.35 -42.24 -8.36
C PRO C 305 -21.97 -41.99 -7.77
N LYS C 306 -21.94 -41.35 -6.59
CA LYS C 306 -20.68 -40.95 -5.95
C LYS C 306 -19.75 -42.13 -5.68
N TYR C 307 -20.28 -43.23 -5.22
CA TYR C 307 -19.52 -44.42 -4.91
C TYR C 307 -20.21 -45.60 -5.52
N ILE C 308 -19.45 -46.39 -6.25
CA ILE C 308 -19.84 -47.68 -6.76
C ILE C 308 -18.87 -48.72 -6.19
N ASP C 309 -19.41 -49.66 -5.40
CA ASP C 309 -18.66 -50.74 -4.74
C ASP C 309 -17.57 -50.21 -3.81
N GLY C 310 -17.83 -49.10 -3.15
CA GLY C 310 -16.87 -48.48 -2.29
C GLY C 310 -15.76 -47.69 -2.94
N LYS C 311 -15.75 -47.53 -4.25
CA LYS C 311 -14.75 -46.74 -4.93
C LYS C 311 -15.38 -45.44 -5.37
N LYS C 312 -14.69 -44.34 -5.12
CA LYS C 312 -15.11 -43.05 -5.60
C LYS C 312 -15.17 -43.04 -7.12
N THR C 313 -16.32 -42.63 -7.62
CA THR C 313 -16.57 -42.67 -9.04
C THR C 313 -16.82 -41.27 -9.59
N GLU C 314 -17.78 -40.51 -9.07
CA GLU C 314 -17.88 -39.09 -9.37
C GLU C 314 -16.67 -38.36 -8.81
N GLY C 315 -16.11 -37.47 -9.61
CA GLY C 315 -14.85 -36.83 -9.33
C GLY C 315 -13.62 -37.73 -9.28
N SER C 316 -13.58 -38.76 -10.09
CA SER C 316 -12.45 -39.64 -10.24
C SER C 316 -12.25 -40.04 -11.70
N TRP C 317 -11.03 -40.48 -12.00
CA TRP C 317 -10.73 -41.15 -13.26
C TRP C 317 -11.55 -42.44 -13.46
N ARG C 318 -12.18 -42.97 -12.42
CA ARG C 318 -12.94 -44.20 -12.48
C ARG C 318 -14.25 -44.05 -13.26
N SER C 319 -14.75 -42.86 -13.40
CA SER C 319 -15.87 -42.50 -14.24
C SER C 319 -15.50 -42.26 -15.71
N HIS C 320 -14.27 -42.52 -16.15
CA HIS C 320 -13.83 -42.13 -17.49
C HIS C 320 -14.58 -42.87 -18.59
N GLN C 321 -14.54 -44.17 -18.57
CA GLN C 321 -15.29 -44.92 -19.55
C GLN C 321 -16.73 -45.18 -19.10
N VAL C 322 -16.95 -46.14 -18.23
CA VAL C 322 -18.29 -46.33 -17.70
C VAL C 322 -18.17 -46.43 -16.19
N PRO C 323 -18.93 -45.67 -15.47
CA PRO C 323 -18.88 -45.75 -14.01
C PRO C 323 -19.23 -47.10 -13.47
N LEU C 324 -20.17 -47.72 -14.13
CA LEU C 324 -20.74 -48.97 -13.71
C LEU C 324 -20.39 -49.89 -14.82
N ALA C 325 -19.84 -51.02 -14.50
CA ALA C 325 -19.01 -51.68 -15.48
C ALA C 325 -19.77 -52.77 -16.20
N SER C 326 -20.72 -53.39 -15.52
CA SER C 326 -21.61 -54.39 -16.09
C SER C 326 -22.96 -54.33 -15.35
N ALA C 327 -23.88 -53.53 -15.85
CA ALA C 327 -25.22 -53.53 -15.27
C ALA C 327 -26.05 -54.73 -15.72
N ARG C 328 -25.57 -55.55 -16.63
CA ARG C 328 -26.29 -56.70 -17.12
C ARG C 328 -26.02 -57.99 -16.33
N ASP C 329 -25.06 -58.02 -15.42
CA ASP C 329 -24.57 -59.24 -14.79
C ASP C 329 -24.93 -59.44 -13.33
N THR C 330 -25.48 -58.46 -12.67
CA THR C 330 -25.68 -58.53 -11.25
C THR C 330 -26.91 -57.72 -11.00
N GLU C 331 -27.75 -58.20 -10.10
CA GLU C 331 -28.91 -57.45 -9.70
C GLU C 331 -28.53 -56.14 -9.03
N ALA C 332 -27.45 -56.18 -8.22
CA ALA C 332 -26.97 -55.00 -7.52
C ALA C 332 -26.57 -53.90 -8.48
N HIS C 333 -25.86 -54.24 -9.54
CA HIS C 333 -25.38 -53.25 -10.48
C HIS C 333 -26.47 -52.77 -11.41
N PHE C 334 -27.46 -53.61 -11.70
CA PHE C 334 -28.61 -53.15 -12.43
C PHE C 334 -29.40 -52.12 -11.63
N GLU C 335 -29.48 -52.29 -10.32
CA GLU C 335 -30.24 -51.37 -9.52
C GLU C 335 -29.56 -50.02 -9.44
N VAL C 336 -28.23 -50.02 -9.41
CA VAL C 336 -27.48 -48.78 -9.51
C VAL C 336 -27.75 -48.08 -10.82
N LEU C 337 -27.73 -48.81 -11.94
CA LEU C 337 -28.08 -48.17 -13.23
C LEU C 337 -29.49 -47.61 -13.23
N LYS C 338 -30.44 -48.33 -12.64
CA LYS C 338 -31.83 -47.94 -12.68
C LYS C 338 -32.07 -46.68 -11.87
N ASN C 339 -31.43 -46.57 -10.71
CA ASN C 339 -31.56 -45.41 -9.85
C ASN C 339 -30.86 -44.20 -10.45
N TRP C 340 -29.71 -44.44 -11.09
CA TRP C 340 -29.00 -43.41 -11.84
C TRP C 340 -29.87 -42.82 -12.95
N LEU C 341 -30.50 -43.67 -13.77
CA LEU C 341 -31.38 -43.23 -14.85
C LEU C 341 -32.59 -42.47 -14.31
N GLU C 342 -33.12 -42.90 -13.17
CA GLU C 342 -34.25 -42.26 -12.54
C GLU C 342 -33.90 -40.95 -11.85
N SER C 343 -32.64 -40.72 -11.49
CA SER C 343 -32.25 -39.47 -10.85
C SER C 343 -32.46 -38.24 -11.72
N TYR C 344 -32.42 -38.38 -13.04
CA TYR C 344 -32.76 -37.31 -13.95
C TYR C 344 -34.25 -37.09 -14.10
N LYS C 345 -35.06 -37.96 -13.54
CA LYS C 345 -36.52 -37.94 -13.54
C LYS C 345 -37.07 -37.84 -14.95
N PRO C 346 -36.89 -38.88 -15.76
CA PRO C 346 -37.38 -38.83 -17.15
C PRO C 346 -38.89 -38.72 -17.32
N GLU C 347 -39.70 -39.05 -16.31
CA GLU C 347 -41.15 -38.82 -16.34
C GLU C 347 -41.53 -37.34 -16.54
N GLU C 348 -40.67 -36.42 -16.17
CA GLU C 348 -40.92 -35.02 -16.42
C GLU C 348 -40.34 -34.55 -17.75
N LEU C 349 -39.46 -35.30 -18.36
CA LEU C 349 -38.77 -34.91 -19.57
C LEU C 349 -39.49 -35.35 -20.82
N PHE C 350 -40.02 -36.54 -20.85
CA PHE C 350 -40.61 -37.13 -22.03
C PHE C 350 -42.11 -37.22 -21.82
N ASP C 351 -42.89 -37.06 -22.87
CA ASP C 351 -44.33 -37.18 -22.71
C ASP C 351 -44.77 -38.63 -22.95
N ALA C 352 -46.07 -38.85 -23.11
CA ALA C 352 -46.62 -40.19 -23.15
C ALA C 352 -46.16 -40.97 -24.36
N ASN C 353 -46.01 -40.30 -25.50
CA ASN C 353 -45.47 -40.87 -26.72
C ASN C 353 -43.95 -40.97 -26.78
N GLY C 354 -43.20 -40.52 -25.80
CA GLY C 354 -41.77 -40.56 -25.90
C GLY C 354 -41.10 -39.39 -26.62
N ALA C 355 -41.80 -38.34 -26.94
CA ALA C 355 -41.16 -37.12 -27.41
C ALA C 355 -40.68 -36.33 -26.21
N VAL C 356 -39.50 -35.72 -26.33
CA VAL C 356 -39.07 -34.73 -25.37
C VAL C 356 -40.09 -33.60 -25.34
N LYS C 357 -40.51 -33.18 -24.16
CA LYS C 357 -41.55 -32.18 -23.98
C LYS C 357 -41.12 -30.80 -24.46
N ASP C 358 -42.12 -30.02 -24.90
CA ASP C 358 -41.88 -28.68 -25.43
C ASP C 358 -41.15 -27.78 -24.46
N ASP C 359 -41.47 -27.84 -23.18
CA ASP C 359 -40.82 -26.93 -22.27
C ASP C 359 -39.39 -27.30 -21.94
N VAL C 360 -38.94 -28.48 -22.36
CA VAL C 360 -37.54 -28.81 -22.20
C VAL C 360 -36.72 -28.01 -23.20
N LEU C 361 -37.23 -27.82 -24.40
CA LEU C 361 -36.44 -27.34 -25.54
C LEU C 361 -36.88 -25.99 -26.06
N ALA C 362 -37.77 -25.29 -25.38
CA ALA C 362 -38.29 -24.03 -25.88
C ALA C 362 -37.27 -22.90 -25.85
N PHE C 363 -36.20 -23.04 -25.06
CA PHE C 363 -35.06 -22.13 -25.05
C PHE C 363 -34.09 -22.37 -26.22
N MET C 364 -34.20 -23.45 -26.99
CA MET C 364 -33.18 -23.83 -27.97
C MET C 364 -33.13 -22.85 -29.15
N PRO C 365 -31.98 -22.69 -29.80
CA PRO C 365 -31.95 -21.95 -31.06
C PRO C 365 -32.68 -22.69 -32.17
N LYS C 366 -32.97 -21.97 -33.24
CA LYS C 366 -33.73 -22.46 -34.36
C LYS C 366 -32.97 -22.21 -35.66
N GLY C 367 -33.29 -22.99 -36.68
CA GLY C 367 -32.85 -22.65 -38.01
C GLY C 367 -31.38 -22.93 -38.24
N GLU C 368 -30.72 -22.06 -38.99
CA GLU C 368 -29.29 -22.21 -39.23
C GLU C 368 -28.45 -21.88 -38.01
N LEU C 369 -28.99 -21.22 -37.00
CA LEU C 369 -28.24 -21.00 -35.80
C LEU C 369 -28.10 -22.23 -34.93
N ARG C 370 -28.82 -23.31 -35.17
CA ARG C 370 -28.61 -24.54 -34.41
C ARG C 370 -27.24 -25.13 -34.70
N ILE C 371 -26.62 -25.68 -33.66
CA ILE C 371 -25.30 -26.30 -33.74
C ILE C 371 -25.20 -27.32 -34.86
N GLY C 372 -26.14 -28.22 -34.97
CA GLY C 372 -26.13 -29.13 -36.10
C GLY C 372 -26.59 -28.58 -37.43
N ALA C 373 -27.05 -27.36 -37.53
CA ALA C 373 -27.46 -26.78 -38.81
C ALA C 373 -26.59 -25.62 -39.26
N ASN C 374 -25.66 -25.18 -38.47
CA ASN C 374 -24.79 -24.09 -38.89
C ASN C 374 -23.94 -24.51 -40.09
N PRO C 375 -24.02 -23.80 -41.21
CA PRO C 375 -23.17 -24.15 -42.37
C PRO C 375 -21.69 -24.21 -42.12
N ASN C 376 -21.14 -23.42 -41.21
CA ASN C 376 -19.72 -23.59 -40.86
C ASN C 376 -19.39 -25.00 -40.35
N ALA C 377 -20.33 -25.70 -39.74
CA ALA C 377 -20.15 -27.11 -39.43
C ALA C 377 -20.45 -28.08 -40.59
N ASN C 378 -20.83 -27.63 -41.75
CA ASN C 378 -20.94 -28.49 -42.94
C ASN C 378 -20.42 -27.59 -44.06
N GLY C 379 -19.11 -27.40 -44.11
CA GLY C 379 -18.55 -26.27 -44.82
C GLY C 379 -18.47 -26.44 -46.31
N GLY C 380 -18.58 -27.65 -46.80
CA GLY C 380 -18.91 -27.93 -48.17
C GLY C 380 -20.10 -27.17 -48.74
N VAL C 381 -21.08 -26.82 -47.91
CA VAL C 381 -22.18 -26.01 -48.39
C VAL C 381 -21.79 -24.55 -48.61
N ILE C 382 -20.74 -24.05 -47.97
CA ILE C 382 -20.25 -22.69 -48.09
C ILE C 382 -19.29 -22.56 -49.26
N ARG C 383 -18.55 -23.60 -49.54
CA ARG C 383 -17.44 -23.59 -50.46
C ARG C 383 -17.85 -23.40 -51.91
N ASN C 384 -17.20 -22.48 -52.61
CA ASN C 384 -17.29 -22.32 -54.05
C ASN C 384 -15.96 -22.64 -54.70
N ASP C 385 -16.00 -22.97 -55.98
CA ASP C 385 -14.80 -23.06 -56.81
C ASP C 385 -13.97 -21.80 -56.72
N LEU C 386 -12.67 -21.93 -56.62
CA LEU C 386 -11.77 -20.79 -56.74
C LEU C 386 -11.87 -20.16 -58.14
N LYS C 387 -11.80 -18.86 -58.20
CA LYS C 387 -11.47 -18.17 -59.43
C LYS C 387 -10.00 -18.42 -59.75
N LEU C 388 -9.72 -19.22 -60.71
CA LEU C 388 -8.33 -19.55 -60.95
C LEU C 388 -7.84 -18.82 -62.16
N PRO C 389 -6.62 -18.33 -62.13
CA PRO C 389 -6.08 -17.60 -63.26
C PRO C 389 -5.71 -18.57 -64.38
N ASN C 390 -5.51 -17.98 -65.53
CA ASN C 390 -5.28 -18.77 -66.73
C ASN C 390 -3.90 -19.38 -66.70
N LEU C 391 -3.83 -20.71 -66.76
CA LEU C 391 -2.62 -21.45 -66.44
C LEU C 391 -1.49 -21.21 -67.43
N GLU C 392 -1.80 -20.85 -68.66
CA GLU C 392 -0.77 -20.55 -69.66
C GLU C 392 -0.02 -19.26 -69.40
N ASP C 393 -0.54 -18.37 -68.56
CA ASP C 393 0.23 -17.17 -68.21
C ASP C 393 1.49 -17.48 -67.41
N TYR C 394 1.62 -18.68 -66.86
CA TYR C 394 2.70 -19.05 -65.95
C TYR C 394 3.56 -20.13 -66.55
N GLU C 395 3.17 -20.64 -67.70
CA GLU C 395 3.86 -21.71 -68.38
C GLU C 395 5.30 -21.28 -68.69
N VAL C 396 6.25 -22.14 -68.42
CA VAL C 396 7.59 -21.98 -68.92
C VAL C 396 7.55 -22.26 -70.41
N LYS C 397 7.59 -21.21 -71.22
CA LYS C 397 7.50 -21.34 -72.67
C LYS C 397 8.82 -21.74 -73.33
N GLU C 398 9.93 -21.68 -72.62
CA GLU C 398 11.24 -21.95 -73.18
C GLU C 398 11.50 -23.39 -73.56
N VAL C 399 10.73 -24.37 -73.05
CA VAL C 399 10.81 -25.75 -73.53
C VAL C 399 10.49 -25.81 -75.02
N ALA C 400 9.49 -25.07 -75.44
CA ALA C 400 9.09 -25.11 -76.84
C ALA C 400 10.08 -24.36 -77.72
N GLU C 401 10.60 -23.23 -77.26
CA GLU C 401 11.69 -22.54 -77.96
C GLU C 401 12.93 -23.41 -78.10
N TYR C 402 13.56 -23.76 -76.97
CA TYR C 402 14.91 -24.30 -76.91
C TYR C 402 15.02 -25.81 -76.87
N GLY C 403 14.04 -26.52 -76.37
CA GLY C 403 14.10 -27.96 -76.31
C GLY C 403 13.79 -28.43 -74.90
N HIS C 404 13.26 -29.63 -74.82
CA HIS C 404 13.16 -30.36 -73.58
C HIS C 404 14.47 -30.42 -72.82
N GLY C 405 14.44 -30.07 -71.55
CA GLY C 405 15.62 -30.09 -70.75
C GLY C 405 16.32 -28.78 -70.60
N TRP C 406 15.73 -27.70 -71.06
CA TRP C 406 16.28 -26.38 -70.98
C TRP C 406 16.23 -25.86 -69.53
N GLY C 407 17.19 -25.02 -69.21
CA GLY C 407 17.11 -24.05 -68.14
C GLY C 407 17.55 -24.55 -66.80
N GLN C 408 17.56 -23.62 -65.87
CA GLN C 408 17.88 -23.87 -64.49
C GLN C 408 16.85 -23.25 -63.58
N LEU C 409 15.59 -23.38 -63.92
CA LEU C 409 14.52 -22.77 -63.13
C LEU C 409 14.33 -23.50 -61.81
N GLU C 410 13.81 -22.77 -60.85
CA GLU C 410 13.32 -23.31 -59.60
C GLU C 410 11.82 -23.46 -59.77
N ALA C 411 11.37 -24.71 -59.83
CA ALA C 411 9.99 -25.02 -60.17
C ALA C 411 8.97 -24.41 -59.20
N THR C 412 9.28 -24.37 -57.90
CA THR C 412 8.33 -23.81 -56.94
C THR C 412 8.16 -22.30 -57.09
N ARG C 413 9.06 -21.56 -57.75
CA ARG C 413 8.80 -20.15 -58.03
C ARG C 413 7.62 -19.97 -58.98
N THR C 414 7.45 -20.88 -59.91
CA THR C 414 6.32 -20.88 -60.81
C THR C 414 5.00 -21.08 -60.08
N LEU C 415 4.94 -22.10 -59.21
CA LEU C 415 3.80 -22.28 -58.32
C LEU C 415 3.57 -21.06 -57.45
N GLY C 416 4.64 -20.42 -56.99
CA GLY C 416 4.52 -19.22 -56.19
C GLY C 416 3.82 -18.06 -56.90
N ALA C 417 4.14 -17.85 -58.18
CA ALA C 417 3.48 -16.81 -58.96
C ALA C 417 2.03 -17.15 -59.24
N TYR C 418 1.74 -18.40 -59.56
CA TYR C 418 0.39 -18.87 -59.75
C TYR C 418 -0.45 -18.69 -58.49
N THR C 419 0.08 -19.06 -57.33
CA THR C 419 -0.67 -18.97 -56.09
C THR C 419 -0.89 -17.52 -55.67
N ARG C 420 0.07 -16.64 -55.93
CA ARG C 420 -0.10 -15.19 -55.78
C ARG C 420 -1.35 -14.66 -56.47
N ASP C 421 -1.57 -15.04 -57.69
CA ASP C 421 -2.73 -14.56 -58.38
C ASP C 421 -4.01 -15.29 -58.01
N ILE C 422 -3.95 -16.52 -57.50
CA ILE C 422 -5.11 -17.09 -56.85
C ILE C 422 -5.51 -16.25 -55.65
N ILE C 423 -4.55 -15.90 -54.80
CA ILE C 423 -4.82 -15.11 -53.61
C ILE C 423 -5.44 -13.77 -53.99
N LYS C 424 -4.85 -13.11 -54.99
CA LYS C 424 -5.38 -11.86 -55.53
C LYS C 424 -6.82 -11.99 -56.05
N ASN C 425 -7.15 -13.05 -56.74
CA ASN C 425 -8.51 -13.23 -57.25
C ASN C 425 -9.48 -13.78 -56.23
N ASN C 426 -9.00 -14.36 -55.16
CA ASN C 426 -9.88 -15.00 -54.20
C ASN C 426 -9.58 -14.42 -52.83
N PRO C 427 -9.88 -13.14 -52.62
CA PRO C 427 -9.60 -12.52 -51.34
C PRO C 427 -10.49 -13.11 -50.27
N ARG C 428 -9.92 -13.28 -49.09
N ARG C 428 -9.91 -13.29 -49.09
CA ARG C 428 -10.52 -13.90 -47.89
CA ARG C 428 -10.52 -13.90 -47.89
C ARG C 428 -10.96 -15.36 -48.13
C ARG C 428 -10.96 -15.36 -48.13
N ASP C 429 -10.48 -16.02 -49.15
CA ASP C 429 -10.95 -17.34 -49.45
C ASP C 429 -9.81 -18.33 -49.61
N PHE C 430 -8.60 -17.85 -49.73
CA PHE C 430 -7.43 -18.66 -49.94
C PHE C 430 -6.35 -18.24 -48.94
N ARG C 431 -5.74 -19.18 -48.26
CA ARG C 431 -4.63 -18.88 -47.36
C ARG C 431 -3.43 -19.74 -47.64
N ILE C 432 -2.27 -19.24 -47.31
CA ILE C 432 -1.07 -20.04 -47.27
C ILE C 432 -0.62 -20.18 -45.84
N PHE C 433 -0.31 -21.39 -45.46
CA PHE C 433 0.31 -21.63 -44.18
C PHE C 433 1.72 -22.19 -44.38
N GLY C 434 2.60 -21.96 -43.45
CA GLY C 434 3.90 -22.57 -43.48
C GLY C 434 4.65 -22.52 -42.19
N PRO C 435 5.43 -23.53 -41.85
CA PRO C 435 6.15 -23.41 -40.60
C PRO C 435 7.46 -22.66 -40.75
N ASP C 436 7.35 -21.35 -41.00
CA ASP C 436 8.48 -20.42 -41.20
C ASP C 436 9.28 -20.85 -42.45
N GLU C 437 8.59 -21.38 -43.42
CA GLU C 437 9.24 -21.94 -44.59
C GLU C 437 8.66 -21.45 -45.92
N THR C 438 7.80 -20.44 -45.93
CA THR C 438 7.17 -19.98 -47.17
C THR C 438 8.19 -19.37 -48.12
N ALA C 439 9.03 -18.46 -47.65
CA ALA C 439 10.08 -17.89 -48.46
C ALA C 439 11.13 -18.91 -48.85
N SER C 440 11.50 -19.76 -47.91
CA SER C 440 12.50 -20.78 -48.12
C SER C 440 12.07 -21.78 -49.19
N ASN C 441 10.83 -22.23 -49.17
CA ASN C 441 10.24 -23.02 -50.25
C ASN C 441 9.82 -22.19 -51.47
N ARG C 442 10.25 -20.92 -51.55
CA ARG C 442 10.16 -20.02 -52.71
C ARG C 442 8.73 -19.63 -53.06
N LEU C 443 7.87 -19.47 -52.08
CA LEU C 443 6.48 -19.10 -52.35
C LEU C 443 6.21 -17.65 -52.02
N GLN C 444 7.24 -16.83 -51.96
CA GLN C 444 7.15 -15.48 -51.44
C GLN C 444 6.69 -14.43 -52.44
N ALA C 445 6.40 -14.78 -53.69
CA ALA C 445 5.65 -13.90 -54.59
C ALA C 445 4.27 -13.54 -54.06
N SER C 446 3.70 -14.31 -53.15
CA SER C 446 2.45 -13.93 -52.52
C SER C 446 2.54 -12.66 -51.70
N TYR C 447 3.73 -12.23 -51.29
CA TYR C 447 3.89 -11.01 -50.52
C TYR C 447 3.71 -9.78 -51.36
N GLU C 448 3.70 -9.90 -52.68
CA GLU C 448 3.30 -8.82 -53.55
C GLU C 448 1.81 -8.51 -53.44
N VAL C 449 0.99 -9.42 -52.98
CA VAL C 449 -0.45 -9.15 -52.90
C VAL C 449 -1.02 -9.27 -51.50
N THR C 450 -0.27 -9.74 -50.53
CA THR C 450 -0.78 -9.90 -49.19
C THR C 450 0.37 -9.85 -48.22
N ASN C 451 0.10 -10.10 -46.97
CA ASN C 451 1.08 -10.08 -45.93
C ASN C 451 1.00 -11.35 -45.10
N LYS C 452 2.03 -11.58 -44.33
CA LYS C 452 2.02 -12.53 -43.25
C LYS C 452 1.25 -11.96 -42.07
N GLN C 453 0.27 -12.67 -41.61
CA GLN C 453 -0.56 -12.20 -40.52
C GLN C 453 0.22 -12.32 -39.24
N TRP C 454 0.44 -11.20 -38.58
CA TRP C 454 1.21 -11.17 -37.35
C TRP C 454 0.52 -10.27 -36.35
N ASP C 455 0.20 -10.78 -35.19
CA ASP C 455 -0.48 -9.96 -34.19
C ASP C 455 0.23 -9.97 -32.87
N ALA C 456 1.50 -10.27 -32.87
CA ALA C 456 2.32 -9.99 -31.73
C ALA C 456 2.97 -8.62 -31.99
N GLY C 457 3.98 -8.25 -31.22
CA GLY C 457 4.53 -6.92 -31.33
C GLY C 457 5.34 -6.68 -32.60
N TYR C 458 5.30 -5.45 -33.07
CA TYR C 458 6.13 -4.95 -34.18
C TYR C 458 7.22 -4.10 -33.56
N ILE C 459 8.42 -4.11 -34.12
CA ILE C 459 9.53 -3.28 -33.58
C ILE C 459 10.20 -2.36 -34.61
N SER C 460 10.37 -2.79 -35.85
CA SER C 460 11.16 -2.05 -36.83
C SER C 460 10.86 -2.51 -38.24
N ASP C 461 10.76 -1.55 -39.14
CA ASP C 461 10.72 -1.82 -40.57
C ASP C 461 12.01 -2.46 -41.13
N GLU C 462 13.14 -2.40 -40.45
CA GLU C 462 14.31 -3.16 -40.91
C GLU C 462 14.19 -4.68 -40.74
N VAL C 463 13.37 -5.17 -39.83
CA VAL C 463 13.19 -6.60 -39.64
C VAL C 463 11.82 -7.11 -40.02
N ASP C 464 10.78 -6.28 -40.01
CA ASP C 464 9.38 -6.70 -40.03
C ASP C 464 8.74 -6.61 -41.39
N GLU C 465 9.49 -6.70 -42.47
CA GLU C 465 8.96 -6.69 -43.83
C GLU C 465 7.90 -7.77 -44.07
N HIS C 466 6.93 -7.41 -44.88
CA HIS C 466 5.83 -8.24 -45.32
C HIS C 466 4.93 -8.71 -44.20
N MET C 467 4.90 -8.06 -43.05
CA MET C 467 4.03 -8.44 -41.97
C MET C 467 2.93 -7.39 -41.78
N HIS C 468 1.74 -7.83 -41.40
CA HIS C 468 0.59 -6.99 -41.13
C HIS C 468 -0.33 -7.71 -40.15
N VAL C 469 -1.13 -6.95 -39.42
CA VAL C 469 -2.05 -7.58 -38.47
C VAL C 469 -3.12 -8.39 -39.18
N SER C 470 -3.36 -8.18 -40.44
CA SER C 470 -4.13 -9.14 -41.17
C SER C 470 -3.45 -9.42 -42.49
N GLY C 471 -3.65 -10.62 -42.98
CA GLY C 471 -3.09 -11.03 -44.25
C GLY C 471 -3.36 -12.51 -44.43
N GLN C 472 -3.12 -12.99 -45.64
CA GLN C 472 -3.49 -14.33 -46.04
C GLN C 472 -2.35 -15.37 -45.90
N VAL C 473 -1.23 -15.04 -45.30
CA VAL C 473 -0.15 -15.98 -45.04
C VAL C 473 0.03 -16.05 -43.54
N VAL C 474 0.12 -17.24 -42.98
CA VAL C 474 0.31 -17.41 -41.56
C VAL C 474 1.48 -18.35 -41.36
N GLU C 475 2.39 -17.95 -40.49
CA GLU C 475 3.59 -18.72 -40.20
C GLU C 475 3.77 -18.80 -38.70
N GLN C 476 3.98 -20.00 -38.23
CA GLN C 476 4.37 -20.30 -36.88
C GLN C 476 5.21 -21.54 -37.03
N LEU C 477 6.26 -21.65 -36.27
CA LEU C 477 7.11 -22.83 -36.34
C LEU C 477 6.46 -23.98 -35.55
N SER C 478 5.47 -24.57 -36.19
CA SER C 478 4.73 -25.73 -35.70
C SER C 478 3.99 -26.30 -36.90
N GLU C 479 4.39 -27.48 -37.32
CA GLU C 479 3.66 -28.23 -38.33
C GLU C 479 2.26 -28.59 -37.85
N HIS C 480 2.08 -28.85 -36.56
CA HIS C 480 0.77 -29.12 -35.98
C HIS C 480 -0.18 -27.94 -36.14
N GLN C 481 0.28 -26.73 -35.85
CA GLN C 481 -0.51 -25.52 -36.04
C GLN C 481 -0.87 -25.30 -37.50
N MET C 482 0.11 -25.34 -38.39
CA MET C 482 -0.10 -25.12 -39.82
C MET C 482 -1.08 -26.13 -40.42
N GLU C 483 -0.88 -27.41 -40.13
CA GLU C 483 -1.78 -28.42 -40.65
C GLU C 483 -3.17 -28.27 -40.04
N GLY C 484 -3.23 -27.92 -38.76
CA GLY C 484 -4.49 -27.81 -38.08
C GLY C 484 -5.30 -26.57 -38.41
N PHE C 485 -4.65 -25.40 -38.50
CA PHE C 485 -5.25 -24.20 -39.08
C PHE C 485 -5.83 -24.48 -40.46
N LEU C 486 -5.05 -25.05 -41.35
CA LEU C 486 -5.51 -25.27 -42.71
C LEU C 486 -6.69 -26.22 -42.75
N GLU C 487 -6.61 -27.33 -42.02
CA GLU C 487 -7.70 -28.30 -41.94
C GLU C 487 -9.04 -27.68 -41.55
N ALA C 488 -9.05 -26.76 -40.61
CA ALA C 488 -10.30 -26.13 -40.26
C ALA C 488 -10.73 -25.03 -41.22
N TYR C 489 -9.80 -24.34 -41.87
CA TYR C 489 -10.10 -23.40 -42.94
C TYR C 489 -10.81 -24.11 -44.09
N LEU C 490 -10.41 -25.32 -44.38
CA LEU C 490 -11.06 -26.15 -45.39
C LEU C 490 -12.40 -26.66 -44.90
N LEU C 491 -12.49 -27.13 -43.66
CA LEU C 491 -13.74 -27.66 -43.19
C LEU C 491 -14.81 -26.59 -43.03
N THR C 492 -14.44 -25.33 -42.99
CA THR C 492 -15.39 -24.24 -42.94
C THR C 492 -15.57 -23.59 -44.31
N GLY C 493 -15.14 -24.22 -45.36
CA GLY C 493 -15.52 -23.85 -46.69
C GLY C 493 -14.54 -23.06 -47.49
N ARG C 494 -13.35 -22.79 -47.00
CA ARG C 494 -12.38 -22.00 -47.72
C ARG C 494 -11.30 -22.91 -48.33
N HIS C 495 -10.20 -22.34 -48.77
CA HIS C 495 -9.21 -23.03 -49.59
C HIS C 495 -7.81 -22.66 -49.15
N GLY C 496 -6.84 -23.48 -49.49
CA GLY C 496 -5.49 -23.06 -49.32
C GLY C 496 -4.42 -24.07 -49.61
N ILE C 497 -3.26 -23.85 -49.02
CA ILE C 497 -2.10 -24.66 -49.28
C ILE C 497 -1.16 -24.46 -48.11
N TRP C 498 -0.49 -25.51 -47.72
CA TRP C 498 0.66 -25.25 -46.90
C TRP C 498 1.87 -25.92 -47.51
N SER C 499 3.02 -25.51 -47.09
CA SER C 499 4.25 -26.08 -47.59
C SER C 499 5.12 -26.44 -46.42
N SER C 500 6.04 -27.34 -46.65
CA SER C 500 6.86 -27.95 -45.63
C SER C 500 8.09 -28.53 -46.27
N TYR C 501 9.15 -28.58 -45.52
CA TYR C 501 10.25 -29.47 -45.87
C TYR C 501 9.76 -30.88 -45.72
N GLU C 502 10.21 -31.70 -46.64
CA GLU C 502 9.77 -33.06 -46.80
C GLU C 502 9.90 -33.86 -45.51
N SER C 503 11.09 -33.89 -44.92
CA SER C 503 11.35 -34.70 -43.74
C SER C 503 10.53 -34.28 -42.52
N PHE C 504 10.08 -33.06 -42.45
CA PHE C 504 9.24 -32.65 -41.34
C PHE C 504 7.76 -32.84 -41.58
N VAL C 505 7.34 -33.29 -42.75
CA VAL C 505 5.95 -33.72 -42.90
C VAL C 505 5.58 -34.80 -41.89
N HIS C 506 6.54 -35.64 -41.52
CA HIS C 506 6.34 -36.74 -40.59
C HIS C 506 5.85 -36.30 -39.23
N VAL C 507 6.22 -35.08 -38.81
CA VAL C 507 5.67 -34.43 -37.65
C VAL C 507 4.14 -34.49 -37.60
N ILE C 508 3.46 -34.38 -38.72
CA ILE C 508 2.02 -34.39 -38.68
C ILE C 508 1.40 -35.60 -39.37
N ASP C 509 2.15 -36.69 -39.51
CA ASP C 509 1.62 -37.95 -40.06
C ASP C 509 0.29 -38.35 -39.43
N SER C 510 0.20 -38.24 -38.12
CA SER C 510 -1.01 -38.61 -37.44
C SER C 510 -2.15 -37.61 -37.66
N MET C 511 -1.86 -36.34 -37.91
CA MET C 511 -2.90 -35.39 -38.33
C MET C 511 -3.38 -35.69 -39.75
N LEU C 512 -2.47 -35.98 -40.66
CA LEU C 512 -2.85 -36.43 -41.98
C LEU C 512 -3.71 -37.70 -41.93
N ASN C 513 -3.40 -38.61 -41.03
CA ASN C 513 -4.18 -39.84 -40.87
C ASN C 513 -5.60 -39.50 -40.43
N GLN C 514 -5.74 -38.63 -39.45
CA GLN C 514 -7.04 -38.26 -38.95
C GLN C 514 -7.84 -37.46 -39.97
N HIS C 515 -7.21 -36.63 -40.76
CA HIS C 515 -7.93 -35.95 -41.82
C HIS C 515 -8.39 -36.92 -42.90
N ALA C 516 -7.59 -37.94 -43.17
CA ALA C 516 -7.92 -38.93 -44.17
C ALA C 516 -9.03 -39.86 -43.71
N LYS C 517 -9.12 -40.13 -42.42
CA LYS C 517 -10.22 -40.93 -41.92
C LYS C 517 -11.51 -40.15 -41.90
N TRP C 518 -11.45 -38.86 -41.59
CA TRP C 518 -12.57 -37.94 -41.79
C TRP C 518 -13.07 -38.03 -43.23
N LEU C 519 -12.18 -37.84 -44.19
CA LEU C 519 -12.53 -37.87 -45.61
C LEU C 519 -13.05 -39.23 -46.06
N GLU C 520 -12.41 -40.31 -45.62
CA GLU C 520 -12.82 -41.67 -46.00
C GLU C 520 -14.23 -41.96 -45.51
N ALA C 521 -14.51 -41.65 -44.26
CA ALA C 521 -15.86 -41.83 -43.75
C ALA C 521 -16.88 -40.92 -44.44
N THR C 522 -16.48 -39.73 -44.85
CA THR C 522 -17.39 -38.81 -45.50
C THR C 522 -17.78 -39.29 -46.90
N VAL C 523 -16.82 -39.72 -47.70
CA VAL C 523 -17.11 -40.12 -49.07
C VAL C 523 -17.72 -41.51 -49.13
N ARG C 524 -17.49 -42.36 -48.16
CA ARG C 524 -18.14 -43.66 -48.12
C ARG C 524 -19.59 -43.55 -47.72
N GLU C 525 -19.93 -42.80 -46.69
CA GLU C 525 -21.25 -42.95 -46.11
C GLU C 525 -21.95 -41.68 -45.63
N ILE C 526 -21.41 -40.51 -45.85
CA ILE C 526 -22.07 -39.35 -45.28
C ILE C 526 -22.39 -38.39 -46.42
N PRO C 527 -23.41 -38.65 -47.23
CA PRO C 527 -23.70 -37.78 -48.39
C PRO C 527 -24.23 -36.41 -48.03
N TRP C 528 -24.89 -36.21 -46.90
CA TRP C 528 -25.30 -34.89 -46.48
C TRP C 528 -24.13 -33.97 -46.13
N ARG C 529 -22.92 -34.46 -46.01
CA ARG C 529 -21.75 -33.66 -45.69
C ARG C 529 -21.07 -33.33 -47.02
N LYS C 530 -21.21 -32.10 -47.45
CA LYS C 530 -20.82 -31.68 -48.79
C LYS C 530 -19.30 -31.67 -48.96
N PRO C 531 -18.79 -31.80 -50.19
CA PRO C 531 -17.33 -31.82 -50.40
C PRO C 531 -16.62 -30.53 -50.01
N ILE C 532 -15.57 -30.66 -49.28
CA ILE C 532 -14.73 -29.58 -48.87
C ILE C 532 -13.56 -29.53 -49.83
N ALA C 533 -12.90 -28.40 -49.89
CA ALA C 533 -11.67 -28.22 -50.65
C ALA C 533 -10.55 -29.11 -50.12
N SER C 534 -9.65 -29.47 -50.98
CA SER C 534 -8.62 -30.42 -50.65
C SER C 534 -7.54 -29.82 -49.75
N MET C 535 -6.90 -30.69 -49.03
CA MET C 535 -5.75 -30.37 -48.21
C MET C 535 -4.52 -30.48 -49.08
N ASN C 536 -3.97 -29.36 -49.47
CA ASN C 536 -2.90 -29.30 -50.45
C ASN C 536 -1.57 -29.04 -49.76
N LEU C 537 -0.63 -29.93 -49.95
CA LEU C 537 0.65 -29.83 -49.28
C LEU C 537 1.79 -29.80 -50.28
N LEU C 538 2.45 -28.68 -50.37
CA LEU C 538 3.70 -28.58 -51.10
C LEU C 538 4.85 -29.19 -50.30
N VAL C 539 5.38 -30.28 -50.78
CA VAL C 539 6.47 -30.98 -50.14
C VAL C 539 7.72 -30.54 -50.88
N SER C 540 8.47 -29.64 -50.30
CA SER C 540 9.66 -29.21 -51.00
C SER C 540 10.88 -29.39 -50.13
N SER C 541 12.01 -28.88 -50.57
CA SER C 541 13.34 -29.12 -50.04
C SER C 541 13.56 -30.59 -49.72
N HIS C 542 13.45 -31.42 -50.71
CA HIS C 542 13.30 -32.84 -50.50
C HIS C 542 14.64 -33.53 -50.26
N VAL C 543 14.64 -34.86 -50.24
CA VAL C 543 15.77 -35.64 -49.75
C VAL C 543 17.01 -35.44 -50.62
N TRP C 544 16.86 -35.29 -51.93
CA TRP C 544 18.01 -35.22 -52.79
C TRP C 544 18.74 -33.89 -52.69
N ARG C 545 18.12 -32.85 -52.22
CA ARG C 545 18.73 -31.54 -52.17
C ARG C 545 18.77 -31.05 -50.74
N GLN C 546 18.96 -31.96 -49.81
N GLN C 546 18.93 -32.04 -49.86
CA GLN C 546 19.07 -31.55 -48.40
CA GLN C 546 19.17 -31.91 -48.43
C GLN C 546 20.49 -31.09 -48.16
C GLN C 546 20.58 -32.33 -48.07
N ASP C 547 20.67 -29.76 -48.35
N ASP C 547 21.48 -32.19 -49.03
CA ASP C 547 21.87 -28.98 -48.64
CA ASP C 547 22.90 -32.34 -48.82
C ASP C 547 22.60 -28.40 -47.44
C ASP C 547 23.54 -31.13 -48.11
N HIS C 548 21.94 -27.52 -46.70
N HIS C 548 22.77 -30.14 -47.62
CA HIS C 548 22.52 -27.07 -45.46
CA HIS C 548 23.34 -29.10 -46.76
C HIS C 548 22.39 -28.08 -44.34
C HIS C 548 22.97 -29.29 -45.28
N ASN C 549 21.86 -29.31 -44.58
N ASN C 549 21.73 -29.66 -44.96
CA ASN C 549 21.39 -30.11 -43.45
CA ASN C 549 21.40 -30.13 -43.63
C ASN C 549 21.85 -31.57 -43.36
C ASN C 549 21.82 -31.56 -43.40
N GLY C 550 21.97 -32.33 -44.42
CA GLY C 550 22.54 -33.63 -44.19
C GLY C 550 21.57 -34.67 -43.63
N PHE C 551 22.17 -35.73 -43.13
CA PHE C 551 21.63 -37.07 -43.02
C PHE C 551 20.35 -37.15 -42.21
N SER C 552 20.28 -36.42 -41.13
CA SER C 552 19.12 -36.56 -40.30
C SER C 552 17.97 -35.69 -40.75
N HIS C 553 18.09 -34.98 -41.86
CA HIS C 553 16.99 -34.28 -42.50
C HIS C 553 16.53 -34.97 -43.76
N GLN C 554 17.01 -36.15 -44.01
CA GLN C 554 16.73 -36.89 -45.23
C GLN C 554 15.71 -37.97 -44.93
N ASP C 555 14.43 -37.65 -45.11
CA ASP C 555 13.39 -38.68 -44.96
C ASP C 555 12.27 -38.39 -45.90
N PRO C 556 12.24 -39.05 -47.05
CA PRO C 556 11.14 -38.90 -48.00
C PRO C 556 9.89 -39.71 -47.65
N GLY C 557 9.77 -40.24 -46.45
CA GLY C 557 8.79 -41.23 -46.14
C GLY C 557 7.34 -40.82 -46.00
N VAL C 558 6.99 -39.59 -46.35
CA VAL C 558 5.60 -39.16 -46.43
C VAL C 558 4.79 -40.04 -47.38
N THR C 559 5.41 -40.42 -48.51
CA THR C 559 4.76 -41.25 -49.51
C THR C 559 4.27 -42.59 -48.98
N SER C 560 5.05 -43.26 -48.12
CA SER C 560 4.62 -44.54 -47.56
C SER C 560 3.42 -44.39 -46.64
N VAL C 561 3.39 -43.31 -45.85
CA VAL C 561 2.26 -43.01 -45.00
C VAL C 561 0.99 -42.79 -45.83
N LEU C 562 1.07 -41.98 -46.86
CA LEU C 562 -0.12 -41.67 -47.62
C LEU C 562 -0.59 -42.84 -48.47
N LEU C 563 0.25 -43.81 -48.77
CA LEU C 563 -0.18 -45.00 -49.49
C LEU C 563 -1.06 -45.92 -48.65
N ASN C 564 -1.00 -45.84 -47.34
CA ASN C 564 -1.90 -46.57 -46.46
C ASN C 564 -3.30 -45.99 -46.38
N LYS C 565 -3.60 -44.90 -47.04
CA LYS C 565 -4.96 -44.40 -47.05
C LYS C 565 -5.57 -44.48 -48.44
N CYS C 566 -5.13 -45.41 -49.25
CA CYS C 566 -5.62 -45.53 -50.63
C CYS C 566 -6.34 -46.87 -50.84
N PHE C 567 -7.57 -46.95 -50.41
CA PHE C 567 -8.35 -48.17 -50.52
C PHE C 567 -9.78 -47.87 -50.95
N HIS C 568 -10.40 -48.91 -51.47
N HIS C 568 -10.46 -48.92 -51.42
CA HIS C 568 -11.83 -49.06 -51.69
CA HIS C 568 -11.92 -48.97 -51.54
C HIS C 568 -12.41 -47.96 -52.55
C HIS C 568 -12.45 -47.94 -52.55
N ASN C 569 -11.59 -47.52 -53.49
CA ASN C 569 -11.85 -46.40 -54.40
C ASN C 569 -12.31 -45.11 -53.72
N ASP C 570 -11.82 -44.84 -52.52
CA ASP C 570 -12.14 -43.58 -51.87
C ASP C 570 -11.62 -42.39 -52.66
N HIS C 571 -10.41 -42.51 -53.21
CA HIS C 571 -9.68 -41.44 -53.90
C HIS C 571 -9.59 -40.18 -53.06
N VAL C 572 -9.15 -40.33 -51.82
CA VAL C 572 -8.93 -39.20 -50.96
C VAL C 572 -7.45 -38.80 -50.88
N ILE C 573 -6.57 -39.45 -51.61
CA ILE C 573 -5.13 -39.19 -51.59
C ILE C 573 -4.65 -38.89 -53.00
N GLY C 574 -3.90 -37.83 -53.17
CA GLY C 574 -3.16 -37.62 -54.37
C GLY C 574 -1.69 -37.51 -54.05
N ILE C 575 -0.84 -38.23 -54.74
CA ILE C 575 0.59 -38.21 -54.54
C ILE C 575 1.19 -37.85 -55.90
N TYR C 576 1.81 -36.69 -56.00
CA TYR C 576 2.24 -36.15 -57.27
C TYR C 576 3.69 -35.73 -57.22
N PHE C 577 4.42 -36.17 -58.21
CA PHE C 577 5.81 -35.83 -58.38
C PHE C 577 5.88 -34.77 -59.46
N ALA C 578 6.25 -33.57 -59.08
CA ALA C 578 6.37 -32.51 -60.04
C ALA C 578 7.70 -32.68 -60.77
N THR C 579 7.62 -33.10 -62.03
CA THR C 579 8.79 -33.31 -62.86
C THR C 579 9.55 -32.02 -63.16
N ASP C 580 8.87 -30.90 -63.27
CA ASP C 580 9.41 -29.60 -63.61
C ASP C 580 8.33 -28.57 -63.31
N ALA C 581 8.59 -27.33 -63.66
CA ALA C 581 7.66 -26.24 -63.41
C ALA C 581 6.35 -26.37 -64.17
N ASN C 582 6.37 -26.87 -65.40
CA ASN C 582 5.13 -27.03 -66.14
C ASN C 582 4.28 -28.18 -65.64
N MET C 583 4.88 -29.24 -65.15
CA MET C 583 4.14 -30.31 -64.48
C MET C 583 3.61 -29.83 -63.14
N LEU C 584 4.38 -29.02 -62.43
CA LEU C 584 3.91 -28.44 -61.18
C LEU C 584 2.66 -27.59 -61.37
N LEU C 585 2.62 -26.81 -62.44
CA LEU C 585 1.42 -26.05 -62.78
C LEU C 585 0.23 -26.95 -63.02
N ALA C 586 0.40 -27.98 -63.85
CA ALA C 586 -0.69 -28.90 -64.13
C ALA C 586 -1.18 -29.59 -62.85
N ILE C 587 -0.26 -29.99 -61.97
CA ILE C 587 -0.62 -30.64 -60.73
C ILE C 587 -1.39 -29.68 -59.86
N ALA C 588 -0.90 -28.45 -59.75
CA ALA C 588 -1.43 -27.45 -58.84
C ALA C 588 -2.82 -27.06 -59.20
N GLU C 589 -3.09 -26.88 -60.48
CA GLU C 589 -4.43 -26.62 -60.97
C GLU C 589 -5.39 -27.77 -60.67
N LYS C 590 -4.98 -29.02 -60.89
CA LYS C 590 -5.79 -30.16 -60.52
C LYS C 590 -6.08 -30.22 -59.01
N CYS C 591 -5.06 -30.02 -58.18
CA CYS C 591 -5.26 -29.99 -56.74
C CYS C 591 -6.12 -28.82 -56.29
N TYR C 592 -5.97 -27.65 -56.91
CA TYR C 592 -6.77 -26.48 -56.55
C TYR C 592 -8.22 -26.59 -56.98
N LYS C 593 -8.50 -27.38 -58.01
CA LYS C 593 -9.86 -27.74 -58.39
C LYS C 593 -10.45 -28.95 -57.66
N SER C 594 -9.66 -29.75 -56.97
CA SER C 594 -10.15 -30.98 -56.39
C SER C 594 -10.85 -30.71 -55.07
N THR C 595 -11.71 -31.63 -54.71
CA THR C 595 -12.41 -31.61 -53.44
C THR C 595 -12.16 -32.93 -52.71
N ASN C 596 -12.31 -32.89 -51.39
CA ASN C 596 -12.28 -34.06 -50.49
C ASN C 596 -10.99 -34.87 -50.59
N LYS C 597 -9.85 -34.23 -50.69
CA LYS C 597 -8.60 -34.95 -50.81
C LYS C 597 -7.51 -34.42 -49.90
N ILE C 598 -6.51 -35.23 -49.74
CA ILE C 598 -5.20 -34.81 -49.29
C ILE C 598 -4.27 -34.96 -50.49
N ASN C 599 -3.75 -33.86 -50.96
CA ASN C 599 -2.84 -33.79 -52.10
C ASN C 599 -1.43 -33.47 -51.63
N ALA C 600 -0.52 -34.40 -51.79
CA ALA C 600 0.89 -34.15 -51.58
C ALA C 600 1.56 -33.81 -52.91
N ILE C 601 2.23 -32.68 -52.96
CA ILE C 601 2.85 -32.23 -54.20
C ILE C 601 4.32 -32.16 -53.91
N ILE C 602 5.05 -33.07 -54.45
CA ILE C 602 6.46 -33.18 -54.16
C ILE C 602 7.16 -32.47 -55.31
N ALA C 603 7.73 -31.32 -55.00
CA ALA C 603 8.32 -30.42 -55.95
C ALA C 603 9.68 -29.96 -55.45
N GLY C 604 10.64 -29.91 -56.33
CA GLY C 604 11.90 -29.35 -55.96
C GLY C 604 11.91 -27.85 -56.03
N LYS C 605 12.70 -27.26 -55.18
CA LYS C 605 12.95 -25.83 -55.24
C LYS C 605 14.37 -25.48 -55.70
N GLN C 606 15.22 -26.44 -55.98
CA GLN C 606 16.55 -26.22 -56.52
C GLN C 606 16.51 -25.93 -58.02
N PRO C 607 17.55 -25.31 -58.58
CA PRO C 607 17.57 -25.10 -60.03
C PRO C 607 17.65 -26.43 -60.75
N ALA C 608 16.80 -26.61 -61.74
CA ALA C 608 16.65 -27.87 -62.44
C ALA C 608 16.15 -27.58 -63.84
N ALA C 609 16.20 -28.58 -64.69
CA ALA C 609 15.73 -28.47 -66.06
C ALA C 609 14.22 -28.44 -66.14
N THR C 610 13.71 -27.90 -67.23
CA THR C 610 12.30 -28.02 -67.55
C THR C 610 12.17 -29.00 -68.71
N TRP C 611 11.39 -30.05 -68.50
CA TRP C 611 11.33 -31.19 -69.41
C TRP C 611 10.15 -31.14 -70.37
N LEU C 612 9.01 -30.65 -69.93
CA LEU C 612 7.75 -30.73 -70.64
C LEU C 612 7.17 -29.35 -70.86
N THR C 613 6.40 -29.23 -71.93
CA THR C 613 5.53 -28.07 -72.07
C THR C 613 4.29 -28.31 -71.20
N LEU C 614 3.50 -27.27 -71.06
CA LEU C 614 2.32 -27.40 -70.23
C LEU C 614 1.30 -28.34 -70.87
N ASP C 615 1.17 -28.31 -72.19
CA ASP C 615 0.26 -29.22 -72.87
C ASP C 615 0.74 -30.66 -72.80
N GLU C 616 2.04 -30.91 -72.80
CA GLU C 616 2.49 -32.27 -72.54
C GLU C 616 2.30 -32.67 -71.09
N ALA C 617 2.55 -31.75 -70.16
CA ALA C 617 2.39 -32.02 -68.73
C ALA C 617 0.95 -32.37 -68.40
N ARG C 618 -0.01 -31.67 -69.00
CA ARG C 618 -1.42 -32.01 -68.81
C ARG C 618 -1.78 -33.35 -69.41
N ALA C 619 -1.09 -33.81 -70.44
CA ALA C 619 -1.37 -35.12 -71.02
C ALA C 619 -0.83 -36.24 -70.14
N GLU C 620 0.42 -36.13 -69.69
CA GLU C 620 0.99 -37.09 -68.76
C GLU C 620 0.20 -37.16 -67.47
N LEU C 621 -0.26 -36.02 -66.96
CA LEU C 621 -0.97 -35.97 -65.68
C LEU C 621 -2.32 -36.65 -65.73
N GLU C 622 -3.04 -36.57 -66.85
CA GLU C 622 -4.36 -37.20 -66.95
C GLU C 622 -4.28 -38.73 -66.84
N LYS C 623 -3.29 -39.34 -67.47
CA LYS C 623 -3.07 -40.76 -67.27
C LYS C 623 -2.29 -41.04 -66.00
N GLY C 624 -1.31 -40.23 -65.68
CA GLY C 624 -0.59 -40.39 -64.45
C GLY C 624 0.85 -40.72 -64.71
N ALA C 625 1.07 -41.57 -65.69
CA ALA C 625 2.37 -41.89 -66.26
C ALA C 625 2.29 -41.77 -67.77
N ALA C 626 3.44 -41.57 -68.41
CA ALA C 626 3.49 -41.44 -69.87
C ALA C 626 4.86 -41.77 -70.38
N ALA C 627 4.91 -42.39 -71.55
CA ALA C 627 6.14 -42.52 -72.31
C ALA C 627 6.56 -41.18 -72.88
N TRP C 628 7.85 -40.96 -72.95
CA TRP C 628 8.41 -39.75 -73.52
C TRP C 628 9.03 -40.16 -74.86
N ASP C 629 8.22 -40.14 -75.92
CA ASP C 629 8.71 -40.63 -77.20
C ASP C 629 9.77 -39.71 -77.78
N TRP C 630 9.75 -38.45 -77.43
CA TRP C 630 10.82 -37.55 -77.83
C TRP C 630 12.16 -37.93 -77.20
N ALA C 631 12.17 -38.67 -76.09
CA ALA C 631 13.41 -39.07 -75.44
C ALA C 631 13.78 -40.51 -75.69
N SER C 632 12.88 -41.36 -76.14
CA SER C 632 13.21 -42.73 -76.41
C SER C 632 14.01 -42.81 -77.71
N THR C 633 14.89 -43.78 -77.79
CA THR C 633 15.48 -44.19 -79.06
C THR C 633 14.93 -45.52 -79.55
N ALA C 634 14.21 -46.25 -78.71
CA ALA C 634 13.35 -47.30 -79.24
C ALA C 634 12.14 -46.66 -79.87
N LYS C 635 11.65 -47.28 -80.92
CA LYS C 635 10.56 -46.69 -81.67
C LYS C 635 9.27 -47.49 -81.56
N ASN C 636 9.31 -48.63 -80.88
CA ASN C 636 8.14 -49.26 -80.28
C ASN C 636 8.65 -50.18 -79.17
N ASN C 637 7.74 -50.97 -78.62
CA ASN C 637 8.03 -51.75 -77.43
C ASN C 637 8.92 -52.96 -77.71
N ASP C 638 8.92 -53.51 -78.92
CA ASP C 638 9.75 -54.68 -79.19
C ASP C 638 11.18 -54.36 -79.51
N GLU C 639 11.53 -53.14 -79.88
CA GLU C 639 12.95 -52.91 -80.06
C GLU C 639 13.60 -52.23 -78.87
N ALA C 640 12.83 -51.85 -77.85
CA ALA C 640 13.44 -51.41 -76.60
C ALA C 640 14.20 -52.55 -75.94
N GLU C 641 15.39 -52.26 -75.52
CA GLU C 641 16.10 -53.20 -74.68
C GLU C 641 15.89 -52.94 -73.23
N VAL C 642 15.55 -51.72 -72.85
CA VAL C 642 15.42 -51.34 -71.46
C VAL C 642 14.43 -50.19 -71.40
N VAL C 643 13.75 -50.06 -70.28
CA VAL C 643 12.83 -48.97 -70.04
C VAL C 643 13.38 -48.14 -68.91
N LEU C 644 13.62 -46.89 -69.16
CA LEU C 644 14.14 -46.00 -68.15
C LEU C 644 12.99 -45.17 -67.61
N ALA C 645 12.51 -45.51 -66.44
CA ALA C 645 11.41 -44.80 -65.83
C ALA C 645 11.91 -43.95 -64.67
N ALA C 646 11.21 -42.86 -64.37
CA ALA C 646 11.54 -41.99 -63.26
C ALA C 646 10.29 -41.37 -62.67
N ALA C 647 10.27 -41.22 -61.36
CA ALA C 647 9.30 -40.43 -60.64
C ALA C 647 10.03 -39.47 -59.73
N GLY C 648 9.86 -38.18 -59.96
CA GLY C 648 10.49 -37.09 -59.24
C GLY C 648 11.50 -36.35 -60.09
N ASP C 649 11.73 -35.08 -59.74
CA ASP C 649 12.61 -34.22 -60.54
C ASP C 649 14.08 -34.63 -60.50
N VAL C 650 14.62 -34.99 -59.34
CA VAL C 650 16.00 -35.48 -59.32
C VAL C 650 16.12 -36.87 -59.94
N PRO C 651 15.24 -37.85 -59.70
CA PRO C 651 15.30 -39.08 -60.52
C PRO C 651 15.15 -38.86 -62.01
N THR C 652 14.37 -37.88 -62.42
CA THR C 652 14.19 -37.57 -63.82
C THR C 652 15.48 -37.02 -64.41
N GLN C 653 16.19 -36.18 -63.66
CA GLN C 653 17.43 -35.60 -64.13
C GLN C 653 18.48 -36.68 -64.33
N GLU C 654 18.63 -37.58 -63.37
CA GLU C 654 19.59 -38.67 -63.46
C GLU C 654 19.23 -39.68 -64.55
N ILE C 655 17.95 -39.96 -64.76
CA ILE C 655 17.55 -40.89 -65.80
C ILE C 655 17.74 -40.26 -67.18
N MET C 656 17.50 -38.94 -67.31
CA MET C 656 17.70 -38.29 -68.59
C MET C 656 19.17 -38.16 -68.94
N ALA C 657 20.03 -37.97 -67.93
CA ALA C 657 21.47 -37.98 -68.13
C ALA C 657 21.99 -39.38 -68.38
N ALA C 658 21.34 -40.41 -67.88
CA ALA C 658 21.73 -41.77 -68.20
C ALA C 658 21.31 -42.16 -69.60
N SER C 659 20.15 -41.69 -70.05
CA SER C 659 19.70 -41.97 -71.40
C SER C 659 20.58 -41.34 -72.46
N ASP C 660 21.23 -40.22 -72.17
CA ASP C 660 22.15 -39.60 -73.11
C ASP C 660 23.44 -40.39 -73.26
N LYS C 661 23.95 -40.93 -72.15
CA LYS C 661 25.09 -41.84 -72.19
C LYS C 661 24.75 -43.17 -72.79
N LEU C 662 23.51 -43.63 -72.67
CA LEU C 662 23.12 -44.87 -73.30
C LEU C 662 22.97 -44.68 -74.80
N LYS C 663 22.44 -43.55 -75.22
CA LYS C 663 22.28 -43.19 -76.61
C LYS C 663 23.62 -43.13 -77.33
N GLU C 664 24.62 -42.48 -76.69
CA GLU C 664 26.01 -42.47 -77.12
C GLU C 664 26.59 -43.86 -77.30
N LEU C 665 26.12 -44.85 -76.55
CA LEU C 665 26.49 -46.24 -76.75
C LEU C 665 25.65 -46.95 -77.78
N GLY C 666 24.72 -46.27 -78.43
CA GLY C 666 23.90 -46.95 -79.38
C GLY C 666 22.68 -47.68 -78.87
N VAL C 667 22.44 -47.74 -77.56
CA VAL C 667 21.37 -48.56 -76.98
C VAL C 667 19.97 -48.07 -77.36
N LYS C 668 19.08 -49.01 -77.64
CA LYS C 668 17.68 -48.74 -77.91
C LYS C 668 16.89 -48.84 -76.60
N PHE C 669 16.34 -47.73 -76.13
CA PHE C 669 15.64 -47.70 -74.86
C PHE C 669 14.37 -46.89 -75.01
N LYS C 670 13.53 -46.99 -74.01
CA LYS C 670 12.33 -46.20 -73.88
C LYS C 670 12.36 -45.47 -72.54
N VAL C 671 11.96 -44.21 -72.55
CA VAL C 671 11.95 -43.37 -71.36
C VAL C 671 10.50 -43.13 -70.91
N VAL C 672 10.22 -43.35 -69.63
CA VAL C 672 8.90 -43.17 -69.02
C VAL C 672 8.98 -42.17 -67.87
N ASN C 673 7.99 -41.33 -67.73
CA ASN C 673 7.87 -40.49 -66.55
C ASN C 673 6.59 -40.79 -65.81
N VAL C 674 6.68 -40.81 -64.50
CA VAL C 674 5.55 -41.07 -63.62
C VAL C 674 5.32 -39.79 -62.82
N ALA C 675 4.23 -39.11 -63.08
CA ALA C 675 3.87 -37.93 -62.32
C ALA C 675 2.95 -38.24 -61.15
N ASP C 676 2.09 -39.22 -61.26
CA ASP C 676 1.04 -39.53 -60.30
C ASP C 676 1.25 -40.97 -59.85
N LEU C 677 1.59 -41.14 -58.57
CA LEU C 677 2.07 -42.40 -58.03
C LEU C 677 0.99 -43.46 -57.97
N LEU C 678 -0.24 -43.09 -57.66
CA LEU C 678 -1.34 -44.03 -57.61
C LEU C 678 -1.82 -44.49 -58.97
N SER C 679 -1.27 -44.00 -60.07
CA SER C 679 -1.56 -44.55 -61.39
C SER C 679 -0.99 -45.95 -61.55
N LEU C 680 -0.02 -46.31 -60.73
CA LEU C 680 0.64 -47.61 -60.78
C LEU C 680 -0.04 -48.66 -59.93
N GLN C 681 -0.93 -48.24 -59.04
CA GLN C 681 -1.74 -49.10 -58.18
C GLN C 681 -2.52 -50.08 -59.01
N SER C 682 -2.68 -51.28 -58.48
CA SER C 682 -3.49 -52.35 -59.04
C SER C 682 -4.81 -51.85 -59.60
N ALA C 683 -5.04 -52.17 -60.86
CA ALA C 683 -6.24 -51.76 -61.55
C ALA C 683 -7.51 -52.34 -60.95
N LYS C 684 -7.40 -53.45 -60.26
CA LYS C 684 -8.52 -53.98 -59.49
C LYS C 684 -8.80 -53.11 -58.28
N GLU C 685 -7.77 -52.66 -57.60
CA GLU C 685 -7.92 -51.89 -56.40
C GLU C 685 -8.36 -50.45 -56.66
N ASN C 686 -7.99 -49.87 -57.79
CA ASN C 686 -8.08 -48.45 -58.05
C ASN C 686 -8.62 -48.27 -59.47
N ASP C 687 -9.84 -47.80 -59.63
CA ASP C 687 -10.39 -47.63 -60.99
C ASP C 687 -9.98 -46.33 -61.66
N GLU C 688 -9.19 -45.48 -61.02
CA GLU C 688 -8.51 -44.40 -61.71
C GLU C 688 -7.10 -44.78 -62.16
N ALA C 689 -6.54 -45.86 -61.68
CA ALA C 689 -5.19 -46.20 -62.08
C ALA C 689 -5.16 -46.77 -63.48
N LEU C 690 -3.98 -46.74 -64.08
CA LEU C 690 -3.71 -47.35 -65.39
C LEU C 690 -4.28 -48.76 -65.50
N THR C 691 -5.03 -49.04 -66.57
CA THR C 691 -5.43 -50.40 -66.86
C THR C 691 -4.19 -51.25 -67.08
N ASP C 692 -4.35 -52.56 -67.02
CA ASP C 692 -3.19 -53.44 -67.20
C ASP C 692 -2.66 -53.39 -68.62
N GLU C 693 -3.53 -53.09 -69.58
CA GLU C 693 -3.13 -52.92 -70.97
C GLU C 693 -2.43 -51.58 -71.20
N GLU C 694 -2.94 -50.50 -70.63
CA GLU C 694 -2.24 -49.22 -70.59
C GLU C 694 -0.91 -49.31 -69.86
N PHE C 695 -0.85 -50.12 -68.81
CA PHE C 695 0.40 -50.25 -68.06
C PHE C 695 1.44 -50.99 -68.88
N ALA C 696 1.04 -52.02 -69.59
CA ALA C 696 1.98 -52.75 -70.39
C ALA C 696 2.32 -52.09 -71.71
N ASP C 697 1.56 -51.10 -72.14
CA ASP C 697 2.03 -50.34 -73.28
C ASP C 697 3.14 -49.40 -72.86
N ILE C 698 2.98 -48.78 -71.70
CA ILE C 698 3.96 -47.85 -71.19
C ILE C 698 5.23 -48.59 -70.78
N PHE C 699 5.09 -49.61 -69.97
CA PHE C 699 6.27 -50.18 -69.33
C PHE C 699 6.92 -51.33 -70.08
N THR C 700 6.21 -52.37 -70.49
CA THR C 700 6.32 -53.18 -71.71
C THR C 700 5.67 -54.45 -71.21
N ALA C 701 5.55 -55.47 -72.03
CA ALA C 701 5.21 -56.75 -71.45
C ALA C 701 6.43 -57.46 -70.84
N ASP C 702 7.64 -57.24 -71.37
CA ASP C 702 8.77 -58.06 -70.96
C ASP C 702 10.14 -57.40 -70.92
N LYS C 703 10.27 -56.21 -71.02
CA LYS C 703 11.61 -55.65 -71.01
C LYS C 703 12.03 -55.26 -69.60
N PRO C 704 13.31 -55.32 -69.30
CA PRO C 704 13.82 -54.76 -68.04
C PRO C 704 13.48 -53.28 -67.85
N VAL C 705 12.81 -52.96 -66.75
CA VAL C 705 12.52 -51.56 -66.41
C VAL C 705 13.47 -51.14 -65.32
N LEU C 706 14.28 -50.15 -65.59
CA LEU C 706 15.02 -49.45 -64.56
C LEU C 706 14.19 -48.25 -64.11
N PHE C 707 13.92 -48.16 -62.82
CA PHE C 707 12.97 -47.22 -62.25
C PHE C 707 13.69 -46.42 -61.16
N ALA C 708 13.98 -45.17 -61.42
CA ALA C 708 14.53 -44.29 -60.41
C ALA C 708 13.38 -43.61 -59.70
N TYR C 709 13.25 -43.83 -58.42
CA TYR C 709 12.11 -43.34 -57.63
C TYR C 709 12.59 -42.37 -56.58
N HIS C 710 11.81 -41.33 -56.33
CA HIS C 710 12.18 -40.27 -55.40
C HIS C 710 12.27 -40.77 -53.93
N SER C 711 11.45 -41.72 -53.52
CA SER C 711 11.31 -42.05 -52.11
C SER C 711 11.76 -43.48 -51.96
N TYR C 712 11.36 -44.21 -50.96
CA TYR C 712 11.77 -45.59 -50.76
C TYR C 712 11.23 -46.52 -51.85
N ALA C 713 12.14 -47.25 -52.50
CA ALA C 713 11.82 -48.29 -53.48
C ALA C 713 10.73 -49.26 -53.03
N HIS C 714 10.67 -49.54 -51.74
CA HIS C 714 9.60 -50.34 -51.15
C HIS C 714 8.19 -49.84 -51.47
N ASP C 715 7.97 -48.52 -51.55
CA ASP C 715 6.67 -47.96 -51.99
C ASP C 715 6.26 -48.49 -53.35
N VAL C 716 7.18 -48.49 -54.29
CA VAL C 716 6.85 -48.88 -55.66
C VAL C 716 6.72 -50.39 -55.77
N ARG C 717 7.62 -51.14 -55.15
CA ARG C 717 7.60 -52.60 -55.21
C ARG C 717 6.30 -53.14 -54.65
N GLY C 718 5.80 -52.52 -53.59
CA GLY C 718 4.53 -52.89 -53.03
C GLY C 718 3.33 -52.57 -53.89
N LEU C 719 3.37 -51.48 -54.62
CA LEU C 719 2.27 -51.03 -55.46
C LEU C 719 2.12 -51.84 -56.74
N ILE C 720 3.21 -52.30 -57.34
CA ILE C 720 3.15 -52.95 -58.64
C ILE C 720 3.14 -54.47 -58.52
N TYR C 721 2.75 -55.02 -57.37
CA TYR C 721 2.98 -56.44 -57.06
C TYR C 721 2.23 -57.38 -57.98
N ASP C 722 1.11 -56.92 -58.54
CA ASP C 722 0.35 -57.69 -59.51
C ASP C 722 0.27 -57.02 -60.88
N ARG C 723 1.17 -56.14 -61.20
CA ARG C 723 1.19 -55.52 -62.50
C ARG C 723 1.92 -56.42 -63.50
N PRO C 724 1.58 -56.32 -64.79
CA PRO C 724 2.37 -57.03 -65.83
C PRO C 724 3.82 -56.58 -65.84
N ASN C 725 4.70 -57.54 -66.04
CA ASN C 725 6.14 -57.32 -66.13
C ASN C 725 6.75 -56.79 -64.82
N HIS C 726 6.16 -57.08 -63.66
CA HIS C 726 6.65 -56.43 -62.45
C HIS C 726 7.91 -57.06 -61.91
N ASP C 727 8.14 -58.34 -62.20
CA ASP C 727 9.39 -59.01 -61.89
C ASP C 727 10.57 -58.45 -62.65
N ASN C 728 10.36 -57.65 -63.67
CA ASN C 728 11.46 -57.06 -64.38
C ASN C 728 11.79 -55.67 -63.92
N PHE C 729 10.99 -55.09 -63.05
CA PHE C 729 11.32 -53.79 -62.50
C PHE C 729 12.54 -53.89 -61.61
N ASN C 730 13.33 -52.83 -61.62
CA ASN C 730 14.50 -52.68 -60.79
C ASN C 730 14.43 -51.27 -60.20
N VAL C 731 13.85 -51.16 -59.02
CA VAL C 731 13.53 -49.86 -58.47
C VAL C 731 14.73 -49.35 -57.71
N HIS C 732 15.13 -48.11 -57.93
CA HIS C 732 16.15 -47.44 -57.13
C HIS C 732 15.48 -46.27 -56.45
N GLY C 733 15.53 -46.24 -55.14
CA GLY C 733 15.11 -45.10 -54.39
C GLY C 733 16.10 -44.54 -53.40
N TYR C 734 15.64 -43.69 -52.50
CA TYR C 734 16.38 -43.39 -51.29
C TYR C 734 16.64 -44.65 -50.49
N GLU C 735 17.87 -44.84 -50.09
CA GLU C 735 18.19 -46.03 -49.30
C GLU C 735 18.89 -45.68 -48.02
N GLU C 736 18.49 -44.60 -47.37
CA GLU C 736 19.04 -44.20 -46.06
C GLU C 736 20.54 -43.91 -46.11
N GLU C 737 21.05 -43.42 -47.21
CA GLU C 737 22.43 -42.98 -47.23
C GLU C 737 22.47 -41.50 -47.51
N GLY C 738 23.45 -40.85 -46.94
CA GLY C 738 23.67 -39.44 -47.16
C GLY C 738 24.41 -38.84 -46.00
N SER C 739 24.75 -37.60 -46.15
CA SER C 739 25.54 -36.82 -45.20
C SER C 739 25.38 -35.38 -45.66
N THR C 740 26.06 -34.45 -45.04
CA THR C 740 26.13 -33.12 -45.62
C THR C 740 27.18 -33.18 -46.71
N THR C 741 26.80 -32.93 -47.96
CA THR C 741 27.71 -33.27 -49.06
C THR C 741 27.27 -32.51 -50.33
N THR C 742 27.75 -32.89 -51.43
CA THR C 742 27.35 -32.26 -52.68
C THR C 742 26.11 -32.95 -53.24
N PRO C 743 25.39 -32.34 -54.18
CA PRO C 743 24.25 -33.05 -54.77
C PRO C 743 24.57 -34.32 -55.50
N TYR C 744 25.71 -34.39 -56.18
CA TYR C 744 26.11 -35.63 -56.85
C TYR C 744 26.34 -36.71 -55.83
N ASP C 745 27.02 -36.40 -54.74
CA ASP C 745 27.27 -37.41 -53.75
C ASP C 745 26.00 -37.95 -53.10
N MET C 746 24.93 -37.17 -52.99
CA MET C 746 23.64 -37.68 -52.53
C MET C 746 23.05 -38.72 -53.47
N VAL C 747 23.10 -38.48 -54.77
CA VAL C 747 22.55 -39.47 -55.67
C VAL C 747 23.48 -40.67 -55.79
N ARG C 748 24.79 -40.49 -55.64
CA ARG C 748 25.75 -41.55 -55.77
C ARG C 748 25.62 -42.59 -54.65
N VAL C 749 25.52 -42.14 -53.40
CA VAL C 749 25.48 -43.07 -52.29
C VAL C 749 24.16 -43.81 -52.20
N ASN C 750 23.13 -43.35 -52.87
CA ASN C 750 21.85 -44.02 -52.91
C ASN C 750 21.64 -44.77 -54.21
N ARG C 751 22.67 -44.84 -55.06
CA ARG C 751 22.71 -45.69 -56.27
C ARG C 751 21.67 -45.28 -57.28
N ILE C 752 21.53 -43.97 -57.46
CA ILE C 752 20.57 -43.38 -58.35
C ILE C 752 21.19 -42.32 -59.24
N ASP C 753 22.48 -42.03 -59.08
CA ASP C 753 23.23 -41.16 -59.97
C ASP C 753 23.25 -41.70 -61.38
N ARG C 754 23.45 -40.78 -62.33
CA ARG C 754 23.45 -41.08 -63.75
C ARG C 754 24.44 -42.15 -64.17
N TYR C 755 25.57 -42.31 -63.48
CA TYR C 755 26.57 -43.26 -63.90
C TYR C 755 26.21 -44.64 -63.44
N GLU C 756 25.71 -44.75 -62.22
CA GLU C 756 25.22 -46.02 -61.72
C GLU C 756 24.00 -46.51 -62.50
N LEU C 757 23.08 -45.60 -62.80
CA LEU C 757 21.91 -45.91 -63.60
C LEU C 757 22.27 -46.33 -65.02
N THR C 758 23.25 -45.66 -65.63
CA THR C 758 23.76 -46.11 -66.92
C THR C 758 24.33 -47.51 -66.83
N ALA C 759 25.08 -47.77 -65.78
CA ALA C 759 25.69 -49.08 -65.55
C ALA C 759 24.67 -50.15 -65.27
N GLU C 760 23.63 -49.84 -64.47
CA GLU C 760 22.57 -50.81 -64.21
C GLU C 760 21.80 -51.16 -65.46
N ALA C 761 21.53 -50.18 -66.32
CA ALA C 761 20.90 -50.47 -67.60
C ALA C 761 21.73 -51.43 -68.46
N LEU C 762 23.05 -51.27 -68.48
CA LEU C 762 23.89 -52.15 -69.27
C LEU C 762 23.98 -53.54 -68.66
N ARG C 763 23.93 -53.66 -67.34
CA ARG C 763 23.90 -54.98 -66.73
C ARG C 763 22.59 -55.70 -66.99
N MET C 764 21.50 -54.96 -67.07
CA MET C 764 20.20 -55.51 -67.41
C MET C 764 20.12 -55.93 -68.87
N ILE C 765 20.84 -55.25 -69.77
CA ILE C 765 20.74 -55.57 -71.19
C ILE C 765 21.67 -56.73 -71.52
N ASP C 766 22.95 -56.56 -71.22
CA ASP C 766 23.98 -57.59 -71.39
C ASP C 766 25.17 -57.19 -70.52
N ALA C 767 25.32 -57.80 -69.36
CA ALA C 767 26.35 -57.38 -68.41
C ALA C 767 27.75 -57.77 -68.82
N ASP C 768 27.87 -58.45 -69.96
CA ASP C 768 29.03 -59.17 -70.43
C ASP C 768 29.68 -58.53 -71.64
N LYS C 769 28.88 -58.11 -72.64
CA LYS C 769 29.41 -57.33 -73.74
C LYS C 769 29.69 -55.88 -73.33
N TYR C 770 29.02 -55.37 -72.31
CA TYR C 770 29.26 -54.02 -71.84
C TYR C 770 30.16 -54.00 -70.63
N ALA C 771 30.88 -55.10 -70.38
CA ALA C 771 31.65 -55.25 -69.16
C ALA C 771 32.75 -54.22 -69.04
N ASP C 772 33.36 -53.84 -70.16
CA ASP C 772 34.41 -52.83 -70.13
C ASP C 772 33.84 -51.48 -69.75
N LYS C 773 32.75 -51.09 -70.39
CA LYS C 773 32.14 -49.78 -70.18
C LYS C 773 31.50 -49.68 -68.81
N ILE C 774 30.99 -50.79 -68.28
CA ILE C 774 30.48 -50.82 -66.92
C ILE C 774 31.58 -50.53 -65.91
N ASP C 775 32.72 -51.24 -66.00
CA ASP C 775 33.88 -50.98 -65.14
C ASP C 775 34.39 -49.55 -65.29
N GLU C 776 34.23 -48.96 -66.45
CA GLU C 776 34.57 -47.57 -66.66
C GLU C 776 33.60 -46.61 -65.97
N LEU C 777 32.31 -46.89 -65.99
CA LEU C 777 31.37 -46.01 -65.33
C LEU C 777 31.53 -46.04 -63.81
N GLU C 778 31.75 -47.22 -63.24
CA GLU C 778 31.96 -47.37 -61.80
C GLU C 778 33.21 -46.68 -61.33
N LYS C 779 34.26 -46.63 -62.16
CA LYS C 779 35.46 -45.94 -61.76
C LYS C 779 35.29 -44.45 -61.80
N PHE C 780 34.51 -43.92 -62.74
CA PHE C 780 34.20 -42.50 -62.75
C PHE C 780 33.41 -42.07 -61.52
N ARG C 781 32.55 -42.94 -61.00
CA ARG C 781 31.76 -42.57 -59.84
C ARG C 781 32.63 -42.27 -58.65
N ASP C 782 33.68 -43.06 -58.48
CA ASP C 782 34.64 -42.83 -57.44
C ASP C 782 35.49 -41.61 -57.73
N GLU C 783 35.69 -41.28 -59.01
CA GLU C 783 36.51 -40.18 -59.39
C GLU C 783 35.77 -38.86 -59.29
N ALA C 784 34.51 -38.82 -59.72
CA ALA C 784 33.68 -37.65 -59.47
C ALA C 784 33.43 -37.42 -57.98
N PHE C 785 33.40 -38.47 -57.15
CA PHE C 785 33.39 -38.21 -55.71
C PHE C 785 34.71 -37.66 -55.21
N GLN C 786 35.82 -38.19 -55.69
CA GLN C 786 37.11 -37.66 -55.29
C GLN C 786 37.34 -36.22 -55.75
N PHE C 787 36.74 -35.81 -56.87
CA PHE C 787 36.78 -34.43 -57.29
C PHE C 787 36.08 -33.52 -56.28
N ALA C 788 34.89 -33.90 -55.83
CA ALA C 788 34.15 -33.09 -54.87
C ALA C 788 34.94 -32.91 -53.59
N VAL C 789 35.57 -33.97 -53.10
CA VAL C 789 36.41 -33.90 -51.91
C VAL C 789 37.57 -32.93 -52.11
N ASP C 790 38.25 -33.03 -53.26
CA ASP C 790 39.42 -32.22 -53.50
C ASP C 790 39.08 -30.75 -53.71
N ASN C 791 38.06 -30.46 -54.49
CA ASN C 791 37.84 -29.12 -54.99
C ASN C 791 36.75 -28.37 -54.27
N GLY C 792 35.79 -29.06 -53.67
CA GLY C 792 34.72 -28.41 -52.98
C GLY C 792 33.42 -28.20 -53.73
N TYR C 793 33.20 -28.88 -54.85
CA TYR C 793 32.05 -28.70 -55.72
C TYR C 793 32.10 -29.86 -56.68
N ASP C 794 30.99 -30.14 -57.34
CA ASP C 794 30.86 -31.33 -58.13
C ASP C 794 31.63 -31.24 -59.45
N HIS C 795 31.99 -32.39 -59.96
CA HIS C 795 32.73 -32.56 -61.20
C HIS C 795 32.00 -31.91 -62.37
N PRO C 796 32.71 -31.22 -63.26
CA PRO C 796 32.04 -30.52 -64.36
C PRO C 796 31.26 -31.40 -65.31
N ASP C 797 31.61 -32.68 -65.44
CA ASP C 797 30.75 -33.56 -66.22
C ASP C 797 29.39 -33.72 -65.59
N TYR C 798 29.31 -33.63 -64.27
CA TYR C 798 28.03 -33.64 -63.61
C TYR C 798 27.35 -32.29 -63.73
N THR C 799 28.00 -31.21 -63.29
CA THR C 799 27.31 -29.93 -63.13
C THR C 799 26.99 -29.24 -64.45
N ASP C 800 27.74 -29.49 -65.49
CA ASP C 800 27.58 -28.75 -66.72
C ASP C 800 26.74 -29.48 -67.74
N TRP C 801 26.12 -30.59 -67.37
CA TRP C 801 25.40 -31.42 -68.32
C TRP C 801 24.08 -30.76 -68.73
N VAL C 802 23.84 -30.72 -70.01
CA VAL C 802 22.56 -30.31 -70.55
C VAL C 802 22.11 -31.44 -71.45
N TYR C 803 20.83 -31.72 -71.45
CA TYR C 803 20.27 -32.73 -72.31
C TYR C 803 20.44 -32.39 -73.78
N SER C 804 20.77 -33.39 -74.58
CA SER C 804 21.12 -33.22 -75.99
C SER C 804 19.95 -32.67 -76.80
N GLY C 805 18.73 -32.91 -76.37
CA GLY C 805 17.55 -32.24 -76.90
C GLY C 805 17.55 -30.72 -76.82
N VAL C 806 18.43 -30.11 -76.04
CA VAL C 806 18.47 -28.66 -75.94
C VAL C 806 19.29 -28.09 -77.07
N ASN C 807 18.66 -27.23 -77.84
CA ASN C 807 19.30 -26.42 -78.84
C ASN C 807 19.67 -25.09 -78.32
N THR D 2 23.58 -48.16 -12.85
CA THR D 2 22.89 -46.90 -12.65
C THR D 2 23.82 -45.75 -13.01
N SER D 3 23.37 -44.53 -12.82
CA SER D 3 24.14 -43.36 -13.19
C SER D 3 25.33 -43.19 -12.24
N PRO D 4 26.50 -42.86 -12.74
CA PRO D 4 27.61 -42.54 -11.84
C PRO D 4 27.42 -41.16 -11.19
N VAL D 5 27.77 -41.08 -9.92
CA VAL D 5 27.97 -39.81 -9.24
C VAL D 5 29.31 -39.23 -9.68
N ILE D 6 29.29 -38.10 -10.36
CA ILE D 6 30.47 -37.50 -10.98
C ILE D 6 30.70 -36.16 -10.32
N GLY D 7 31.92 -35.90 -9.90
CA GLY D 7 32.27 -34.57 -9.44
C GLY D 7 31.78 -34.29 -8.03
N THR D 8 31.59 -33.02 -7.73
CA THR D 8 31.11 -32.55 -6.44
C THR D 8 29.82 -31.80 -6.72
N PRO D 9 28.69 -32.48 -6.76
CA PRO D 9 27.49 -31.81 -7.27
C PRO D 9 26.90 -30.84 -6.28
N TRP D 10 26.21 -29.86 -6.83
CA TRP D 10 25.37 -28.90 -6.14
C TRP D 10 26.17 -28.09 -5.09
N LYS D 11 27.35 -27.65 -5.46
CA LYS D 11 28.19 -26.84 -4.60
C LYS D 11 28.14 -25.37 -4.98
N LYS D 12 27.87 -24.53 -4.00
CA LYS D 12 27.99 -23.10 -4.16
C LYS D 12 29.46 -22.67 -4.27
N LEU D 13 29.65 -21.51 -4.86
CA LEU D 13 30.97 -20.96 -5.09
C LEU D 13 31.49 -20.22 -3.86
N ASN D 14 30.64 -19.43 -3.22
CA ASN D 14 30.91 -18.65 -2.01
C ASN D 14 32.03 -17.60 -2.22
N ALA D 15 32.17 -17.10 -3.43
CA ALA D 15 33.10 -16.07 -3.83
C ALA D 15 32.62 -15.48 -5.15
N PRO D 16 33.00 -14.25 -5.48
CA PRO D 16 32.70 -13.73 -6.81
C PRO D 16 33.52 -14.49 -7.84
N VAL D 17 33.03 -14.51 -9.06
CA VAL D 17 33.80 -15.10 -10.14
C VAL D 17 35.07 -14.27 -10.35
N SER D 18 36.18 -14.96 -10.52
CA SER D 18 37.46 -14.29 -10.61
C SER D 18 37.57 -13.57 -11.95
N GLU D 19 38.20 -12.41 -11.91
CA GLU D 19 38.41 -11.62 -13.11
C GLU D 19 39.27 -12.36 -14.14
N GLU D 20 40.20 -13.20 -13.69
CA GLU D 20 40.97 -14.01 -14.62
C GLU D 20 40.09 -15.01 -15.36
N ALA D 21 39.21 -15.73 -14.66
CA ALA D 21 38.29 -16.65 -15.32
C ALA D 21 37.40 -15.96 -16.33
N LEU D 22 36.95 -14.75 -16.02
CA LEU D 22 36.18 -14.00 -16.99
C LEU D 22 37.00 -13.59 -18.19
N GLU D 23 38.28 -13.33 -17.98
CA GLU D 23 39.17 -13.06 -19.10
C GLU D 23 39.38 -14.30 -19.94
N GLY D 24 39.42 -15.47 -19.31
CA GLY D 24 39.29 -16.72 -20.03
C GLY D 24 38.01 -16.85 -20.84
N VAL D 25 36.85 -16.56 -20.24
CA VAL D 25 35.59 -16.74 -20.95
C VAL D 25 35.50 -15.83 -22.17
N ASP D 26 36.04 -14.62 -22.06
CA ASP D 26 35.98 -13.71 -23.19
C ASP D 26 36.85 -14.16 -24.34
N LYS D 27 38.02 -14.71 -24.05
CA LYS D 27 38.85 -15.30 -25.09
C LYS D 27 38.22 -16.56 -25.66
N TYR D 28 37.63 -17.42 -24.83
CA TYR D 28 36.86 -18.55 -25.34
C TYR D 28 35.84 -18.10 -26.38
N TRP D 29 35.03 -17.07 -26.08
CA TRP D 29 33.99 -16.63 -26.97
C TRP D 29 34.57 -16.14 -28.29
N ARG D 30 35.64 -15.34 -28.24
CA ARG D 30 36.32 -14.89 -29.44
C ARG D 30 36.83 -16.04 -30.29
N VAL D 31 37.55 -16.99 -29.71
CA VAL D 31 38.12 -18.08 -30.46
C VAL D 31 37.04 -19.08 -30.90
N ALA D 32 36.02 -19.34 -30.08
CA ALA D 32 34.97 -20.20 -30.56
C ALA D 32 34.22 -19.53 -31.70
N ASN D 33 34.06 -18.21 -31.67
CA ASN D 33 33.38 -17.52 -32.76
C ASN D 33 34.21 -17.56 -34.03
N TYR D 34 35.50 -17.28 -33.90
CA TYR D 34 36.46 -17.45 -34.99
C TYR D 34 36.42 -18.86 -35.56
N LEU D 35 36.43 -19.87 -34.71
CA LEU D 35 36.46 -21.25 -35.19
C LEU D 35 35.13 -21.66 -35.77
N SER D 36 34.05 -21.07 -35.31
CA SER D 36 32.77 -21.30 -35.93
C SER D 36 32.71 -20.72 -37.34
N ILE D 37 33.15 -19.47 -37.53
CA ILE D 37 33.25 -18.81 -38.85
C ILE D 37 34.24 -19.53 -39.77
N GLY D 38 35.38 -19.98 -39.25
CA GLY D 38 36.34 -20.68 -40.07
C GLY D 38 35.79 -21.96 -40.68
N GLN D 39 34.99 -22.70 -39.90
CA GLN D 39 34.32 -23.91 -40.31
C GLN D 39 33.28 -23.67 -41.40
N ILE D 40 32.54 -22.55 -41.32
CA ILE D 40 31.56 -22.19 -42.32
C ILE D 40 32.23 -21.68 -43.60
N TYR D 41 33.21 -20.79 -43.50
CA TYR D 41 33.67 -20.03 -44.66
C TYR D 41 34.97 -20.54 -45.29
N LEU D 42 35.89 -21.11 -44.56
CA LEU D 42 37.25 -21.32 -45.01
C LEU D 42 37.55 -22.75 -45.42
N ARG D 43 38.13 -22.92 -46.58
CA ARG D 43 38.66 -24.21 -46.98
C ARG D 43 40.16 -24.29 -46.82
N SER D 44 40.85 -23.17 -46.78
CA SER D 44 42.29 -23.12 -46.58
C SER D 44 42.63 -21.93 -45.75
N ASN D 45 43.91 -21.87 -45.39
CA ASN D 45 44.57 -20.73 -44.75
C ASN D 45 43.85 -20.24 -43.49
N PRO D 46 43.74 -21.09 -42.46
CA PRO D 46 42.83 -20.81 -41.34
C PRO D 46 43.17 -19.57 -40.54
N LEU D 47 44.45 -19.26 -40.44
CA LEU D 47 44.92 -18.13 -39.66
C LEU D 47 45.18 -16.91 -40.52
N MET D 48 44.66 -16.89 -41.75
CA MET D 48 44.75 -15.76 -42.69
C MET D 48 46.18 -15.24 -42.86
N LYS D 49 47.14 -16.15 -43.07
CA LYS D 49 48.47 -15.76 -43.48
C LYS D 49 48.41 -15.12 -44.83
N GLU D 50 49.18 -14.08 -45.02
CA GLU D 50 49.51 -13.47 -46.30
C GLU D 50 49.97 -14.53 -47.31
N PRO D 51 49.25 -14.72 -48.44
CA PRO D 51 48.03 -13.96 -48.74
C PRO D 51 46.74 -14.74 -48.46
N PHE D 52 45.85 -14.06 -47.78
CA PHE D 52 44.50 -14.53 -47.54
C PHE D 52 43.61 -13.96 -48.62
N THR D 53 43.20 -14.79 -49.57
CA THR D 53 42.41 -14.32 -50.69
C THR D 53 41.12 -15.13 -50.80
N ARG D 54 40.31 -14.80 -51.80
CA ARG D 54 39.04 -15.43 -52.07
C ARG D 54 39.16 -16.90 -52.39
N GLU D 55 40.30 -17.37 -52.85
CA GLU D 55 40.54 -18.80 -53.01
C GLU D 55 40.52 -19.58 -51.70
N ASP D 56 40.75 -18.95 -50.57
CA ASP D 56 40.63 -19.65 -49.31
C ASP D 56 39.19 -19.87 -48.87
N VAL D 57 38.21 -19.33 -49.57
CA VAL D 57 36.82 -19.39 -49.16
C VAL D 57 36.20 -20.62 -49.80
N LYS D 58 35.37 -21.33 -49.04
CA LYS D 58 34.66 -22.48 -49.56
C LYS D 58 33.71 -22.09 -50.70
N HIS D 59 33.63 -22.97 -51.66
CA HIS D 59 32.81 -22.70 -52.84
C HIS D 59 31.34 -22.69 -52.54
N ARG D 60 30.93 -23.40 -51.53
CA ARG D 60 29.54 -23.44 -51.15
C ARG D 60 29.43 -23.25 -49.65
N LEU D 61 28.68 -22.28 -49.23
CA LEU D 61 28.59 -21.96 -47.82
C LEU D 61 27.41 -22.68 -47.22
N VAL D 62 27.69 -23.55 -46.28
CA VAL D 62 26.75 -24.40 -45.59
C VAL D 62 26.88 -24.12 -44.10
N GLY D 63 25.77 -24.04 -43.41
CA GLY D 63 25.80 -23.92 -41.97
C GLY D 63 25.06 -22.69 -41.53
N HIS D 64 25.08 -22.48 -40.23
CA HIS D 64 24.21 -21.51 -39.59
C HIS D 64 25.05 -20.66 -38.67
N TRP D 65 25.08 -19.38 -38.93
CA TRP D 65 25.68 -18.43 -38.03
C TRP D 65 24.75 -17.94 -36.92
N GLY D 66 23.44 -17.77 -37.14
CA GLY D 66 22.62 -16.91 -36.30
C GLY D 66 22.57 -17.31 -34.83
N THR D 67 22.30 -18.57 -34.57
CA THR D 67 22.32 -19.08 -33.21
C THR D 67 23.74 -19.21 -32.62
N THR D 68 24.78 -19.31 -33.44
CA THR D 68 26.11 -19.75 -33.00
C THR D 68 26.82 -18.83 -32.00
N PRO D 69 26.97 -17.52 -32.21
CA PRO D 69 27.69 -16.75 -31.21
C PRO D 69 26.97 -16.70 -29.88
N GLY D 70 25.66 -16.79 -29.86
CA GLY D 70 24.96 -16.95 -28.61
C GLY D 70 25.26 -18.27 -27.92
N LEU D 71 25.38 -19.34 -28.68
CA LEU D 71 25.70 -20.64 -28.10
C LEU D 71 27.12 -20.65 -27.58
N ASN D 72 28.05 -20.04 -28.31
CA ASN D 72 29.45 -19.92 -27.89
C ASN D 72 29.62 -19.12 -26.61
N PHE D 73 28.77 -18.10 -26.42
CA PHE D 73 28.76 -17.31 -25.20
C PHE D 73 28.36 -18.19 -24.04
N LEU D 74 27.20 -18.83 -24.16
CA LEU D 74 26.66 -19.70 -23.14
C LEU D 74 27.60 -20.84 -22.81
N ILE D 75 28.19 -21.47 -23.81
CA ILE D 75 29.08 -22.61 -23.63
C ILE D 75 30.37 -22.20 -22.93
N GLY D 76 30.95 -21.06 -23.31
CA GLY D 76 32.05 -20.48 -22.56
C GLY D 76 31.79 -20.27 -21.09
N HIS D 77 30.64 -19.71 -20.74
CA HIS D 77 30.29 -19.48 -19.35
C HIS D 77 29.97 -20.77 -18.63
N ILE D 78 29.38 -21.76 -19.32
CA ILE D 78 29.09 -23.05 -18.74
C ILE D 78 30.37 -23.82 -18.46
N ASN D 79 31.35 -23.78 -19.36
CA ASN D 79 32.67 -24.35 -19.10
C ASN D 79 33.38 -23.74 -17.90
N ARG D 80 33.37 -22.41 -17.77
CA ARG D 80 33.86 -21.75 -16.56
C ARG D 80 33.13 -22.25 -15.32
N PHE D 81 31.81 -22.25 -15.33
CA PHE D 81 31.01 -22.84 -14.27
C PHE D 81 31.45 -24.25 -13.94
N ILE D 82 31.72 -25.09 -14.93
CA ILE D 82 31.99 -26.49 -14.65
C ILE D 82 33.33 -26.63 -13.95
N ALA D 83 34.35 -25.94 -14.46
CA ALA D 83 35.68 -25.98 -13.86
C ALA D 83 35.71 -25.40 -12.45
N ASP D 84 34.97 -24.33 -12.17
CA ASP D 84 34.89 -23.74 -10.84
C ASP D 84 34.11 -24.59 -9.82
N HIS D 85 33.11 -25.35 -10.25
CA HIS D 85 32.27 -26.03 -9.29
C HIS D 85 32.45 -27.55 -9.27
N GLY D 86 33.19 -28.11 -10.21
CA GLY D 86 33.17 -29.54 -10.43
C GLY D 86 31.80 -30.17 -10.62
N GLN D 87 30.91 -29.53 -11.35
CA GLN D 87 29.58 -30.06 -11.60
C GLN D 87 29.53 -31.02 -12.80
N ASN D 88 28.98 -32.20 -12.59
CA ASN D 88 28.55 -33.13 -13.63
C ASN D 88 27.49 -32.48 -14.54
N THR D 89 27.80 -32.28 -15.79
CA THR D 89 27.00 -31.39 -16.65
C THR D 89 26.91 -32.00 -18.04
N VAL D 90 25.71 -32.07 -18.59
CA VAL D 90 25.46 -32.34 -20.00
C VAL D 90 24.65 -31.20 -20.60
N ILE D 91 25.05 -30.71 -21.75
CA ILE D 91 24.30 -29.65 -22.43
C ILE D 91 23.36 -30.28 -23.46
N ILE D 92 22.14 -29.81 -23.49
CA ILE D 92 21.23 -30.07 -24.58
C ILE D 92 21.25 -28.84 -25.49
N MET D 93 21.74 -28.98 -26.70
CA MET D 93 21.80 -27.91 -27.68
C MET D 93 20.57 -28.04 -28.58
N GLY D 94 19.48 -27.47 -28.11
CA GLY D 94 18.23 -27.36 -28.80
C GLY D 94 18.30 -26.81 -30.20
N PRO D 95 18.94 -25.63 -30.42
CA PRO D 95 19.18 -25.17 -31.81
C PRO D 95 20.37 -25.92 -32.40
N GLY D 96 20.09 -27.15 -32.82
CA GLY D 96 21.14 -28.07 -33.12
C GLY D 96 21.85 -27.77 -34.41
N HIS D 97 21.27 -26.92 -35.25
CA HIS D 97 21.93 -26.31 -36.38
C HIS D 97 23.04 -25.35 -35.98
N GLY D 98 23.24 -25.08 -34.71
CA GLY D 98 24.43 -24.49 -34.16
C GLY D 98 25.59 -25.44 -33.96
N GLY D 99 25.69 -26.41 -34.85
CA GLY D 99 26.79 -27.30 -35.06
C GLY D 99 28.17 -26.74 -34.82
N PRO D 100 28.61 -25.66 -35.52
CA PRO D 100 29.96 -25.10 -35.27
C PRO D 100 30.30 -24.77 -33.84
N ALA D 101 29.33 -24.42 -33.00
CA ALA D 101 29.57 -24.22 -31.57
C ALA D 101 29.93 -25.52 -30.84
N GLY D 102 29.24 -26.60 -31.18
CA GLY D 102 29.52 -27.88 -30.59
C GLY D 102 30.84 -28.46 -31.00
N THR D 103 31.20 -28.36 -32.29
CA THR D 103 32.49 -28.82 -32.74
C THR D 103 33.60 -27.93 -32.24
N SER D 104 33.36 -26.61 -32.14
CA SER D 104 34.37 -25.69 -31.63
C SER D 104 34.66 -25.98 -30.16
N GLN D 105 33.61 -26.28 -29.38
CA GLN D 105 33.73 -26.64 -27.98
C GLN D 105 34.60 -27.87 -27.82
N SER D 106 34.29 -28.93 -28.54
CA SER D 106 35.04 -30.15 -28.48
C SER D 106 36.47 -29.96 -28.98
N TYR D 107 36.70 -29.06 -29.92
CA TYR D 107 38.08 -28.76 -30.35
C TYR D 107 38.86 -28.03 -29.28
N LEU D 108 38.24 -27.05 -28.65
CA LEU D 108 38.83 -26.30 -27.55
C LEU D 108 39.02 -27.12 -26.28
N ASP D 109 38.06 -27.99 -25.89
CA ASP D 109 38.25 -28.81 -24.69
C ASP D 109 39.20 -29.99 -24.91
N GLY D 110 39.68 -30.20 -26.10
CA GLY D 110 40.64 -31.20 -26.40
C GLY D 110 40.07 -32.56 -26.73
N THR D 111 38.79 -32.77 -26.51
CA THR D 111 38.20 -34.06 -26.83
C THR D 111 38.10 -34.30 -28.30
N TYR D 112 38.15 -33.28 -29.15
CA TYR D 112 38.05 -33.55 -30.59
C TYR D 112 39.31 -34.25 -31.10
N THR D 113 40.48 -33.77 -30.72
CA THR D 113 41.72 -34.34 -31.22
C THR D 113 41.96 -35.70 -30.63
N GLU D 114 41.58 -35.89 -29.37
CA GLU D 114 41.52 -37.20 -28.72
C GLU D 114 40.71 -38.22 -29.51
N THR D 115 39.52 -37.86 -29.93
CA THR D 115 38.59 -38.71 -30.66
C THR D 115 38.96 -38.82 -32.12
N PHE D 116 39.49 -37.76 -32.72
CA PHE D 116 39.74 -37.68 -34.15
C PHE D 116 41.18 -37.28 -34.30
N PRO D 117 42.10 -38.23 -34.23
CA PRO D 117 43.54 -37.92 -34.15
C PRO D 117 44.12 -37.16 -35.34
N LYS D 118 43.55 -37.21 -36.53
CA LYS D 118 44.05 -36.38 -37.62
C LYS D 118 43.78 -34.88 -37.43
N ILE D 119 42.86 -34.47 -36.57
CA ILE D 119 42.52 -33.06 -36.45
C ILE D 119 43.35 -32.56 -35.28
N THR D 120 44.58 -32.16 -35.58
CA THR D 120 45.54 -31.81 -34.53
C THR D 120 45.34 -30.37 -34.09
N LYS D 121 45.94 -30.05 -32.97
CA LYS D 121 45.88 -28.71 -32.38
C LYS D 121 47.04 -27.85 -32.84
N ASP D 122 47.09 -27.63 -34.13
CA ASP D 122 48.06 -26.76 -34.78
C ASP D 122 47.47 -26.32 -36.11
N GLU D 123 48.28 -25.67 -36.94
CA GLU D 123 47.74 -24.96 -38.08
C GLU D 123 47.26 -25.90 -39.16
N ALA D 124 47.94 -27.03 -39.36
CA ALA D 124 47.42 -28.00 -40.31
C ALA D 124 46.21 -28.75 -39.78
N GLY D 125 46.12 -29.00 -38.47
CA GLY D 125 44.91 -29.55 -37.96
C GLY D 125 43.76 -28.58 -38.00
N LEU D 126 44.05 -27.30 -37.83
CA LEU D 126 43.04 -26.26 -37.90
C LEU D 126 42.49 -26.07 -39.30
N GLN D 127 43.34 -26.29 -40.29
CA GLN D 127 42.93 -26.27 -41.68
C GLN D 127 42.00 -27.41 -41.98
N LYS D 128 42.35 -28.61 -41.52
CA LYS D 128 41.47 -29.76 -41.65
C LYS D 128 40.19 -29.59 -40.86
N PHE D 129 40.26 -28.96 -39.70
CA PHE D 129 39.07 -28.70 -38.91
C PHE D 129 38.09 -27.82 -39.66
N PHE D 130 38.58 -26.78 -40.34
CA PHE D 130 37.72 -25.81 -41.02
C PHE D 130 37.15 -26.38 -42.30
N ARG D 131 37.98 -27.03 -43.11
CA ARG D 131 37.52 -27.61 -44.36
C ARG D 131 36.46 -28.69 -44.17
N GLN D 132 36.61 -29.59 -43.19
CA GLN D 132 35.73 -30.75 -43.02
C GLN D 132 34.28 -30.39 -42.66
N PHE D 133 34.03 -29.24 -42.05
CA PHE D 133 32.70 -28.90 -41.60
C PHE D 133 31.76 -28.77 -42.77
N SER D 134 30.71 -29.58 -42.74
CA SER D 134 29.61 -29.61 -43.71
C SER D 134 30.08 -29.71 -45.13
N TYR D 135 31.03 -30.56 -45.38
CA TYR D 135 31.77 -30.66 -46.61
C TYR D 135 31.78 -32.10 -47.09
N PRO D 136 31.88 -32.36 -48.40
CA PRO D 136 31.89 -33.75 -48.89
C PRO D 136 33.01 -34.62 -48.31
N GLY D 137 32.62 -35.65 -47.60
CA GLY D 137 33.54 -36.49 -46.86
C GLY D 137 34.02 -35.95 -45.54
N GLY D 138 33.44 -34.87 -45.03
CA GLY D 138 33.75 -34.32 -43.72
C GLY D 138 32.70 -34.67 -42.70
N ILE D 139 32.21 -33.71 -41.94
CA ILE D 139 31.40 -33.94 -40.75
C ILE D 139 30.08 -33.19 -40.94
N PRO D 140 29.03 -33.43 -40.17
CA PRO D 140 27.73 -32.84 -40.51
C PRO D 140 27.58 -31.37 -40.09
N SER D 141 26.52 -30.78 -40.57
CA SER D 141 26.20 -29.40 -40.21
C SER D 141 25.65 -29.22 -38.82
N HIS D 142 25.06 -30.24 -38.23
CA HIS D 142 24.38 -30.14 -36.97
C HIS D 142 25.27 -30.66 -35.85
N PHE D 143 24.74 -30.64 -34.64
CA PHE D 143 25.37 -31.21 -33.44
C PHE D 143 25.17 -32.73 -33.37
N ALA D 144 25.68 -33.39 -34.38
CA ALA D 144 25.43 -34.76 -34.76
C ALA D 144 26.02 -35.75 -33.74
N PRO D 145 25.64 -37.04 -33.76
CA PRO D 145 26.29 -38.00 -32.85
C PRO D 145 27.79 -38.17 -33.06
N GLU D 146 28.32 -37.81 -34.21
CA GLU D 146 29.76 -37.72 -34.45
C GLU D 146 30.52 -36.73 -33.56
N THR D 147 29.89 -35.79 -32.95
CA THR D 147 30.51 -34.78 -32.11
C THR D 147 30.60 -35.25 -30.67
N PRO D 148 31.78 -35.24 -30.04
CA PRO D 148 31.86 -35.49 -28.60
C PRO D 148 31.08 -34.47 -27.79
N GLY D 149 30.23 -34.95 -26.91
CA GLY D 149 29.37 -34.11 -26.13
C GLY D 149 27.91 -34.07 -26.54
N SER D 150 27.54 -34.47 -27.73
CA SER D 150 26.15 -34.44 -28.13
C SER D 150 25.39 -35.70 -27.68
N ILE D 151 24.20 -35.52 -27.12
CA ILE D 151 23.20 -36.58 -27.04
C ILE D 151 21.93 -36.22 -27.78
N HIS D 152 21.96 -35.21 -28.61
CA HIS D 152 20.76 -34.61 -29.18
C HIS D 152 21.21 -33.82 -30.39
N GLU D 153 20.81 -34.24 -31.57
CA GLU D 153 21.21 -33.52 -32.76
C GLU D 153 20.45 -32.21 -32.92
N GLY D 154 19.22 -32.13 -32.45
CA GLY D 154 18.40 -30.94 -32.60
C GLY D 154 18.24 -30.50 -34.03
N GLY D 155 18.11 -31.43 -34.95
CA GLY D 155 17.80 -31.12 -36.33
C GLY D 155 16.33 -30.82 -36.48
N GLU D 156 15.53 -31.81 -36.21
CA GLU D 156 14.13 -31.60 -35.97
C GLU D 156 13.88 -30.98 -34.60
N LEU D 157 13.18 -29.89 -34.58
CA LEU D 157 13.11 -29.07 -33.36
C LEU D 157 11.95 -29.44 -32.45
N GLY D 158 12.15 -29.24 -31.17
CA GLY D 158 11.12 -29.39 -30.17
C GLY D 158 11.29 -30.49 -29.16
N TYR D 159 12.39 -31.24 -29.11
CA TYR D 159 12.58 -32.31 -28.15
C TYR D 159 13.64 -32.00 -27.11
N ALA D 160 14.14 -30.78 -27.07
CA ALA D 160 15.21 -30.39 -26.15
C ALA D 160 14.84 -30.63 -24.69
N LEU D 161 13.63 -30.28 -24.30
CA LEU D 161 13.27 -30.36 -22.90
C LEU D 161 12.89 -31.75 -22.49
N SER D 162 12.20 -32.50 -23.34
CA SER D 162 11.94 -33.90 -23.07
C SER D 162 13.25 -34.68 -22.92
N HIS D 163 14.24 -34.35 -23.72
CA HIS D 163 15.50 -35.03 -23.60
C HIS D 163 16.25 -34.57 -22.37
N ALA D 164 16.16 -33.28 -22.05
CA ALA D 164 16.80 -32.79 -20.85
C ALA D 164 16.25 -33.47 -19.60
N TYR D 165 14.95 -33.56 -19.49
CA TYR D 165 14.33 -34.15 -18.31
C TYR D 165 14.48 -35.65 -18.27
N GLY D 166 14.46 -36.36 -19.39
CA GLY D 166 14.80 -37.77 -19.41
C GLY D 166 16.20 -38.05 -18.92
N ALA D 167 17.16 -37.20 -19.28
CA ALA D 167 18.55 -37.33 -18.88
C ALA D 167 18.73 -37.28 -17.37
N ILE D 168 18.00 -36.43 -16.68
CA ILE D 168 18.20 -36.24 -15.25
C ILE D 168 17.42 -37.22 -14.40
N MET D 169 16.49 -37.99 -14.96
CA MET D 169 15.75 -38.99 -14.19
C MET D 169 16.69 -40.02 -13.63
N ASP D 170 16.55 -40.35 -12.35
CA ASP D 170 17.45 -41.26 -11.57
C ASP D 170 18.92 -40.90 -11.71
N ASN D 171 19.19 -39.65 -11.97
CA ASN D 171 20.53 -39.13 -12.17
C ASN D 171 20.67 -37.91 -11.24
N PRO D 172 20.70 -38.14 -9.93
CA PRO D 172 20.64 -37.02 -8.98
C PRO D 172 21.88 -36.14 -8.94
N SER D 173 23.03 -36.53 -9.43
CA SER D 173 24.13 -35.58 -9.53
C SER D 173 24.18 -34.82 -10.86
N LEU D 174 23.32 -35.09 -11.83
CA LEU D 174 23.47 -34.50 -13.16
C LEU D 174 22.77 -33.15 -13.30
N PHE D 175 23.49 -32.16 -13.77
CA PHE D 175 22.98 -30.83 -14.15
C PHE D 175 22.88 -30.76 -15.68
N VAL D 176 21.71 -30.38 -16.20
CA VAL D 176 21.50 -30.26 -17.64
C VAL D 176 21.05 -28.85 -17.94
N PRO D 177 21.92 -28.02 -18.48
CA PRO D 177 21.54 -26.74 -19.08
C PRO D 177 20.92 -27.01 -20.45
N ALA D 178 19.68 -26.69 -20.61
CA ALA D 178 18.94 -27.06 -21.82
C ALA D 178 18.63 -25.82 -22.66
N ILE D 179 19.34 -25.65 -23.74
CA ILE D 179 19.23 -24.46 -24.55
C ILE D 179 18.08 -24.63 -25.52
N VAL D 180 17.11 -23.77 -25.47
CA VAL D 180 15.91 -23.87 -26.25
C VAL D 180 15.87 -22.70 -27.21
N GLY D 181 15.85 -22.96 -28.50
CA GLY D 181 15.51 -21.99 -29.52
C GLY D 181 14.24 -21.18 -29.27
N ASP D 182 14.17 -19.89 -29.53
CA ASP D 182 12.88 -19.27 -29.29
C ASP D 182 11.87 -19.58 -30.40
N GLY D 183 12.35 -19.90 -31.59
CA GLY D 183 11.53 -20.53 -32.59
C GLY D 183 11.15 -21.95 -32.21
N GLU D 184 12.09 -22.70 -31.70
CA GLU D 184 11.82 -24.06 -31.25
C GLU D 184 10.75 -24.10 -30.15
N ALA D 185 10.70 -23.10 -29.29
CA ALA D 185 9.65 -22.96 -28.32
C ALA D 185 8.23 -22.78 -28.90
N GLU D 186 8.09 -22.42 -30.17
CA GLU D 186 6.80 -22.45 -30.86
C GLU D 186 6.29 -23.86 -31.19
N THR D 187 7.10 -24.92 -31.15
CA THR D 187 6.61 -26.22 -31.57
C THR D 187 5.72 -26.84 -30.50
N GLY D 188 4.87 -27.74 -30.93
CA GLY D 188 4.10 -28.62 -30.07
C GLY D 188 4.93 -29.31 -29.01
N PRO D 189 5.86 -30.20 -29.41
CA PRO D 189 6.66 -30.94 -28.43
C PRO D 189 7.43 -30.09 -27.43
N LEU D 190 7.99 -28.98 -27.83
CA LEU D 190 8.61 -28.12 -26.85
C LEU D 190 7.60 -27.51 -25.89
N ALA D 191 6.46 -27.03 -26.37
CA ALA D 191 5.48 -26.33 -25.54
C ALA D 191 5.01 -27.19 -24.37
N THR D 192 4.71 -28.47 -24.60
CA THR D 192 4.36 -29.32 -23.49
C THR D 192 5.56 -29.74 -22.60
N GLY D 193 6.77 -29.76 -23.14
CA GLY D 193 8.01 -30.07 -22.45
C GLY D 193 8.33 -29.22 -21.25
N TRP D 194 7.84 -28.00 -21.18
CA TRP D 194 7.98 -27.17 -20.00
C TRP D 194 7.30 -27.72 -18.76
N GLN D 195 6.25 -28.50 -18.90
CA GLN D 195 5.55 -29.09 -17.78
C GLN D 195 6.22 -30.30 -17.16
N SER D 196 7.35 -30.75 -17.70
CA SER D 196 8.01 -31.93 -17.22
C SER D 196 8.51 -31.77 -15.80
N ASN D 197 8.69 -30.53 -15.31
CA ASN D 197 9.13 -30.27 -13.94
C ASN D 197 8.09 -30.73 -12.90
N LYS D 198 6.88 -31.01 -13.30
CA LYS D 198 5.90 -31.64 -12.48
C LYS D 198 6.06 -33.17 -12.44
N LEU D 199 6.98 -33.74 -13.18
CA LEU D 199 7.18 -35.17 -13.20
C LEU D 199 8.56 -35.57 -12.69
N VAL D 200 9.36 -34.66 -12.18
CA VAL D 200 10.67 -34.99 -11.66
C VAL D 200 10.71 -34.63 -10.19
N ASN D 201 11.63 -35.24 -9.48
CA ASN D 201 11.79 -35.06 -8.07
C ASN D 201 13.19 -34.56 -7.79
N PRO D 202 13.35 -33.45 -7.09
CA PRO D 202 14.68 -32.88 -6.90
C PRO D 202 15.59 -33.68 -5.98
N ARG D 203 15.08 -34.59 -5.19
CA ARG D 203 16.02 -35.48 -4.53
C ARG D 203 16.47 -36.64 -5.42
N THR D 204 15.56 -37.40 -6.00
CA THR D 204 15.89 -38.61 -6.70
C THR D 204 16.36 -38.36 -8.12
N ASP D 205 16.11 -37.21 -8.69
CA ASP D 205 16.53 -36.84 -10.04
C ASP D 205 17.53 -35.68 -10.02
N GLY D 206 18.09 -35.35 -11.16
CA GLY D 206 18.96 -34.19 -11.28
C GLY D 206 18.22 -32.89 -11.46
N ILE D 207 18.84 -31.92 -12.12
CA ILE D 207 18.27 -30.59 -12.28
C ILE D 207 18.42 -30.16 -13.73
N VAL D 208 17.35 -29.72 -14.33
CA VAL D 208 17.37 -29.07 -15.63
C VAL D 208 17.25 -27.57 -15.41
N LEU D 209 18.15 -26.81 -16.00
CA LEU D 209 18.02 -25.36 -16.18
C LEU D 209 17.64 -25.02 -17.62
N PRO D 210 16.40 -24.70 -17.90
CA PRO D 210 16.07 -24.35 -19.27
C PRO D 210 16.60 -22.97 -19.58
N ILE D 211 17.19 -22.82 -20.75
CA ILE D 211 17.74 -21.56 -21.23
C ILE D 211 17.07 -21.21 -22.54
N LEU D 212 16.22 -20.21 -22.51
CA LEU D 212 15.50 -19.78 -23.70
C LEU D 212 16.40 -18.86 -24.47
N HIS D 213 16.88 -19.33 -25.61
CA HIS D 213 17.75 -18.59 -26.51
C HIS D 213 16.91 -17.58 -27.30
N LEU D 214 16.47 -16.55 -26.59
CA LEU D 214 15.56 -15.53 -27.09
C LEU D 214 16.30 -14.53 -27.98
N ASN D 215 16.67 -14.98 -29.15
CA ASN D 215 17.40 -14.07 -30.01
C ASN D 215 16.46 -13.30 -30.91
N GLY D 216 15.17 -13.53 -30.82
CA GLY D 216 14.18 -12.73 -31.47
C GLY D 216 13.63 -13.24 -32.78
N TYR D 217 14.27 -14.23 -33.41
CA TYR D 217 14.10 -14.61 -34.80
C TYR D 217 14.28 -16.12 -34.90
N LYS D 218 13.58 -16.69 -35.84
CA LYS D 218 13.67 -18.00 -36.39
C LYS D 218 14.21 -17.78 -37.82
N ILE D 219 13.86 -18.61 -38.79
CA ILE D 219 14.50 -18.53 -40.12
C ILE D 219 14.25 -17.17 -40.79
N ALA D 220 13.02 -16.75 -40.87
CA ALA D 220 12.68 -15.60 -41.66
C ALA D 220 11.66 -14.70 -41.00
N ASN D 221 11.31 -14.96 -39.75
CA ASN D 221 10.22 -14.38 -38.98
C ASN D 221 10.72 -14.02 -37.60
N PRO D 222 10.06 -13.08 -36.94
CA PRO D 222 10.25 -12.93 -35.50
C PRO D 222 9.65 -14.09 -34.74
N THR D 223 9.98 -14.18 -33.49
CA THR D 223 9.47 -15.24 -32.67
C THR D 223 8.39 -14.66 -31.77
N ILE D 224 7.31 -15.40 -31.61
CA ILE D 224 6.21 -15.08 -30.69
C ILE D 224 6.71 -14.69 -29.30
N LEU D 225 7.58 -15.48 -28.71
CA LEU D 225 7.96 -15.23 -27.33
C LEU D 225 8.84 -14.01 -27.18
N SER D 226 9.46 -13.52 -28.21
CA SER D 226 10.25 -12.30 -28.11
C SER D 226 9.47 -11.06 -28.48
N ARG D 227 8.26 -11.20 -28.97
CA ARG D 227 7.43 -10.08 -29.36
C ARG D 227 6.25 -9.82 -28.44
N ILE D 228 5.94 -10.69 -27.52
CA ILE D 228 4.94 -10.49 -26.49
C ILE D 228 5.60 -9.67 -25.40
N SER D 229 4.84 -9.18 -24.47
CA SER D 229 5.42 -8.32 -23.47
C SER D 229 6.26 -9.12 -22.47
N ASP D 230 7.16 -8.42 -21.83
CA ASP D 230 8.03 -9.03 -20.83
C ASP D 230 7.26 -9.50 -19.61
N GLU D 231 6.17 -8.83 -19.27
CA GLU D 231 5.27 -9.28 -18.24
C GLU D 231 4.53 -10.56 -18.63
N GLU D 232 4.05 -10.67 -19.88
CA GLU D 232 3.44 -11.91 -20.33
C GLU D 232 4.46 -13.05 -20.31
N LEU D 233 5.68 -12.79 -20.76
CA LEU D 233 6.70 -13.81 -20.88
C LEU D 233 7.12 -14.33 -19.51
N HIS D 234 7.16 -13.47 -18.53
CA HIS D 234 7.50 -13.89 -17.17
C HIS D 234 6.37 -14.63 -16.48
N GLU D 235 5.14 -14.14 -16.62
CA GLU D 235 3.95 -14.84 -16.11
C GLU D 235 3.82 -16.23 -16.68
N PHE D 236 4.07 -16.39 -17.96
CA PHE D 236 4.08 -17.67 -18.66
C PHE D 236 4.99 -18.68 -17.97
N PHE D 237 6.25 -18.33 -17.74
CA PHE D 237 7.21 -19.24 -17.13
C PHE D 237 6.92 -19.48 -15.67
N HIS D 238 6.33 -18.50 -15.01
CA HIS D 238 5.97 -18.68 -13.63
C HIS D 238 4.75 -19.54 -13.49
N GLY D 239 3.86 -19.51 -14.48
CA GLY D 239 2.71 -20.36 -14.54
C GLY D 239 3.03 -21.82 -14.73
N MET D 240 4.16 -22.13 -15.35
CA MET D 240 4.65 -23.46 -15.63
C MET D 240 5.59 -23.99 -14.56
N GLY D 241 5.62 -23.36 -13.41
CA GLY D 241 6.47 -23.78 -12.33
C GLY D 241 7.93 -23.38 -12.41
N TYR D 242 8.26 -22.31 -13.07
CA TYR D 242 9.62 -21.83 -13.13
C TYR D 242 9.73 -20.47 -12.47
N GLU D 243 10.89 -20.18 -11.95
CA GLU D 243 11.25 -18.85 -11.50
C GLU D 243 12.11 -18.17 -12.56
N PRO D 244 11.58 -17.33 -13.44
CA PRO D 244 12.40 -16.87 -14.58
C PRO D 244 13.36 -15.72 -14.25
N TYR D 245 14.54 -15.79 -14.79
CA TYR D 245 15.57 -14.78 -14.70
C TYR D 245 15.82 -14.33 -16.12
N GLU D 246 16.01 -13.07 -16.32
CA GLU D 246 16.27 -12.57 -17.65
C GLU D 246 17.65 -11.96 -17.69
N PHE D 247 18.37 -12.25 -18.75
CA PHE D 247 19.59 -11.58 -19.13
C PHE D 247 19.43 -10.91 -20.49
N VAL D 248 19.82 -9.66 -20.59
CA VAL D 248 19.74 -8.93 -21.85
C VAL D 248 21.12 -8.41 -22.17
N ALA D 249 21.61 -8.67 -23.37
CA ALA D 249 22.91 -8.15 -23.77
C ALA D 249 23.02 -8.04 -25.26
N GLY D 250 23.93 -7.18 -25.66
CA GLY D 250 24.33 -6.96 -27.01
C GLY D 250 23.52 -5.98 -27.82
N PHE D 251 22.54 -5.31 -27.26
CA PHE D 251 21.74 -4.35 -27.99
C PHE D 251 22.16 -2.92 -27.74
N ASP D 252 23.34 -2.69 -27.16
CA ASP D 252 23.88 -1.36 -26.90
C ASP D 252 25.40 -1.49 -27.09
N ASP D 253 26.18 -0.59 -26.54
CA ASP D 253 27.61 -0.59 -26.72
C ASP D 253 28.35 -0.91 -25.44
N GLU D 254 27.74 -1.67 -24.55
CA GLU D 254 28.42 -2.25 -23.40
C GLU D 254 29.63 -3.05 -23.85
N ASP D 255 30.74 -2.81 -23.23
CA ASP D 255 31.92 -3.56 -23.59
C ASP D 255 31.77 -4.99 -23.14
N HIS D 256 32.45 -5.85 -23.84
CA HIS D 256 32.23 -7.26 -23.68
C HIS D 256 32.60 -7.77 -22.30
N MET D 257 33.56 -7.15 -21.63
CA MET D 257 33.92 -7.55 -20.29
C MET D 257 32.86 -7.21 -19.25
N SER D 258 32.11 -6.13 -19.39
CA SER D 258 30.98 -5.90 -18.48
C SER D 258 29.89 -6.94 -18.65
N ILE D 259 29.62 -7.35 -19.90
CA ILE D 259 28.63 -8.37 -20.20
C ILE D 259 28.97 -9.66 -19.50
N HIS D 260 30.22 -10.13 -19.64
CA HIS D 260 30.66 -11.36 -18.97
C HIS D 260 30.52 -11.27 -17.46
N ARG D 261 30.89 -10.14 -16.84
CA ARG D 261 30.74 -10.00 -15.40
C ARG D 261 29.29 -10.03 -14.99
N ARG D 262 28.45 -9.34 -15.75
CA ARG D 262 27.02 -9.33 -15.47
C ARG D 262 26.46 -10.72 -15.58
N PHE D 263 26.90 -11.48 -16.55
CA PHE D 263 26.36 -12.80 -16.78
C PHE D 263 26.84 -13.77 -15.72
N ALA D 264 28.10 -13.71 -15.37
CA ALA D 264 28.63 -14.62 -14.36
C ALA D 264 27.98 -14.39 -13.00
N GLU D 265 27.66 -13.14 -12.66
CA GLU D 265 26.90 -12.79 -11.46
C GLU D 265 25.49 -13.40 -11.49
N LEU D 266 24.80 -13.28 -12.60
CA LEU D 266 23.48 -13.86 -12.74
C LEU D 266 23.53 -15.38 -12.75
N TRP D 267 24.52 -15.96 -13.43
CA TRP D 267 24.70 -17.41 -13.41
C TRP D 267 24.88 -17.94 -12.00
N GLU D 268 25.71 -17.27 -11.21
CA GLU D 268 25.98 -17.76 -9.88
C GLU D 268 24.81 -17.56 -8.93
N THR D 269 24.00 -16.52 -9.13
CA THR D 269 22.73 -16.35 -8.43
C THR D 269 21.74 -17.48 -8.75
N ILE D 270 21.53 -17.78 -10.04
CA ILE D 270 20.76 -18.94 -10.48
C ILE D 270 21.31 -20.21 -9.84
N TRP D 271 22.62 -20.43 -9.90
CA TRP D 271 23.19 -21.63 -9.34
C TRP D 271 23.05 -21.73 -7.84
N ASP D 272 23.14 -20.63 -7.13
CA ASP D 272 22.84 -20.65 -5.70
C ASP D 272 21.39 -21.03 -5.39
N GLU D 273 20.46 -20.70 -6.28
CA GLU D 273 19.08 -21.08 -6.16
C GLU D 273 18.88 -22.56 -6.40
N ILE D 274 19.66 -23.14 -7.31
CA ILE D 274 19.58 -24.56 -7.61
C ILE D 274 20.20 -25.37 -6.48
N CYS D 275 21.31 -24.89 -5.92
CA CYS D 275 21.95 -25.56 -4.81
C CYS D 275 21.08 -25.54 -3.58
N ASP D 276 20.34 -24.45 -3.37
CA ASP D 276 19.32 -24.38 -2.32
C ASP D 276 18.20 -25.40 -2.52
N ILE D 277 17.72 -25.57 -3.75
CA ILE D 277 16.71 -26.56 -4.08
C ILE D 277 17.20 -27.97 -3.77
N LYS D 278 18.43 -28.25 -4.12
CA LYS D 278 19.00 -29.56 -3.94
C LYS D 278 19.26 -29.83 -2.46
N ALA D 279 19.67 -28.81 -1.72
CA ALA D 279 19.91 -28.94 -0.29
C ALA D 279 18.62 -29.12 0.49
N THR D 280 17.56 -28.40 0.10
CA THR D 280 16.23 -28.55 0.68
C THR D 280 15.67 -29.94 0.41
N ALA D 281 15.88 -30.47 -0.78
CA ALA D 281 15.34 -31.77 -1.19
C ALA D 281 15.97 -32.94 -0.45
N GLN D 282 17.11 -32.75 0.19
CA GLN D 282 17.66 -33.78 1.06
C GLN D 282 16.81 -33.98 2.31
N THR D 283 15.96 -33.03 2.64
CA THR D 283 15.01 -33.09 3.75
C THR D 283 13.55 -33.11 3.33
N ASP D 284 13.14 -32.22 2.45
CA ASP D 284 11.76 -32.08 2.02
C ASP D 284 11.77 -32.20 0.51
N ASN D 285 11.35 -33.33 -0.01
CA ASN D 285 11.13 -33.49 -1.44
C ASN D 285 9.66 -33.77 -1.76
N VAL D 286 8.78 -33.36 -0.88
CA VAL D 286 7.36 -33.50 -1.05
C VAL D 286 6.74 -32.25 -1.66
N HIS D 287 7.41 -31.13 -1.59
CA HIS D 287 6.90 -29.85 -2.05
C HIS D 287 7.72 -29.39 -3.24
N ARG D 288 7.08 -29.25 -4.37
CA ARG D 288 7.73 -28.93 -5.64
C ARG D 288 8.29 -27.52 -5.61
N PRO D 289 9.58 -27.32 -5.80
CA PRO D 289 10.10 -25.95 -5.91
C PRO D 289 9.74 -25.34 -7.25
N PHE D 290 9.84 -24.03 -7.33
CA PHE D 290 9.97 -23.36 -8.61
C PHE D 290 11.42 -23.44 -9.08
N TYR D 291 11.67 -24.10 -10.14
CA TYR D 291 13.01 -24.19 -10.69
C TYR D 291 13.37 -22.90 -11.41
N PRO D 292 14.61 -22.49 -11.37
CA PRO D 292 15.03 -21.36 -12.18
C PRO D 292 14.97 -21.68 -13.66
N MET D 293 14.85 -20.66 -14.48
CA MET D 293 15.06 -20.76 -15.90
C MET D 293 15.66 -19.45 -16.35
N LEU D 294 16.37 -19.49 -17.41
CA LEU D 294 17.04 -18.32 -17.91
C LEU D 294 16.45 -17.90 -19.24
N ILE D 295 15.99 -16.68 -19.32
CA ILE D 295 15.67 -16.02 -20.57
C ILE D 295 16.89 -15.23 -21.01
N PHE D 296 17.53 -15.70 -22.03
CA PHE D 296 18.75 -15.16 -22.59
C PHE D 296 18.39 -14.36 -23.83
N ARG D 297 18.38 -13.06 -23.72
CA ARG D 297 17.93 -12.18 -24.77
C ARG D 297 19.13 -11.48 -25.37
N THR D 298 19.52 -11.81 -26.58
CA THR D 298 20.74 -11.39 -27.27
C THR D 298 20.42 -11.23 -28.74
N PRO D 299 21.18 -10.41 -29.49
CA PRO D 299 20.83 -10.22 -30.89
C PRO D 299 21.21 -11.43 -31.72
N LYS D 300 20.35 -11.80 -32.64
CA LYS D 300 20.65 -12.97 -33.47
C LYS D 300 21.87 -12.70 -34.34
N GLY D 301 22.79 -13.64 -34.36
CA GLY D 301 23.98 -13.38 -35.09
C GLY D 301 24.94 -12.47 -34.41
N TRP D 302 24.80 -12.21 -33.11
CA TRP D 302 25.64 -11.34 -32.27
C TRP D 302 27.11 -11.32 -32.66
N THR D 303 27.69 -10.16 -32.93
CA THR D 303 29.08 -9.86 -33.35
C THR D 303 29.32 -10.07 -34.86
N CYS D 304 28.36 -10.48 -35.69
CA CYS D 304 28.44 -10.35 -37.15
C CYS D 304 28.36 -8.87 -37.52
N PRO D 305 28.76 -8.47 -38.74
CA PRO D 305 28.62 -7.06 -39.13
C PRO D 305 27.16 -6.61 -39.06
N LYS D 306 26.93 -5.43 -38.48
CA LYS D 306 25.58 -4.92 -38.23
C LYS D 306 24.75 -4.79 -39.51
N TYR D 307 25.36 -4.30 -40.57
CA TYR D 307 24.70 -4.11 -41.85
C TYR D 307 25.58 -4.68 -42.93
N ILE D 308 24.99 -5.52 -43.76
CA ILE D 308 25.57 -6.02 -44.98
C ILE D 308 24.67 -5.60 -46.14
N ASP D 309 25.22 -4.78 -47.05
CA ASP D 309 24.52 -4.24 -48.23
C ASP D 309 23.29 -3.42 -47.86
N GLY D 310 23.36 -2.70 -46.76
CA GLY D 310 22.25 -1.93 -46.28
C GLY D 310 21.13 -2.68 -45.59
N LYS D 311 21.25 -3.97 -45.37
CA LYS D 311 20.25 -4.74 -44.66
C LYS D 311 20.78 -5.06 -43.28
N LYS D 312 19.94 -4.85 -42.28
CA LYS D 312 20.26 -5.24 -40.92
C LYS D 312 20.48 -6.75 -40.84
N THR D 313 21.62 -7.11 -40.30
CA THR D 313 22.03 -8.49 -40.25
C THR D 313 22.18 -8.96 -38.80
N GLU D 314 22.99 -8.32 -37.97
CA GLU D 314 22.97 -8.57 -36.54
C GLU D 314 21.63 -8.12 -35.97
N GLY D 315 21.06 -8.95 -35.11
CA GLY D 315 19.72 -8.80 -34.62
C GLY D 315 18.60 -8.90 -35.65
N SER D 316 18.76 -9.75 -36.64
CA SER D 316 17.76 -10.05 -37.61
C SER D 316 17.75 -11.52 -37.98
N TRP D 317 16.62 -11.98 -38.52
CA TRP D 317 16.54 -13.28 -39.18
C TRP D 317 17.51 -13.43 -40.37
N ARG D 318 18.08 -12.35 -40.88
CA ARG D 318 18.99 -12.36 -42.01
C ARG D 318 20.34 -12.98 -41.68
N SER D 319 20.72 -13.03 -40.44
CA SER D 319 21.88 -13.73 -39.93
C SER D 319 21.63 -15.22 -39.67
N HIS D 320 20.50 -15.81 -40.04
CA HIS D 320 20.16 -17.17 -39.64
C HIS D 320 21.09 -18.21 -40.24
N GLN D 321 21.21 -18.23 -41.54
CA GLN D 321 22.12 -19.14 -42.16
C GLN D 321 23.53 -18.54 -42.30
N VAL D 322 23.76 -17.69 -43.26
CA VAL D 322 25.05 -17.02 -43.33
C VAL D 322 24.78 -15.54 -43.50
N PRO D 323 25.37 -14.71 -42.70
CA PRO D 323 25.17 -13.27 -42.85
C PRO D 323 25.61 -12.74 -44.17
N LEU D 324 26.68 -13.31 -44.67
CA LEU D 324 27.34 -12.87 -45.86
C LEU D 324 27.21 -14.04 -46.76
N ALA D 325 26.75 -13.82 -47.96
CA ALA D 325 26.11 -14.90 -48.68
C ALA D 325 27.07 -15.57 -49.63
N SER D 326 28.01 -14.81 -50.18
CA SER D 326 29.05 -15.31 -51.06
C SER D 326 30.30 -14.42 -50.89
N ALA D 327 31.17 -14.79 -49.97
CA ALA D 327 32.43 -14.07 -49.86
C ALA D 327 33.43 -14.45 -50.94
N ARG D 328 33.15 -15.45 -51.76
CA ARG D 328 34.04 -15.89 -52.82
C ARG D 328 33.83 -15.18 -54.15
N ASP D 329 32.78 -14.37 -54.32
CA ASP D 329 32.36 -13.84 -55.61
C ASP D 329 32.59 -12.36 -55.84
N THR D 330 32.96 -11.61 -54.84
CA THR D 330 33.01 -10.18 -54.94
C THR D 330 34.11 -9.78 -54.02
N GLU D 331 34.90 -8.80 -54.45
CA GLU D 331 35.93 -8.25 -53.59
C GLU D 331 35.31 -7.59 -52.37
N ALA D 332 34.18 -6.91 -52.55
CA ALA D 332 33.50 -6.23 -51.46
C ALA D 332 33.09 -7.18 -50.37
N HIS D 333 32.54 -8.33 -50.74
CA HIS D 333 32.05 -9.29 -49.76
C HIS D 333 33.18 -10.07 -49.13
N PHE D 334 34.28 -10.28 -49.85
CA PHE D 334 35.44 -10.87 -49.24
C PHE D 334 36.02 -9.95 -48.17
N GLU D 335 35.98 -8.65 -48.39
CA GLU D 335 36.54 -7.74 -47.42
C GLU D 335 35.71 -7.69 -46.16
N VAL D 336 34.40 -7.81 -46.30
CA VAL D 336 33.53 -7.95 -45.15
C VAL D 336 33.86 -9.20 -44.36
N LEU D 337 34.05 -10.34 -45.04
CA LEU D 337 34.44 -11.56 -44.31
C LEU D 337 35.79 -11.39 -43.61
N LYS D 338 36.74 -10.72 -44.25
CA LYS D 338 38.08 -10.59 -43.71
C LYS D 338 38.09 -9.72 -42.47
N ASN D 339 37.32 -8.64 -42.48
CA ASN D 339 37.23 -7.73 -41.35
C ASN D 339 36.47 -8.37 -40.20
N TRP D 340 35.43 -9.14 -40.53
CA TRP D 340 34.69 -9.93 -39.55
C TRP D 340 35.61 -10.91 -38.82
N LEU D 341 36.40 -11.69 -39.56
CA LEU D 341 37.35 -12.65 -38.99
C LEU D 341 38.39 -11.96 -38.13
N GLU D 342 38.84 -10.79 -38.54
CA GLU D 342 39.83 -10.01 -37.80
C GLU D 342 39.26 -9.32 -36.58
N SER D 343 37.95 -9.11 -36.50
CA SER D 343 37.37 -8.46 -35.33
C SER D 343 37.54 -9.27 -34.05
N TYR D 344 37.65 -10.58 -34.14
CA TYR D 344 37.96 -11.42 -33.00
C TYR D 344 39.43 -11.40 -32.62
N LYS D 345 40.27 -10.78 -33.42
CA LYS D 345 41.71 -10.62 -33.24
C LYS D 345 42.38 -11.96 -33.00
N PRO D 346 42.41 -12.84 -34.02
CA PRO D 346 43.01 -14.17 -33.85
C PRO D 346 44.49 -14.19 -33.55
N GLU D 347 45.22 -13.12 -33.79
CA GLU D 347 46.65 -12.99 -33.44
C GLU D 347 46.90 -13.08 -31.94
N GLU D 348 45.94 -12.75 -31.12
CA GLU D 348 46.03 -12.93 -29.69
C GLU D 348 45.54 -14.29 -29.23
N LEU D 349 44.83 -15.01 -30.07
CA LEU D 349 44.23 -16.28 -29.72
C LEU D 349 45.12 -17.46 -30.03
N PHE D 350 45.78 -17.45 -31.17
CA PHE D 350 46.55 -18.58 -31.64
C PHE D 350 48.03 -18.21 -31.58
N ASP D 351 48.89 -19.16 -31.29
CA ASP D 351 50.31 -18.85 -31.27
C ASP D 351 50.92 -19.09 -32.64
N ALA D 352 52.25 -19.11 -32.72
CA ALA D 352 52.95 -19.13 -34.00
C ALA D 352 52.71 -20.41 -34.77
N ASN D 353 52.61 -21.54 -34.07
CA ASN D 353 52.27 -22.83 -34.64
C ASN D 353 50.78 -23.06 -34.90
N GLY D 354 49.89 -22.14 -34.57
CA GLY D 354 48.49 -22.42 -34.75
C GLY D 354 47.77 -23.16 -33.64
N ALA D 355 48.39 -23.37 -32.50
CA ALA D 355 47.67 -23.86 -31.34
C ALA D 355 46.98 -22.70 -30.66
N VAL D 356 45.76 -22.93 -30.18
CA VAL D 356 45.12 -21.99 -29.27
C VAL D 356 46.01 -21.81 -28.05
N LYS D 357 46.25 -20.58 -27.64
CA LYS D 357 47.14 -20.26 -26.54
C LYS D 357 46.62 -20.74 -25.20
N ASP D 358 47.57 -21.04 -24.29
CA ASP D 358 47.24 -21.55 -22.96
C ASP D 358 46.32 -20.64 -22.19
N ASP D 359 46.51 -19.34 -22.28
CA ASP D 359 45.66 -18.47 -21.47
C ASP D 359 44.26 -18.32 -22.01
N VAL D 360 43.99 -18.82 -23.21
CA VAL D 360 42.63 -18.83 -23.69
C VAL D 360 41.83 -19.88 -22.94
N LEU D 361 42.44 -21.02 -22.64
CA LEU D 361 41.73 -22.22 -22.20
C LEU D 361 42.07 -22.65 -20.79
N ALA D 362 42.80 -21.85 -20.03
CA ALA D 362 43.23 -22.25 -18.71
C ALA D 362 42.09 -22.30 -17.70
N PHE D 363 40.97 -21.63 -17.98
CA PHE D 363 39.74 -21.73 -17.19
C PHE D 363 38.94 -23.00 -17.49
N MET D 364 39.24 -23.78 -18.51
CA MET D 364 38.39 -24.89 -18.96
C MET D 364 38.35 -26.03 -17.94
N PRO D 365 37.26 -26.79 -17.87
CA PRO D 365 37.28 -28.03 -17.09
C PRO D 365 38.20 -29.07 -17.70
N LYS D 366 38.52 -30.08 -16.91
CA LYS D 366 39.45 -31.13 -17.26
C LYS D 366 38.81 -32.49 -17.05
N GLY D 367 39.31 -33.50 -17.74
CA GLY D 367 38.99 -34.86 -17.39
C GLY D 367 37.59 -35.26 -17.81
N GLU D 368 36.92 -36.05 -16.99
CA GLU D 368 35.55 -36.45 -17.28
C GLU D 368 34.55 -35.32 -17.09
N LEU D 369 34.91 -34.24 -16.42
CA LEU D 369 34.02 -33.11 -16.34
C LEU D 369 33.92 -32.30 -17.61
N ARG D 370 34.77 -32.50 -18.60
CA ARG D 370 34.62 -31.81 -19.87
C ARG D 370 33.36 -32.26 -20.59
N ILE D 371 32.71 -31.31 -21.25
CA ILE D 371 31.47 -31.55 -22.00
C ILE D 371 31.61 -32.71 -22.98
N GLY D 372 32.64 -32.75 -23.77
CA GLY D 372 32.85 -33.90 -24.62
C GLY D 372 33.39 -35.15 -23.97
N ALA D 373 33.72 -35.16 -22.70
CA ALA D 373 34.19 -36.36 -22.04
C ALA D 373 33.26 -36.88 -20.95
N ASN D 374 32.21 -36.18 -20.63
CA ASN D 374 31.28 -36.66 -19.64
C ASN D 374 30.61 -37.97 -20.10
N PRO D 375 30.72 -39.04 -19.33
CA PRO D 375 30.05 -40.30 -19.72
C PRO D 375 28.57 -40.21 -19.94
N ASN D 376 27.83 -39.34 -19.26
CA ASN D 376 26.41 -39.16 -19.60
C ASN D 376 26.19 -38.73 -21.05
N ALA D 377 27.13 -38.04 -21.67
CA ALA D 377 27.07 -37.81 -23.11
C ALA D 377 27.60 -38.96 -23.98
N ASN D 378 28.05 -40.06 -23.44
CA ASN D 378 28.38 -41.24 -24.24
C ASN D 378 27.88 -42.39 -23.36
N GLY D 379 26.58 -42.57 -23.31
CA GLY D 379 25.97 -43.30 -22.21
C GLY D 379 26.07 -44.80 -22.32
N GLY D 380 26.36 -45.31 -23.50
CA GLY D 380 26.86 -46.65 -23.67
C GLY D 380 28.02 -47.05 -22.77
N VAL D 381 28.86 -46.11 -22.36
CA VAL D 381 29.91 -46.45 -21.41
C VAL D 381 29.38 -46.66 -19.99
N ILE D 382 28.22 -46.12 -19.64
CA ILE D 382 27.61 -46.26 -18.33
C ILE D 382 26.76 -47.52 -18.25
N ARG D 383 26.18 -47.91 -19.35
CA ARG D 383 25.18 -48.95 -19.42
C ARG D 383 25.72 -50.34 -19.12
N ASN D 384 25.05 -51.07 -18.25
CA ASN D 384 25.27 -52.50 -18.02
C ASN D 384 24.07 -53.30 -18.45
N ASP D 385 24.27 -54.58 -18.71
CA ASP D 385 23.19 -55.53 -18.91
C ASP D 385 22.22 -55.49 -17.74
N LEU D 386 20.94 -55.54 -18.02
CA LEU D 386 19.93 -55.72 -16.97
C LEU D 386 20.11 -57.08 -16.27
N LYS D 387 19.90 -57.11 -14.98
CA LYS D 387 19.63 -58.35 -14.29
C LYS D 387 18.24 -58.83 -14.68
N LEU D 388 18.16 -59.84 -15.46
CA LEU D 388 16.84 -60.24 -15.93
C LEU D 388 16.41 -61.48 -15.20
N PRO D 389 15.15 -61.57 -14.84
CA PRO D 389 14.65 -62.73 -14.13
C PRO D 389 14.51 -63.91 -15.07
N ASN D 390 14.37 -65.06 -14.47
CA ASN D 390 14.36 -66.31 -15.21
C ASN D 390 13.05 -66.44 -15.97
N LEU D 391 13.14 -66.54 -17.30
CA LEU D 391 11.98 -66.38 -18.17
C LEU D 391 10.95 -67.49 -18.02
N GLU D 392 11.34 -68.66 -17.57
CA GLU D 392 10.40 -69.76 -17.35
C GLU D 392 9.49 -69.54 -16.15
N ASP D 393 9.82 -68.63 -15.24
CA ASP D 393 8.89 -68.31 -14.16
C ASP D 393 7.59 -67.68 -14.62
N TYR D 394 7.53 -67.18 -15.85
CA TYR D 394 6.41 -66.41 -16.38
C TYR D 394 5.75 -67.13 -17.52
N GLU D 395 6.33 -68.25 -17.93
CA GLU D 395 5.81 -69.03 -19.04
C GLU D 395 4.40 -69.50 -18.74
N VAL D 396 3.51 -69.35 -19.71
CA VAL D 396 2.22 -70.01 -19.68
C VAL D 396 2.45 -71.50 -19.86
N LYS D 397 2.38 -72.26 -18.77
CA LYS D 397 2.61 -73.70 -18.82
C LYS D 397 1.45 -74.49 -19.39
N GLU D 398 0.27 -73.91 -19.49
CA GLU D 398 -0.95 -74.61 -19.87
C GLU D 398 -1.00 -75.07 -21.31
N VAL D 399 -0.19 -74.51 -22.22
CA VAL D 399 -0.06 -75.05 -23.58
C VAL D 399 0.42 -76.48 -23.53
N ALA D 400 1.37 -76.77 -22.67
CA ALA D 400 1.92 -78.12 -22.60
C ALA D 400 0.95 -79.08 -21.93
N GLU D 401 0.27 -78.65 -20.88
CA GLU D 401 -0.81 -79.44 -20.28
C GLU D 401 -1.93 -79.74 -21.27
N TYR D 402 -2.63 -78.70 -21.73
CA TYR D 402 -3.91 -78.81 -22.43
C TYR D 402 -3.86 -78.82 -23.93
N GLY D 403 -2.86 -78.24 -24.56
CA GLY D 403 -2.78 -78.23 -26.00
C GLY D 403 -2.55 -76.82 -26.49
N HIS D 404 -1.92 -76.71 -27.62
CA HIS D 404 -1.87 -75.49 -28.40
C HIS D 404 -3.24 -74.88 -28.63
N GLY D 405 -3.37 -73.61 -28.33
CA GLY D 405 -4.63 -72.95 -28.51
C GLY D 405 -5.48 -72.83 -27.29
N TRP D 406 -4.96 -73.19 -26.14
CA TRP D 406 -5.66 -73.12 -24.88
C TRP D 406 -5.83 -71.66 -24.42
N GLY D 407 -6.91 -71.43 -23.70
CA GLY D 407 -7.05 -70.32 -22.78
C GLY D 407 -7.57 -69.05 -23.38
N GLN D 408 -7.78 -68.11 -22.50
CA GLN D 408 -8.20 -66.78 -22.84
C GLN D 408 -7.37 -65.74 -22.15
N LEU D 409 -6.06 -65.95 -22.13
CA LEU D 409 -5.16 -65.03 -21.46
C LEU D 409 -5.01 -63.71 -22.21
N GLU D 410 -4.70 -62.68 -21.46
CA GLU D 410 -4.28 -61.40 -22.01
C GLU D 410 -2.77 -61.41 -21.99
N ALA D 411 -2.17 -61.46 -23.19
CA ALA D 411 -0.73 -61.65 -23.33
C ALA D 411 0.09 -60.56 -22.66
N THR D 412 -0.35 -59.30 -22.71
CA THR D 412 0.42 -58.23 -22.09
C THR D 412 0.44 -58.30 -20.57
N ARG D 413 -0.46 -59.04 -19.90
CA ARG D 413 -0.33 -59.25 -18.45
C ARG D 413 0.92 -60.05 -18.11
N THR D 414 1.28 -60.98 -18.96
CA THR D 414 2.50 -61.76 -18.80
C THR D 414 3.74 -60.89 -18.89
N LEU D 415 3.82 -60.06 -19.93
CA LEU D 415 4.87 -59.06 -20.03
C LEU D 415 4.88 -58.13 -18.83
N GLY D 416 3.70 -57.76 -18.33
CA GLY D 416 3.60 -56.92 -17.16
C GLY D 416 4.24 -57.51 -15.90
N ALA D 417 4.05 -58.81 -15.67
CA ALA D 417 4.66 -59.48 -14.54
C ALA D 417 6.16 -59.61 -14.71
N TYR D 418 6.61 -59.94 -15.90
CA TYR D 418 8.02 -59.99 -16.22
C TYR D 418 8.70 -58.64 -16.01
N THR D 419 8.10 -57.56 -16.49
CA THR D 419 8.70 -56.24 -16.36
C THR D 419 8.71 -55.76 -14.92
N ARG D 420 7.69 -56.09 -14.13
CA ARG D 420 7.68 -55.88 -12.69
C ARG D 420 8.93 -56.41 -12.00
N ASP D 421 9.32 -57.61 -12.30
CA ASP D 421 10.49 -58.15 -11.66
C ASP D 421 11.80 -57.67 -12.28
N ILE D 422 11.82 -57.20 -13.52
CA ILE D 422 12.96 -56.44 -14.00
C ILE D 422 13.13 -55.20 -13.16
N ILE D 423 12.05 -54.44 -12.96
CA ILE D 423 12.11 -53.19 -12.20
C ILE D 423 12.61 -53.47 -10.78
N LYS D 424 12.07 -54.51 -10.15
CA LYS D 424 12.51 -54.94 -8.83
C LYS D 424 14.00 -55.30 -8.78
N ASN D 425 14.51 -55.99 -9.78
CA ASN D 425 15.93 -56.36 -9.79
C ASN D 425 16.84 -55.24 -10.27
N ASN D 426 16.32 -54.25 -10.94
CA ASN D 426 17.16 -53.22 -11.53
C ASN D 426 16.65 -51.88 -11.04
N PRO D 427 16.78 -51.60 -9.74
CA PRO D 427 16.30 -50.33 -9.22
C PRO D 427 17.14 -49.20 -9.75
N ARG D 428 16.47 -48.09 -10.04
N ARG D 428 16.46 -48.09 -10.05
CA ARG D 428 17.01 -46.86 -10.64
CA ARG D 428 17.01 -46.86 -10.64
C ARG D 428 17.62 -47.09 -12.04
C ARG D 428 17.62 -47.09 -12.04
N ASP D 429 17.33 -48.17 -12.69
CA ASP D 429 17.97 -48.47 -13.95
C ASP D 429 16.97 -48.77 -15.03
N PHE D 430 15.73 -49.02 -14.69
CA PHE D 430 14.69 -49.38 -15.61
C PHE D 430 13.47 -48.50 -15.34
N ARG D 431 12.90 -47.91 -16.37
CA ARG D 431 11.68 -47.13 -16.23
C ARG D 431 10.62 -47.57 -17.20
N ILE D 432 9.38 -47.35 -16.84
CA ILE D 432 8.27 -47.47 -17.76
C ILE D 432 7.69 -46.10 -18.01
N PHE D 433 7.48 -45.79 -19.26
CA PHE D 433 6.75 -44.59 -19.63
C PHE D 433 5.45 -44.97 -20.32
N GLY D 434 4.46 -44.14 -20.22
CA GLY D 434 3.24 -44.33 -20.97
C GLY D 434 2.35 -43.12 -21.04
N PRO D 435 1.66 -42.91 -22.15
CA PRO D 435 0.80 -41.74 -22.17
C PRO D 435 -0.56 -42.01 -21.55
N ASP D 436 -0.57 -42.21 -20.23
CA ASP D 436 -1.77 -42.50 -19.42
C ASP D 436 -2.38 -43.84 -19.88
N GLU D 437 -1.54 -44.75 -20.29
CA GLU D 437 -1.99 -46.00 -20.86
C GLU D 437 -1.33 -47.24 -20.25
N THR D 438 -0.59 -47.13 -19.15
CA THR D 438 0.11 -48.27 -18.58
C THR D 438 -0.86 -49.31 -18.04
N ALA D 439 -1.84 -48.90 -17.25
CA ALA D 439 -2.86 -49.81 -16.75
C ALA D 439 -3.74 -50.34 -17.86
N SER D 440 -4.11 -49.47 -18.79
CA SER D 440 -4.97 -49.83 -19.90
C SER D 440 -4.32 -50.88 -20.81
N ASN D 441 -3.05 -50.73 -21.12
CA ASN D 441 -2.26 -51.76 -21.80
C ASN D 441 -1.80 -52.90 -20.87
N ARG D 442 -2.36 -52.99 -19.65
CA ARG D 442 -2.25 -54.11 -18.70
C ARG D 442 -0.85 -54.28 -18.15
N LEU D 443 -0.10 -53.21 -17.94
CA LEU D 443 1.24 -53.31 -17.42
C LEU D 443 1.32 -52.91 -15.96
N GLN D 444 0.22 -52.94 -15.25
CA GLN D 444 0.08 -52.36 -13.93
C GLN D 444 0.54 -53.28 -12.79
N ALA D 445 0.99 -54.51 -13.06
CA ALA D 445 1.73 -55.28 -12.06
C ALA D 445 3.00 -54.60 -11.58
N SER D 446 3.55 -53.65 -12.33
CA SER D 446 4.68 -52.87 -11.84
C SER D 446 4.36 -52.04 -10.62
N TYR D 447 3.10 -51.74 -10.34
CA TYR D 447 2.73 -50.96 -9.18
C TYR D 447 2.85 -51.74 -7.90
N GLU D 448 3.01 -53.05 -7.97
CA GLU D 448 3.39 -53.83 -6.81
C GLU D 448 4.81 -53.56 -6.35
N VAL D 449 5.69 -53.03 -7.18
CA VAL D 449 7.06 -52.79 -6.78
C VAL D 449 7.48 -51.34 -6.89
N THR D 450 6.69 -50.47 -7.48
CA THR D 450 7.08 -49.09 -7.64
C THR D 450 5.83 -48.25 -7.75
N ASN D 451 5.99 -46.99 -8.03
CA ASN D 451 4.91 -46.06 -8.16
C ASN D 451 5.04 -45.27 -9.45
N LYS D 452 3.97 -44.63 -9.81
CA LYS D 452 3.97 -43.57 -10.80
C LYS D 452 4.54 -42.31 -10.20
N GLN D 453 5.54 -41.76 -10.83
CA GLN D 453 6.19 -40.57 -10.32
C GLN D 453 5.29 -39.39 -10.58
N TRP D 454 4.88 -38.73 -9.52
CA TRP D 454 3.99 -37.58 -9.62
C TRP D 454 4.47 -36.49 -8.69
N ASP D 455 4.72 -35.32 -9.21
CA ASP D 455 5.20 -34.23 -8.38
C ASP D 455 4.36 -32.99 -8.52
N ALA D 456 3.14 -33.14 -8.95
CA ALA D 456 2.17 -32.09 -8.80
C ALA D 456 1.40 -32.38 -7.50
N GLY D 457 0.29 -31.71 -7.28
CA GLY D 457 -0.40 -31.84 -6.00
C GLY D 457 -1.09 -33.19 -5.79
N TYR D 458 -1.13 -33.61 -4.55
CA TYR D 458 -1.88 -34.78 -4.10
C TYR D 458 -3.13 -34.26 -3.39
N ILE D 459 -4.25 -34.95 -3.51
CA ILE D 459 -5.49 -34.51 -2.83
C ILE D 459 -6.15 -35.58 -1.94
N SER D 460 -6.14 -36.84 -2.33
CA SER D 460 -6.90 -37.88 -1.64
C SER D 460 -6.40 -39.26 -2.00
N ASP D 461 -6.31 -40.12 -1.00
CA ASP D 461 -6.09 -41.53 -1.21
C ASP D 461 -7.23 -42.25 -1.95
N GLU D 462 -8.43 -41.71 -2.04
CA GLU D 462 -9.46 -42.31 -2.90
C GLU D 462 -9.19 -42.17 -4.40
N VAL D 463 -8.42 -41.20 -4.84
CA VAL D 463 -8.11 -41.04 -6.25
C VAL D 463 -6.65 -41.28 -6.60
N ASP D 464 -5.72 -41.13 -5.67
CA ASP D 464 -4.29 -41.01 -5.93
C ASP D 464 -3.52 -42.29 -5.71
N GLU D 465 -4.14 -43.45 -5.83
CA GLU D 465 -3.48 -44.73 -5.71
C GLU D 465 -2.28 -44.89 -6.66
N HIS D 466 -1.27 -45.57 -6.17
CA HIS D 466 -0.05 -45.92 -6.86
C HIS D 466 0.77 -44.72 -7.28
N MET D 467 0.61 -43.56 -6.68
CA MET D 467 1.40 -42.40 -7.01
C MET D 467 2.35 -42.06 -5.86
N HIS D 468 3.53 -41.56 -6.19
CA HIS D 468 4.55 -41.14 -5.24
C HIS D 468 5.43 -40.09 -5.90
N VAL D 469 6.06 -39.25 -5.10
CA VAL D 469 6.94 -38.23 -5.66
C VAL D 469 8.16 -38.84 -6.32
N SER D 470 8.52 -40.05 -6.04
CA SER D 470 9.46 -40.73 -6.88
C SER D 470 8.96 -42.13 -7.17
N GLY D 471 9.33 -42.64 -8.31
CA GLY D 471 8.96 -43.96 -8.73
C GLY D 471 9.41 -44.16 -10.17
N GLN D 472 9.35 -45.40 -10.61
CA GLN D 472 9.90 -45.80 -11.89
C GLN D 472 8.88 -45.82 -13.05
N VAL D 473 7.67 -45.34 -12.87
CA VAL D 473 6.69 -45.23 -13.93
C VAL D 473 6.36 -43.75 -14.08
N VAL D 474 6.33 -43.25 -15.29
CA VAL D 474 6.01 -41.86 -15.55
C VAL D 474 4.94 -41.82 -16.61
N GLU D 475 3.91 -41.05 -16.35
CA GLU D 475 2.78 -40.92 -17.25
C GLU D 475 2.43 -39.45 -17.41
N GLN D 476 2.32 -39.04 -18.64
CA GLN D 476 1.82 -37.76 -19.05
C GLN D 476 1.15 -38.03 -20.36
N LEU D 477 0.04 -37.40 -20.61
CA LEU D 477 -0.66 -37.59 -21.88
C LEU D 477 0.02 -36.77 -22.98
N SER D 478 1.14 -37.31 -23.45
CA SER D 478 1.94 -36.79 -24.53
C SER D 478 2.86 -37.92 -24.96
N GLU D 479 2.64 -38.42 -26.16
CA GLU D 479 3.55 -39.36 -26.78
C GLU D 479 4.93 -38.75 -27.01
N HIS D 480 4.99 -37.45 -27.31
CA HIS D 480 6.26 -36.73 -27.47
C HIS D 480 7.08 -36.75 -26.18
N GLN D 481 6.46 -36.47 -25.05
CA GLN D 481 7.13 -36.54 -23.75
C GLN D 481 7.62 -37.95 -23.43
N MET D 482 6.75 -38.94 -23.54
CA MET D 482 7.09 -40.33 -23.23
C MET D 482 8.23 -40.84 -24.11
N GLU D 483 8.14 -40.63 -25.41
CA GLU D 483 9.20 -41.07 -26.30
C GLU D 483 10.48 -40.31 -26.03
N GLY D 484 10.37 -39.02 -25.73
CA GLY D 484 11.53 -38.20 -25.52
C GLY D 484 12.24 -38.41 -24.18
N PHE D 485 11.47 -38.53 -23.09
CA PHE D 485 11.99 -39.00 -21.80
C PHE D 485 12.75 -40.31 -21.96
N LEU D 486 12.13 -41.30 -22.58
CA LEU D 486 12.75 -42.61 -22.68
C LEU D 486 14.03 -42.55 -23.51
N GLU D 487 14.00 -41.87 -24.65
CA GLU D 487 15.17 -41.70 -25.50
C GLU D 487 16.38 -41.15 -24.76
N ALA D 488 16.19 -40.19 -23.88
CA ALA D 488 17.32 -39.68 -23.14
C ALA D 488 17.72 -40.55 -21.96
N TYR D 489 16.80 -41.28 -21.35
CA TYR D 489 17.10 -42.28 -20.34
C TYR D 489 18.01 -43.38 -20.90
N LEU D 490 17.78 -43.74 -22.15
CA LEU D 490 18.62 -44.69 -22.85
C LEU D 490 19.94 -44.08 -23.24
N LEU D 491 19.96 -42.85 -23.75
CA LEU D 491 21.20 -42.26 -24.17
C LEU D 491 22.12 -41.95 -23.00
N THR D 492 21.61 -41.92 -21.79
CA THR D 492 22.43 -41.73 -20.61
C THR D 492 22.68 -43.04 -19.88
N GLY D 493 22.43 -44.16 -20.51
CA GLY D 493 22.91 -45.43 -20.04
C GLY D 493 21.94 -46.30 -19.33
N ARG D 494 20.68 -45.93 -19.21
CA ARG D 494 19.72 -46.73 -18.49
C ARG D 494 18.81 -47.49 -19.48
N HIS D 495 17.71 -48.02 -19.02
CA HIS D 495 16.90 -48.97 -19.77
C HIS D 495 15.43 -48.68 -19.57
N GLY D 496 14.59 -49.15 -20.48
CA GLY D 496 13.19 -49.12 -20.21
C GLY D 496 12.27 -49.55 -21.32
N ILE D 497 11.04 -49.09 -21.24
CA ILE D 497 10.01 -49.49 -22.16
C ILE D 497 8.92 -48.43 -22.11
N TRP D 498 8.35 -48.14 -23.25
CA TRP D 498 7.10 -47.45 -23.14
C TRP D 498 6.04 -48.21 -23.90
N SER D 499 4.80 -47.91 -23.65
CA SER D 499 3.71 -48.55 -24.33
C SER D 499 2.76 -47.50 -24.82
N SER D 500 1.99 -47.86 -25.80
CA SER D 500 1.13 -46.95 -26.53
C SER D 500 0.05 -47.75 -27.22
N TYR D 501 -1.08 -47.12 -27.41
CA TYR D 501 -2.01 -47.62 -28.39
C TYR D 501 -1.40 -47.46 -29.74
N GLU D 502 -1.66 -48.45 -30.57
CA GLU D 502 -1.06 -48.60 -31.87
C GLU D 502 -1.24 -47.36 -32.73
N SER D 503 -2.47 -46.90 -32.91
CA SER D 503 -2.76 -45.78 -33.79
C SER D 503 -2.13 -44.47 -33.34
N PHE D 504 -1.82 -44.31 -32.09
CA PHE D 504 -1.16 -43.10 -31.64
C PHE D 504 0.35 -43.18 -31.66
N VAL D 505 0.94 -44.31 -32.01
CA VAL D 505 2.37 -44.33 -32.28
C VAL D 505 2.75 -43.32 -33.37
N HIS D 506 1.86 -43.08 -34.32
CA HIS D 506 2.07 -42.17 -35.43
C HIS D 506 2.37 -40.75 -35.00
N VAL D 507 1.83 -40.33 -33.85
CA VAL D 507 2.18 -39.10 -33.18
C VAL D 507 3.67 -38.89 -33.09
N ILE D 508 4.46 -39.92 -32.86
CA ILE D 508 5.89 -39.72 -32.72
C ILE D 508 6.71 -40.38 -33.83
N ASP D 509 6.10 -40.64 -34.98
CA ASP D 509 6.82 -41.16 -36.15
C ASP D 509 8.11 -40.40 -36.44
N SER D 510 8.05 -39.09 -36.37
CA SER D 510 9.21 -38.29 -36.64
C SER D 510 10.26 -38.35 -35.52
N MET D 511 9.85 -38.59 -34.27
CA MET D 511 10.82 -38.87 -33.20
C MET D 511 11.47 -40.23 -33.39
N LEU D 512 10.71 -41.25 -33.74
CA LEU D 512 11.28 -42.53 -34.09
C LEU D 512 12.25 -42.43 -35.26
N ASN D 513 11.95 -41.59 -36.24
CA ASN D 513 12.84 -41.38 -37.38
C ASN D 513 14.16 -40.78 -36.92
N GLN D 514 14.10 -39.77 -36.07
CA GLN D 514 15.30 -39.11 -35.59
C GLN D 514 16.12 -40.01 -34.67
N HIS D 515 15.48 -40.84 -33.88
CA HIS D 515 16.23 -41.79 -33.08
C HIS D 515 16.90 -42.85 -33.95
N ALA D 516 16.25 -43.24 -35.03
CA ALA D 516 16.79 -44.23 -35.94
C ALA D 516 17.94 -43.67 -36.77
N LYS D 517 17.92 -42.40 -37.08
CA LYS D 517 19.05 -41.80 -37.78
C LYS D 517 20.24 -41.61 -36.87
N TRP D 518 19.99 -41.27 -35.60
CA TRP D 518 21.03 -41.32 -34.57
C TRP D 518 21.69 -42.70 -34.54
N LEU D 519 20.88 -43.75 -34.40
CA LEU D 519 21.38 -45.11 -34.34
C LEU D 519 22.09 -45.55 -35.62
N GLU D 520 21.53 -45.22 -36.77
CA GLU D 520 22.12 -45.59 -38.06
C GLU D 520 23.50 -44.96 -38.23
N ALA D 521 23.61 -43.68 -37.94
CA ALA D 521 24.90 -43.02 -38.00
C ALA D 521 25.89 -43.57 -36.96
N THR D 522 25.41 -43.99 -35.80
CA THR D 522 26.28 -44.50 -34.76
C THR D 522 26.87 -45.87 -35.13
N VAL D 523 26.04 -46.77 -35.63
CA VAL D 523 26.52 -48.12 -35.94
C VAL D 523 27.28 -48.16 -37.25
N ARG D 524 27.05 -47.24 -38.17
CA ARG D 524 27.83 -47.17 -39.38
C ARG D 524 29.21 -46.61 -39.15
N GLU D 525 29.35 -45.53 -38.41
CA GLU D 525 30.62 -44.81 -38.43
C GLU D 525 31.11 -44.22 -37.13
N ILE D 526 30.48 -44.46 -36.00
CA ILE D 526 30.94 -43.78 -34.81
C ILE D 526 31.27 -44.86 -33.77
N PRO D 527 32.40 -45.56 -33.89
CA PRO D 527 32.71 -46.64 -32.94
C PRO D 527 33.04 -46.19 -31.54
N TRP D 528 33.55 -44.99 -31.33
CA TRP D 528 33.76 -44.48 -29.98
C TRP D 528 32.47 -44.24 -29.21
N ARG D 529 31.32 -44.26 -29.83
CA ARG D 529 30.04 -44.05 -29.18
C ARG D 529 29.48 -45.44 -28.86
N LYS D 530 29.52 -45.81 -27.60
CA LYS D 530 29.23 -47.17 -27.18
C LYS D 530 27.74 -47.51 -27.32
N PRO D 531 27.38 -48.79 -27.44
CA PRO D 531 25.97 -49.16 -27.61
C PRO D 531 25.08 -48.80 -26.43
N ILE D 532 23.98 -48.20 -26.70
CA ILE D 532 22.99 -47.85 -25.72
C ILE D 532 21.93 -48.93 -25.76
N ALA D 533 21.16 -49.03 -24.70
CA ALA D 533 20.01 -49.91 -24.62
C ALA D 533 18.95 -49.54 -25.65
N SER D 534 18.18 -50.50 -26.06
CA SER D 534 17.23 -50.31 -27.12
C SER D 534 16.01 -49.53 -26.69
N MET D 535 15.40 -48.91 -27.65
CA MET D 535 14.13 -48.21 -27.49
C MET D 535 13.02 -49.22 -27.69
N ASN D 536 12.40 -49.63 -26.62
CA ASN D 536 11.43 -50.71 -26.64
C ASN D 536 10.01 -50.17 -26.55
N LEU D 537 9.20 -50.49 -27.52
CA LEU D 537 7.86 -49.96 -27.59
C LEU D 537 6.84 -51.07 -27.64
N LEU D 538 6.07 -51.21 -26.59
CA LEU D 538 4.90 -52.07 -26.59
C LEU D 538 3.74 -51.41 -27.35
N VAL D 539 3.39 -51.99 -28.47
CA VAL D 539 2.32 -51.49 -29.31
C VAL D 539 1.12 -52.35 -28.97
N SER D 540 0.22 -51.83 -28.18
CA SER D 540 -0.93 -52.64 -27.85
C SER D 540 -2.20 -51.90 -28.19
N SER D 541 -3.34 -52.46 -27.79
CA SER D 541 -4.68 -52.08 -28.20
C SER D 541 -4.77 -51.84 -29.69
N HIS D 542 -4.46 -52.84 -30.47
CA HIS D 542 -4.18 -52.66 -31.87
C HIS D 542 -5.46 -52.59 -32.70
N VAL D 543 -5.31 -52.60 -34.03
CA VAL D 543 -6.39 -52.28 -34.94
C VAL D 543 -7.55 -53.26 -34.84
N TRP D 544 -7.28 -54.54 -34.62
CA TRP D 544 -8.34 -55.53 -34.62
C TRP D 544 -9.21 -55.46 -33.39
N ARG D 545 -8.75 -54.89 -32.31
CA ARG D 545 -9.51 -54.87 -31.07
C ARG D 545 -9.74 -53.43 -30.66
N GLN D 546 -9.95 -52.56 -31.62
N GLN D 546 -9.90 -52.62 -31.69
CA GLN D 546 -10.25 -51.17 -31.28
CA GLN D 546 -10.29 -51.22 -31.65
C GLN D 546 -11.73 -51.06 -30.99
C GLN D 546 -11.68 -51.03 -32.23
N ASP D 547 -12.03 -51.23 -29.68
N ASP D 547 -12.49 -52.07 -32.15
CA ASP D 547 -13.27 -51.63 -29.01
CA ASP D 547 -13.90 -52.02 -32.46
C ASP D 547 -14.19 -50.50 -28.57
C ASP D 547 -14.74 -51.36 -31.35
N HIS D 548 -13.70 -49.67 -27.66
N HIS D 548 -14.14 -50.75 -30.31
CA HIS D 548 -14.46 -48.48 -27.32
CA HIS D 548 -14.91 -49.92 -29.37
C HIS D 548 -14.34 -47.38 -28.36
C HIS D 548 -14.68 -48.43 -29.59
N ASN D 549 -13.65 -47.60 -29.52
N ASN D 549 -13.45 -47.98 -29.84
CA ASN D 549 -13.22 -46.45 -30.31
CA ASN D 549 -13.21 -46.64 -30.32
C ASN D 549 -13.53 -46.46 -31.82
C ASN D 549 -13.50 -46.50 -31.80
N GLY D 550 -13.44 -47.55 -32.54
CA GLY D 550 -13.89 -47.43 -33.90
C GLY D 550 -12.89 -46.80 -34.85
N PHE D 551 -13.41 -46.39 -36.00
CA PHE D 551 -12.73 -46.27 -37.27
C PHE D 551 -11.56 -45.33 -37.25
N SER D 552 -11.68 -44.23 -36.56
CA SER D 552 -10.60 -43.28 -36.62
C SER D 552 -9.51 -43.58 -35.61
N HIS D 553 -9.60 -44.66 -34.87
CA HIS D 553 -8.52 -45.16 -34.03
C HIS D 553 -7.86 -46.38 -34.61
N GLN D 554 -8.17 -46.72 -35.82
CA GLN D 554 -7.70 -47.93 -36.47
C GLN D 554 -6.58 -47.55 -37.45
N ASP D 555 -5.34 -47.57 -37.00
CA ASP D 555 -4.21 -47.35 -37.92
C ASP D 555 -3.04 -48.15 -37.46
N PRO D 556 -2.82 -49.31 -38.07
CA PRO D 556 -1.64 -50.12 -37.76
C PRO D 556 -0.36 -49.66 -38.45
N GLY D 557 -0.31 -48.48 -39.02
CA GLY D 557 0.74 -48.09 -39.91
C GLY D 557 2.11 -47.78 -39.35
N VAL D 558 2.36 -48.05 -38.08
CA VAL D 558 3.69 -47.96 -37.51
C VAL D 558 4.69 -48.85 -38.25
N THR D 559 4.24 -50.05 -38.65
CA THR D 559 5.08 -51.00 -39.35
C THR D 559 5.65 -50.45 -40.66
N SER D 560 4.87 -49.71 -41.45
CA SER D 560 5.37 -49.15 -42.70
C SER D 560 6.44 -48.09 -42.46
N VAL D 561 6.28 -47.27 -41.42
CA VAL D 561 7.28 -46.30 -41.03
C VAL D 561 8.58 -46.97 -40.65
N LEU D 562 8.53 -47.98 -39.80
CA LEU D 562 9.75 -48.60 -39.34
C LEU D 562 10.44 -49.43 -40.41
N LEU D 563 9.74 -49.85 -41.45
CA LEU D 563 10.38 -50.55 -42.55
C LEU D 563 11.24 -49.65 -43.42
N ASN D 564 11.04 -48.35 -43.40
CA ASN D 564 11.92 -47.40 -44.07
C ASN D 564 13.24 -47.15 -43.34
N LYS D 565 13.48 -47.74 -42.20
CA LYS D 565 14.77 -47.58 -41.56
C LYS D 565 15.53 -48.89 -41.52
N CYS D 566 15.29 -49.78 -42.45
CA CYS D 566 15.93 -51.10 -42.47
C CYS D 566 16.80 -51.27 -43.71
N PHE D 567 17.99 -50.71 -43.68
CA PHE D 567 18.90 -50.77 -44.80
C PHE D 567 20.33 -51.03 -44.34
N HIS D 568 21.17 -51.43 -45.29
N HIS D 568 21.11 -51.51 -45.29
CA HIS D 568 22.64 -51.41 -45.17
CA HIS D 568 22.57 -51.58 -45.27
C HIS D 568 23.14 -52.33 -44.06
C HIS D 568 23.11 -52.33 -44.08
N ASN D 569 22.36 -53.34 -43.69
CA ASN D 569 22.59 -54.18 -42.52
C ASN D 569 22.82 -53.42 -41.22
N ASP D 570 22.18 -52.28 -41.04
CA ASP D 570 22.29 -51.56 -39.78
C ASP D 570 21.72 -52.36 -38.62
N HIS D 571 20.60 -53.05 -38.84
CA HIS D 571 19.83 -53.77 -37.84
C HIS D 571 19.52 -52.91 -36.63
N VAL D 572 18.97 -51.74 -36.87
CA VAL D 572 18.53 -50.87 -35.81
C VAL D 572 17.04 -50.94 -35.57
N ILE D 573 16.31 -51.78 -36.28
CA ILE D 573 14.85 -51.90 -36.18
C ILE D 573 14.49 -53.36 -35.87
N GLY D 574 13.65 -53.56 -34.90
CA GLY D 574 13.02 -54.85 -34.70
C GLY D 574 11.53 -54.68 -34.77
N ILE D 575 10.83 -55.48 -35.54
CA ILE D 575 9.40 -55.44 -35.68
C ILE D 575 8.91 -56.84 -35.33
N TYR D 576 8.18 -56.97 -34.23
CA TYR D 576 7.83 -58.27 -33.69
C TYR D 576 6.35 -58.37 -33.43
N PHE D 577 5.77 -59.44 -33.90
CA PHE D 577 4.39 -59.76 -33.70
C PHE D 577 4.31 -60.81 -32.61
N ALA D 578 3.78 -60.43 -31.47
CA ALA D 578 3.64 -61.36 -30.39
C ALA D 578 2.42 -62.24 -30.67
N THR D 579 2.68 -63.49 -31.02
CA THR D 579 1.64 -64.46 -31.32
C THR D 579 0.78 -64.80 -30.11
N ASP D 580 1.34 -64.79 -28.92
CA ASP D 580 0.69 -65.15 -27.67
C ASP D 580 1.62 -64.70 -26.55
N ALA D 581 1.26 -65.04 -25.32
CA ALA D 581 2.04 -64.65 -24.15
C ALA D 581 3.43 -65.27 -24.11
N ASN D 582 3.59 -66.51 -24.56
CA ASN D 582 4.92 -67.12 -24.55
C ASN D 582 5.83 -66.56 -25.63
N MET D 583 5.30 -66.17 -26.77
CA MET D 583 6.08 -65.46 -27.78
C MET D 583 6.41 -64.05 -27.31
N LEU D 584 5.48 -63.40 -26.61
CA LEU D 584 5.75 -62.10 -26.04
C LEU D 584 6.91 -62.12 -25.05
N LEU D 585 6.98 -63.16 -24.23
CA LEU D 585 8.12 -63.34 -23.34
C LEU D 585 9.42 -63.47 -24.10
N ALA D 586 9.45 -64.35 -25.09
CA ALA D 586 10.66 -64.53 -25.88
C ALA D 586 11.08 -63.23 -26.57
N ILE D 587 10.12 -62.47 -27.11
CA ILE D 587 10.42 -61.22 -27.76
C ILE D 587 10.99 -60.24 -26.77
N ALA D 588 10.35 -60.15 -25.60
CA ALA D 588 10.66 -59.15 -24.59
C ALA D 588 12.04 -59.35 -24.04
N GLU D 589 12.42 -60.59 -23.79
CA GLU D 589 13.75 -60.91 -23.35
C GLU D 589 14.81 -60.55 -24.41
N LYS D 590 14.57 -60.85 -25.68
CA LYS D 590 15.46 -60.43 -26.75
C LYS D 590 15.59 -58.90 -26.84
N CYS D 591 14.47 -58.18 -26.79
CA CYS D 591 14.51 -56.73 -26.80
C CYS D 591 15.19 -56.15 -25.56
N TYR D 592 14.97 -56.75 -24.39
CA TYR D 592 15.59 -56.27 -23.16
C TYR D 592 17.09 -56.54 -23.10
N LYS D 593 17.57 -57.55 -23.80
CA LYS D 593 18.98 -57.79 -24.01
C LYS D 593 19.62 -57.03 -25.18
N SER D 594 18.86 -56.47 -26.09
CA SER D 594 19.41 -55.87 -27.28
C SER D 594 19.94 -54.47 -27.00
N THR D 595 20.85 -54.04 -27.84
CA THR D 595 21.40 -52.71 -27.80
C THR D 595 21.23 -52.05 -29.16
N ASN D 596 21.23 -50.72 -29.17
CA ASN D 596 21.24 -49.88 -30.37
C ASN D 596 20.06 -50.14 -31.31
N LYS D 597 18.87 -50.34 -30.78
CA LYS D 597 17.73 -50.63 -31.62
C LYS D 597 16.50 -49.82 -31.26
N ILE D 598 15.58 -49.79 -32.18
CA ILE D 598 14.19 -49.48 -31.91
C ILE D 598 13.42 -50.78 -32.11
N ASN D 599 12.83 -51.27 -31.05
CA ASN D 599 12.04 -52.50 -31.03
C ASN D 599 10.56 -52.17 -30.88
N ALA D 600 9.78 -52.46 -31.90
CA ALA D 600 8.34 -52.40 -31.80
C ALA D 600 7.78 -53.79 -31.48
N ILE D 601 7.00 -53.88 -30.43
CA ILE D 601 6.48 -55.16 -30.00
C ILE D 601 4.98 -55.03 -30.09
N ILE D 602 4.41 -55.67 -31.06
CA ILE D 602 3.00 -55.56 -31.31
C ILE D 602 2.35 -56.75 -30.64
N ALA D 603 1.64 -56.47 -29.57
CA ALA D 603 1.05 -57.45 -28.70
C ALA D 603 -0.39 -57.09 -28.41
N GLY D 604 -1.25 -58.06 -28.42
CA GLY D 604 -2.60 -57.81 -28.02
C GLY D 604 -2.77 -57.84 -26.52
N LYS D 605 -3.71 -57.06 -26.06
CA LYS D 605 -4.10 -57.11 -24.66
C LYS D 605 -5.50 -57.71 -24.44
N GLN D 606 -6.20 -58.11 -25.48
CA GLN D 606 -7.49 -58.78 -25.38
C GLN D 606 -7.32 -60.26 -25.01
N PRO D 607 -8.35 -60.91 -24.49
CA PRO D 607 -8.25 -62.35 -24.22
C PRO D 607 -8.11 -63.12 -25.52
N ALA D 608 -7.13 -64.02 -25.56
CA ALA D 608 -6.77 -64.73 -26.77
C ALA D 608 -6.16 -66.07 -26.38
N ALA D 609 -6.01 -66.94 -27.33
CA ALA D 609 -5.42 -68.25 -27.11
C ALA D 609 -3.92 -68.16 -26.92
N THR D 610 -3.36 -69.17 -26.29
CA THR D 610 -1.92 -69.34 -26.24
C THR D 610 -1.56 -70.50 -27.15
N TRP D 611 -0.70 -70.25 -28.11
CA TRP D 611 -0.41 -71.18 -29.20
C TRP D 611 0.84 -72.00 -28.99
N LEU D 612 1.87 -71.42 -28.40
CA LEU D 612 3.21 -71.99 -28.32
C LEU D 612 3.65 -72.11 -26.87
N THR D 613 4.51 -73.08 -26.62
CA THR D 613 5.26 -73.08 -25.38
C THR D 613 6.41 -72.09 -25.52
N LEU D 614 7.07 -71.83 -24.41
CA LEU D 614 8.17 -70.88 -24.45
C LEU D 614 9.34 -71.43 -25.25
N ASP D 615 9.61 -72.73 -25.15
CA ASP D 615 10.68 -73.33 -25.92
C ASP D 615 10.36 -73.36 -27.41
N GLU D 616 9.09 -73.52 -27.80
CA GLU D 616 8.77 -73.35 -29.21
C GLU D 616 8.84 -71.90 -29.65
N ALA D 617 8.40 -70.97 -28.80
CA ALA D 617 8.44 -69.54 -29.11
C ALA D 617 9.86 -69.07 -29.32
N ARG D 618 10.80 -69.54 -28.50
CA ARG D 618 12.21 -69.20 -28.69
C ARG D 618 12.79 -69.80 -29.96
N ALA D 619 12.26 -70.92 -30.45
CA ALA D 619 12.74 -71.50 -31.69
C ALA D 619 12.24 -70.72 -32.90
N GLU D 620 10.94 -70.41 -32.94
CA GLU D 620 10.39 -69.58 -34.00
C GLU D 620 11.04 -68.21 -34.04
N LEU D 621 11.31 -67.62 -32.88
CA LEU D 621 11.88 -66.27 -32.81
C LEU D 621 13.29 -66.19 -33.34
N GLU D 622 14.11 -67.21 -33.14
CA GLU D 622 15.49 -67.20 -33.62
C GLU D 622 15.57 -67.14 -35.15
N LYS D 623 14.72 -67.89 -35.83
CA LYS D 623 14.65 -67.76 -37.28
C LYS D 623 13.77 -66.60 -37.70
N GLY D 624 12.68 -66.36 -37.01
CA GLY D 624 11.85 -65.23 -37.30
C GLY D 624 10.50 -65.65 -37.76
N ALA D 625 10.48 -66.67 -38.59
CA ALA D 625 9.29 -67.38 -39.03
C ALA D 625 9.51 -68.88 -38.83
N ALA D 626 8.42 -69.63 -38.73
CA ALA D 626 8.51 -71.09 -38.54
C ALA D 626 7.24 -71.77 -38.98
N ALA D 627 7.39 -72.94 -39.56
CA ALA D 627 6.27 -73.83 -39.78
C ALA D 627 5.77 -74.41 -38.47
N TRP D 628 4.47 -74.62 -38.39
CA TRP D 628 3.85 -75.21 -37.22
C TRP D 628 3.42 -76.62 -37.64
N ASP D 629 4.34 -77.58 -37.48
CA ASP D 629 4.04 -78.92 -37.97
C ASP D 629 2.95 -79.58 -37.15
N TRP D 630 2.79 -79.19 -35.90
CA TRP D 630 1.67 -79.68 -35.12
C TRP D 630 0.33 -79.21 -35.65
N ALA D 631 0.29 -78.14 -36.44
CA ALA D 631 -0.96 -77.64 -36.99
C ALA D 631 -1.15 -77.97 -38.46
N SER D 632 -0.11 -78.35 -39.18
CA SER D 632 -0.26 -78.70 -40.57
C SER D 632 -0.90 -80.07 -40.67
N THR D 633 -1.65 -80.29 -41.74
CA THR D 633 -2.06 -81.62 -42.15
C THR D 633 -1.32 -82.09 -43.38
N ALA D 634 -0.62 -81.21 -44.07
CA ALA D 634 0.40 -81.66 -45.00
C ALA D 634 1.60 -82.14 -44.21
N LYS D 635 2.26 -83.14 -44.73
CA LYS D 635 3.35 -83.75 -43.99
C LYS D 635 4.70 -83.53 -44.65
N ASN D 636 4.72 -82.90 -45.83
CA ASN D 636 5.88 -82.19 -46.35
C ASN D 636 5.36 -81.17 -47.37
N ASN D 637 6.29 -80.55 -48.08
CA ASN D 637 5.96 -79.42 -48.93
C ASN D 637 5.25 -79.83 -50.22
N ASP D 638 5.43 -81.05 -50.71
CA ASP D 638 4.77 -81.45 -51.95
C ASP D 638 3.35 -81.91 -51.77
N GLU D 639 2.92 -82.28 -50.58
CA GLU D 639 1.50 -82.61 -50.49
C GLU D 639 0.66 -81.48 -49.94
N ALA D 640 1.27 -80.37 -49.52
CA ALA D 640 0.49 -79.18 -49.21
C ALA D 640 -0.20 -78.65 -50.45
N GLU D 641 -1.46 -78.35 -50.30
CA GLU D 641 -2.15 -77.63 -51.35
C GLU D 641 -2.12 -76.14 -51.14
N VAL D 642 -1.96 -75.70 -49.90
CA VAL D 642 -2.02 -74.29 -49.57
C VAL D 642 -1.18 -74.09 -48.32
N VAL D 643 -0.64 -72.90 -48.17
CA VAL D 643 0.13 -72.53 -46.99
C VAL D 643 -0.63 -71.42 -46.29
N LEU D 644 -0.98 -71.67 -45.06
CA LEU D 644 -1.70 -70.70 -44.26
C LEU D 644 -0.70 -70.00 -43.34
N ALA D 645 -0.32 -68.80 -43.68
CA ALA D 645 0.63 -68.05 -42.88
C ALA D 645 -0.09 -66.93 -42.14
N ALA D 646 0.46 -66.52 -41.01
CA ALA D 646 -0.08 -65.42 -40.22
C ALA D 646 1.02 -64.68 -39.49
N ALA D 647 0.88 -63.38 -39.41
CA ALA D 647 1.68 -62.53 -38.55
C ALA D 647 0.76 -61.67 -37.71
N GLY D 648 0.81 -61.84 -36.40
CA GLY D 648 0.00 -61.16 -35.41
C GLY D 648 -1.00 -62.09 -34.75
N ASP D 649 -1.41 -61.74 -33.53
CA ASP D 649 -2.29 -62.60 -32.73
C ASP D 649 -3.70 -62.73 -33.30
N VAL D 650 -4.31 -61.65 -33.76
CA VAL D 650 -5.62 -61.80 -34.39
C VAL D 650 -5.52 -62.47 -35.76
N PRO D 651 -4.57 -62.17 -36.66
CA PRO D 651 -4.41 -63.03 -37.84
C PRO D 651 -4.13 -64.48 -37.54
N THR D 652 -3.42 -64.77 -36.47
CA THR D 652 -3.13 -66.14 -36.09
C THR D 652 -4.40 -66.85 -35.65
N GLN D 653 -5.27 -66.15 -34.92
CA GLN D 653 -6.51 -66.74 -34.45
C GLN D 653 -7.41 -67.09 -35.63
N GLU D 654 -7.57 -66.17 -36.59
CA GLU D 654 -8.38 -66.41 -37.76
C GLU D 654 -7.79 -67.48 -38.69
N ILE D 655 -6.49 -67.55 -38.82
CA ILE D 655 -5.88 -68.58 -39.66
C ILE D 655 -5.98 -69.94 -38.99
N MET D 656 -5.88 -70.01 -37.65
CA MET D 656 -6.01 -71.28 -36.96
C MET D 656 -7.45 -71.79 -36.97
N ALA D 657 -8.42 -70.87 -36.92
CA ALA D 657 -9.82 -71.23 -37.08
C ALA D 657 -10.16 -71.58 -38.52
N ALA D 658 -9.45 -71.04 -39.49
CA ALA D 658 -9.66 -71.44 -40.87
C ALA D 658 -9.05 -72.80 -41.15
N SER D 659 -7.90 -73.11 -40.54
CA SER D 659 -7.28 -74.41 -40.71
C SER D 659 -8.12 -75.54 -40.13
N ASP D 660 -8.91 -75.29 -39.10
CA ASP D 660 -9.79 -76.30 -38.55
C ASP D 660 -10.96 -76.62 -39.46
N LYS D 661 -11.52 -75.59 -40.10
CA LYS D 661 -12.55 -75.78 -41.12
C LYS D 661 -12.00 -76.38 -42.38
N LEU D 662 -10.74 -76.14 -42.71
CA LEU D 662 -10.13 -76.77 -43.87
C LEU D 662 -9.86 -78.23 -43.61
N LYS D 663 -9.41 -78.56 -42.41
CA LYS D 663 -9.16 -79.91 -41.97
C LYS D 663 -10.41 -80.76 -42.02
N GLU D 664 -11.53 -80.22 -41.51
CA GLU D 664 -12.86 -80.80 -41.64
C GLU D 664 -13.27 -81.09 -43.07
N LEU D 665 -12.77 -80.32 -44.03
CA LEU D 665 -12.97 -80.61 -45.45
C LEU D 665 -11.95 -81.56 -46.02
N GLY D 666 -11.03 -82.08 -45.22
CA GLY D 666 -10.05 -82.96 -45.76
C GLY D 666 -8.82 -82.33 -46.39
N VAL D 667 -8.71 -81.00 -46.47
CA VAL D 667 -7.62 -80.34 -47.20
C VAL D 667 -6.26 -80.55 -46.54
N LYS D 668 -5.24 -80.75 -47.37
CA LYS D 668 -3.86 -80.87 -46.94
C LYS D 668 -3.21 -79.48 -47.02
N PHE D 669 -2.84 -78.91 -45.88
CA PHE D 669 -2.27 -77.58 -45.83
C PHE D 669 -1.10 -77.56 -44.88
N LYS D 670 -0.36 -76.48 -44.94
CA LYS D 670 0.73 -76.19 -44.03
C LYS D 670 0.47 -74.85 -43.36
N VAL D 671 0.73 -74.77 -42.07
CA VAL D 671 0.52 -73.56 -41.28
C VAL D 671 1.88 -72.94 -40.92
N VAL D 672 2.05 -71.65 -41.16
CA VAL D 672 3.26 -70.89 -40.87
C VAL D 672 2.96 -69.72 -39.93
N ASN D 673 3.83 -69.45 -38.99
CA ASN D 673 3.72 -68.25 -38.20
C ASN D 673 4.94 -67.38 -38.39
N VAL D 674 4.73 -66.08 -38.48
CA VAL D 674 5.77 -65.10 -38.66
C VAL D 674 5.78 -64.24 -37.39
N ALA D 675 6.80 -64.36 -36.59
CA ALA D 675 6.94 -63.52 -35.42
C ALA D 675 7.77 -62.28 -35.67
N ASP D 676 8.74 -62.32 -36.55
CA ASP D 676 9.71 -61.25 -36.79
C ASP D 676 9.61 -60.86 -38.26
N LEU D 677 9.16 -59.64 -38.52
CA LEU D 677 8.76 -59.20 -39.85
C LEU D 677 9.94 -59.06 -40.79
N LEU D 678 11.08 -58.60 -40.30
CA LEU D 678 12.27 -58.46 -41.12
C LEU D 678 12.94 -59.77 -41.47
N SER D 679 12.46 -60.91 -40.99
CA SER D 679 12.95 -62.21 -41.46
C SER D 679 12.55 -62.48 -42.90
N LEU D 680 11.55 -61.77 -43.41
CA LEU D 680 11.04 -61.94 -44.75
C LEU D 680 11.74 -61.06 -45.76
N GLN D 681 12.48 -60.05 -45.29
CA GLN D 681 13.28 -59.14 -46.09
C GLN D 681 14.25 -59.91 -46.95
N SER D 682 14.48 -59.41 -48.15
CA SER D 682 15.46 -59.90 -49.11
C SER D 682 16.77 -60.30 -48.44
N ALA D 683 17.17 -61.54 -48.68
CA ALA D 683 18.38 -62.08 -48.11
C ALA D 683 19.64 -61.36 -48.59
N LYS D 684 19.58 -60.72 -49.73
CA LYS D 684 20.66 -59.84 -50.17
C LYS D 684 20.72 -58.59 -49.32
N GLU D 685 19.56 -58.01 -49.02
CA GLU D 685 19.51 -56.78 -48.29
C GLU D 685 19.82 -56.95 -46.80
N ASN D 686 19.50 -58.09 -46.22
CA ASN D 686 19.47 -58.30 -44.78
C ASN D 686 20.13 -59.64 -44.48
N ASP D 687 21.30 -59.66 -43.89
CA ASP D 687 21.97 -60.93 -43.60
C ASP D 687 21.49 -61.61 -42.32
N GLU D 688 20.55 -61.03 -41.59
CA GLU D 688 19.83 -61.75 -40.56
C GLU D 688 18.53 -62.37 -41.06
N ALA D 689 18.05 -61.98 -42.22
CA ALA D 689 16.79 -62.54 -42.68
C ALA D 689 16.97 -63.96 -43.20
N LEU D 690 15.86 -64.68 -43.26
CA LEU D 690 15.81 -66.04 -43.84
C LEU D 690 16.53 -66.12 -45.18
N THR D 691 17.42 -67.11 -45.32
CA THR D 691 18.00 -67.39 -46.63
C THR D 691 16.88 -67.78 -47.59
N ASP D 692 17.18 -67.75 -48.88
CA ASP D 692 16.15 -68.08 -49.87
C ASP D 692 15.77 -69.55 -49.81
N GLU D 693 16.69 -70.40 -49.38
CA GLU D 693 16.43 -71.81 -49.20
C GLU D 693 15.62 -72.07 -47.93
N GLU D 694 15.94 -71.42 -46.83
CA GLU D 694 15.11 -71.42 -45.63
C GLU D 694 13.73 -70.84 -45.90
N PHE D 695 13.63 -69.83 -46.75
CA PHE D 695 12.34 -69.22 -47.04
C PHE D 695 11.48 -70.18 -47.85
N ALA D 696 12.07 -70.88 -48.80
CA ALA D 696 11.30 -71.79 -49.60
C ALA D 696 11.04 -73.12 -48.91
N ASP D 697 11.72 -73.44 -47.82
CA ASP D 697 11.29 -74.60 -47.08
C ASP D 697 10.05 -74.27 -46.28
N ILE D 698 10.02 -73.08 -45.70
CA ILE D 698 8.89 -72.65 -44.90
C ILE D 698 7.68 -72.41 -45.78
N PHE D 699 7.83 -71.62 -46.82
CA PHE D 699 6.67 -71.14 -47.54
C PHE D 699 6.23 -71.98 -48.72
N THR D 700 7.09 -72.34 -49.65
CA THR D 700 7.20 -73.60 -50.42
C THR D 700 7.93 -73.07 -51.64
N ALA D 701 8.25 -73.90 -52.60
CA ALA D 701 8.65 -73.33 -53.86
C ALA D 701 7.47 -72.88 -54.72
N ASP D 702 6.32 -73.53 -54.60
CA ASP D 702 5.24 -73.27 -55.56
C ASP D 702 3.80 -73.36 -55.05
N LYS D 703 3.57 -73.44 -53.88
CA LYS D 703 2.17 -73.56 -53.46
C LYS D 703 1.56 -72.19 -53.18
N PRO D 704 0.26 -72.04 -53.38
CA PRO D 704 -0.43 -70.83 -52.94
C PRO D 704 -0.28 -70.55 -51.44
N VAL D 705 0.23 -69.38 -51.10
CA VAL D 705 0.33 -68.96 -49.70
C VAL D 705 -0.77 -67.97 -49.42
N LEU D 706 -1.65 -68.29 -48.52
CA LEU D 706 -2.56 -67.33 -47.94
C LEU D 706 -1.93 -66.76 -46.68
N PHE D 707 -1.81 -65.45 -46.62
CA PHE D 707 -1.03 -64.74 -45.62
C PHE D 707 -1.94 -63.71 -44.94
N ALA D 708 -2.35 -63.97 -43.72
CA ALA D 708 -3.09 -62.99 -42.95
C ALA D 708 -2.10 -62.14 -42.17
N TYR D 709 -2.08 -60.86 -42.43
CA TYR D 709 -1.09 -59.94 -41.86
C TYR D 709 -1.79 -58.92 -40.99
N HIS D 710 -1.15 -58.55 -39.89
CA HIS D 710 -1.74 -57.63 -38.91
C HIS D 710 -1.93 -56.20 -39.49
N SER D 711 -1.06 -55.73 -40.36
CA SER D 711 -1.02 -54.32 -40.73
C SER D 711 -1.34 -54.27 -42.21
N TYR D 712 -0.96 -53.25 -42.94
CA TYR D 712 -1.24 -53.15 -44.36
C TYR D 712 -0.49 -54.20 -45.18
N ALA D 713 -1.24 -54.96 -45.98
CA ALA D 713 -0.70 -55.94 -46.93
C ALA D 713 0.43 -55.40 -47.80
N HIS D 714 0.39 -54.12 -48.13
CA HIS D 714 1.47 -53.44 -48.83
C HIS D 714 2.85 -53.59 -48.17
N ASP D 715 2.93 -53.60 -46.83
CA ASP D 715 4.19 -53.88 -46.12
C ASP D 715 4.80 -55.20 -46.55
N VAL D 716 3.99 -56.25 -46.59
CA VAL D 716 4.50 -57.57 -46.90
C VAL D 716 4.81 -57.71 -48.38
N ARG D 717 3.93 -57.22 -49.25
CA ARG D 717 4.12 -57.33 -50.69
C ARG D 717 5.41 -56.65 -51.11
N GLY D 718 5.72 -55.52 -50.48
CA GLY D 718 6.96 -54.83 -50.75
C GLY D 718 8.20 -55.55 -50.27
N LEU D 719 8.12 -56.24 -49.15
CA LEU D 719 9.24 -56.94 -48.56
C LEU D 719 9.61 -58.22 -49.29
N ILE D 720 8.65 -58.95 -49.83
CA ILE D 720 8.92 -60.26 -50.42
C ILE D 720 9.09 -60.19 -51.93
N TYR D 721 9.41 -59.02 -52.49
CA TYR D 721 9.31 -58.77 -53.94
C TYR D 721 10.25 -59.63 -54.75
N ASP D 722 11.36 -60.06 -54.15
CA ASP D 722 12.31 -60.96 -54.79
C ASP D 722 12.45 -62.29 -54.06
N ARG D 723 11.50 -62.68 -53.27
CA ARG D 723 11.55 -63.96 -52.60
C ARG D 723 11.04 -65.06 -53.52
N PRO D 724 11.50 -66.30 -53.34
CA PRO D 724 10.90 -67.44 -54.08
C PRO D 724 9.43 -67.59 -53.79
N ASN D 725 8.68 -67.92 -54.83
CA ASN D 725 7.24 -68.16 -54.76
C ASN D 725 6.45 -66.91 -54.35
N HIS D 726 6.94 -65.70 -54.62
CA HIS D 726 6.25 -64.53 -54.08
C HIS D 726 5.01 -64.16 -54.86
N ASP D 727 4.96 -64.51 -56.15
CA ASP D 727 3.77 -64.36 -56.96
C ASP D 727 2.62 -65.22 -56.50
N ASN D 728 2.85 -66.19 -55.63
CA ASN D 728 1.77 -67.00 -55.13
C ASN D 728 1.24 -66.54 -53.81
N PHE D 729 1.88 -65.56 -53.19
CA PHE D 729 1.35 -65.02 -51.95
C PHE D 729 0.06 -64.27 -52.22
N ASN D 730 -0.83 -64.33 -51.25
CA ASN D 730 -2.09 -63.63 -51.26
C ASN D 730 -2.24 -62.99 -49.88
N VAL D 731 -1.81 -61.75 -49.76
CA VAL D 731 -1.69 -61.13 -48.46
C VAL D 731 -3.02 -60.49 -48.11
N HIS D 732 -3.51 -60.71 -46.91
CA HIS D 732 -4.69 -60.02 -46.39
C HIS D 732 -4.23 -59.22 -45.18
N GLY D 733 -4.42 -57.93 -45.21
CA GLY D 733 -4.21 -57.11 -44.07
C GLY D 733 -5.35 -56.21 -43.66
N TYR D 734 -5.09 -55.23 -42.81
CA TYR D 734 -5.98 -54.11 -42.63
C TYR D 734 -6.18 -53.38 -43.96
N GLU D 735 -7.43 -53.12 -44.29
CA GLU D 735 -7.69 -52.41 -45.53
C GLU D 735 -8.56 -51.21 -45.32
N GLU D 736 -8.35 -50.48 -44.23
CA GLU D 736 -9.08 -49.24 -43.94
C GLU D 736 -10.58 -49.43 -43.82
N GLU D 737 -11.03 -50.57 -43.34
CA GLU D 737 -12.43 -50.73 -43.05
C GLU D 737 -12.61 -50.96 -41.56
N GLY D 738 -13.71 -50.48 -41.05
CA GLY D 738 -14.06 -50.68 -39.66
C GLY D 738 -14.97 -49.59 -39.19
N SER D 739 -15.43 -49.74 -37.99
CA SER D 739 -16.40 -48.86 -37.34
C SER D 739 -16.35 -49.26 -35.87
N THR D 740 -17.19 -48.68 -35.05
CA THR D 740 -17.35 -49.22 -33.71
C THR D 740 -18.26 -50.43 -33.83
N THR D 741 -17.78 -51.62 -33.49
CA THR D 741 -18.53 -52.82 -33.88
C THR D 741 -18.05 -54.01 -33.03
N THR D 742 -18.35 -55.17 -33.40
CA THR D 742 -17.90 -56.35 -32.68
C THR D 742 -16.54 -56.78 -33.22
N PRO D 743 -15.79 -57.62 -32.49
CA PRO D 743 -14.52 -58.11 -33.04
C PRO D 743 -14.62 -58.91 -34.31
N TYR D 744 -15.67 -59.72 -34.47
CA TYR D 744 -15.86 -60.45 -35.72
C TYR D 744 -16.07 -59.50 -36.86
N ASP D 745 -16.90 -58.49 -36.67
CA ASP D 745 -17.14 -57.56 -37.74
C ASP D 745 -15.90 -56.79 -38.18
N MET D 746 -14.93 -56.55 -37.29
CA MET D 746 -13.65 -55.96 -37.68
C MET D 746 -12.86 -56.86 -38.61
N VAL D 747 -12.79 -58.15 -38.32
CA VAL D 747 -12.05 -59.02 -39.21
C VAL D 747 -12.82 -59.28 -40.49
N ARG D 748 -14.15 -59.26 -40.46
CA ARG D 748 -14.97 -59.53 -41.61
C ARG D 748 -14.85 -58.44 -42.67
N VAL D 749 -14.92 -57.17 -42.27
CA VAL D 749 -14.91 -56.09 -43.24
C VAL D 749 -13.53 -55.88 -43.84
N ASN D 750 -12.48 -56.42 -43.25
CA ASN D 750 -11.15 -56.33 -43.77
C ASN D 750 -10.72 -57.63 -44.44
N ARG D 751 -11.63 -58.59 -44.59
CA ARG D 751 -11.46 -59.83 -45.38
C ARG D 751 -10.36 -60.70 -44.81
N ILE D 752 -10.36 -60.81 -43.50
CA ILE D 752 -9.38 -61.58 -42.77
C ILE D 752 -10.01 -62.49 -41.73
N ASP D 753 -11.34 -62.47 -41.60
CA ASP D 753 -12.08 -63.41 -40.77
C ASP D 753 -11.88 -64.84 -41.25
N ARG D 754 -12.09 -65.77 -40.32
CA ARG D 754 -11.90 -67.20 -40.56
C ARG D 754 -12.72 -67.75 -41.71
N TYR D 755 -13.89 -67.19 -42.01
CA TYR D 755 -14.73 -67.76 -43.05
C TYR D 755 -14.27 -67.30 -44.40
N GLU D 756 -13.89 -66.03 -44.52
CA GLU D 756 -13.32 -65.53 -45.74
C GLU D 756 -11.99 -66.18 -46.06
N LEU D 757 -11.14 -66.36 -45.06
CA LEU D 757 -9.86 -67.02 -45.20
C LEU D 757 -10.03 -68.48 -45.59
N THR D 758 -11.00 -69.18 -45.01
CA THR D 758 -11.32 -70.53 -45.45
C THR D 758 -11.74 -70.55 -46.90
N ALA D 759 -12.56 -69.60 -47.29
CA ALA D 759 -13.06 -69.49 -48.66
C ALA D 759 -11.95 -69.12 -49.63
N GLU D 760 -11.05 -68.20 -49.25
CA GLU D 760 -9.92 -67.85 -50.11
C GLU D 760 -8.98 -69.02 -50.32
N ALA D 761 -8.74 -69.82 -49.28
CA ALA D 761 -7.94 -71.04 -49.46
C ALA D 761 -8.57 -72.00 -50.45
N LEU D 762 -9.89 -72.16 -50.43
CA LEU D 762 -10.54 -73.07 -51.37
C LEU D 762 -10.54 -72.52 -52.79
N ARG D 763 -10.61 -71.21 -52.95
CA ARG D 763 -10.50 -70.63 -54.28
C ARG D 763 -9.11 -70.78 -54.85
N MET D 764 -8.09 -70.71 -54.00
CA MET D 764 -6.71 -70.92 -54.39
C MET D 764 -6.44 -72.38 -54.74
N ILE D 765 -7.12 -73.33 -54.10
CA ILE D 765 -6.85 -74.74 -54.34
C ILE D 765 -7.60 -75.20 -55.58
N ASP D 766 -8.92 -75.04 -55.56
CA ASP D 766 -9.79 -75.36 -56.69
C ASP D 766 -11.12 -74.61 -56.45
N ALA D 767 -11.32 -73.50 -57.13
CA ALA D 767 -12.48 -72.65 -56.86
C ALA D 767 -13.78 -73.23 -57.38
N ASP D 768 -13.71 -74.39 -58.01
CA ASP D 768 -14.72 -75.00 -58.83
C ASP D 768 -15.30 -76.26 -58.21
N LYS D 769 -14.46 -77.15 -57.67
CA LYS D 769 -14.94 -78.28 -56.90
C LYS D 769 -15.43 -77.86 -55.51
N TYR D 770 -14.93 -76.75 -54.97
CA TYR D 770 -15.36 -76.28 -53.68
C TYR D 770 -16.39 -75.17 -53.81
N ALA D 771 -17.00 -75.04 -54.98
CA ALA D 771 -17.88 -73.91 -55.27
C ALA D 771 -19.09 -73.88 -54.37
N ASP D 772 -19.62 -75.05 -54.01
CA ASP D 772 -20.77 -75.10 -53.12
C ASP D 772 -20.39 -74.62 -51.73
N LYS D 773 -19.29 -75.13 -51.20
CA LYS D 773 -18.85 -74.81 -49.85
C LYS D 773 -18.38 -73.37 -49.74
N ILE D 774 -17.82 -72.82 -50.81
CA ILE D 774 -17.44 -71.41 -50.84
C ILE D 774 -18.67 -70.53 -50.71
N ASP D 775 -19.71 -70.76 -51.54
CA ASP D 775 -20.97 -70.03 -51.43
C ASP D 775 -21.62 -70.19 -50.06
N GLU D 776 -21.40 -71.31 -49.41
CA GLU D 776 -21.87 -71.51 -48.05
C GLU D 776 -21.09 -70.69 -47.03
N LEU D 777 -19.78 -70.58 -47.17
CA LEU D 777 -19.02 -69.78 -46.22
C LEU D 777 -19.33 -68.30 -46.34
N GLU D 778 -19.48 -67.79 -47.56
CA GLU D 778 -19.83 -66.39 -47.79
C GLU D 778 -21.19 -66.03 -47.26
N LYS D 779 -22.13 -66.97 -47.29
CA LYS D 779 -23.45 -66.69 -46.74
C LYS D 779 -23.44 -66.66 -45.24
N PHE D 780 -22.63 -67.49 -44.59
CA PHE D 780 -22.47 -67.43 -43.15
C PHE D 780 -21.88 -66.11 -42.69
N ARG D 781 -20.98 -65.52 -43.49
CA ARG D 781 -20.36 -64.27 -43.09
C ARG D 781 -21.38 -63.18 -42.93
N ASP D 782 -22.35 -63.15 -43.83
CA ASP D 782 -23.44 -62.21 -43.75
C ASP D 782 -24.38 -62.55 -42.61
N GLU D 783 -24.48 -63.83 -42.26
CA GLU D 783 -25.37 -64.27 -41.23
C GLU D 783 -24.79 -64.05 -39.85
N ALA D 784 -23.51 -64.33 -39.65
CA ALA D 784 -22.84 -63.96 -38.42
C ALA D 784 -22.78 -62.44 -38.23
N PHE D 785 -22.72 -61.65 -39.30
CA PHE D 785 -22.89 -60.20 -39.11
C PHE D 785 -24.32 -59.84 -38.71
N GLN D 786 -25.30 -60.46 -39.34
CA GLN D 786 -26.68 -60.18 -38.97
C GLN D 786 -27.01 -60.62 -37.54
N PHE D 787 -26.34 -61.65 -37.03
CA PHE D 787 -26.49 -62.03 -35.63
C PHE D 787 -26.01 -60.93 -34.70
N ALA D 788 -24.84 -60.36 -34.98
CA ALA D 788 -24.30 -59.30 -34.13
C ALA D 788 -25.24 -58.11 -34.09
N VAL D 789 -25.79 -57.72 -35.23
CA VAL D 789 -26.75 -56.63 -35.30
C VAL D 789 -27.99 -56.93 -34.46
N ASP D 790 -28.52 -58.14 -34.58
CA ASP D 790 -29.75 -58.49 -33.89
C ASP D 790 -29.55 -58.62 -32.38
N ASN D 791 -28.49 -59.27 -31.95
CA ASN D 791 -28.36 -59.70 -30.58
C ASN D 791 -27.45 -58.84 -29.75
N GLY D 792 -26.49 -58.16 -30.35
CA GLY D 792 -25.58 -57.33 -29.63
C GLY D 792 -24.23 -57.94 -29.24
N TYR D 793 -23.83 -59.04 -29.85
CA TYR D 793 -22.61 -59.77 -29.51
C TYR D 793 -22.44 -60.77 -30.62
N ASP D 794 -21.23 -61.31 -30.76
CA ASP D 794 -20.89 -62.12 -31.90
C ASP D 794 -21.52 -63.51 -31.83
N HIS D 795 -21.70 -64.09 -32.99
CA HIS D 795 -22.28 -65.41 -33.18
C HIS D 795 -21.51 -66.47 -32.41
N PRO D 796 -22.19 -67.42 -31.77
CA PRO D 796 -21.48 -68.41 -30.94
C PRO D 796 -20.52 -69.29 -31.70
N ASP D 797 -20.71 -69.50 -33.01
CA ASP D 797 -19.68 -70.22 -33.75
C ASP D 797 -18.39 -69.45 -33.79
N TYR D 798 -18.46 -68.12 -33.76
CA TYR D 798 -17.26 -67.33 -33.65
C TYR D 798 -16.73 -67.33 -32.23
N THR D 799 -17.53 -66.93 -31.25
CA THR D 799 -17.01 -66.65 -29.92
C THR D 799 -16.63 -67.90 -29.14
N ASP D 800 -17.24 -69.03 -29.43
CA ASP D 800 -17.02 -70.22 -28.61
C ASP D 800 -16.01 -71.16 -29.21
N TRP D 801 -15.31 -70.75 -30.26
CA TRP D 801 -14.40 -71.64 -30.97
C TRP D 801 -13.14 -71.89 -30.16
N VAL D 802 -12.76 -73.13 -30.04
CA VAL D 802 -11.49 -73.51 -29.47
C VAL D 802 -10.82 -74.40 -30.50
N TYR D 803 -9.52 -74.26 -30.65
CA TYR D 803 -8.77 -75.08 -31.57
C TYR D 803 -8.82 -76.55 -31.17
N SER D 804 -8.97 -77.41 -32.17
CA SER D 804 -9.17 -78.85 -31.98
C SER D 804 -7.99 -79.51 -31.27
N GLY D 805 -6.80 -78.96 -31.40
CA GLY D 805 -5.65 -79.33 -30.58
C GLY D 805 -5.84 -79.21 -29.08
N VAL D 806 -6.84 -78.51 -28.60
CA VAL D 806 -7.06 -78.36 -27.17
C VAL D 806 -7.80 -79.57 -26.64
N ASN D 807 -7.20 -80.23 -25.68
CA ASN D 807 -7.82 -81.27 -24.91
C ASN D 807 -8.40 -80.75 -23.64
N THR E 2 -19.60 -49.38 14.72
CA THR E 2 -19.03 -48.08 14.48
C THR E 2 -20.05 -46.99 14.80
N SER E 3 -19.69 -45.75 14.56
CA SER E 3 -20.56 -44.63 14.88
C SER E 3 -21.75 -44.60 13.92
N PRO E 4 -22.95 -44.34 14.41
CA PRO E 4 -24.08 -44.15 13.50
C PRO E 4 -24.00 -42.79 12.80
N VAL E 5 -24.36 -42.79 11.53
CA VAL E 5 -24.66 -41.56 10.80
C VAL E 5 -26.04 -41.07 11.22
N ILE E 6 -26.11 -39.92 11.86
CA ILE E 6 -27.35 -39.40 12.45
C ILE E 6 -27.68 -38.10 11.75
N GLY E 7 -28.91 -37.96 11.32
CA GLY E 7 -29.37 -36.68 10.81
C GLY E 7 -28.90 -36.42 9.39
N THR E 8 -28.81 -35.15 9.04
CA THR E 8 -28.37 -34.69 7.73
C THR E 8 -27.15 -33.83 7.98
N PRO E 9 -25.97 -34.41 8.05
CA PRO E 9 -24.83 -33.63 8.52
C PRO E 9 -24.31 -32.66 7.49
N TRP E 10 -23.71 -31.60 8.01
CA TRP E 10 -22.95 -30.61 7.28
C TRP E 10 -23.81 -29.90 6.20
N LYS E 11 -25.02 -29.55 6.56
CA LYS E 11 -25.92 -28.83 5.67
C LYS E 11 -26.00 -27.35 5.99
N LYS E 12 -25.79 -26.54 4.98
CA LYS E 12 -26.03 -25.11 5.08
C LYS E 12 -27.52 -24.80 5.17
N LEU E 13 -27.81 -23.64 5.72
CA LEU E 13 -29.17 -23.19 5.94
C LEU E 13 -29.74 -22.55 4.68
N ASN E 14 -28.96 -21.71 4.00
CA ASN E 14 -29.30 -21.00 2.77
C ASN E 14 -30.49 -20.04 2.94
N ALA E 15 -30.67 -19.51 4.13
CA ALA E 15 -31.69 -18.55 4.49
C ALA E 15 -31.25 -17.87 5.78
N PRO E 16 -31.74 -16.66 6.06
CA PRO E 16 -31.49 -16.07 7.38
C PRO E 16 -32.24 -16.85 8.44
N VAL E 17 -31.75 -16.79 9.65
CA VAL E 17 -32.47 -17.39 10.76
C VAL E 17 -33.81 -16.66 10.94
N SER E 18 -34.86 -17.43 11.13
CA SER E 18 -36.18 -16.86 11.20
C SER E 18 -36.35 -16.10 12.51
N GLU E 19 -37.08 -15.00 12.43
CA GLU E 19 -37.35 -14.18 13.60
C GLU E 19 -38.15 -14.95 14.66
N GLU E 20 -39.01 -15.88 14.24
CA GLU E 20 -39.72 -16.71 15.20
C GLU E 20 -38.76 -17.61 15.98
N ALA E 21 -37.82 -18.28 15.30
CA ALA E 21 -36.83 -19.10 16.00
C ALA E 21 -36.00 -18.30 16.98
N LEU E 22 -35.65 -17.07 16.63
CA LEU E 22 -34.94 -16.22 17.56
C LEU E 22 -35.80 -15.83 18.75
N GLU E 23 -37.10 -15.69 18.54
CA GLU E 23 -38.00 -15.45 19.64
C GLU E 23 -38.11 -16.67 20.53
N GLY E 24 -38.05 -17.86 19.95
CA GLY E 24 -37.82 -19.06 20.71
C GLY E 24 -36.54 -19.07 21.52
N VAL E 25 -35.41 -18.71 20.91
CA VAL E 25 -34.14 -18.75 21.62
C VAL E 25 -34.13 -17.79 22.81
N ASP E 26 -34.77 -16.63 22.66
CA ASP E 26 -34.78 -15.67 23.75
C ASP E 26 -35.61 -16.15 24.92
N LYS E 27 -36.73 -16.80 24.65
CA LYS E 27 -37.52 -17.42 25.71
C LYS E 27 -36.79 -18.60 26.33
N TYR E 28 -36.13 -19.45 25.53
CA TYR E 28 -35.27 -20.48 26.08
C TYR E 28 -34.28 -19.91 27.10
N TRP E 29 -33.56 -18.84 26.76
CA TRP E 29 -32.56 -18.28 27.63
C TRP E 29 -33.18 -17.79 28.94
N ARG E 30 -34.31 -17.08 28.86
CA ARG E 30 -35.03 -16.64 30.04
C ARG E 30 -35.44 -17.80 30.94
N VAL E 31 -36.09 -18.82 30.39
CA VAL E 31 -36.56 -19.93 31.19
C VAL E 31 -35.42 -20.82 31.66
N ALA E 32 -34.37 -21.03 30.85
CA ALA E 32 -33.26 -21.77 31.36
C ALA E 32 -32.56 -21.00 32.47
N ASN E 33 -32.51 -19.68 32.39
CA ASN E 33 -31.89 -18.89 33.45
C ASN E 33 -32.72 -18.95 34.72
N TYR E 34 -34.03 -18.78 34.59
CA TYR E 34 -34.97 -18.99 35.68
C TYR E 34 -34.82 -20.37 36.30
N LEU E 35 -34.75 -21.41 35.50
CA LEU E 35 -34.65 -22.76 36.04
C LEU E 35 -33.31 -23.05 36.62
N SER E 36 -32.28 -22.39 36.14
CA SER E 36 -30.98 -22.49 36.76
C SER E 36 -30.97 -21.85 38.16
N ILE E 37 -31.51 -20.63 38.29
CA ILE E 37 -31.67 -19.93 39.59
C ILE E 37 -32.60 -20.70 40.54
N GLY E 38 -33.69 -21.25 40.04
CA GLY E 38 -34.60 -22.00 40.89
C GLY E 38 -33.94 -23.20 41.54
N GLN E 39 -33.09 -23.90 40.79
CA GLN E 39 -32.32 -25.05 41.25
C GLN E 39 -31.30 -24.67 42.32
N ILE E 40 -30.66 -23.50 42.20
CA ILE E 40 -29.72 -23.03 43.19
C ILE E 40 -30.42 -22.52 44.45
N TYR E 41 -31.47 -21.73 44.32
CA TYR E 41 -32.00 -20.96 45.44
C TYR E 41 -33.25 -21.54 46.10
N LEU E 42 -34.12 -22.22 45.38
CA LEU E 42 -35.46 -22.52 45.85
C LEU E 42 -35.65 -23.95 46.31
N ARG E 43 -36.21 -24.12 47.48
CA ARG E 43 -36.63 -25.43 47.93
C ARG E 43 -38.12 -25.64 47.78
N SER E 44 -38.90 -24.59 47.69
CA SER E 44 -40.34 -24.66 47.50
C SER E 44 -40.78 -23.53 46.62
N ASN E 45 -42.06 -23.60 46.26
CA ASN E 45 -42.81 -22.54 45.58
C ASN E 45 -42.12 -22.04 44.30
N PRO E 46 -41.95 -22.92 43.30
CA PRO E 46 -41.06 -22.60 42.17
C PRO E 46 -41.50 -21.43 41.33
N LEU E 47 -42.80 -21.23 41.21
CA LEU E 47 -43.35 -20.17 40.39
C LEU E 47 -43.72 -18.94 41.20
N MET E 48 -43.20 -18.83 42.43
CA MET E 48 -43.38 -17.68 43.33
C MET E 48 -44.85 -17.27 43.48
N LYS E 49 -45.73 -18.25 43.72
CA LYS E 49 -47.10 -17.95 44.12
C LYS E 49 -47.08 -17.26 45.45
N GLU E 50 -47.94 -16.28 45.60
CA GLU E 50 -48.32 -15.65 46.86
C GLU E 50 -48.69 -16.70 47.91
N PRO E 51 -47.97 -16.78 49.04
CA PRO E 51 -46.81 -15.92 49.30
C PRO E 51 -45.46 -16.60 49.06
N PHE E 52 -44.63 -15.88 48.35
CA PHE E 52 -43.24 -16.25 48.13
C PHE E 52 -42.40 -15.56 49.19
N THR E 53 -41.94 -16.32 50.16
CA THR E 53 -41.18 -15.76 51.27
C THR E 53 -39.82 -16.45 51.40
N ARG E 54 -39.06 -16.01 52.39
CA ARG E 54 -37.74 -16.52 52.68
C ARG E 54 -37.73 -17.99 53.06
N GLU E 55 -38.84 -18.53 53.55
CA GLU E 55 -38.96 -19.96 53.74
C GLU E 55 -38.87 -20.79 52.47
N ASP E 56 -39.15 -20.22 51.32
CA ASP E 56 -38.97 -20.97 50.09
C ASP E 56 -37.51 -21.09 49.65
N VAL E 57 -36.58 -20.44 50.33
CA VAL E 57 -35.19 -20.40 49.92
C VAL E 57 -34.48 -21.56 50.60
N LYS E 58 -33.59 -22.22 49.87
CA LYS E 58 -32.79 -23.29 50.43
C LYS E 58 -31.89 -22.78 51.56
N HIS E 59 -31.73 -23.61 52.55
CA HIS E 59 -30.94 -23.23 53.72
C HIS E 59 -29.48 -23.12 53.41
N ARG E 60 -29.00 -23.83 52.43
CA ARG E 60 -27.61 -23.76 52.06
C ARG E 60 -27.52 -23.63 50.55
N LEU E 61 -26.85 -22.61 50.09
CA LEU E 61 -26.78 -22.34 48.67
C LEU E 61 -25.54 -22.99 48.09
N VAL E 62 -25.76 -23.91 47.19
CA VAL E 62 -24.74 -24.71 46.53
C VAL E 62 -24.89 -24.50 45.03
N GLY E 63 -23.80 -24.36 44.33
CA GLY E 63 -23.83 -24.30 42.89
C GLY E 63 -23.19 -23.03 42.40
N HIS E 64 -23.23 -22.87 41.09
CA HIS E 64 -22.44 -21.87 40.42
C HIS E 64 -23.35 -21.12 39.47
N TRP E 65 -23.48 -19.83 39.68
CA TRP E 65 -24.15 -18.97 38.73
C TRP E 65 -23.27 -18.45 37.62
N GLY E 66 -21.99 -18.17 37.83
CA GLY E 66 -21.22 -17.28 36.95
C GLY E 66 -21.14 -17.73 35.50
N THR E 67 -20.77 -18.97 35.28
CA THR E 67 -20.75 -19.54 33.95
C THR E 67 -22.15 -19.80 33.36
N THR E 68 -23.17 -19.96 34.19
CA THR E 68 -24.47 -20.51 33.77
C THR E 68 -25.24 -19.70 32.74
N PRO E 69 -25.50 -18.39 32.90
CA PRO E 69 -26.28 -17.72 31.87
C PRO E 69 -25.57 -17.67 30.54
N GLY E 70 -24.26 -17.64 30.53
CA GLY E 70 -23.54 -17.81 29.27
C GLY E 70 -23.74 -19.17 28.63
N LEU E 71 -23.77 -20.21 29.43
CA LEU E 71 -23.97 -21.56 28.91
C LEU E 71 -25.39 -21.71 28.39
N ASN E 72 -26.37 -21.14 29.09
CA ASN E 72 -27.78 -21.15 28.68
C ASN E 72 -28.00 -20.42 27.37
N PHE E 73 -27.24 -19.34 27.13
CA PHE E 73 -27.30 -18.61 25.88
C PHE E 73 -26.82 -19.49 24.76
N LEU E 74 -25.62 -20.03 24.90
CA LEU E 74 -25.00 -20.89 23.92
C LEU E 74 -25.85 -22.12 23.63
N ILE E 75 -26.39 -22.75 24.65
CA ILE E 75 -27.18 -23.96 24.52
C ILE E 75 -28.50 -23.69 23.80
N GLY E 76 -29.17 -22.59 24.14
CA GLY E 76 -30.31 -22.12 23.38
C GLY E 76 -30.07 -21.95 21.90
N HIS E 77 -28.97 -21.31 21.53
CA HIS E 77 -28.63 -21.11 20.12
C HIS E 77 -28.20 -22.40 19.46
N ILE E 78 -27.54 -23.31 20.18
CA ILE E 78 -27.15 -24.59 19.66
C ILE E 78 -28.37 -25.47 19.40
N ASN E 79 -29.34 -25.48 20.30
CA ASN E 79 -30.61 -26.16 20.06
C ASN E 79 -31.36 -25.66 18.85
N ARG E 80 -31.47 -24.34 18.66
CA ARG E 80 -31.99 -23.77 17.44
C ARG E 80 -31.23 -24.26 16.21
N PHE E 81 -29.92 -24.14 16.22
CA PHE E 81 -29.07 -24.71 15.18
C PHE E 81 -29.39 -26.17 14.91
N ILE E 82 -29.59 -26.99 15.93
CA ILE E 82 -29.75 -28.42 15.70
C ILE E 82 -31.08 -28.69 15.01
N ALA E 83 -32.15 -28.06 15.49
CA ALA E 83 -33.47 -28.23 14.90
C ALA E 83 -33.54 -27.72 13.46
N ASP E 84 -32.90 -26.60 13.15
CA ASP E 84 -32.86 -26.05 11.79
C ASP E 84 -32.02 -26.88 10.81
N HIS E 85 -30.96 -27.54 11.26
CA HIS E 85 -30.06 -28.18 10.32
C HIS E 85 -30.11 -29.71 10.37
N GLY E 86 -30.81 -30.29 11.33
CA GLY E 86 -30.68 -31.71 11.60
C GLY E 86 -29.26 -32.22 11.81
N GLN E 87 -28.43 -31.48 12.52
CA GLN E 87 -27.05 -31.89 12.79
C GLN E 87 -26.93 -32.79 14.02
N ASN E 88 -26.29 -33.93 13.86
CA ASN E 88 -25.78 -34.79 14.93
C ASN E 88 -24.78 -34.02 15.81
N THR E 89 -25.10 -33.80 17.06
CA THR E 89 -24.39 -32.81 17.88
C THR E 89 -24.25 -33.35 19.30
N VAL E 90 -23.04 -33.31 19.84
CA VAL E 90 -22.78 -33.50 21.26
C VAL E 90 -22.07 -32.27 21.81
N ILE E 91 -22.50 -31.78 22.95
CA ILE E 91 -21.84 -30.64 23.58
C ILE E 91 -20.86 -31.14 24.64
N ILE E 92 -19.68 -30.58 24.64
CA ILE E 92 -18.75 -30.73 25.75
C ILE E 92 -18.87 -29.46 26.61
N MET E 93 -19.35 -29.60 27.82
CA MET E 93 -19.50 -28.50 28.76
C MET E 93 -18.27 -28.49 29.66
N GLY E 94 -17.24 -27.86 29.17
CA GLY E 94 -15.99 -27.62 29.85
C GLY E 94 -16.11 -27.02 31.23
N PRO E 95 -16.84 -25.89 31.41
CA PRO E 95 -17.12 -25.40 32.78
C PRO E 95 -18.24 -26.22 33.40
N GLY E 96 -17.86 -27.40 33.86
CA GLY E 96 -18.84 -28.39 34.20
C GLY E 96 -19.58 -28.10 35.48
N HIS E 97 -19.06 -27.18 36.29
CA HIS E 97 -19.77 -26.58 37.39
C HIS E 97 -20.96 -25.73 36.96
N GLY E 98 -21.18 -25.52 35.68
CA GLY E 98 -22.41 -25.06 35.10
C GLY E 98 -23.49 -26.10 34.94
N GLY E 99 -23.51 -27.04 35.87
CA GLY E 99 -24.54 -28.01 36.11
C GLY E 99 -25.95 -27.57 35.86
N PRO E 100 -26.48 -26.51 36.52
CA PRO E 100 -27.87 -26.07 36.25
C PRO E 100 -28.23 -25.83 34.81
N ALA E 101 -27.30 -25.43 33.95
CA ALA E 101 -27.55 -25.30 32.52
C ALA E 101 -27.80 -26.65 31.84
N GLY E 102 -27.03 -27.66 32.22
CA GLY E 102 -27.20 -28.99 31.68
C GLY E 102 -28.48 -29.65 32.12
N THR E 103 -28.84 -29.53 33.40
CA THR E 103 -30.09 -30.08 33.87
C THR E 103 -31.27 -29.30 33.34
N SER E 104 -31.14 -27.97 33.19
CA SER E 104 -32.22 -27.16 32.64
C SER E 104 -32.47 -27.53 31.19
N GLN E 105 -31.41 -27.77 30.41
CA GLN E 105 -31.50 -28.19 29.03
C GLN E 105 -32.26 -29.49 28.92
N SER E 106 -31.87 -30.49 29.68
CA SER E 106 -32.52 -31.78 29.67
C SER E 106 -33.96 -31.68 30.16
N TYR E 107 -34.27 -30.77 31.07
CA TYR E 107 -35.66 -30.57 31.49
C TYR E 107 -36.49 -29.94 30.39
N LEU E 108 -35.96 -28.93 29.72
CA LEU E 108 -36.60 -28.28 28.60
C LEU E 108 -36.72 -29.16 27.35
N ASP E 109 -35.70 -29.97 27.00
CA ASP E 109 -35.82 -30.84 25.83
C ASP E 109 -36.67 -32.08 26.10
N GLY E 110 -37.13 -32.29 27.30
CA GLY E 110 -38.01 -33.35 27.63
C GLY E 110 -37.33 -34.64 28.02
N THR E 111 -36.04 -34.76 27.81
CA THR E 111 -35.35 -35.98 28.17
C THR E 111 -35.23 -36.16 29.66
N TYR E 112 -35.37 -35.12 30.47
CA TYR E 112 -35.25 -35.33 31.91
C TYR E 112 -36.44 -36.10 32.45
N THR E 113 -37.65 -35.73 32.04
CA THR E 113 -38.84 -36.38 32.58
C THR E 113 -38.96 -37.78 32.04
N GLU E 114 -38.57 -37.98 30.78
CA GLU E 114 -38.40 -39.31 30.19
C GLU E 114 -37.52 -40.24 31.01
N THR E 115 -36.36 -39.75 31.42
CA THR E 115 -35.37 -40.50 32.18
C THR E 115 -35.72 -40.59 33.64
N PHE E 116 -36.35 -39.55 34.21
CA PHE E 116 -36.60 -39.44 35.63
C PHE E 116 -38.07 -39.15 35.76
N PRO E 117 -38.91 -40.17 35.74
CA PRO E 117 -40.37 -39.98 35.64
C PRO E 117 -41.01 -39.22 36.81
N LYS E 118 -40.44 -39.18 38.00
CA LYS E 118 -41.00 -38.35 39.05
C LYS E 118 -40.86 -36.84 38.80
N ILE E 119 -39.98 -36.39 37.93
CA ILE E 119 -39.75 -34.97 37.75
C ILE E 119 -40.62 -34.58 36.57
N THR E 120 -41.87 -34.28 36.85
CA THR E 120 -42.85 -34.05 35.79
C THR E 120 -42.77 -32.61 35.30
N LYS E 121 -43.40 -32.39 34.17
CA LYS E 121 -43.45 -31.08 33.53
C LYS E 121 -44.67 -30.28 33.96
N ASP E 122 -44.74 -30.02 35.24
CA ASP E 122 -45.78 -29.21 35.86
C ASP E 122 -45.23 -28.67 37.17
N GLU E 123 -46.09 -28.06 37.97
CA GLU E 123 -45.61 -27.26 39.07
C GLU E 123 -45.06 -28.12 40.20
N ALA E 124 -45.64 -29.29 40.44
CA ALA E 124 -45.05 -30.18 41.42
C ALA E 124 -43.78 -30.85 40.92
N GLY E 125 -43.67 -31.14 39.62
CA GLY E 125 -42.42 -31.61 39.13
C GLY E 125 -41.35 -30.55 39.13
N LEU E 126 -41.75 -29.30 38.92
CA LEU E 126 -40.82 -28.18 38.93
C LEU E 126 -40.30 -27.89 40.33
N GLN E 127 -41.11 -28.15 41.33
CA GLN E 127 -40.72 -28.04 42.72
C GLN E 127 -39.70 -29.09 43.06
N LYS E 128 -39.95 -30.33 42.65
CA LYS E 128 -38.98 -31.40 42.83
C LYS E 128 -37.71 -31.15 42.02
N PHE E 129 -37.83 -30.57 40.84
CA PHE E 129 -36.67 -30.26 40.04
C PHE E 129 -35.76 -29.27 40.75
N PHE E 130 -36.34 -28.24 41.39
CA PHE E 130 -35.56 -27.18 42.04
C PHE E 130 -34.95 -27.65 43.33
N ARG E 131 -35.72 -28.34 44.17
CA ARG E 131 -35.22 -28.83 45.44
C ARG E 131 -34.08 -29.83 45.29
N GLN E 132 -34.14 -30.77 44.35
CA GLN E 132 -33.18 -31.87 44.22
C GLN E 132 -31.77 -31.40 43.85
N PHE E 133 -31.61 -30.26 43.19
CA PHE E 133 -30.30 -29.83 42.72
C PHE E 133 -29.38 -29.58 43.89
N SER E 134 -28.26 -30.31 43.88
CA SER E 134 -27.17 -30.21 44.85
C SER E 134 -27.63 -30.29 46.28
N TYR E 135 -28.52 -31.21 46.57
CA TYR E 135 -29.25 -31.31 47.79
C TYR E 135 -29.13 -32.73 48.34
N PRO E 136 -29.22 -32.95 49.65
CA PRO E 136 -29.12 -34.31 50.20
C PRO E 136 -30.16 -35.29 49.65
N GLY E 137 -29.69 -36.32 48.98
CA GLY E 137 -30.54 -37.25 48.28
C GLY E 137 -31.06 -36.81 46.93
N GLY E 138 -30.56 -35.71 46.38
CA GLY E 138 -30.92 -35.24 45.06
C GLY E 138 -29.84 -35.54 44.05
N ILE E 139 -29.43 -34.57 43.25
CA ILE E 139 -28.60 -34.78 42.07
C ILE E 139 -27.35 -33.91 42.23
N PRO E 140 -26.28 -34.10 41.46
CA PRO E 140 -25.03 -33.40 41.78
C PRO E 140 -25.00 -31.94 41.31
N SER E 141 -23.99 -31.25 41.76
CA SER E 141 -23.79 -29.86 41.35
C SER E 141 -23.25 -29.69 39.94
N HIS E 142 -22.58 -30.67 39.40
CA HIS E 142 -21.91 -30.57 38.14
C HIS E 142 -22.75 -31.21 37.04
N PHE E 143 -22.22 -31.19 35.82
CA PHE E 143 -22.81 -31.85 34.65
C PHE E 143 -22.48 -33.35 34.64
N ALA E 144 -22.93 -34.02 35.67
CA ALA E 144 -22.58 -35.35 36.11
C ALA E 144 -23.08 -36.41 35.12
N PRO E 145 -22.60 -37.67 35.19
CA PRO E 145 -23.17 -38.72 34.32
C PRO E 145 -24.64 -39.00 34.54
N GLU E 146 -25.21 -38.64 35.68
CA GLU E 146 -26.65 -38.66 35.91
C GLU E 146 -27.49 -37.76 34.99
N THR E 147 -26.93 -36.80 34.34
CA THR E 147 -27.63 -35.87 33.46
C THR E 147 -27.69 -36.40 32.04
N PRO E 148 -28.85 -36.51 31.42
CA PRO E 148 -28.91 -36.83 29.99
C PRO E 148 -28.22 -35.78 29.14
N GLY E 149 -27.33 -36.22 28.28
CA GLY E 149 -26.54 -35.35 27.46
C GLY E 149 -25.09 -35.17 27.87
N SER E 150 -24.69 -35.50 29.08
CA SER E 150 -23.30 -35.34 29.47
C SER E 150 -22.44 -36.55 29.06
N ILE E 151 -21.27 -36.29 28.50
CA ILE E 151 -20.20 -37.27 28.45
C ILE E 151 -18.96 -36.78 29.18
N HIS E 152 -19.07 -35.75 29.97
CA HIS E 152 -17.92 -35.03 30.51
C HIS E 152 -18.42 -34.23 31.69
N GLU E 153 -18.01 -34.57 32.89
CA GLU E 153 -18.47 -33.84 34.06
C GLU E 153 -17.81 -32.46 34.16
N GLY E 154 -16.58 -32.31 33.68
CA GLY E 154 -15.88 -31.04 33.78
C GLY E 154 -15.76 -30.53 35.21
N GLY E 155 -15.55 -31.43 36.16
CA GLY E 155 -15.27 -31.04 37.51
C GLY E 155 -13.83 -30.61 37.66
N GLU E 156 -12.95 -31.55 37.42
CA GLU E 156 -11.57 -31.24 37.18
C GLU E 156 -11.37 -30.64 35.79
N LEU E 157 -10.76 -29.50 35.71
CA LEU E 157 -10.76 -28.73 34.47
C LEU E 157 -9.57 -29.04 33.57
N GLY E 158 -9.78 -28.90 32.28
CA GLY E 158 -8.74 -29.01 31.29
C GLY E 158 -8.82 -30.16 30.32
N TYR E 159 -9.85 -30.99 30.31
CA TYR E 159 -9.95 -32.12 29.38
C TYR E 159 -11.03 -31.93 28.33
N ALA E 160 -11.64 -30.76 28.25
CA ALA E 160 -12.73 -30.49 27.32
C ALA E 160 -12.34 -30.75 25.87
N LEU E 161 -11.16 -30.33 25.46
CA LEU E 161 -10.79 -30.43 24.07
C LEU E 161 -10.30 -31.80 23.71
N SER E 162 -9.56 -32.46 24.59
CA SER E 162 -9.18 -33.85 24.37
C SER E 162 -10.42 -34.73 24.25
N HIS E 163 -11.44 -34.46 25.04
CA HIS E 163 -12.64 -35.24 24.95
C HIS E 163 -13.42 -34.89 23.71
N ALA E 164 -13.44 -33.61 23.33
CA ALA E 164 -14.12 -33.22 22.11
C ALA E 164 -13.51 -33.90 20.89
N TYR E 165 -12.20 -33.88 20.79
CA TYR E 165 -11.54 -34.46 19.64
C TYR E 165 -11.56 -35.98 19.64
N GLY E 166 -11.48 -36.63 20.79
CA GLY E 166 -11.71 -38.07 20.87
C GLY E 166 -13.08 -38.48 20.39
N ALA E 167 -14.11 -37.70 20.72
CA ALA E 167 -15.49 -37.95 20.33
C ALA E 167 -15.67 -37.98 18.81
N ILE E 168 -15.00 -37.10 18.09
CA ILE E 168 -15.21 -36.98 16.66
C ILE E 168 -14.36 -37.93 15.85
N MET E 169 -13.37 -38.59 16.43
CA MET E 169 -12.55 -39.56 15.70
C MET E 169 -13.40 -40.69 15.18
N ASP E 170 -13.24 -41.06 13.91
CA ASP E 170 -14.05 -42.06 13.17
C ASP E 170 -15.55 -41.81 13.30
N ASN E 171 -15.92 -40.58 13.51
CA ASN E 171 -17.30 -40.17 13.69
C ASN E 171 -17.54 -39.00 12.72
N PRO E 172 -17.54 -39.28 11.41
CA PRO E 172 -17.58 -38.20 10.42
C PRO E 172 -18.88 -37.42 10.35
N SER E 173 -20.00 -37.89 10.86
CA SER E 173 -21.18 -37.02 10.92
C SER E 173 -21.29 -36.22 12.22
N LEU E 174 -20.41 -36.38 13.21
CA LEU E 174 -20.61 -35.76 14.51
C LEU E 174 -20.02 -34.35 14.59
N PHE E 175 -20.82 -33.40 15.03
CA PHE E 175 -20.42 -32.03 15.35
C PHE E 175 -20.33 -31.89 16.88
N VAL E 176 -19.21 -31.39 17.39
CA VAL E 176 -18.99 -31.20 18.82
C VAL E 176 -18.66 -29.75 19.06
N PRO E 177 -19.60 -28.98 19.57
CA PRO E 177 -19.33 -27.64 20.12
C PRO E 177 -18.69 -27.80 21.49
N ALA E 178 -17.47 -27.38 21.64
CA ALA E 178 -16.71 -27.65 22.87
C ALA E 178 -16.50 -26.35 23.65
N ILE E 179 -17.23 -26.20 24.74
CA ILE E 179 -17.21 -24.97 25.50
C ILE E 179 -16.05 -25.02 26.47
N VAL E 180 -15.16 -24.08 26.39
CA VAL E 180 -13.95 -24.05 27.17
C VAL E 180 -14.01 -22.84 28.08
N GLY E 181 -13.97 -23.07 29.37
CA GLY E 181 -13.71 -22.01 30.36
C GLY E 181 -12.52 -21.12 30.08
N ASP E 182 -12.54 -19.82 30.29
CA ASP E 182 -11.31 -19.11 30.02
C ASP E 182 -10.29 -19.29 31.14
N GLY E 183 -10.75 -19.60 32.35
CA GLY E 183 -9.87 -20.12 33.36
C GLY E 183 -9.38 -21.52 33.04
N GLU E 184 -10.26 -22.37 32.56
CA GLU E 184 -9.87 -23.72 32.16
C GLU E 184 -8.80 -23.71 31.06
N ALA E 185 -8.83 -22.74 30.17
CA ALA E 185 -7.79 -22.56 29.19
C ALA E 185 -6.40 -22.24 29.76
N GLU E 186 -6.29 -21.82 31.01
CA GLU E 186 -5.00 -21.72 31.70
C GLU E 186 -4.37 -23.07 32.08
N THR E 187 -5.11 -24.20 32.09
CA THR E 187 -4.51 -25.43 32.55
C THR E 187 -3.57 -26.02 31.51
N GLY E 188 -2.64 -26.83 31.97
CA GLY E 188 -1.80 -27.68 31.15
C GLY E 188 -2.57 -28.48 30.12
N PRO E 189 -3.43 -29.42 30.55
CA PRO E 189 -4.16 -30.26 29.60
C PRO E 189 -5.00 -29.51 28.57
N LEU E 190 -5.65 -28.43 28.92
CA LEU E 190 -6.34 -27.67 27.92
C LEU E 190 -5.38 -27.02 26.94
N ALA E 191 -4.29 -26.43 27.40
CA ALA E 191 -3.36 -25.68 26.54
C ALA E 191 -2.82 -26.54 25.41
N THR E 192 -2.43 -27.78 25.67
CA THR E 192 -2.02 -28.65 24.59
C THR E 192 -3.17 -29.20 23.74
N GLY E 193 -4.38 -29.28 24.29
CA GLY E 193 -5.57 -29.74 23.59
C GLY E 193 -5.96 -28.97 22.35
N TRP E 194 -5.57 -27.71 22.26
CA TRP E 194 -5.78 -26.93 21.04
C TRP E 194 -5.05 -27.48 19.82
N GLN E 195 -3.94 -28.16 19.98
CA GLN E 195 -3.19 -28.73 18.88
C GLN E 195 -3.76 -30.02 18.32
N SER E 196 -4.85 -30.53 18.88
CA SER E 196 -5.41 -31.79 18.44
C SER E 196 -5.92 -31.73 17.02
N ASN E 197 -6.20 -30.52 16.48
CA ASN E 197 -6.66 -30.35 15.10
C ASN E 197 -5.58 -30.76 14.08
N LYS E 198 -4.36 -30.93 14.49
CA LYS E 198 -3.32 -31.51 13.69
C LYS E 198 -3.36 -33.04 13.71
N LEU E 199 -4.23 -33.66 14.47
CA LEU E 199 -4.32 -35.10 14.55
C LEU E 199 -5.66 -35.63 14.06
N VAL E 200 -6.53 -34.80 13.51
CA VAL E 200 -7.81 -35.26 13.01
C VAL E 200 -7.88 -34.97 11.52
N ASN E 201 -8.74 -35.67 10.85
CA ASN E 201 -8.91 -35.57 9.43
C ASN E 201 -10.35 -35.19 9.13
N PRO E 202 -10.60 -34.12 8.39
CA PRO E 202 -11.97 -33.66 8.17
C PRO E 202 -12.81 -34.58 7.29
N ARG E 203 -12.23 -35.48 6.54
CA ARG E 203 -13.09 -36.46 5.91
C ARG E 203 -13.44 -37.61 6.84
N THR E 204 -12.46 -38.28 7.45
CA THR E 204 -12.71 -39.48 8.20
C THR E 204 -13.20 -39.22 9.61
N ASP E 205 -13.05 -38.03 10.14
CA ASP E 205 -13.49 -37.65 11.47
C ASP E 205 -14.58 -36.57 11.41
N GLY E 206 -15.18 -36.24 12.53
CA GLY E 206 -16.13 -35.16 12.61
C GLY E 206 -15.51 -33.79 12.74
N ILE E 207 -16.20 -32.85 13.36
CA ILE E 207 -15.74 -31.47 13.47
C ILE E 207 -15.93 -31.00 14.90
N VAL E 208 -14.90 -30.46 15.49
CA VAL E 208 -14.97 -29.76 16.75
C VAL E 208 -14.98 -28.26 16.48
N LEU E 209 -15.94 -27.55 17.04
CA LEU E 209 -15.92 -26.10 17.17
C LEU E 209 -15.58 -25.68 18.58
N PRO E 210 -14.37 -25.24 18.85
CA PRO E 210 -14.07 -24.81 20.21
C PRO E 210 -14.70 -23.46 20.47
N ILE E 211 -15.31 -23.33 21.63
CA ILE E 211 -15.96 -22.09 22.07
C ILE E 211 -15.32 -21.64 23.36
N LEU E 212 -14.56 -20.57 23.29
CA LEU E 212 -13.88 -20.05 24.46
C LEU E 212 -14.85 -19.17 25.20
N HIS E 213 -15.29 -19.63 26.35
CA HIS E 213 -16.22 -18.93 27.23
C HIS E 213 -15.46 -17.82 27.98
N LEU E 214 -15.10 -16.79 27.23
CA LEU E 214 -14.29 -15.69 27.69
C LEU E 214 -15.11 -14.71 28.54
N ASN E 215 -15.44 -15.15 29.72
CA ASN E 215 -16.24 -14.27 30.55
C ASN E 215 -15.37 -13.39 31.42
N GLY E 216 -14.06 -13.52 31.33
CA GLY E 216 -13.14 -12.62 31.95
C GLY E 216 -12.56 -13.03 33.28
N TYR E 217 -13.12 -14.04 33.94
CA TYR E 217 -12.92 -14.36 35.35
C TYR E 217 -12.97 -15.86 35.51
N LYS E 218 -12.23 -16.34 36.47
CA LYS E 218 -12.21 -17.64 37.07
C LYS E 218 -12.77 -17.40 38.49
N ILE E 219 -12.36 -18.16 39.49
CA ILE E 219 -13.00 -18.08 40.82
C ILE E 219 -12.87 -16.69 41.43
N ALA E 220 -11.67 -16.16 41.50
CA ALA E 220 -11.43 -14.96 42.24
C ALA E 220 -10.48 -14.00 41.54
N ASN E 221 -10.12 -14.28 40.31
CA ASN E 221 -9.08 -13.65 39.51
C ASN E 221 -9.60 -13.38 38.12
N PRO E 222 -9.02 -12.42 37.43
CA PRO E 222 -9.22 -12.34 35.98
C PRO E 222 -8.52 -13.48 35.26
N THR E 223 -8.84 -13.64 34.02
CA THR E 223 -8.24 -14.69 33.24
C THR E 223 -7.21 -14.06 32.32
N ILE E 224 -6.07 -14.71 32.18
CA ILE E 224 -5.00 -14.34 31.25
C ILE E 224 -5.53 -14.05 29.85
N LEU E 225 -6.34 -14.93 29.29
CA LEU E 225 -6.74 -14.77 27.90
C LEU E 225 -7.72 -13.62 27.70
N SER E 226 -8.36 -13.15 28.71
CA SER E 226 -9.26 -12.00 28.57
C SER E 226 -8.58 -10.69 28.89
N ARG E 227 -7.36 -10.71 29.39
CA ARG E 227 -6.63 -9.51 29.73
C ARG E 227 -5.47 -9.19 28.80
N ILE E 228 -5.09 -10.07 27.91
CA ILE E 228 -4.11 -9.83 26.87
C ILE E 228 -4.83 -9.11 25.75
N SER E 229 -4.11 -8.59 24.80
CA SER E 229 -4.76 -7.82 23.77
C SER E 229 -5.53 -8.73 22.81
N ASP E 230 -6.49 -8.13 22.14
CA ASP E 230 -7.30 -8.84 21.17
C ASP E 230 -6.48 -9.30 19.97
N GLU E 231 -5.46 -8.55 19.60
CA GLU E 231 -4.52 -8.97 18.59
C GLU E 231 -3.68 -10.16 19.02
N GLU E 232 -3.20 -10.18 20.27
CA GLU E 232 -2.50 -11.36 20.77
C GLU E 232 -3.42 -12.58 20.80
N LEU E 233 -4.64 -12.40 21.24
CA LEU E 233 -5.58 -13.49 21.40
C LEU E 233 -5.96 -14.09 20.05
N HIS E 234 -6.06 -13.28 19.03
CA HIS E 234 -6.36 -13.78 17.70
C HIS E 234 -5.19 -14.45 17.04
N GLU E 235 -4.00 -13.86 17.15
CA GLU E 235 -2.76 -14.48 16.67
C GLU E 235 -2.51 -15.83 17.29
N PHE E 236 -2.75 -15.96 18.58
CA PHE E 236 -2.66 -17.21 19.32
C PHE E 236 -3.48 -18.32 18.68
N PHE E 237 -4.76 -18.08 18.44
CA PHE E 237 -5.64 -19.08 17.86
C PHE E 237 -5.33 -19.35 16.41
N HIS E 238 -4.83 -18.36 15.71
CA HIS E 238 -4.45 -18.56 14.34
C HIS E 238 -3.16 -19.33 14.23
N GLY E 239 -2.28 -19.19 15.22
CA GLY E 239 -1.06 -19.94 15.31
C GLY E 239 -1.27 -21.41 15.55
N MET E 240 -2.37 -21.79 16.19
CA MET E 240 -2.75 -23.14 16.52
C MET E 240 -3.64 -23.78 15.47
N GLY E 241 -3.73 -23.21 14.30
CA GLY E 241 -4.53 -23.74 13.24
C GLY E 241 -6.02 -23.45 13.30
N TYR E 242 -6.43 -22.38 13.93
CA TYR E 242 -7.84 -22.02 13.97
C TYR E 242 -8.05 -20.70 13.26
N GLU E 243 -9.23 -20.53 12.73
CA GLU E 243 -9.69 -19.24 12.23
C GLU E 243 -10.61 -18.60 13.26
N PRO E 244 -10.15 -17.68 14.11
CA PRO E 244 -11.01 -17.24 15.23
C PRO E 244 -12.05 -16.19 14.86
N TYR E 245 -13.23 -16.34 15.40
CA TYR E 245 -14.34 -15.42 15.28
C TYR E 245 -14.62 -14.93 16.68
N GLU E 246 -14.92 -13.68 16.82
CA GLU E 246 -15.22 -13.15 18.14
C GLU E 246 -16.64 -12.66 18.16
N PHE E 247 -17.33 -12.98 19.22
CA PHE E 247 -18.61 -12.39 19.58
C PHE E 247 -18.51 -11.66 20.91
N VAL E 248 -18.99 -10.44 20.97
CA VAL E 248 -18.98 -9.65 22.20
C VAL E 248 -20.40 -9.24 22.50
N ALA E 249 -20.86 -9.48 23.72
CA ALA E 249 -22.20 -9.05 24.09
C ALA E 249 -22.34 -8.90 25.58
N GLY E 250 -23.31 -8.10 25.95
CA GLY E 250 -23.72 -7.87 27.29
C GLY E 250 -22.99 -6.79 28.06
N PHE E 251 -22.07 -6.07 27.47
CA PHE E 251 -21.35 -5.01 28.16
C PHE E 251 -21.90 -3.63 27.85
N ASP E 252 -23.08 -3.52 27.27
CA ASP E 252 -23.73 -2.26 26.96
C ASP E 252 -25.23 -2.50 27.16
N ASP E 253 -26.08 -1.68 26.58
CA ASP E 253 -27.51 -1.80 26.76
C ASP E 253 -28.22 -2.23 25.49
N GLU E 254 -27.55 -2.97 24.63
CA GLU E 254 -28.18 -3.64 23.51
C GLU E 254 -29.31 -4.52 23.99
N ASP E 255 -30.44 -4.39 23.36
CA ASP E 255 -31.56 -5.22 23.75
C ASP E 255 -31.29 -6.66 23.36
N HIS E 256 -31.90 -7.54 24.09
CA HIS E 256 -31.57 -8.93 23.99
C HIS E 256 -31.89 -9.52 22.62
N MET E 257 -32.90 -9.01 21.94
CA MET E 257 -33.22 -9.49 20.61
C MET E 257 -32.19 -9.11 19.55
N SER E 258 -31.53 -7.96 19.66
CA SER E 258 -30.42 -7.68 18.74
C SER E 258 -29.25 -8.62 18.94
N ILE E 259 -28.95 -8.95 20.20
CA ILE E 259 -27.89 -9.87 20.55
C ILE E 259 -28.12 -11.22 19.89
N HIS E 260 -29.32 -11.79 20.06
CA HIS E 260 -29.65 -13.06 19.44
C HIS E 260 -29.52 -13.02 17.92
N ARG E 261 -29.99 -11.96 17.26
CA ARG E 261 -29.84 -11.86 15.81
C ARG E 261 -28.39 -11.79 15.40
N ARG E 262 -27.61 -11.00 16.13
CA ARG E 262 -26.18 -10.88 15.85
C ARG E 262 -25.52 -12.22 16.01
N PHE E 263 -25.90 -12.98 17.02
CA PHE E 263 -25.26 -14.24 17.29
C PHE E 263 -25.66 -15.28 16.27
N ALA E 264 -26.91 -15.34 15.92
CA ALA E 264 -27.37 -16.33 14.95
C ALA E 264 -26.74 -16.10 13.58
N GLU E 265 -26.51 -14.84 13.19
CA GLU E 265 -25.78 -14.48 11.98
C GLU E 265 -24.33 -14.97 12.03
N LEU E 266 -23.65 -14.75 13.13
CA LEU E 266 -22.29 -15.21 13.29
C LEU E 266 -22.22 -16.74 13.36
N TRP E 267 -23.15 -17.36 14.07
CA TRP E 267 -23.22 -18.82 14.10
C TRP E 267 -23.36 -19.42 12.71
N GLU E 268 -24.23 -18.86 11.90
CA GLU E 268 -24.46 -19.42 10.59
C GLU E 268 -23.31 -19.15 9.63
N THR E 269 -22.59 -18.05 9.79
CA THR E 269 -21.34 -17.80 9.09
C THR E 269 -20.25 -18.84 9.44
N ILE E 270 -20.01 -19.06 10.74
CA ILE E 270 -19.17 -20.14 11.22
C ILE E 270 -19.61 -21.48 10.63
N TRP E 271 -20.90 -21.80 10.71
CA TRP E 271 -21.37 -23.06 10.19
C TRP E 271 -21.20 -23.21 8.69
N ASP E 272 -21.40 -22.15 7.95
CA ASP E 272 -21.09 -22.20 6.52
C ASP E 272 -19.62 -22.47 6.22
N GLU E 273 -18.72 -22.03 7.10
CA GLU E 273 -17.31 -22.30 6.99
C GLU E 273 -16.99 -23.76 7.29
N ILE E 274 -17.72 -24.36 8.22
CA ILE E 274 -17.54 -25.76 8.57
C ILE E 274 -18.08 -26.66 7.48
N CYS E 275 -19.22 -26.29 6.90
CA CYS E 275 -19.81 -27.06 5.82
C CYS E 275 -18.93 -27.01 4.58
N ASP E 276 -18.28 -25.88 4.33
CA ASP E 276 -17.27 -25.76 3.28
C ASP E 276 -16.08 -26.68 3.51
N ILE E 277 -15.58 -26.76 4.75
CA ILE E 277 -14.50 -27.65 5.12
C ILE E 277 -14.87 -29.10 4.86
N LYS E 278 -16.07 -29.47 5.23
CA LYS E 278 -16.54 -30.83 5.10
C LYS E 278 -16.78 -31.17 3.63
N ALA E 279 -17.27 -30.22 2.85
CA ALA E 279 -17.49 -30.43 1.42
C ALA E 279 -16.19 -30.53 0.66
N THR E 280 -15.19 -29.71 1.01
CA THR E 280 -13.85 -29.78 0.44
C THR E 280 -13.18 -31.11 0.76
N ALA E 281 -13.35 -31.60 1.97
CA ALA E 281 -12.71 -32.83 2.43
C ALA E 281 -13.24 -34.08 1.74
N GLN E 282 -14.39 -34.01 1.09
CA GLN E 282 -14.85 -35.12 0.26
C GLN E 282 -13.99 -35.30 -0.99
N THR E 283 -13.21 -34.29 -1.35
CA THR E 283 -12.27 -34.32 -2.46
C THR E 283 -10.80 -34.20 -2.04
N ASP E 284 -10.47 -33.25 -1.20
CA ASP E 284 -9.11 -32.98 -0.77
C ASP E 284 -9.11 -33.04 0.74
N ASN E 285 -8.60 -34.11 1.30
CA ASN E 285 -8.37 -34.20 2.74
C ASN E 285 -6.90 -34.35 3.07
N VAL E 286 -6.04 -33.90 2.17
CA VAL E 286 -4.61 -33.92 2.34
C VAL E 286 -4.10 -32.60 2.91
N HIS E 287 -4.86 -31.54 2.79
CA HIS E 287 -4.45 -30.21 3.20
C HIS E 287 -5.31 -29.77 4.37
N ARG E 288 -4.67 -29.53 5.50
CA ARG E 288 -5.36 -29.23 6.75
C ARG E 288 -6.04 -27.87 6.67
N PRO E 289 -7.34 -27.77 6.85
CA PRO E 289 -7.96 -26.44 6.91
C PRO E 289 -7.66 -25.74 8.23
N PHE E 290 -7.86 -24.45 8.25
CA PHE E 290 -8.05 -23.75 9.51
C PHE E 290 -9.48 -23.92 9.98
N TYR E 291 -9.68 -24.57 11.07
CA TYR E 291 -11.02 -24.73 11.62
C TYR E 291 -11.49 -23.45 12.29
N PRO E 292 -12.75 -23.13 12.23
CA PRO E 292 -13.26 -22.02 13.01
C PRO E 292 -13.18 -22.28 14.50
N MET E 293 -13.14 -21.22 15.28
CA MET E 293 -13.35 -21.28 16.70
C MET E 293 -14.05 -20.01 17.10
N LEU E 294 -14.76 -20.07 18.17
CA LEU E 294 -15.52 -18.93 18.62
C LEU E 294 -14.97 -18.43 19.93
N ILE E 295 -14.61 -17.16 19.97
CA ILE E 295 -14.34 -16.44 21.19
C ILE E 295 -15.62 -15.73 21.60
N PHE E 296 -16.21 -16.21 22.64
CA PHE E 296 -17.48 -15.75 23.18
C PHE E 296 -17.20 -14.88 24.39
N ARG E 297 -17.29 -13.59 24.22
CA ARG E 297 -16.91 -12.63 25.24
C ARG E 297 -18.17 -12.01 25.81
N THR E 298 -18.53 -12.32 27.04
CA THR E 298 -19.78 -11.97 27.71
C THR E 298 -19.48 -11.73 29.17
N PRO E 299 -20.30 -10.95 29.89
CA PRO E 299 -19.98 -10.68 31.29
C PRO E 299 -20.26 -11.88 32.16
N LYS E 300 -19.37 -12.15 33.10
CA LYS E 300 -19.57 -13.29 33.96
C LYS E 300 -20.81 -13.09 34.83
N GLY E 301 -21.65 -14.10 34.89
CA GLY E 301 -22.86 -13.92 35.61
C GLY E 301 -23.90 -13.11 34.90
N TRP E 302 -23.77 -12.89 33.58
CA TRP E 302 -24.67 -12.12 32.72
C TRP E 302 -26.14 -12.21 33.11
N THR E 303 -26.82 -11.10 33.33
CA THR E 303 -28.23 -10.89 33.75
C THR E 303 -28.45 -11.07 35.26
N CYS E 304 -27.46 -11.37 36.10
CA CYS E 304 -27.56 -11.19 37.56
C CYS E 304 -27.60 -9.69 37.87
N PRO E 305 -28.02 -9.28 39.08
CA PRO E 305 -28.00 -7.84 39.41
C PRO E 305 -26.59 -7.28 39.32
N LYS E 306 -26.45 -6.11 38.69
CA LYS E 306 -25.15 -5.50 38.42
C LYS E 306 -24.34 -5.25 39.70
N TYR E 307 -24.98 -4.78 40.74
CA TYR E 307 -24.35 -4.49 42.01
C TYR E 307 -25.18 -5.09 43.11
N ILE E 308 -24.52 -5.84 43.96
CA ILE E 308 -25.07 -6.34 45.21
C ILE E 308 -24.21 -5.80 46.35
N ASP E 309 -24.82 -5.00 47.23
CA ASP E 309 -24.18 -4.36 48.39
C ASP E 309 -23.00 -3.45 47.98
N GLY E 310 -23.13 -2.79 46.86
CA GLY E 310 -22.09 -1.94 46.34
C GLY E 310 -20.91 -2.63 45.68
N LYS E 311 -20.92 -3.93 45.52
CA LYS E 311 -19.85 -4.64 44.83
C LYS E 311 -20.35 -5.06 43.47
N LYS E 312 -19.54 -4.82 42.46
CA LYS E 312 -19.83 -5.29 41.12
C LYS E 312 -19.92 -6.81 41.10
N THR E 313 -21.03 -7.29 40.57
CA THR E 313 -21.32 -8.69 40.57
C THR E 313 -21.44 -9.23 39.15
N GLU E 314 -22.30 -8.69 38.29
CA GLU E 314 -22.25 -8.99 36.87
C GLU E 314 -20.95 -8.46 36.28
N GLY E 315 -20.31 -9.27 35.45
CA GLY E 315 -18.99 -9.01 34.96
C GLY E 315 -17.86 -9.00 35.98
N SER E 316 -17.96 -9.82 37.00
CA SER E 316 -16.92 -10.00 37.99
C SER E 316 -16.81 -11.45 38.41
N TRP E 317 -15.65 -11.80 38.97
CA TRP E 317 -15.46 -13.06 39.68
C TRP E 317 -16.42 -13.24 40.87
N ARG E 318 -17.08 -12.19 41.34
CA ARG E 318 -17.98 -12.23 42.47
C ARG E 318 -19.28 -12.98 42.18
N SER E 319 -19.65 -13.10 40.93
CA SER E 319 -20.75 -13.91 40.46
C SER E 319 -20.38 -15.39 40.25
N HIS E 320 -19.20 -15.86 40.64
CA HIS E 320 -18.75 -17.21 40.30
C HIS E 320 -19.60 -18.29 40.94
N GLN E 321 -19.71 -18.27 42.23
CA GLN E 321 -20.56 -19.24 42.90
C GLN E 321 -22.01 -18.75 43.01
N VAL E 322 -22.31 -17.88 43.94
CA VAL E 322 -23.65 -17.31 43.98
C VAL E 322 -23.50 -15.81 44.10
N PRO E 323 -24.16 -15.06 43.27
CA PRO E 323 -24.07 -13.61 43.36
C PRO E 323 -24.56 -13.06 44.66
N LEU E 324 -25.58 -13.70 45.18
CA LEU E 324 -26.27 -13.26 46.36
C LEU E 324 -26.05 -14.39 47.30
N ALA E 325 -25.61 -14.08 48.49
CA ALA E 325 -24.89 -15.08 49.25
C ALA E 325 -25.78 -15.79 50.23
N SER E 326 -26.78 -15.08 50.75
CA SER E 326 -27.79 -15.64 51.65
C SER E 326 -29.10 -14.86 51.44
N ALA E 327 -29.94 -15.34 50.54
CA ALA E 327 -31.25 -14.73 50.40
C ALA E 327 -32.22 -15.15 51.50
N ARG E 328 -31.86 -16.08 52.36
CA ARG E 328 -32.71 -16.55 53.44
C ARG E 328 -32.56 -15.77 54.74
N ASP E 329 -31.59 -14.88 54.88
CA ASP E 329 -31.21 -14.27 56.15
C ASP E 329 -31.56 -12.80 56.32
N THR E 330 -31.99 -12.13 55.29
CA THR E 330 -32.15 -10.70 55.34
C THR E 330 -33.28 -10.42 54.40
N GLU E 331 -34.15 -9.50 54.79
CA GLU E 331 -35.22 -9.06 53.92
C GLU E 331 -34.67 -8.40 52.67
N ALA E 332 -33.59 -7.62 52.82
CA ALA E 332 -32.96 -6.93 51.71
C ALA E 332 -32.47 -7.90 50.65
N HIS E 333 -31.83 -8.97 51.06
CA HIS E 333 -31.26 -9.93 50.12
C HIS E 333 -32.32 -10.83 49.52
N PHE E 334 -33.40 -11.09 50.25
CA PHE E 334 -34.51 -11.80 49.67
C PHE E 334 -35.17 -10.98 48.57
N GLU E 335 -35.23 -9.67 48.73
CA GLU E 335 -35.86 -8.84 47.73
C GLU E 335 -35.04 -8.78 46.47
N VAL E 336 -33.72 -8.78 46.61
CA VAL E 336 -32.84 -8.90 45.46
C VAL E 336 -33.07 -10.20 44.73
N LEU E 337 -33.16 -11.32 45.45
CA LEU E 337 -33.46 -12.60 44.77
C LEU E 337 -34.81 -12.56 44.07
N LYS E 338 -35.81 -11.95 44.67
CA LYS E 338 -37.16 -11.95 44.14
C LYS E 338 -37.24 -11.14 42.86
N ASN E 339 -36.56 -10.00 42.83
CA ASN E 339 -36.54 -9.13 41.67
C ASN E 339 -35.72 -9.74 40.54
N TRP E 340 -34.63 -10.41 40.89
CA TRP E 340 -33.83 -11.18 39.95
C TRP E 340 -34.66 -12.26 39.26
N LEU E 341 -35.39 -13.07 40.03
CA LEU E 341 -36.25 -14.13 39.50
C LEU E 341 -37.36 -13.56 38.61
N GLU E 342 -37.89 -12.41 38.98
CA GLU E 342 -38.93 -11.74 38.21
C GLU E 342 -38.43 -11.06 36.97
N SER E 343 -37.14 -10.75 36.87
CA SER E 343 -36.61 -10.10 35.68
C SER E 343 -36.71 -10.97 34.43
N TYR E 344 -36.72 -12.27 34.57
CA TYR E 344 -36.95 -13.18 33.47
C TYR E 344 -38.41 -13.29 33.09
N LYS E 345 -39.30 -12.71 33.86
CA LYS E 345 -40.76 -12.68 33.67
C LYS E 345 -41.32 -14.08 33.50
N PRO E 346 -41.27 -14.92 34.54
CA PRO E 346 -41.77 -16.29 34.43
C PRO E 346 -43.25 -16.45 34.14
N GLU E 347 -44.06 -15.42 34.31
CA GLU E 347 -45.49 -15.43 33.98
C GLU E 347 -45.74 -15.60 32.48
N GLU E 348 -44.79 -15.23 31.66
CA GLU E 348 -44.87 -15.46 30.23
C GLU E 348 -44.27 -16.80 29.82
N LEU E 349 -43.51 -17.42 30.68
CA LEU E 349 -42.80 -18.66 30.38
C LEU E 349 -43.60 -19.89 30.75
N PHE E 350 -44.26 -19.89 31.88
CA PHE E 350 -44.93 -21.07 32.40
C PHE E 350 -46.43 -20.81 32.33
N ASP E 351 -47.22 -21.84 32.07
CA ASP E 351 -48.66 -21.65 32.04
C ASP E 351 -49.25 -21.89 33.42
N ALA E 352 -50.58 -22.01 33.51
CA ALA E 352 -51.27 -22.03 34.78
C ALA E 352 -50.93 -23.26 35.60
N ASN E 353 -50.73 -24.40 34.94
CA ASN E 353 -50.29 -25.64 35.57
C ASN E 353 -48.79 -25.74 35.84
N GLY E 354 -47.97 -24.77 35.47
CA GLY E 354 -46.56 -24.92 35.65
C GLY E 354 -45.78 -25.64 34.57
N ALA E 355 -46.37 -25.95 33.44
CA ALA E 355 -45.62 -26.42 32.31
C ALA E 355 -45.03 -25.24 31.57
N VAL E 356 -43.79 -25.39 31.10
CA VAL E 356 -43.23 -24.44 30.16
C VAL E 356 -44.12 -24.38 28.93
N LYS E 357 -44.46 -23.18 28.47
CA LYS E 357 -45.38 -22.98 27.37
C LYS E 357 -44.82 -23.47 26.04
N ASP E 358 -45.73 -23.88 25.15
CA ASP E 358 -45.36 -24.41 23.84
C ASP E 358 -44.52 -23.46 23.03
N ASP E 359 -44.81 -22.17 23.07
CA ASP E 359 -44.04 -21.27 22.23
C ASP E 359 -42.66 -20.98 22.76
N VAL E 360 -42.35 -21.42 23.97
CA VAL E 360 -40.99 -21.30 24.46
C VAL E 360 -40.11 -22.31 23.74
N LEU E 361 -40.62 -23.50 23.49
CA LEU E 361 -39.82 -24.65 23.09
C LEU E 361 -40.12 -25.17 21.71
N ALA E 362 -40.91 -24.46 20.92
CA ALA E 362 -41.31 -24.94 19.61
C ALA E 362 -40.16 -24.94 18.60
N PHE E 363 -39.10 -24.18 18.85
CA PHE E 363 -37.87 -24.20 18.07
C PHE E 363 -36.96 -25.39 18.42
N MET E 364 -37.20 -26.15 19.47
CA MET E 364 -36.26 -27.17 19.96
C MET E 364 -36.13 -28.34 18.98
N PRO E 365 -34.99 -29.02 18.94
CA PRO E 365 -34.91 -30.28 18.21
C PRO E 365 -35.74 -31.37 18.86
N LYS E 366 -35.98 -32.43 18.11
CA LYS E 366 -36.82 -33.54 18.50
C LYS E 366 -36.07 -34.86 18.33
N GLY E 367 -36.49 -35.86 19.07
CA GLY E 367 -36.06 -37.21 18.77
C GLY E 367 -34.62 -37.48 19.21
N GLU E 368 -33.90 -38.24 18.42
CA GLU E 368 -32.50 -38.52 18.72
C GLU E 368 -31.59 -37.32 18.48
N LEU E 369 -32.04 -36.30 17.78
CA LEU E 369 -31.23 -35.11 17.65
C LEU E 369 -31.21 -34.25 18.89
N ARG E 370 -32.05 -34.47 19.88
CA ARG E 370 -31.95 -33.72 21.13
C ARG E 370 -30.66 -34.05 21.86
N ILE E 371 -30.08 -33.02 22.48
CA ILE E 371 -28.84 -33.13 23.24
C ILE E 371 -28.88 -34.26 24.26
N GLY E 372 -29.91 -34.35 25.05
CA GLY E 372 -30.02 -35.48 25.95
C GLY E 372 -30.46 -36.79 25.35
N ALA E 373 -30.78 -36.88 24.09
CA ALA E 373 -31.16 -38.15 23.46
C ALA E 373 -30.19 -38.62 22.40
N ASN E 374 -29.19 -37.85 22.05
CA ASN E 374 -28.22 -38.29 21.08
C ASN E 374 -27.45 -39.53 21.58
N PRO E 375 -27.48 -40.63 20.86
CA PRO E 375 -26.71 -41.82 21.30
C PRO E 375 -25.24 -41.60 21.51
N ASN E 376 -24.57 -40.70 20.80
CA ASN E 376 -23.18 -40.39 21.12
C ASN E 376 -22.99 -39.89 22.56
N ALA E 377 -23.98 -39.26 23.15
CA ALA E 377 -23.95 -38.96 24.58
C ALA E 377 -24.38 -40.11 25.50
N ASN E 378 -24.74 -41.27 25.00
CA ASN E 378 -24.97 -42.44 25.85
C ASN E 378 -24.38 -43.58 25.01
N GLY E 379 -23.06 -43.66 24.96
CA GLY E 379 -22.40 -44.38 23.89
C GLY E 379 -22.38 -45.88 24.06
N GLY E 380 -22.63 -46.36 25.26
CA GLY E 380 -23.02 -47.73 25.48
C GLY E 380 -24.14 -48.26 24.60
N VAL E 381 -25.05 -47.41 24.15
CA VAL E 381 -26.07 -47.86 23.23
C VAL E 381 -25.53 -48.09 21.81
N ILE E 382 -24.41 -47.47 21.44
CA ILE E 382 -23.79 -47.60 20.13
C ILE E 382 -22.84 -48.80 20.10
N ARG E 383 -22.23 -49.10 21.22
CA ARG E 383 -21.15 -50.04 21.32
C ARG E 383 -21.57 -51.49 21.08
N ASN E 384 -20.84 -52.19 20.24
CA ASN E 384 -20.95 -53.64 20.06
C ASN E 384 -19.68 -54.32 20.52
N ASP E 385 -19.79 -55.61 20.83
CA ASP E 385 -18.62 -56.46 21.06
C ASP E 385 -17.67 -56.38 19.89
N LEU E 386 -16.38 -56.32 20.17
CA LEU E 386 -15.36 -56.46 19.13
C LEU E 386 -15.43 -57.86 18.48
N LYS E 387 -15.22 -57.91 17.20
CA LYS E 387 -14.85 -59.16 16.55
C LYS E 387 -13.43 -59.51 16.95
N LEU E 388 -13.26 -60.48 17.78
CA LEU E 388 -11.92 -60.75 18.25
C LEU E 388 -11.39 -61.98 17.57
N PRO E 389 -10.12 -61.97 17.23
CA PRO E 389 -9.53 -63.12 16.55
C PRO E 389 -9.29 -64.25 17.53
N ASN E 390 -9.06 -65.40 16.98
CA ASN E 390 -8.95 -66.62 17.77
C ASN E 390 -7.64 -66.61 18.53
N LEU E 391 -7.71 -66.68 19.86
CA LEU E 391 -6.59 -66.39 20.73
C LEU E 391 -5.47 -67.41 20.62
N GLU E 392 -5.76 -68.63 20.21
CA GLU E 392 -4.73 -69.65 20.03
C GLU E 392 -3.84 -69.41 18.82
N ASP E 393 -4.24 -68.56 17.88
CA ASP E 393 -3.34 -68.21 16.78
C ASP E 393 -2.09 -67.46 17.22
N TYR E 394 -2.08 -66.91 18.43
CA TYR E 394 -1.03 -66.03 18.92
C TYR E 394 -0.31 -66.65 20.10
N GLU E 395 -0.78 -67.79 20.55
CA GLU E 395 -0.22 -68.49 21.68
C GLU E 395 1.24 -68.85 21.41
N VAL E 396 2.10 -68.60 22.37
CA VAL E 396 3.44 -69.15 22.35
C VAL E 396 3.33 -70.65 22.59
N LYS E 397 3.47 -71.44 21.54
CA LYS E 397 3.35 -72.89 21.64
C LYS E 397 4.57 -73.56 22.24
N GLU E 398 5.70 -72.88 22.31
CA GLU E 398 6.98 -73.47 22.72
C GLU E 398 7.05 -73.87 24.18
N VAL E 399 6.20 -73.34 25.07
CA VAL E 399 6.12 -73.83 26.44
C VAL E 399 5.76 -75.30 26.45
N ALA E 400 4.83 -75.70 25.61
CA ALA E 400 4.40 -77.09 25.59
C ALA E 400 5.44 -77.99 24.95
N GLU E 401 6.08 -77.55 23.88
CA GLU E 401 7.23 -78.27 23.32
C GLU E 401 8.36 -78.44 24.32
N TYR E 402 8.98 -77.33 24.74
CA TYR E 402 10.26 -77.31 25.43
C TYR E 402 10.21 -77.27 26.93
N GLY E 403 9.17 -76.74 27.54
CA GLY E 403 9.08 -76.69 28.98
C GLY E 403 8.75 -75.28 29.42
N HIS E 404 8.10 -75.18 30.55
CA HIS E 404 7.95 -73.94 31.27
C HIS E 404 9.27 -73.21 31.48
N GLY E 405 9.31 -71.94 31.13
CA GLY E 405 10.50 -71.18 31.28
C GLY E 405 11.34 -71.04 30.06
N TRP E 406 10.85 -71.49 28.92
CA TRP E 406 11.54 -71.41 27.66
C TRP E 406 11.59 -69.96 27.15
N GLY E 407 12.65 -69.66 26.42
CA GLY E 407 12.70 -68.59 25.45
C GLY E 407 13.12 -67.26 26.00
N GLN E 408 13.25 -66.34 25.09
CA GLN E 408 13.57 -64.97 25.38
C GLN E 408 12.64 -64.03 24.64
N LEU E 409 11.36 -64.33 24.63
CA LEU E 409 10.39 -63.52 23.93
C LEU E 409 10.15 -62.19 24.63
N GLU E 410 9.74 -61.22 23.85
CA GLU E 410 9.22 -59.95 24.34
C GLU E 410 7.71 -60.09 24.33
N ALA E 411 7.12 -60.14 25.52
CA ALA E 411 5.71 -60.45 25.68
C ALA E 411 4.79 -59.45 24.96
N THR E 412 5.13 -58.16 24.97
CA THR E 412 4.28 -57.18 24.31
C THR E 412 4.27 -57.31 22.79
N ARG E 413 5.22 -58.00 22.15
CA ARG E 413 5.11 -58.27 20.71
C ARG E 413 3.93 -59.18 20.40
N THR E 414 3.64 -60.11 21.29
CA THR E 414 2.49 -60.99 21.16
C THR E 414 1.18 -60.22 21.22
N LEU E 415 1.04 -59.36 22.23
CA LEU E 415 -0.10 -58.44 22.29
C LEU E 415 -0.17 -57.56 21.05
N GLY E 416 0.98 -57.12 20.54
CA GLY E 416 1.01 -56.32 19.33
C GLY E 416 0.42 -57.01 18.11
N ALA E 417 0.72 -58.29 17.92
CA ALA E 417 0.17 -59.06 16.82
C ALA E 417 -1.32 -59.30 16.99
N TYR E 418 -1.75 -59.62 18.20
CA TYR E 418 -3.15 -59.77 18.52
C TYR E 418 -3.94 -58.49 18.26
N THR E 419 -3.42 -57.35 18.70
CA THR E 419 -4.12 -56.09 18.52
C THR E 419 -4.18 -55.66 17.06
N ARG E 420 -3.13 -55.95 16.29
CA ARG E 420 -3.14 -55.78 14.83
C ARG E 420 -4.34 -56.44 14.17
N ASP E 421 -4.63 -57.66 14.51
CA ASP E 421 -5.75 -58.31 13.90
C ASP E 421 -7.09 -57.92 14.50
N ILE E 422 -7.15 -57.41 15.73
CA ILE E 422 -8.35 -56.73 16.17
C ILE E 422 -8.63 -55.53 15.29
N ILE E 423 -7.61 -54.69 15.06
CA ILE E 423 -7.77 -53.49 14.25
C ILE E 423 -8.24 -53.86 12.85
N LYS E 424 -7.62 -54.88 12.25
CA LYS E 424 -8.02 -55.39 10.95
C LYS E 424 -9.47 -55.88 10.92
N ASN E 425 -9.93 -56.56 11.94
CA ASN E 425 -11.32 -57.04 11.97
C ASN E 425 -12.32 -55.99 12.41
N ASN E 426 -11.88 -54.93 13.03
CA ASN E 426 -12.80 -53.96 13.59
C ASN E 426 -12.40 -52.59 13.05
N PRO E 427 -12.55 -52.38 11.74
CA PRO E 427 -12.18 -51.10 11.17
C PRO E 427 -13.10 -50.01 11.66
N ARG E 428 -12.52 -48.85 11.90
N ARG E 428 -12.51 -48.85 11.91
CA ARG E 428 -13.16 -47.64 12.45
CA ARG E 428 -13.16 -47.64 12.45
C ARG E 428 -13.76 -47.86 13.86
C ARG E 428 -13.76 -47.86 13.86
N ASP E 429 -13.38 -48.90 14.56
CA ASP E 429 -13.99 -49.19 15.82
C ASP E 429 -12.98 -49.38 16.92
N PHE E 430 -11.72 -49.52 16.58
CA PHE E 430 -10.65 -49.77 17.51
C PHE E 430 -9.51 -48.80 17.21
N ARG E 431 -8.99 -48.14 18.21
CA ARG E 431 -7.83 -47.26 18.05
C ARG E 431 -6.74 -47.58 19.02
N ILE E 432 -5.53 -47.27 18.66
CA ILE E 432 -4.42 -47.26 19.58
C ILE E 432 -3.95 -45.85 19.78
N PHE E 433 -3.76 -45.47 21.01
CA PHE E 433 -3.14 -44.21 21.33
C PHE E 433 -1.81 -44.45 22.04
N GLY E 434 -0.89 -43.54 21.91
CA GLY E 434 0.34 -43.61 22.66
C GLY E 434 1.13 -42.33 22.69
N PRO E 435 1.80 -42.02 23.79
CA PRO E 435 2.56 -40.77 23.75
C PRO E 435 3.94 -40.96 23.14
N ASP E 436 3.97 -41.21 21.83
CA ASP E 436 5.18 -41.44 21.03
C ASP E 436 5.91 -42.70 21.54
N GLU E 437 5.13 -43.66 21.98
CA GLU E 437 5.69 -44.85 22.60
C GLU E 437 5.13 -46.16 22.05
N THR E 438 4.38 -46.15 20.95
CA THR E 438 3.78 -47.37 20.42
C THR E 438 4.84 -48.35 19.92
N ALA E 439 5.78 -47.89 19.11
CA ALA E 439 6.87 -48.73 18.65
C ALA E 439 7.79 -49.14 19.77
N SER E 440 8.09 -48.21 20.66
CA SER E 440 8.97 -48.45 21.79
C SER E 440 8.41 -49.52 22.74
N ASN E 441 7.12 -49.47 23.04
CA ASN E 441 6.42 -50.53 23.77
C ASN E 441 6.06 -51.74 22.88
N ARG E 442 6.63 -51.83 21.67
CA ARG E 442 6.61 -52.99 20.76
C ARG E 442 5.22 -53.29 20.22
N LEU E 443 4.41 -52.29 19.96
CA LEU E 443 3.07 -52.53 19.45
C LEU E 443 2.96 -52.19 17.98
N GLN E 444 4.07 -52.16 17.27
CA GLN E 444 4.15 -51.62 15.93
C GLN E 444 3.77 -52.62 14.82
N ALA E 445 3.42 -53.86 15.14
CA ALA E 445 2.75 -54.74 14.18
C ALA E 445 1.43 -54.18 13.67
N SER E 446 0.80 -53.25 14.38
CA SER E 446 -0.39 -52.58 13.87
C SER E 446 -0.14 -51.77 12.62
N TYR E 447 1.10 -51.38 12.33
CA TYR E 447 1.41 -50.62 11.13
C TYR E 447 1.35 -51.46 9.88
N GLU E 448 1.29 -52.77 10.00
CA GLU E 448 0.97 -53.63 8.87
C GLU E 448 -0.46 -53.48 8.41
N VAL E 449 -1.36 -53.00 9.22
CA VAL E 449 -2.75 -52.89 8.81
C VAL E 449 -3.30 -51.47 8.87
N THR E 450 -2.58 -50.52 9.41
CA THR E 450 -3.08 -49.17 9.53
C THR E 450 -1.90 -48.23 9.60
N ASN E 451 -2.17 -46.98 9.83
CA ASN E 451 -1.16 -45.96 9.93
C ASN E 451 -1.36 -45.13 11.18
N LYS E 452 -0.34 -44.40 11.52
CA LYS E 452 -0.43 -43.30 12.47
C LYS E 452 -1.09 -42.11 11.82
N GLN E 453 -2.15 -41.63 12.43
CA GLN E 453 -2.89 -40.51 11.88
C GLN E 453 -2.09 -39.25 12.09
N TRP E 454 -1.73 -38.60 11.00
CA TRP E 454 -0.94 -37.38 11.06
C TRP E 454 -1.51 -36.37 10.09
N ASP E 455 -1.85 -35.20 10.57
CA ASP E 455 -2.41 -34.19 9.68
C ASP E 455 -1.67 -32.88 9.78
N ALA E 456 -0.45 -32.92 10.21
CA ALA E 456 0.43 -31.79 10.03
C ALA E 456 1.22 -32.07 8.74
N GLY E 457 2.28 -31.32 8.49
CA GLY E 457 2.97 -31.45 7.22
C GLY E 457 3.77 -32.73 7.07
N TYR E 458 3.85 -33.21 5.83
CA TYR E 458 4.70 -34.33 5.43
C TYR E 458 5.90 -33.73 4.70
N ILE E 459 7.08 -34.33 4.84
CA ILE E 459 8.28 -33.82 4.14
C ILE E 459 9.02 -34.86 3.29
N SER E 460 9.11 -36.11 3.73
CA SER E 460 9.95 -37.10 3.08
C SER E 460 9.57 -38.51 3.49
N ASP E 461 9.55 -39.41 2.52
CA ASP E 461 9.44 -40.83 2.79
C ASP E 461 10.64 -41.42 3.56
N GLU E 462 11.79 -40.78 3.62
CA GLU E 462 12.86 -41.26 4.50
C GLU E 462 12.58 -41.09 6.00
N VAL E 463 11.73 -40.16 6.40
CA VAL E 463 11.41 -39.98 7.81
C VAL E 463 9.97 -40.32 8.17
N ASP E 464 9.03 -40.28 7.23
CA ASP E 464 7.60 -40.26 7.49
C ASP E 464 6.93 -41.62 7.31
N GLU E 465 7.64 -42.71 7.49
CA GLU E 465 7.09 -44.05 7.41
C GLU E 465 5.91 -44.27 8.37
N HIS E 466 4.96 -45.05 7.91
CA HIS E 466 3.77 -45.47 8.62
C HIS E 466 2.85 -44.32 8.99
N MET E 467 2.92 -43.18 8.34
CA MET E 467 2.04 -42.07 8.63
C MET E 467 1.07 -41.85 7.47
N HIS E 468 -0.16 -41.44 7.78
CA HIS E 468 -1.20 -41.14 6.82
C HIS E 468 -2.16 -40.15 7.44
N VAL E 469 -2.86 -39.39 6.61
CA VAL E 469 -3.82 -38.42 7.13
C VAL E 469 -4.99 -39.10 7.82
N SER E 470 -5.24 -40.35 7.58
CA SER E 470 -6.12 -41.07 8.45
C SER E 470 -5.51 -42.41 8.79
N GLY E 471 -5.85 -42.90 9.95
CA GLY E 471 -5.37 -44.17 10.43
C GLY E 471 -5.81 -44.36 11.87
N GLN E 472 -5.65 -45.56 12.36
CA GLN E 472 -6.17 -45.96 13.65
C GLN E 472 -5.15 -45.85 14.81
N VAL E 473 -3.98 -45.28 14.61
CA VAL E 473 -3.01 -45.05 15.66
C VAL E 473 -2.81 -43.54 15.77
N VAL E 474 -2.82 -43.00 16.95
CA VAL E 474 -2.61 -41.58 17.15
C VAL E 474 -1.55 -41.41 18.20
N GLU E 475 -0.58 -40.57 17.92
CA GLU E 475 0.53 -40.31 18.81
C GLU E 475 0.74 -38.81 18.91
N GLN E 476 0.83 -38.35 20.13
CA GLN E 476 1.22 -37.02 20.48
C GLN E 476 1.91 -37.19 21.81
N LEU E 477 2.97 -36.46 22.03
CA LEU E 477 3.68 -36.54 23.31
C LEU E 477 2.94 -35.74 24.38
N SER E 478 1.86 -36.35 24.86
CA SER E 478 1.02 -35.85 25.93
C SER E 478 0.20 -37.04 26.40
N GLU E 479 0.45 -37.47 27.62
CA GLU E 479 -0.38 -38.46 28.28
C GLU E 479 -1.80 -37.95 28.49
N HIS E 480 -1.97 -36.65 28.74
CA HIS E 480 -3.29 -36.03 28.86
C HIS E 480 -4.11 -36.17 27.58
N GLN E 481 -3.52 -35.88 26.44
CA GLN E 481 -4.18 -36.06 25.15
C GLN E 481 -4.55 -37.51 24.88
N MET E 482 -3.60 -38.43 25.03
CA MET E 482 -3.82 -39.85 24.77
C MET E 482 -4.92 -40.41 25.67
N GLU E 483 -4.85 -40.15 26.96
CA GLU E 483 -5.87 -40.64 27.86
C GLU E 483 -7.21 -40.00 27.57
N GLY E 484 -7.20 -38.72 27.22
CA GLY E 484 -8.43 -38.00 26.98
C GLY E 484 -9.11 -38.32 25.65
N PHE E 485 -8.34 -38.41 24.57
CA PHE E 485 -8.81 -38.98 23.30
C PHE E 485 -9.46 -40.34 23.51
N LEU E 486 -8.77 -41.25 24.16
CA LEU E 486 -9.28 -42.60 24.32
C LEU E 486 -10.56 -42.61 25.14
N GLU E 487 -10.59 -41.89 26.25
CA GLU E 487 -11.77 -41.78 27.10
C GLU E 487 -13.02 -41.35 26.34
N ALA E 488 -12.91 -40.42 25.43
CA ALA E 488 -14.08 -40.03 24.67
C ALA E 488 -14.40 -40.98 23.53
N TYR E 489 -13.42 -41.66 22.94
CA TYR E 489 -13.64 -42.71 21.97
C TYR E 489 -14.46 -43.85 22.59
N LEU E 490 -14.20 -44.15 23.83
CA LEU E 490 -14.96 -45.13 24.57
C LEU E 490 -16.33 -44.62 24.95
N LEU E 491 -16.45 -43.38 25.41
CA LEU E 491 -17.74 -42.87 25.81
C LEU E 491 -18.68 -42.69 24.63
N THR E 492 -18.17 -42.66 23.41
CA THR E 492 -18.99 -42.58 22.23
C THR E 492 -19.14 -43.94 21.55
N GLY E 493 -18.80 -45.01 22.23
CA GLY E 493 -19.18 -46.33 21.80
C GLY E 493 -18.14 -47.15 21.12
N ARG E 494 -16.91 -46.68 20.99
CA ARG E 494 -15.88 -47.43 20.30
C ARG E 494 -14.92 -48.07 21.32
N HIS E 495 -13.78 -48.53 20.87
CA HIS E 495 -12.89 -49.38 21.66
C HIS E 495 -11.45 -48.98 21.45
N GLY E 496 -10.58 -49.34 22.37
CA GLY E 496 -9.19 -49.21 22.10
C GLY E 496 -8.24 -49.52 23.22
N ILE E 497 -7.05 -48.97 23.12
CA ILE E 497 -5.99 -49.25 24.06
C ILE E 497 -5.01 -48.11 23.96
N TRP E 498 -4.44 -47.73 25.09
CA TRP E 498 -3.25 -46.94 24.96
C TRP E 498 -2.14 -47.58 25.74
N SER E 499 -0.94 -47.19 25.47
CA SER E 499 0.21 -47.72 26.18
C SER E 499 1.06 -46.57 26.63
N SER E 500 1.87 -46.83 27.62
CA SER E 500 2.64 -45.83 28.32
C SER E 500 3.79 -46.51 29.03
N TYR E 501 4.86 -45.79 29.19
CA TYR E 501 5.84 -46.17 30.19
C TYR E 501 5.21 -46.01 31.54
N GLU E 502 5.54 -46.94 32.40
CA GLU E 502 4.95 -47.09 33.71
C GLU E 502 5.03 -45.81 34.52
N SER E 503 6.22 -45.25 34.68
CA SER E 503 6.42 -44.07 35.52
C SER E 503 5.69 -42.83 35.02
N PHE E 504 5.37 -42.75 33.76
CA PHE E 504 4.61 -41.62 33.26
C PHE E 504 3.11 -41.82 33.29
N VAL E 505 2.61 -42.98 33.69
CA VAL E 505 1.19 -43.10 33.96
C VAL E 505 0.72 -42.08 35.01
N HIS E 506 1.60 -41.74 35.95
CA HIS E 506 1.31 -40.80 37.02
C HIS E 506 0.90 -39.43 36.54
N VAL E 507 1.40 -39.02 35.37
CA VAL E 507 0.96 -37.84 34.66
C VAL E 507 -0.56 -37.75 34.56
N ILE E 508 -1.26 -38.85 34.37
CA ILE E 508 -2.69 -38.78 34.22
C ILE E 508 -3.45 -39.45 35.36
N ASP E 509 -2.83 -39.62 36.52
CA ASP E 509 -3.51 -40.15 37.71
C ASP E 509 -4.86 -39.49 37.97
N SER E 510 -4.90 -38.18 37.86
CA SER E 510 -6.13 -37.47 38.09
C SER E 510 -7.16 -37.66 36.98
N MET E 511 -6.73 -37.92 35.74
CA MET E 511 -7.68 -38.31 34.69
C MET E 511 -8.22 -39.71 34.93
N LEU E 512 -7.37 -40.65 35.31
CA LEU E 512 -7.84 -41.96 35.71
C LEU E 512 -8.82 -41.89 36.88
N ASN E 513 -8.59 -40.99 37.82
CA ASN E 513 -9.50 -40.82 38.96
C ASN E 513 -10.86 -40.35 38.47
N GLN E 514 -10.88 -39.36 37.59
CA GLN E 514 -12.12 -38.82 37.09
C GLN E 514 -12.86 -39.82 36.20
N HIS E 515 -12.16 -40.63 35.44
CA HIS E 515 -12.83 -41.67 34.68
C HIS E 515 -13.41 -42.73 35.60
N ALA E 516 -12.73 -43.03 36.69
CA ALA E 516 -13.20 -44.02 37.64
C ALA E 516 -14.39 -43.53 38.44
N LYS E 517 -14.48 -42.25 38.71
CA LYS E 517 -15.65 -41.72 39.38
C LYS E 517 -16.84 -41.66 38.47
N TRP E 518 -16.63 -41.35 37.19
CA TRP E 518 -17.66 -41.53 36.16
C TRP E 518 -18.20 -42.95 36.19
N LEU E 519 -17.31 -43.94 36.08
CA LEU E 519 -17.70 -45.34 36.08
C LEU E 519 -18.37 -45.78 37.37
N GLU E 520 -17.84 -45.36 38.51
CA GLU E 520 -18.41 -45.73 39.81
C GLU E 520 -19.83 -45.21 39.96
N ALA E 521 -20.04 -43.95 39.62
CA ALA E 521 -21.39 -43.40 39.66
C ALA E 521 -22.32 -44.07 38.64
N THR E 522 -21.80 -44.49 37.50
CA THR E 522 -22.63 -45.12 36.48
C THR E 522 -23.10 -46.51 36.91
N VAL E 523 -22.21 -47.32 37.44
CA VAL E 523 -22.58 -48.69 37.80
C VAL E 523 -23.34 -48.74 39.11
N ARG E 524 -23.18 -47.77 39.99
CA ARG E 524 -23.96 -47.73 41.21
C ARG E 524 -25.39 -47.28 40.95
N GLU E 525 -25.61 -46.24 40.17
CA GLU E 525 -26.93 -45.63 40.17
C GLU E 525 -27.48 -45.13 38.85
N ILE E 526 -26.82 -45.37 37.73
CA ILE E 526 -27.33 -44.78 36.51
C ILE E 526 -27.57 -45.91 35.52
N PRO E 527 -28.64 -46.69 35.66
CA PRO E 527 -28.86 -47.84 34.76
C PRO E 527 -29.22 -47.47 33.34
N TRP E 528 -29.84 -46.32 33.08
CA TRP E 528 -30.09 -45.89 31.72
C TRP E 528 -28.81 -45.57 30.93
N ARG E 529 -27.66 -45.47 31.56
CA ARG E 529 -26.41 -45.19 30.89
C ARG E 529 -25.73 -46.53 30.63
N LYS E 530 -25.74 -46.95 29.39
CA LYS E 530 -25.35 -48.30 29.01
C LYS E 530 -23.83 -48.52 29.16
N PRO E 531 -23.37 -49.76 29.34
CA PRO E 531 -21.93 -50.00 29.52
C PRO E 531 -21.07 -49.62 28.32
N ILE E 532 -20.03 -48.92 28.57
CA ILE E 532 -19.06 -48.53 27.58
C ILE E 532 -17.92 -49.52 27.65
N ALA E 533 -17.15 -49.60 26.60
CA ALA E 533 -15.93 -50.39 26.55
C ALA E 533 -14.89 -49.89 27.56
N SER E 534 -14.06 -50.77 28.01
CA SER E 534 -13.13 -50.47 29.06
C SER E 534 -11.97 -49.60 28.60
N MET E 535 -11.41 -48.89 29.53
CA MET E 535 -10.21 -48.10 29.35
C MET E 535 -9.03 -49.01 29.58
N ASN E 536 -8.37 -49.40 28.52
CA ASN E 536 -7.32 -50.41 28.58
C ASN E 536 -5.95 -49.75 28.47
N LEU E 537 -5.12 -49.97 29.45
CA LEU E 537 -3.82 -49.33 29.49
C LEU E 537 -2.71 -50.36 29.59
N LEU E 538 -1.93 -50.46 28.54
CA LEU E 538 -0.70 -51.23 28.57
C LEU E 538 0.40 -50.46 29.31
N VAL E 539 0.80 -50.96 30.45
CA VAL E 539 1.82 -50.34 31.27
C VAL E 539 3.09 -51.11 30.96
N SER E 540 3.95 -50.55 30.15
CA SER E 540 5.15 -51.28 29.85
C SER E 540 6.37 -50.43 30.16
N SER E 541 7.54 -50.91 29.77
CA SER E 541 8.85 -50.41 30.17
C SER E 541 8.92 -50.10 31.65
N HIS E 542 8.69 -51.09 32.46
CA HIS E 542 8.39 -50.88 33.86
C HIS E 542 9.66 -50.68 34.68
N VAL E 543 9.51 -50.65 36.01
CA VAL E 543 10.56 -50.20 36.91
C VAL E 543 11.80 -51.09 36.84
N TRP E 544 11.63 -52.40 36.67
CA TRP E 544 12.76 -53.29 36.72
C TRP E 544 13.64 -53.20 35.48
N ARG E 545 13.14 -52.71 34.38
CA ARG E 545 13.89 -52.68 33.14
C ARG E 545 14.01 -51.25 32.68
N GLN E 546 14.14 -50.32 33.60
N GLN E 546 14.09 -50.38 33.65
CA GLN E 546 14.32 -48.92 33.21
CA GLN E 546 14.37 -48.96 33.58
C GLN E 546 15.79 -48.71 32.90
C GLN E 546 15.74 -48.64 34.14
N ASP E 547 16.10 -48.91 31.60
N ASP E 547 16.63 -49.61 34.10
CA ASP E 547 17.37 -49.22 30.94
CA ASP E 547 18.03 -49.44 34.41
C ASP E 547 18.20 -48.04 30.46
C ASP E 547 18.81 -48.75 33.27
N HIS E 548 17.65 -47.29 29.52
N HIS E 548 18.17 -48.23 32.21
CA HIS E 548 18.31 -46.06 29.14
CA HIS E 548 18.87 -47.38 31.24
C HIS E 548 18.10 -44.94 30.14
C HIS E 548 18.52 -45.90 31.40
N ASN E 549 17.41 -45.19 31.35
N ASN E 549 17.25 -45.54 31.63
CA ASN E 549 16.89 -44.03 32.07
CA ASN E 549 16.91 -44.20 32.06
C ASN E 549 17.22 -43.94 33.55
C ASN E 549 17.18 -43.99 33.53
N GLY E 550 17.20 -45.01 34.31
CA GLY E 550 17.64 -44.81 35.67
C GLY E 550 16.58 -44.22 36.60
N PHE E 551 17.08 -43.73 37.72
CA PHE E 551 16.40 -43.61 38.99
C PHE E 551 15.14 -42.78 38.94
N SER E 552 15.18 -41.69 38.21
CA SER E 552 14.03 -40.83 38.23
C SER E 552 12.97 -41.26 37.24
N HIS E 553 13.14 -42.36 36.54
CA HIS E 553 12.11 -42.98 35.72
C HIS E 553 11.55 -44.23 36.36
N GLN E 554 11.89 -44.49 37.57
CA GLN E 554 11.50 -45.71 38.27
C GLN E 554 10.37 -45.38 39.24
N ASP E 555 9.13 -45.52 38.79
CA ASP E 555 7.99 -45.35 39.70
C ASP E 555 6.88 -46.26 39.28
N PRO E 556 6.75 -47.42 39.93
CA PRO E 556 5.65 -48.33 39.65
C PRO E 556 4.33 -47.95 40.33
N GLY E 557 4.19 -46.75 40.85
CA GLY E 557 3.11 -46.42 41.73
C GLY E 557 1.72 -46.24 41.16
N VAL E 558 1.50 -46.58 39.90
CA VAL E 558 0.16 -46.62 39.32
C VAL E 558 -0.77 -47.56 40.11
N THR E 559 -0.23 -48.70 40.54
CA THR E 559 -0.99 -49.69 41.29
C THR E 559 -1.60 -49.14 42.57
N SER E 560 -0.88 -48.30 43.33
CA SER E 560 -1.43 -47.74 44.56
C SER E 560 -2.59 -46.78 44.28
N VAL E 561 -2.47 -45.99 43.21
CA VAL E 561 -3.56 -45.12 42.79
C VAL E 561 -4.80 -45.91 42.43
N LEU E 562 -4.66 -46.95 41.63
CA LEU E 562 -5.83 -47.68 41.19
C LEU E 562 -6.45 -48.52 42.30
N LEU E 563 -5.72 -48.84 43.35
CA LEU E 563 -6.30 -49.54 44.48
C LEU E 563 -7.24 -48.69 45.31
N ASN E 564 -7.15 -47.38 45.24
CA ASN E 564 -8.10 -46.48 45.87
C ASN E 564 -9.43 -46.37 45.14
N LYS E 565 -9.63 -47.01 44.03
CA LYS E 565 -10.92 -46.98 43.38
C LYS E 565 -11.56 -48.36 43.38
N CYS E 566 -11.25 -49.19 44.36
CA CYS E 566 -11.79 -50.55 44.42
C CYS E 566 -12.65 -50.74 45.67
N PHE E 567 -13.88 -50.28 45.62
CA PHE E 567 -14.79 -50.37 46.74
C PHE E 567 -16.18 -50.77 46.29
N HIS E 568 -16.93 -51.28 47.26
N HIS E 568 -16.99 -51.22 47.26
CA HIS E 568 -18.38 -51.45 47.25
CA HIS E 568 -18.44 -51.31 47.15
C HIS E 568 -18.85 -52.30 46.08
C HIS E 568 -18.88 -52.30 46.07
N ASN E 569 -18.01 -53.26 45.73
CA ASN E 569 -18.17 -54.16 44.59
C ASN E 569 -18.48 -53.47 43.27
N ASP E 570 -17.93 -52.29 43.05
CA ASP E 570 -18.09 -51.62 41.76
C ASP E 570 -17.46 -52.42 40.63
N HIS E 571 -16.29 -53.01 40.88
CA HIS E 571 -15.46 -53.71 39.90
C HIS E 571 -15.21 -52.87 38.66
N VAL E 572 -14.76 -51.64 38.86
CA VAL E 572 -14.40 -50.79 37.76
C VAL E 572 -12.89 -50.74 37.52
N ILE E 573 -12.09 -51.49 38.27
CA ILE E 573 -10.64 -51.50 38.17
C ILE E 573 -10.16 -52.93 37.91
N GLY E 574 -9.31 -53.11 36.95
CA GLY E 574 -8.58 -54.34 36.80
C GLY E 574 -7.10 -54.05 36.86
N ILE E 575 -6.35 -54.77 37.66
CA ILE E 575 -4.92 -54.61 37.80
C ILE E 575 -4.32 -55.97 37.49
N TYR E 576 -3.58 -56.09 36.41
CA TYR E 576 -3.12 -57.37 35.91
C TYR E 576 -1.64 -57.36 35.66
N PHE E 577 -0.98 -58.36 36.17
CA PHE E 577 0.43 -58.57 35.97
C PHE E 577 0.59 -59.66 34.93
N ALA E 578 1.09 -59.28 33.78
CA ALA E 578 1.30 -60.24 32.73
C ALA E 578 2.59 -61.00 33.04
N THR E 579 2.43 -62.26 33.44
CA THR E 579 3.55 -63.12 33.77
C THR E 579 4.44 -63.44 32.58
N ASP E 580 3.88 -63.52 31.39
CA ASP E 580 4.55 -63.87 30.15
C ASP E 580 3.60 -63.55 29.01
N ALA E 581 3.99 -63.90 27.81
CA ALA E 581 3.18 -63.62 26.62
C ALA E 581 1.85 -64.35 26.60
N ASN E 582 1.79 -65.59 27.10
CA ASN E 582 0.51 -66.30 27.12
C ASN E 582 -0.44 -65.77 28.17
N MET E 583 0.05 -65.30 29.30
CA MET E 583 -0.78 -64.62 30.28
C MET E 583 -1.23 -63.26 29.76
N LEU E 584 -0.36 -62.57 29.03
CA LEU E 584 -0.73 -61.31 28.41
C LEU E 584 -1.88 -61.46 27.43
N LEU E 585 -1.86 -62.53 26.65
CA LEU E 585 -2.98 -62.84 25.76
C LEU E 585 -4.27 -63.05 26.53
N ALA E 586 -4.23 -63.89 27.56
CA ALA E 586 -5.42 -64.14 28.35
C ALA E 586 -5.95 -62.85 29.00
N ILE E 587 -5.06 -62.00 29.50
CA ILE E 587 -5.46 -60.75 30.11
C ILE E 587 -6.10 -59.85 29.08
N ALA E 588 -5.47 -59.76 27.91
CA ALA E 588 -5.86 -58.83 26.85
C ALA E 588 -7.22 -59.16 26.31
N GLU E 589 -7.49 -60.43 26.11
CA GLU E 589 -8.81 -60.88 25.70
C GLU E 589 -9.89 -60.56 26.74
N LYS E 590 -9.62 -60.80 28.02
CA LYS E 590 -10.54 -60.40 29.07
C LYS E 590 -10.80 -58.89 29.11
N CYS E 591 -9.74 -58.09 29.02
CA CYS E 591 -9.90 -56.64 28.98
C CYS E 591 -10.62 -56.17 27.72
N TYR E 592 -10.35 -56.79 26.57
CA TYR E 592 -11.01 -56.41 25.32
C TYR E 592 -12.47 -56.80 25.28
N LYS E 593 -12.87 -57.82 26.02
CA LYS E 593 -14.27 -58.17 26.24
C LYS E 593 -14.97 -57.42 27.38
N SER E 594 -14.25 -56.76 28.26
CA SER E 594 -14.86 -56.17 29.43
C SER E 594 -15.49 -54.83 29.10
N THR E 595 -16.43 -54.44 29.92
CA THR E 595 -17.09 -53.16 29.83
C THR E 595 -16.97 -52.44 31.17
N ASN E 596 -17.09 -51.12 31.13
CA ASN E 596 -17.16 -50.23 32.29
C ASN E 596 -15.97 -50.36 33.24
N LYS E 597 -14.76 -50.48 32.72
CA LYS E 597 -13.61 -50.65 33.57
C LYS E 597 -12.45 -49.75 33.17
N ILE E 598 -11.53 -49.62 34.09
CA ILE E 598 -10.17 -49.21 33.81
C ILE E 598 -9.30 -50.43 34.06
N ASN E 599 -8.68 -50.91 33.01
CA ASN E 599 -7.79 -52.07 33.04
C ASN E 599 -6.34 -51.63 32.88
N ALA E 600 -5.54 -51.81 33.91
CA ALA E 600 -4.10 -51.64 33.80
C ALA E 600 -3.44 -52.99 33.54
N ILE E 601 -2.65 -53.07 32.49
CA ILE E 601 -2.02 -54.31 32.10
C ILE E 601 -0.54 -54.06 32.19
N ILE E 602 0.08 -54.61 33.18
CA ILE E 602 1.47 -54.37 33.42
C ILE E 602 2.22 -55.53 32.80
N ALA E 603 2.91 -55.23 31.71
CA ALA E 603 3.58 -56.20 30.88
C ALA E 603 4.98 -55.73 30.58
N GLY E 604 5.92 -56.63 30.62
CA GLY E 604 7.25 -56.29 30.21
C GLY E 604 7.42 -56.36 28.71
N LYS E 605 8.29 -55.53 28.22
CA LYS E 605 8.69 -55.60 26.83
C LYS E 605 10.13 -56.09 26.63
N GLN E 606 10.86 -56.39 27.68
CA GLN E 606 12.19 -56.95 27.60
C GLN E 606 12.15 -58.46 27.30
N PRO E 607 13.23 -59.04 26.79
CA PRO E 607 13.24 -60.50 26.58
C PRO E 607 13.16 -61.23 27.91
N ALA E 608 12.27 -62.19 27.99
CA ALA E 608 11.96 -62.88 29.22
C ALA E 608 11.46 -64.28 28.89
N ALA E 609 11.38 -65.13 29.87
CA ALA E 609 10.90 -66.49 29.71
C ALA E 609 9.40 -66.53 29.51
N THR E 610 8.92 -67.61 28.92
CA THR E 610 7.50 -67.89 28.88
C THR E 610 7.24 -69.05 29.83
N TRP E 611 6.35 -68.82 30.79
CA TRP E 611 6.14 -69.73 31.91
C TRP E 611 4.95 -70.66 31.73
N LEU E 612 3.89 -70.19 31.13
CA LEU E 612 2.60 -70.87 31.07
C LEU E 612 2.18 -71.07 29.63
N THR E 613 1.39 -72.12 29.42
CA THR E 613 0.65 -72.23 28.18
C THR E 613 -0.58 -71.34 28.28
N LEU E 614 -1.25 -71.17 27.17
CA LEU E 614 -2.42 -70.32 27.16
C LEU E 614 -3.55 -70.93 27.99
N ASP E 615 -3.71 -72.24 27.94
CA ASP E 615 -4.73 -72.90 28.74
C ASP E 615 -4.41 -72.85 30.23
N GLU E 616 -3.14 -72.88 30.62
CA GLU E 616 -2.83 -72.64 32.02
C GLU E 616 -3.03 -71.18 32.40
N ALA E 617 -2.66 -70.26 31.51
CA ALA E 617 -2.82 -68.82 31.77
C ALA E 617 -4.28 -68.46 31.97
N ARG E 618 -5.16 -69.03 31.17
CA ARG E 618 -6.60 -68.81 31.35
C ARG E 618 -7.12 -69.40 32.64
N ALA E 619 -6.51 -70.45 33.17
CA ALA E 619 -6.94 -71.02 34.43
C ALA E 619 -6.51 -70.16 35.61
N GLU E 620 -5.24 -69.74 35.64
CA GLU E 620 -4.76 -68.83 36.66
C GLU E 620 -5.51 -67.51 36.65
N LEU E 621 -5.84 -67.00 35.47
CA LEU E 621 -6.51 -65.70 35.35
C LEU E 621 -7.93 -65.72 35.87
N GLU E 622 -8.66 -66.81 35.71
CA GLU E 622 -10.04 -66.88 36.20
C GLU E 622 -10.12 -66.77 37.73
N LYS E 623 -9.22 -67.43 38.44
CA LYS E 623 -9.15 -67.24 39.88
C LYS E 623 -8.38 -66.00 40.25
N GLY E 624 -7.31 -65.70 39.55
CA GLY E 624 -6.57 -64.49 39.79
C GLY E 624 -5.19 -64.78 40.27
N ALA E 625 -5.09 -65.77 41.14
CA ALA E 625 -3.85 -66.36 41.60
C ALA E 625 -3.95 -67.87 41.46
N ALA E 626 -2.80 -68.54 41.39
CA ALA E 626 -2.77 -70.00 41.26
C ALA E 626 -1.45 -70.56 41.72
N ALA E 627 -1.51 -71.72 42.34
CA ALA E 627 -0.32 -72.51 42.60
C ALA E 627 0.23 -73.09 41.31
N TRP E 628 1.54 -73.20 41.23
CA TRP E 628 2.21 -73.78 40.09
C TRP E 628 2.75 -75.14 40.56
N ASP E 629 1.92 -76.17 40.44
CA ASP E 629 2.33 -77.47 40.98
C ASP E 629 3.46 -78.07 40.18
N TRP E 630 3.59 -77.72 38.92
CA TRP E 630 4.74 -78.14 38.16
C TRP E 630 6.05 -77.54 38.67
N ALA E 631 6.00 -76.44 39.41
CA ALA E 631 7.20 -75.82 39.94
C ALA E 631 7.41 -76.08 41.42
N SER E 632 6.41 -76.51 42.16
CA SER E 632 6.59 -76.80 43.56
C SER E 632 7.34 -78.11 43.72
N THR E 633 8.10 -78.21 44.78
CA THR E 633 8.62 -79.50 45.25
C THR E 633 7.91 -79.98 46.50
N ALA E 634 7.14 -79.13 47.16
CA ALA E 634 6.16 -79.63 48.10
C ALA E 634 5.01 -80.23 47.34
N LYS E 635 4.43 -81.27 47.89
CA LYS E 635 3.39 -81.99 47.18
C LYS E 635 2.03 -81.85 47.84
N ASN E 636 1.95 -81.18 48.98
CA ASN E 636 0.74 -80.55 49.48
C ASN E 636 1.17 -79.45 50.45
N ASN E 637 0.20 -78.88 51.14
CA ASN E 637 0.44 -77.70 51.96
C ASN E 637 1.18 -78.00 53.26
N ASP E 638 1.09 -79.21 53.80
CA ASP E 638 1.78 -79.50 55.05
C ASP E 638 3.23 -79.86 54.88
N GLU E 639 3.69 -80.24 53.71
CA GLU E 639 5.13 -80.46 53.63
C GLU E 639 5.88 -79.28 53.04
N ALA E 640 5.18 -78.25 52.59
CA ALA E 640 5.86 -77.01 52.23
C ALA E 640 6.51 -76.37 53.43
N GLU E 641 7.74 -75.98 53.27
CA GLU E 641 8.37 -75.16 54.29
C GLU E 641 8.21 -73.69 54.02
N VAL E 642 8.02 -73.31 52.76
CA VAL E 642 7.97 -71.91 52.38
C VAL E 642 7.12 -71.83 51.13
N VAL E 643 6.48 -70.69 50.93
CA VAL E 643 5.69 -70.44 49.74
C VAL E 643 6.35 -69.30 48.99
N LEU E 644 6.72 -69.56 47.78
CA LEU E 644 7.36 -68.57 46.94
C LEU E 644 6.32 -67.99 46.00
N ALA E 645 5.84 -66.82 46.29
CA ALA E 645 4.83 -66.17 45.46
C ALA E 645 5.46 -65.04 44.69
N ALA E 646 4.88 -64.71 43.53
CA ALA E 646 5.33 -63.60 42.71
C ALA E 646 4.16 -62.98 41.95
N ALA E 647 4.21 -61.67 41.81
CA ALA E 647 3.34 -60.93 40.92
C ALA E 647 4.20 -60.03 40.05
N GLY E 648 4.17 -60.26 38.76
CA GLY E 648 4.91 -59.56 37.73
C GLY E 648 5.98 -60.41 37.10
N ASP E 649 6.36 -60.07 35.86
CA ASP E 649 7.31 -60.90 35.10
C ASP E 649 8.73 -60.90 35.67
N VAL E 650 9.25 -59.75 36.10
CA VAL E 650 10.57 -59.77 36.73
C VAL E 650 10.52 -60.39 38.13
N PRO E 651 9.55 -60.13 39.01
CA PRO E 651 9.46 -60.95 40.23
C PRO E 651 9.30 -62.44 39.99
N THR E 652 8.61 -62.83 38.92
CA THR E 652 8.43 -64.23 38.60
C THR E 652 9.76 -64.85 38.19
N GLN E 653 10.57 -64.11 37.43
CA GLN E 653 11.86 -64.61 36.98
C GLN E 653 12.78 -64.84 38.17
N GLU E 654 12.86 -63.88 39.09
CA GLU E 654 13.69 -64.00 40.27
C GLU E 654 13.19 -65.08 41.24
N ILE E 655 11.89 -65.26 41.38
CA ILE E 655 11.36 -66.30 42.25
C ILE E 655 11.58 -67.67 41.64
N MET E 656 11.49 -67.80 40.30
CA MET E 656 11.72 -69.08 39.66
C MET E 656 13.19 -69.47 39.69
N ALA E 657 14.09 -68.48 39.60
CA ALA E 657 15.51 -68.72 39.77
C ALA E 657 15.88 -68.98 41.22
N ALA E 658 15.13 -68.47 42.18
CA ALA E 658 15.36 -68.80 43.57
C ALA E 658 14.87 -70.18 43.90
N SER E 659 13.75 -70.61 43.31
CA SER E 659 13.23 -71.95 43.53
C SER E 659 14.16 -73.03 42.99
N ASP E 660 14.93 -72.75 41.95
CA ASP E 660 15.89 -73.71 41.43
C ASP E 660 17.08 -73.90 42.36
N LYS E 661 17.56 -72.80 42.96
CA LYS E 661 18.59 -72.87 43.98
C LYS E 661 18.09 -73.47 45.27
N LEU E 662 16.82 -73.31 45.59
CA LEU E 662 16.27 -73.94 46.77
C LEU E 662 16.11 -75.43 46.57
N LYS E 663 15.70 -75.83 45.38
CA LYS E 663 15.55 -77.23 45.00
C LYS E 663 16.88 -77.97 45.08
N GLU E 664 17.94 -77.36 44.55
CA GLU E 664 19.33 -77.82 44.68
C GLU E 664 19.75 -78.03 46.13
N LEU E 665 19.18 -77.26 47.07
CA LEU E 665 19.40 -77.48 48.49
C LEU E 665 18.46 -78.50 49.09
N GLY E 666 17.59 -79.10 48.32
CA GLY E 666 16.67 -80.04 48.89
C GLY E 666 15.40 -79.50 49.51
N VAL E 667 15.18 -78.17 49.53
CA VAL E 667 14.06 -77.58 50.24
C VAL E 667 12.70 -77.92 49.60
N LYS E 668 11.70 -78.18 50.43
CA LYS E 668 10.34 -78.42 50.01
C LYS E 668 9.58 -77.09 50.04
N PHE E 669 9.16 -76.60 48.87
CA PHE E 669 8.49 -75.32 48.77
C PHE E 669 7.32 -75.43 47.83
N LYS E 670 6.50 -74.41 47.84
CA LYS E 670 5.39 -74.25 46.93
C LYS E 670 5.54 -72.91 46.21
N VAL E 671 5.28 -72.90 44.91
CA VAL E 671 5.39 -71.71 44.08
C VAL E 671 3.99 -71.22 43.69
N VAL E 672 3.71 -69.94 43.88
CA VAL E 672 2.44 -69.29 43.57
C VAL E 672 2.65 -68.14 42.59
N ASN E 673 1.76 -67.98 41.64
CA ASN E 673 1.77 -66.80 40.80
C ASN E 673 0.48 -66.03 40.96
N VAL E 674 0.60 -64.72 41.00
CA VAL E 674 -0.52 -63.81 41.14
C VAL E 674 -0.60 -63.01 39.84
N ALA E 675 -1.61 -63.24 39.05
CA ALA E 675 -1.81 -62.46 37.84
C ALA E 675 -2.74 -61.28 38.04
N ASP E 676 -3.71 -61.37 38.93
CA ASP E 676 -4.76 -60.37 39.13
C ASP E 676 -4.69 -59.92 40.58
N LEU E 677 -4.35 -58.66 40.80
CA LEU E 677 -3.99 -58.14 42.10
C LEU E 677 -5.18 -58.05 43.04
N LEU E 678 -6.35 -57.71 42.54
CA LEU E 678 -7.54 -57.63 43.36
C LEU E 678 -8.10 -58.98 43.75
N SER E 679 -7.54 -60.09 43.32
CA SER E 679 -7.92 -61.41 43.83
C SER E 679 -7.51 -61.59 45.28
N LEU E 680 -6.56 -60.78 45.77
CA LEU E 680 -6.04 -60.86 47.11
C LEU E 680 -6.82 -60.00 48.09
N GLN E 681 -7.64 -59.08 47.58
CA GLN E 681 -8.51 -58.20 48.35
C GLN E 681 -9.41 -59.01 49.24
N SER E 682 -9.69 -58.48 50.42
CA SER E 682 -10.62 -59.02 51.39
C SER E 682 -11.89 -59.55 50.75
N ALA E 683 -12.19 -60.80 51.03
CA ALA E 683 -13.36 -61.47 50.48
C ALA E 683 -14.67 -60.84 50.94
N LYS E 684 -14.66 -60.14 52.05
CA LYS E 684 -15.81 -59.34 52.47
C LYS E 684 -15.97 -58.13 51.57
N GLU E 685 -14.87 -57.48 51.24
CA GLU E 685 -14.91 -56.27 50.46
C GLU E 685 -15.20 -56.52 48.99
N ASN E 686 -14.80 -57.66 48.45
CA ASN E 686 -14.74 -57.91 47.01
C ASN E 686 -15.29 -59.31 46.77
N ASP E 687 -16.45 -59.45 46.18
CA ASP E 687 -17.01 -60.79 45.94
C ASP E 687 -16.48 -61.47 44.69
N GLU E 688 -15.59 -60.85 43.93
CA GLU E 688 -14.81 -61.55 42.93
C GLU E 688 -13.46 -62.04 43.45
N ALA E 689 -13.02 -61.57 44.60
CA ALA E 689 -11.72 -62.00 45.07
C ALA E 689 -11.79 -63.41 45.65
N LEU E 690 -10.62 -64.04 45.74
CA LEU E 690 -10.46 -65.36 46.37
C LEU E 690 -11.18 -65.45 47.71
N THR E 691 -11.98 -66.50 47.90
CA THR E 691 -12.54 -66.78 49.21
C THR E 691 -11.40 -67.05 50.18
N ASP E 692 -11.70 -66.98 51.47
CA ASP E 692 -10.64 -67.19 52.47
C ASP E 692 -10.15 -68.63 52.47
N GLU E 693 -11.01 -69.56 52.07
CA GLU E 693 -10.62 -70.96 51.95
C GLU E 693 -9.79 -71.20 50.69
N GLU E 694 -10.16 -70.62 49.56
CA GLU E 694 -9.33 -70.60 48.36
C GLU E 694 -8.00 -69.90 48.60
N PHE E 695 -8.00 -68.85 49.42
CA PHE E 695 -6.76 -68.13 49.69
C PHE E 695 -5.82 -68.99 50.53
N ALA E 696 -6.35 -69.69 51.51
CA ALA E 696 -5.51 -70.51 52.33
C ALA E 696 -5.14 -71.84 51.70
N ASP E 697 -5.79 -72.25 50.64
CA ASP E 697 -5.27 -73.40 49.93
C ASP E 697 -4.05 -73.00 49.11
N ILE E 698 -4.12 -71.84 48.49
CA ILE E 698 -3.03 -71.35 47.67
C ILE E 698 -1.84 -70.98 48.54
N PHE E 699 -2.07 -70.16 49.55
CA PHE E 699 -0.94 -69.56 50.25
C PHE E 699 -0.44 -70.31 51.46
N THR E 700 -1.27 -70.71 52.41
CA THR E 700 -1.28 -71.94 53.22
C THR E 700 -2.05 -71.43 54.42
N ALA E 701 -2.30 -72.24 55.42
CA ALA E 701 -2.76 -71.66 56.65
C ALA E 701 -1.62 -71.08 57.49
N ASP E 702 -0.40 -71.64 57.40
CA ASP E 702 0.64 -71.25 58.34
C ASP E 702 2.08 -71.25 57.83
N LYS E 703 2.33 -71.35 56.67
CA LYS E 703 3.72 -71.37 56.25
C LYS E 703 4.22 -69.97 55.92
N PRO E 704 5.50 -69.71 56.11
CA PRO E 704 6.09 -68.46 55.63
C PRO E 704 5.92 -68.26 54.11
N VAL E 705 5.32 -67.15 53.73
CA VAL E 705 5.19 -66.80 52.31
C VAL E 705 6.21 -65.73 51.99
N LEU E 706 7.12 -66.01 51.10
CA LEU E 706 7.95 -65.00 50.49
C LEU E 706 7.27 -64.54 49.21
N PHE E 707 7.04 -63.24 49.10
CA PHE E 707 6.21 -62.64 48.07
C PHE E 707 7.04 -61.57 47.35
N ALA E 708 7.46 -61.83 46.14
CA ALA E 708 8.13 -60.83 45.33
C ALA E 708 7.08 -60.10 44.52
N TYR E 709 6.95 -58.81 44.74
CA TYR E 709 5.89 -57.99 44.13
C TYR E 709 6.50 -56.95 43.22
N HIS E 710 5.84 -56.68 42.10
CA HIS E 710 6.35 -55.75 41.09
C HIS E 710 6.43 -54.30 41.61
N SER E 711 5.52 -53.87 42.47
CA SER E 711 5.38 -52.45 42.79
C SER E 711 5.68 -52.32 44.26
N TYR E 712 5.22 -51.30 44.95
CA TYR E 712 5.48 -51.12 46.37
C TYR E 712 4.82 -52.20 47.22
N ALA E 713 5.63 -52.87 48.05
CA ALA E 713 5.17 -53.84 49.04
C ALA E 713 4.00 -53.37 49.89
N HIS E 714 3.93 -52.08 50.17
CA HIS E 714 2.80 -51.46 50.85
C HIS E 714 1.44 -51.75 50.20
N ASP E 715 1.36 -51.82 48.86
CA ASP E 715 0.12 -52.23 48.16
C ASP E 715 -0.37 -53.58 48.64
N VAL E 716 0.51 -54.55 48.72
CA VAL E 716 0.12 -55.90 49.08
C VAL E 716 -0.18 -56.01 50.56
N ARG E 717 0.65 -55.41 51.41
CA ARG E 717 0.47 -55.48 52.86
C ARG E 717 -0.87 -54.89 53.26
N GLY E 718 -1.27 -53.81 52.59
CA GLY E 718 -2.57 -53.22 52.82
C GLY E 718 -3.74 -54.05 52.37
N LEU E 719 -3.60 -54.77 51.29
CA LEU E 719 -4.66 -55.59 50.72
C LEU E 719 -4.93 -56.86 51.50
N ILE E 720 -3.92 -57.50 52.07
CA ILE E 720 -4.08 -58.79 52.71
C ILE E 720 -4.26 -58.68 54.22
N TYR E 721 -4.67 -57.52 54.73
CA TYR E 721 -4.59 -57.21 56.17
C TYR E 721 -5.46 -58.11 57.01
N ASP E 722 -6.53 -58.65 56.44
CA ASP E 722 -7.40 -59.60 57.11
C ASP E 722 -7.44 -60.97 56.43
N ARG E 723 -6.46 -61.30 55.65
CA ARG E 723 -6.40 -62.61 55.04
C ARG E 723 -5.80 -63.63 55.99
N PRO E 724 -6.16 -64.91 55.86
CA PRO E 724 -5.48 -65.97 56.64
C PRO E 724 -3.99 -66.01 56.36
N ASN E 725 -3.22 -66.24 57.41
CA ASN E 725 -1.77 -66.36 57.35
C ASN E 725 -1.08 -65.07 56.89
N HIS E 726 -1.66 -63.90 57.11
CA HIS E 726 -1.07 -62.70 56.53
C HIS E 726 0.12 -62.19 57.29
N ASP E 727 0.20 -62.49 58.59
CA ASP E 727 1.38 -62.21 59.40
C ASP E 727 2.60 -62.99 58.96
N ASN E 728 2.45 -64.01 58.14
CA ASN E 728 3.59 -64.75 57.67
C ASN E 728 4.08 -64.29 56.33
N PHE E 729 3.37 -63.40 55.67
CA PHE E 729 3.85 -62.86 54.41
C PHE E 729 5.07 -62.00 54.65
N ASN E 730 5.97 -62.03 53.68
CA ASN E 730 7.17 -61.23 53.66
C ASN E 730 7.27 -60.63 52.26
N VAL E 731 6.74 -59.44 52.09
CA VAL E 731 6.58 -58.88 50.76
C VAL E 731 7.85 -58.15 50.39
N HIS E 732 8.37 -58.38 49.20
CA HIS E 732 9.47 -57.61 48.65
C HIS E 732 8.96 -56.90 47.41
N GLY E 733 9.04 -55.59 47.40
CA GLY E 733 8.77 -54.84 46.22
C GLY E 733 9.83 -53.87 45.78
N TYR E 734 9.49 -52.95 44.89
CA TYR E 734 10.30 -51.75 44.68
C TYR E 734 10.43 -50.97 45.96
N GLU E 735 11.65 -50.60 46.29
CA GLU E 735 11.86 -49.82 47.50
C GLU E 735 12.63 -48.56 47.23
N GLU E 736 12.36 -47.89 46.13
CA GLU E 736 12.98 -46.60 45.79
C GLU E 736 14.49 -46.69 45.66
N GLU E 737 15.03 -47.80 45.21
CA GLU E 737 16.45 -47.87 44.94
C GLU E 737 16.64 -48.13 43.46
N GLY E 738 17.70 -47.59 42.93
CA GLY E 738 18.07 -47.81 41.56
C GLY E 738 18.90 -46.66 41.03
N SER E 739 19.36 -46.83 39.84
CA SER E 739 20.24 -45.90 39.15
C SER E 739 20.23 -46.35 37.71
N THR E 740 21.03 -45.74 36.88
CA THR E 740 21.24 -46.32 35.55
C THR E 740 22.25 -47.43 35.72
N THR E 741 21.87 -48.68 35.42
CA THR E 741 22.71 -49.80 35.85
C THR E 741 22.32 -51.05 35.05
N THR E 742 22.72 -52.17 35.47
CA THR E 742 22.37 -53.41 34.79
C THR E 742 21.05 -53.93 35.35
N PRO E 743 20.37 -54.86 34.66
CA PRO E 743 19.14 -55.42 35.22
C PRO E 743 19.31 -56.16 36.53
N TYR E 744 20.42 -56.87 36.71
CA TYR E 744 20.66 -57.55 37.99
C TYR E 744 20.80 -56.54 39.09
N ASP E 745 21.54 -55.47 38.86
CA ASP E 745 21.70 -54.48 39.89
C ASP E 745 20.40 -53.81 40.30
N MET E 746 19.42 -53.67 39.41
CA MET E 746 18.09 -53.17 39.77
C MET E 746 17.37 -54.10 40.74
N VAL E 747 17.41 -55.40 40.50
CA VAL E 747 16.74 -56.29 41.42
C VAL E 747 17.53 -56.44 42.72
N ARG E 748 18.85 -56.31 42.68
CA ARG E 748 19.69 -56.47 43.85
C ARG E 748 19.48 -55.35 44.86
N VAL E 749 19.45 -54.10 44.41
CA VAL E 749 19.34 -52.99 45.34
C VAL E 749 17.96 -52.87 45.93
N ASN E 750 16.96 -53.51 45.36
CA ASN E 750 15.62 -53.52 45.88
C ASN E 750 15.29 -54.82 46.60
N ARG E 751 16.29 -55.69 46.78
CA ARG E 751 16.21 -56.91 47.63
C ARG E 751 15.19 -57.89 47.09
N ILE E 752 15.19 -58.05 45.79
CA ILE E 752 14.28 -58.92 45.09
C ILE E 752 14.99 -59.82 44.09
N ASP E 753 16.31 -59.70 43.95
CA ASP E 753 17.12 -60.61 43.16
C ASP E 753 17.04 -62.02 43.69
N ARG E 754 17.33 -62.97 42.80
CA ARG E 754 17.26 -64.40 43.09
C ARG E 754 18.12 -64.84 44.26
N TYR E 755 19.24 -64.18 44.54
CA TYR E 755 20.12 -64.63 45.60
C TYR E 755 19.62 -64.16 46.93
N GLU E 756 19.14 -62.92 47.00
CA GLU E 756 18.52 -62.42 48.20
C GLU E 756 17.25 -63.17 48.55
N LEU E 757 16.42 -63.45 47.55
CA LEU E 757 15.20 -64.21 47.72
C LEU E 757 15.48 -65.64 48.17
N THR E 758 16.51 -66.27 47.61
CA THR E 758 16.94 -67.58 48.10
C THR E 758 17.35 -67.50 49.56
N ALA E 759 18.10 -66.48 49.91
CA ALA E 759 18.57 -66.27 51.26
C ALA E 759 17.45 -65.95 52.23
N GLU E 760 16.47 -65.13 51.82
CA GLU E 760 15.32 -64.84 52.66
C GLU E 760 14.48 -66.08 52.92
N ALA E 761 14.29 -66.93 51.91
CA ALA E 761 13.61 -68.19 52.13
C ALA E 761 14.31 -69.07 53.17
N LEU E 762 15.63 -69.12 53.15
CA LEU E 762 16.36 -69.94 54.12
C LEU E 762 16.31 -69.33 55.51
N ARG E 763 16.27 -68.02 55.63
CA ARG E 763 16.12 -67.40 56.94
C ARG E 763 14.74 -67.64 57.51
N MET E 764 13.72 -67.68 56.66
CA MET E 764 12.37 -67.99 57.06
C MET E 764 12.21 -69.46 57.47
N ILE E 765 12.97 -70.36 56.87
CA ILE E 765 12.81 -71.79 57.16
C ILE E 765 13.59 -72.14 58.42
N ASP E 766 14.90 -71.87 58.39
CA ASP E 766 15.80 -72.07 59.53
C ASP E 766 17.05 -71.24 59.26
N ALA E 767 17.16 -70.08 59.89
CA ALA E 767 18.25 -69.16 59.59
C ALA E 767 19.59 -69.60 60.12
N ASP E 768 19.61 -70.74 60.80
CA ASP E 768 20.67 -71.24 61.64
C ASP E 768 21.35 -72.47 61.07
N LYS E 769 20.58 -73.44 60.57
CA LYS E 769 21.16 -74.56 59.84
C LYS E 769 21.61 -74.15 58.44
N TYR E 770 21.02 -73.10 57.86
CA TYR E 770 21.42 -72.65 56.54
C TYR E 770 22.35 -71.46 56.62
N ALA E 771 22.96 -71.24 57.80
CA ALA E 771 23.73 -70.02 58.05
C ALA E 771 24.94 -69.94 57.13
N ASP E 772 25.56 -71.06 56.83
CA ASP E 772 26.72 -71.07 55.93
C ASP E 772 26.30 -70.67 54.53
N LYS E 773 25.25 -71.28 54.02
CA LYS E 773 24.79 -71.06 52.65
C LYS E 773 24.19 -69.67 52.50
N ILE E 774 23.58 -69.13 53.55
CA ILE E 774 23.11 -67.76 53.53
C ILE E 774 24.26 -66.77 53.36
N ASP E 775 25.31 -66.90 54.18
CA ASP E 775 26.51 -66.07 54.03
C ASP E 775 27.17 -66.24 52.67
N GLU E 776 27.05 -67.41 52.07
CA GLU E 776 27.51 -67.63 50.71
C GLU E 776 26.68 -66.88 49.67
N LEU E 777 25.36 -66.86 49.81
CA LEU E 777 24.55 -66.17 48.83
C LEU E 777 24.74 -64.66 48.89
N GLU E 778 24.85 -64.10 50.09
CA GLU E 778 25.09 -62.67 50.28
C GLU E 778 26.42 -62.22 49.72
N LYS E 779 27.43 -63.08 49.78
CA LYS E 779 28.72 -62.72 49.24
C LYS E 779 28.71 -62.74 47.72
N PHE E 780 27.97 -63.66 47.11
CA PHE E 780 27.80 -63.67 45.67
C PHE E 780 27.10 -62.42 45.16
N ARG E 781 26.17 -61.88 45.94
CA ARG E 781 25.45 -60.70 45.49
C ARG E 781 26.37 -59.53 45.29
N ASP E 782 27.34 -59.39 46.19
CA ASP E 782 28.35 -58.37 46.07
C ASP E 782 29.31 -58.68 44.94
N GLU E 783 29.50 -59.96 44.64
CA GLU E 783 30.44 -60.36 43.63
C GLU E 783 29.85 -60.24 42.24
N ALA E 784 28.59 -60.64 42.06
CA ALA E 784 27.90 -60.38 40.80
C ALA E 784 27.72 -58.87 40.56
N PHE E 785 27.59 -58.05 41.60
CA PHE E 785 27.65 -56.60 41.36
C PHE E 785 29.03 -56.13 40.94
N GLN E 786 30.06 -56.64 41.59
CA GLN E 786 31.42 -56.27 41.21
C GLN E 786 31.79 -56.74 39.80
N PHE E 787 31.21 -57.84 39.33
CA PHE E 787 31.39 -58.26 37.95
C PHE E 787 30.82 -57.24 36.97
N ALA E 788 29.61 -56.75 37.23
CA ALA E 788 28.98 -55.78 36.35
C ALA E 788 29.82 -54.51 36.26
N VAL E 789 30.33 -54.04 37.38
CA VAL E 789 31.21 -52.87 37.41
C VAL E 789 32.47 -53.10 36.58
N ASP E 790 33.10 -54.26 36.74
CA ASP E 790 34.35 -54.54 36.06
C ASP E 790 34.17 -54.74 34.56
N ASN E 791 33.16 -55.49 34.15
CA ASN E 791 33.07 -55.98 32.80
C ASN E 791 32.09 -55.23 31.94
N GLY E 792 31.08 -54.61 32.52
CA GLY E 792 30.10 -53.88 31.76
C GLY E 792 28.81 -54.61 31.40
N TYR E 793 28.50 -55.72 32.05
CA TYR E 793 27.35 -56.56 31.75
C TYR E 793 27.25 -57.52 32.91
N ASP E 794 26.09 -58.15 33.06
CA ASP E 794 25.82 -58.95 34.23
C ASP E 794 26.56 -60.28 34.21
N HIS E 795 26.78 -60.80 35.40
CA HIS E 795 27.47 -62.06 35.63
C HIS E 795 26.78 -63.21 34.90
N PRO E 796 27.54 -64.12 34.30
CA PRO E 796 26.92 -65.20 33.51
C PRO E 796 26.03 -66.13 34.31
N ASP E 797 26.23 -66.27 35.62
CA ASP E 797 25.27 -67.04 36.40
C ASP E 797 23.92 -66.37 36.41
N TYR E 798 23.88 -65.05 36.32
CA TYR E 798 22.62 -64.36 36.19
C TYR E 798 22.09 -64.46 34.77
N THR E 799 22.86 -64.03 33.77
CA THR E 799 22.32 -63.85 32.43
C THR E 799 22.04 -65.16 31.70
N ASP E 800 22.74 -66.22 32.03
CA ASP E 800 22.62 -67.45 31.25
C ASP E 800 21.69 -68.45 31.89
N TRP E 801 20.96 -68.06 32.93
CA TRP E 801 20.13 -68.99 33.68
C TRP E 801 18.88 -69.37 32.88
N VAL E 802 18.61 -70.64 32.81
CA VAL E 802 17.37 -71.15 32.26
C VAL E 802 16.78 -72.04 33.32
N TYR E 803 15.47 -72.01 33.46
CA TYR E 803 14.79 -72.85 34.41
C TYR E 803 14.96 -74.33 34.07
N SER E 804 15.16 -75.13 35.11
CA SER E 804 15.49 -76.55 34.97
C SER E 804 14.37 -77.35 34.30
N GLY E 805 13.14 -76.88 34.40
CA GLY E 805 12.03 -77.37 33.60
C GLY E 805 12.20 -77.29 32.09
N VAL E 806 13.15 -76.54 31.58
CA VAL E 806 13.35 -76.43 30.15
C VAL E 806 14.19 -77.59 29.67
N ASN E 807 13.65 -78.33 28.73
CA ASN E 807 14.35 -79.35 28.00
C ASN E 807 14.88 -78.83 26.71
N THR F 2 17.88 -13.52 50.37
CA THR F 2 17.34 -13.31 49.05
C THR F 2 18.38 -13.69 48.00
N SER F 3 18.07 -13.49 46.74
CA SER F 3 18.96 -13.87 45.66
C SER F 3 20.17 -12.95 45.62
N PRO F 4 21.36 -13.48 45.42
CA PRO F 4 22.52 -12.61 45.22
C PRO F 4 22.50 -11.95 43.84
N VAL F 5 22.89 -10.69 43.80
CA VAL F 5 23.25 -10.01 42.56
C VAL F 5 24.63 -10.48 42.12
N ILE F 6 24.71 -11.16 41.00
CA ILE F 6 25.94 -11.81 40.53
C ILE F 6 26.33 -11.16 39.22
N GLY F 7 27.57 -10.76 39.09
CA GLY F 7 28.08 -10.31 37.82
C GLY F 7 27.66 -8.89 37.50
N THR F 8 27.61 -8.58 36.21
CA THR F 8 27.22 -7.27 35.70
C THR F 8 26.02 -7.53 34.81
N PRO F 9 24.82 -7.54 35.36
CA PRO F 9 23.69 -8.01 34.57
C PRO F 9 23.22 -7.01 33.54
N TRP F 10 22.64 -7.55 32.49
CA TRP F 10 21.92 -6.83 31.45
C TRP F 10 22.83 -5.80 30.73
N LYS F 11 24.04 -6.20 30.42
CA LYS F 11 24.99 -5.35 29.71
C LYS F 11 25.09 -5.74 28.24
N LYS F 12 24.94 -4.75 27.38
CA LYS F 12 25.21 -4.91 25.97
C LYS F 12 26.71 -5.05 25.71
N LEU F 13 27.01 -5.64 24.57
CA LEU F 13 28.37 -5.91 24.17
C LEU F 13 29.00 -4.69 23.50
N ASN F 14 28.26 -4.02 22.62
CA ASN F 14 28.65 -2.82 21.87
C ASN F 14 29.86 -3.06 20.95
N ALA F 15 30.03 -4.27 20.47
CA ALA F 15 31.06 -4.69 19.55
C ALA F 15 30.60 -6.00 18.90
N PRO F 16 31.11 -6.33 17.71
CA PRO F 16 30.84 -7.66 17.16
C PRO F 16 31.54 -8.71 18.00
N VAL F 17 31.02 -9.92 17.96
CA VAL F 17 31.69 -11.02 18.62
C VAL F 17 33.04 -11.25 17.95
N SER F 18 34.07 -11.44 18.76
CA SER F 18 35.41 -11.56 18.24
C SER F 18 35.56 -12.89 17.52
N GLU F 19 36.30 -12.86 16.43
CA GLU F 19 36.58 -14.05 15.66
C GLU F 19 37.30 -15.11 16.48
N GLU F 20 38.16 -14.70 17.41
CA GLU F 20 38.83 -15.66 18.28
C GLU F 20 37.83 -16.39 19.19
N ALA F 21 36.91 -15.66 19.83
CA ALA F 21 35.88 -16.30 20.64
C ALA F 21 35.05 -17.28 19.84
N LEU F 22 34.77 -16.98 18.60
CA LEU F 22 34.04 -17.92 17.76
C LEU F 22 34.86 -19.16 17.45
N GLU F 23 36.18 -19.06 17.36
CA GLU F 23 36.99 -20.25 17.19
C GLU F 23 37.01 -21.06 18.45
N GLY F 24 37.01 -20.40 19.59
CA GLY F 24 36.70 -21.06 20.84
C GLY F 24 35.40 -21.83 20.82
N VAL F 25 34.31 -21.21 20.38
CA VAL F 25 33.00 -21.87 20.41
C VAL F 25 33.00 -23.09 19.49
N ASP F 26 33.68 -22.99 18.35
CA ASP F 26 33.68 -24.12 17.42
C ASP F 26 34.48 -25.29 17.96
N LYS F 27 35.58 -25.03 18.62
CA LYS F 27 36.32 -26.09 19.31
C LYS F 27 35.56 -26.65 20.48
N TYR F 28 34.89 -25.81 21.27
CA TYR F 28 33.99 -26.29 22.31
C TYR F 28 32.99 -27.31 21.75
N TRP F 29 32.31 -26.98 20.64
CA TRP F 29 31.30 -27.85 20.09
C TRP F 29 31.90 -29.18 19.66
N ARG F 30 33.04 -29.16 18.98
CA ARG F 30 33.74 -30.37 18.60
C ARG F 30 34.10 -31.24 19.80
N VAL F 31 34.73 -30.68 20.82
CA VAL F 31 35.16 -31.45 21.97
C VAL F 31 33.97 -31.86 22.84
N ALA F 32 32.94 -31.01 22.99
CA ALA F 32 31.80 -31.46 23.72
C ALA F 32 31.09 -32.58 22.97
N ASN F 33 31.08 -32.54 21.64
CA ASN F 33 30.46 -33.61 20.88
C ASN F 33 31.24 -34.91 21.01
N TYR F 34 32.56 -34.82 20.87
CA TYR F 34 33.46 -35.93 21.14
C TYR F 34 33.26 -36.50 22.53
N LEU F 35 33.18 -35.65 23.54
CA LEU F 35 33.05 -36.14 24.91
C LEU F 35 31.67 -36.67 25.18
N SER F 36 30.67 -36.20 24.48
CA SER F 36 29.36 -36.78 24.56
C SER F 36 29.33 -38.19 23.97
N ILE F 37 29.90 -38.38 22.77
CA ILE F 37 30.04 -39.71 22.13
C ILE F 37 30.91 -40.65 22.95
N GLY F 38 32.01 -40.17 23.51
CA GLY F 38 32.87 -41.01 24.32
C GLY F 38 32.17 -41.61 25.52
N GLN F 39 31.32 -40.82 26.16
CA GLN F 39 30.50 -41.22 27.30
C GLN F 39 29.47 -42.26 26.94
N ILE F 40 28.86 -42.17 25.75
CA ILE F 40 27.90 -43.15 25.28
C ILE F 40 28.59 -44.44 24.84
N TYR F 41 29.66 -44.36 24.07
CA TYR F 41 30.18 -45.53 23.36
C TYR F 41 31.40 -46.20 24.00
N LEU F 42 32.26 -45.48 24.67
CA LEU F 42 33.59 -45.98 25.02
C LEU F 42 33.72 -46.39 26.48
N ARG F 43 34.24 -47.57 26.70
CA ARG F 43 34.62 -47.98 28.04
C ARG F 43 36.10 -47.86 28.29
N SER F 44 36.91 -47.84 27.25
CA SER F 44 38.35 -47.68 27.36
C SER F 44 38.85 -46.85 26.21
N ASN F 45 40.13 -46.52 26.30
CA ASN F 45 40.93 -45.90 25.24
C ASN F 45 40.29 -44.62 24.67
N PRO F 46 40.12 -43.59 25.52
CA PRO F 46 39.28 -42.44 25.14
C PRO F 46 39.77 -41.65 23.95
N LEU F 47 41.08 -41.58 23.78
CA LEU F 47 41.68 -40.82 22.71
C LEU F 47 42.06 -41.68 21.51
N MET F 48 41.51 -42.89 21.44
CA MET F 48 41.70 -43.83 20.33
C MET F 48 43.17 -44.04 19.96
N LYS F 49 44.02 -44.27 20.97
CA LYS F 49 45.38 -44.72 20.73
C LYS F 49 45.35 -46.07 20.07
N GLU F 50 46.22 -46.27 19.12
CA GLU F 50 46.58 -47.56 18.55
C GLU F 50 46.91 -48.58 19.65
N PRO F 51 46.14 -49.69 19.75
CA PRO F 51 45.00 -49.96 18.87
C PRO F 51 43.64 -49.65 19.50
N PHE F 52 42.85 -48.94 18.73
CA PHE F 52 41.46 -48.67 19.05
C PHE F 52 40.61 -49.73 18.38
N THR F 53 40.10 -50.67 19.16
CA THR F 53 39.32 -51.78 18.61
C THR F 53 37.95 -51.86 19.28
N ARG F 54 37.17 -52.83 18.84
CA ARG F 54 35.83 -53.07 19.33
C ARG F 54 35.77 -53.39 20.81
N GLU F 55 36.85 -53.89 21.40
CA GLU F 55 36.93 -54.04 22.84
C GLU F 55 36.85 -52.74 23.62
N ASP F 56 37.18 -51.62 23.02
CA ASP F 56 37.02 -50.36 23.72
C ASP F 56 35.57 -49.88 23.78
N VAL F 57 34.64 -50.55 23.13
CA VAL F 57 33.26 -50.11 23.04
C VAL F 57 32.50 -50.73 24.20
N LYS F 58 31.61 -49.95 24.81
CA LYS F 58 30.77 -50.46 25.87
C LYS F 58 29.84 -51.57 25.39
N HIS F 59 29.64 -52.53 26.24
CA HIS F 59 28.83 -53.69 25.88
C HIS F 59 27.38 -53.35 25.72
N ARG F 60 26.91 -52.33 26.38
CA ARG F 60 25.54 -51.93 26.26
C ARG F 60 25.48 -50.42 26.08
N LEU F 61 24.85 -49.98 25.03
CA LEU F 61 24.84 -48.57 24.71
C LEU F 61 23.60 -47.93 25.30
N VAL F 62 23.81 -47.01 26.20
CA VAL F 62 22.80 -46.29 26.95
C VAL F 62 22.99 -44.81 26.69
N GLY F 63 21.92 -44.09 26.50
CA GLY F 63 22.00 -42.65 26.39
C GLY F 63 21.41 -42.19 25.08
N HIS F 64 21.48 -40.89 24.88
CA HIS F 64 20.73 -40.22 23.83
C HIS F 64 21.69 -39.33 23.08
N TRP F 65 21.85 -39.59 21.80
CA TRP F 65 22.57 -38.70 20.92
C TRP F 65 21.73 -37.57 20.34
N GLY F 66 20.44 -37.75 20.03
CA GLY F 66 19.74 -36.89 19.10
C GLY F 66 19.68 -35.42 19.50
N THR F 67 19.29 -35.15 20.72
CA THR F 67 19.29 -33.80 21.23
C THR F 67 20.70 -33.24 21.52
N THR F 68 21.69 -34.09 21.73
CA THR F 68 22.98 -33.68 22.31
C THR F 68 23.81 -32.70 21.48
N PRO F 69 24.09 -32.91 20.19
CA PRO F 69 24.92 -31.93 19.50
C PRO F 69 24.25 -30.58 19.38
N GLY F 70 22.94 -30.53 19.33
CA GLY F 70 22.26 -29.26 19.43
C GLY F 70 22.43 -28.58 20.77
N LEU F 71 22.41 -29.34 21.84
CA LEU F 71 22.60 -28.78 23.17
C LEU F 71 24.02 -28.29 23.34
N ASN F 72 25.00 -29.04 22.83
CA ASN F 72 26.41 -28.66 22.87
C ASN F 72 26.69 -27.39 22.09
N PHE F 73 25.97 -27.17 20.99
CA PHE F 73 26.08 -25.95 20.22
C PHE F 73 25.61 -24.78 21.05
N LEU F 74 24.39 -24.87 21.55
CA LEU F 74 23.78 -23.84 22.37
C LEU F 74 24.59 -23.53 23.60
N ILE F 75 25.09 -24.56 24.28
CA ILE F 75 25.86 -24.40 25.52
C ILE F 75 27.20 -23.72 25.26
N GLY F 76 27.89 -24.12 24.18
CA GLY F 76 29.06 -23.40 23.72
C GLY F 76 28.87 -21.92 23.50
N HIS F 77 27.79 -21.54 22.81
CA HIS F 77 27.50 -20.15 22.54
C HIS F 77 27.07 -19.42 23.81
N ILE F 78 26.35 -20.09 24.72
CA ILE F 78 25.94 -19.51 25.98
C ILE F 78 27.13 -19.26 26.88
N ASN F 79 28.09 -20.19 26.94
CA ASN F 79 29.35 -19.96 27.66
C ASN F 79 30.15 -18.78 27.13
N ARG F 80 30.29 -18.65 25.81
CA ARG F 80 30.86 -17.45 25.21
C ARG F 80 30.13 -16.19 25.64
N PHE F 81 28.81 -16.17 25.49
CA PHE F 81 27.98 -15.09 25.99
C PHE F 81 28.27 -14.77 27.45
N ILE F 82 28.42 -15.77 28.31
CA ILE F 82 28.54 -15.50 29.73
C ILE F 82 29.89 -14.84 30.02
N ALA F 83 30.96 -15.36 29.44
CA ALA F 83 32.29 -14.80 29.63
C ALA F 83 32.42 -13.39 29.07
N ASP F 84 31.80 -13.09 27.91
CA ASP F 84 31.83 -11.76 27.33
C ASP F 84 30.99 -10.72 28.10
N HIS F 85 29.90 -11.12 28.74
CA HIS F 85 29.02 -10.14 29.33
C HIS F 85 29.02 -10.13 30.85
N GLY F 86 29.68 -11.09 31.49
CA GLY F 86 29.50 -11.31 32.91
C GLY F 86 28.07 -11.47 33.39
N GLN F 87 27.23 -12.18 32.65
CA GLN F 87 25.84 -12.39 33.04
C GLN F 87 25.66 -13.59 33.97
N ASN F 88 24.99 -13.37 35.08
CA ASN F 88 24.43 -14.41 35.96
C ASN F 88 23.43 -15.28 35.20
N THR F 89 23.73 -16.55 35.02
CA THR F 89 23.01 -17.38 34.05
C THR F 89 22.82 -18.77 34.64
N VAL F 90 21.60 -19.29 34.58
CA VAL F 90 21.29 -20.68 34.82
C VAL F 90 20.60 -21.27 33.58
N ILE F 91 21.02 -22.43 33.14
CA ILE F 91 20.37 -23.08 32.01
C ILE F 91 19.34 -24.09 32.52
N ILE F 92 18.18 -24.09 31.92
CA ILE F 92 17.22 -25.16 32.08
C ILE F 92 17.35 -26.07 30.85
N MET F 93 17.79 -27.29 31.04
CA MET F 93 17.94 -28.27 29.98
C MET F 93 16.69 -29.13 29.97
N GLY F 94 15.68 -28.64 29.29
CA GLY F 94 14.43 -29.30 29.04
C GLY F 94 14.52 -30.70 28.49
N PRO F 95 15.27 -30.93 27.39
CA PRO F 95 15.54 -32.32 26.95
C PRO F 95 16.62 -32.95 27.82
N GLY F 96 16.20 -33.36 29.01
CA GLY F 96 17.13 -33.69 30.04
C GLY F 96 17.85 -35.00 29.81
N HIS F 97 17.34 -35.82 28.91
CA HIS F 97 18.03 -36.97 28.36
C HIS F 97 19.25 -36.59 27.53
N GLY F 98 19.50 -35.33 27.29
CA GLY F 98 20.77 -34.80 26.84
C GLY F 98 21.82 -34.63 27.91
N GLY F 99 21.79 -35.53 28.88
CA GLY F 99 22.79 -35.77 29.88
C GLY F 99 24.22 -35.57 29.47
N PRO F 100 24.76 -36.27 28.45
CA PRO F 100 26.17 -36.06 28.03
C PRO F 100 26.58 -34.64 27.75
N ALA F 101 25.68 -33.77 27.30
CA ALA F 101 25.97 -32.35 27.14
C ALA F 101 26.20 -31.63 28.47
N GLY F 102 25.40 -31.95 29.47
CA GLY F 102 25.54 -31.38 30.78
C GLY F 102 26.79 -31.82 31.49
N THR F 103 27.12 -33.11 31.43
CA THR F 103 28.34 -33.60 32.02
C THR F 103 29.56 -33.13 31.26
N SER F 104 29.46 -33.02 29.92
CA SER F 104 30.58 -32.53 29.12
C SER F 104 30.87 -31.07 29.45
N GLN F 105 29.81 -30.26 29.63
CA GLN F 105 29.94 -28.87 30.01
C GLN F 105 30.66 -28.73 31.33
N SER F 106 30.22 -29.44 32.34
CA SER F 106 30.84 -29.41 33.64
C SER F 106 32.27 -29.94 33.60
N TYR F 107 32.58 -30.89 32.73
CA TYR F 107 33.96 -31.35 32.58
C TYR F 107 34.84 -30.30 31.94
N LEU F 108 34.35 -29.65 30.90
CA LEU F 108 35.04 -28.57 30.23
C LEU F 108 35.18 -27.30 31.07
N ASP F 109 34.14 -26.90 31.83
CA ASP F 109 34.27 -25.70 32.67
C ASP F 109 35.08 -25.95 33.94
N GLY F 110 35.50 -27.15 34.20
CA GLY F 110 36.34 -27.47 35.30
C GLY F 110 35.62 -27.79 36.58
N THR F 111 34.33 -27.54 36.65
CA THR F 111 33.60 -27.83 37.87
C THR F 111 33.43 -29.32 38.10
N TYR F 112 33.58 -30.16 37.09
CA TYR F 112 33.41 -31.60 37.34
C TYR F 112 34.57 -32.14 38.16
N THR F 113 35.79 -31.79 37.82
CA THR F 113 36.95 -32.32 38.51
C THR F 113 37.06 -31.74 39.90
N GLU F 114 36.69 -30.47 40.05
CA GLU F 114 36.51 -29.82 41.35
C GLU F 114 35.57 -30.59 42.28
N THR F 115 34.42 -30.99 41.78
CA THR F 115 33.39 -31.69 42.52
C THR F 115 33.70 -33.16 42.67
N PHE F 116 34.33 -33.78 41.67
CA PHE F 116 34.55 -35.21 41.61
C PHE F 116 36.03 -35.39 41.36
N PRO F 117 36.84 -35.34 42.42
CA PRO F 117 38.30 -35.30 42.26
C PRO F 117 38.93 -36.51 41.56
N LYS F 118 38.33 -37.69 41.54
CA LYS F 118 38.89 -38.78 40.76
C LYS F 118 38.79 -38.58 39.24
N ILE F 119 37.94 -37.70 38.74
CA ILE F 119 37.75 -37.56 37.31
C ILE F 119 38.67 -36.42 36.90
N THR F 120 39.92 -36.75 36.64
CA THR F 120 40.94 -35.73 36.40
C THR F 120 40.91 -35.28 34.95
N LYS F 121 41.57 -34.18 34.70
CA LYS F 121 41.67 -33.58 33.38
C LYS F 121 42.91 -34.07 32.63
N ASP F 122 42.95 -35.36 32.41
CA ASP F 122 43.99 -36.03 31.65
C ASP F 122 43.42 -37.35 31.15
N GLU F 123 44.27 -38.19 30.59
CA GLU F 123 43.79 -39.31 29.81
C GLU F 123 43.18 -40.39 30.69
N ALA F 124 43.72 -40.60 31.89
CA ALA F 124 43.08 -41.54 32.79
C ALA F 124 41.81 -40.98 33.41
N GLY F 125 41.73 -39.67 33.65
CA GLY F 125 40.47 -39.13 34.07
C GLY F 125 39.43 -39.14 32.98
N LEU F 126 39.87 -38.98 31.74
CA LEU F 126 38.98 -39.02 30.60
C LEU F 126 38.42 -40.40 30.34
N GLN F 127 39.22 -41.42 30.64
CA GLN F 127 38.78 -42.79 30.57
C GLN F 127 37.72 -43.07 31.61
N LYS F 128 37.95 -42.63 32.84
CA LYS F 128 36.95 -42.74 33.89
C LYS F 128 35.71 -41.92 33.58
N PHE F 129 35.87 -40.75 32.97
CA PHE F 129 34.74 -39.93 32.59
C PHE F 129 33.84 -40.66 31.60
N PHE F 130 34.43 -41.35 30.62
CA PHE F 130 33.67 -42.01 29.55
C PHE F 130 33.00 -43.27 30.06
N ARG F 131 33.73 -44.10 30.79
CA ARG F 131 33.19 -45.34 31.31
C ARG F 131 32.02 -45.12 32.27
N GLN F 132 32.10 -44.15 33.18
CA GLN F 132 31.10 -43.96 34.25
C GLN F 132 29.71 -43.57 33.73
N PHE F 133 29.60 -42.94 32.56
CA PHE F 133 28.32 -42.46 32.08
C PHE F 133 27.37 -43.61 31.85
N SER F 134 26.24 -43.55 32.54
CA SER F 134 25.12 -44.49 32.45
C SER F 134 25.54 -45.93 32.58
N TYR F 135 26.39 -46.20 33.54
CA TYR F 135 27.09 -47.45 33.71
C TYR F 135 26.92 -47.93 35.14
N PRO F 136 26.97 -49.24 35.40
CA PRO F 136 26.81 -49.74 36.78
C PRO F 136 27.84 -49.19 37.77
N GLY F 137 27.36 -48.47 38.76
CA GLY F 137 28.20 -47.76 39.69
C GLY F 137 28.77 -46.44 39.21
N GLY F 138 28.32 -45.92 38.08
CA GLY F 138 28.72 -44.62 37.58
C GLY F 138 27.67 -43.57 37.81
N ILE F 139 27.30 -42.80 36.81
CA ILE F 139 26.50 -41.59 36.96
C ILE F 139 25.27 -41.75 36.06
N PRO F 140 24.22 -40.95 36.19
CA PRO F 140 22.99 -41.25 35.47
C PRO F 140 23.01 -40.83 33.99
N SER F 141 22.00 -41.28 33.29
CA SER F 141 21.85 -40.91 31.88
C SER F 141 21.35 -39.50 31.65
N HIS F 142 20.67 -38.90 32.60
CA HIS F 142 20.04 -37.63 32.44
C HIS F 142 20.89 -36.53 33.05
N PHE F 143 20.40 -35.30 32.98
CA PHE F 143 21.00 -34.13 33.62
C PHE F 143 20.63 -34.06 35.11
N ALA F 144 21.04 -35.07 35.82
CA ALA F 144 20.63 -35.45 37.15
C ALA F 144 21.13 -34.44 38.20
N PRO F 145 20.62 -34.46 39.45
CA PRO F 145 21.18 -33.57 40.48
C PRO F 145 22.65 -33.81 40.81
N GLU F 146 23.19 -34.98 40.50
CA GLU F 146 24.62 -35.25 40.57
C GLU F 146 25.51 -34.39 39.66
N THR F 147 24.99 -33.75 38.66
CA THR F 147 25.75 -32.93 37.73
C THR F 147 25.82 -31.48 38.22
N PRO F 148 27.00 -30.90 38.33
CA PRO F 148 27.10 -29.46 38.60
C PRO F 148 26.45 -28.62 37.50
N GLY F 149 25.59 -27.73 37.89
CA GLY F 149 24.83 -26.92 36.97
C GLY F 149 23.38 -27.29 36.77
N SER F 150 22.94 -28.48 37.12
CA SER F 150 21.54 -28.84 36.95
C SER F 150 20.67 -28.37 38.12
N ILE F 151 19.53 -27.79 37.80
CA ILE F 151 18.42 -27.68 38.75
C ILE F 151 17.17 -28.39 38.26
N HIS F 152 17.29 -29.22 37.25
CA HIS F 152 16.14 -29.75 36.52
C HIS F 152 16.65 -30.97 35.77
N GLU F 153 16.18 -32.14 36.14
CA GLU F 153 16.62 -33.34 35.47
C GLU F 153 16.00 -33.49 34.08
N GLY F 154 14.80 -32.98 33.87
CA GLY F 154 14.11 -33.11 32.60
C GLY F 154 13.97 -34.53 32.14
N GLY F 155 13.72 -35.45 33.05
CA GLY F 155 13.41 -36.82 32.70
C GLY F 155 11.98 -36.93 32.24
N GLU F 156 11.07 -36.64 33.14
CA GLU F 156 9.71 -36.38 32.78
C GLU F 156 9.57 -35.00 32.14
N LEU F 157 8.99 -34.95 30.98
CA LEU F 157 9.04 -33.73 30.17
C LEU F 157 7.87 -32.80 30.41
N GLY F 158 8.12 -31.52 30.24
CA GLY F 158 7.10 -30.49 30.28
C GLY F 158 7.19 -29.49 31.39
N TYR F 159 8.19 -29.47 32.26
CA TYR F 159 8.29 -28.51 33.35
C TYR F 159 9.40 -27.50 33.16
N ALA F 160 10.04 -27.47 32.00
CA ALA F 160 11.17 -26.58 31.74
C ALA F 160 10.81 -25.11 31.94
N LEU F 161 9.65 -24.68 31.47
CA LEU F 161 9.32 -23.28 31.51
C LEU F 161 8.80 -22.87 32.85
N SER F 162 8.02 -23.70 33.52
CA SER F 162 7.61 -23.42 34.89
C SER F 162 8.83 -23.30 35.80
N HIS F 163 9.83 -24.13 35.58
CA HIS F 163 11.02 -24.04 36.39
C HIS F 163 11.83 -22.84 36.02
N ALA F 164 11.90 -22.51 34.73
CA ALA F 164 12.62 -21.32 34.32
C ALA F 164 12.03 -20.06 34.94
N TYR F 165 10.72 -19.92 34.89
CA TYR F 165 10.08 -18.74 35.40
C TYR F 165 10.06 -18.68 36.93
N GLY F 166 9.94 -19.81 37.62
CA GLY F 166 10.12 -19.85 39.06
C GLY F 166 11.50 -19.39 39.49
N ALA F 167 12.54 -19.78 38.75
CA ALA F 167 13.92 -19.41 39.03
C ALA F 167 14.14 -17.90 39.00
N ILE F 168 13.52 -17.19 38.08
CA ILE F 168 13.77 -15.77 37.92
C ILE F 168 12.91 -14.90 38.82
N MET F 169 11.89 -15.43 39.48
CA MET F 169 11.07 -14.65 40.39
C MET F 169 11.90 -14.12 41.52
N ASP F 170 11.76 -12.83 41.85
CA ASP F 170 12.57 -12.08 42.85
C ASP F 170 14.07 -12.26 42.65
N ASN F 171 14.47 -12.52 41.42
CA ASN F 171 15.85 -12.75 41.06
C ASN F 171 16.15 -11.83 39.87
N PRO F 172 16.18 -10.51 40.10
CA PRO F 172 16.27 -9.56 39.00
C PRO F 172 17.60 -9.55 38.25
N SER F 173 18.69 -10.07 38.76
CA SER F 173 19.87 -10.20 37.93
C SER F 173 19.98 -11.53 37.18
N LEU F 174 19.08 -12.48 37.35
CA LEU F 174 19.25 -13.81 36.78
C LEU F 174 18.70 -13.93 35.35
N PHE F 175 19.51 -14.42 34.45
CA PHE F 175 19.14 -14.78 33.07
C PHE F 175 19.01 -16.30 32.98
N VAL F 176 17.88 -16.80 32.48
CA VAL F 176 17.64 -18.23 32.33
C VAL F 176 17.34 -18.52 30.87
N PRO F 177 18.28 -19.08 30.15
CA PRO F 177 18.03 -19.66 28.83
C PRO F 177 17.35 -21.02 29.01
N ALA F 178 16.14 -21.15 28.57
CA ALA F 178 15.34 -22.34 28.84
C ALA F 178 15.14 -23.17 27.58
N ILE F 179 15.85 -24.27 27.49
CA ILE F 179 15.84 -25.07 26.28
C ILE F 179 14.65 -26.01 26.33
N VAL F 180 13.79 -25.94 25.36
CA VAL F 180 12.56 -26.69 25.33
C VAL F 180 12.63 -27.64 24.16
N GLY F 181 12.56 -28.92 24.42
CA GLY F 181 12.29 -29.94 23.40
C GLY F 181 11.12 -29.65 22.46
N ASP F 182 11.18 -29.92 21.17
CA ASP F 182 9.98 -29.64 20.41
C ASP F 182 8.92 -30.72 20.61
N GLY F 183 9.32 -31.93 20.97
CA GLY F 183 8.42 -32.90 21.50
C GLY F 183 7.90 -32.52 22.87
N GLU F 184 8.76 -32.03 23.73
CA GLU F 184 8.35 -31.58 25.05
C GLU F 184 7.32 -30.45 24.98
N ALA F 185 7.40 -29.59 23.98
CA ALA F 185 6.39 -28.59 23.74
C ALA F 185 4.99 -29.13 23.40
N GLU F 186 4.86 -30.40 23.02
CA GLU F 186 3.55 -31.06 22.91
C GLU F 186 2.88 -31.38 24.25
N THR F 187 3.58 -31.36 25.40
CA THR F 187 2.94 -31.77 26.63
C THR F 187 2.01 -30.68 27.16
N GLY F 188 1.06 -31.09 27.96
CA GLY F 188 0.22 -30.22 28.75
C GLY F 188 0.99 -29.18 29.54
N PRO F 189 1.81 -29.60 30.51
CA PRO F 189 2.55 -28.64 31.35
C PRO F 189 3.43 -27.66 30.58
N LEU F 190 4.10 -28.07 29.54
CA LEU F 190 4.84 -27.11 28.76
C LEU F 190 3.92 -26.12 28.05
N ALA F 191 2.83 -26.57 27.44
CA ALA F 191 1.95 -25.72 26.65
C ALA F 191 1.42 -24.54 27.45
N THR F 192 0.99 -24.76 28.68
CA THR F 192 0.59 -23.64 29.51
C THR F 192 1.74 -22.80 30.06
N GLY F 193 2.94 -23.37 30.19
CA GLY F 193 4.13 -22.69 30.66
C GLY F 193 4.58 -21.49 29.86
N TRP F 194 4.22 -21.43 28.59
CA TRP F 194 4.48 -20.24 27.78
C TRP F 194 3.78 -19.00 28.25
N GLN F 195 2.64 -19.10 28.91
CA GLN F 195 1.91 -17.96 29.43
C GLN F 195 2.46 -17.37 30.71
N SER F 196 3.52 -17.94 31.27
CA SER F 196 4.06 -17.47 32.53
C SER F 196 4.61 -16.06 32.43
N ASN F 197 4.94 -15.57 31.22
CA ASN F 197 5.44 -14.22 31.01
C ASN F 197 4.38 -13.15 31.36
N LYS F 198 3.14 -13.52 31.51
CA LYS F 198 2.11 -12.68 32.03
C LYS F 198 2.11 -12.65 33.56
N LEU F 199 2.94 -13.41 34.23
CA LEU F 199 2.99 -13.44 35.67
C LEU F 199 4.32 -12.97 36.22
N VAL F 200 5.23 -12.47 35.40
CA VAL F 200 6.51 -11.99 35.88
C VAL F 200 6.63 -10.52 35.54
N ASN F 201 7.49 -9.84 36.24
CA ASN F 201 7.70 -8.43 36.09
C ASN F 201 9.16 -8.18 35.75
N PRO F 202 9.46 -7.49 34.66
CA PRO F 202 10.85 -7.32 34.24
C PRO F 202 11.69 -6.43 35.14
N ARG F 203 11.10 -5.63 35.99
CA ARG F 203 11.96 -5.00 36.98
C ARG F 203 12.25 -5.90 38.17
N THR F 204 11.25 -6.46 38.83
CA THR F 204 11.44 -7.17 40.07
C THR F 204 11.89 -8.60 39.87
N ASP F 205 11.75 -9.17 38.68
CA ASP F 205 12.17 -10.52 38.36
C ASP F 205 13.30 -10.52 37.32
N GLY F 206 13.87 -11.67 37.05
CA GLY F 206 14.85 -11.81 35.99
C GLY F 206 14.25 -11.98 34.60
N ILE F 207 14.95 -12.65 33.71
CA ILE F 207 14.53 -12.80 32.32
C ILE F 207 14.69 -14.24 31.91
N VAL F 208 13.66 -14.82 31.36
CA VAL F 208 13.71 -16.11 30.71
C VAL F 208 13.77 -15.89 29.20
N LEU F 209 14.73 -16.50 28.54
CA LEU F 209 14.75 -16.68 27.09
C LEU F 209 14.38 -18.09 26.71
N PRO F 210 13.17 -18.35 26.25
CA PRO F 210 12.85 -19.71 25.85
C PRO F 210 13.51 -20.03 24.54
N ILE F 211 14.09 -21.21 24.45
CA ILE F 211 14.76 -21.71 23.25
C ILE F 211 14.10 -23.00 22.82
N LEU F 212 13.37 -22.95 21.74
CA LEU F 212 12.67 -24.11 21.24
C LEU F 212 13.64 -24.92 20.40
N HIS F 213 14.04 -26.06 20.92
CA HIS F 213 14.96 -26.99 20.27
C HIS F 213 14.21 -27.76 19.17
N LEU F 214 13.90 -27.03 18.11
CA LEU F 214 13.11 -27.51 16.99
C LEU F 214 13.93 -28.41 16.08
N ASN F 215 14.22 -29.59 16.56
CA ASN F 215 15.02 -30.46 15.74
C ASN F 215 14.14 -31.34 14.86
N GLY F 216 12.84 -31.22 14.95
CA GLY F 216 11.92 -31.84 14.05
C GLY F 216 11.29 -33.13 14.49
N TYR F 217 11.81 -33.78 15.53
CA TYR F 217 11.57 -35.17 15.89
C TYR F 217 11.57 -35.28 17.40
N LYS F 218 10.79 -36.20 17.89
CA LYS F 218 10.73 -36.75 19.21
C LYS F 218 11.25 -38.19 19.04
N ILE F 219 10.79 -39.16 19.82
CA ILE F 219 11.40 -40.51 19.80
C ILE F 219 11.29 -41.16 18.43
N ALA F 220 10.10 -41.22 17.87
CA ALA F 220 9.87 -41.99 16.68
C ALA F 220 8.97 -41.30 15.69
N ASN F 221 8.63 -40.05 15.91
CA ASN F 221 7.63 -39.25 15.23
C ASN F 221 8.19 -37.88 14.92
N PRO F 222 7.66 -37.21 13.92
CA PRO F 222 7.90 -35.77 13.80
C PRO F 222 7.19 -35.00 14.88
N THR F 223 7.54 -33.76 15.02
CA THR F 223 6.94 -32.92 16.02
C THR F 223 5.95 -32.00 15.33
N ILE F 224 4.80 -31.81 15.95
CA ILE F 224 3.77 -30.87 15.52
C ILE F 224 4.34 -29.49 15.20
N LEU F 225 5.14 -28.92 16.08
CA LEU F 225 5.58 -27.55 15.88
C LEU F 225 6.59 -27.42 14.75
N SER F 226 7.23 -28.46 14.33
CA SER F 226 8.15 -28.38 13.21
C SER F 226 7.50 -28.73 11.90
N ARG F 227 6.27 -29.19 11.89
CA ARG F 227 5.56 -29.55 10.69
C ARG F 227 4.43 -28.61 10.30
N ILE F 228 4.06 -27.67 11.14
CA ILE F 228 3.11 -26.62 10.84
C ILE F 228 3.89 -25.55 10.10
N SER F 229 3.20 -24.60 9.53
CA SER F 229 3.90 -23.62 8.75
C SER F 229 4.67 -22.64 9.64
N ASP F 230 5.66 -22.02 9.04
CA ASP F 230 6.48 -21.04 9.74
C ASP F 230 5.69 -19.81 10.14
N GLU F 231 4.69 -19.44 9.35
CA GLU F 231 3.77 -18.38 9.71
C GLU F 231 2.89 -18.76 10.89
N GLU F 232 2.37 -19.99 10.94
CA GLU F 232 1.63 -20.43 12.11
C GLU F 232 2.51 -20.44 13.36
N LEU F 233 3.73 -20.92 13.23
CA LEU F 233 4.64 -21.07 14.35
C LEU F 233 5.03 -19.71 14.92
N HIS F 234 5.19 -18.72 14.08
CA HIS F 234 5.51 -17.38 14.54
C HIS F 234 4.33 -16.66 15.15
N GLU F 235 3.16 -16.77 14.54
CA GLU F 235 1.92 -16.23 15.10
C GLU F 235 1.62 -16.80 16.47
N PHE F 236 1.82 -18.09 16.64
CA PHE F 236 1.67 -18.79 17.91
C PHE F 236 2.49 -18.12 19.02
N PHE F 237 3.78 -17.93 18.81
CA PHE F 237 4.65 -17.34 19.82
C PHE F 237 4.37 -15.88 20.03
N HIS F 238 3.91 -15.19 19.00
CA HIS F 238 3.57 -13.81 19.14
C HIS F 238 2.26 -13.64 19.87
N GLY F 239 1.36 -14.61 19.74
CA GLY F 239 0.12 -14.64 20.46
C GLY F 239 0.28 -14.84 21.94
N MET F 240 1.35 -15.49 22.37
CA MET F 240 1.69 -15.78 23.75
C MET F 240 2.59 -14.74 24.38
N GLY F 241 2.72 -13.59 23.77
CA GLY F 241 3.54 -12.54 24.28
C GLY F 241 5.03 -12.64 24.04
N TYR F 242 5.46 -13.32 23.01
CA TYR F 242 6.87 -13.41 22.68
C TYR F 242 7.14 -12.75 21.35
N GLU F 243 8.33 -12.26 21.18
CA GLU F 243 8.84 -11.82 19.90
C GLU F 243 9.75 -12.90 19.31
N PRO F 244 9.30 -13.76 18.41
CA PRO F 244 10.13 -14.91 18.04
C PRO F 244 11.21 -14.61 17.00
N TYR F 245 12.37 -15.18 17.20
CA TYR F 245 13.51 -15.12 16.31
C TYR F 245 13.76 -16.54 15.88
N GLU F 246 14.09 -16.74 14.65
CA GLU F 246 14.37 -18.07 14.17
C GLU F 246 15.80 -18.15 13.72
N PHE F 247 16.46 -19.23 14.08
CA PHE F 247 17.73 -19.63 13.54
C PHE F 247 17.62 -20.99 12.86
N VAL F 248 18.13 -21.10 11.65
CA VAL F 248 18.10 -22.35 10.91
C VAL F 248 19.53 -22.71 10.55
N ALA F 249 19.95 -23.93 10.85
CA ALA F 249 21.29 -24.35 10.47
C ALA F 249 21.38 -25.85 10.36
N GLY F 250 22.37 -26.27 9.61
CA GLY F 250 22.75 -27.63 9.43
C GLY F 250 22.03 -28.41 8.36
N PHE F 251 21.14 -27.83 7.60
CA PHE F 251 20.43 -28.53 6.55
C PHE F 251 21.02 -28.29 5.17
N ASP F 252 22.22 -27.74 5.08
CA ASP F 252 22.92 -27.50 3.82
C ASP F 252 24.40 -27.73 4.11
N ASP F 253 25.29 -27.20 3.29
CA ASP F 253 26.71 -27.41 3.46
C ASP F 253 27.44 -26.15 3.86
N GLU F 254 26.78 -25.24 4.55
CA GLU F 254 27.42 -24.12 5.20
C GLU F 254 28.51 -24.60 6.13
N ASP F 255 29.67 -24.00 6.01
CA ASP F 255 30.75 -24.39 6.89
C ASP F 255 30.45 -23.95 8.30
N HIS F 256 31.03 -24.66 9.22
CA HIS F 256 30.65 -24.50 10.60
C HIS F 256 31.00 -23.13 11.15
N MET F 257 32.04 -22.48 10.64
CA MET F 257 32.39 -21.15 11.09
C MET F 257 31.40 -20.08 10.64
N SER F 258 30.76 -20.21 9.48
CA SER F 258 29.69 -19.27 9.14
C SER F 258 28.49 -19.41 10.05
N ILE F 259 28.15 -20.65 10.42
CA ILE F 259 27.04 -20.93 11.33
C ILE F 259 27.26 -20.24 12.66
N HIS F 260 28.44 -20.41 13.26
CA HIS F 260 28.77 -19.76 14.52
C HIS F 260 28.67 -18.24 14.43
N ARG F 261 29.18 -17.63 13.35
CA ARG F 261 29.08 -16.19 13.20
C ARG F 261 27.64 -15.74 13.07
N ARG F 262 26.86 -16.48 12.29
CA ARG F 262 25.45 -16.16 12.12
C ARG F 262 24.74 -16.26 13.45
N PHE F 263 25.08 -17.25 14.25
CA PHE F 263 24.39 -17.46 15.50
C PHE F 263 24.79 -16.42 16.52
N ALA F 264 26.07 -16.09 16.60
CA ALA F 264 26.52 -15.11 17.57
C ALA F 264 25.92 -13.73 17.27
N GLU F 265 25.74 -13.38 15.99
CA GLU F 265 25.06 -12.16 15.58
C GLU F 265 23.59 -12.15 16.02
N LEU F 266 22.89 -13.24 15.82
CA LEU F 266 21.51 -13.35 16.26
C LEU F 266 21.40 -13.37 17.78
N TRP F 267 22.30 -14.07 18.45
CA TRP F 267 22.32 -14.06 19.92
C TRP F 267 22.48 -12.65 20.47
N GLU F 268 23.39 -11.88 19.90
CA GLU F 268 23.64 -10.56 20.42
C GLU F 268 22.53 -9.59 20.10
N THR F 269 21.83 -9.76 18.98
CA THR F 269 20.61 -9.03 18.67
C THR F 269 19.49 -9.32 19.69
N ILE F 270 19.21 -10.61 19.95
CA ILE F 270 18.31 -11.03 21.03
C ILE F 270 18.74 -10.40 22.35
N TRP F 271 20.02 -10.50 22.71
CA TRP F 271 20.47 -9.96 23.97
C TRP F 271 20.35 -8.45 24.06
N ASP F 272 20.58 -7.75 22.98
CA ASP F 272 20.31 -6.31 22.97
C ASP F 272 18.84 -5.97 23.19
N GLU F 273 17.93 -6.83 22.76
CA GLU F 273 16.52 -6.67 22.99
C GLU F 273 16.16 -6.92 24.44
N ILE F 274 16.84 -7.85 25.09
CA ILE F 274 16.60 -8.14 26.50
C ILE F 274 17.16 -7.03 27.37
N CYS F 275 18.32 -6.50 27.02
CA CYS F 275 18.92 -5.41 27.76
C CYS F 275 18.08 -4.15 27.65
N ASP F 276 17.48 -3.92 26.49
CA ASP F 276 16.49 -2.85 26.31
C ASP F 276 15.27 -3.02 27.21
N ILE F 277 14.74 -4.24 27.32
CA ILE F 277 13.62 -4.55 28.19
C ILE F 277 13.96 -4.25 29.64
N LYS F 278 15.14 -4.63 30.05
CA LYS F 278 15.58 -4.47 31.42
C LYS F 278 15.85 -3.00 31.72
N ALA F 279 16.38 -2.27 30.76
CA ALA F 279 16.64 -0.84 30.92
C ALA F 279 15.35 -0.04 30.96
N THR F 280 14.37 -0.40 30.12
CA THR F 280 13.05 0.22 30.14
C THR F 280 12.33 -0.04 31.46
N ALA F 281 12.45 -1.24 32.00
CA ALA F 281 11.76 -1.63 33.23
C ALA F 281 12.28 -0.92 34.46
N GLN F 282 13.46 -0.30 34.40
CA GLN F 282 13.91 0.56 35.50
C GLN F 282 13.07 1.83 35.61
N THR F 283 12.34 2.18 34.57
CA THR F 283 11.42 3.31 34.53
C THR F 283 9.95 2.94 34.40
N ASP F 284 9.62 2.07 33.46
CA ASP F 284 8.25 1.67 33.16
C ASP F 284 8.22 0.16 33.28
N ASN F 285 7.66 -0.35 34.35
CA ASN F 285 7.39 -1.78 34.49
C ASN F 285 5.89 -2.06 34.60
N VAL F 286 5.09 -1.16 34.10
CA VAL F 286 3.65 -1.29 34.09
C VAL F 286 3.16 -1.89 32.78
N HIS F 287 3.95 -1.83 31.73
CA HIS F 287 3.57 -2.27 30.40
C HIS F 287 4.40 -3.48 30.03
N ARG F 288 3.75 -4.60 29.81
CA ARG F 288 4.40 -5.88 29.57
C ARG F 288 5.12 -5.86 28.23
N PRO F 289 6.41 -6.09 28.17
CA PRO F 289 7.08 -6.21 26.86
C PRO F 289 6.75 -7.54 26.20
N PHE F 290 6.99 -7.61 24.92
CA PHE F 290 7.15 -8.90 24.26
C PHE F 290 8.57 -9.40 24.49
N TYR F 291 8.72 -10.47 25.18
CA TYR F 291 10.04 -11.05 25.40
C TYR F 291 10.51 -11.78 24.15
N PRO F 292 11.79 -11.77 23.88
CA PRO F 292 12.31 -12.60 22.80
C PRO F 292 12.18 -14.08 23.11
N MET F 293 12.16 -14.88 22.08
CA MET F 293 12.32 -16.30 22.20
C MET F 293 13.04 -16.77 20.96
N LEU F 294 13.72 -17.85 21.07
CA LEU F 294 14.50 -18.37 19.97
C LEU F 294 13.93 -19.68 19.49
N ILE F 295 13.60 -19.75 18.22
CA ILE F 295 13.32 -20.99 17.53
C ILE F 295 14.61 -21.46 16.87
N PHE F 296 15.16 -22.50 17.40
CA PHE F 296 16.42 -23.08 16.99
C PHE F 296 16.12 -24.31 16.16
N ARG F 297 16.26 -24.19 14.87
CA ARG F 297 15.87 -25.24 13.94
C ARG F 297 17.13 -25.86 13.37
N THR F 298 17.45 -27.09 13.73
CA THR F 298 18.69 -27.80 13.44
C THR F 298 18.36 -29.26 13.24
N PRO F 299 19.18 -30.03 12.51
CA PRO F 299 18.82 -31.43 12.28
C PRO F 299 19.05 -32.26 13.52
N LYS F 300 18.13 -33.17 13.79
CA LYS F 300 18.28 -34.00 14.97
C LYS F 300 19.50 -34.90 14.83
N GLY F 301 20.32 -34.95 15.87
CA GLY F 301 21.50 -35.70 15.74
C GLY F 301 22.58 -35.05 14.94
N TRP F 302 22.49 -33.74 14.67
CA TRP F 302 23.43 -32.93 13.90
C TRP F 302 24.90 -33.35 14.04
N THR F 303 25.59 -33.64 12.95
CA THR F 303 27.00 -34.09 12.80
C THR F 303 27.17 -35.61 13.03
N CYS F 304 26.15 -36.41 13.33
CA CYS F 304 26.21 -37.87 13.20
C CYS F 304 26.29 -38.24 11.72
N PRO F 305 26.69 -39.47 11.36
CA PRO F 305 26.70 -39.85 9.94
C PRO F 305 25.30 -39.74 9.34
N LYS F 306 25.21 -39.15 8.14
CA LYS F 306 23.93 -38.88 7.48
C LYS F 306 23.10 -40.13 7.26
N TYR F 307 23.72 -41.21 6.84
CA TYR F 307 23.06 -42.46 6.58
C TYR F 307 23.84 -43.57 7.23
N ILE F 308 23.15 -44.38 8.00
CA ILE F 308 23.64 -45.62 8.55
C ILE F 308 22.77 -46.76 8.03
N ASP F 309 23.37 -47.68 7.27
CA ASP F 309 22.71 -48.84 6.65
C ASP F 309 21.58 -48.44 5.71
N GLY F 310 21.75 -47.34 5.00
CA GLY F 310 20.75 -46.82 4.11
C GLY F 310 19.57 -46.11 4.74
N LYS F 311 19.56 -45.90 6.04
CA LYS F 311 18.49 -45.17 6.70
C LYS F 311 19.02 -43.80 7.09
N LYS F 312 18.23 -42.78 6.79
CA LYS F 312 18.55 -41.43 7.22
C LYS F 312 18.60 -41.36 8.74
N THR F 313 19.71 -40.84 9.22
CA THR F 313 19.97 -40.81 10.64
C THR F 313 20.11 -39.37 11.13
N GLU F 314 21.00 -38.56 10.59
CA GLU F 314 20.99 -37.12 10.84
C GLU F 314 19.71 -36.51 10.25
N GLY F 315 19.09 -35.65 11.02
CA GLY F 315 17.78 -35.12 10.71
C GLY F 315 16.64 -36.12 10.70
N SER F 316 16.67 -37.11 11.55
CA SER F 316 15.62 -38.07 11.74
C SER F 316 15.44 -38.43 13.20
N TRP F 317 14.26 -38.96 13.53
CA TRP F 317 14.02 -39.61 14.81
C TRP F 317 14.94 -40.82 15.06
N ARG F 318 15.61 -41.33 14.04
CA ARG F 318 16.48 -42.49 14.15
C ARG F 318 17.76 -42.21 14.92
N SER F 319 18.17 -40.97 15.01
CA SER F 319 19.26 -40.49 15.84
C SER F 319 18.86 -40.23 17.29
N HIS F 320 17.66 -40.56 17.74
CA HIS F 320 17.18 -40.17 19.07
C HIS F 320 17.98 -40.79 20.20
N GLN F 321 18.07 -42.09 20.23
CA GLN F 321 18.86 -42.74 21.23
C GLN F 321 20.32 -42.91 20.79
N VAL F 322 20.62 -43.88 19.96
CA VAL F 322 21.97 -43.97 19.42
C VAL F 322 21.86 -44.14 17.93
N PRO F 323 22.56 -43.36 17.18
CA PRO F 323 22.51 -43.49 15.72
C PRO F 323 22.97 -44.83 15.24
N LEU F 324 23.96 -45.35 15.92
CA LEU F 324 24.63 -46.56 15.54
C LEU F 324 24.36 -47.46 16.69
N ALA F 325 23.89 -48.65 16.41
CA ALA F 325 23.12 -49.34 17.42
C ALA F 325 23.97 -50.33 18.18
N SER F 326 24.98 -50.90 17.52
CA SER F 326 25.94 -51.80 18.13
C SER F 326 27.27 -51.66 17.39
N ALA F 327 28.13 -50.77 17.86
CA ALA F 327 29.46 -50.68 17.28
C ALA F 327 30.38 -51.79 17.76
N ARG F 328 29.97 -52.61 18.71
CA ARG F 328 30.79 -53.69 19.25
C ARG F 328 30.62 -55.01 18.51
N ASP F 329 29.66 -55.16 17.59
CA ASP F 329 29.27 -56.44 17.01
C ASP F 329 29.65 -56.67 15.56
N THR F 330 30.13 -55.67 14.87
CA THR F 330 30.33 -55.77 13.45
C THR F 330 31.49 -54.88 13.17
N GLU F 331 32.37 -55.32 12.29
CA GLU F 331 33.47 -54.50 11.85
C GLU F 331 32.97 -53.26 11.13
N ALA F 332 31.91 -53.41 10.33
CA ALA F 332 31.34 -52.30 9.59
C ALA F 332 30.85 -51.20 10.50
N HIS F 333 30.17 -51.56 11.57
CA HIS F 333 29.60 -50.57 12.48
C HIS F 333 30.65 -49.97 13.38
N PHE F 334 31.70 -50.72 13.70
CA PHE F 334 32.82 -50.14 14.41
C PHE F 334 33.52 -49.08 13.58
N GLU F 335 33.62 -49.29 12.28
CA GLU F 335 34.30 -48.34 11.44
C GLU F 335 33.51 -47.06 11.30
N VAL F 336 32.19 -47.16 11.28
CA VAL F 336 31.33 -45.99 11.33
C VAL F 336 31.55 -45.22 12.62
N LEU F 337 31.59 -45.90 13.76
CA LEU F 337 31.87 -45.18 15.02
C LEU F 337 33.24 -44.52 15.00
N LYS F 338 34.24 -45.18 14.43
CA LYS F 338 35.60 -44.68 14.46
C LYS F 338 35.74 -43.43 13.60
N ASN F 339 35.09 -43.42 12.44
CA ASN F 339 35.13 -42.29 11.53
C ASN F 339 34.33 -41.12 12.08
N TRP F 340 33.21 -41.42 12.74
CA TRP F 340 32.41 -40.43 13.45
C TRP F 340 33.23 -39.72 14.53
N LEU F 341 33.92 -40.49 15.38
CA LEU F 341 34.77 -39.94 16.45
C LEU F 341 35.91 -39.11 15.88
N GLU F 342 36.47 -39.53 14.76
CA GLU F 342 37.55 -38.81 14.09
C GLU F 342 37.10 -37.58 13.35
N SER F 343 35.82 -37.46 13.00
CA SER F 343 35.34 -36.28 12.30
C SER F 343 35.44 -35.00 13.13
N TYR F 344 35.41 -35.10 14.44
CA TYR F 344 35.66 -33.97 15.32
C TYR F 344 37.13 -33.62 15.45
N LYS F 345 38.01 -34.44 14.92
CA LYS F 345 39.46 -34.30 14.93
C LYS F 345 40.00 -34.11 16.33
N PRO F 346 39.91 -35.12 17.18
CA PRO F 346 40.39 -34.98 18.57
C PRO F 346 41.87 -34.74 18.73
N GLU F 347 42.70 -35.04 17.73
CA GLU F 347 44.14 -34.70 17.75
C GLU F 347 44.40 -33.19 17.89
N GLU F 348 43.48 -32.36 17.49
CA GLU F 348 43.61 -30.93 17.68
C GLU F 348 42.99 -30.45 18.99
N LEU F 349 42.17 -31.25 19.63
CA LEU F 349 41.45 -30.87 20.83
C LEU F 349 42.20 -31.20 22.10
N PHE F 350 42.83 -32.34 22.17
CA PHE F 350 43.46 -32.84 23.38
C PHE F 350 44.97 -32.82 23.16
N ASP F 351 45.73 -32.55 24.21
CA ASP F 351 47.17 -32.56 24.05
C ASP F 351 47.72 -33.96 24.34
N ALA F 352 49.04 -34.06 24.51
CA ALA F 352 49.70 -35.36 24.60
C ALA F 352 49.30 -36.12 25.84
N ASN F 353 49.09 -35.42 26.96
CA ASN F 353 48.60 -35.99 28.20
C ASN F 353 47.09 -36.21 28.26
N GLY F 354 46.31 -35.86 27.26
CA GLY F 354 44.89 -36.01 27.37
C GLY F 354 44.12 -34.87 28.05
N ALA F 355 44.74 -33.75 28.33
CA ALA F 355 44.00 -32.58 28.75
C ALA F 355 43.46 -31.87 27.52
N VAL F 356 42.24 -31.36 27.62
CA VAL F 356 41.72 -30.44 26.62
C VAL F 356 42.65 -29.24 26.54
N LYS F 357 43.04 -28.83 25.34
CA LYS F 357 43.99 -27.76 25.13
C LYS F 357 43.45 -26.40 25.55
N ASP F 358 44.38 -25.52 25.96
CA ASP F 358 44.03 -24.18 26.44
C ASP F 358 43.23 -23.39 25.44
N ASP F 359 43.56 -23.48 24.16
CA ASP F 359 42.84 -22.65 23.21
C ASP F 359 41.45 -23.15 22.90
N VAL F 360 41.09 -24.34 23.37
CA VAL F 360 39.73 -24.80 23.23
C VAL F 360 38.84 -24.02 24.19
N LEU F 361 39.33 -23.74 25.39
CA LEU F 361 38.50 -23.29 26.50
C LEU F 361 38.83 -21.89 26.98
N ALA F 362 39.66 -21.14 26.27
CA ALA F 362 40.08 -19.83 26.72
C ALA F 362 38.97 -18.79 26.65
N PHE F 363 37.92 -19.04 25.87
CA PHE F 363 36.70 -18.23 25.82
C PHE F 363 35.76 -18.51 27.00
N MET F 364 35.95 -19.54 27.81
CA MET F 364 34.97 -19.97 28.81
C MET F 364 34.84 -18.95 29.95
N PRO F 365 33.68 -18.85 30.59
CA PRO F 365 33.58 -18.08 31.83
C PRO F 365 34.37 -18.71 32.96
N LYS F 366 34.60 -17.93 34.00
CA LYS F 366 35.40 -18.31 35.14
C LYS F 366 34.62 -18.07 36.43
N GLY F 367 34.99 -18.79 37.48
CA GLY F 367 34.52 -18.43 38.80
C GLY F 367 33.08 -18.82 39.03
N GLU F 368 32.36 -17.98 39.76
CA GLU F 368 30.94 -18.23 40.01
C GLU F 368 30.08 -18.02 38.77
N LEU F 369 30.57 -17.36 37.74
CA LEU F 369 29.80 -17.25 36.53
C LEU F 369 29.76 -18.52 35.71
N ARG F 370 30.57 -19.53 35.99
CA ARG F 370 30.46 -20.79 35.28
C ARG F 370 29.14 -21.48 35.59
N ILE F 371 28.57 -22.12 34.57
CA ILE F 371 27.30 -22.84 34.68
C ILE F 371 27.29 -23.83 35.84
N GLY F 372 28.29 -24.64 35.98
CA GLY F 372 28.35 -25.50 37.14
C GLY F 372 28.77 -24.86 38.45
N ALA F 373 29.12 -23.61 38.50
CA ALA F 373 29.48 -22.95 39.76
C ALA F 373 28.53 -21.84 40.16
N ASN F 374 27.56 -21.51 39.36
CA ASN F 374 26.61 -20.49 39.74
C ASN F 374 25.80 -20.93 40.96
N PRO F 375 25.81 -20.16 42.05
CA PRO F 375 25.00 -20.54 43.22
C PRO F 375 23.53 -20.73 42.98
N ASN F 376 22.90 -20.03 42.03
CA ASN F 376 21.51 -20.32 41.70
C ASN F 376 21.30 -21.77 41.24
N ALA F 377 22.29 -22.41 40.66
CA ALA F 377 22.23 -23.85 40.41
C ALA F 377 22.60 -24.74 41.60
N ASN F 378 22.95 -24.21 42.75
CA ASN F 378 23.12 -25.02 43.96
C ASN F 378 22.53 -24.13 45.05
N GLY F 379 21.22 -24.04 45.09
CA GLY F 379 20.55 -22.93 45.76
C GLY F 379 20.49 -23.05 47.26
N GLY F 380 20.69 -24.23 47.79
CA GLY F 380 21.04 -24.42 49.17
C GLY F 380 22.17 -23.55 49.71
N VAL F 381 23.11 -23.16 48.86
CA VAL F 381 24.15 -22.24 49.32
C VAL F 381 23.64 -20.81 49.48
N ILE F 382 22.55 -20.43 48.82
CA ILE F 382 21.96 -19.10 48.89
C ILE F 382 20.98 -19.00 50.05
N ARG F 383 20.34 -20.09 50.38
CA ARG F 383 19.22 -20.13 51.29
C ARG F 383 19.62 -19.86 52.74
N ASN F 384 18.89 -18.97 53.40
CA ASN F 384 18.97 -18.74 54.84
C ASN F 384 17.67 -19.14 55.50
N ASP F 385 17.73 -19.42 56.79
CA ASP F 385 16.55 -19.58 57.62
C ASP F 385 15.61 -18.39 57.48
N LEU F 386 14.33 -18.64 57.39
CA LEU F 386 13.33 -17.56 57.47
C LEU F 386 13.38 -16.88 58.85
N LYS F 387 13.21 -15.58 58.85
CA LYS F 387 12.82 -14.88 60.06
C LYS F 387 11.37 -15.24 60.39
N LEU F 388 11.16 -16.02 61.38
CA LEU F 388 9.80 -16.45 61.64
C LEU F 388 9.26 -15.71 62.82
N PRO F 389 8.00 -15.33 62.77
CA PRO F 389 7.39 -14.60 63.87
C PRO F 389 7.10 -15.55 65.03
N ASN F 390 6.85 -14.94 66.16
CA ASN F 390 6.69 -15.69 67.39
C ASN F 390 5.36 -16.41 67.38
N LEU F 391 5.41 -17.74 67.49
CA LEU F 391 4.25 -18.59 67.20
C LEU F 391 3.11 -18.41 68.19
N GLU F 392 3.38 -17.97 69.40
CA GLU F 392 2.33 -17.72 70.39
C GLU F 392 1.48 -16.51 70.08
N ASP F 393 1.93 -15.61 69.21
CA ASP F 393 1.07 -14.49 68.80
C ASP F 393 -0.17 -14.93 68.03
N TYR F 394 -0.21 -16.16 67.52
CA TYR F 394 -1.24 -16.65 66.63
C TYR F 394 -2.01 -17.78 67.27
N GLU F 395 -1.57 -18.20 68.44
CA GLU F 395 -2.20 -19.30 69.16
C GLU F 395 -3.65 -18.97 69.47
N VAL F 396 -4.53 -19.92 69.23
CA VAL F 396 -5.88 -19.85 69.74
C VAL F 396 -5.82 -20.04 71.24
N LYS F 397 -5.95 -18.95 72.00
CA LYS F 397 -5.88 -19.01 73.46
C LYS F 397 -7.13 -19.55 74.11
N GLU F 398 -8.24 -19.62 73.41
CA GLU F 398 -9.54 -19.96 73.97
C GLU F 398 -9.67 -21.41 74.42
N VAL F 399 -8.83 -22.34 73.95
CA VAL F 399 -8.80 -23.70 74.49
C VAL F 399 -8.48 -23.66 75.96
N ALA F 400 -7.54 -22.83 76.36
CA ALA F 400 -7.14 -22.78 77.75
C ALA F 400 -8.19 -22.08 78.61
N GLU F 401 -8.79 -21.01 78.11
CA GLU F 401 -9.94 -20.39 78.78
C GLU F 401 -11.10 -21.35 78.96
N TYR F 402 -11.70 -21.80 77.85
CA TYR F 402 -13.01 -22.46 77.81
C TYR F 402 -12.99 -23.96 77.82
N GLY F 403 -11.95 -24.61 77.34
CA GLY F 403 -11.90 -26.05 77.34
C GLY F 403 -11.54 -26.55 75.96
N HIS F 404 -10.92 -27.70 75.92
CA HIS F 404 -10.76 -28.47 74.70
C HIS F 404 -12.06 -28.67 73.95
N GLY F 405 -12.05 -28.37 72.67
CA GLY F 405 -13.24 -28.51 71.88
C GLY F 405 -14.04 -27.27 71.67
N TRP F 406 -13.53 -26.13 72.09
CA TRP F 406 -14.19 -24.86 71.96
C TRP F 406 -14.18 -24.39 70.49
N GLY F 407 -15.21 -23.64 70.14
CA GLY F 407 -15.20 -22.72 69.03
C GLY F 407 -15.60 -23.30 67.71
N GLN F 408 -15.69 -22.41 66.75
CA GLN F 408 -15.97 -22.74 65.39
C GLN F 408 -15.01 -22.07 64.45
N LEU F 409 -13.73 -22.08 64.79
CA LEU F 409 -12.72 -21.43 63.98
C LEU F 409 -12.46 -22.18 62.68
N GLU F 410 -12.01 -21.45 61.69
CA GLU F 410 -11.47 -22.00 60.46
C GLU F 410 -9.96 -22.02 60.64
N ALA F 411 -9.41 -23.23 60.75
CA ALA F 411 -8.00 -23.41 61.10
C ALA F 411 -7.05 -22.76 60.10
N THR F 412 -7.35 -22.79 58.81
CA THR F 412 -6.46 -22.20 57.82
C THR F 412 -6.41 -20.67 57.91
N ARG F 413 -7.36 -19.98 58.55
CA ARG F 413 -7.22 -18.54 58.77
C ARG F 413 -6.06 -18.23 59.70
N THR F 414 -5.82 -19.09 60.67
CA THR F 414 -4.69 -18.97 61.57
C THR F 414 -3.36 -19.08 60.84
N LEU F 415 -3.22 -20.13 60.02
CA LEU F 415 -2.07 -20.25 59.14
C LEU F 415 -1.93 -19.05 58.22
N GLY F 416 -3.06 -18.51 57.73
CA GLY F 416 -3.03 -17.34 56.89
C GLY F 416 -2.42 -16.11 57.56
N ALA F 417 -2.76 -15.87 58.82
CA ALA F 417 -2.19 -14.76 59.56
C ALA F 417 -0.72 -14.96 59.85
N TYR F 418 -0.33 -16.17 60.22
CA TYR F 418 1.05 -16.52 60.42
C TYR F 418 1.88 -16.32 59.16
N THR F 419 1.39 -16.78 58.02
CA THR F 419 2.13 -16.67 56.77
C THR F 419 2.23 -15.23 56.30
N ARG F 420 1.20 -14.42 56.53
CA ARG F 420 1.25 -12.97 56.31
C ARG F 420 2.45 -12.32 56.98
N ASP F 421 2.70 -12.63 58.21
CA ASP F 421 3.82 -12.03 58.88
C ASP F 421 5.16 -12.67 58.54
N ILE F 422 5.19 -13.92 58.08
CA ILE F 422 6.40 -14.42 57.45
C ILE F 422 6.73 -13.59 56.22
N ILE F 423 5.75 -13.35 55.36
CA ILE F 423 5.96 -12.60 54.13
C ILE F 423 6.46 -11.19 54.46
N LYS F 424 5.82 -10.55 55.44
CA LYS F 424 6.25 -9.24 55.92
C LYS F 424 7.69 -9.23 56.45
N ASN F 425 8.10 -10.24 57.18
CA ASN F 425 9.47 -10.28 57.70
C ASN F 425 10.48 -10.79 56.69
N ASN F 426 10.06 -11.45 55.65
CA ASN F 426 10.99 -12.05 54.71
C ASN F 426 10.64 -11.55 53.32
N PRO F 427 10.83 -10.25 53.06
CA PRO F 427 10.51 -9.71 51.76
C PRO F 427 11.44 -10.27 50.72
N ARG F 428 10.89 -10.53 49.54
N ARG F 428 10.88 -10.55 49.54
CA ARG F 428 11.55 -11.14 48.37
CA ARG F 428 11.55 -11.14 48.37
C ARG F 428 12.10 -12.56 48.66
C ARG F 428 12.10 -12.56 48.66
N ASP F 429 11.68 -13.21 49.70
CA ASP F 429 12.25 -14.48 50.06
C ASP F 429 11.20 -15.55 50.24
N PHE F 430 9.95 -15.17 50.36
CA PHE F 430 8.85 -16.06 50.60
C PHE F 430 7.74 -15.76 49.59
N ARG F 431 7.21 -16.77 48.95
CA ARG F 431 6.08 -16.60 48.04
C ARG F 431 4.96 -17.54 48.35
N ILE F 432 3.76 -17.15 48.00
CA ILE F 432 2.62 -18.05 48.00
C ILE F 432 2.19 -18.28 46.58
N PHE F 433 1.98 -19.52 46.24
CA PHE F 433 1.38 -19.87 44.97
C PHE F 433 0.03 -20.53 45.20
N GLY F 434 -0.87 -20.40 44.26
CA GLY F 434 -2.12 -21.12 44.32
C GLY F 434 -2.87 -21.18 43.02
N PRO F 435 -3.57 -22.26 42.73
CA PRO F 435 -4.28 -22.25 41.47
C PRO F 435 -5.65 -21.60 41.59
N ASP F 436 -5.65 -20.28 41.80
CA ASP F 436 -6.85 -19.45 41.96
C ASP F 436 -7.62 -19.89 43.22
N GLU F 437 -6.90 -20.32 44.22
CA GLU F 437 -7.50 -20.88 45.41
C GLU F 437 -6.96 -20.29 46.71
N THR F 438 -6.18 -19.21 46.69
CA THR F 438 -5.59 -18.66 47.91
C THR F 438 -6.66 -18.10 48.84
N ALA F 439 -7.57 -17.28 48.33
CA ALA F 439 -8.67 -16.76 49.12
C ALA F 439 -9.63 -17.85 49.55
N SER F 440 -9.93 -18.76 48.64
CA SER F 440 -10.84 -19.86 48.89
C SER F 440 -10.34 -20.78 50.01
N ASN F 441 -9.07 -21.12 50.00
CA ASN F 441 -8.41 -21.83 51.11
C ASN F 441 -8.06 -20.91 52.29
N ARG F 442 -8.59 -19.68 52.33
CA ARG F 442 -8.58 -18.74 53.45
C ARG F 442 -7.19 -18.21 53.78
N LEU F 443 -6.33 -18.02 52.79
CA LEU F 443 -4.99 -17.54 53.05
C LEU F 443 -4.83 -16.08 52.66
N GLN F 444 -5.91 -15.35 52.58
CA GLN F 444 -5.95 -14.01 52.00
C GLN F 444 -5.57 -12.89 52.96
N ALA F 445 -5.26 -13.17 54.22
CA ALA F 445 -4.59 -12.20 55.08
C ALA F 445 -3.24 -11.75 54.54
N SER F 446 -2.60 -12.51 53.66
CA SER F 446 -1.38 -12.05 53.01
C SER F 446 -1.58 -10.82 52.14
N TYR F 447 -2.80 -10.51 51.72
CA TYR F 447 -3.05 -9.33 50.90
C TYR F 447 -2.98 -8.06 51.70
N GLU F 448 -2.96 -8.13 53.02
CA GLU F 448 -2.65 -6.99 53.84
C GLU F 448 -1.19 -6.56 53.72
N VAL F 449 -0.28 -7.42 53.30
CA VAL F 449 1.11 -7.04 53.21
C VAL F 449 1.69 -7.17 51.81
N THR F 450 0.99 -7.73 50.86
CA THR F 450 1.51 -7.90 49.52
C THR F 450 0.36 -7.98 48.56
N ASN F 451 0.65 -8.26 47.32
CA ASN F 451 -0.32 -8.36 46.28
C ASN F 451 -0.14 -9.65 45.50
N LYS F 452 -1.15 -9.99 44.74
CA LYS F 452 -1.05 -10.97 43.69
C LYS F 452 -0.34 -10.39 42.50
N GLN F 453 0.70 -11.04 42.06
CA GLN F 453 1.50 -10.55 40.96
C GLN F 453 0.72 -10.77 39.68
N TRP F 454 0.41 -9.70 38.98
CA TRP F 454 -0.35 -9.78 37.74
C TRP F 454 0.27 -8.87 36.71
N ASP F 455 0.63 -9.39 35.57
CA ASP F 455 1.24 -8.57 34.55
C ASP F 455 0.53 -8.68 33.22
N ALA F 456 -0.70 -9.08 33.24
CA ALA F 456 -1.55 -8.91 32.08
C ALA F 456 -2.31 -7.59 32.29
N GLY F 457 -3.34 -7.34 31.51
CA GLY F 457 -4.00 -6.05 31.57
C GLY F 457 -4.83 -5.83 32.83
N TYR F 458 -4.89 -4.59 33.25
CA TYR F 458 -5.75 -4.11 34.34
C TYR F 458 -6.91 -3.37 33.69
N ILE F 459 -8.11 -3.46 34.26
CA ILE F 459 -9.28 -2.75 33.69
C ILE F 459 -10.02 -1.84 34.68
N SER F 460 -10.16 -2.24 35.94
CA SER F 460 -11.01 -1.53 36.89
C SER F 460 -10.67 -1.91 38.32
N ASP F 461 -10.65 -0.91 39.18
CA ASP F 461 -10.59 -1.12 40.62
C ASP F 461 -11.82 -1.84 41.20
N GLU F 462 -12.96 -1.90 40.53
CA GLU F 462 -14.07 -2.74 41.01
C GLU F 462 -13.82 -4.24 40.90
N VAL F 463 -12.96 -4.70 40.01
CA VAL F 463 -12.68 -6.12 39.88
C VAL F 463 -11.26 -6.50 40.27
N ASP F 464 -10.29 -5.59 40.23
CA ASP F 464 -8.86 -5.89 40.26
C ASP F 464 -8.23 -5.69 41.62
N GLU F 465 -8.98 -5.80 42.71
CA GLU F 465 -8.45 -5.70 44.06
C GLU F 465 -7.31 -6.68 44.34
N HIS F 466 -6.37 -6.21 45.13
CA HIS F 466 -5.20 -6.94 45.60
C HIS F 466 -4.27 -7.37 44.50
N MET F 467 -4.29 -6.77 43.33
CA MET F 467 -3.39 -7.11 42.26
C MET F 467 -2.38 -5.99 42.03
N HIS F 468 -1.16 -6.35 41.67
CA HIS F 468 -0.08 -5.42 41.36
C HIS F 468 0.90 -6.10 40.41
N VAL F 469 1.64 -5.32 39.65
CA VAL F 469 2.61 -5.90 38.72
C VAL F 469 3.74 -6.59 39.46
N SER F 470 3.97 -6.31 40.71
CA SER F 470 4.80 -7.18 41.47
C SER F 470 4.15 -7.47 42.81
N GLY F 471 4.44 -8.61 43.35
CA GLY F 471 3.92 -9.03 44.63
C GLY F 471 4.30 -10.48 44.87
N GLN F 472 4.10 -10.92 46.09
CA GLN F 472 4.57 -12.21 46.54
C GLN F 472 3.52 -13.35 46.44
N VAL F 473 2.38 -13.14 45.84
CA VAL F 473 1.39 -14.17 45.62
C VAL F 473 1.22 -14.31 44.11
N VAL F 474 1.22 -15.52 43.60
CA VAL F 474 1.04 -15.77 42.19
C VAL F 474 -0.05 -16.80 42.03
N GLU F 475 -0.98 -16.51 41.15
CA GLU F 475 -2.11 -17.38 40.89
C GLU F 475 -2.30 -17.53 39.39
N GLN F 476 -2.40 -18.76 38.97
CA GLN F 476 -2.76 -19.15 37.64
C GLN F 476 -3.49 -20.45 37.83
N LEU F 477 -4.54 -20.67 37.08
CA LEU F 477 -5.29 -21.92 37.19
C LEU F 477 -4.55 -23.04 36.45
N SER F 478 -3.51 -23.52 37.11
CA SER F 478 -2.68 -24.64 36.66
C SER F 478 -1.90 -25.09 37.89
N GLU F 479 -2.20 -26.29 38.35
CA GLU F 479 -1.41 -26.93 39.39
C GLU F 479 0.02 -27.20 38.92
N HIS F 480 0.21 -27.50 37.64
CA HIS F 480 1.54 -27.68 37.06
C HIS F 480 2.40 -26.42 37.18
N GLN F 481 1.84 -25.27 36.84
CA GLN F 481 2.53 -23.99 36.98
C GLN F 481 2.87 -23.69 38.44
N MET F 482 1.89 -23.77 39.33
CA MET F 482 2.08 -23.47 40.75
C MET F 482 3.14 -24.38 41.38
N GLU F 483 3.04 -25.68 41.15
CA GLU F 483 4.03 -26.59 41.70
C GLU F 483 5.39 -26.36 41.09
N GLY F 484 5.43 -26.05 39.79
CA GLY F 484 6.68 -25.87 39.10
C GLY F 484 7.39 -24.55 39.39
N PHE F 485 6.64 -23.43 39.44
CA PHE F 485 7.14 -22.17 39.97
C PHE F 485 7.74 -22.35 41.35
N LEU F 486 7.01 -22.95 42.27
CA LEU F 486 7.48 -23.07 43.63
C LEU F 486 8.74 -23.93 43.70
N GLU F 487 8.75 -25.06 43.02
CA GLU F 487 9.91 -25.94 42.98
C GLU F 487 11.19 -25.24 42.56
N ALA F 488 11.13 -24.35 41.59
CA ALA F 488 12.33 -23.64 41.21
C ALA F 488 12.66 -22.47 42.13
N TYR F 489 11.68 -21.84 42.76
CA TYR F 489 11.90 -20.84 43.78
C TYR F 489 12.67 -21.43 44.97
N LEU F 490 12.37 -22.66 45.30
CA LEU F 490 13.08 -23.39 46.34
C LEU F 490 14.45 -23.81 45.87
N LEU F 491 14.59 -24.32 44.65
CA LEU F 491 15.88 -24.77 44.19
C LEU F 491 16.86 -23.63 43.99
N THR F 492 16.38 -22.40 43.91
CA THR F 492 17.24 -21.24 43.81
C THR F 492 17.37 -20.52 45.15
N GLY F 493 16.99 -21.15 46.23
CA GLY F 493 17.34 -20.69 47.55
C GLY F 493 16.30 -19.96 48.31
N ARG F 494 15.09 -19.81 47.81
CA ARG F 494 14.06 -19.07 48.50
C ARG F 494 13.05 -20.04 49.15
N HIS F 495 11.90 -19.54 49.57
CA HIS F 495 10.98 -20.28 50.42
C HIS F 495 9.56 -20.04 49.97
N GLY F 496 8.65 -20.93 50.34
CA GLY F 496 7.26 -20.61 50.16
C GLY F 496 6.28 -21.71 50.48
N ILE F 497 5.11 -21.60 49.89
CA ILE F 497 4.01 -22.49 50.18
C ILE F 497 3.06 -22.41 49.01
N TRP F 498 2.49 -23.53 48.65
CA TRP F 498 1.32 -23.40 47.83
C TRP F 498 0.17 -24.13 48.46
N SER F 499 -1.02 -23.84 48.03
CA SER F 499 -2.19 -24.49 48.56
C SER F 499 -3.04 -24.96 47.40
N SER F 500 -3.86 -25.93 47.67
CA SER F 500 -4.63 -26.63 46.67
C SER F 500 -5.81 -27.29 47.34
N TYR F 501 -6.87 -27.46 46.60
CA TYR F 501 -7.88 -28.41 46.98
C TYR F 501 -7.28 -29.78 46.88
N GLU F 502 -7.67 -30.60 47.83
CA GLU F 502 -7.12 -31.92 48.05
C GLU F 502 -7.19 -32.77 46.79
N SER F 503 -8.37 -32.92 46.20
CA SER F 503 -8.56 -33.79 45.05
C SER F 503 -7.78 -33.36 43.82
N PHE F 504 -7.42 -32.11 43.70
CA PHE F 504 -6.62 -31.67 42.57
C PHE F 504 -5.13 -31.73 42.82
N VAL F 505 -4.67 -32.10 44.00
CA VAL F 505 -3.26 -32.42 44.17
C VAL F 505 -2.80 -33.50 43.20
N HIS F 506 -3.69 -34.43 42.87
CA HIS F 506 -3.40 -35.54 41.98
C HIS F 506 -2.95 -35.12 40.60
N VAL F 507 -3.40 -33.95 40.13
CA VAL F 507 -2.90 -33.30 38.95
C VAL F 507 -1.38 -33.24 38.90
N ILE F 508 -0.72 -33.03 40.01
CA ILE F 508 0.73 -32.92 39.97
C ILE F 508 1.44 -34.06 40.71
N ASP F 509 0.78 -35.20 40.89
CA ASP F 509 1.41 -36.38 41.49
C ASP F 509 2.76 -36.70 40.87
N SER F 510 2.85 -36.63 39.56
CA SER F 510 4.09 -36.93 38.89
C SER F 510 5.14 -35.83 39.07
N MET F 511 4.75 -34.58 39.27
CA MET F 511 5.71 -33.53 39.65
C MET F 511 6.20 -33.74 41.08
N LEU F 512 5.32 -34.07 42.00
CA LEU F 512 5.74 -34.44 43.34
C LEU F 512 6.69 -35.63 43.34
N ASN F 513 6.46 -36.60 42.47
CA ASN F 513 7.34 -37.76 42.36
C ASN F 513 8.73 -37.33 41.91
N GLN F 514 8.80 -36.48 40.89
CA GLN F 514 10.07 -36.03 40.37
C GLN F 514 10.81 -35.13 41.36
N HIS F 515 10.10 -34.33 42.12
CA HIS F 515 10.77 -33.55 43.15
C HIS F 515 11.30 -34.44 44.27
N ALA F 516 10.58 -35.51 44.58
CA ALA F 516 10.99 -36.43 45.62
C ALA F 516 12.18 -37.28 45.19
N LYS F 517 12.28 -37.59 43.92
CA LYS F 517 13.45 -38.32 43.44
C LYS F 517 14.67 -37.44 43.39
N TRP F 518 14.50 -36.17 43.03
CA TRP F 518 15.55 -35.16 43.20
C TRP F 518 16.06 -35.15 44.64
N LEU F 519 15.14 -35.00 45.58
CA LEU F 519 15.50 -34.95 47.00
C LEU F 519 16.12 -36.24 47.51
N GLU F 520 15.57 -37.38 47.11
CA GLU F 520 16.09 -38.69 47.54
C GLU F 520 17.52 -38.88 47.06
N ALA F 521 17.78 -38.60 45.80
CA ALA F 521 19.13 -38.69 45.29
C ALA F 521 20.08 -37.68 45.95
N THR F 522 19.58 -36.51 46.31
CA THR F 522 20.42 -35.49 46.93
C THR F 522 20.84 -35.88 48.35
N VAL F 523 19.92 -36.35 49.16
CA VAL F 523 20.24 -36.68 50.54
C VAL F 523 20.96 -38.01 50.66
N ARG F 524 20.80 -38.92 49.72
CA ARG F 524 21.55 -40.16 49.73
C ARG F 524 22.99 -39.96 49.32
N GLU F 525 23.27 -39.22 48.26
CA GLU F 525 24.60 -39.27 47.69
C GLU F 525 25.19 -37.98 47.16
N ILE F 526 24.56 -36.84 47.34
CA ILE F 526 25.13 -35.65 46.72
C ILE F 526 25.36 -34.63 47.82
N PRO F 527 26.40 -34.78 48.64
CA PRO F 527 26.62 -33.84 49.76
C PRO F 527 27.03 -32.44 49.35
N TRP F 528 27.68 -32.24 48.22
CA TRP F 528 27.98 -30.90 47.74
C TRP F 528 26.74 -30.10 47.36
N ARG F 529 25.57 -30.69 47.26
CA ARG F 529 24.34 -30.00 46.91
C ARG F 529 23.64 -29.67 48.23
N LYS F 530 23.67 -28.42 48.61
CA LYS F 530 23.25 -27.99 49.93
C LYS F 530 21.73 -28.09 50.11
N PRO F 531 21.23 -28.21 51.34
CA PRO F 531 19.78 -28.34 51.55
C PRO F 531 18.97 -27.13 51.11
N ILE F 532 17.93 -27.38 50.39
CA ILE F 532 17.01 -26.38 49.94
C ILE F 532 15.84 -26.39 50.90
N ALA F 533 15.09 -25.31 50.92
CA ALA F 533 13.85 -25.21 51.67
C ALA F 533 12.80 -26.21 51.18
N SER F 534 11.94 -26.60 52.05
CA SER F 534 10.99 -27.64 51.76
C SER F 534 9.87 -27.17 50.85
N MET F 535 9.30 -28.12 50.16
CA MET F 535 8.13 -27.93 49.32
C MET F 535 6.91 -28.10 50.21
N ASN F 536 6.27 -27.01 50.55
CA ASN F 536 5.19 -27.00 51.53
C ASN F 536 3.84 -26.88 50.83
N LEU F 537 2.98 -27.83 51.06
CA LEU F 537 1.70 -27.86 50.38
C LEU F 537 0.56 -27.89 51.38
N LEU F 538 -0.19 -26.82 51.43
CA LEU F 538 -1.44 -26.79 52.16
C LEU F 538 -2.54 -27.53 51.39
N VAL F 539 -2.98 -28.64 51.91
CA VAL F 539 -4.01 -29.45 51.30
C VAL F 539 -5.29 -29.08 52.03
N SER F 540 -6.11 -28.27 51.41
CA SER F 540 -7.33 -27.91 52.09
C SER F 540 -8.52 -28.23 51.23
N SER F 541 -9.70 -27.78 51.66
CA SER F 541 -11.01 -28.16 51.13
C SER F 541 -11.11 -29.65 50.87
N HIS F 542 -10.93 -30.43 51.90
CA HIS F 542 -10.66 -31.84 51.74
C HIS F 542 -11.95 -32.65 51.53
N VAL F 543 -11.83 -33.97 51.56
CA VAL F 543 -12.90 -34.86 51.10
C VAL F 543 -14.16 -34.73 51.96
N TRP F 544 -14.02 -34.52 53.27
CA TRP F 544 -15.17 -34.50 54.13
C TRP F 544 -16.01 -33.24 53.98
N ARG F 545 -15.46 -32.17 53.46
CA ARG F 545 -16.19 -30.92 53.37
C ARG F 545 -16.25 -30.49 51.92
N GLN F 546 -16.39 -31.45 51.02
N GLN F 546 -16.34 -31.51 51.08
CA GLN F 546 -16.52 -31.10 49.60
CA GLN F 546 -16.58 -31.47 49.65
C GLN F 546 -17.97 -30.77 49.34
C GLN F 546 -17.95 -32.02 49.31
N ASP F 547 -18.25 -29.45 49.49
N ASP F 547 -18.86 -31.91 50.26
CA ASP F 547 -19.51 -28.75 49.74
CA ASP F 547 -20.27 -32.19 50.05
C ASP F 547 -20.29 -28.29 48.52
C ASP F 547 -21.00 -31.06 49.31
N HIS F 548 -19.70 -27.39 47.75
N HIS F 548 -20.32 -30.03 48.77
CA HIS F 548 -20.31 -27.03 46.49
CA HIS F 548 -20.97 -29.07 47.87
C HIS F 548 -20.10 -28.07 45.41
C HIS F 548 -20.58 -29.28 46.40
N ASN F 549 -19.45 -29.30 45.73
N ASN F 549 -19.32 -29.56 46.09
CA ASN F 549 -18.92 -30.06 44.60
CA ASN F 549 -18.95 -30.06 44.78
C ASN F 549 -19.28 -31.55 44.55
C ASN F 549 -19.25 -31.52 44.60
N GLY F 550 -19.32 -32.26 45.65
CA GLY F 550 -19.80 -33.62 45.49
C GLY F 550 -18.75 -34.59 44.96
N PHE F 551 -19.26 -35.72 44.50
CA PHE F 551 -18.60 -37.02 44.44
C PHE F 551 -17.33 -37.03 43.64
N SER F 552 -17.32 -36.33 42.53
CA SER F 552 -16.15 -36.41 41.70
C SER F 552 -15.07 -35.43 42.12
N HIS F 553 -15.25 -34.69 43.19
CA HIS F 553 -14.22 -33.88 43.81
C HIS F 553 -13.71 -34.49 45.10
N GLN F 554 -14.09 -35.69 45.39
CA GLN F 554 -13.76 -36.36 46.63
C GLN F 554 -12.64 -37.36 46.38
N ASP F 555 -11.39 -36.93 46.54
CA ASP F 555 -10.27 -37.88 46.43
C ASP F 555 -9.18 -37.46 47.36
N PRO F 556 -9.10 -38.07 48.53
CA PRO F 556 -8.01 -37.79 49.47
C PRO F 556 -6.71 -38.52 49.15
N GLY F 557 -6.54 -39.08 47.97
CA GLY F 557 -5.48 -40.00 47.70
C GLY F 557 -4.07 -39.48 47.55
N VAL F 558 -3.82 -38.21 47.85
CA VAL F 558 -2.48 -37.67 47.90
C VAL F 558 -1.60 -38.44 48.89
N THR F 559 -2.18 -38.83 50.03
CA THR F 559 -1.46 -39.56 51.06
C THR F 559 -0.88 -40.87 50.58
N SER F 560 -1.59 -41.64 49.75
CA SER F 560 -1.06 -42.90 49.24
C SER F 560 0.13 -42.69 48.31
N VAL F 561 0.08 -41.65 47.48
CA VAL F 561 1.18 -41.28 46.62
C VAL F 561 2.42 -40.94 47.44
N LEU F 562 2.26 -40.09 48.44
CA LEU F 562 3.43 -39.66 49.18
C LEU F 562 4.00 -40.75 50.08
N LEU F 563 3.24 -41.77 50.42
CA LEU F 563 3.76 -42.89 51.17
C LEU F 563 4.71 -43.77 50.37
N ASN F 564 4.64 -43.75 49.06
CA ASN F 564 5.60 -44.44 48.21
C ASN F 564 6.95 -43.75 48.11
N LYS F 565 7.17 -42.61 48.72
CA LYS F 565 8.48 -42.00 48.71
C LYS F 565 9.09 -41.98 50.10
N CYS F 566 8.75 -42.92 50.95
CA CYS F 566 9.24 -42.94 52.33
C CYS F 566 10.04 -44.21 52.59
N PHE F 567 11.29 -44.21 52.17
CA PHE F 567 12.17 -45.36 52.32
C PHE F 567 13.57 -44.92 52.72
N HIS F 568 14.35 -45.90 53.21
N HIS F 568 14.29 -45.90 53.27
CA HIS F 568 15.80 -45.82 53.35
CA HIS F 568 15.73 -45.90 53.48
C HIS F 568 16.23 -44.72 54.32
C HIS F 568 16.20 -44.74 54.32
N ASN F 569 15.34 -44.33 55.25
CA ASN F 569 15.50 -43.17 56.11
C ASN F 569 15.86 -41.88 55.39
N ASP F 570 15.34 -41.67 54.19
CA ASP F 570 15.56 -40.42 53.49
C ASP F 570 14.94 -39.25 54.22
N HIS F 571 13.75 -39.44 54.79
CA HIS F 571 12.93 -38.42 55.43
C HIS F 571 12.74 -37.20 54.54
N VAL F 572 12.32 -37.43 53.32
CA VAL F 572 12.00 -36.35 52.41
C VAL F 572 10.51 -36.07 52.32
N ILE F 573 9.68 -36.77 53.07
CA ILE F 573 8.22 -36.63 53.05
C ILE F 573 7.71 -36.32 54.44
N GLY F 574 6.88 -35.31 54.56
CA GLY F 574 6.12 -35.12 55.77
C GLY F 574 4.66 -35.14 55.44
N ILE F 575 3.86 -35.90 56.16
CA ILE F 575 2.43 -36.01 55.97
C ILE F 575 1.80 -35.64 57.31
N TYR F 576 1.09 -34.53 57.36
CA TYR F 576 0.61 -33.98 58.62
C TYR F 576 -0.86 -33.68 58.55
N PHE F 577 -1.56 -34.14 59.56
CA PHE F 577 -2.97 -33.90 59.72
C PHE F 577 -3.13 -32.82 60.76
N ALA F 578 -3.59 -31.66 60.33
CA ALA F 578 -3.80 -30.58 61.25
C ALA F 578 -5.11 -30.83 61.99
N THR F 579 -5.00 -31.19 63.26
CA THR F 579 -6.15 -31.46 64.11
C THR F 579 -7.01 -30.23 64.35
N ASP F 580 -6.42 -29.06 64.42
CA ASP F 580 -7.08 -27.79 64.71
C ASP F 580 -6.08 -26.69 64.37
N ALA F 581 -6.44 -25.46 64.67
CA ALA F 581 -5.60 -24.31 64.37
C ALA F 581 -4.28 -24.30 65.13
N ASN F 582 -4.27 -24.76 66.39
CA ASN F 582 -3.01 -24.79 67.14
C ASN F 582 -2.07 -25.88 66.67
N MET F 583 -2.59 -27.01 66.22
CA MET F 583 -1.76 -28.03 65.60
C MET F 583 -1.27 -27.57 64.24
N LEU F 584 -2.10 -26.85 63.50
CA LEU F 584 -1.68 -26.28 62.23
C LEU F 584 -0.50 -25.33 62.38
N LEU F 585 -0.53 -24.51 63.42
CA LEU F 585 0.61 -23.64 63.73
C LEU F 585 1.87 -24.44 64.00
N ALA F 586 1.78 -25.43 64.87
CA ALA F 586 2.94 -26.25 65.18
C ALA F 586 3.48 -26.95 63.93
N ILE F 587 2.60 -27.46 63.07
CA ILE F 587 3.02 -28.13 61.86
C ILE F 587 3.71 -27.14 60.95
N ALA F 588 3.12 -25.96 60.79
CA ALA F 588 3.56 -24.96 59.84
C ALA F 588 4.92 -24.44 60.18
N GLU F 589 5.17 -24.19 61.46
CA GLU F 589 6.47 -23.80 61.93
C GLU F 589 7.54 -24.88 61.68
N LYS F 590 7.23 -26.15 61.95
CA LYS F 590 8.13 -27.24 61.62
C LYS F 590 8.43 -27.33 60.11
N CYS F 591 7.40 -27.25 59.28
CA CYS F 591 7.60 -27.26 57.84
C CYS F 591 8.36 -26.03 57.35
N TYR F 592 8.11 -24.86 57.92
CA TYR F 592 8.81 -23.64 57.51
C TYR F 592 10.27 -23.62 57.94
N LYS F 593 10.62 -24.34 59.00
CA LYS F 593 11.99 -24.58 59.39
C LYS F 593 12.68 -25.76 58.71
N SER F 594 11.96 -26.65 58.05
CA SER F 594 12.55 -27.86 57.52
C SER F 594 13.23 -27.59 56.18
N THR F 595 14.16 -28.44 55.86
CA THR F 595 14.85 -28.42 54.59
C THR F 595 14.72 -29.78 53.91
N ASN F 596 14.87 -29.78 52.59
CA ASN F 596 14.93 -30.98 51.74
C ASN F 596 13.71 -31.89 51.87
N LYS F 597 12.52 -31.34 51.94
CA LYS F 597 11.34 -32.15 52.10
C LYS F 597 10.21 -31.75 51.16
N ILE F 598 9.27 -32.65 51.04
CA ILE F 598 7.94 -32.35 50.58
C ILE F 598 7.02 -32.53 51.78
N ASN F 599 6.41 -31.45 52.21
CA ASN F 599 5.49 -31.42 53.35
C ASN F 599 4.06 -31.23 52.87
N ALA F 600 3.23 -32.22 53.07
CA ALA F 600 1.80 -32.09 52.85
C ALA F 600 1.11 -31.76 54.16
N ILE F 601 0.35 -30.69 54.18
CA ILE F 601 -0.30 -30.25 55.40
C ILE F 601 -1.77 -30.30 55.11
N ILE F 602 -2.43 -31.25 55.68
CA ILE F 602 -3.83 -31.48 55.40
C ILE F 602 -4.59 -30.79 56.52
N ALA F 603 -5.24 -29.70 56.17
CA ALA F 603 -5.91 -28.81 57.09
C ALA F 603 -7.29 -28.49 56.57
N GLY F 604 -8.26 -28.48 57.45
CA GLY F 604 -9.56 -28.04 57.06
C GLY F 604 -9.70 -26.54 57.07
N LYS F 605 -10.53 -26.05 56.20
CA LYS F 605 -10.89 -24.65 56.21
C LYS F 605 -12.34 -24.40 56.65
N GLN F 606 -13.11 -25.41 56.97
CA GLN F 606 -14.45 -25.27 57.50
C GLN F 606 -14.44 -24.93 58.99
N PRO F 607 -15.52 -24.37 59.53
CA PRO F 607 -15.57 -24.11 60.97
C PRO F 607 -15.54 -25.41 61.75
N ALA F 608 -14.68 -25.49 62.74
CA ALA F 608 -14.42 -26.70 63.48
C ALA F 608 -13.95 -26.33 64.88
N ALA F 609 -13.92 -27.29 65.76
CA ALA F 609 -13.47 -27.09 67.12
C ALA F 609 -11.97 -26.93 67.20
N THR F 610 -11.50 -26.31 68.27
CA THR F 610 -10.09 -26.31 68.59
C THR F 610 -9.88 -27.22 69.79
N TRP F 611 -9.02 -28.21 69.62
CA TRP F 611 -8.86 -29.30 70.57
C TRP F 611 -7.70 -29.12 71.53
N LEU F 612 -6.60 -28.56 71.07
CA LEU F 612 -5.33 -28.51 71.78
C LEU F 612 -4.87 -27.08 71.95
N THR F 613 -4.11 -26.85 73.01
CA THR F 613 -3.34 -25.63 73.10
C THR F 613 -2.09 -25.80 72.24
N LEU F 614 -1.38 -24.71 72.05
CA LEU F 614 -0.19 -24.77 71.23
C LEU F 614 0.89 -25.60 71.90
N ASP F 615 1.02 -25.51 73.22
CA ASP F 615 2.00 -26.31 73.93
C ASP F 615 1.64 -27.79 73.92
N GLU F 616 0.36 -28.15 73.93
CA GLU F 616 0.02 -29.55 73.73
C GLU F 616 0.24 -29.99 72.29
N ALA F 617 -0.07 -29.12 71.33
CA ALA F 617 0.12 -29.43 69.91
C ALA F 617 1.57 -29.68 69.59
N ARG F 618 2.47 -28.89 70.16
CA ARG F 618 3.91 -29.11 69.98
C ARG F 618 4.38 -30.40 70.63
N ALA F 619 3.73 -30.87 71.68
CA ALA F 619 4.11 -32.13 72.31
C ALA F 619 3.66 -33.32 71.47
N GLU F 620 2.41 -33.33 71.03
CA GLU F 620 1.92 -34.37 70.13
C GLU F 620 2.71 -34.42 68.84
N LEU F 621 3.08 -33.27 68.29
CA LEU F 621 3.79 -33.21 67.01
C LEU F 621 5.19 -33.78 67.08
N GLU F 622 5.90 -33.60 68.19
CA GLU F 622 7.26 -34.12 68.32
C GLU F 622 7.31 -35.65 68.26
N LYS F 623 6.37 -36.31 68.92
CA LYS F 623 6.27 -37.75 68.77
C LYS F 623 5.52 -38.15 67.52
N GLY F 624 4.48 -37.43 67.17
CA GLY F 624 3.77 -37.70 65.95
C GLY F 624 2.36 -38.13 66.23
N ALA F 625 2.21 -38.96 67.24
CA ALA F 625 0.94 -39.36 67.82
C ALA F 625 1.01 -39.18 69.32
N ALA F 626 -0.16 -39.05 69.95
CA ALA F 626 -0.22 -38.87 71.41
C ALA F 626 -1.56 -39.28 71.95
N ALA F 627 -1.56 -39.86 73.13
CA ALA F 627 -2.78 -40.06 73.89
C ALA F 627 -3.30 -38.74 74.41
N TRP F 628 -4.60 -38.62 74.48
CA TRP F 628 -5.27 -37.44 75.00
C TRP F 628 -5.85 -37.85 76.36
N ASP F 629 -5.05 -37.72 77.41
CA ASP F 629 -5.49 -38.20 78.72
C ASP F 629 -6.63 -37.35 79.25
N TRP F 630 -6.72 -36.10 78.86
CA TRP F 630 -7.86 -35.28 79.23
C TRP F 630 -9.16 -35.79 78.61
N ALA F 631 -9.11 -36.57 77.54
CA ALA F 631 -10.30 -37.09 76.90
C ALA F 631 -10.56 -38.55 77.21
N SER F 632 -9.59 -39.30 77.69
CA SER F 632 -9.82 -40.69 78.02
C SER F 632 -10.60 -40.78 79.31
N THR F 633 -11.40 -41.81 79.43
CA THR F 633 -11.96 -42.22 80.72
C THR F 633 -11.30 -43.48 81.26
N ALA F 634 -10.53 -44.19 80.46
CA ALA F 634 -9.59 -45.14 81.01
C ALA F 634 -8.44 -44.38 81.62
N LYS F 635 -7.90 -44.91 82.69
CA LYS F 635 -6.86 -44.21 83.41
C LYS F 635 -5.51 -44.90 83.33
N ASN F 636 -5.45 -46.07 82.70
CA ASN F 636 -4.24 -46.62 82.12
C ASN F 636 -4.66 -47.62 81.05
N ASN F 637 -3.70 -48.36 80.53
CA ASN F 637 -3.92 -49.20 79.37
C ASN F 637 -4.70 -50.48 79.69
N ASP F 638 -4.67 -50.97 80.92
CA ASP F 638 -5.40 -52.19 81.24
C ASP F 638 -6.85 -51.98 81.55
N GLU F 639 -7.30 -50.78 81.88
CA GLU F 639 -8.74 -50.66 82.05
C GLU F 639 -9.43 -50.09 80.84
N ALA F 640 -8.70 -49.68 79.80
CA ALA F 640 -9.34 -49.35 78.55
C ALA F 640 -10.00 -50.56 77.93
N GLU F 641 -11.21 -50.39 77.49
CA GLU F 641 -11.85 -51.41 76.70
C GLU F 641 -11.65 -51.19 75.23
N VAL F 642 -11.41 -49.96 74.80
CA VAL F 642 -11.31 -49.63 73.40
C VAL F 642 -10.42 -48.40 73.30
N VAL F 643 -9.75 -48.26 72.17
CA VAL F 643 -8.92 -47.11 71.89
C VAL F 643 -9.53 -46.37 70.72
N LEU F 644 -9.88 -45.14 70.93
CA LEU F 644 -10.46 -44.33 69.89
C LEU F 644 -9.38 -43.43 69.31
N ALA F 645 -8.88 -43.78 68.16
CA ALA F 645 -7.83 -43.00 67.51
C ALA F 645 -8.41 -42.24 66.33
N ALA F 646 -7.79 -41.12 65.98
CA ALA F 646 -8.19 -40.32 64.84
C ALA F 646 -6.99 -39.62 64.23
N ALA F 647 -6.99 -39.52 62.91
CA ALA F 647 -6.08 -38.69 62.16
C ALA F 647 -6.88 -37.82 61.21
N GLY F 648 -6.82 -36.51 61.39
CA GLY F 648 -7.52 -35.51 60.64
C GLY F 648 -8.60 -34.82 61.45
N ASP F 649 -8.94 -33.59 61.06
CA ASP F 649 -9.89 -32.77 61.83
C ASP F 649 -11.32 -33.30 61.80
N VAL F 650 -11.82 -33.75 60.66
CA VAL F 650 -13.15 -34.35 60.66
C VAL F 650 -13.16 -35.72 61.33
N PRO F 651 -12.20 -36.64 61.13
CA PRO F 651 -12.17 -37.83 62.00
C PRO F 651 -12.04 -37.54 63.47
N THR F 652 -11.34 -36.48 63.84
CA THR F 652 -11.19 -36.11 65.24
C THR F 652 -12.52 -35.65 65.81
N GLN F 653 -13.29 -34.89 65.03
CA GLN F 653 -14.58 -34.40 65.47
C GLN F 653 -15.54 -35.55 65.72
N GLU F 654 -15.62 -36.50 64.79
CA GLU F 654 -16.48 -37.66 64.93
C GLU F 654 -16.03 -38.59 66.05
N ILE F 655 -14.75 -38.76 66.27
CA ILE F 655 -14.27 -39.62 67.35
C ILE F 655 -14.51 -38.95 68.70
N MET F 656 -14.38 -37.61 68.78
CA MET F 656 -14.64 -36.92 70.04
C MET F 656 -16.11 -36.90 70.38
N ALA F 657 -16.98 -36.82 69.36
CA ALA F 657 -18.42 -36.94 69.57
C ALA F 657 -18.83 -38.37 69.87
N ALA F 658 -18.09 -39.36 69.41
CA ALA F 658 -18.37 -40.74 69.78
C ALA F 658 -17.92 -41.03 71.19
N SER F 659 -16.80 -40.46 71.63
CA SER F 659 -16.32 -40.64 72.99
C SER F 659 -17.27 -40.05 74.03
N ASP F 660 -18.00 -38.99 73.69
CA ASP F 660 -18.97 -38.42 74.61
C ASP F 660 -20.19 -39.31 74.79
N LYS F 661 -20.65 -39.93 73.70
CA LYS F 661 -21.72 -40.92 73.78
C LYS F 661 -21.27 -42.20 74.43
N LEU F 662 -20.00 -42.56 74.32
CA LEU F 662 -19.50 -43.74 75.00
C LEU F 662 -19.38 -43.48 76.49
N LYS F 663 -18.94 -42.29 76.86
CA LYS F 663 -18.82 -41.87 78.25
C LYS F 663 -20.17 -41.89 78.96
N GLU F 664 -21.20 -41.35 78.30
CA GLU F 664 -22.60 -41.43 78.72
C GLU F 664 -23.06 -42.86 78.97
N LEU F 665 -22.51 -43.84 78.25
CA LEU F 665 -22.77 -45.24 78.51
C LEU F 665 -21.87 -45.84 79.57
N GLY F 666 -21.00 -45.06 80.18
CA GLY F 666 -20.12 -45.62 81.16
C GLY F 666 -18.86 -46.30 80.67
N VAL F 667 -18.61 -46.37 79.36
CA VAL F 667 -17.48 -47.13 78.82
C VAL F 667 -16.12 -46.50 79.18
N LYS F 668 -15.15 -47.37 79.49
CA LYS F 668 -13.78 -46.97 79.75
C LYS F 668 -12.99 -47.06 78.45
N PHE F 669 -12.53 -45.93 77.93
CA PHE F 669 -11.83 -45.89 76.66
C PHE F 669 -10.63 -44.98 76.77
N LYS F 670 -9.79 -45.05 75.78
CA LYS F 670 -8.65 -44.17 75.62
C LYS F 670 -8.73 -43.49 74.25
N VAL F 671 -8.44 -42.20 74.21
CA VAL F 671 -8.50 -41.41 72.99
C VAL F 671 -7.07 -41.08 72.52
N VAL F 672 -6.77 -41.32 71.25
CA VAL F 672 -5.47 -41.06 70.63
C VAL F 672 -5.62 -40.12 69.45
N ASN F 673 -4.71 -39.20 69.27
CA ASN F 673 -4.66 -38.40 68.06
C ASN F 673 -3.36 -38.62 67.33
N VAL F 674 -3.44 -38.70 66.03
CA VAL F 674 -2.30 -38.90 65.16
C VAL F 674 -2.16 -37.64 64.31
N ALA F 675 -1.14 -36.86 64.54
CA ALA F 675 -0.88 -35.69 63.73
C ALA F 675 0.07 -35.97 62.58
N ASP F 676 1.01 -36.87 62.72
CA ASP F 676 2.08 -37.13 61.77
C ASP F 676 1.99 -38.60 61.37
N LEU F 677 1.67 -38.85 60.10
CA LEU F 677 1.29 -40.16 59.62
C LEU F 677 2.45 -41.13 59.60
N LEU F 678 3.65 -40.67 59.27
CA LEU F 678 4.82 -41.52 59.25
C LEU F 678 5.33 -41.89 60.63
N SER F 679 4.75 -41.40 61.71
CA SER F 679 5.08 -41.88 63.05
C SER F 679 4.62 -43.31 63.27
N LEU F 680 3.69 -43.79 62.46
CA LEU F 680 3.13 -45.12 62.56
C LEU F 680 3.90 -46.15 61.76
N GLN F 681 4.76 -45.69 60.84
CA GLN F 681 5.63 -46.51 60.02
C GLN F 681 6.49 -47.40 60.88
N SER F 682 6.74 -48.61 60.40
CA SER F 682 7.64 -49.59 61.00
C SER F 682 8.91 -48.96 61.54
N ALA F 683 9.17 -49.20 62.81
CA ALA F 683 10.33 -48.67 63.48
C ALA F 683 11.65 -49.17 62.91
N LYS F 684 11.63 -50.31 62.25
CA LYS F 684 12.78 -50.78 61.50
C LYS F 684 13.00 -49.93 60.26
N GLU F 685 11.92 -49.60 59.56
CA GLU F 685 12.02 -48.86 58.33
C GLU F 685 12.34 -47.39 58.54
N ASN F 686 11.93 -46.80 59.65
CA ASN F 686 11.90 -45.36 59.85
C ASN F 686 12.42 -45.08 61.26
N ASP F 687 13.60 -44.51 61.41
CA ASP F 687 14.13 -44.25 62.75
C ASP F 687 13.61 -42.95 63.38
N GLU F 688 12.76 -42.20 62.70
CA GLU F 688 11.99 -41.15 63.35
C GLU F 688 10.62 -41.62 63.82
N ALA F 689 10.15 -42.76 63.39
CA ALA F 689 8.83 -43.20 63.79
C ALA F 689 8.84 -43.72 65.22
N LEU F 690 7.66 -43.76 65.82
CA LEU F 690 7.45 -44.34 67.16
C LEU F 690 8.12 -45.69 67.32
N THR F 691 8.89 -45.87 68.39
CA THR F 691 9.41 -47.18 68.73
C THR F 691 8.23 -48.12 68.99
N ASP F 692 8.49 -49.42 68.98
CA ASP F 692 7.41 -50.38 69.19
C ASP F 692 6.88 -50.31 70.62
N GLU F 693 7.71 -49.91 71.56
CA GLU F 693 7.30 -49.72 72.94
C GLU F 693 6.50 -48.43 73.12
N GLU F 694 6.92 -47.34 72.51
CA GLU F 694 6.12 -46.12 72.43
C GLU F 694 4.81 -46.34 71.70
N PHE F 695 4.81 -47.20 70.68
CA PHE F 695 3.58 -47.46 69.94
C PHE F 695 2.60 -48.25 70.79
N ALA F 696 3.08 -49.21 71.54
CA ALA F 696 2.20 -49.99 72.36
C ALA F 696 1.81 -49.30 73.66
N ASP F 697 2.48 -48.24 74.05
CA ASP F 697 1.94 -47.48 75.16
C ASP F 697 0.77 -46.65 74.71
N ILE F 698 0.88 -46.06 73.52
CA ILE F 698 -0.17 -45.23 72.98
C ILE F 698 -1.37 -46.09 72.60
N PHE F 699 -1.16 -47.13 71.83
CA PHE F 699 -2.28 -47.82 71.22
C PHE F 699 -2.84 -48.98 72.01
N THR F 700 -2.04 -49.94 72.45
CA THR F 700 -2.10 -50.71 73.71
C THR F 700 -1.34 -51.95 73.26
N ALA F 701 -1.14 -52.92 74.12
CA ALA F 701 -0.71 -54.19 73.58
C ALA F 701 -1.85 -55.02 73.00
N ASP F 702 -3.06 -54.87 73.53
CA ASP F 702 -4.13 -55.80 73.14
C ASP F 702 -5.56 -55.25 73.08
N LYS F 703 -5.77 -54.08 73.14
CA LYS F 703 -7.16 -53.63 73.11
C LYS F 703 -7.61 -53.33 71.68
N PRO F 704 -8.89 -53.50 71.39
CA PRO F 704 -9.43 -53.03 70.12
C PRO F 704 -9.22 -51.54 69.87
N VAL F 705 -8.57 -51.21 68.76
CA VAL F 705 -8.40 -49.81 68.36
C VAL F 705 -9.38 -49.50 67.26
N LEU F 706 -10.26 -48.58 67.48
CA LEU F 706 -11.05 -47.98 66.43
C LEU F 706 -10.33 -46.74 65.94
N PHE F 707 -10.06 -46.67 64.65
CA PHE F 707 -9.19 -45.69 64.04
C PHE F 707 -9.97 -44.98 62.92
N ALA F 708 -10.36 -43.76 63.13
CA ALA F 708 -10.98 -42.97 62.08
C ALA F 708 -9.89 -42.21 61.35
N TYR F 709 -9.73 -42.47 60.08
CA TYR F 709 -8.64 -41.93 59.27
C TYR F 709 -9.19 -41.04 58.18
N HIS F 710 -8.50 -39.95 57.89
CA HIS F 710 -8.96 -38.96 56.92
C HIS F 710 -9.01 -39.52 55.48
N SER F 711 -8.11 -40.42 55.10
CA SER F 711 -7.93 -40.79 53.70
C SER F 711 -8.27 -42.26 53.61
N TYR F 712 -7.81 -42.99 52.63
CA TYR F 712 -8.11 -44.41 52.49
C TYR F 712 -7.50 -45.25 53.62
N ALA F 713 -8.34 -46.02 54.29
CA ALA F 713 -7.94 -46.99 55.31
C ALA F 713 -6.78 -47.89 54.89
N HIS F 714 -6.69 -48.21 53.62
CA HIS F 714 -5.56 -48.94 53.06
C HIS F 714 -4.19 -48.32 53.36
N ASP F 715 -4.08 -46.98 53.38
CA ASP F 715 -2.83 -46.31 53.80
C ASP F 715 -2.38 -46.75 55.18
N VAL F 716 -3.30 -46.78 56.13
CA VAL F 716 -2.95 -47.10 57.50
C VAL F 716 -2.69 -48.58 57.67
N ARG F 717 -3.53 -49.43 57.08
CA ARG F 717 -3.39 -50.88 57.20
C ARG F 717 -2.05 -51.33 56.66
N GLY F 718 -1.60 -50.71 55.58
CA GLY F 718 -0.30 -51.00 55.02
C GLY F 718 0.87 -50.55 55.87
N LEU F 719 0.74 -49.44 56.56
CA LEU F 719 1.79 -48.87 57.38
C LEU F 719 2.01 -49.62 58.69
N ILE F 720 0.95 -50.14 59.31
CA ILE F 720 1.07 -50.73 60.63
C ILE F 720 1.21 -52.25 60.58
N TYR F 721 1.64 -52.81 59.44
CA TYR F 721 1.53 -54.26 59.18
C TYR F 721 2.35 -55.09 60.14
N ASP F 722 3.42 -54.53 60.69
CA ASP F 722 4.25 -55.19 61.68
C ASP F 722 4.27 -54.46 63.02
N ARG F 723 3.30 -53.65 63.31
CA ARG F 723 3.23 -52.99 64.59
C ARG F 723 2.57 -53.90 65.62
N PRO F 724 2.90 -53.73 66.91
CA PRO F 724 2.17 -54.45 67.97
C PRO F 724 0.69 -54.13 67.96
N ASN F 725 -0.12 -55.15 68.21
CA ASN F 725 -1.57 -55.04 68.29
C ASN F 725 -2.21 -54.61 66.96
N HIS F 726 -1.60 -54.89 65.82
CA HIS F 726 -2.14 -54.33 64.58
C HIS F 726 -3.35 -55.09 64.06
N ASP F 727 -3.47 -56.37 64.41
CA ASP F 727 -4.66 -57.15 64.12
C ASP F 727 -5.89 -56.66 64.86
N ASN F 728 -5.74 -55.80 65.86
CA ASN F 728 -6.89 -55.28 66.54
C ASN F 728 -7.33 -53.94 66.03
N PHE F 729 -6.58 -53.33 65.13
CA PHE F 729 -7.01 -52.09 64.53
C PHE F 729 -8.22 -52.32 63.65
N ASN F 730 -9.09 -51.33 63.63
CA ASN F 730 -10.27 -51.30 62.79
C ASN F 730 -10.31 -49.92 62.14
N VAL F 731 -9.74 -49.80 60.96
CA VAL F 731 -9.53 -48.50 60.36
C VAL F 731 -10.77 -48.12 59.58
N HIS F 732 -11.25 -46.91 59.76
CA HIS F 732 -12.33 -46.36 58.94
C HIS F 732 -11.76 -45.16 58.20
N GLY F 733 -11.81 -45.19 56.90
CA GLY F 733 -11.49 -44.04 56.11
C GLY F 733 -12.51 -43.61 55.09
N TYR F 734 -12.12 -42.76 54.16
CA TYR F 734 -12.88 -42.56 52.94
C TYR F 734 -13.04 -43.88 52.19
N GLU F 735 -14.25 -44.18 51.80
CA GLU F 735 -14.47 -45.42 51.06
C GLU F 735 -15.20 -45.17 49.77
N GLU F 736 -14.88 -44.09 49.07
CA GLU F 736 -15.46 -43.79 47.75
C GLU F 736 -16.97 -43.62 47.79
N GLU F 737 -17.53 -43.13 48.87
CA GLU F 737 -18.94 -42.81 48.88
C GLU F 737 -19.09 -41.32 49.09
N GLY F 738 -20.13 -40.78 48.50
CA GLY F 738 -20.46 -39.38 48.67
C GLY F 738 -21.24 -38.89 47.49
N SER F 739 -21.68 -37.67 47.60
CA SER F 739 -22.53 -37.00 46.61
C SER F 739 -22.49 -35.54 47.02
N THR F 740 -23.24 -34.69 46.36
CA THR F 740 -23.42 -33.35 46.89
C THR F 740 -24.47 -33.45 47.99
N THR F 741 -24.11 -33.12 49.23
CA THR F 741 -24.99 -33.49 50.34
C THR F 741 -24.62 -32.65 51.57
N THR F 742 -25.06 -33.02 52.69
CA THR F 742 -24.72 -32.31 53.92
C THR F 742 -23.43 -32.88 54.50
N PRO F 743 -22.76 -32.18 55.41
CA PRO F 743 -21.56 -32.75 56.04
C PRO F 743 -21.78 -34.04 56.81
N TYR F 744 -22.92 -34.17 57.50
CA TYR F 744 -23.21 -35.41 58.21
C TYR F 744 -23.35 -36.55 57.23
N ASP F 745 -24.06 -36.34 56.14
CA ASP F 745 -24.22 -37.39 55.18
C ASP F 745 -22.92 -37.86 54.55
N MET F 746 -21.91 -37.00 54.42
CA MET F 746 -20.58 -37.41 53.97
C MET F 746 -19.91 -38.37 54.95
N VAL F 747 -19.98 -38.09 56.24
CA VAL F 747 -19.36 -38.99 57.17
C VAL F 747 -20.18 -40.26 57.35
N ARG F 748 -21.50 -40.19 57.18
CA ARG F 748 -22.38 -41.33 57.36
C ARG F 748 -22.16 -42.39 56.28
N VAL F 749 -22.08 -41.98 55.02
CA VAL F 749 -21.98 -42.95 53.94
C VAL F 749 -20.60 -43.58 53.88
N ASN F 750 -19.61 -43.02 54.53
CA ASN F 750 -18.29 -43.57 54.59
C ASN F 750 -18.02 -44.26 55.92
N ARG F 751 -19.03 -44.38 56.78
CA ARG F 751 -19.01 -45.18 58.02
C ARG F 751 -18.01 -44.64 59.01
N ILE F 752 -17.98 -43.32 59.13
CA ILE F 752 -17.07 -42.62 60.00
C ILE F 752 -17.78 -41.57 60.84
N ASP F 753 -19.09 -41.40 60.68
CA ASP F 753 -19.90 -40.56 61.54
C ASP F 753 -19.88 -41.05 62.97
N ARG F 754 -20.16 -40.12 63.88
CA ARG F 754 -20.13 -40.36 65.32
C ARG F 754 -21.04 -41.49 65.77
N TYR F 755 -22.15 -41.76 65.09
CA TYR F 755 -23.07 -42.78 65.56
C TYR F 755 -22.59 -44.14 65.14
N GLU F 756 -22.08 -44.26 63.93
CA GLU F 756 -21.49 -45.50 63.48
C GLU F 756 -20.24 -45.86 64.27
N LEU F 757 -19.40 -44.87 64.54
CA LEU F 757 -18.20 -45.05 65.34
C LEU F 757 -18.53 -45.44 66.78
N THR F 758 -19.56 -44.83 67.37
CA THR F 758 -20.04 -45.27 68.67
C THR F 758 -20.49 -46.72 68.64
N ALA F 759 -21.22 -47.08 67.60
CA ALA F 759 -21.73 -48.44 67.43
C ALA F 759 -20.62 -49.43 67.18
N GLU F 760 -19.61 -49.07 66.37
CA GLU F 760 -18.47 -49.96 66.14
C GLU F 760 -17.67 -50.20 67.41
N ALA F 761 -17.49 -49.16 68.23
CA ALA F 761 -16.84 -49.37 69.53
C ALA F 761 -17.59 -50.34 70.41
N LEU F 762 -18.92 -50.29 70.43
CA LEU F 762 -19.69 -51.21 71.26
C LEU F 762 -19.66 -52.62 70.70
N ARG F 763 -19.59 -52.79 69.39
CA ARG F 763 -19.46 -54.12 68.82
C ARG F 763 -18.10 -54.72 69.12
N MET F 764 -17.07 -53.90 69.16
CA MET F 764 -15.73 -54.33 69.52
C MET F 764 -15.62 -54.68 71.00
N ILE F 765 -16.38 -54.03 71.87
CA ILE F 765 -16.27 -54.29 73.30
C ILE F 765 -17.10 -55.51 73.67
N ASP F 766 -18.40 -55.45 73.37
CA ASP F 766 -19.33 -56.55 73.59
C ASP F 766 -20.55 -56.28 72.71
N ALA F 767 -20.65 -56.95 71.57
CA ALA F 767 -21.71 -56.65 70.61
C ALA F 767 -23.07 -57.14 71.03
N ASP F 768 -23.14 -57.78 72.19
CA ASP F 768 -24.24 -58.57 72.70
C ASP F 768 -24.94 -57.94 73.88
N LYS F 769 -24.18 -57.42 74.86
CA LYS F 769 -24.77 -56.64 75.93
C LYS F 769 -25.17 -55.24 75.47
N TYR F 770 -24.54 -54.71 74.42
CA TYR F 770 -24.89 -53.40 73.91
C TYR F 770 -25.79 -53.50 72.69
N ALA F 771 -26.42 -54.67 72.49
CA ALA F 771 -27.17 -54.93 71.28
C ALA F 771 -28.35 -54.00 71.11
N ASP F 772 -28.99 -53.62 72.22
CA ASP F 772 -30.13 -52.72 72.15
C ASP F 772 -29.66 -51.34 71.72
N LYS F 773 -28.60 -50.83 72.35
CA LYS F 773 -28.10 -49.49 72.09
C LYS F 773 -27.47 -49.39 70.71
N ILE F 774 -26.88 -50.47 70.22
CA ILE F 774 -26.36 -50.51 68.86
C ILE F 774 -27.48 -50.35 67.85
N ASP F 775 -28.56 -51.15 67.97
CA ASP F 775 -29.73 -51.01 67.10
C ASP F 775 -30.35 -49.62 67.20
N GLU F 776 -30.24 -48.98 68.33
CA GLU F 776 -30.70 -47.61 68.49
C GLU F 776 -29.81 -46.60 67.76
N LEU F 777 -28.50 -46.78 67.79
CA LEU F 777 -27.63 -45.85 67.09
C LEU F 777 -27.78 -45.95 65.58
N GLU F 778 -27.91 -47.17 65.05
CA GLU F 778 -28.10 -47.39 63.63
C GLU F 778 -29.41 -46.82 63.12
N LYS F 779 -30.44 -46.83 63.95
CA LYS F 779 -31.71 -46.25 63.53
C LYS F 779 -31.66 -44.75 63.51
N PHE F 780 -30.93 -44.12 64.43
CA PHE F 780 -30.73 -42.68 64.39
C PHE F 780 -29.98 -42.24 63.14
N ARG F 781 -29.05 -43.06 62.65
CA ARG F 781 -28.29 -42.67 61.48
C ARG F 781 -29.18 -42.49 60.28
N ASP F 782 -30.16 -43.37 60.14
CA ASP F 782 -31.14 -43.25 59.09
C ASP F 782 -32.08 -42.09 59.33
N GLU F 783 -32.31 -41.74 60.60
CA GLU F 783 -33.22 -40.69 60.94
C GLU F 783 -32.58 -39.32 60.79
N ALA F 784 -31.33 -39.16 61.21
CA ALA F 784 -30.60 -37.94 60.92
C ALA F 784 -30.37 -37.75 59.42
N PHE F 785 -30.25 -38.82 58.64
CA PHE F 785 -30.26 -38.62 57.19
C PHE F 785 -31.63 -38.19 56.66
N GLN F 786 -32.68 -38.79 57.17
CA GLN F 786 -34.02 -38.39 56.75
C GLN F 786 -34.36 -36.95 57.16
N PHE F 787 -33.80 -36.46 58.25
CA PHE F 787 -33.95 -35.06 58.62
C PHE F 787 -33.33 -34.14 57.59
N ALA F 788 -32.11 -34.44 57.14
CA ALA F 788 -31.44 -33.61 56.15
C ALA F 788 -32.24 -33.54 54.86
N VAL F 789 -32.77 -34.68 54.41
CA VAL F 789 -33.61 -34.71 53.22
C VAL F 789 -34.85 -33.84 53.40
N ASP F 790 -35.52 -33.94 54.54
CA ASP F 790 -36.76 -33.23 54.76
C ASP F 790 -36.54 -31.72 54.91
N ASN F 791 -35.54 -31.32 55.67
CA ASN F 791 -35.43 -29.95 56.12
C ASN F 791 -34.41 -29.15 55.37
N GLY F 792 -33.39 -29.78 54.80
CA GLY F 792 -32.38 -29.07 54.08
C GLY F 792 -31.10 -28.73 54.82
N TYR F 793 -30.83 -29.34 55.96
CA TYR F 793 -29.70 -29.03 56.83
C TYR F 793 -29.66 -30.16 57.83
N ASP F 794 -28.52 -30.32 58.49
CA ASP F 794 -28.30 -31.47 59.34
C ASP F 794 -29.07 -31.38 60.65
N HIS F 795 -29.34 -32.55 61.20
CA HIS F 795 -30.07 -32.72 62.45
C HIS F 795 -29.40 -31.97 63.59
N PRO F 796 -30.17 -31.31 64.46
CA PRO F 796 -29.55 -30.51 65.53
C PRO F 796 -28.71 -31.29 66.51
N ASP F 797 -28.95 -32.59 66.69
CA ASP F 797 -28.03 -33.37 67.51
C ASP F 797 -26.66 -33.44 66.88
N TYR F 798 -26.58 -33.40 65.56
CA TYR F 798 -25.31 -33.32 64.90
C TYR F 798 -24.74 -31.91 64.96
N THR F 799 -25.47 -30.92 64.48
CA THR F 799 -24.89 -29.59 64.26
C THR F 799 -24.63 -28.83 65.56
N ASP F 800 -25.36 -29.10 66.61
CA ASP F 800 -25.25 -28.29 67.81
C ASP F 800 -24.36 -28.92 68.86
N TRP F 801 -23.65 -29.99 68.53
CA TRP F 801 -22.87 -30.72 69.51
C TRP F 801 -21.61 -29.94 69.89
N VAL F 802 -21.37 -29.84 71.17
CA VAL F 802 -20.13 -29.30 71.69
C VAL F 802 -19.59 -30.35 72.64
N TYR F 803 -18.29 -30.52 72.65
CA TYR F 803 -17.66 -31.46 73.54
C TYR F 803 -17.85 -31.07 74.99
N SER F 804 -18.12 -32.07 75.83
CA SER F 804 -18.47 -31.87 77.23
C SER F 804 -17.35 -31.20 78.04
N GLY F 805 -16.11 -31.35 77.61
CA GLY F 805 -14.99 -30.57 78.10
C GLY F 805 -15.13 -29.06 77.97
N VAL F 806 -16.04 -28.55 77.17
CA VAL F 806 -16.20 -27.12 77.00
C VAL F 806 -17.06 -26.57 78.12
N ASN F 807 -16.50 -25.63 78.85
CA ASN F 807 -17.21 -24.84 79.82
C ASN F 807 -17.70 -23.56 79.25
N THR G 2 23.26 15.25 -47.62
CA THR G 2 22.56 14.97 -46.38
C THR G 2 23.42 15.43 -45.20
N SER G 3 22.95 15.20 -43.99
CA SER G 3 23.66 15.65 -42.80
C SER G 3 24.93 14.83 -42.60
N PRO G 4 26.04 15.46 -42.24
CA PRO G 4 27.23 14.68 -41.89
C PRO G 4 27.07 14.02 -40.52
N VAL G 5 27.56 12.79 -40.42
CA VAL G 5 27.80 12.14 -39.14
C VAL G 5 29.07 12.74 -38.53
N ILE G 6 28.95 13.40 -37.40
CA ILE G 6 30.04 14.15 -36.78
C ILE G 6 30.30 13.52 -35.43
N GLY G 7 31.55 13.23 -35.13
CA GLY G 7 31.92 12.82 -33.80
C GLY G 7 31.58 11.37 -33.53
N THR G 8 31.39 11.05 -32.26
CA THR G 8 31.04 9.71 -31.79
C THR G 8 29.71 9.85 -31.08
N PRO G 9 28.60 9.77 -31.78
CA PRO G 9 27.34 10.15 -31.15
C PRO G 9 26.83 9.10 -30.19
N TRP G 10 26.06 9.58 -29.23
CA TRP G 10 25.28 8.79 -28.28
C TRP G 10 26.16 7.85 -27.45
N LYS G 11 27.29 8.34 -26.99
CA LYS G 11 28.19 7.57 -26.14
C LYS G 11 28.07 7.95 -24.69
N LYS G 12 27.89 6.95 -23.85
CA LYS G 12 27.95 7.13 -22.41
C LYS G 12 29.38 7.39 -21.95
N LEU G 13 29.48 8.01 -20.79
CA LEU G 13 30.75 8.37 -20.20
C LEU G 13 31.38 7.22 -19.46
N ASN G 14 30.59 6.48 -18.68
CA ASN G 14 30.97 5.31 -17.88
C ASN G 14 32.03 5.64 -16.81
N ALA G 15 32.03 6.87 -16.32
CA ALA G 15 32.89 7.37 -15.26
C ALA G 15 32.25 8.62 -14.69
N PRO G 16 32.56 8.99 -13.45
CA PRO G 16 32.11 10.29 -12.95
C PRO G 16 32.83 11.40 -13.69
N VAL G 17 32.21 12.56 -13.73
CA VAL G 17 32.87 13.72 -14.30
C VAL G 17 34.09 14.07 -13.44
N SER G 18 35.20 14.35 -14.10
CA SER G 18 36.43 14.58 -13.40
C SER G 18 36.38 15.92 -12.69
N GLU G 19 36.98 15.96 -11.51
CA GLU G 19 37.04 17.18 -10.72
C GLU G 19 37.80 18.29 -11.45
N GLU G 20 38.79 17.94 -12.26
CA GLU G 20 39.49 18.95 -13.05
C GLU G 20 38.56 19.59 -14.08
N ALA G 21 37.78 18.79 -14.82
CA ALA G 21 36.81 19.35 -15.76
C ALA G 21 35.80 20.26 -15.09
N LEU G 22 35.35 19.91 -13.90
CA LEU G 22 34.46 20.78 -13.17
C LEU G 22 35.14 22.07 -12.74
N GLU G 23 36.43 22.00 -12.46
CA GLU G 23 37.18 23.21 -12.16
C GLU G 23 37.33 24.06 -13.41
N GLY G 24 37.47 23.44 -14.57
CA GLY G 24 37.30 24.14 -15.82
C GLY G 24 35.94 24.80 -16.00
N VAL G 25 34.85 24.08 -15.73
CA VAL G 25 33.51 24.65 -15.95
C VAL G 25 33.27 25.85 -15.04
N ASP G 26 33.79 25.81 -13.81
CA ASP G 26 33.59 26.93 -12.91
C ASP G 26 34.34 28.17 -13.34
N LYS G 27 35.54 28.01 -13.86
CA LYS G 27 36.28 29.12 -14.44
C LYS G 27 35.62 29.62 -15.71
N TYR G 28 35.14 28.73 -16.59
CA TYR G 28 34.35 29.14 -17.73
C TYR G 28 33.21 30.07 -17.31
N TRP G 29 32.41 29.69 -16.31
CA TRP G 29 31.27 30.46 -15.90
C TRP G 29 31.69 31.84 -15.40
N ARG G 30 32.74 31.91 -14.57
CA ARG G 30 33.27 33.18 -14.11
C ARG G 30 33.72 34.08 -15.26
N VAL G 31 34.52 33.58 -16.18
CA VAL G 31 35.03 34.38 -17.27
C VAL G 31 33.94 34.70 -18.29
N ALA G 32 33.02 33.77 -18.58
CA ALA G 32 31.95 34.13 -19.45
C ALA G 32 31.06 35.18 -18.81
N ASN G 33 30.87 35.14 -17.50
CA ASN G 33 30.06 36.14 -16.82
C ASN G 33 30.75 37.50 -16.86
N TYR G 34 32.05 37.52 -16.54
CA TYR G 34 32.88 38.70 -16.70
C TYR G 34 32.82 39.26 -18.11
N LEU G 35 32.94 38.42 -19.11
CA LEU G 35 32.95 38.90 -20.49
C LEU G 35 31.58 39.32 -20.95
N SER G 36 30.54 38.75 -20.38
CA SER G 36 29.21 39.23 -20.64
C SER G 36 28.98 40.63 -20.07
N ILE G 37 29.36 40.86 -18.81
CA ILE G 37 29.31 42.19 -18.15
C ILE G 37 30.20 43.21 -18.85
N GLY G 38 31.40 42.82 -19.27
CA GLY G 38 32.29 43.74 -19.95
C GLY G 38 31.71 44.28 -21.24
N GLN G 39 31.02 43.41 -22.00
CA GLN G 39 30.33 43.75 -23.23
C GLN G 39 29.18 44.71 -23.02
N ILE G 40 28.43 44.56 -21.92
CA ILE G 40 27.33 45.45 -21.59
C ILE G 40 27.84 46.80 -21.06
N TYR G 41 28.81 46.81 -20.15
CA TYR G 41 29.12 48.01 -19.39
C TYR G 41 30.36 48.78 -19.86
N LEU G 42 31.36 48.14 -20.41
CA LEU G 42 32.68 48.75 -20.58
C LEU G 42 32.96 49.18 -22.01
N ARG G 43 33.41 50.40 -22.17
CA ARG G 43 33.93 50.85 -23.45
C ARG G 43 35.44 50.86 -23.49
N SER G 44 36.10 50.89 -22.36
CA SER G 44 37.56 50.85 -22.27
C SER G 44 37.96 50.06 -21.06
N ASN G 45 39.27 49.84 -20.98
CA ASN G 45 39.96 49.28 -19.81
C ASN G 45 39.37 47.95 -19.34
N PRO G 46 39.40 46.91 -20.19
CA PRO G 46 38.61 45.70 -19.92
C PRO G 46 39.00 44.95 -18.67
N LEU G 47 40.27 44.99 -18.33
CA LEU G 47 40.79 44.27 -17.19
C LEU G 47 40.93 45.14 -15.96
N MET G 48 40.28 46.31 -15.96
CA MET G 48 40.24 47.26 -14.84
C MET G 48 41.63 47.58 -14.28
N LYS G 49 42.58 47.89 -15.16
CA LYS G 49 43.85 48.45 -14.75
C LYS G 49 43.62 49.79 -14.11
N GLU G 50 44.34 50.06 -13.05
CA GLU G 50 44.52 51.37 -12.44
C GLU G 50 44.90 52.42 -13.49
N PRO G 51 44.06 53.47 -13.70
CA PRO G 51 42.79 53.63 -12.98
C PRO G 51 41.56 53.22 -13.79
N PHE G 52 40.74 52.44 -13.13
CA PHE G 52 39.43 52.06 -13.63
C PHE G 52 38.41 53.04 -13.08
N THR G 53 37.94 53.94 -13.93
CA THR G 53 37.00 54.97 -13.50
C THR G 53 35.73 54.93 -14.33
N ARG G 54 34.82 55.84 -14.02
CA ARG G 54 33.54 55.97 -14.68
C ARG G 54 33.66 56.30 -16.15
N GLU G 55 34.76 56.89 -16.60
CA GLU G 55 35.01 57.05 -18.02
C GLU G 55 35.15 55.75 -18.79
N ASP G 56 35.48 54.66 -18.15
CA ASP G 56 35.52 53.39 -18.86
C ASP G 56 34.14 52.79 -19.11
N VAL G 57 33.08 53.38 -18.60
CA VAL G 57 31.75 52.82 -18.69
C VAL G 57 31.09 53.39 -19.94
N LYS G 58 30.36 52.54 -20.66
CA LYS G 58 29.63 52.98 -21.83
C LYS G 58 28.56 54.01 -21.47
N HIS G 59 28.39 54.96 -22.36
CA HIS G 59 27.45 56.04 -22.11
C HIS G 59 26.02 55.58 -22.14
N ARG G 60 25.73 54.53 -22.86
CA ARG G 60 24.40 54.01 -22.92
C ARG G 60 24.45 52.51 -22.74
N LEU G 61 23.72 52.01 -21.78
CA LEU G 61 23.78 50.60 -21.45
C LEU G 61 22.69 49.87 -22.20
N VAL G 62 23.09 48.97 -23.06
CA VAL G 62 22.25 48.17 -23.93
C VAL G 62 22.53 46.71 -23.64
N GLY G 63 21.51 45.90 -23.59
CA GLY G 63 21.69 44.47 -23.46
C GLY G 63 20.97 43.96 -22.24
N HIS G 64 21.13 42.67 -22.02
CA HIS G 64 20.30 41.94 -21.08
C HIS G 64 21.22 41.12 -20.21
N TRP G 65 21.19 41.38 -18.92
CA TRP G 65 21.86 40.55 -17.96
C TRP G 65 21.04 39.35 -17.48
N GLY G 66 19.72 39.43 -17.35
CA GLY G 66 18.97 38.49 -16.50
C GLY G 66 19.09 37.04 -16.90
N THR G 67 18.88 36.75 -18.17
CA THR G 67 19.06 35.40 -18.67
C THR G 67 20.54 34.96 -18.76
N THR G 68 21.48 35.89 -18.84
CA THR G 68 22.86 35.60 -19.24
C THR G 68 23.65 34.69 -18.30
N PRO G 69 23.74 34.91 -16.98
CA PRO G 69 24.55 34.00 -16.19
C PRO G 69 23.99 32.60 -16.16
N GLY G 70 22.69 32.43 -16.28
CA GLY G 70 22.13 31.11 -16.46
C GLY G 70 22.54 30.45 -17.76
N LEU G 71 22.60 31.22 -18.83
CA LEU G 71 23.01 30.68 -20.12
C LEU G 71 24.48 30.32 -20.10
N ASN G 72 25.31 31.14 -19.46
CA ASN G 72 26.75 30.88 -19.31
C ASN G 72 27.03 29.63 -18.50
N PHE G 73 26.18 29.35 -17.50
CA PHE G 73 26.29 28.13 -16.71
C PHE G 73 26.04 26.94 -17.59
N LEU G 74 24.89 26.93 -18.26
CA LEU G 74 24.48 25.86 -19.14
C LEU G 74 25.48 25.62 -20.24
N ILE G 75 25.97 26.69 -20.86
CA ILE G 75 26.91 26.60 -21.98
C ILE G 75 28.25 26.04 -21.54
N GLY G 76 28.76 26.49 -20.39
CA GLY G 76 29.92 25.87 -19.77
C GLY G 76 29.82 24.37 -19.57
N HIS G 77 28.70 23.91 -19.03
CA HIS G 77 28.49 22.48 -18.80
C HIS G 77 28.29 21.73 -20.10
N ILE G 78 27.65 22.35 -21.10
CA ILE G 78 27.46 21.74 -22.40
C ILE G 78 28.78 21.60 -23.13
N ASN G 79 29.66 22.60 -23.08
CA ASN G 79 31.01 22.48 -23.61
C ASN G 79 31.83 21.37 -22.97
N ARG G 80 31.80 21.24 -21.65
CA ARG G 80 32.39 20.10 -20.97
C ARG G 80 31.83 18.78 -21.49
N PHE G 81 30.51 18.65 -21.52
CA PHE G 81 29.84 17.51 -22.12
C PHE G 81 30.35 17.23 -23.52
N ILE G 82 30.53 18.24 -24.36
CA ILE G 82 30.86 17.98 -25.75
C ILE G 82 32.29 17.44 -25.85
N ALA G 83 33.23 18.05 -25.14
CA ALA G 83 34.61 17.60 -25.15
C ALA G 83 34.78 16.20 -24.57
N ASP G 84 34.05 15.85 -23.50
CA ASP G 84 34.10 14.52 -22.91
C ASP G 84 33.46 13.42 -23.78
N HIS G 85 32.43 13.73 -24.56
CA HIS G 85 31.72 12.68 -25.26
C HIS G 85 31.93 12.68 -26.77
N GLY G 86 32.59 13.70 -27.32
CA GLY G 86 32.58 13.91 -28.75
C GLY G 86 31.22 13.95 -29.42
N GLN G 87 30.24 14.58 -28.80
CA GLN G 87 28.90 14.68 -29.37
C GLN G 87 28.74 15.87 -30.33
N ASN G 88 28.25 15.60 -31.52
CA ASN G 88 27.73 16.58 -32.47
C ASN G 88 26.56 17.36 -31.85
N THR G 89 26.73 18.65 -31.65
CA THR G 89 25.82 19.42 -30.78
C THR G 89 25.59 20.79 -31.40
N VAL G 90 24.34 21.20 -31.50
CA VAL G 90 23.95 22.58 -31.79
C VAL G 90 23.05 23.09 -30.66
N ILE G 91 23.31 24.28 -30.18
CA ILE G 91 22.46 24.87 -29.14
C ILE G 91 21.44 25.79 -29.79
N ILE G 92 20.21 25.69 -29.35
CA ILE G 92 19.19 26.68 -29.65
C ILE G 92 19.08 27.59 -28.41
N MET G 93 19.44 28.84 -28.55
CA MET G 93 19.37 29.83 -27.49
C MET G 93 18.05 30.58 -27.65
N GLY G 94 17.01 30.01 -27.11
CA GLY G 94 15.68 30.56 -27.03
C GLY G 94 15.59 31.96 -26.49
N PRO G 95 16.17 32.24 -25.29
CA PRO G 95 16.25 33.65 -24.83
C PRO G 95 17.38 34.37 -25.55
N GLY G 96 17.09 34.75 -26.79
CA GLY G 96 18.12 35.16 -27.68
C GLY G 96 18.69 36.52 -27.37
N HIS G 97 18.00 37.30 -26.54
CA HIS G 97 18.51 38.49 -25.92
C HIS G 97 19.64 38.22 -24.93
N GLY G 98 19.96 36.98 -24.65
CA GLY G 98 21.19 36.56 -24.03
C GLY G 98 22.39 36.48 -24.95
N GLY G 99 22.42 37.38 -25.92
CA GLY G 99 23.51 37.70 -26.78
C GLY G 99 24.89 37.62 -26.19
N PRO G 100 25.23 38.36 -25.10
CA PRO G 100 26.58 38.27 -24.50
C PRO G 100 27.06 36.88 -24.16
N ALA G 101 26.19 35.93 -23.83
CA ALA G 101 26.57 34.55 -23.62
C ALA G 101 27.04 33.85 -24.90
N GLY G 102 26.35 34.12 -26.00
CA GLY G 102 26.72 33.56 -27.28
C GLY G 102 28.01 34.11 -27.82
N THR G 103 28.22 35.43 -27.72
CA THR G 103 29.46 36.02 -28.15
C THR G 103 30.60 35.64 -27.23
N SER G 104 30.34 35.52 -25.92
CA SER G 104 31.37 35.12 -24.97
C SER G 104 31.82 33.69 -25.25
N GLN G 105 30.87 32.80 -25.57
CA GLN G 105 31.16 31.42 -25.91
C GLN G 105 32.07 31.35 -27.13
N SER G 106 31.71 32.03 -28.19
CA SER G 106 32.49 32.06 -29.40
C SER G 106 33.85 32.70 -29.17
N TYR G 107 33.96 33.67 -28.27
CA TYR G 107 35.27 34.25 -27.94
C TYR G 107 36.14 33.27 -27.19
N LEU G 108 35.58 32.58 -26.21
CA LEU G 108 36.26 31.55 -25.45
C LEU G 108 36.61 30.30 -26.26
N ASP G 109 35.73 29.82 -27.15
CA ASP G 109 36.06 28.64 -27.96
C ASP G 109 37.01 28.96 -29.11
N GLY G 110 37.36 30.20 -29.32
CA GLY G 110 38.31 30.59 -30.30
C GLY G 110 37.74 30.86 -31.67
N THR G 111 36.50 30.51 -31.92
CA THR G 111 35.91 30.74 -33.21
C THR G 111 35.66 32.20 -33.47
N TYR G 112 35.59 33.06 -32.45
CA TYR G 112 35.34 34.47 -32.73
C TYR G 112 36.55 35.12 -33.40
N THR G 113 37.74 34.86 -32.89
CA THR G 113 38.94 35.50 -33.43
C THR G 113 39.27 34.93 -34.79
N GLU G 114 39.04 33.64 -34.97
CA GLU G 114 39.08 32.98 -36.28
C GLU G 114 38.22 33.68 -37.33
N THR G 115 36.98 33.97 -36.99
CA THR G 115 36.00 34.59 -37.87
C THR G 115 36.21 36.09 -37.99
N PHE G 116 36.65 36.74 -36.91
CA PHE G 116 36.74 38.19 -36.83
C PHE G 116 38.15 38.49 -36.39
N PRO G 117 39.09 38.53 -37.32
CA PRO G 117 40.52 38.60 -36.98
C PRO G 117 40.95 39.85 -36.21
N LYS G 118 40.25 40.97 -36.28
CA LYS G 118 40.61 42.11 -35.44
C LYS G 118 40.33 41.89 -33.94
N ILE G 119 39.50 40.94 -33.55
CA ILE G 119 39.13 40.78 -32.16
C ILE G 119 40.07 39.72 -31.63
N THR G 120 41.25 40.14 -31.20
CA THR G 120 42.31 39.21 -30.82
C THR G 120 42.12 38.75 -29.39
N LYS G 121 42.83 37.71 -29.05
CA LYS G 121 42.81 37.12 -27.71
C LYS G 121 43.89 37.70 -26.81
N ASP G 122 43.79 39.00 -26.61
CA ASP G 122 44.66 39.74 -25.71
C ASP G 122 43.92 41.00 -25.29
N GLU G 123 44.62 41.91 -24.63
CA GLU G 123 43.95 42.98 -23.93
C GLU G 123 43.37 44.02 -24.90
N ALA G 124 44.05 44.28 -26.00
CA ALA G 124 43.46 45.16 -26.99
C ALA G 124 42.33 44.50 -27.77
N GLY G 125 42.39 43.19 -28.01
CA GLY G 125 41.26 42.55 -28.60
C GLY G 125 40.08 42.46 -27.65
N LEU G 126 40.36 42.34 -26.36
CA LEU G 126 39.32 42.29 -25.35
C LEU G 126 38.63 43.63 -25.18
N GLN G 127 39.37 44.71 -25.38
CA GLN G 127 38.81 46.04 -25.37
C GLN G 127 37.88 46.23 -26.55
N LYS G 128 38.30 45.82 -27.73
CA LYS G 128 37.45 45.85 -28.90
C LYS G 128 36.25 44.92 -28.76
N PHE G 129 36.43 43.78 -28.12
CA PHE G 129 35.33 42.86 -27.90
C PHE G 129 34.25 43.51 -27.04
N PHE G 130 34.64 44.23 -25.99
CA PHE G 130 33.69 44.82 -25.04
C PHE G 130 33.00 46.03 -25.63
N ARG G 131 33.76 46.92 -26.27
CA ARG G 131 33.17 48.11 -26.87
C ARG G 131 32.17 47.80 -27.97
N GLN G 132 32.45 46.85 -28.86
CA GLN G 132 31.62 46.58 -30.05
C GLN G 132 30.21 46.07 -29.72
N PHE G 133 30.00 45.43 -28.57
CA PHE G 133 28.71 44.84 -28.26
C PHE G 133 27.65 45.90 -28.16
N SER G 134 26.62 45.76 -29.00
CA SER G 134 25.43 46.60 -29.06
C SER G 134 25.75 48.07 -29.15
N TYR G 135 26.69 48.42 -29.99
CA TYR G 135 27.29 49.72 -30.07
C TYR G 135 27.28 50.20 -31.51
N PRO G 136 27.25 51.51 -31.77
CA PRO G 136 27.24 52.00 -33.16
C PRO G 136 28.43 51.54 -34.00
N GLY G 137 28.15 50.79 -35.04
CA GLY G 137 29.17 50.16 -35.85
C GLY G 137 29.77 48.89 -35.29
N GLY G 138 29.23 48.32 -34.23
CA GLY G 138 29.66 47.06 -33.67
C GLY G 138 28.74 45.93 -34.04
N ILE G 139 28.31 45.12 -33.09
CA ILE G 139 27.64 43.85 -33.33
C ILE G 139 26.29 43.90 -32.61
N PRO G 140 25.33 43.02 -32.88
CA PRO G 140 23.99 43.21 -32.32
C PRO G 140 23.85 42.79 -30.86
N SER G 141 22.73 43.14 -30.29
CA SER G 141 22.42 42.76 -28.92
C SER G 141 22.02 41.31 -28.75
N HIS G 142 21.52 40.67 -29.78
CA HIS G 142 20.98 39.34 -29.69
C HIS G 142 22.00 38.32 -30.18
N PHE G 143 21.60 37.06 -30.17
CA PHE G 143 22.38 35.94 -30.72
C PHE G 143 22.22 35.84 -32.24
N ALA G 144 22.63 36.90 -32.90
CA ALA G 144 22.38 37.25 -34.28
C ALA G 144 23.10 36.29 -35.24
N PRO G 145 22.75 36.27 -36.54
CA PRO G 145 23.52 35.44 -37.49
C PRO G 145 24.99 35.80 -37.62
N GLU G 146 25.39 37.01 -37.25
CA GLU G 146 26.79 37.40 -37.13
C GLU G 146 27.62 36.61 -36.11
N THR G 147 27.03 35.93 -35.18
CA THR G 147 27.72 35.16 -34.15
C THR G 147 27.98 33.74 -34.61
N PRO G 148 29.21 33.25 -34.57
CA PRO G 148 29.45 31.82 -34.81
C PRO G 148 28.74 30.93 -33.80
N GLY G 149 28.00 29.97 -34.31
CA GLY G 149 27.21 29.09 -33.49
C GLY G 149 25.72 29.34 -33.48
N SER G 150 25.24 30.49 -33.90
CA SER G 150 23.80 30.73 -33.92
C SER G 150 23.14 30.20 -35.18
N ILE G 151 22.01 29.53 -35.02
CA ILE G 151 21.05 29.32 -36.11
C ILE G 151 19.70 29.93 -35.79
N HIS G 152 19.61 30.76 -34.78
CA HIS G 152 18.34 31.19 -34.22
C HIS G 152 18.63 32.44 -33.42
N GLU G 153 18.12 33.57 -33.85
CA GLU G 153 18.37 34.80 -33.13
C GLU G 153 17.56 34.88 -31.83
N GLY G 154 16.39 34.28 -31.78
CA GLY G 154 15.53 34.34 -30.62
C GLY G 154 15.21 35.75 -30.19
N GLY G 155 15.00 36.65 -31.13
CA GLY G 155 14.53 37.99 -30.84
C GLY G 155 13.05 37.97 -30.57
N GLU G 156 12.31 37.61 -31.58
CA GLU G 156 10.93 37.23 -31.40
C GLU G 156 10.82 35.85 -30.78
N LEU G 157 10.10 35.73 -29.70
CA LEU G 157 10.14 34.53 -28.89
C LEU G 157 9.10 33.50 -29.28
N GLY G 158 9.43 32.24 -29.07
CA GLY G 158 8.51 31.14 -29.24
C GLY G 158 8.83 30.15 -30.33
N TYR G 159 9.94 30.22 -31.05
CA TYR G 159 10.26 29.28 -32.12
C TYR G 159 11.42 28.36 -31.77
N ALA G 160 11.90 28.38 -30.54
CA ALA G 160 13.05 27.59 -30.12
C ALA G 160 12.84 26.09 -30.36
N LEU G 161 11.67 25.57 -30.04
CA LEU G 161 11.47 24.14 -30.12
C LEU G 161 11.17 23.69 -31.52
N SER G 162 10.41 24.46 -32.29
CA SER G 162 10.22 24.16 -33.70
C SER G 162 11.55 24.15 -34.44
N HIS G 163 12.45 25.06 -34.10
CA HIS G 163 13.73 25.07 -34.74
C HIS G 163 14.59 23.94 -34.26
N ALA G 164 14.51 23.60 -32.97
CA ALA G 164 15.26 22.48 -32.46
C ALA G 164 14.87 21.18 -33.14
N TYR G 165 13.59 20.93 -33.27
CA TYR G 165 13.12 19.69 -33.86
C TYR G 165 13.31 19.66 -35.36
N GLY G 166 13.18 20.77 -36.07
CA GLY G 166 13.55 20.83 -37.48
C GLY G 166 15.01 20.50 -37.72
N ALA G 167 15.90 20.96 -36.85
CA ALA G 167 17.33 20.71 -36.94
C ALA G 167 17.67 19.23 -36.88
N ILE G 168 17.00 18.47 -36.04
CA ILE G 168 17.34 17.07 -35.84
C ILE G 168 16.69 16.14 -36.84
N MET G 169 15.73 16.59 -37.63
CA MET G 169 15.10 15.74 -38.64
C MET G 169 16.12 15.29 -39.65
N ASP G 170 16.12 13.99 -39.99
CA ASP G 170 17.12 13.32 -40.86
C ASP G 170 18.56 13.62 -40.47
N ASN G 171 18.77 13.90 -39.21
CA ASN G 171 20.07 14.25 -38.66
C ASN G 171 20.28 13.35 -37.44
N PRO G 172 20.45 12.04 -37.65
CA PRO G 172 20.48 11.09 -36.54
C PRO G 172 21.69 11.19 -35.62
N SER G 173 22.79 11.80 -35.99
CA SER G 173 23.84 12.02 -35.01
C SER G 173 23.73 13.35 -34.26
N LEU G 174 22.78 14.23 -34.55
CA LEU G 174 22.77 15.56 -33.97
C LEU G 174 22.02 15.63 -32.63
N PHE G 175 22.66 16.17 -31.62
CA PHE G 175 22.08 16.50 -30.32
C PHE G 175 21.81 18.01 -30.25
N VAL G 176 20.59 18.40 -29.90
CA VAL G 176 20.21 19.81 -29.80
C VAL G 176 19.70 20.06 -28.40
N PRO G 177 20.49 20.70 -27.56
CA PRO G 177 20.02 21.25 -26.28
C PRO G 177 19.25 22.53 -26.56
N ALA G 178 18.00 22.57 -26.28
CA ALA G 178 17.14 23.69 -26.68
C ALA G 178 16.70 24.50 -25.45
N ILE G 179 17.30 25.65 -25.27
CA ILE G 179 17.06 26.44 -24.08
C ILE G 179 15.82 27.28 -24.29
N VAL G 180 14.84 27.13 -23.45
CA VAL G 180 13.56 27.77 -23.58
C VAL G 180 13.39 28.72 -22.42
N GLY G 181 13.25 30.00 -22.69
CA GLY G 181 12.76 30.98 -21.72
C GLY G 181 11.51 30.59 -20.95
N ASP G 182 11.37 30.85 -19.66
CA ASP G 182 10.11 30.48 -19.08
C ASP G 182 9.00 31.46 -19.42
N GLY G 183 9.35 32.70 -19.72
CA GLY G 183 8.44 33.60 -20.38
C GLY G 183 8.14 33.19 -21.81
N GLU G 184 9.15 32.78 -22.54
CA GLU G 184 8.96 32.30 -23.90
C GLU G 184 8.02 31.09 -23.96
N ALA G 185 8.04 30.23 -22.95
CA ALA G 185 7.10 29.15 -22.84
C ALA G 185 5.62 29.57 -22.70
N GLU G 186 5.34 30.82 -22.35
CA GLU G 186 3.97 31.36 -22.41
C GLU G 186 3.47 31.64 -23.83
N THR G 187 4.32 31.68 -24.88
CA THR G 187 3.81 32.04 -26.18
C THR G 187 3.06 30.88 -26.83
N GLY G 188 2.18 31.22 -27.75
CA GLY G 188 1.54 30.28 -28.64
C GLY G 188 2.49 29.32 -29.31
N PRO G 189 3.40 29.81 -30.17
CA PRO G 189 4.32 28.92 -30.90
C PRO G 189 5.17 28.01 -30.02
N LEU G 190 5.65 28.47 -28.89
CA LEU G 190 6.36 27.57 -28.01
C LEU G 190 5.44 26.51 -27.43
N ALA G 191 4.24 26.86 -26.98
CA ALA G 191 3.34 25.93 -26.30
C ALA G 191 3.02 24.72 -27.17
N THR G 192 2.73 24.91 -28.45
CA THR G 192 2.53 23.76 -29.31
C THR G 192 3.81 23.01 -29.70
N GLY G 193 4.97 23.68 -29.69
CA GLY G 193 6.28 23.14 -29.95
C GLY G 193 6.71 21.97 -29.10
N TRP G 194 6.20 21.85 -27.89
CA TRP G 194 6.45 20.69 -27.05
C TRP G 194 5.92 19.39 -27.62
N GLN G 195 4.88 19.41 -28.42
CA GLN G 195 4.32 18.21 -29.02
C GLN G 195 5.08 17.68 -30.21
N SER G 196 6.16 18.33 -30.63
CA SER G 196 6.89 17.92 -31.80
C SER G 196 7.54 16.57 -31.62
N ASN G 197 7.75 16.10 -30.37
CA ASN G 197 8.32 14.79 -30.09
C ASN G 197 7.41 13.63 -30.57
N LYS G 198 6.18 13.91 -30.89
CA LYS G 198 5.30 12.98 -31.54
C LYS G 198 5.51 12.96 -33.06
N LEU G 199 6.36 13.79 -33.61
CA LEU G 199 6.59 13.84 -35.04
C LEU G 199 8.02 13.48 -35.40
N VAL G 200 8.85 13.05 -34.47
CA VAL G 200 10.22 12.68 -34.76
C VAL G 200 10.41 11.22 -34.40
N ASN G 201 11.42 10.62 -34.98
CA ASN G 201 11.72 9.24 -34.80
C ASN G 201 13.14 9.11 -34.26
N PRO G 202 13.34 8.43 -33.14
CA PRO G 202 14.68 8.39 -32.53
C PRO G 202 15.69 7.57 -33.31
N ARG G 203 15.30 6.73 -34.23
CA ARG G 203 16.32 6.18 -35.09
C ARG G 203 16.70 7.10 -36.24
N THR G 204 15.75 7.58 -37.03
CA THR G 204 16.04 8.31 -38.23
C THR G 204 16.35 9.77 -37.98
N ASP G 205 16.01 10.32 -36.83
CA ASP G 205 16.26 11.70 -36.46
C ASP G 205 17.22 11.79 -35.28
N GLY G 206 17.66 12.99 -34.94
CA GLY G 206 18.48 13.20 -33.76
C GLY G 206 17.70 13.30 -32.47
N ILE G 207 18.21 14.03 -31.49
CA ILE G 207 17.60 14.13 -30.18
C ILE G 207 17.58 15.59 -29.76
N VAL G 208 16.44 16.07 -29.34
CA VAL G 208 16.30 17.36 -28.70
C VAL G 208 16.17 17.14 -27.20
N LEU G 209 16.98 17.82 -26.42
CA LEU G 209 16.80 17.99 -24.98
C LEU G 209 16.25 19.38 -24.66
N PRO G 210 14.98 19.52 -24.37
CA PRO G 210 14.49 20.86 -24.03
C PRO G 210 14.95 21.22 -22.63
N ILE G 211 15.41 22.44 -22.48
CA ILE G 211 15.87 22.99 -21.20
C ILE G 211 15.06 24.21 -20.88
N LEU G 212 14.19 24.10 -19.90
CA LEU G 212 13.34 25.20 -19.50
C LEU G 212 14.12 26.07 -18.55
N HIS G 213 14.48 27.25 -19.02
CA HIS G 213 15.23 28.24 -18.26
C HIS G 213 14.28 28.95 -17.27
N LEU G 214 13.90 28.18 -16.25
CA LEU G 214 12.92 28.60 -15.27
C LEU G 214 13.53 29.55 -14.24
N ASN G 215 13.78 30.75 -14.69
CA ASN G 215 14.40 31.69 -13.77
C ASN G 215 13.34 32.49 -13.03
N GLY G 216 12.07 32.25 -13.29
CA GLY G 216 10.99 32.79 -12.52
C GLY G 216 10.33 34.03 -13.04
N TYR G 217 10.92 34.73 -14.02
CA TYR G 217 10.61 36.09 -14.41
C TYR G 217 10.82 36.21 -15.91
N LYS G 218 10.03 37.07 -16.50
CA LYS G 218 10.09 37.62 -17.82
C LYS G 218 10.47 39.10 -17.59
N ILE G 219 10.04 40.03 -18.43
CA ILE G 219 10.52 41.41 -18.34
C ILE G 219 10.17 42.06 -16.99
N ALA G 220 8.93 42.01 -16.61
CA ALA G 220 8.48 42.75 -15.46
C ALA G 220 7.51 41.99 -14.59
N ASN G 221 7.31 40.71 -14.85
CA ASN G 221 6.30 39.83 -14.30
C ASN G 221 6.93 38.51 -13.92
N PRO G 222 6.32 37.79 -12.99
CA PRO G 222 6.66 36.37 -12.83
C PRO G 222 6.17 35.54 -14.00
N THR G 223 6.64 34.34 -14.08
CA THR G 223 6.25 33.47 -15.15
C THR G 223 5.26 32.46 -14.59
N ILE G 224 4.22 32.18 -15.36
CA ILE G 224 3.22 31.15 -15.06
C ILE G 224 3.86 29.83 -14.65
N LEU G 225 4.81 29.33 -15.42
CA LEU G 225 5.33 28.00 -15.15
C LEU G 225 6.20 27.95 -13.90
N SER G 226 6.68 29.04 -13.41
CA SER G 226 7.45 29.03 -12.17
C SER G 226 6.60 29.31 -10.96
N ARG G 227 5.34 29.67 -11.12
CA ARG G 227 4.46 29.97 -10.02
C ARG G 227 3.37 28.93 -9.79
N ILE G 228 3.19 27.96 -10.66
CA ILE G 228 2.30 26.84 -10.49
C ILE G 228 3.06 25.83 -9.65
N SER G 229 2.39 24.82 -9.16
CA SER G 229 3.05 23.90 -8.29
C SER G 229 4.01 23.00 -9.07
N ASP G 230 4.96 22.45 -8.34
CA ASP G 230 5.95 21.56 -8.92
C ASP G 230 5.32 20.26 -9.41
N GLU G 231 4.27 19.81 -8.76
CA GLU G 231 3.49 18.68 -9.23
C GLU G 231 2.74 18.99 -10.52
N GLU G 232 2.14 20.17 -10.65
CA GLU G 232 1.53 20.55 -11.91
C GLU G 232 2.56 20.64 -13.02
N LEU G 233 3.71 21.23 -12.74
CA LEU G 233 4.74 21.46 -13.73
C LEU G 233 5.32 20.14 -14.24
N HIS G 234 5.44 19.16 -13.37
CA HIS G 234 5.94 17.85 -13.78
C HIS G 234 4.91 17.04 -14.54
N GLU G 235 3.66 17.04 -14.08
CA GLU G 235 2.56 16.41 -14.81
C GLU G 235 2.40 16.96 -16.21
N PHE G 236 2.51 18.26 -16.36
CA PHE G 236 2.48 18.95 -17.64
C PHE G 236 3.48 18.37 -18.63
N PHE G 237 4.75 18.28 -18.25
CA PHE G 237 5.79 17.77 -19.13
C PHE G 237 5.67 16.29 -19.37
N HIS G 238 5.13 15.57 -18.41
CA HIS G 238 4.93 14.16 -18.58
C HIS G 238 3.75 13.88 -19.48
N GLY G 239 2.76 14.77 -19.47
CA GLY G 239 1.63 14.70 -20.35
C GLY G 239 1.96 14.92 -21.80
N MET G 240 3.03 15.66 -22.09
CA MET G 240 3.52 16.00 -23.41
C MET G 240 4.58 15.03 -23.91
N GLY G 241 4.72 13.90 -23.28
CA GLY G 241 5.70 12.91 -23.67
C GLY G 241 7.12 13.14 -23.23
N TYR G 242 7.35 13.84 -22.15
CA TYR G 242 8.69 14.05 -21.64
C TYR G 242 8.84 13.41 -20.28
N GLU G 243 10.04 13.02 -19.96
CA GLU G 243 10.40 12.62 -18.62
C GLU G 243 11.13 13.76 -17.92
N PRO G 244 10.49 14.58 -17.09
CA PRO G 244 11.17 15.80 -16.62
C PRO G 244 12.12 15.58 -15.45
N TYR G 245 13.24 16.25 -15.49
CA TYR G 245 14.25 16.27 -14.45
C TYR G 245 14.33 17.71 -14.01
N GLU G 246 14.47 17.93 -12.74
CA GLU G 246 14.57 19.28 -12.24
C GLU G 246 15.92 19.47 -11.59
N PHE G 247 16.53 20.60 -11.88
CA PHE G 247 17.68 21.11 -11.18
C PHE G 247 17.36 22.45 -10.52
N VAL G 248 17.70 22.59 -9.26
CA VAL G 248 17.47 23.84 -8.54
C VAL G 248 18.80 24.31 -7.99
N ALA G 249 19.16 25.57 -8.24
CA ALA G 249 20.39 26.09 -7.67
C ALA G 249 20.34 27.59 -7.57
N GLY G 250 21.18 28.08 -6.70
CA GLY G 250 21.42 29.47 -6.48
C GLY G 250 20.50 30.19 -5.51
N PHE G 251 19.58 29.53 -4.87
CA PHE G 251 18.67 30.17 -3.93
C PHE G 251 19.09 29.96 -2.49
N ASP G 252 20.31 29.52 -2.23
CA ASP G 252 20.85 29.32 -0.89
C ASP G 252 22.34 29.68 -0.98
N ASP G 253 23.15 29.22 -0.05
CA ASP G 253 24.56 29.55 -0.03
C ASP G 253 25.44 28.36 -0.32
N GLU G 254 24.95 27.40 -1.09
CA GLU G 254 25.76 26.34 -1.64
C GLU G 254 26.93 26.91 -2.42
N ASP G 255 28.10 26.42 -2.14
CA ASP G 255 29.25 26.90 -2.87
C ASP G 255 29.19 26.44 -4.30
N HIS G 256 29.81 27.21 -5.15
CA HIS G 256 29.65 27.02 -6.56
C HIS G 256 30.18 25.68 -7.05
N MET G 257 31.19 25.13 -6.41
CA MET G 257 31.70 23.83 -6.80
C MET G 257 30.75 22.68 -6.47
N SER G 258 29.96 22.75 -5.42
CA SER G 258 28.93 21.72 -5.21
C SER G 258 27.86 21.77 -6.28
N ILE G 259 27.47 22.97 -6.69
CA ILE G 259 26.48 23.17 -7.74
C ILE G 259 26.92 22.50 -9.03
N HIS G 260 28.15 22.78 -9.47
CA HIS G 260 28.70 22.16 -10.67
C HIS G 260 28.72 20.64 -10.58
N ARG G 261 29.13 20.07 -9.45
CA ARG G 261 29.13 18.62 -9.30
C ARG G 261 27.73 18.06 -9.37
N ARG G 262 26.80 18.72 -8.70
CA ARG G 262 25.41 18.29 -8.72
C ARG G 262 24.87 18.33 -10.13
N PHE G 263 25.23 19.35 -10.88
CA PHE G 263 24.70 19.51 -12.21
C PHE G 263 25.32 18.51 -13.17
N ALA G 264 26.61 18.29 -13.08
CA ALA G 264 27.27 17.36 -13.97
C ALA G 264 26.76 15.93 -13.74
N GLU G 265 26.44 15.55 -12.50
CA GLU G 265 25.81 14.29 -12.17
C GLU G 265 24.42 14.15 -12.81
N LEU G 266 23.61 15.19 -12.71
CA LEU G 266 22.30 15.18 -13.32
C LEU G 266 22.39 15.19 -14.85
N TRP G 267 23.31 15.98 -15.40
CA TRP G 267 23.53 15.97 -16.85
C TRP G 267 23.88 14.59 -17.37
N GLU G 268 24.77 13.90 -16.68
CA GLU G 268 25.19 12.59 -17.15
C GLU G 268 24.13 11.54 -16.97
N THR G 269 23.28 11.65 -15.96
CA THR G 269 22.09 10.82 -15.82
C THR G 269 21.09 11.02 -16.97
N ILE G 270 20.74 12.28 -17.28
CA ILE G 270 19.97 12.63 -18.47
C ILE G 270 20.62 12.05 -19.72
N TRP G 271 21.92 12.25 -19.90
CA TRP G 271 22.58 11.75 -21.09
C TRP G 271 22.59 10.24 -21.18
N ASP G 272 22.75 9.56 -20.08
CA ASP G 272 22.60 8.10 -20.10
C ASP G 272 21.20 7.64 -20.51
N GLU G 273 20.18 8.42 -20.21
CA GLU G 273 18.82 8.16 -20.63
C GLU G 273 18.64 8.37 -22.11
N ILE G 274 19.33 9.36 -22.68
CA ILE G 274 19.25 9.64 -24.10
C ILE G 274 20.01 8.58 -24.89
N CYS G 275 21.16 8.14 -24.38
CA CYS G 275 21.94 7.11 -25.03
C CYS G 275 21.20 5.79 -25.02
N ASP G 276 20.47 5.50 -23.95
CA ASP G 276 19.56 4.35 -23.90
C ASP G 276 18.46 4.43 -24.95
N ILE G 277 17.85 5.60 -25.14
CA ILE G 277 16.83 5.82 -26.16
C ILE G 277 17.39 5.56 -27.55
N LYS G 278 18.58 6.04 -27.80
CA LYS G 278 19.20 5.92 -29.10
C LYS G 278 19.63 4.48 -29.35
N ALA G 279 20.09 3.79 -28.32
CA ALA G 279 20.49 2.39 -28.44
C ALA G 279 19.29 1.48 -28.64
N THR G 280 18.18 1.75 -27.95
CA THR G 280 16.93 1.03 -28.13
C THR G 280 16.37 1.23 -29.54
N ALA G 281 16.46 2.44 -30.07
CA ALA G 281 15.92 2.78 -31.38
C ALA G 281 16.65 2.12 -32.53
N GLN G 282 17.85 1.61 -32.31
CA GLN G 282 18.52 0.80 -33.32
C GLN G 282 17.82 -0.54 -33.54
N THR G 283 16.98 -0.96 -32.61
CA THR G 283 16.16 -2.17 -32.69
C THR G 283 14.66 -1.91 -32.75
N ASP G 284 14.14 -1.08 -31.88
CA ASP G 284 12.71 -0.80 -31.76
C ASP G 284 12.57 0.71 -31.89
N ASN G 285 12.12 1.17 -33.03
CA ASN G 285 11.75 2.57 -33.21
C ASN G 285 10.26 2.73 -33.53
N VAL G 286 9.48 1.77 -33.13
CA VAL G 286 8.04 1.78 -33.31
C VAL G 286 7.34 2.32 -32.08
N HIS G 287 7.98 2.32 -30.94
CA HIS G 287 7.39 2.72 -29.67
C HIS G 287 8.07 4.00 -29.20
N ARG G 288 7.30 5.05 -29.08
CA ARG G 288 7.81 6.38 -28.76
C ARG G 288 8.33 6.42 -27.33
N PRO G 289 9.58 6.75 -27.10
CA PRO G 289 10.06 6.92 -25.72
C PRO G 289 9.53 8.22 -25.12
N PHE G 290 9.59 8.31 -23.82
CA PHE G 290 9.56 9.59 -23.15
C PHE G 290 10.95 10.22 -23.20
N TYR G 291 11.10 11.29 -23.86
CA TYR G 291 12.38 11.99 -23.90
C TYR G 291 12.62 12.74 -22.61
N PRO G 292 13.85 12.84 -22.17
CA PRO G 292 14.15 13.69 -21.03
C PRO G 292 13.94 15.16 -21.36
N MET G 293 13.71 15.95 -20.34
CA MET G 293 13.77 17.40 -20.45
C MET G 293 14.28 17.91 -19.13
N LEU G 294 14.88 19.04 -19.16
CA LEU G 294 15.45 19.61 -17.97
C LEU G 294 14.71 20.87 -17.58
N ILE G 295 14.22 20.91 -16.36
CA ILE G 295 13.74 22.12 -15.72
C ILE G 295 14.89 22.69 -14.90
N PHE G 296 15.43 23.76 -15.35
CA PHE G 296 16.56 24.46 -14.79
C PHE G 296 16.05 25.65 -14.01
N ARG G 297 16.03 25.54 -12.71
CA ARG G 297 15.43 26.54 -11.84
C ARG G 297 16.55 27.27 -11.11
N THR G 298 16.81 28.52 -11.45
CA THR G 298 17.94 29.33 -10.99
C THR G 298 17.46 30.76 -10.85
N PRO G 299 18.11 31.58 -10.02
CA PRO G 299 17.61 32.95 -9.84
C PRO G 299 17.93 33.81 -11.04
N LYS G 300 16.98 34.63 -11.44
CA LYS G 300 17.22 35.48 -12.59
C LYS G 300 18.33 36.48 -12.29
N GLY G 301 19.27 36.60 -13.22
CA GLY G 301 20.36 37.45 -12.94
C GLY G 301 21.37 36.89 -12.00
N TRP G 302 21.36 35.58 -11.73
CA TRP G 302 22.25 34.84 -10.84
C TRP G 302 23.68 35.38 -10.79
N THR G 303 24.20 35.72 -9.62
CA THR G 303 25.53 36.29 -9.28
C THR G 303 25.61 37.82 -9.50
N CYS G 304 24.57 38.53 -9.93
CA CYS G 304 24.49 39.99 -9.81
C CYS G 304 24.34 40.36 -8.33
N PRO G 305 24.58 41.61 -7.93
CA PRO G 305 24.37 41.98 -6.51
C PRO G 305 22.92 41.76 -6.11
N LYS G 306 22.72 41.16 -4.94
CA LYS G 306 21.39 40.76 -4.45
C LYS G 306 20.43 41.95 -4.34
N TYR G 307 20.91 43.07 -3.85
CA TYR G 307 20.11 44.27 -3.68
C TYR G 307 20.88 45.44 -4.23
N ILE G 308 20.23 46.19 -5.10
CA ILE G 308 20.69 47.47 -5.58
C ILE G 308 19.66 48.53 -5.19
N ASP G 309 20.08 49.49 -4.36
CA ASP G 309 19.25 50.59 -3.85
C ASP G 309 18.04 50.09 -3.06
N GLY G 310 18.21 49.01 -2.33
CA GLY G 310 17.14 48.40 -1.58
C GLY G 310 16.12 47.61 -2.36
N LYS G 311 16.30 47.40 -3.65
CA LYS G 311 15.40 46.58 -4.43
C LYS G 311 16.08 45.26 -4.74
N LYS G 312 15.35 44.18 -4.54
CA LYS G 312 15.83 42.87 -4.92
C LYS G 312 16.09 42.80 -6.42
N THR G 313 17.30 42.39 -6.76
CA THR G 313 17.74 42.38 -8.12
C THR G 313 18.06 40.96 -8.58
N GLU G 314 18.94 40.22 -7.92
CA GLU G 314 19.08 38.81 -8.16
C GLU G 314 17.80 38.08 -7.74
N GLY G 315 17.35 37.17 -8.59
CA GLY G 315 16.06 36.53 -8.45
C GLY G 315 14.85 37.43 -8.60
N SER G 316 14.92 38.43 -9.44
CA SER G 316 13.82 39.29 -9.78
C SER G 316 13.81 39.65 -11.25
N TRP G 317 12.64 40.07 -11.74
CA TRP G 317 12.52 40.71 -13.04
C TRP G 317 13.36 42.00 -13.17
N ARG G 318 13.85 42.56 -12.07
CA ARG G 318 14.63 43.79 -12.07
C ARG G 318 16.02 43.62 -12.66
N SER G 319 16.53 42.42 -12.69
CA SER G 319 17.76 42.04 -13.36
C SER G 319 17.58 41.75 -14.86
N HIS G 320 16.42 41.99 -15.47
CA HIS G 320 16.16 41.55 -16.83
C HIS G 320 17.06 42.25 -17.86
N GLN G 321 17.03 43.56 -17.88
CA GLN G 321 17.90 44.27 -18.78
C GLN G 321 19.26 44.56 -18.14
N VAL G 322 19.37 45.54 -17.29
CA VAL G 322 20.62 45.74 -16.57
C VAL G 322 20.30 45.90 -15.11
N PRO G 323 20.96 45.17 -14.26
CA PRO G 323 20.70 45.30 -12.83
C PRO G 323 20.98 46.66 -12.30
N LEU G 324 22.01 47.27 -12.84
CA LEU G 324 22.51 48.53 -12.39
C LEU G 324 22.33 49.41 -13.57
N ALA G 325 21.73 50.55 -13.36
CA ALA G 325 21.05 51.19 -14.46
C ALA G 325 21.91 52.24 -15.11
N SER G 326 22.76 52.89 -14.33
CA SER G 326 23.72 53.87 -14.81
C SER G 326 24.95 53.84 -13.89
N ALA G 327 25.93 53.03 -14.24
CA ALA G 327 27.17 53.05 -13.49
C ALA G 327 28.06 54.23 -13.85
N ARG G 328 27.71 55.02 -14.85
CA ARG G 328 28.50 56.17 -15.28
C ARG G 328 28.12 57.47 -14.57
N ASP G 329 27.05 57.53 -13.80
CA ASP G 329 26.48 58.77 -13.28
C ASP G 329 26.64 59.02 -11.79
N THR G 330 27.10 58.06 -11.04
CA THR G 330 27.10 58.17 -9.61
C THR G 330 28.29 57.37 -9.17
N GLU G 331 29.00 57.89 -8.18
CA GLU G 331 30.10 57.15 -7.59
C GLU G 331 29.60 55.87 -6.94
N ALA G 332 28.45 55.93 -6.29
CA ALA G 332 27.87 54.78 -5.62
C ALA G 332 27.60 53.65 -6.58
N HIS G 333 27.04 53.95 -7.74
CA HIS G 333 26.69 52.92 -8.71
C HIS G 333 27.89 52.41 -9.46
N PHE G 334 28.91 53.25 -9.64
CA PHE G 334 30.15 52.77 -10.20
C PHE G 334 30.83 51.77 -9.27
N GLU G 335 30.73 51.98 -7.97
CA GLU G 335 31.37 51.09 -7.04
C GLU G 335 30.68 49.74 -7.01
N VAL G 336 29.37 49.74 -7.16
CA VAL G 336 28.63 48.50 -7.32
C VAL G 336 29.07 47.75 -8.56
N LEU G 337 29.21 48.44 -9.69
CA LEU G 337 29.71 47.76 -10.89
C LEU G 337 31.12 47.21 -10.69
N LYS G 338 31.98 47.95 -10.00
CA LYS G 338 33.37 47.56 -9.83
C LYS G 338 33.49 46.33 -8.96
N ASN G 339 32.70 46.25 -7.90
CA ASN G 339 32.71 45.12 -6.99
C ASN G 339 32.09 43.90 -7.63
N TRP G 340 31.04 44.11 -8.43
CA TRP G 340 30.44 43.06 -9.24
C TRP G 340 31.45 42.43 -10.20
N LEU G 341 32.18 43.25 -10.96
CA LEU G 341 33.20 42.79 -11.89
C LEU G 341 34.32 42.04 -11.17
N GLU G 342 34.69 42.51 -9.99
CA GLU G 342 35.73 41.88 -9.18
C GLU G 342 35.29 40.61 -8.50
N SER G 343 33.99 40.38 -8.33
CA SER G 343 33.52 39.16 -7.69
C SER G 343 33.83 37.90 -8.49
N TYR G 344 33.98 38.00 -9.79
CA TYR G 344 34.43 36.90 -10.62
C TYR G 344 35.93 36.68 -10.56
N LYS G 345 36.66 37.56 -9.92
CA LYS G 345 38.10 37.55 -9.72
C LYS G 345 38.84 37.40 -11.05
N PRO G 346 38.78 38.41 -11.91
CA PRO G 346 39.45 38.33 -13.21
C PRO G 346 40.96 38.21 -13.18
N GLU G 347 41.62 38.57 -12.08
CA GLU G 347 43.07 38.34 -11.90
C GLU G 347 43.47 36.87 -12.01
N GLU G 348 42.58 35.96 -11.72
CA GLU G 348 42.85 34.55 -11.89
C GLU G 348 42.45 34.02 -13.27
N LEU G 349 41.66 34.76 -14.02
CA LEU G 349 41.14 34.31 -15.29
C LEU G 349 42.02 34.72 -16.46
N PHE G 350 42.56 35.91 -16.45
CA PHE G 350 43.30 36.47 -17.56
C PHE G 350 44.76 36.57 -17.14
N ASP G 351 45.68 36.37 -18.08
CA ASP G 351 47.08 36.50 -17.73
C ASP G 351 47.55 37.94 -17.96
N ALA G 352 48.86 38.16 -17.95
CA ALA G 352 49.42 39.50 -17.96
C ALA G 352 49.12 40.24 -19.24
N ASN G 353 49.13 39.53 -20.37
CA ASN G 353 48.76 40.06 -21.67
C ASN G 353 47.26 40.16 -21.94
N GLY G 354 46.39 39.74 -21.05
CA GLY G 354 44.98 39.76 -21.36
C GLY G 354 44.41 38.58 -22.11
N ALA G 355 45.15 37.51 -22.30
CA ALA G 355 44.57 36.28 -22.81
C ALA G 355 43.93 35.53 -21.66
N VAL G 356 42.78 34.92 -21.92
CA VAL G 356 42.22 33.95 -21.00
C VAL G 356 43.23 32.83 -20.79
N LYS G 357 43.48 32.45 -19.55
CA LYS G 357 44.48 31.46 -19.20
C LYS G 357 44.12 30.07 -19.69
N ASP G 358 45.17 29.27 -19.96
CA ASP G 358 45.00 27.91 -20.47
C ASP G 358 44.14 27.04 -19.58
N ASP G 359 44.29 27.15 -18.28
CA ASP G 359 43.52 26.27 -17.43
C ASP G 359 42.06 26.65 -17.31
N VAL G 360 41.67 27.80 -17.83
CA VAL G 360 40.27 28.14 -17.87
C VAL G 360 39.58 27.30 -18.94
N LEU G 361 40.25 27.07 -20.06
CA LEU G 361 39.62 26.55 -21.26
C LEU G 361 40.13 25.19 -21.69
N ALA G 362 40.91 24.51 -20.87
CA ALA G 362 41.49 23.24 -21.25
C ALA G 362 40.47 22.12 -21.32
N PHE G 363 39.31 22.27 -20.69
CA PHE G 363 38.17 21.36 -20.81
C PHE G 363 37.38 21.57 -22.10
N MET G 364 37.59 22.62 -22.89
CA MET G 364 36.71 22.97 -24.01
C MET G 364 36.82 21.94 -25.15
N PRO G 365 35.77 21.75 -25.93
CA PRO G 365 35.91 20.98 -27.17
C PRO G 365 36.78 21.69 -28.19
N LYS G 366 37.21 20.93 -29.19
CA LYS G 366 38.12 21.38 -30.22
C LYS G 366 37.54 21.10 -31.59
N GLY G 367 37.99 21.84 -32.59
CA GLY G 367 37.74 21.45 -33.96
C GLY G 367 36.31 21.72 -34.39
N GLU G 368 35.76 20.83 -35.19
CA GLU G 368 34.38 20.96 -35.63
C GLU G 368 33.37 20.67 -34.52
N LEU G 369 33.78 20.05 -33.44
CA LEU G 369 32.86 19.87 -32.33
C LEU G 369 32.60 21.13 -31.53
N ARG G 370 33.36 22.20 -31.71
CA ARG G 370 33.05 23.45 -31.03
C ARG G 370 31.74 24.03 -31.52
N ILE G 371 30.99 24.61 -30.58
CA ILE G 371 29.69 25.22 -30.86
C ILE G 371 29.74 26.21 -32.02
N GLY G 372 30.69 27.10 -32.03
CA GLY G 372 30.83 27.97 -33.18
C GLY G 372 31.47 27.38 -34.42
N ALA G 373 31.93 26.16 -34.42
CA ALA G 373 32.51 25.55 -35.61
C ALA G 373 31.71 24.36 -36.13
N ASN G 374 30.68 23.94 -35.47
CA ASN G 374 29.88 22.85 -35.96
C ASN G 374 29.20 23.23 -37.28
N PRO G 375 29.42 22.47 -38.35
CA PRO G 375 28.74 22.78 -39.63
C PRO G 375 27.24 22.85 -39.58
N ASN G 376 26.56 22.09 -38.72
CA ASN G 376 25.11 22.27 -38.58
C ASN G 376 24.72 23.69 -38.16
N ALA G 377 25.57 24.41 -37.45
CA ALA G 377 25.35 25.84 -37.22
C ALA G 377 25.81 26.76 -38.36
N ASN G 378 26.35 26.27 -39.45
CA ASN G 378 26.61 27.10 -40.63
C ASN G 378 26.25 26.16 -41.78
N GLY G 379 24.97 25.97 -42.00
CA GLY G 379 24.49 24.81 -42.74
C GLY G 379 24.62 24.93 -44.24
N GLY G 380 24.79 26.13 -44.74
CA GLY G 380 25.30 26.35 -46.07
C GLY G 380 26.56 25.59 -46.44
N VAL G 381 27.42 25.27 -45.48
CA VAL G 381 28.57 24.45 -45.79
C VAL G 381 28.21 22.98 -46.01
N ILE G 382 27.08 22.50 -45.49
CA ILE G 382 26.62 21.13 -45.64
C ILE G 382 25.82 20.96 -46.92
N ARG G 383 25.13 21.99 -47.33
CA ARG G 383 24.15 21.94 -48.38
C ARG G 383 24.75 21.71 -49.77
N ASN G 384 24.20 20.76 -50.52
CA ASN G 384 24.49 20.56 -51.93
C ASN G 384 23.27 20.85 -52.76
N ASP G 385 23.47 21.13 -54.04
CA ASP G 385 22.40 21.21 -55.02
C ASP G 385 21.56 19.94 -55.00
N LEU G 386 20.25 20.08 -55.08
CA LEU G 386 19.37 18.93 -55.28
C LEU G 386 19.66 18.25 -56.64
N LYS G 387 19.60 16.95 -56.66
CA LYS G 387 19.43 16.22 -57.91
C LYS G 387 18.02 16.46 -58.43
N LEU G 388 17.88 17.24 -59.45
CA LEU G 388 16.53 17.55 -59.88
C LEU G 388 16.21 16.77 -61.12
N PRO G 389 15.00 16.28 -61.24
CA PRO G 389 14.61 15.52 -62.41
C PRO G 389 14.40 16.43 -63.60
N ASN G 390 14.35 15.82 -64.75
CA ASN G 390 14.29 16.56 -66.00
C ASN G 390 12.91 17.17 -66.16
N LEU G 391 12.87 18.50 -66.27
CA LEU G 391 11.61 19.24 -66.14
C LEU G 391 10.64 18.98 -67.28
N GLU G 392 11.10 18.57 -68.44
CA GLU G 392 10.22 18.24 -69.55
C GLU G 392 9.44 16.96 -69.36
N ASP G 393 9.84 16.09 -68.43
CA ASP G 393 9.03 14.91 -68.13
C ASP G 393 7.67 15.23 -67.54
N TYR G 394 7.46 16.45 -67.05
CA TYR G 394 6.28 16.85 -66.30
C TYR G 394 5.51 17.92 -67.05
N GLU G 395 6.06 18.38 -68.15
CA GLU G 395 5.45 19.43 -68.95
C GLU G 395 4.09 18.98 -69.45
N VAL G 396 3.10 19.85 -69.33
CA VAL G 396 1.84 19.67 -70.02
C VAL G 396 2.08 19.87 -71.51
N LYS G 397 2.15 18.78 -72.26
CA LYS G 397 2.41 18.85 -73.69
C LYS G 397 1.22 19.30 -74.52
N GLU G 398 0.02 19.27 -73.97
CA GLU G 398 -1.22 19.51 -74.70
C GLU G 398 -1.41 20.94 -75.17
N VAL G 399 -0.71 21.93 -74.59
CA VAL G 399 -0.72 23.29 -75.14
C VAL G 399 -0.21 23.29 -76.55
N ALA G 400 0.84 22.54 -76.82
CA ALA G 400 1.43 22.53 -78.15
C ALA G 400 0.56 21.76 -79.13
N GLU G 401 -0.01 20.64 -78.71
CA GLU G 401 -1.00 19.92 -79.52
C GLU G 401 -2.21 20.79 -79.86
N TYR G 402 -2.99 21.17 -78.84
CA TYR G 402 -4.33 21.72 -78.98
C TYR G 402 -4.44 23.22 -79.00
N GLY G 403 -3.53 23.96 -78.39
CA GLY G 403 -3.60 25.40 -78.39
C GLY G 403 -3.47 25.91 -76.97
N HIS G 404 -2.97 27.11 -76.86
CA HIS G 404 -3.03 27.89 -75.64
C HIS G 404 -4.44 27.97 -75.07
N GLY G 405 -4.57 27.66 -73.80
CA GLY G 405 -5.86 27.70 -73.17
C GLY G 405 -6.57 26.40 -73.07
N TRP G 406 -5.92 25.31 -73.41
CA TRP G 406 -6.48 23.98 -73.35
C TRP G 406 -6.63 23.51 -71.90
N GLY G 407 -7.63 22.68 -71.68
CA GLY G 407 -7.70 21.75 -70.58
C GLY G 407 -8.32 22.29 -69.33
N GLN G 408 -8.45 21.39 -68.38
CA GLN G 408 -8.94 21.69 -67.07
C GLN G 408 -8.07 21.09 -66.01
N LEU G 409 -6.76 21.21 -66.17
CA LEU G 409 -5.81 20.65 -65.24
C LEU G 409 -5.78 21.41 -63.91
N GLU G 410 -5.41 20.71 -62.87
CA GLU G 410 -5.09 21.30 -61.58
C GLU G 410 -3.59 21.45 -61.55
N ALA G 411 -3.12 22.70 -61.60
CA ALA G 411 -1.70 23.00 -61.76
C ALA G 411 -0.84 22.42 -60.64
N THR G 412 -1.31 22.42 -59.40
CA THR G 412 -0.51 21.90 -58.30
C THR G 412 -0.32 20.38 -58.37
N ARG G 413 -1.12 19.62 -59.12
CA ARG G 413 -0.83 18.20 -59.32
C ARG G 413 0.46 17.99 -60.09
N THR G 414 0.76 18.87 -61.02
CA THR G 414 2.00 18.85 -61.76
C THR G 414 3.21 19.07 -60.86
N LEU G 415 3.15 20.11 -60.03
CA LEU G 415 4.15 20.33 -59.01
C LEU G 415 4.27 19.14 -58.07
N GLY G 416 3.14 18.51 -57.73
CA GLY G 416 3.16 17.34 -56.89
C GLY G 416 3.95 16.16 -57.46
N ALA G 417 3.80 15.90 -58.76
CA ALA G 417 4.55 14.85 -59.41
C ALA G 417 6.03 15.17 -59.50
N TYR G 418 6.36 16.41 -59.83
CA TYR G 418 7.73 16.88 -59.84
C TYR G 418 8.39 16.75 -58.47
N THR G 419 7.71 17.15 -57.41
CA THR G 419 8.29 17.10 -56.08
C THR G 419 8.44 15.67 -55.59
N ARG G 420 7.52 14.78 -55.95
CA ARG G 420 7.67 13.34 -55.72
C ARG G 420 9.00 12.79 -56.22
N ASP G 421 9.39 13.13 -57.41
CA ASP G 421 10.62 12.62 -57.92
C ASP G 421 11.85 13.38 -57.41
N ILE G 422 11.72 14.62 -56.95
CA ILE G 422 12.79 15.22 -56.17
C ILE G 422 13.02 14.41 -54.91
N ILE G 423 11.95 14.09 -54.18
CA ILE G 423 12.06 13.34 -52.93
C ILE G 423 12.71 11.99 -53.18
N LYS G 424 12.27 11.30 -54.24
CA LYS G 424 12.86 10.03 -54.65
C LYS G 424 14.35 10.14 -54.98
N ASN G 425 14.78 11.19 -55.65
CA ASN G 425 16.20 11.35 -55.98
C ASN G 425 17.02 11.94 -54.85
N ASN G 426 16.41 12.54 -53.87
CA ASN G 426 17.15 13.22 -52.83
C ASN G 426 16.66 12.69 -51.50
N PRO G 427 16.93 11.42 -51.22
CA PRO G 427 16.47 10.84 -49.95
C PRO G 427 17.21 11.46 -48.80
N ARG G 428 16.49 11.67 -47.71
N ARG G 428 16.48 11.68 -47.72
CA ARG G 428 16.93 12.33 -46.47
CA ARG G 428 16.93 12.34 -46.47
C ARG G 428 17.40 13.79 -46.69
C ARG G 428 17.40 13.79 -46.69
N ASP G 429 17.06 14.40 -47.78
CA ASP G 429 17.57 15.72 -48.07
C ASP G 429 16.47 16.69 -48.40
N PHE G 430 15.28 16.22 -48.68
CA PHE G 430 14.15 17.02 -49.07
C PHE G 430 12.95 16.61 -48.22
N ARG G 431 12.26 17.58 -47.65
CA ARG G 431 11.03 17.31 -46.90
C ARG G 431 9.88 18.16 -47.37
N ILE G 432 8.69 17.66 -47.18
CA ILE G 432 7.49 18.46 -47.33
C ILE G 432 6.85 18.65 -45.98
N PHE G 433 6.50 19.87 -45.68
CA PHE G 433 5.71 20.16 -44.50
C PHE G 433 4.35 20.70 -44.91
N GLY G 434 3.35 20.50 -44.11
CA GLY G 434 2.06 21.11 -44.33
C GLY G 434 1.14 21.10 -43.15
N PRO G 435 0.32 22.12 -42.96
CA PRO G 435 -0.55 22.04 -41.80
C PRO G 435 -1.83 21.28 -42.10
N ASP G 436 -1.70 19.96 -42.30
CA ASP G 436 -2.79 19.03 -42.62
C ASP G 436 -3.42 19.41 -43.97
N GLU G 437 -2.61 19.91 -44.86
CA GLU G 437 -3.08 20.43 -46.13
C GLU G 437 -2.33 19.90 -47.35
N THR G 438 -1.47 18.88 -47.21
CA THR G 438 -0.68 18.39 -48.34
C THR G 438 -1.57 17.75 -49.40
N ALA G 439 -2.47 16.85 -49.01
CA ALA G 439 -3.40 16.25 -49.94
C ALA G 439 -4.38 17.25 -50.50
N SER G 440 -4.88 18.13 -49.64
CA SER G 440 -5.84 19.15 -50.02
C SER G 440 -5.27 20.12 -51.06
N ASN G 441 -4.04 20.57 -50.89
CA ASN G 441 -3.31 21.33 -51.90
C ASN G 441 -2.72 20.45 -53.02
N ARG G 442 -3.14 19.18 -53.12
CA ARG G 442 -2.90 18.25 -54.23
C ARG G 442 -1.44 17.85 -54.36
N LEU G 443 -0.70 17.72 -53.27
CA LEU G 443 0.69 17.35 -53.34
C LEU G 443 0.91 15.90 -52.93
N GLN G 444 -0.10 15.09 -53.00
CA GLN G 444 -0.10 13.75 -52.42
C GLN G 444 0.49 12.67 -53.31
N ALA G 445 0.94 12.98 -54.52
CA ALA G 445 1.80 12.08 -55.28
C ALA G 445 3.10 11.73 -54.56
N SER G 446 3.55 12.53 -53.59
CA SER G 446 4.70 12.18 -52.79
C SER G 446 4.50 10.93 -51.96
N TYR G 447 3.26 10.51 -51.69
CA TYR G 447 3.00 9.32 -50.91
C TYR G 447 3.29 8.06 -51.69
N GLU G 448 3.48 8.15 -52.99
CA GLU G 448 4.00 7.03 -53.76
C GLU G 448 5.45 6.73 -53.45
N VAL G 449 6.21 7.66 -52.91
CA VAL G 449 7.61 7.40 -52.63
C VAL G 449 7.99 7.56 -51.17
N THR G 450 7.12 8.06 -50.32
CA THR G 450 7.45 8.27 -48.93
C THR G 450 6.17 8.24 -48.13
N ASN G 451 6.27 8.54 -46.86
CA ASN G 451 5.16 8.56 -45.96
C ASN G 451 5.13 9.85 -45.17
N LYS G 452 4.01 10.10 -44.56
CA LYS G 452 3.87 11.08 -43.51
C LYS G 452 4.47 10.55 -42.23
N GLN G 453 5.39 11.29 -41.66
CA GLN G 453 6.06 10.86 -40.46
C GLN G 453 5.11 11.01 -39.29
N TRP G 454 4.80 9.91 -38.64
CA TRP G 454 3.87 9.92 -37.52
C TRP G 454 4.42 9.06 -36.40
N ASP G 455 4.58 9.60 -35.23
CA ASP G 455 5.12 8.82 -34.12
C ASP G 455 4.24 8.88 -32.91
N ALA G 456 2.98 9.17 -33.09
CA ALA G 456 2.01 8.92 -32.06
C ALA G 456 1.40 7.55 -32.36
N GLY G 457 0.30 7.20 -31.72
CA GLY G 457 -0.24 5.86 -31.87
C GLY G 457 -0.87 5.58 -33.23
N TYR G 458 -0.77 4.33 -33.65
CA TYR G 458 -1.44 3.80 -34.83
C TYR G 458 -2.61 2.96 -34.34
N ILE G 459 -3.73 2.95 -35.06
CA ILE G 459 -4.89 2.14 -34.65
C ILE G 459 -5.42 1.19 -35.73
N SER G 460 -5.42 1.57 -37.00
CA SER G 460 -6.07 0.81 -38.05
C SER G 460 -5.59 1.22 -39.42
N ASP G 461 -5.37 0.23 -40.27
CA ASP G 461 -5.13 0.46 -41.68
C ASP G 461 -6.33 1.07 -42.43
N GLU G 462 -7.55 1.03 -41.92
CA GLU G 462 -8.65 1.77 -42.55
C GLU G 462 -8.54 3.30 -42.41
N VAL G 463 -7.85 3.82 -41.41
CA VAL G 463 -7.70 5.26 -41.26
C VAL G 463 -6.28 5.76 -41.46
N ASP G 464 -5.26 4.93 -41.29
CA ASP G 464 -3.87 5.34 -41.13
C ASP G 464 -3.05 5.20 -42.39
N GLU G 465 -3.65 5.26 -43.56
CA GLU G 465 -2.94 5.21 -44.83
C GLU G 465 -1.86 6.29 -44.96
N HIS G 466 -0.78 5.91 -45.62
CA HIS G 466 0.37 6.73 -45.94
C HIS G 466 1.11 7.23 -44.72
N MET G 467 0.98 6.62 -43.56
CA MET G 467 1.70 7.03 -42.38
C MET G 467 2.76 6.00 -42.01
N HIS G 468 3.88 6.45 -41.49
CA HIS G 468 4.99 5.62 -41.04
C HIS G 468 5.77 6.37 -39.97
N VAL G 469 6.46 5.65 -39.11
CA VAL G 469 7.25 6.30 -38.07
C VAL G 469 8.41 7.09 -38.65
N SER G 470 8.82 6.85 -39.85
CA SER G 470 9.68 7.78 -40.51
C SER G 470 9.19 8.02 -41.92
N GLY G 471 9.45 9.19 -42.44
CA GLY G 471 9.07 9.58 -43.77
C GLY G 471 9.36 11.04 -43.96
N GLN G 472 9.29 11.48 -45.20
CA GLN G 472 9.71 12.80 -45.59
C GLN G 472 8.57 13.85 -45.64
N VAL G 473 7.37 13.54 -45.19
CA VAL G 473 6.28 14.49 -45.11
C VAL G 473 5.90 14.60 -43.64
N VAL G 474 5.73 15.80 -43.14
CA VAL G 474 5.35 16.03 -41.77
C VAL G 474 4.16 16.96 -41.76
N GLU G 475 3.14 16.60 -41.02
CA GLU G 475 1.92 17.37 -40.91
C GLU G 475 1.53 17.49 -39.45
N GLN G 476 1.27 18.71 -39.05
CA GLN G 476 0.70 19.06 -37.78
C GLN G 476 -0.11 20.29 -38.09
N LEU G 477 -1.26 20.42 -37.48
CA LEU G 477 -2.08 21.60 -37.68
C LEU G 477 -1.55 22.78 -36.86
N SER G 478 -0.47 23.36 -37.37
CA SER G 478 0.19 24.53 -36.84
C SER G 478 1.09 25.05 -37.95
N GLU G 479 0.75 26.22 -38.46
CA GLU G 479 1.62 26.94 -39.38
C GLU G 479 2.94 27.31 -38.73
N HIS G 480 2.94 27.61 -37.43
CA HIS G 480 4.16 27.91 -36.69
C HIS G 480 5.13 26.73 -36.68
N GLN G 481 4.63 25.54 -36.41
CA GLN G 481 5.43 24.32 -36.46
C GLN G 481 5.99 24.05 -37.85
N MET G 482 5.13 24.06 -38.87
CA MET G 482 5.54 23.79 -40.25
C MET G 482 6.59 24.78 -40.73
N GLU G 483 6.36 26.06 -40.53
CA GLU G 483 7.33 27.06 -40.95
C GLU G 483 8.61 26.94 -40.16
N GLY G 484 8.50 26.63 -38.87
CA GLY G 484 9.66 26.54 -38.02
C GLY G 484 10.51 25.29 -38.21
N PHE G 485 9.87 24.12 -38.34
CA PHE G 485 10.53 22.90 -38.79
C PHE G 485 11.30 23.14 -40.08
N LEU G 486 10.65 23.68 -41.09
CA LEU G 486 11.29 23.85 -42.38
C LEU G 486 12.47 24.80 -42.28
N GLU G 487 12.29 25.94 -41.62
CA GLU G 487 13.36 26.91 -41.43
C GLU G 487 14.63 26.31 -40.84
N ALA G 488 14.51 25.42 -39.88
CA ALA G 488 15.71 24.80 -39.34
C ALA G 488 16.25 23.68 -40.19
N TYR G 489 15.42 22.96 -40.95
CA TYR G 489 15.86 21.99 -41.93
C TYR G 489 16.73 22.65 -43.01
N LEU G 490 16.37 23.86 -43.38
CA LEU G 490 17.15 24.65 -44.31
C LEU G 490 18.41 25.18 -43.67
N LEU G 491 18.34 25.69 -42.45
CA LEU G 491 19.52 26.25 -41.82
C LEU G 491 20.55 25.19 -41.49
N THR G 492 20.17 23.93 -41.46
CA THR G 492 21.10 22.84 -41.25
C THR G 492 21.47 22.15 -42.55
N GLY G 493 21.18 22.74 -43.68
CA GLY G 493 21.74 22.32 -44.93
C GLY G 493 20.88 21.51 -45.83
N ARG G 494 19.63 21.26 -45.49
CA ARG G 494 18.77 20.43 -46.31
C ARG G 494 17.78 21.32 -47.09
N HIS G 495 16.74 20.74 -47.65
CA HIS G 495 15.88 21.40 -48.62
C HIS G 495 14.44 21.04 -48.37
N GLY G 496 13.52 21.85 -48.86
CA GLY G 496 12.15 21.43 -48.86
C GLY G 496 11.13 22.43 -49.32
N ILE G 497 9.91 22.22 -48.89
CA ILE G 497 8.79 23.01 -49.32
C ILE G 497 7.69 22.85 -48.30
N TRP G 498 6.99 23.92 -48.02
CA TRP G 498 5.74 23.69 -47.36
C TRP G 498 4.62 24.33 -48.15
N SER G 499 3.42 23.93 -47.88
CA SER G 499 2.28 24.49 -48.56
C SER G 499 1.25 24.88 -47.53
N SER G 500 0.38 25.77 -47.91
CA SER G 500 -0.57 26.41 -47.03
C SER G 500 -1.70 26.97 -47.85
N TYR G 501 -2.85 27.04 -47.26
CA TYR G 501 -3.88 27.91 -47.78
C TYR G 501 -3.42 29.33 -47.61
N GLU G 502 -3.74 30.11 -48.61
CA GLU G 502 -3.28 31.47 -48.76
C GLU G 502 -3.59 32.31 -47.52
N SER G 503 -4.84 32.36 -47.10
CA SER G 503 -5.25 33.20 -45.98
C SER G 503 -4.61 32.83 -44.66
N PHE G 504 -4.17 31.61 -44.49
CA PHE G 504 -3.50 31.24 -43.26
C PHE G 504 -2.00 31.43 -43.30
N VAL G 505 -1.42 31.84 -44.42
CA VAL G 505 -0.02 32.26 -44.40
C VAL G 505 0.21 33.38 -43.38
N HIS G 506 -0.79 34.23 -43.18
CA HIS G 506 -0.72 35.36 -42.26
C HIS G 506 -0.42 34.97 -40.84
N VAL G 507 -0.84 33.77 -40.43
CA VAL G 507 -0.44 33.15 -39.18
C VAL G 507 1.04 33.22 -38.93
N ILE G 508 1.88 33.07 -39.94
CA ILE G 508 3.31 33.08 -39.71
C ILE G 508 4.01 34.28 -40.35
N ASP G 509 3.29 35.36 -40.63
CA ASP G 509 3.90 36.60 -41.14
C ASP G 509 5.12 37.02 -40.35
N SER G 510 5.04 36.95 -39.04
CA SER G 510 6.15 37.35 -38.21
C SER G 510 7.31 36.35 -38.25
N MET G 511 7.05 35.06 -38.49
CA MET G 511 8.14 34.11 -38.73
C MET G 511 8.80 34.36 -40.08
N LEU G 512 8.02 34.63 -41.12
CA LEU G 512 8.58 35.03 -42.39
C LEU G 512 9.42 36.30 -42.27
N ASN G 513 9.00 37.24 -41.44
CA ASN G 513 9.75 38.47 -41.22
C ASN G 513 11.10 38.15 -40.59
N GLN G 514 11.11 37.31 -39.56
CA GLN G 514 12.33 36.96 -38.88
C GLN G 514 13.26 36.14 -39.75
N HIS G 515 12.74 35.28 -40.60
CA HIS G 515 13.60 34.56 -41.52
C HIS G 515 14.19 35.50 -42.56
N ALA G 516 13.44 36.50 -42.98
CA ALA G 516 13.90 37.47 -43.96
C ALA G 516 14.95 38.41 -43.38
N LYS G 517 14.86 38.72 -42.10
CA LYS G 517 15.89 39.54 -41.48
C LYS G 517 17.17 38.77 -41.26
N TRP G 518 17.05 37.48 -40.92
CA TRP G 518 18.19 36.57 -40.94
C TRP G 518 18.88 36.61 -42.30
N LEU G 519 18.12 36.38 -43.37
CA LEU G 519 18.66 36.37 -44.72
C LEU G 519 19.24 37.72 -45.14
N GLU G 520 18.55 38.81 -44.83
CA GLU G 520 19.01 40.15 -45.19
C GLU G 520 20.35 40.46 -44.53
N ALA G 521 20.45 40.20 -43.24
CA ALA G 521 21.71 40.40 -42.56
C ALA G 521 22.82 39.47 -43.08
N THR G 522 22.48 38.26 -43.50
CA THR G 522 23.47 37.32 -43.99
C THR G 522 24.04 37.75 -45.33
N VAL G 523 23.20 38.15 -46.27
CA VAL G 523 23.67 38.52 -47.61
C VAL G 523 24.29 39.90 -47.63
N ARG G 524 23.93 40.79 -46.73
CA ARG G 524 24.57 42.09 -46.65
C ARG G 524 25.96 42.00 -46.04
N GLU G 525 26.15 41.28 -44.95
CA GLU G 525 27.38 41.44 -44.21
C GLU G 525 28.01 40.21 -43.59
N ILE G 526 27.50 39.01 -43.85
CA ILE G 526 28.08 37.87 -43.16
C ILE G 526 28.54 36.88 -44.21
N PRO G 527 29.67 37.12 -44.89
CA PRO G 527 30.11 36.21 -45.96
C PRO G 527 30.58 34.85 -45.50
N TRP G 528 31.08 34.70 -44.28
CA TRP G 528 31.42 33.38 -43.76
C TRP G 528 30.21 32.48 -43.55
N ARG G 529 29.00 32.97 -43.60
CA ARG G 529 27.80 32.18 -43.42
C ARG G 529 27.31 31.80 -44.82
N LYS G 530 27.50 30.56 -45.18
CA LYS G 530 27.30 30.10 -46.55
C LYS G 530 25.81 30.07 -46.93
N PRO G 531 25.47 30.16 -48.22
CA PRO G 531 24.05 30.17 -48.62
C PRO G 531 23.29 28.90 -48.28
N ILE G 532 22.15 29.05 -47.71
CA ILE G 532 21.26 27.98 -47.38
C ILE G 532 20.23 27.90 -48.49
N ALA G 533 19.59 26.76 -48.60
CA ALA G 533 18.47 26.55 -49.51
C ALA G 533 17.30 27.47 -49.17
N SER G 534 16.52 27.78 -50.16
CA SER G 534 15.46 28.74 -50.00
C SER G 534 14.26 28.18 -49.23
N MET G 535 13.53 29.07 -48.63
CA MET G 535 12.28 28.77 -47.96
C MET G 535 11.18 28.85 -49.00
N ASN G 536 10.69 27.71 -49.42
CA ASN G 536 9.75 27.62 -50.53
C ASN G 536 8.33 27.38 -50.02
N LEU G 537 7.44 28.26 -50.37
CA LEU G 537 6.08 28.18 -49.87
C LEU G 537 5.09 28.12 -51.01
N LEU G 538 4.44 26.99 -51.16
CA LEU G 538 3.30 26.87 -52.05
C LEU G 538 2.05 27.50 -51.43
N VAL G 539 1.59 28.57 -52.01
CA VAL G 539 0.43 29.29 -51.55
C VAL G 539 -0.70 28.82 -52.44
N SER G 540 -1.53 27.94 -51.93
CA SER G 540 -2.61 27.49 -52.77
C SER G 540 -3.93 27.70 -52.08
N SER G 541 -5.00 27.15 -52.64
CA SER G 541 -6.39 27.42 -52.31
C SER G 541 -6.65 28.90 -52.08
N HIS G 542 -6.41 29.70 -53.07
CA HIS G 542 -6.28 31.12 -52.89
C HIS G 542 -7.64 31.81 -52.86
N VAL G 543 -7.64 33.15 -52.87
CA VAL G 543 -8.82 33.94 -52.58
C VAL G 543 -9.94 33.71 -53.59
N TRP G 544 -9.62 33.52 -54.86
CA TRP G 544 -10.64 33.41 -55.87
C TRP G 544 -11.38 32.08 -55.82
N ARG G 545 -10.81 31.06 -55.24
CA ARG G 545 -11.44 29.75 -55.23
C ARG G 545 -11.66 29.33 -53.80
N GLN G 546 -11.99 30.25 -52.94
N GLN G 546 -11.95 30.33 -52.99
CA GLN G 546 -12.28 29.89 -51.55
CA GLN G 546 -12.37 30.25 -51.60
C GLN G 546 -13.72 29.43 -51.48
C GLN G 546 -13.82 30.68 -51.45
N ASP G 547 -13.88 28.10 -51.65
N ASP G 547 -14.58 30.50 -52.51
CA ASP G 547 -15.03 27.30 -52.07
CA ASP G 547 -16.02 30.66 -52.50
C ASP G 547 -15.92 26.76 -50.96
C ASP G 547 -16.75 29.47 -51.85
N HIS G 548 -15.36 25.91 -50.12
N HIS G 548 -16.06 28.49 -51.23
CA HIS G 548 -16.11 25.50 -48.95
CA HIS G 548 -16.74 27.48 -50.41
C HIS G 548 -16.13 26.55 -47.85
C HIS G 548 -16.57 27.72 -48.91
N ASN G 549 -15.57 27.77 -48.06
N ASN G 549 -15.39 28.11 -48.44
CA ASN G 549 -15.25 28.61 -46.91
CA ASN G 549 -15.24 28.62 -47.09
C ASN G 549 -15.72 30.07 -46.93
C ASN G 549 -15.69 30.06 -46.97
N GLY G 550 -15.69 30.79 -48.02
CA GLY G 550 -16.28 32.10 -47.91
C GLY G 550 -15.41 33.16 -47.26
N PHE G 551 -16.06 34.24 -46.87
CA PHE G 551 -15.52 35.58 -46.74
C PHE G 551 -14.38 35.69 -45.77
N SER G 552 -14.46 34.99 -44.67
CA SER G 552 -13.41 35.17 -43.69
C SER G 552 -12.22 34.28 -43.96
N HIS G 553 -12.19 33.53 -45.04
CA HIS G 553 -11.02 32.82 -45.51
C HIS G 553 -10.39 33.46 -46.72
N GLN G 554 -10.83 34.63 -47.07
CA GLN G 554 -10.40 35.33 -48.27
C GLN G 554 -9.41 36.42 -47.86
N ASP G 555 -8.12 36.12 -47.85
CA ASP G 555 -7.10 37.14 -47.61
C ASP G 555 -5.87 36.82 -48.38
N PRO G 556 -5.68 37.44 -49.54
CA PRO G 556 -4.46 37.26 -50.31
C PRO G 556 -3.27 38.09 -49.83
N GLY G 557 -3.32 38.66 -48.64
CA GLY G 557 -2.38 39.66 -48.24
C GLY G 557 -0.97 39.26 -47.89
N VAL G 558 -0.58 38.02 -48.15
CA VAL G 558 0.81 37.59 -48.02
C VAL G 558 1.74 38.44 -48.89
N THR G 559 1.29 38.78 -50.10
CA THR G 559 2.07 39.58 -51.04
C THR G 559 2.48 40.93 -50.48
N SER G 560 1.60 41.63 -49.76
CA SER G 560 1.95 42.93 -49.19
C SER G 560 3.01 42.81 -48.11
N VAL G 561 2.93 41.77 -47.29
CA VAL G 561 3.95 41.49 -46.28
C VAL G 561 5.31 41.25 -46.93
N LEU G 562 5.37 40.41 -47.94
CA LEU G 562 6.65 40.07 -48.52
C LEU G 562 7.23 41.21 -49.33
N LEU G 563 6.44 42.17 -49.78
CA LEU G 563 6.97 43.34 -50.47
C LEU G 563 7.72 44.29 -49.55
N ASN G 564 7.49 44.25 -48.25
CA ASN G 564 8.26 45.01 -47.29
C ASN G 564 9.64 44.43 -47.00
N LYS G 565 10.03 43.33 -47.58
CA LYS G 565 11.37 42.83 -47.38
C LYS G 565 12.17 42.86 -48.67
N CYS G 566 11.84 43.77 -49.58
CA CYS G 566 12.51 43.85 -50.87
C CYS G 566 13.25 45.18 -51.03
N PHE G 567 14.42 45.28 -50.44
CA PHE G 567 15.21 46.49 -50.49
C PHE G 567 16.68 46.18 -50.71
N HIS G 568 17.37 47.21 -51.18
N HIS G 568 17.42 47.22 -51.11
CA HIS G 568 18.82 47.34 -51.21
CA HIS G 568 18.88 47.27 -51.05
C HIS G 568 19.51 46.22 -51.94
C HIS G 568 19.54 46.21 -51.94
N ASN G 569 18.81 45.75 -52.97
CA ASN G 569 19.20 44.61 -53.80
C ASN G 569 19.56 43.35 -53.02
N ASP G 570 18.91 43.10 -51.90
CA ASP G 570 19.14 41.87 -51.17
C ASP G 570 18.72 40.65 -51.97
N HIS G 571 17.60 40.75 -52.69
CA HIS G 571 16.96 39.66 -53.44
C HIS G 571 16.76 38.43 -52.57
N VAL G 572 16.16 38.61 -51.41
CA VAL G 572 15.82 37.51 -50.55
C VAL G 572 14.36 37.11 -50.66
N ILE G 573 13.58 37.74 -51.52
CA ILE G 573 12.14 37.48 -51.68
C ILE G 573 11.85 37.13 -53.14
N GLY G 574 11.13 36.07 -53.36
CA GLY G 574 10.56 35.81 -54.66
C GLY G 574 9.07 35.71 -54.53
N ILE G 575 8.31 36.40 -55.35
CA ILE G 575 6.87 36.39 -55.35
C ILE G 575 6.46 35.98 -56.76
N TYR G 576 5.85 34.81 -56.90
CA TYR G 576 5.60 34.23 -58.21
C TYR G 576 4.16 33.81 -58.34
N PHE G 577 3.56 34.21 -59.43
CA PHE G 577 2.22 33.86 -59.78
C PHE G 577 2.28 32.77 -60.83
N ALA G 578 1.86 31.58 -60.46
CA ALA G 578 1.87 30.49 -61.39
C ALA G 578 0.65 30.64 -62.30
N THR G 579 0.90 31.01 -63.54
CA THR G 579 -0.14 31.19 -64.54
C THR G 579 -0.86 29.90 -64.89
N ASP G 580 -0.17 28.78 -64.87
CA ASP G 580 -0.67 27.46 -65.23
C ASP G 580 0.36 26.44 -64.76
N ALA G 581 0.15 25.19 -65.10
CA ALA G 581 1.04 24.11 -64.69
C ALA G 581 2.44 24.22 -65.28
N ASN G 582 2.58 24.68 -66.51
CA ASN G 582 3.92 24.82 -67.08
C ASN G 582 4.69 25.98 -66.51
N MET G 583 4.03 27.06 -66.14
CA MET G 583 4.68 28.15 -65.41
C MET G 583 5.02 27.72 -64.00
N LEU G 584 4.16 26.93 -63.37
CA LEU G 584 4.46 26.39 -62.05
C LEU G 584 5.72 25.54 -62.04
N LEU G 585 5.90 24.73 -63.07
CA LEU G 585 7.13 23.96 -63.22
C LEU G 585 8.35 24.86 -63.33
N ALA G 586 8.30 25.85 -64.20
CA ALA G 586 9.41 26.76 -64.36
C ALA G 586 9.72 27.50 -63.06
N ILE G 587 8.69 27.93 -62.32
CA ILE G 587 8.89 28.62 -61.07
C ILE G 587 9.54 27.69 -60.07
N ALA G 588 9.03 26.46 -59.99
CA ALA G 588 9.42 25.49 -58.98
C ALA G 588 10.86 25.08 -59.13
N GLU G 589 11.29 24.88 -60.36
CA GLU G 589 12.67 24.60 -60.65
C GLU G 589 13.60 25.76 -60.27
N LYS G 590 13.23 26.99 -60.58
CA LYS G 590 13.98 28.16 -60.14
C LYS G 590 14.07 28.27 -58.61
N CYS G 591 12.95 28.09 -57.92
CA CYS G 591 12.95 28.11 -56.47
C CYS G 591 13.74 26.95 -55.87
N TYR G 592 13.67 25.76 -56.47
CA TYR G 592 14.40 24.61 -55.96
C TYR G 592 15.90 24.72 -56.20
N LYS G 593 16.33 25.46 -57.20
CA LYS G 593 17.72 25.82 -57.40
C LYS G 593 18.21 27.06 -56.64
N SER G 594 17.34 27.87 -56.10
CA SER G 594 17.74 29.12 -55.49
C SER G 594 18.26 28.90 -54.08
N THR G 595 19.06 29.83 -53.63
CA THR G 595 19.59 29.86 -52.28
C THR G 595 19.25 31.19 -51.64
N ASN G 596 19.22 31.20 -50.31
CA ASN G 596 19.07 32.40 -49.47
C ASN G 596 17.80 33.20 -49.77
N LYS G 597 16.68 32.55 -49.99
CA LYS G 597 15.47 33.27 -50.32
C LYS G 597 14.26 32.77 -49.53
N ILE G 598 13.25 33.58 -49.54
CA ILE G 598 11.89 33.17 -49.26
C ILE G 598 11.13 33.28 -50.57
N ASN G 599 10.68 32.16 -51.07
CA ASN G 599 9.93 32.06 -52.32
C ASN G 599 8.46 31.75 -52.03
N ALA G 600 7.58 32.67 -52.34
CA ALA G 600 6.16 32.42 -52.32
C ALA G 600 5.68 32.04 -53.72
N ILE G 601 5.02 30.91 -53.83
CA ILE G 601 4.57 30.42 -55.12
C ILE G 601 3.08 30.35 -55.03
N ILE G 602 2.42 31.25 -55.68
CA ILE G 602 0.99 31.35 -55.61
C ILE G 602 0.45 30.61 -56.81
N ALA G 603 -0.15 29.46 -56.54
CA ALA G 603 -0.62 28.53 -57.54
C ALA G 603 -2.03 28.09 -57.21
N GLY G 604 -2.86 28.00 -58.20
CA GLY G 604 -4.17 27.46 -57.99
C GLY G 604 -4.17 25.95 -58.01
N LYS G 605 -5.07 25.39 -57.26
CA LYS G 605 -5.31 23.96 -57.30
C LYS G 605 -6.65 23.59 -57.93
N GLN G 606 -7.46 24.54 -58.36
CA GLN G 606 -8.71 24.30 -59.06
C GLN G 606 -8.46 23.96 -60.54
N PRO G 607 -9.41 23.32 -61.21
CA PRO G 607 -9.25 23.06 -62.65
C PRO G 607 -9.23 24.37 -63.42
N ALA G 608 -8.25 24.52 -64.29
CA ALA G 608 -8.00 25.75 -64.99
C ALA G 608 -7.31 25.43 -66.32
N ALA G 609 -7.25 26.39 -67.19
CA ALA G 609 -6.60 26.24 -68.48
C ALA G 609 -5.09 26.21 -68.36
N THR G 610 -4.44 25.64 -69.35
CA THR G 610 -3.00 25.76 -69.49
C THR G 610 -2.71 26.69 -70.64
N TRP G 611 -1.97 27.74 -70.37
CA TRP G 611 -1.78 28.85 -71.29
C TRP G 611 -0.49 28.77 -72.08
N LEU G 612 0.59 28.30 -71.48
CA LEU G 612 1.93 28.36 -72.01
C LEU G 612 2.53 26.98 -72.11
N THR G 613 3.44 26.82 -73.06
CA THR G 613 4.32 25.67 -73.04
C THR G 613 5.43 25.94 -72.03
N LEU G 614 6.19 24.90 -71.74
CA LEU G 614 7.25 25.06 -70.77
C LEU G 614 8.34 25.98 -71.29
N ASP G 615 8.65 25.91 -72.58
CA ASP G 615 9.65 26.79 -73.16
C ASP G 615 9.17 28.24 -73.21
N GLU G 616 7.88 28.49 -73.39
CA GLU G 616 7.40 29.85 -73.24
C GLU G 616 7.38 30.30 -71.79
N ALA G 617 7.02 29.41 -70.87
CA ALA G 617 6.99 29.72 -69.44
C ALA G 617 8.36 30.09 -68.93
N ARG G 618 9.40 29.38 -69.38
CA ARG G 618 10.77 29.72 -69.00
C ARG G 618 11.22 31.05 -69.59
N ALA G 619 10.67 31.47 -70.73
CA ALA G 619 11.03 32.75 -71.30
C ALA G 619 10.38 33.90 -70.54
N GLU G 620 9.08 33.81 -70.26
CA GLU G 620 8.39 34.80 -69.45
C GLU G 620 9.00 34.91 -68.06
N LEU G 621 9.38 33.79 -67.46
CA LEU G 621 9.92 33.78 -66.10
C LEU G 621 11.26 34.46 -65.99
N GLU G 622 12.13 34.35 -66.99
CA GLU G 622 13.44 34.98 -66.94
C GLU G 622 13.35 36.51 -66.89
N LYS G 623 12.46 37.09 -67.67
CA LYS G 623 12.22 38.52 -67.54
C LYS G 623 11.28 38.85 -66.41
N GLY G 624 10.26 38.04 -66.19
CA GLY G 624 9.38 38.24 -65.08
C GLY G 624 7.99 38.55 -65.54
N ALA G 625 7.91 39.38 -66.57
CA ALA G 625 6.70 39.68 -67.31
C ALA G 625 6.98 39.50 -68.79
N ALA G 626 5.93 39.28 -69.58
CA ALA G 626 6.07 39.10 -71.02
C ALA G 626 4.78 39.41 -71.74
N ALA G 627 4.90 39.99 -72.91
CA ALA G 627 3.78 40.09 -73.83
C ALA G 627 3.43 38.73 -74.41
N TRP G 628 2.18 38.51 -74.65
CA TRP G 628 1.69 37.28 -75.25
C TRP G 628 1.25 37.65 -76.68
N ASP G 629 2.20 37.59 -77.61
CA ASP G 629 1.88 38.04 -78.97
C ASP G 629 0.92 37.10 -79.65
N TRP G 630 0.88 35.84 -79.25
CA TRP G 630 -0.13 34.94 -79.77
C TRP G 630 -1.54 35.33 -79.34
N ALA G 631 -1.69 36.11 -78.27
CA ALA G 631 -3.01 36.52 -77.81
C ALA G 631 -3.34 37.96 -78.15
N SER G 632 -2.38 38.79 -78.50
CA SER G 632 -2.68 40.15 -78.86
C SER G 632 -3.29 40.19 -80.25
N THR G 633 -4.15 41.16 -80.49
CA THR G 633 -4.56 41.52 -81.84
C THR G 633 -3.94 42.83 -82.29
N ALA G 634 -3.34 43.60 -81.40
CA ALA G 634 -2.42 44.62 -81.83
C ALA G 634 -1.13 43.97 -82.27
N LYS G 635 -0.51 44.55 -83.26
CA LYS G 635 0.67 43.94 -83.84
C LYS G 635 1.93 44.75 -83.58
N ASN G 636 1.81 45.91 -82.96
CA ASN G 636 2.89 46.56 -82.22
C ASN G 636 2.24 47.52 -81.23
N ASN G 637 3.07 48.32 -80.58
CA ASN G 637 2.62 49.15 -79.48
C ASN G 637 1.78 50.35 -79.90
N ASP G 638 1.94 50.85 -81.12
CA ASP G 638 1.16 52.01 -81.54
C ASP G 638 -0.22 51.67 -82.04
N GLU G 639 -0.51 50.44 -82.41
CA GLU G 639 -1.90 50.20 -82.78
C GLU G 639 -2.70 49.57 -81.66
N ALA G 640 -2.08 49.22 -80.53
CA ALA G 640 -2.86 48.83 -79.36
C ALA G 640 -3.69 49.98 -78.85
N GLU G 641 -4.93 49.70 -78.59
CA GLU G 641 -5.75 50.67 -77.89
C GLU G 641 -5.73 50.46 -76.40
N VAL G 642 -5.45 49.25 -75.95
CA VAL G 642 -5.51 48.91 -74.54
C VAL G 642 -4.54 47.77 -74.31
N VAL G 643 -4.02 47.68 -73.10
CA VAL G 643 -3.14 46.59 -72.71
C VAL G 643 -3.84 45.81 -71.62
N LEU G 644 -4.05 44.55 -71.87
CA LEU G 644 -4.70 43.69 -70.92
C LEU G 644 -3.63 42.88 -70.19
N ALA G 645 -3.32 43.26 -68.99
CA ALA G 645 -2.31 42.57 -68.20
C ALA G 645 -2.97 41.76 -67.10
N ALA G 646 -2.31 40.69 -66.67
CA ALA G 646 -2.79 39.85 -65.58
C ALA G 646 -1.64 39.25 -64.81
N ALA G 647 -1.80 39.15 -63.51
CA ALA G 647 -0.93 38.39 -62.64
C ALA G 647 -1.78 37.45 -61.80
N GLY G 648 -1.59 36.15 -61.97
CA GLY G 648 -2.30 35.09 -61.30
C GLY G 648 -3.20 34.32 -62.25
N ASP G 649 -3.48 33.06 -61.90
CA ASP G 649 -4.24 32.17 -62.78
C ASP G 649 -5.70 32.58 -62.95
N VAL G 650 -6.39 32.98 -61.89
CA VAL G 650 -7.76 33.46 -62.07
C VAL G 650 -7.79 34.84 -62.75
N PRO G 651 -6.95 35.83 -62.42
CA PRO G 651 -6.90 37.02 -63.28
C PRO G 651 -6.55 36.75 -64.73
N THR G 652 -5.72 35.76 -65.00
CA THR G 652 -5.35 35.41 -66.36
C THR G 652 -6.55 34.84 -67.10
N GLN G 653 -7.36 34.02 -66.42
CA GLN G 653 -8.52 33.41 -67.04
C GLN G 653 -9.54 34.49 -67.41
N GLU G 654 -9.82 35.42 -66.50
CA GLU G 654 -10.75 36.51 -66.76
C GLU G 654 -10.24 37.48 -67.82
N ILE G 655 -8.95 37.76 -67.87
CA ILE G 655 -8.41 38.66 -68.88
C ILE G 655 -8.41 37.98 -70.24
N MET G 656 -8.16 36.66 -70.30
CA MET G 656 -8.19 35.96 -71.58
C MET G 656 -9.60 35.81 -72.12
N ALA G 657 -10.58 35.66 -71.22
CA ALA G 657 -11.98 35.66 -71.62
C ALA G 657 -12.47 37.05 -71.98
N ALA G 658 -11.89 38.10 -71.43
CA ALA G 658 -12.23 39.45 -71.84
C ALA G 658 -11.62 39.79 -73.18
N SER G 659 -10.41 39.31 -73.46
CA SER G 659 -9.77 39.54 -74.75
C SER G 659 -10.52 38.87 -75.90
N ASP G 660 -11.20 37.76 -75.66
CA ASP G 660 -11.98 37.11 -76.69
C ASP G 660 -13.24 37.90 -77.04
N LYS G 661 -13.89 38.47 -76.03
CA LYS G 661 -15.02 39.37 -76.25
C LYS G 661 -14.59 40.69 -76.85
N LEU G 662 -13.38 41.15 -76.57
CA LEU G 662 -12.89 42.37 -77.19
C LEU G 662 -12.55 42.14 -78.65
N LYS G 663 -11.97 40.99 -78.95
CA LYS G 663 -11.64 40.58 -80.30
C LYS G 663 -12.87 40.50 -81.18
N GLU G 664 -13.94 39.87 -80.67
CA GLU G 664 -15.26 39.84 -81.28
C GLU G 664 -15.81 41.22 -81.59
N LEU G 665 -15.44 42.24 -80.81
CA LEU G 665 -15.78 43.62 -81.11
C LEU G 665 -14.80 44.30 -82.04
N GLY G 666 -13.80 43.60 -82.53
CA GLY G 666 -12.86 44.25 -83.39
C GLY G 666 -11.72 45.00 -82.74
N VAL G 667 -11.65 45.10 -81.40
CA VAL G 667 -10.67 45.95 -80.71
C VAL G 667 -9.23 45.45 -80.89
N LYS G 668 -8.31 46.37 -81.07
CA LYS G 668 -6.88 46.10 -81.15
C LYS G 668 -6.28 46.25 -79.75
N PHE G 669 -5.80 45.15 -79.17
CA PHE G 669 -5.27 45.17 -77.82
C PHE G 669 -4.00 44.36 -77.76
N LYS G 670 -3.31 44.49 -76.67
CA LYS G 670 -2.13 43.71 -76.35
C LYS G 670 -2.34 43.02 -75.00
N VAL G 671 -1.96 41.76 -74.92
CA VAL G 671 -2.10 40.96 -73.71
C VAL G 671 -0.73 40.74 -73.06
N VAL G 672 -0.62 41.01 -71.76
CA VAL G 672 0.60 40.85 -70.97
C VAL G 672 0.37 39.89 -69.81
N ASN G 673 1.33 39.05 -69.51
CA ASN G 673 1.28 38.25 -68.31
C ASN G 673 2.45 38.57 -67.40
N VAL G 674 2.19 38.64 -66.12
CA VAL G 674 3.18 38.93 -65.11
C VAL G 674 3.31 37.68 -64.24
N ALA G 675 4.42 36.99 -64.33
CA ALA G 675 4.66 35.84 -63.49
C ALA G 675 5.42 36.18 -62.22
N ASP G 676 6.30 37.17 -62.25
CA ASP G 676 7.20 37.51 -61.15
C ASP G 676 6.93 38.96 -60.78
N LEU G 677 6.43 39.18 -59.57
CA LEU G 677 5.88 40.45 -59.14
C LEU G 677 6.95 41.52 -58.98
N LEU G 678 8.12 41.16 -58.49
CA LEU G 678 9.21 42.10 -58.32
C LEU G 678 9.87 42.52 -59.62
N SER G 679 9.47 41.99 -60.76
CA SER G 679 9.94 42.50 -62.05
C SER G 679 9.40 43.89 -62.34
N LEU G 680 8.32 44.29 -61.66
CA LEU G 680 7.68 45.57 -61.84
C LEU G 680 8.25 46.65 -60.95
N GLN G 681 9.02 46.26 -59.93
CA GLN G 681 9.69 47.15 -59.00
C GLN G 681 10.58 48.11 -59.75
N SER G 682 10.66 49.34 -59.24
CA SER G 682 11.55 50.38 -59.72
C SER G 682 12.93 49.86 -60.09
N ALA G 683 13.33 50.15 -61.30
CA ALA G 683 14.62 49.71 -61.82
C ALA G 683 15.80 50.32 -61.07
N LYS G 684 15.61 51.45 -60.43
CA LYS G 684 16.59 52.01 -59.53
C LYS G 684 16.72 51.17 -58.27
N GLU G 685 15.59 50.75 -57.73
CA GLU G 685 15.58 50.01 -56.49
C GLU G 685 16.05 48.57 -56.65
N ASN G 686 15.84 47.95 -57.79
CA ASN G 686 15.96 46.52 -57.99
C ASN G 686 16.68 46.29 -59.32
N ASP G 687 17.91 45.83 -59.30
CA ASP G 687 18.64 45.61 -60.56
C ASP G 687 18.32 44.29 -61.24
N GLU G 688 17.45 43.46 -60.68
CA GLU G 688 16.87 42.35 -61.42
C GLU G 688 15.53 42.71 -62.07
N ALA G 689 14.92 43.81 -61.71
CA ALA G 689 13.63 44.13 -62.29
C ALA G 689 13.79 44.66 -63.71
N LEU G 690 12.70 44.61 -64.47
CA LEU G 690 12.62 45.18 -65.82
C LEU G 690 13.20 46.59 -65.89
N THR G 691 14.08 46.82 -66.86
CA THR G 691 14.53 48.18 -67.13
C THR G 691 13.33 49.01 -67.56
N ASP G 692 13.48 50.33 -67.52
CA ASP G 692 12.35 51.20 -67.88
C ASP G 692 12.03 51.10 -69.36
N GLU G 693 13.01 50.77 -70.18
CA GLU G 693 12.80 50.56 -71.60
C GLU G 693 12.14 49.21 -71.88
N GLU G 694 12.57 48.15 -71.21
CA GLU G 694 11.87 46.87 -71.23
C GLU G 694 10.45 46.98 -70.68
N PHE G 695 10.25 47.82 -69.68
CA PHE G 695 8.91 47.98 -69.11
C PHE G 695 7.99 48.69 -70.09
N ALA G 696 8.49 49.69 -70.77
CA ALA G 696 7.66 50.40 -71.71
C ALA G 696 7.51 49.68 -73.04
N ASP G 697 8.31 48.69 -73.33
CA ASP G 697 7.99 47.89 -74.50
C ASP G 697 6.84 46.96 -74.21
N ILE G 698 6.84 46.38 -73.01
CA ILE G 698 5.80 45.46 -72.61
C ILE G 698 4.49 46.21 -72.40
N PHE G 699 4.51 47.26 -71.61
CA PHE G 699 3.27 47.85 -71.16
C PHE G 699 2.72 48.98 -72.02
N THR G 700 3.49 49.99 -72.36
CA THR G 700 3.54 50.76 -73.62
C THR G 700 4.12 52.06 -73.08
N ALA G 701 4.36 53.05 -73.91
CA ALA G 701 4.60 54.35 -73.34
C ALA G 701 3.33 55.07 -72.91
N ASP G 702 2.21 54.83 -73.59
CA ASP G 702 1.03 55.67 -73.36
C ASP G 702 -0.34 55.00 -73.49
N LYS G 703 -0.44 53.81 -73.57
CA LYS G 703 -1.78 53.24 -73.72
C LYS G 703 -2.39 52.91 -72.36
N PRO G 704 -3.72 52.96 -72.25
CA PRO G 704 -4.38 52.45 -71.05
C PRO G 704 -4.07 50.98 -70.77
N VAL G 705 -3.56 50.70 -69.58
CA VAL G 705 -3.32 49.31 -69.16
C VAL G 705 -4.41 48.92 -68.19
N LEU G 706 -5.18 47.93 -68.53
CA LEU G 706 -6.05 47.26 -67.59
C LEU G 706 -5.30 46.07 -67.00
N PHE G 707 -5.20 46.03 -65.68
CA PHE G 707 -4.34 45.11 -64.95
C PHE G 707 -5.20 44.34 -63.94
N ALA G 708 -5.46 43.09 -64.20
CA ALA G 708 -6.14 42.24 -63.24
C ALA G 708 -5.10 41.58 -62.37
N TYR G 709 -5.13 41.84 -61.08
CA TYR G 709 -4.12 41.39 -60.13
C TYR G 709 -4.74 40.45 -59.13
N HIS G 710 -4.00 39.41 -58.73
CA HIS G 710 -4.50 38.38 -57.83
C HIS G 710 -4.78 38.94 -56.41
N SER G 711 -4.02 39.90 -55.92
CA SER G 711 -4.06 40.28 -54.51
C SER G 711 -4.54 41.71 -54.48
N TYR G 712 -4.27 42.48 -53.45
CA TYR G 712 -4.70 43.86 -53.36
C TYR G 712 -4.02 44.76 -54.40
N ALA G 713 -4.83 45.47 -55.18
CA ALA G 713 -4.38 46.47 -56.15
C ALA G 713 -3.36 47.46 -55.58
N HIS G 714 -3.47 47.78 -54.31
CA HIS G 714 -2.49 48.60 -53.61
C HIS G 714 -1.05 48.10 -53.72
N ASP G 715 -0.82 46.77 -53.72
CA ASP G 715 0.53 46.20 -53.97
C ASP G 715 1.11 46.69 -55.27
N VAL G 716 0.33 46.64 -56.34
CA VAL G 716 0.84 47.00 -57.65
C VAL G 716 0.99 48.50 -57.79
N ARG G 717 0.01 49.27 -57.33
CA ARG G 717 0.05 50.73 -57.43
C ARG G 717 1.26 51.29 -56.72
N GLY G 718 1.61 50.70 -55.58
CA GLY G 718 2.80 51.10 -54.86
C GLY G 718 4.10 50.75 -55.55
N LEU G 719 4.15 49.64 -56.24
CA LEU G 719 5.35 49.17 -56.91
C LEU G 719 5.68 49.93 -58.18
N ILE G 720 4.68 50.37 -58.94
CA ILE G 720 4.92 50.97 -60.24
C ILE G 720 4.92 52.50 -60.17
N TYR G 721 5.15 53.09 -59.00
CA TYR G 721 4.88 54.52 -58.76
C TYR G 721 5.75 55.42 -59.61
N ASP G 722 6.93 54.95 -60.00
CA ASP G 722 7.81 55.69 -60.88
C ASP G 722 8.08 54.98 -62.21
N ARG G 723 7.23 54.09 -62.61
CA ARG G 723 7.39 53.42 -63.88
C ARG G 723 6.81 54.28 -65.01
N PRO G 724 7.32 54.15 -66.23
CA PRO G 724 6.67 54.81 -67.39
C PRO G 724 5.24 54.37 -67.58
N ASN G 725 4.39 55.32 -67.93
CA ASN G 725 2.97 55.09 -68.20
C ASN G 725 2.20 54.60 -66.97
N HIS G 726 2.63 54.93 -65.76
CA HIS G 726 1.97 54.32 -64.60
C HIS G 726 0.65 54.96 -64.26
N ASP G 727 0.47 56.24 -64.62
CA ASP G 727 -0.81 56.92 -64.50
C ASP G 727 -1.88 56.32 -65.39
N ASN G 728 -1.53 55.49 -66.35
CA ASN G 728 -2.53 54.88 -67.19
C ASN G 728 -2.93 53.50 -66.73
N PHE G 729 -2.25 52.95 -65.74
CA PHE G 729 -2.65 51.67 -65.20
C PHE G 729 -3.98 51.80 -64.48
N ASN G 730 -4.76 50.74 -64.56
CA ASN G 730 -6.04 50.61 -63.89
C ASN G 730 -6.05 49.22 -63.25
N VAL G 731 -5.64 49.15 -62.00
CA VAL G 731 -5.40 47.87 -61.37
C VAL G 731 -6.69 47.38 -60.76
N HIS G 732 -7.05 46.13 -60.99
CA HIS G 732 -8.18 45.49 -60.32
C HIS G 732 -7.61 44.34 -59.51
N GLY G 733 -7.84 44.36 -58.22
CA GLY G 733 -7.53 43.24 -57.39
C GLY G 733 -8.64 42.72 -56.52
N TYR G 734 -8.31 41.90 -55.54
CA TYR G 734 -9.21 41.64 -54.42
C TYR G 734 -9.57 42.92 -53.72
N GLU G 735 -10.84 43.13 -53.48
CA GLU G 735 -11.26 44.33 -52.79
C GLU G 735 -12.13 44.02 -51.61
N GLU G 736 -11.83 42.97 -50.87
CA GLU G 736 -12.54 42.60 -49.64
C GLU G 736 -14.02 42.31 -49.88
N GLU G 737 -14.38 41.77 -51.02
CA GLU G 737 -15.75 41.34 -51.23
C GLU G 737 -15.75 39.85 -51.44
N GLY G 738 -16.81 39.22 -50.99
CA GLY G 738 -16.99 37.81 -51.20
C GLY G 738 -17.88 37.23 -50.12
N SER G 739 -18.20 35.99 -50.28
CA SER G 739 -19.11 35.24 -49.42
C SER G 739 -18.88 33.79 -49.81
N THR G 740 -19.66 32.89 -49.25
CA THR G 740 -19.65 31.53 -49.79
C THR G 740 -20.55 31.56 -51.01
N THR G 741 -20.00 31.27 -52.20
CA THR G 741 -20.76 31.57 -53.42
C THR G 741 -20.15 30.77 -54.59
N THR G 742 -20.47 31.11 -55.76
CA THR G 742 -19.91 30.44 -56.92
C THR G 742 -18.61 31.12 -57.33
N PRO G 743 -17.77 30.48 -58.14
CA PRO G 743 -16.55 31.16 -58.60
C PRO G 743 -16.77 32.41 -59.41
N TYR G 744 -17.81 32.45 -60.24
CA TYR G 744 -18.11 33.67 -60.99
C TYR G 744 -18.47 34.79 -60.05
N ASP G 745 -19.30 34.51 -59.06
CA ASP G 745 -19.67 35.55 -58.14
C ASP G 745 -18.51 36.12 -57.34
N MET G 746 -17.46 35.34 -57.07
CA MET G 746 -16.24 35.87 -56.46
C MET G 746 -15.53 36.88 -57.34
N VAL G 747 -15.40 36.60 -58.62
CA VAL G 747 -14.74 37.55 -59.47
C VAL G 747 -15.64 38.75 -59.76
N ARG G 748 -16.95 38.57 -59.77
CA ARG G 748 -17.89 39.63 -60.07
C ARG G 748 -17.91 40.70 -58.98
N VAL G 749 -17.97 40.30 -57.72
CA VAL G 749 -18.09 41.26 -56.64
C VAL G 749 -16.79 42.00 -56.40
N ASN G 750 -15.67 41.53 -56.91
CA ASN G 750 -14.40 42.19 -56.79
C ASN G 750 -14.02 42.91 -58.08
N ARG G 751 -14.92 42.95 -59.06
CA ARG G 751 -14.80 43.76 -60.30
C ARG G 751 -13.63 43.31 -61.15
N ILE G 752 -13.48 42.00 -61.25
CA ILE G 752 -12.41 41.38 -61.99
C ILE G 752 -12.90 40.28 -62.91
N ASP G 753 -14.20 40.00 -62.92
CA ASP G 753 -14.82 39.10 -63.88
C ASP G 753 -14.65 39.60 -65.30
N ARG G 754 -14.73 38.65 -66.23
CA ARG G 754 -14.53 38.90 -67.65
C ARG G 754 -15.46 39.95 -68.23
N TYR G 755 -16.67 40.13 -67.71
CA TYR G 755 -17.60 41.07 -68.29
C TYR G 755 -17.30 42.46 -67.83
N GLU G 756 -16.97 42.62 -66.56
CA GLU G 756 -16.54 43.90 -66.04
C GLU G 756 -15.24 44.36 -66.67
N LEU G 757 -14.29 43.45 -66.82
CA LEU G 757 -13.01 43.74 -67.45
C LEU G 757 -13.18 44.10 -68.92
N THR G 758 -14.07 43.42 -69.63
CA THR G 758 -14.40 43.82 -70.99
C THR G 758 -14.97 45.22 -71.03
N ALA G 759 -15.86 45.51 -70.10
CA ALA G 759 -16.50 46.82 -70.01
C ALA G 759 -15.52 47.91 -69.61
N GLU G 760 -14.60 47.63 -68.68
CA GLU G 760 -13.58 48.61 -68.30
C GLU G 760 -12.64 48.92 -69.45
N ALA G 761 -12.27 47.92 -70.24
CA ALA G 761 -11.47 48.17 -71.43
C ALA G 761 -12.17 49.09 -72.42
N LEU G 762 -13.47 48.93 -72.61
CA LEU G 762 -14.20 49.78 -73.54
C LEU G 762 -14.37 51.20 -73.00
N ARG G 763 -14.49 51.35 -71.69
CA ARG G 763 -14.55 52.69 -71.12
C ARG G 763 -13.21 53.40 -71.23
N MET G 764 -12.12 52.67 -71.13
CA MET G 764 -10.78 53.20 -71.30
C MET G 764 -10.51 53.58 -72.76
N ILE G 765 -11.10 52.88 -73.72
CA ILE G 765 -10.81 53.14 -75.13
C ILE G 765 -11.67 54.29 -75.61
N ASP G 766 -13.00 54.13 -75.49
CA ASP G 766 -13.98 55.15 -75.83
C ASP G 766 -15.29 54.77 -75.12
N ALA G 767 -15.59 55.42 -74.01
CA ALA G 767 -16.74 55.03 -73.20
C ALA G 767 -18.07 55.40 -73.80
N ASP G 768 -18.04 56.03 -74.97
CA ASP G 768 -19.12 56.74 -75.61
C ASP G 768 -19.60 56.05 -76.89
N LYS G 769 -18.68 55.62 -77.75
CA LYS G 769 -19.05 54.79 -78.88
C LYS G 769 -19.39 53.36 -78.47
N TYR G 770 -18.86 52.88 -77.34
CA TYR G 770 -19.17 51.55 -76.88
C TYR G 770 -20.22 51.57 -75.80
N ALA G 771 -20.97 52.67 -75.68
CA ALA G 771 -21.89 52.86 -74.58
C ALA G 771 -23.00 51.83 -74.57
N ASP G 772 -23.46 51.42 -75.75
CA ASP G 772 -24.51 50.42 -75.84
C ASP G 772 -23.99 49.08 -75.33
N LYS G 773 -22.83 48.65 -75.81
CA LYS G 773 -22.26 47.37 -75.48
C LYS G 773 -21.81 47.31 -74.03
N ILE G 774 -21.38 48.44 -73.47
CA ILE G 774 -21.05 48.51 -72.05
C ILE G 774 -22.28 48.26 -71.20
N ASP G 775 -23.39 48.96 -71.46
CA ASP G 775 -24.65 48.72 -70.76
C ASP G 775 -25.15 47.29 -70.93
N GLU G 776 -24.82 46.66 -72.04
CA GLU G 776 -25.14 45.26 -72.25
C GLU G 776 -24.28 44.33 -71.40
N LEU G 777 -22.99 44.61 -71.26
CA LEU G 777 -22.15 43.75 -70.44
C LEU G 777 -22.51 43.84 -68.96
N GLU G 778 -22.81 45.04 -68.47
CA GLU G 778 -23.21 45.23 -67.08
C GLU G 778 -24.52 44.55 -66.75
N LYS G 779 -25.43 44.48 -67.71
CA LYS G 779 -26.70 43.79 -67.46
C LYS G 779 -26.52 42.30 -67.42
N PHE G 780 -25.63 41.74 -68.23
CA PHE G 780 -25.31 40.33 -68.16
C PHE G 780 -24.70 39.94 -66.82
N ARG G 781 -23.92 40.83 -66.22
CA ARG G 781 -23.29 40.50 -64.95
C ARG G 781 -24.31 40.24 -63.88
N ASP G 782 -25.38 41.03 -63.88
CA ASP G 782 -26.47 40.83 -62.97
C ASP G 782 -27.27 39.59 -63.33
N GLU G 783 -27.30 39.23 -64.61
CA GLU G 783 -28.06 38.11 -65.06
C GLU G 783 -27.34 36.80 -64.82
N ALA G 784 -26.04 36.75 -65.07
CA ALA G 784 -25.25 35.59 -64.68
C ALA G 784 -25.21 35.41 -63.16
N PHE G 785 -25.29 36.48 -62.38
CA PHE G 785 -25.48 36.28 -60.93
C PHE G 785 -26.86 35.74 -60.61
N GLN G 786 -27.88 36.24 -61.24
CA GLN G 786 -29.22 35.73 -61.00
C GLN G 786 -29.39 34.27 -61.45
N PHE G 787 -28.64 33.83 -62.45
CA PHE G 787 -28.63 32.43 -62.83
C PHE G 787 -28.07 31.55 -61.72
N ALA G 788 -26.96 31.96 -61.12
CA ALA G 788 -26.35 31.18 -60.04
C ALA G 788 -27.31 31.04 -58.87
N VAL G 789 -27.99 32.12 -58.50
CA VAL G 789 -28.98 32.08 -57.44
C VAL G 789 -30.12 31.11 -57.77
N ASP G 790 -30.63 31.16 -58.99
CA ASP G 790 -31.76 30.35 -59.37
C ASP G 790 -31.40 28.86 -59.48
N ASN G 791 -30.28 28.55 -60.10
CA ASN G 791 -30.00 27.20 -60.52
C ASN G 791 -29.02 26.48 -59.63
N GLY G 792 -28.15 27.18 -58.95
CA GLY G 792 -27.18 26.56 -58.08
C GLY G 792 -25.79 26.33 -58.65
N TYR G 793 -25.43 26.97 -59.75
CA TYR G 793 -24.17 26.77 -60.45
C TYR G 793 -24.09 27.89 -61.45
N ASP G 794 -22.90 28.16 -61.96
CA ASP G 794 -22.65 29.33 -62.77
C ASP G 794 -23.23 29.18 -64.17
N HIS G 795 -23.52 30.32 -64.76
CA HIS G 795 -24.09 30.44 -66.09
C HIS G 795 -23.21 29.76 -67.13
N PRO G 796 -23.80 29.04 -68.09
CA PRO G 796 -22.98 28.30 -69.07
C PRO G 796 -22.08 29.16 -69.93
N ASP G 797 -22.40 30.43 -70.15
CA ASP G 797 -21.45 31.28 -70.83
C ASP G 797 -20.19 31.47 -70.03
N TYR G 798 -20.29 31.42 -68.71
CA TYR G 798 -19.11 31.45 -67.89
C TYR G 798 -18.42 30.10 -67.87
N THR G 799 -19.12 29.04 -67.48
CA THR G 799 -18.47 27.76 -67.18
C THR G 799 -17.97 27.04 -68.43
N ASP G 800 -18.58 27.25 -69.57
CA ASP G 800 -18.25 26.46 -70.75
C ASP G 800 -17.28 27.16 -71.67
N TRP G 801 -16.71 28.29 -71.25
CA TRP G 801 -15.87 29.09 -72.12
C TRP G 801 -14.51 28.42 -72.33
N VAL G 802 -14.09 28.34 -73.56
CA VAL G 802 -12.76 27.91 -73.91
C VAL G 802 -12.18 29.01 -74.78
N TYR G 803 -10.91 29.29 -74.61
CA TYR G 803 -10.25 30.29 -75.42
C TYR G 803 -10.21 29.89 -76.89
N SER G 804 -10.45 30.86 -77.76
CA SER G 804 -10.59 30.65 -79.19
C SER G 804 -9.33 30.07 -79.83
N GLY G 805 -8.17 30.33 -79.24
CA GLY G 805 -6.93 29.64 -79.58
C GLY G 805 -6.96 28.13 -79.46
N VAL G 806 -7.92 27.55 -78.79
CA VAL G 806 -7.98 26.10 -78.64
C VAL G 806 -8.64 25.49 -79.86
N ASN G 807 -7.91 24.59 -80.49
CA ASN G 807 -8.42 23.76 -81.55
C ASN G 807 -8.87 22.44 -81.04
N THR H 2 -21.50 47.66 -17.50
CA THR H 2 -20.86 46.40 -17.17
C THR H 2 -21.74 45.23 -17.61
N SER H 3 -21.31 44.03 -17.32
CA SER H 3 -22.04 42.84 -17.75
C SER H 3 -23.34 42.70 -16.96
N PRO H 4 -24.43 42.35 -17.60
CA PRO H 4 -25.66 42.05 -16.85
C PRO H 4 -25.56 40.71 -16.13
N VAL H 5 -26.08 40.66 -14.92
CA VAL H 5 -26.37 39.41 -14.23
C VAL H 5 -27.64 38.81 -14.83
N ILE H 6 -27.53 37.67 -15.47
CA ILE H 6 -28.63 37.05 -16.22
C ILE H 6 -28.94 35.72 -15.56
N GLY H 7 -30.20 35.47 -15.29
CA GLY H 7 -30.62 34.16 -14.85
C GLY H 7 -30.32 33.93 -13.38
N THR H 8 -30.18 32.67 -13.00
CA THR H 8 -29.88 32.25 -11.64
C THR H 8 -28.57 31.49 -11.73
N PRO H 9 -27.44 32.17 -11.64
CA PRO H 9 -26.18 31.49 -11.96
C PRO H 9 -25.73 30.55 -10.86
N TRP H 10 -24.97 29.55 -11.29
CA TRP H 10 -24.24 28.62 -10.45
C TRP H 10 -25.17 27.84 -9.50
N LYS H 11 -26.29 27.39 -10.01
CA LYS H 11 -27.25 26.59 -9.23
C LYS H 11 -27.15 25.12 -9.57
N LYS H 12 -27.02 24.31 -8.53
CA LYS H 12 -27.12 22.88 -8.66
C LYS H 12 -28.56 22.45 -8.95
N LEU H 13 -28.67 21.26 -9.52
CA LEU H 13 -29.94 20.70 -9.91
C LEU H 13 -30.62 20.02 -8.75
N ASN H 14 -29.87 19.24 -7.96
CA ASN H 14 -30.31 18.50 -6.78
C ASN H 14 -31.39 17.44 -7.10
N ALA H 15 -31.37 16.91 -8.31
CA ALA H 15 -32.24 15.86 -8.79
C ALA H 15 -31.58 15.22 -10.01
N PRO H 16 -31.92 13.98 -10.35
CA PRO H 16 -31.45 13.42 -11.61
C PRO H 16 -32.11 14.14 -12.77
N VAL H 17 -31.46 14.12 -13.91
CA VAL H 17 -32.07 14.67 -15.10
C VAL H 17 -33.31 13.85 -15.45
N SER H 18 -34.40 14.53 -15.78
CA SER H 18 -35.65 13.87 -16.02
C SER H 18 -35.58 13.09 -17.32
N GLU H 19 -36.20 11.93 -17.32
CA GLU H 19 -36.26 11.10 -18.50
C GLU H 19 -36.94 11.80 -19.67
N GLU H 20 -37.94 12.64 -19.39
CA GLU H 20 -38.58 13.41 -20.45
C GLU H 20 -37.61 14.40 -21.11
N ALA H 21 -36.85 15.15 -20.32
CA ALA H 21 -35.84 16.05 -20.88
C ALA H 21 -34.83 15.33 -21.74
N LEU H 22 -34.46 14.12 -21.34
CA LEU H 22 -33.55 13.35 -22.17
C LEU H 22 -34.18 12.91 -23.48
N GLU H 23 -35.49 12.67 -23.50
CA GLU H 23 -36.14 12.37 -24.77
C GLU H 23 -36.21 13.60 -25.64
N GLY H 24 -36.40 14.76 -25.02
CA GLY H 24 -36.16 16.01 -25.70
C GLY H 24 -34.79 16.11 -26.33
N VAL H 25 -33.73 15.81 -25.58
CA VAL H 25 -32.37 15.96 -26.10
C VAL H 25 -32.13 15.01 -27.27
N ASP H 26 -32.70 13.81 -27.20
CA ASP H 26 -32.47 12.85 -28.28
C ASP H 26 -33.19 13.26 -29.54
N LYS H 27 -34.38 13.81 -29.44
CA LYS H 27 -35.07 14.37 -30.59
C LYS H 27 -34.37 15.61 -31.12
N TYR H 28 -33.89 16.50 -30.25
CA TYR H 28 -33.05 17.60 -30.67
C TYR H 28 -31.90 17.13 -31.56
N TRP H 29 -31.15 16.12 -31.11
CA TRP H 29 -29.99 15.65 -31.84
C TRP H 29 -30.39 15.12 -33.21
N ARG H 30 -31.46 14.31 -33.28
CA ARG H 30 -31.97 13.82 -34.55
C ARG H 30 -32.36 14.95 -35.50
N VAL H 31 -33.15 15.91 -35.05
CA VAL H 31 -33.61 16.98 -35.91
C VAL H 31 -32.48 17.97 -36.23
N ALA H 32 -31.58 18.25 -35.29
CA ALA H 32 -30.47 19.09 -35.65
C ALA H 32 -29.57 18.39 -36.65
N ASN H 33 -29.43 17.07 -36.55
CA ASN H 33 -28.61 16.34 -37.51
C ASN H 33 -29.26 16.35 -38.89
N TYR H 34 -30.56 16.07 -38.93
CA TYR H 34 -31.36 16.20 -40.14
C TYR H 34 -31.24 17.59 -40.75
N LEU H 35 -31.36 18.63 -39.94
CA LEU H 35 -31.31 19.99 -40.47
C LEU H 35 -29.93 20.39 -40.88
N SER H 36 -28.92 19.82 -40.26
CA SER H 36 -27.57 20.03 -40.70
C SER H 36 -27.32 19.39 -42.07
N ILE H 37 -27.73 18.14 -42.28
CA ILE H 37 -27.66 17.44 -43.58
C ILE H 37 -28.51 18.13 -44.65
N GLY H 38 -29.70 18.59 -44.30
CA GLY H 38 -30.55 19.26 -45.27
C GLY H 38 -29.91 20.52 -45.84
N GLN H 39 -29.23 21.28 -44.99
CA GLN H 39 -28.50 22.48 -45.35
C GLN H 39 -27.32 22.21 -46.26
N ILE H 40 -26.61 21.09 -46.06
CA ILE H 40 -25.50 20.70 -46.91
C ILE H 40 -25.99 20.15 -48.25
N TYR H 41 -26.98 19.27 -48.25
CA TYR H 41 -27.29 18.47 -49.43
C TYR H 41 -28.47 18.95 -50.25
N LEU H 42 -29.49 19.54 -49.66
CA LEU H 42 -30.78 19.73 -50.31
C LEU H 42 -31.02 21.15 -50.79
N ARG H 43 -31.43 21.28 -52.03
CA ARG H 43 -31.90 22.56 -52.54
C ARG H 43 -33.41 22.64 -52.59
N SER H 44 -34.10 21.52 -52.60
CA SER H 44 -35.56 21.47 -52.60
C SER H 44 -36.01 20.30 -51.78
N ASN H 45 -37.33 20.26 -51.60
CA ASN H 45 -38.07 19.14 -51.02
C ASN H 45 -37.52 18.69 -49.66
N PRO H 46 -37.56 19.58 -48.64
CA PRO H 46 -36.81 19.33 -47.41
C PRO H 46 -37.25 18.12 -46.62
N LEU H 47 -38.54 17.82 -46.68
CA LEU H 47 -39.10 16.70 -45.94
C LEU H 47 -39.25 15.45 -46.78
N MET H 48 -38.57 15.40 -47.93
CA MET H 48 -38.53 14.24 -48.84
C MET H 48 -39.93 13.71 -49.18
N LYS H 49 -40.85 14.61 -49.54
CA LYS H 49 -42.12 14.21 -50.12
C LYS H 49 -41.87 13.52 -51.43
N GLU H 50 -42.61 12.47 -51.68
CA GLU H 50 -42.77 11.82 -52.98
C GLU H 50 -43.08 12.84 -54.08
N PRO H 51 -42.22 12.99 -55.10
CA PRO H 51 -40.97 12.24 -55.21
C PRO H 51 -39.73 13.02 -54.79
N PHE H 52 -38.94 12.37 -53.96
CA PHE H 52 -37.64 12.85 -53.56
C PHE H 52 -36.61 12.24 -54.50
N THR H 53 -36.08 13.05 -55.40
CA THR H 53 -35.14 12.54 -56.40
C THR H 53 -33.85 13.35 -56.36
N ARG H 54 -32.91 12.98 -57.23
CA ARG H 54 -31.62 13.61 -57.34
C ARG H 54 -31.68 15.07 -57.73
N GLU H 55 -32.75 15.52 -58.35
CA GLU H 55 -32.97 16.94 -58.58
C GLU H 55 -33.12 17.77 -57.32
N ASP H 56 -33.51 17.17 -56.21
CA ASP H 56 -33.55 17.92 -54.97
C ASP H 56 -32.18 18.16 -54.34
N VAL H 57 -31.12 17.60 -54.88
CA VAL H 57 -29.80 17.67 -54.29
C VAL H 57 -29.09 18.88 -54.88
N LYS H 58 -28.38 19.62 -54.04
CA LYS H 58 -27.59 20.74 -54.50
C LYS H 58 -26.52 20.33 -55.49
N HIS H 59 -26.29 21.18 -56.46
CA HIS H 59 -25.32 20.87 -57.50
C HIS H 59 -23.91 20.87 -57.00
N ARG H 60 -23.63 21.62 -55.97
CA ARG H 60 -22.30 21.66 -55.42
C ARG H 60 -22.40 21.54 -53.92
N LEU H 61 -21.71 20.57 -53.36
CA LEU H 61 -21.82 20.30 -51.94
C LEU H 61 -20.72 21.04 -51.21
N VAL H 62 -21.13 21.94 -50.35
CA VAL H 62 -20.29 22.82 -49.56
C VAL H 62 -20.62 22.59 -48.10
N GLY H 63 -19.62 22.54 -47.26
CA GLY H 63 -19.84 22.46 -45.83
C GLY H 63 -19.17 21.24 -45.26
N HIS H 64 -19.37 21.07 -43.96
CA HIS H 64 -18.59 20.14 -43.18
C HIS H 64 -19.55 19.31 -42.36
N TRP H 65 -19.54 18.02 -42.57
CA TRP H 65 -20.26 17.10 -41.74
C TRP H 65 -19.49 16.64 -40.50
N GLY H 66 -18.18 16.48 -40.53
CA GLY H 66 -17.47 15.65 -39.55
C GLY H 66 -17.61 16.10 -38.11
N THR H 67 -17.38 17.37 -37.86
CA THR H 67 -17.59 17.92 -36.53
C THR H 67 -19.07 18.07 -36.14
N THR H 68 -19.98 18.14 -37.09
CA THR H 68 -21.36 18.58 -36.86
C THR H 68 -22.20 17.70 -35.93
N PRO H 69 -22.32 16.38 -36.12
CA PRO H 69 -23.18 15.64 -35.20
C PRO H 69 -22.65 15.64 -33.78
N GLY H 70 -21.35 15.73 -33.59
CA GLY H 70 -20.83 15.94 -32.26
C GLY H 70 -21.22 17.28 -31.66
N LEU H 71 -21.23 18.32 -32.46
CA LEU H 71 -21.61 19.64 -31.98
C LEU H 71 -23.09 19.67 -31.65
N ASN H 72 -23.92 19.02 -32.48
CA ASN H 72 -25.37 18.92 -32.26
C ASN H 72 -25.70 18.16 -30.98
N PHE H 73 -24.89 17.15 -30.64
CA PHE H 73 -25.05 16.40 -29.41
C PHE H 73 -24.81 17.32 -28.24
N LEU H 74 -23.64 17.96 -28.22
CA LEU H 74 -23.24 18.86 -27.16
C LEU H 74 -24.22 20.00 -26.99
N ILE H 75 -24.66 20.60 -28.10
CA ILE H 75 -25.57 21.75 -28.07
C ILE H 75 -26.94 21.36 -27.53
N GLY H 76 -27.47 20.21 -27.95
CA GLY H 76 -28.66 19.64 -27.34
C GLY H 76 -28.60 19.49 -25.84
N HIS H 77 -27.51 18.94 -25.33
CA HIS H 77 -27.35 18.75 -23.90
C HIS H 77 -27.12 20.07 -23.18
N ILE H 78 -26.44 21.03 -23.82
CA ILE H 78 -26.24 22.35 -23.25
C ILE H 78 -27.55 23.12 -23.17
N ASN H 79 -28.39 23.04 -24.19
CA ASN H 79 -29.73 23.63 -24.12
C ASN H 79 -30.60 23.05 -23.01
N ARG H 80 -30.61 21.73 -22.84
CA ARG H 80 -31.24 21.11 -21.69
C ARG H 80 -30.70 21.66 -20.38
N PHE H 81 -29.39 21.65 -20.21
CA PHE H 81 -28.74 22.28 -19.07
C PHE H 81 -29.22 23.70 -18.85
N ILE H 82 -29.34 24.51 -19.89
CA ILE H 82 -29.65 25.92 -19.70
C ILE H 82 -31.08 26.07 -19.19
N ALA H 83 -32.02 25.37 -19.81
CA ALA H 83 -33.42 25.42 -19.40
C ALA H 83 -33.64 24.90 -17.98
N ASP H 84 -32.95 23.83 -17.58
CA ASP H 84 -33.05 23.28 -16.23
C ASP H 84 -32.41 24.17 -15.14
N HIS H 85 -31.36 24.92 -15.45
CA HIS H 85 -30.66 25.63 -14.41
C HIS H 85 -30.83 27.15 -14.47
N GLY H 86 -31.44 27.67 -15.52
CA GLY H 86 -31.39 29.10 -15.78
C GLY H 86 -30.01 29.73 -15.80
N GLN H 87 -29.03 29.06 -16.39
CA GLN H 87 -27.67 29.59 -16.47
C GLN H 87 -27.45 30.50 -17.68
N ASN H 88 -26.94 31.69 -17.44
CA ASN H 88 -26.37 32.59 -18.44
C ASN H 88 -25.20 31.91 -19.17
N THR H 89 -25.33 31.68 -20.46
CA THR H 89 -24.43 30.76 -21.17
C THR H 89 -24.15 31.32 -22.55
N VAL H 90 -22.88 31.37 -22.93
CA VAL H 90 -22.45 31.60 -24.31
C VAL H 90 -21.57 30.44 -24.75
N ILE H 91 -21.81 29.92 -25.93
CA ILE H 91 -20.98 28.84 -26.46
C ILE H 91 -19.91 29.43 -27.38
N ILE H 92 -18.69 28.96 -27.23
CA ILE H 92 -17.64 29.19 -28.21
C ILE H 92 -17.54 27.93 -29.06
N MET H 93 -17.85 28.03 -30.33
CA MET H 93 -17.80 26.93 -31.27
C MET H 93 -16.47 27.02 -31.99
N GLY H 94 -15.44 26.47 -31.37
CA GLY H 94 -14.11 26.35 -31.88
C GLY H 94 -13.99 25.76 -33.27
N PRO H 95 -14.60 24.56 -33.53
CA PRO H 95 -14.66 24.06 -34.92
C PRO H 95 -15.74 24.79 -35.69
N GLY H 96 -15.41 26.00 -36.11
CA GLY H 96 -16.40 26.91 -36.58
C GLY H 96 -16.94 26.56 -37.94
N HIS H 97 -16.24 25.69 -38.67
CA HIS H 97 -16.75 25.04 -39.85
C HIS H 97 -17.91 24.09 -39.58
N GLY H 98 -18.29 23.86 -38.34
CA GLY H 98 -19.53 23.29 -37.93
C GLY H 98 -20.71 24.24 -37.92
N GLY H 99 -20.68 25.18 -38.85
CA GLY H 99 -21.75 26.07 -39.23
C GLY H 99 -23.14 25.51 -39.17
N PRO H 100 -23.49 24.40 -39.88
CA PRO H 100 -24.86 23.85 -39.80
C PRO H 100 -25.39 23.57 -38.42
N ALA H 101 -24.55 23.25 -37.44
CA ALA H 101 -24.98 23.09 -36.05
C ALA H 101 -25.43 24.41 -35.42
N GLY H 102 -24.70 25.48 -35.70
CA GLY H 102 -25.05 26.79 -35.20
C GLY H 102 -26.31 27.35 -35.80
N THR H 103 -26.48 27.21 -37.11
CA THR H 103 -27.70 27.65 -37.76
C THR H 103 -28.87 26.78 -37.39
N SER H 104 -28.65 25.46 -37.21
CA SER H 104 -29.72 24.55 -36.80
C SER H 104 -30.20 24.89 -35.40
N GLN H 105 -29.27 25.22 -34.50
CA GLN H 105 -29.58 25.62 -33.14
C GLN H 105 -30.46 26.86 -33.14
N SER H 106 -30.05 27.89 -33.84
CA SER H 106 -30.80 29.11 -33.93
C SER H 106 -32.15 28.90 -34.60
N TYR H 107 -32.26 27.97 -35.54
CA TYR H 107 -33.56 27.66 -36.15
C TYR H 107 -34.48 26.96 -35.16
N LEU H 108 -33.96 26.00 -34.42
CA LEU H 108 -34.69 25.29 -33.39
C LEU H 108 -35.05 26.14 -32.18
N ASP H 109 -34.15 27.03 -31.70
CA ASP H 109 -34.49 27.89 -30.56
C ASP H 109 -35.40 29.06 -30.95
N GLY H 110 -35.71 29.22 -32.20
CA GLY H 110 -36.63 30.22 -32.65
C GLY H 110 -36.01 31.56 -32.95
N THR H 111 -34.77 31.79 -32.57
CA THR H 111 -34.15 33.06 -32.83
C THR H 111 -33.85 33.26 -34.30
N TYR H 112 -33.79 32.21 -35.12
CA TYR H 112 -33.49 32.44 -36.53
C TYR H 112 -34.67 33.11 -37.23
N THR H 113 -35.88 32.64 -36.99
CA THR H 113 -37.04 33.19 -37.68
C THR H 113 -37.35 34.57 -37.17
N GLU H 114 -37.15 34.80 -35.88
CA GLU H 114 -37.17 36.13 -35.27
C GLU H 114 -36.26 37.13 -35.98
N THR H 115 -35.03 36.75 -36.23
CA THR H 115 -34.01 37.58 -36.84
C THR H 115 -34.17 37.65 -38.35
N PHE H 116 -34.62 36.57 -38.98
CA PHE H 116 -34.67 36.44 -40.43
C PHE H 116 -36.09 36.03 -40.75
N PRO H 117 -37.01 36.99 -40.84
CA PRO H 117 -38.44 36.67 -40.94
C PRO H 117 -38.85 35.87 -42.18
N LYS H 118 -38.13 35.88 -43.28
CA LYS H 118 -38.48 35.01 -44.40
C LYS H 118 -38.24 33.52 -44.12
N ILE H 119 -37.45 33.14 -43.13
CA ILE H 119 -37.13 31.74 -42.92
C ILE H 119 -38.11 31.28 -41.87
N THR H 120 -39.29 30.87 -42.31
CA THR H 120 -40.38 30.55 -41.39
C THR H 120 -40.24 29.13 -40.88
N LYS H 121 -40.99 28.84 -39.84
CA LYS H 121 -41.02 27.53 -39.21
C LYS H 121 -42.11 26.64 -39.79
N ASP H 122 -41.98 26.38 -41.07
CA ASP H 122 -42.86 25.48 -41.82
C ASP H 122 -42.09 25.00 -43.04
N GLU H 123 -42.79 24.34 -43.94
CA GLU H 123 -42.10 23.58 -44.97
C GLU H 123 -41.48 24.49 -46.02
N ALA H 124 -42.12 25.60 -46.34
CA ALA H 124 -41.47 26.54 -47.24
C ALA H 124 -40.35 27.31 -46.57
N GLY H 125 -40.44 27.60 -45.28
CA GLY H 125 -39.30 28.18 -44.62
C GLY H 125 -38.16 27.21 -44.47
N LEU H 126 -38.48 25.94 -44.32
CA LEU H 126 -37.47 24.89 -44.20
C LEU H 126 -36.74 24.66 -45.51
N GLN H 127 -37.43 24.84 -46.62
CA GLN H 127 -36.85 24.78 -47.93
C GLN H 127 -35.87 25.92 -48.14
N LYS H 128 -36.29 27.12 -47.78
CA LYS H 128 -35.40 28.27 -47.83
C LYS H 128 -34.23 28.12 -46.87
N PHE H 129 -34.46 27.53 -45.70
CA PHE H 129 -33.39 27.31 -44.75
C PHE H 129 -32.32 26.40 -45.33
N PHE H 130 -32.72 25.34 -46.04
CA PHE H 130 -31.78 24.35 -46.57
C PHE H 130 -31.04 24.88 -47.77
N ARG H 131 -31.74 25.51 -48.70
CA ARG H 131 -31.12 26.05 -49.90
C ARG H 131 -30.10 27.13 -49.60
N GLN H 132 -30.38 28.06 -48.69
CA GLN H 132 -29.52 29.23 -48.44
C GLN H 132 -28.14 28.88 -47.88
N PHE H 133 -27.98 27.75 -47.19
CA PHE H 133 -26.71 27.43 -46.56
C PHE H 133 -25.62 27.27 -47.59
N SER H 134 -24.58 28.09 -47.44
CA SER H 134 -23.36 28.08 -48.25
C SER H 134 -23.64 28.13 -49.73
N TYR H 135 -24.55 28.98 -50.14
CA TYR H 135 -25.12 29.03 -51.45
C TYR H 135 -25.05 30.45 -51.98
N PRO H 136 -24.98 30.67 -53.30
CA PRO H 136 -24.92 32.04 -53.83
C PRO H 136 -26.10 32.93 -53.44
N GLY H 137 -25.81 33.99 -52.72
CA GLY H 137 -26.82 34.84 -52.14
C GLY H 137 -27.47 34.34 -50.87
N GLY H 138 -26.97 33.29 -50.25
CA GLY H 138 -27.45 32.78 -48.99
C GLY H 138 -26.55 33.17 -47.84
N ILE H 139 -26.17 32.23 -46.99
CA ILE H 139 -25.53 32.51 -45.71
C ILE H 139 -24.20 31.75 -45.70
N PRO H 140 -23.26 32.02 -44.80
CA PRO H 140 -21.93 31.42 -44.94
C PRO H 140 -21.84 29.97 -44.46
N SER H 141 -20.72 29.36 -44.77
CA SER H 141 -20.46 28.00 -44.33
C SER H 141 -20.11 27.86 -42.86
N HIS H 142 -19.60 28.91 -42.24
CA HIS H 142 -19.10 28.85 -40.90
C HIS H 142 -20.13 29.40 -39.93
N PHE H 143 -19.76 29.42 -38.65
CA PHE H 143 -20.55 30.03 -37.57
C PHE H 143 -20.36 31.55 -37.53
N ALA H 144 -20.72 32.18 -38.61
CA ALA H 144 -20.42 33.54 -39.00
C ALA H 144 -21.14 34.55 -38.10
N PRO H 145 -20.76 35.85 -38.11
CA PRO H 145 -21.53 36.84 -37.33
C PRO H 145 -22.98 37.00 -37.74
N GLU H 146 -23.35 36.60 -38.95
CA GLU H 146 -24.74 36.50 -39.37
C GLU H 146 -25.62 35.53 -38.57
N THR H 147 -25.08 34.61 -37.84
CA THR H 147 -25.81 33.62 -37.06
C THR H 147 -26.10 34.14 -35.66
N PRO H 148 -27.34 34.15 -35.20
CA PRO H 148 -27.62 34.45 -33.79
C PRO H 148 -26.96 33.45 -32.85
N GLY H 149 -26.23 33.97 -31.88
CA GLY H 149 -25.49 33.16 -30.96
C GLY H 149 -23.99 33.10 -31.17
N SER H 150 -23.47 33.47 -32.32
CA SER H 150 -22.03 33.44 -32.52
C SER H 150 -21.33 34.71 -32.01
N ILE H 151 -20.24 34.53 -31.30
CA ILE H 151 -19.25 35.60 -31.12
C ILE H 151 -17.90 35.23 -31.66
N HIS H 152 -17.81 34.19 -32.46
CA HIS H 152 -16.54 33.58 -32.84
C HIS H 152 -16.82 32.74 -34.07
N GLU H 153 -16.28 33.13 -35.20
CA GLU H 153 -16.51 32.37 -36.41
C GLU H 153 -15.74 31.05 -36.42
N GLY H 154 -14.58 30.99 -35.79
CA GLY H 154 -13.75 29.80 -35.79
C GLY H 154 -13.41 29.31 -37.17
N GLY H 155 -13.15 30.22 -38.09
CA GLY H 155 -12.66 29.86 -39.40
C GLY H 155 -11.18 29.56 -39.34
N GLU H 156 -10.42 30.56 -39.00
CA GLU H 156 -9.05 30.36 -38.57
C GLU H 156 -9.00 29.78 -37.17
N LEU H 157 -8.32 28.69 -37.00
CA LEU H 157 -8.42 27.92 -35.76
C LEU H 157 -7.39 28.32 -34.72
N GLY H 158 -7.76 28.16 -33.47
CA GLY H 158 -6.87 28.35 -32.35
C GLY H 158 -7.18 29.48 -31.40
N TYR H 159 -8.27 30.22 -31.53
CA TYR H 159 -8.58 31.33 -30.64
C TYR H 159 -9.77 31.05 -29.74
N ALA H 160 -10.29 29.83 -29.73
CA ALA H 160 -11.47 29.47 -28.95
C ALA H 160 -11.30 29.75 -27.46
N LEU H 161 -10.15 29.43 -26.90
CA LEU H 161 -9.98 29.55 -25.47
C LEU H 161 -9.65 30.96 -25.06
N SER H 162 -8.86 31.68 -25.83
CA SER H 162 -8.64 33.09 -25.57
C SER H 162 -9.95 33.87 -25.62
N HIS H 163 -10.83 33.51 -26.54
CA HIS H 163 -12.09 34.19 -26.62
C HIS H 163 -12.99 33.77 -25.49
N ALA H 164 -12.95 32.49 -25.11
CA ALA H 164 -13.76 32.04 -23.99
C ALA H 164 -13.38 32.76 -22.70
N TYR H 165 -12.10 32.86 -22.42
CA TYR H 165 -11.64 33.49 -21.20
C TYR H 165 -11.80 35.00 -21.21
N GLY H 166 -11.62 35.66 -22.35
CA GLY H 166 -11.95 37.07 -22.47
C GLY H 166 -13.41 37.37 -22.18
N ALA H 167 -14.31 36.50 -22.64
CA ALA H 167 -15.75 36.64 -22.43
C ALA H 167 -16.13 36.64 -20.96
N ILE H 168 -15.49 35.81 -20.15
CA ILE H 168 -15.88 35.67 -18.75
C ILE H 168 -15.22 36.68 -17.84
N MET H 169 -14.24 37.43 -18.29
CA MET H 169 -13.60 38.45 -17.46
C MET H 169 -14.60 39.50 -17.07
N ASP H 170 -14.64 39.88 -15.79
CA ASP H 170 -15.63 40.81 -15.17
C ASP H 170 -17.06 40.44 -15.50
N ASN H 171 -17.30 39.17 -15.75
CA ASN H 171 -18.60 38.65 -16.11
C ASN H 171 -18.88 37.48 -15.18
N PRO H 172 -19.07 37.73 -13.88
CA PRO H 172 -19.16 36.65 -12.90
C PRO H 172 -20.39 35.77 -12.99
N SER H 173 -21.46 36.14 -13.65
CA SER H 173 -22.54 35.18 -13.87
C SER H 173 -22.41 34.38 -15.16
N LEU H 174 -21.43 34.62 -16.02
CA LEU H 174 -21.39 33.99 -17.34
C LEU H 174 -20.68 32.63 -17.34
N PHE H 175 -21.34 31.62 -17.86
CA PHE H 175 -20.78 30.29 -18.13
C PHE H 175 -20.47 30.17 -19.63
N VAL H 176 -19.26 29.77 -19.98
CA VAL H 176 -18.84 29.61 -21.36
C VAL H 176 -18.36 28.19 -21.56
N PRO H 177 -19.15 27.35 -22.19
CA PRO H 177 -18.71 26.04 -22.68
C PRO H 177 -17.91 26.25 -23.96
N ALA H 178 -16.65 25.95 -23.94
CA ALA H 178 -15.75 26.27 -25.06
C ALA H 178 -15.33 25.01 -25.81
N ILE H 179 -15.90 24.81 -26.97
CA ILE H 179 -15.68 23.58 -27.71
C ILE H 179 -14.40 23.73 -28.52
N VAL H 180 -13.46 22.87 -28.32
CA VAL H 180 -12.16 22.95 -28.93
C VAL H 180 -12.00 21.75 -29.84
N GLY H 181 -11.80 21.98 -31.11
CA GLY H 181 -11.32 20.96 -32.05
C GLY H 181 -10.11 20.17 -31.60
N ASP H 182 -10.00 18.87 -31.81
CA ASP H 182 -8.76 18.26 -31.38
C ASP H 182 -7.61 18.53 -32.35
N GLY H 183 -7.93 18.81 -33.61
CA GLY H 183 -6.97 19.41 -34.50
C GLY H 183 -6.64 20.84 -34.13
N GLU H 184 -7.65 21.61 -33.77
CA GLU H 184 -7.43 22.98 -33.33
C GLU H 184 -6.52 23.06 -32.10
N ALA H 185 -6.59 22.09 -31.21
CA ALA H 185 -5.68 21.99 -30.10
C ALA H 185 -4.20 21.79 -30.48
N GLU H 186 -3.89 21.39 -31.71
CA GLU H 186 -2.51 21.40 -32.21
C GLU H 186 -1.96 22.80 -32.52
N THR H 187 -2.78 23.86 -32.63
CA THR H 187 -2.23 25.14 -33.01
C THR H 187 -1.49 25.80 -31.86
N GLY H 188 -0.58 26.69 -32.20
CA GLY H 188 0.07 27.60 -31.28
C GLY H 188 -0.89 28.32 -30.36
N PRO H 189 -1.76 29.19 -30.91
CA PRO H 189 -2.69 29.97 -30.07
C PRO H 189 -3.59 29.14 -29.15
N LEU H 190 -4.09 28.02 -29.59
CA LEU H 190 -4.84 27.19 -28.68
C LEU H 190 -3.97 26.62 -27.56
N ALA H 191 -2.78 26.12 -27.88
CA ALA H 191 -1.92 25.45 -26.90
C ALA H 191 -1.60 26.35 -25.71
N THR H 192 -1.29 27.61 -25.93
CA THR H 192 -1.10 28.51 -24.81
C THR H 192 -2.40 28.96 -24.12
N GLY H 193 -3.53 28.94 -24.83
CA GLY H 193 -4.83 29.29 -24.30
C GLY H 193 -5.32 28.49 -23.12
N TRP H 194 -4.83 27.27 -22.96
CA TRP H 194 -5.14 26.47 -21.78
C TRP H 194 -4.63 27.06 -20.49
N GLN H 195 -3.57 27.84 -20.50
CA GLN H 195 -3.02 28.46 -19.31
C GLN H 195 -3.77 29.70 -18.83
N SER H 196 -4.81 30.12 -19.54
CA SER H 196 -5.53 31.32 -19.19
C SER H 196 -6.22 31.21 -17.84
N ASN H 197 -6.47 29.98 -17.33
CA ASN H 197 -7.09 29.76 -16.03
C ASN H 197 -6.20 30.25 -14.87
N LYS H 198 -4.95 30.53 -15.12
CA LYS H 198 -4.07 31.20 -14.19
C LYS H 198 -4.25 32.72 -14.23
N LEU H 199 -5.05 33.26 -15.10
CA LEU H 199 -5.25 34.69 -15.20
C LEU H 199 -6.68 35.10 -14.90
N VAL H 200 -7.54 34.21 -14.46
CA VAL H 200 -8.91 34.55 -14.14
C VAL H 200 -9.16 34.25 -12.68
N ASN H 201 -10.15 34.88 -12.12
CA ASN H 201 -10.50 34.75 -10.74
C ASN H 201 -11.93 34.25 -10.63
N PRO H 202 -12.19 33.16 -9.93
CA PRO H 202 -13.54 32.59 -9.90
C PRO H 202 -14.56 33.42 -9.14
N ARG H 203 -14.16 34.36 -8.32
CA ARG H 203 -15.17 35.26 -7.82
C ARG H 203 -15.50 36.39 -8.80
N THR H 204 -14.50 37.14 -9.27
CA THR H 204 -14.75 38.32 -10.05
C THR H 204 -15.02 38.03 -11.51
N ASP H 205 -14.70 36.85 -12.02
CA ASP H 205 -14.93 36.45 -13.39
C ASP H 205 -15.92 35.29 -13.46
N GLY H 206 -16.34 34.91 -14.65
CA GLY H 206 -17.18 33.75 -14.86
C GLY H 206 -16.43 32.44 -14.90
N ILE H 207 -16.95 31.45 -15.60
CA ILE H 207 -16.37 30.11 -15.64
C ILE H 207 -16.32 29.64 -17.08
N VAL H 208 -15.18 29.19 -17.52
CA VAL H 208 -15.03 28.50 -18.78
C VAL H 208 -14.94 27.00 -18.50
N LEU H 209 -15.76 26.22 -19.18
CA LEU H 209 -15.61 24.77 -19.29
C LEU H 209 -15.04 24.39 -20.64
N PRO H 210 -13.78 24.06 -20.75
CA PRO H 210 -13.26 23.66 -22.06
C PRO H 210 -13.74 22.26 -22.39
N ILE H 211 -14.17 22.08 -23.62
CA ILE H 211 -14.66 20.80 -24.13
C ILE H 211 -13.82 20.41 -25.32
N LEU H 212 -12.99 19.41 -25.15
CA LEU H 212 -12.11 18.95 -26.21
C LEU H 212 -12.90 18.00 -27.07
N HIS H 213 -13.22 18.43 -28.28
CA HIS H 213 -13.96 17.65 -29.27
C HIS H 213 -13.02 16.62 -29.91
N LEU H 214 -12.68 15.62 -29.10
CA LEU H 214 -11.72 14.59 -29.46
C LEU H 214 -12.34 13.55 -30.39
N ASN H 215 -12.54 13.97 -31.61
CA ASN H 215 -13.16 13.03 -32.53
C ASN H 215 -12.10 12.23 -33.27
N GLY H 216 -10.83 12.47 -33.01
CA GLY H 216 -9.76 11.65 -33.49
C GLY H 216 -9.05 12.12 -34.74
N TYR H 217 -9.60 13.08 -35.48
CA TYR H 217 -9.24 13.42 -36.85
C TYR H 217 -9.39 14.92 -37.02
N LYS H 218 -8.57 15.46 -37.88
CA LYS H 218 -8.58 16.76 -38.47
C LYS H 218 -8.93 16.49 -39.95
N ILE H 219 -8.45 17.28 -40.90
CA ILE H 219 -8.90 17.15 -42.30
C ILE H 219 -8.57 15.78 -42.88
N ALA H 220 -7.34 15.36 -42.79
CA ALA H 220 -6.90 14.18 -43.48
C ALA H 220 -5.98 13.31 -42.66
N ASN H 221 -5.80 13.61 -41.39
CA ASN H 221 -4.83 13.06 -40.46
C ASN H 221 -5.51 12.74 -39.14
N PRO H 222 -4.95 11.82 -38.37
CA PRO H 222 -5.33 11.72 -36.97
C PRO H 222 -4.83 12.90 -36.17
N THR H 223 -5.33 13.04 -34.98
CA THR H 223 -4.93 14.13 -34.13
C THR H 223 -3.98 13.58 -33.08
N ILE H 224 -2.93 14.33 -32.80
CA ILE H 224 -1.97 14.04 -31.73
C ILE H 224 -2.65 13.70 -30.41
N LEU H 225 -3.60 14.50 -29.96
CA LEU H 225 -4.16 14.30 -28.64
C LEU H 225 -5.06 13.08 -28.57
N SER H 226 -5.52 12.56 -29.66
CA SER H 226 -6.33 11.34 -29.63
C SER H 226 -5.51 10.10 -29.85
N ARG H 227 -4.24 10.21 -30.18
CA ARG H 227 -3.37 9.08 -30.41
C ARG H 227 -2.32 8.86 -29.34
N ILE H 228 -2.14 9.76 -28.40
CA ILE H 228 -1.29 9.60 -27.24
C ILE H 228 -2.10 8.81 -26.23
N SER H 229 -1.46 8.35 -25.19
CA SER H 229 -2.18 7.52 -24.25
C SER H 229 -3.14 8.36 -23.40
N ASP H 230 -4.13 7.68 -22.86
CA ASP H 230 -5.12 8.31 -22.01
C ASP H 230 -4.51 8.83 -20.72
N GLU H 231 -3.49 8.17 -20.21
CA GLU H 231 -2.73 8.65 -19.08
C GLU H 231 -1.94 9.92 -19.41
N GLU H 232 -1.30 9.99 -20.58
CA GLU H 232 -0.64 11.22 -20.99
C GLU H 232 -1.65 12.35 -21.14
N LEU H 233 -2.78 12.08 -21.75
CA LEU H 233 -3.78 13.09 -22.04
C LEU H 233 -4.38 13.66 -20.76
N HIS H 234 -4.56 12.83 -19.76
CA HIS H 234 -5.07 13.29 -18.47
C HIS H 234 -4.05 14.06 -17.67
N GLU H 235 -2.81 13.57 -17.62
CA GLU H 235 -1.70 14.29 -16.98
C GLU H 235 -1.49 15.66 -17.57
N PHE H 236 -1.57 15.77 -18.88
CA PHE H 236 -1.48 17.03 -19.61
C PHE H 236 -2.47 18.06 -19.08
N PHE H 237 -3.75 17.72 -19.02
CA PHE H 237 -4.78 18.64 -18.57
C PHE H 237 -4.69 18.93 -17.09
N HIS H 238 -4.20 17.98 -16.33
CA HIS H 238 -4.03 18.20 -14.92
C HIS H 238 -2.83 19.07 -14.64
N GLY H 239 -1.82 19.00 -15.50
CA GLY H 239 -0.67 19.86 -15.43
C GLY H 239 -0.96 21.31 -15.71
N MET H 240 -1.99 21.60 -16.49
CA MET H 240 -2.44 22.92 -16.88
C MET H 240 -3.51 23.48 -15.96
N GLY H 241 -3.70 22.89 -14.81
CA GLY H 241 -4.69 23.34 -13.87
C GLY H 241 -6.12 22.93 -14.13
N TYR H 242 -6.36 21.83 -14.79
CA TYR H 242 -7.71 21.36 -15.02
C TYR H 242 -7.91 20.02 -14.34
N GLU H 243 -9.13 19.75 -13.97
CA GLU H 243 -9.54 18.44 -13.54
C GLU H 243 -10.26 17.71 -14.67
N PRO H 244 -9.62 16.84 -15.45
CA PRO H 244 -10.28 16.34 -16.67
C PRO H 244 -11.27 15.20 -16.43
N TYR H 245 -12.37 15.26 -17.13
CA TYR H 245 -13.41 14.25 -17.15
C TYR H 245 -13.46 13.75 -18.58
N GLU H 246 -13.63 12.48 -18.75
CA GLU H 246 -13.70 11.93 -20.09
C GLU H 246 -15.07 11.32 -20.30
N PHE H 247 -15.63 11.58 -21.45
CA PHE H 247 -16.79 10.89 -21.96
C PHE H 247 -16.46 10.18 -23.27
N VAL H 248 -16.83 8.93 -23.38
CA VAL H 248 -16.58 8.16 -24.59
C VAL H 248 -17.91 7.62 -25.08
N ALA H 249 -18.23 7.84 -26.36
CA ALA H 249 -19.46 7.30 -26.90
C ALA H 249 -19.39 7.14 -28.39
N GLY H 250 -20.23 6.27 -28.88
CA GLY H 250 -20.44 6.01 -30.26
C GLY H 250 -19.53 5.00 -30.92
N PHE H 251 -18.64 4.35 -30.21
CA PHE H 251 -17.74 3.37 -30.79
C PHE H 251 -18.21 1.94 -30.55
N ASP H 252 -19.44 1.74 -30.13
CA ASP H 252 -20.03 0.42 -29.91
C ASP H 252 -21.50 0.53 -30.31
N ASP H 253 -22.34 -0.36 -29.84
CA ASP H 253 -23.74 -0.36 -30.21
C ASP H 253 -24.65 0.01 -29.05
N GLU H 254 -24.16 0.79 -28.11
CA GLU H 254 -24.99 1.40 -27.08
C GLU H 254 -26.11 2.19 -27.73
N ASP H 255 -27.31 1.96 -27.24
CA ASP H 255 -28.43 2.70 -27.79
C ASP H 255 -28.34 4.15 -27.37
N HIS H 256 -28.93 4.98 -28.18
CA HIS H 256 -28.72 6.40 -28.04
C HIS H 256 -29.27 6.95 -26.74
N MET H 257 -30.31 6.35 -26.19
CA MET H 257 -30.85 6.80 -24.92
C MET H 257 -29.94 6.50 -23.73
N SER H 258 -29.18 5.41 -23.74
CA SER H 258 -28.18 5.22 -22.68
C SER H 258 -27.07 6.25 -22.73
N ILE H 259 -26.64 6.61 -23.94
CA ILE H 259 -25.62 7.63 -24.15
C ILE H 259 -26.05 8.95 -23.54
N HIS H 260 -27.26 9.41 -23.86
CA HIS H 260 -27.78 10.65 -23.30
C HIS H 260 -27.85 10.61 -21.78
N ARG H 261 -28.31 9.51 -21.18
CA ARG H 261 -28.35 9.41 -19.73
C ARG H 261 -26.97 9.46 -19.13
N ARG H 262 -26.03 8.74 -19.74
CA ARG H 262 -24.65 8.74 -19.27
C ARG H 262 -24.08 10.13 -19.35
N PHE H 263 -24.39 10.86 -20.40
CA PHE H 263 -23.82 12.17 -20.60
C PHE H 263 -24.44 13.18 -19.64
N ALA H 264 -25.73 13.13 -19.46
CA ALA H 264 -26.40 14.07 -18.57
C ALA H 264 -25.93 13.88 -17.13
N GLU H 265 -25.66 12.64 -16.70
CA GLU H 265 -25.07 12.34 -15.41
C GLU H 265 -23.67 12.95 -15.26
N LEU H 266 -22.83 12.79 -16.26
CA LEU H 266 -21.51 13.37 -16.24
C LEU H 266 -21.56 14.89 -16.31
N TRP H 267 -22.44 15.44 -17.14
CA TRP H 267 -22.61 16.89 -17.19
C TRP H 267 -22.99 17.47 -15.83
N GLU H 268 -23.91 16.83 -15.14
CA GLU H 268 -24.36 17.36 -13.87
C GLU H 268 -23.33 17.19 -12.77
N THR H 269 -22.50 16.15 -12.83
CA THR H 269 -21.34 16.01 -11.96
C THR H 269 -20.31 17.13 -12.17
N ILE H 270 -19.92 17.38 -13.43
CA ILE H 270 -19.11 18.53 -13.80
C ILE H 270 -19.74 19.82 -13.28
N TRP H 271 -21.02 20.03 -13.53
CA TRP H 271 -21.67 21.25 -13.09
C TRP H 271 -21.71 21.40 -11.58
N ASP H 272 -21.92 20.32 -10.86
CA ASP H 272 -21.81 20.39 -9.41
C ASP H 272 -20.41 20.78 -8.92
N GLU H 273 -19.37 20.43 -9.67
CA GLU H 273 -18.02 20.83 -9.37
C GLU H 273 -17.79 22.29 -9.63
N ILE H 274 -18.44 22.84 -10.66
CA ILE H 274 -18.31 24.25 -10.98
C ILE H 274 -19.08 25.09 -9.98
N CYS H 275 -20.25 24.63 -9.55
CA CYS H 275 -21.04 25.34 -8.57
C CYS H 275 -20.34 25.35 -7.23
N ASP H 276 -19.63 24.27 -6.88
CA ASP H 276 -18.77 24.24 -5.70
C ASP H 276 -17.63 25.26 -5.79
N ILE H 277 -16.99 25.39 -6.95
CA ILE H 277 -15.94 26.38 -7.18
C ILE H 277 -16.46 27.78 -6.98
N LYS H 278 -17.63 28.05 -7.50
CA LYS H 278 -18.22 29.36 -7.44
C LYS H 278 -18.68 29.68 -6.02
N ALA H 279 -19.19 28.69 -5.31
CA ALA H 279 -19.62 28.87 -3.93
C ALA H 279 -18.44 29.07 -2.99
N THR H 280 -17.34 28.34 -3.21
CA THR H 280 -16.10 28.51 -2.46
C THR H 280 -15.50 29.90 -2.69
N ALA H 281 -15.55 30.38 -3.92
CA ALA H 281 -14.96 31.67 -4.29
C ALA H 281 -15.68 32.85 -3.70
N GLN H 282 -16.90 32.70 -3.21
CA GLN H 282 -17.56 33.76 -2.44
C GLN H 282 -16.89 33.99 -1.10
N THR H 283 -16.09 33.06 -0.63
CA THR H 283 -15.30 33.16 0.60
C THR H 283 -13.79 33.17 0.39
N ASP H 284 -13.27 32.24 -0.40
CA ASP H 284 -11.84 32.08 -0.64
C ASP H 284 -11.65 32.16 -2.14
N ASN H 285 -11.17 33.28 -2.64
CA ASN H 285 -10.75 33.39 -4.03
C ASN H 285 -9.26 33.66 -4.16
N VAL H 286 -8.50 33.28 -3.16
CA VAL H 286 -7.07 33.43 -3.14
C VAL H 286 -6.38 32.16 -3.62
N HIS H 287 -7.05 31.03 -3.60
CA HIS H 287 -6.49 29.74 -3.94
C HIS H 287 -7.14 29.24 -5.22
N ARG H 288 -6.35 29.06 -6.25
CA ARG H 288 -6.83 28.71 -7.58
C ARG H 288 -7.39 27.30 -7.58
N PRO H 289 -8.64 27.09 -7.94
CA PRO H 289 -9.14 25.72 -8.07
C PRO H 289 -8.61 25.05 -9.33
N PHE H 290 -8.70 23.75 -9.38
CA PHE H 290 -8.65 23.04 -10.64
C PHE H 290 -10.03 23.10 -11.31
N TYR H 291 -10.13 23.73 -12.40
CA TYR H 291 -11.39 23.78 -13.14
C TYR H 291 -11.66 22.47 -13.86
N PRO H 292 -12.88 22.06 -13.97
CA PRO H 292 -13.19 20.90 -14.79
C PRO H 292 -12.93 21.18 -16.27
N MET H 293 -12.71 20.12 -17.01
CA MET H 293 -12.73 20.19 -18.45
C MET H 293 -13.26 18.86 -18.94
N LEU H 294 -13.82 18.87 -20.10
CA LEU H 294 -14.42 17.67 -20.64
C LEU H 294 -13.66 17.22 -21.86
N ILE H 295 -13.19 15.99 -21.84
CA ILE H 295 -12.71 15.29 -23.02
C ILE H 295 -13.86 14.49 -23.59
N PHE H 296 -14.34 14.92 -24.70
CA PHE H 296 -15.49 14.36 -25.40
C PHE H 296 -14.97 13.52 -26.56
N ARG H 297 -14.97 12.24 -26.39
CA ARG H 297 -14.38 11.31 -27.35
C ARG H 297 -15.50 10.59 -28.08
N THR H 298 -15.72 10.89 -29.36
CA THR H 298 -16.84 10.43 -30.18
C THR H 298 -16.32 10.23 -31.58
N PRO H 299 -16.98 9.38 -32.40
CA PRO H 299 -16.44 9.15 -33.74
C PRO H 299 -16.70 10.33 -34.65
N LYS H 300 -15.73 10.67 -35.46
CA LYS H 300 -15.91 11.80 -36.35
C LYS H 300 -17.00 11.49 -37.37
N GLY H 301 -17.90 12.44 -37.55
CA GLY H 301 -18.98 12.16 -38.42
C GLY H 301 -20.04 11.26 -37.86
N TRP H 302 -20.07 11.05 -36.54
CA TRP H 302 -21.00 10.20 -35.79
C TRP H 302 -22.42 10.17 -36.38
N THR H 303 -22.96 9.00 -36.68
CA THR H 303 -24.28 8.68 -37.28
C THR H 303 -24.31 8.85 -38.82
N CYS H 304 -23.25 9.23 -39.51
CA CYS H 304 -23.14 9.06 -40.97
C CYS H 304 -23.01 7.56 -41.28
N PRO H 305 -23.23 7.12 -42.53
CA PRO H 305 -23.05 5.69 -42.84
C PRO H 305 -21.62 5.25 -42.56
N LYS H 306 -21.47 4.10 -41.92
CA LYS H 306 -20.16 3.59 -41.48
C LYS H 306 -19.18 3.41 -42.62
N TYR H 307 -19.63 2.90 -43.74
CA TYR H 307 -18.81 2.68 -44.91
C TYR H 307 -19.54 3.20 -46.12
N ILE H 308 -18.84 4.02 -46.88
CA ILE H 308 -19.25 4.47 -48.20
C ILE H 308 -18.20 4.01 -49.21
N ASP H 309 -18.62 3.16 -50.15
CA ASP H 309 -17.78 2.59 -51.21
C ASP H 309 -16.60 1.78 -50.65
N GLY H 310 -16.82 1.10 -49.55
CA GLY H 310 -15.79 0.34 -48.89
C GLY H 310 -14.77 1.13 -48.09
N LYS H 311 -14.92 2.42 -47.93
CA LYS H 311 -14.01 3.21 -47.12
C LYS H 311 -14.72 3.58 -45.83
N LYS H 312 -14.03 3.40 -44.72
CA LYS H 312 -14.54 3.84 -43.43
C LYS H 312 -14.76 5.34 -43.43
N THR H 313 -15.96 5.73 -43.07
CA THR H 313 -16.37 7.11 -43.11
C THR H 313 -16.72 7.62 -41.72
N GLU H 314 -17.63 7.01 -40.98
CA GLU H 314 -17.80 7.30 -39.57
C GLU H 314 -16.55 6.88 -38.80
N GLY H 315 -16.10 7.73 -37.90
CA GLY H 315 -14.84 7.60 -37.24
C GLY H 315 -13.59 7.68 -38.10
N SER H 316 -13.62 8.48 -39.13
CA SER H 316 -12.48 8.75 -39.98
C SER H 316 -12.43 10.22 -40.39
N TRP H 317 -11.24 10.66 -40.79
CA TRP H 317 -11.07 11.94 -41.47
C TRP H 317 -11.86 12.04 -42.78
N ARG H 318 -12.36 10.94 -43.33
CA ARG H 318 -13.11 10.92 -44.57
C ARG H 318 -14.49 11.55 -44.45
N SER H 319 -15.03 11.64 -43.27
CA SER H 319 -16.25 12.35 -42.95
C SER H 319 -16.04 13.85 -42.70
N HIS H 320 -14.86 14.43 -42.94
CA HIS H 320 -14.58 15.80 -42.54
C HIS H 320 -15.42 16.82 -43.30
N GLN H 321 -15.35 16.79 -44.60
CA GLN H 321 -16.18 17.69 -45.37
C GLN H 321 -17.56 17.08 -45.67
N VAL H 322 -17.66 16.19 -46.63
CA VAL H 322 -18.93 15.52 -46.85
C VAL H 322 -18.64 14.03 -46.94
N PRO H 323 -19.34 13.23 -46.20
CA PRO H 323 -19.12 11.79 -46.27
C PRO H 323 -19.38 11.21 -47.62
N LEU H 324 -20.37 11.76 -48.27
CA LEU H 324 -20.86 11.28 -49.53
C LEU H 324 -20.61 12.43 -50.45
N ALA H 325 -20.00 12.16 -51.56
CA ALA H 325 -19.27 13.23 -52.21
C ALA H 325 -20.07 13.86 -53.32
N SER H 326 -20.93 13.07 -53.96
CA SER H 326 -21.85 13.55 -54.99
C SER H 326 -23.11 12.66 -54.96
N ALA H 327 -24.10 13.06 -54.18
CA ALA H 327 -25.36 12.34 -54.21
C ALA H 327 -26.21 12.68 -55.44
N ARG H 328 -25.81 13.65 -56.24
CA ARG H 328 -26.55 14.06 -57.43
C ARG H 328 -26.17 13.30 -58.69
N ASP H 329 -25.11 12.49 -58.69
CA ASP H 329 -24.52 11.92 -59.90
C ASP H 329 -24.72 10.43 -60.11
N THR H 330 -25.22 9.72 -59.14
CA THR H 330 -25.26 8.29 -59.20
C THR H 330 -26.48 7.91 -58.42
N GLU H 331 -27.21 6.92 -58.92
CA GLU H 331 -28.34 6.39 -58.19
C GLU H 331 -27.91 5.77 -56.88
N ALA H 332 -26.76 5.09 -56.88
CA ALA H 332 -26.23 4.45 -55.69
C ALA H 332 -25.96 5.44 -54.59
N HIS H 333 -25.37 6.57 -54.91
CA HIS H 333 -25.01 7.57 -53.91
C HIS H 333 -26.21 8.37 -53.46
N PHE H 334 -27.20 8.54 -54.33
CA PHE H 334 -28.44 9.15 -53.91
C PHE H 334 -29.16 8.27 -52.89
N GLU H 335 -29.10 6.96 -53.06
CA GLU H 335 -29.78 6.08 -52.15
C GLU H 335 -29.13 6.08 -50.78
N VAL H 336 -27.82 6.20 -50.75
CA VAL H 336 -27.11 6.38 -49.50
C VAL H 336 -27.54 7.65 -48.80
N LEU H 337 -27.62 8.77 -49.54
CA LEU H 337 -28.12 10.01 -48.91
C LEU H 337 -29.54 9.86 -48.39
N LYS H 338 -30.40 9.17 -49.13
CA LYS H 338 -31.80 9.05 -48.77
C LYS H 338 -31.98 8.23 -47.52
N ASN H 339 -31.22 7.15 -47.39
CA ASN H 339 -31.28 6.28 -46.23
C ASN H 339 -30.68 6.95 -45.01
N TRP H 340 -29.61 7.71 -45.22
CA TRP H 340 -29.01 8.54 -44.18
C TRP H 340 -30.01 9.54 -43.61
N LEU H 341 -30.70 10.29 -44.47
CA LEU H 341 -31.71 11.27 -44.07
C LEU H 341 -32.86 10.61 -43.34
N GLU H 342 -33.26 9.42 -43.77
CA GLU H 342 -34.33 8.66 -43.14
C GLU H 342 -33.94 8.02 -41.84
N SER H 343 -32.65 7.81 -41.57
CA SER H 343 -32.23 7.20 -40.31
C SER H 343 -32.56 8.05 -39.09
N TYR H 344 -32.66 9.36 -39.24
CA TYR H 344 -33.12 10.24 -38.18
C TYR H 344 -34.63 10.22 -38.00
N LYS H 345 -35.36 9.57 -38.88
CA LYS H 345 -36.80 9.42 -38.90
C LYS H 345 -37.51 10.76 -38.82
N PRO H 346 -37.39 11.59 -39.85
CA PRO H 346 -38.03 12.91 -39.83
C PRO H 346 -39.55 12.92 -39.75
N GLU H 347 -40.23 11.83 -40.10
CA GLU H 347 -41.69 11.70 -39.91
C GLU H 347 -42.12 11.86 -38.45
N GLU H 348 -41.25 11.58 -37.50
CA GLU H 348 -41.56 11.81 -36.11
C GLU H 348 -41.14 13.19 -35.62
N LEU H 349 -40.31 13.89 -36.35
CA LEU H 349 -39.77 15.17 -35.94
C LEU H 349 -40.61 16.34 -36.42
N PHE H 350 -41.11 16.31 -37.62
CA PHE H 350 -41.81 17.42 -38.23
C PHE H 350 -43.28 17.04 -38.36
N ASP H 351 -44.17 18.00 -38.22
CA ASP H 351 -45.58 17.69 -38.38
C ASP H 351 -46.00 17.88 -39.83
N ALA H 352 -47.31 17.90 -40.08
CA ALA H 352 -47.83 17.87 -41.45
C ALA H 352 -47.48 19.12 -42.21
N ASN H 353 -47.47 20.28 -41.55
CA ASN H 353 -47.06 21.55 -42.11
C ASN H 353 -45.55 21.77 -42.18
N GLY H 354 -44.71 20.87 -41.70
CA GLY H 354 -43.29 21.14 -41.70
C GLY H 354 -42.73 21.93 -40.52
N ALA H 355 -43.50 22.17 -39.49
CA ALA H 355 -42.94 22.70 -38.26
C ALA H 355 -42.35 21.57 -37.45
N VAL H 356 -41.21 21.82 -36.82
CA VAL H 356 -40.70 20.91 -35.80
C VAL H 356 -41.74 20.78 -34.71
N LYS H 357 -42.04 19.55 -34.29
CA LYS H 357 -43.08 19.26 -33.31
C LYS H 357 -42.74 19.79 -31.93
N ASP H 358 -43.80 20.12 -31.17
CA ASP H 358 -43.65 20.67 -29.82
C ASP H 358 -42.84 19.79 -28.90
N ASP H 359 -43.02 18.48 -28.97
CA ASP H 359 -42.30 17.65 -28.04
C ASP H 359 -40.84 17.47 -28.38
N VAL H 360 -40.41 17.94 -29.54
CA VAL H 360 -38.99 17.94 -29.84
C VAL H 360 -38.30 19.02 -29.02
N LEU H 361 -38.94 20.16 -28.84
CA LEU H 361 -38.29 21.36 -28.35
C LEU H 361 -38.82 21.85 -27.01
N ALA H 362 -39.65 21.08 -26.33
CA ALA H 362 -40.25 21.52 -25.09
C ALA H 362 -39.26 21.60 -23.94
N PHE H 363 -38.11 20.93 -24.04
CA PHE H 363 -37.01 21.05 -23.11
C PHE H 363 -36.16 22.32 -23.33
N MET H 364 -36.32 23.07 -24.42
CA MET H 364 -35.41 24.16 -24.78
C MET H 364 -35.51 25.33 -23.80
N PRO H 365 -34.45 26.09 -23.60
CA PRO H 365 -34.57 27.36 -22.88
C PRO H 365 -35.39 28.38 -23.64
N LYS H 366 -35.81 29.41 -22.94
CA LYS H 366 -36.68 30.45 -23.45
C LYS H 366 -36.08 31.82 -23.19
N GLY H 367 -36.48 32.80 -23.98
CA GLY H 367 -36.20 34.18 -23.63
C GLY H 367 -34.75 34.56 -23.87
N GLU H 368 -34.20 35.38 -23.00
CA GLU H 368 -32.81 35.77 -23.11
C GLU H 368 -31.84 34.65 -22.75
N LEU H 369 -32.29 33.60 -22.11
CA LEU H 369 -31.41 32.47 -21.87
C LEU H 369 -31.15 31.62 -23.09
N ARG H 370 -31.87 31.79 -24.18
CA ARG H 370 -31.54 31.05 -25.40
C ARG H 370 -30.20 31.49 -25.96
N ILE H 371 -29.46 30.52 -26.49
CA ILE H 371 -28.14 30.73 -27.07
C ILE H 371 -28.14 31.86 -28.10
N GLY H 372 -29.06 31.87 -29.02
CA GLY H 372 -29.14 32.99 -29.93
C GLY H 372 -29.76 34.26 -29.40
N ALA H 373 -30.26 34.31 -28.19
CA ALA H 373 -30.82 35.54 -27.63
C ALA H 373 -30.04 36.08 -26.45
N ASN H 374 -29.04 35.40 -25.98
CA ASN H 374 -28.25 35.92 -24.88
C ASN H 374 -27.53 37.21 -25.28
N PRO H 375 -27.74 38.31 -24.57
CA PRO H 375 -27.02 39.55 -24.91
C PRO H 375 -25.52 39.46 -24.93
N ASN H 376 -24.88 38.62 -24.13
CA ASN H 376 -23.43 38.43 -24.26
C ASN H 376 -23.02 37.95 -25.66
N ALA H 377 -23.86 37.24 -26.37
CA ALA H 377 -23.62 36.96 -27.79
C ALA H 377 -24.02 38.07 -28.76
N ASN H 378 -24.54 39.19 -28.32
CA ASN H 378 -24.75 40.35 -29.19
C ASN H 378 -24.38 41.52 -28.29
N GLY H 379 -23.08 41.71 -28.07
CA GLY H 379 -22.63 42.48 -26.92
C GLY H 379 -22.71 43.98 -27.10
N GLY H 380 -22.84 44.45 -28.32
CA GLY H 380 -23.31 45.77 -28.61
C GLY H 380 -24.58 46.21 -27.88
N VAL H 381 -25.46 45.28 -27.55
CA VAL H 381 -26.64 45.64 -26.77
C VAL H 381 -26.30 45.91 -25.30
N ILE H 382 -25.20 45.38 -24.78
CA ILE H 382 -24.77 45.56 -23.40
C ILE H 382 -23.94 46.83 -23.25
N ARG H 383 -23.22 47.18 -24.28
CA ARG H 383 -22.21 48.22 -24.24
C ARG H 383 -22.78 49.62 -24.07
N ASN H 384 -22.23 50.38 -23.14
CA ASN H 384 -22.48 51.81 -22.99
C ASN H 384 -21.22 52.60 -23.27
N ASP H 385 -21.39 53.87 -23.61
CA ASP H 385 -20.29 54.82 -23.68
C ASP H 385 -19.49 54.82 -22.39
N LEU H 386 -18.18 54.86 -22.50
CA LEU H 386 -17.33 55.08 -21.33
C LEU H 386 -17.60 56.46 -20.71
N LYS H 387 -17.57 56.53 -19.41
CA LYS H 387 -17.38 57.80 -18.72
C LYS H 387 -15.95 58.27 -18.94
N LEU H 388 -15.76 59.26 -19.74
CA LEU H 388 -14.39 59.64 -20.03
C LEU H 388 -14.07 60.90 -19.29
N PRO H 389 -12.86 61.00 -18.77
CA PRO H 389 -12.46 62.19 -18.03
C PRO H 389 -12.19 63.33 -18.99
N ASN H 390 -12.13 64.51 -18.41
CA ASN H 390 -12.02 65.72 -19.20
C ASN H 390 -10.62 65.84 -19.77
N LEU H 391 -10.52 65.90 -21.10
CA LEU H 391 -9.27 65.71 -21.80
C LEU H 391 -8.26 66.83 -21.55
N GLU H 392 -8.71 68.01 -21.19
CA GLU H 392 -7.80 69.12 -20.88
C GLU H 392 -7.06 68.95 -19.57
N ASP H 393 -7.51 68.06 -18.68
CA ASP H 393 -6.74 67.78 -17.47
C ASP H 393 -5.38 67.14 -17.73
N TYR H 394 -5.17 66.60 -18.93
CA TYR H 394 -3.99 65.81 -19.27
C TYR H 394 -3.17 66.50 -20.34
N GLU H 395 -3.69 67.60 -20.86
CA GLU H 395 -3.04 68.35 -21.91
C GLU H 395 -1.65 68.82 -21.45
N VAL H 396 -0.66 68.64 -22.28
CA VAL H 396 0.62 69.29 -22.10
C VAL H 396 0.42 70.77 -22.38
N LYS H 397 0.35 71.58 -21.33
CA LYS H 397 0.11 73.01 -21.47
C LYS H 397 1.35 73.80 -21.84
N GLU H 398 2.54 73.22 -21.76
CA GLU H 398 3.79 73.92 -22.00
C GLU H 398 4.04 74.33 -23.43
N VAL H 399 3.36 73.73 -24.42
CA VAL H 399 3.42 74.22 -25.80
C VAL H 399 2.94 75.66 -25.87
N ALA H 400 1.88 75.97 -25.16
CA ALA H 400 1.33 77.32 -25.22
C ALA H 400 2.20 78.30 -24.45
N GLU H 401 2.74 77.91 -23.30
CA GLU H 401 3.73 78.72 -22.59
C GLU H 401 4.97 78.99 -23.43
N TYR H 402 5.72 77.94 -23.76
CA TYR H 402 7.09 78.03 -24.28
C TYR H 402 7.24 77.99 -25.77
N GLY H 403 6.34 77.38 -26.51
CA GLY H 403 6.44 77.33 -27.95
C GLY H 403 6.29 75.90 -28.41
N HIS H 404 5.81 75.76 -29.62
CA HIS H 404 5.86 74.51 -30.36
C HIS H 404 7.25 73.90 -30.38
N GLY H 405 7.35 72.64 -30.03
CA GLY H 405 8.61 71.97 -30.01
C GLY H 405 9.29 71.90 -28.68
N TRP H 406 8.62 72.29 -27.62
CA TRP H 406 9.14 72.27 -26.28
C TRP H 406 9.24 70.83 -25.76
N GLY H 407 10.21 70.61 -24.89
CA GLY H 407 10.21 69.54 -23.93
C GLY H 407 10.82 68.26 -24.40
N GLN H 408 10.90 67.34 -23.47
CA GLN H 408 11.38 66.01 -23.71
C GLN H 408 10.44 64.99 -23.10
N LEU H 409 9.14 65.19 -23.27
CA LEU H 409 8.16 64.29 -22.69
C LEU H 409 8.12 62.95 -23.41
N GLU H 410 7.70 61.94 -22.69
CA GLU H 410 7.36 60.64 -23.24
C GLU H 410 5.85 60.65 -23.43
N ALA H 411 5.43 60.66 -24.69
CA ALA H 411 4.03 60.85 -25.04
C ALA H 411 3.11 59.77 -24.44
N THR H 412 3.55 58.52 -24.39
CA THR H 412 2.71 57.46 -23.85
C THR H 412 2.48 57.59 -22.35
N ARG H 413 3.28 58.35 -21.59
CA ARG H 413 2.95 58.60 -20.18
C ARG H 413 1.68 59.41 -20.03
N THR H 414 1.43 60.32 -20.96
CA THR H 414 0.21 61.09 -20.99
C THR H 414 -1.02 60.22 -21.22
N LEU H 415 -0.95 59.35 -22.23
CA LEU H 415 -1.99 58.34 -22.44
C LEU H 415 -2.15 57.46 -21.22
N GLY H 416 -1.05 57.11 -20.55
CA GLY H 416 -1.12 56.31 -19.35
C GLY H 416 -1.92 56.94 -18.22
N ALA H 417 -1.75 58.24 -18.00
CA ALA H 417 -2.51 58.95 -16.99
C ALA H 417 -3.98 59.07 -17.36
N TYR H 418 -4.27 59.36 -18.61
CA TYR H 418 -5.62 59.39 -19.12
C TYR H 418 -6.32 58.05 -18.96
N THR H 419 -5.66 56.96 -19.31
CA THR H 419 -6.28 55.64 -19.23
C THR H 419 -6.48 55.21 -17.79
N ARG H 420 -5.58 55.57 -16.88
CA ARG H 420 -5.77 55.40 -15.44
C ARG H 420 -7.10 55.95 -14.94
N ASP H 421 -7.44 57.14 -15.33
CA ASP H 421 -8.68 57.70 -14.88
C ASP H 421 -9.89 57.20 -15.65
N ILE H 422 -9.75 56.69 -16.87
CA ILE H 422 -10.82 55.92 -17.47
C ILE H 422 -11.10 54.69 -16.63
N ILE H 423 -10.07 53.95 -16.25
CA ILE H 423 -10.23 52.73 -15.47
C ILE H 423 -10.91 53.05 -14.14
N LYS H 424 -10.46 54.11 -13.48
CA LYS H 424 -11.07 54.58 -12.24
C LYS H 424 -12.55 54.95 -12.40
N ASN H 425 -12.93 55.60 -13.48
CA ASN H 425 -14.33 55.96 -13.70
C ASN H 425 -15.17 54.83 -14.27
N ASN H 426 -14.57 53.81 -14.82
CA ASN H 426 -15.32 52.77 -15.48
C ASN H 426 -14.89 51.44 -14.89
N PRO H 427 -15.19 51.21 -13.62
CA PRO H 427 -14.79 49.96 -12.98
C PRO H 427 -15.55 48.81 -13.59
N ARG H 428 -14.85 47.69 -13.74
N ARG H 428 -14.84 47.69 -13.76
CA ARG H 428 -15.30 46.44 -14.37
CA ARG H 428 -15.30 46.44 -14.38
C ARG H 428 -15.72 46.62 -15.85
C ARG H 428 -15.72 46.62 -15.85
N ASP H 429 -15.34 47.67 -16.50
CA ASP H 429 -15.81 47.93 -17.83
C ASP H 429 -14.67 48.20 -18.79
N PHE H 430 -13.49 48.47 -18.29
CA PHE H 430 -12.33 48.80 -19.06
C PHE H 430 -11.16 47.92 -18.61
N ARG H 431 -10.46 47.31 -19.53
CA ARG H 431 -9.27 46.54 -19.20
C ARG H 431 -8.08 46.95 -20.03
N ILE H 432 -6.91 46.74 -19.50
CA ILE H 432 -5.69 46.83 -20.27
C ILE H 432 -5.08 45.46 -20.40
N PHE H 433 -4.70 45.11 -21.59
CA PHE H 433 -3.93 43.90 -21.82
C PHE H 433 -2.55 44.26 -22.34
N GLY H 434 -1.58 43.43 -22.08
CA GLY H 434 -0.27 43.60 -22.66
C GLY H 434 0.61 42.39 -22.58
N PRO H 435 1.45 42.15 -23.58
CA PRO H 435 2.30 40.97 -23.44
C PRO H 435 3.57 41.27 -22.65
N ASP H 436 3.40 41.51 -21.34
CA ASP H 436 4.47 41.83 -20.40
C ASP H 436 5.15 43.15 -20.80
N GLU H 437 4.36 44.05 -21.36
CA GLU H 437 4.90 45.29 -21.90
C GLU H 437 4.17 46.54 -21.43
N THR H 438 3.28 46.46 -20.43
CA THR H 438 2.51 47.62 -20.01
C THR H 438 3.41 48.69 -19.38
N ALA H 439 4.27 48.31 -18.44
CA ALA H 439 5.22 49.23 -17.85
C ALA H 439 6.24 49.72 -18.84
N SER H 440 6.73 48.83 -19.68
CA SER H 440 7.73 49.15 -20.68
C SER H 440 7.21 50.17 -21.70
N ASN H 441 5.99 50.01 -22.17
CA ASN H 441 5.31 51.01 -22.99
C ASN H 441 4.73 52.18 -22.17
N ARG H 442 5.12 52.31 -20.89
CA ARG H 442 4.88 53.45 -20.00
C ARG H 442 3.42 53.65 -19.64
N LEU H 443 2.66 52.58 -19.50
CA LEU H 443 1.25 52.70 -19.17
C LEU H 443 0.97 52.34 -17.72
N GLN H 444 1.98 52.41 -16.88
CA GLN H 444 1.92 51.88 -15.53
C GLN H 444 1.32 52.82 -14.49
N ALA H 445 0.91 54.04 -14.86
CA ALA H 445 0.05 54.85 -14.00
C ALA H 445 -1.28 54.18 -13.67
N SER H 446 -1.73 53.19 -14.45
CA SER H 446 -2.91 52.44 -14.10
C SER H 446 -2.77 51.64 -12.82
N TYR H 447 -1.55 51.35 -12.36
CA TYR H 447 -1.34 50.61 -11.13
C TYR H 447 -1.64 51.44 -9.91
N GLU H 448 -1.78 52.75 -10.04
CA GLU H 448 -2.31 53.57 -8.97
C GLU H 448 -3.78 53.30 -8.70
N VAL H 449 -4.53 52.75 -9.63
CA VAL H 449 -5.95 52.52 -9.40
C VAL H 449 -6.36 51.06 -9.52
N THR H 450 -5.50 50.17 -9.96
CA THR H 450 -5.87 48.78 -10.14
C THR H 450 -4.61 47.95 -10.05
N ASN H 451 -4.74 46.68 -10.31
CA ASN H 451 -3.65 45.75 -10.26
C ASN H 451 -3.61 44.91 -11.53
N LYS H 452 -2.50 44.26 -11.72
CA LYS H 452 -2.37 43.18 -12.67
C LYS H 452 -3.02 41.93 -12.11
N GLN H 453 -3.93 41.36 -12.85
CA GLN H 453 -4.64 40.20 -12.40
C GLN H 453 -3.72 39.00 -12.48
N TRP H 454 -3.46 38.38 -11.36
CA TRP H 454 -2.56 37.23 -11.30
C TRP H 454 -3.17 36.16 -10.42
N ASP H 455 -3.35 34.98 -10.93
CA ASP H 455 -3.94 33.91 -10.12
C ASP H 455 -3.09 32.67 -10.11
N ALA H 456 -1.82 32.81 -10.37
CA ALA H 456 -0.88 31.77 -10.07
C ALA H 456 -0.30 32.10 -8.69
N GLY H 457 0.78 31.44 -8.29
CA GLY H 457 1.28 31.62 -6.94
C GLY H 457 1.94 32.97 -6.69
N TYR H 458 1.82 33.43 -5.47
CA TYR H 458 2.51 34.62 -4.95
C TYR H 458 3.64 34.13 -4.07
N ILE H 459 4.77 34.82 -4.05
CA ILE H 459 5.91 34.40 -3.19
C ILE H 459 6.44 35.50 -2.26
N SER H 460 6.49 36.75 -2.69
CA SER H 460 7.14 37.81 -1.94
C SER H 460 6.71 39.18 -2.41
N ASP H 461 6.49 40.07 -1.46
CA ASP H 461 6.30 41.48 -1.74
C ASP H 461 7.53 42.17 -2.35
N GLU H 462 8.73 41.63 -2.26
CA GLU H 462 9.86 42.21 -2.99
C GLU H 462 9.80 42.02 -4.51
N VAL H 463 9.09 41.03 -5.01
CA VAL H 463 8.99 40.82 -6.45
C VAL H 463 7.58 41.05 -7.00
N ASP H 464 6.53 40.93 -6.19
CA ASP H 464 5.15 40.79 -6.64
C ASP H 464 4.36 42.08 -6.57
N GLU H 465 4.99 43.23 -6.65
CA GLU H 465 4.32 44.52 -6.66
C GLU H 465 3.27 44.64 -7.76
N HIS H 466 2.20 45.34 -7.44
CA HIS H 466 1.08 45.66 -8.30
C HIS H 466 0.32 44.45 -8.78
N MET H 467 0.40 43.31 -8.13
CA MET H 467 -0.34 42.13 -8.52
C MET H 467 -1.44 41.83 -7.51
N HIS H 468 -2.57 41.32 -7.97
CA HIS H 468 -3.70 40.93 -7.16
C HIS H 468 -4.49 39.85 -7.90
N VAL H 469 -5.23 39.04 -7.16
CA VAL H 469 -6.02 38.00 -7.80
C VAL H 469 -7.14 38.58 -8.64
N SER H 470 -7.52 39.81 -8.44
CA SER H 470 -8.34 40.45 -9.43
C SER H 470 -7.80 41.84 -9.70
N GLY H 471 -8.02 42.30 -10.90
CA GLY H 471 -7.60 43.63 -11.31
C GLY H 471 -7.84 43.78 -12.79
N GLN H 472 -7.72 45.00 -13.27
CA GLN H 472 -8.10 45.35 -14.62
C GLN H 472 -6.93 45.34 -15.63
N VAL H 473 -5.76 44.87 -15.27
CA VAL H 473 -4.64 44.73 -16.19
C VAL H 473 -4.29 43.24 -16.24
N VAL H 474 -4.11 42.70 -17.42
CA VAL H 474 -3.76 41.31 -17.59
C VAL H 474 -2.55 41.23 -18.49
N GLU H 475 -1.56 40.47 -18.07
CA GLU H 475 -0.32 40.31 -18.80
C GLU H 475 0.02 38.84 -18.87
N GLN H 476 0.31 38.39 -20.06
CA GLN H 476 0.86 37.10 -20.35
C GLN H 476 1.70 37.33 -21.57
N LEU H 477 2.84 36.69 -21.65
CA LEU H 477 3.70 36.84 -22.80
C LEU H 477 3.17 35.99 -23.97
N SER H 478 2.13 36.51 -24.59
CA SER H 478 1.48 35.95 -25.77
C SER H 478 0.63 37.06 -26.36
N GLU H 479 1.01 37.52 -27.53
CA GLU H 479 0.19 38.44 -28.30
C GLU H 479 -1.14 37.81 -28.69
N HIS H 480 -1.17 36.50 -28.95
CA HIS H 480 -2.40 35.79 -29.25
C HIS H 480 -3.40 35.85 -28.10
N GLN H 481 -2.94 35.61 -26.88
CA GLN H 481 -3.77 35.71 -25.69
C GLN H 481 -4.30 37.13 -25.49
N MET H 482 -3.41 38.13 -25.51
CA MET H 482 -3.79 39.52 -25.29
C MET H 482 -4.80 40.00 -26.33
N GLU H 483 -4.54 39.75 -27.60
CA GLU H 483 -5.47 40.15 -28.63
C GLU H 483 -6.78 39.40 -28.52
N GLY H 484 -6.71 38.12 -28.17
CA GLY H 484 -7.89 37.31 -28.09
C GLY H 484 -8.77 37.56 -26.87
N PHE H 485 -8.16 37.72 -25.68
CA PHE H 485 -8.84 38.23 -24.49
C PHE H 485 -9.57 39.53 -24.80
N LEU H 486 -8.87 40.50 -25.36
CA LEU H 486 -9.47 41.81 -25.59
C LEU H 486 -10.63 41.71 -26.56
N GLU H 487 -10.44 41.00 -27.67
CA GLU H 487 -11.49 40.80 -28.67
C GLU H 487 -12.79 40.26 -28.08
N ALA H 488 -12.72 39.34 -27.16
CA ALA H 488 -13.95 38.85 -26.56
C ALA H 488 -14.50 39.76 -25.47
N TYR H 489 -13.67 40.51 -24.77
CA TYR H 489 -14.10 41.54 -23.84
C TYR H 489 -14.92 42.61 -24.57
N LEU H 490 -14.52 42.94 -25.77
CA LEU H 490 -15.26 43.86 -26.61
C LEU H 490 -16.52 43.24 -27.16
N LEU H 491 -16.46 41.99 -27.62
CA LEU H 491 -17.64 41.38 -28.19
C LEU H 491 -18.72 41.11 -27.15
N THR H 492 -18.37 41.11 -25.87
CA THR H 492 -19.34 40.97 -24.81
C THR H 492 -19.69 42.30 -24.17
N GLY H 493 -19.35 43.40 -24.80
CA GLY H 493 -19.89 44.68 -24.44
C GLY H 493 -19.02 45.58 -23.63
N ARG H 494 -17.79 45.22 -23.33
CA ARG H 494 -16.93 46.04 -22.51
C ARG H 494 -15.90 46.77 -23.40
N HIS H 495 -14.86 47.32 -22.81
CA HIS H 495 -13.96 48.25 -23.48
C HIS H 495 -12.53 47.97 -23.07
N GLY H 496 -11.58 48.41 -23.87
CA GLY H 496 -10.22 48.39 -23.41
C GLY H 496 -9.16 48.79 -24.40
N ILE H 497 -7.96 48.33 -24.14
CA ILE H 497 -6.81 48.70 -24.92
C ILE H 497 -5.75 47.65 -24.70
N TRP H 498 -5.02 47.33 -25.72
CA TRP H 498 -3.79 46.64 -25.44
C TRP H 498 -2.64 47.38 -26.07
N SER H 499 -1.46 47.09 -25.64
CA SER H 499 -0.28 47.72 -26.18
C SER H 499 0.72 46.65 -26.51
N SER H 500 1.63 46.97 -27.39
CA SER H 500 2.57 46.04 -27.97
C SER H 500 3.74 46.82 -28.53
N TYR H 501 4.88 46.19 -28.55
CA TYR H 501 5.95 46.66 -29.41
C TYR H 501 5.51 46.45 -30.83
N GLU H 502 5.89 47.41 -31.64
CA GLU H 502 5.46 47.52 -33.02
C GLU H 502 5.76 46.25 -33.81
N SER H 503 7.00 45.79 -33.80
CA SER H 503 7.41 44.64 -34.60
C SER H 503 6.72 43.35 -34.20
N PHE H 504 6.24 43.23 -32.99
CA PHE H 504 5.52 42.03 -32.59
C PHE H 504 4.03 42.11 -32.82
N VAL H 505 3.50 43.22 -33.29
CA VAL H 505 2.11 43.22 -33.76
C VAL H 505 1.88 42.18 -34.84
N HIS H 506 2.90 41.92 -35.65
CA HIS H 506 2.83 40.96 -36.75
C HIS H 506 2.48 39.56 -36.32
N VAL H 507 2.85 39.19 -35.09
CA VAL H 507 2.42 37.97 -34.44
C VAL H 507 0.91 37.76 -34.55
N ILE H 508 0.11 38.80 -34.46
CA ILE H 508 -1.33 38.60 -34.50
C ILE H 508 -1.98 39.22 -35.73
N ASP H 509 -1.23 39.44 -36.81
CA ASP H 509 -1.78 39.92 -38.08
C ASP H 509 -3.03 39.15 -38.51
N SER H 510 -2.97 37.85 -38.39
CA SER H 510 -4.09 37.03 -38.79
C SER H 510 -5.27 37.13 -37.82
N MET H 511 -5.04 37.41 -36.54
CA MET H 511 -6.15 37.72 -35.62
C MET H 511 -6.77 39.08 -35.94
N LEU H 512 -5.96 40.09 -36.22
CA LEU H 512 -6.47 41.35 -36.68
C LEU H 512 -7.28 41.21 -37.97
N ASN H 513 -6.85 40.34 -38.87
CA ASN H 513 -7.58 40.09 -40.11
C ASN H 513 -8.95 39.51 -39.81
N GLN H 514 -9.01 38.52 -38.93
CA GLN H 514 -10.26 37.88 -38.60
C GLN H 514 -11.18 38.80 -37.82
N HIS H 515 -10.66 39.66 -36.98
CA HIS H 515 -11.52 40.64 -36.33
C HIS H 515 -12.06 41.65 -37.31
N ALA H 516 -11.26 42.02 -38.31
CA ALA H 516 -11.68 42.97 -39.32
C ALA H 516 -12.71 42.39 -40.27
N LYS H 517 -12.65 41.11 -40.54
CA LYS H 517 -13.67 40.48 -41.36
C LYS H 517 -14.97 40.32 -40.62
N TRP H 518 -14.91 40.03 -39.32
CA TRP H 518 -16.07 40.11 -38.43
C TRP H 518 -16.72 41.48 -38.54
N LEU H 519 -15.94 42.54 -38.32
CA LEU H 519 -16.44 43.90 -38.38
C LEU H 519 -16.97 44.29 -39.75
N GLU H 520 -16.26 43.93 -40.81
CA GLU H 520 -16.68 44.25 -42.18
C GLU H 520 -18.02 43.62 -42.51
N ALA H 521 -18.17 42.34 -42.20
CA ALA H 521 -19.45 41.68 -42.41
C ALA H 521 -20.56 42.27 -41.53
N THR H 522 -20.24 42.72 -40.33
CA THR H 522 -21.24 43.27 -39.44
C THR H 522 -21.77 44.61 -39.92
N VAL H 523 -20.88 45.51 -40.34
CA VAL H 523 -21.31 46.84 -40.76
C VAL H 523 -21.89 46.84 -42.16
N ARG H 524 -21.53 45.89 -43.00
CA ARG H 524 -22.14 45.79 -44.32
C ARG H 524 -23.55 45.23 -44.24
N GLU H 525 -23.79 44.16 -43.50
CA GLU H 525 -25.05 43.44 -43.67
C GLU H 525 -25.71 42.90 -42.42
N ILE H 526 -25.23 43.18 -41.23
CA ILE H 526 -25.85 42.54 -40.09
C ILE H 526 -26.31 43.64 -39.14
N PRO H 527 -27.42 44.33 -39.44
CA PRO H 527 -27.85 45.45 -38.58
C PRO H 527 -28.37 45.05 -37.22
N TRP H 528 -28.91 43.85 -37.03
CA TRP H 528 -29.30 43.39 -35.71
C TRP H 528 -28.12 43.17 -34.76
N ARG H 529 -26.90 43.18 -35.23
CA ARG H 529 -25.72 42.99 -34.40
C ARG H 529 -25.20 44.39 -34.06
N LYS H 530 -25.41 44.80 -32.83
CA LYS H 530 -25.19 46.17 -32.41
C LYS H 530 -23.69 46.52 -32.36
N PRO H 531 -23.31 47.79 -32.48
CA PRO H 531 -21.88 48.16 -32.47
C PRO H 531 -21.17 47.85 -31.16
N ILE H 532 -20.04 47.23 -31.26
CA ILE H 532 -19.19 46.92 -30.15
C ILE H 532 -18.14 48.00 -30.08
N ALA H 533 -17.52 48.14 -28.93
CA ALA H 533 -16.38 49.02 -28.73
C ALA H 533 -15.19 48.62 -29.59
N SER H 534 -14.38 49.57 -29.93
CA SER H 534 -13.30 49.36 -30.84
C SER H 534 -12.14 48.58 -30.23
N MET H 535 -11.41 47.93 -31.07
CA MET H 535 -10.18 47.23 -30.72
C MET H 535 -9.05 48.24 -30.80
N ASN H 536 -8.57 48.69 -29.67
CA ASN H 536 -7.61 49.77 -29.59
C ASN H 536 -6.22 49.23 -29.30
N LEU H 537 -5.28 49.53 -30.16
CA LEU H 537 -3.95 48.99 -30.02
C LEU H 537 -2.92 50.11 -29.97
N LEU H 538 -2.31 50.28 -28.84
CA LEU H 538 -1.15 51.14 -28.71
C LEU H 538 0.10 50.47 -29.29
N VAL H 539 0.61 51.01 -30.37
CA VAL H 539 1.78 50.48 -31.04
C VAL H 539 2.92 51.36 -30.56
N SER H 540 3.71 50.86 -29.64
CA SER H 540 4.80 51.69 -29.19
C SER H 540 6.12 50.95 -29.34
N SER H 541 7.18 51.51 -28.79
CA SER H 541 8.56 51.13 -29.01
C SER H 541 8.85 50.84 -30.46
N HIS H 542 8.66 51.81 -31.31
CA HIS H 542 8.56 51.58 -32.73
C HIS H 542 9.95 51.48 -33.38
N VAL H 543 9.98 51.46 -34.71
CA VAL H 543 11.18 51.10 -35.46
C VAL H 543 12.31 52.10 -35.23
N TRP H 544 12.01 53.38 -35.10
CA TRP H 544 13.06 54.37 -34.99
C TRP H 544 13.77 54.34 -33.65
N ARG H 545 13.17 53.81 -32.62
CA ARG H 545 13.75 53.83 -31.29
C ARG H 545 13.93 52.42 -30.82
N GLN H 546 14.25 51.51 -31.70
N GLN H 546 14.21 51.56 -31.78
CA GLN H 546 14.50 50.12 -31.28
CA GLN H 546 14.60 50.16 -31.64
C GLN H 546 15.92 50.04 -30.79
C GLN H 546 16.05 49.96 -32.02
N ASP H 547 16.04 50.24 -29.46
N ASP H 547 16.84 51.01 -31.87
CA ASP H 547 17.19 50.67 -28.64
CA ASP H 547 18.28 50.95 -31.98
C ASP H 547 18.03 49.55 -28.04
C ASP H 547 18.96 50.32 -30.75
N HIS H 548 17.43 48.75 -27.17
N HIS H 548 18.22 49.75 -29.77
CA HIS H 548 18.13 47.58 -26.70
CA HIS H 548 18.86 48.96 -28.72
C HIS H 548 18.15 46.45 -27.71
C HIS H 548 18.65 47.45 -28.91
N ASN H 549 17.63 46.63 -28.95
N ASN H 549 17.46 47.00 -29.31
CA ASN H 549 17.30 45.45 -29.77
CA ASN H 549 17.29 45.64 -29.78
C ASN H 549 17.81 45.41 -31.21
C ASN H 549 17.78 45.45 -31.20
N GLY H 550 17.83 46.48 -31.97
CA GLY H 550 18.45 46.31 -33.26
C GLY H 550 17.58 45.65 -34.31
N PHE H 551 18.26 45.21 -35.36
CA PHE H 551 17.76 45.04 -36.72
C PHE H 551 16.59 44.10 -36.82
N SER H 552 16.61 43.02 -36.09
CA SER H 552 15.55 42.06 -36.26
C SER H 552 14.34 42.39 -35.42
N HIS H 553 14.32 43.50 -34.71
CA HIS H 553 13.14 44.03 -34.04
C HIS H 553 12.57 45.23 -34.74
N GLN H 554 13.04 45.53 -35.91
CA GLN H 554 12.65 46.70 -36.67
C GLN H 554 11.69 46.29 -37.76
N ASP H 555 10.40 46.33 -37.49
CA ASP H 555 9.41 46.07 -38.54
C ASP H 555 8.18 46.89 -38.28
N PRO H 556 8.05 48.03 -38.94
CA PRO H 556 6.84 48.84 -38.82
C PRO H 556 5.66 48.36 -39.67
N GLY H 557 5.69 47.16 -40.19
CA GLY H 557 4.77 46.74 -41.21
C GLY H 557 3.33 46.45 -40.83
N VAL H 558 2.92 46.76 -39.61
CA VAL H 558 1.52 46.68 -39.22
C VAL H 558 0.63 47.54 -40.12
N THR H 559 1.13 48.73 -40.49
CA THR H 559 0.40 49.65 -41.34
C THR H 559 0.01 49.07 -42.69
N SER H 560 0.89 48.30 -43.34
CA SER H 560 0.56 47.69 -44.63
C SER H 560 -0.54 46.65 -44.50
N VAL H 561 -0.51 45.86 -43.42
CA VAL H 561 -1.55 44.90 -43.14
C VAL H 561 -2.91 45.58 -42.96
N LEU H 562 -2.96 46.62 -42.15
CA LEU H 562 -4.23 47.25 -41.87
C LEU H 562 -4.77 48.04 -43.06
N LEU H 563 -3.94 48.43 -44.01
CA LEU H 563 -4.42 49.09 -45.21
C LEU H 563 -5.17 48.16 -46.15
N ASN H 564 -4.97 46.86 -46.06
CA ASN H 564 -5.75 45.89 -46.81
C ASN H 564 -7.15 45.66 -46.26
N LYS H 565 -7.55 46.28 -45.19
CA LYS H 565 -8.91 46.15 -44.72
C LYS H 565 -9.67 47.45 -44.81
N CYS H 566 -9.31 48.31 -45.75
CA CYS H 566 -9.94 49.63 -45.89
C CYS H 566 -10.63 49.76 -47.24
N PHE H 567 -11.81 49.20 -47.36
CA PHE H 567 -12.57 49.23 -48.60
C PHE H 567 -14.04 49.48 -48.33
N HIS H 568 -14.76 49.85 -49.40
N HIS H 568 -14.71 49.92 -49.41
CA HIS H 568 -16.22 49.83 -49.48
CA HIS H 568 -16.16 49.97 -49.56
C HIS H 568 -16.87 50.79 -48.48
C HIS H 568 -16.84 50.79 -48.49
N ASN H 569 -16.13 51.82 -48.04
CA ASN H 569 -16.51 52.70 -46.94
C ASN H 569 -16.93 51.98 -45.66
N ASP H 570 -16.32 50.84 -45.35
CA ASP H 570 -16.59 50.16 -44.10
C ASP H 570 -16.18 51.00 -42.90
N HIS H 571 -15.05 51.68 -42.99
CA HIS H 571 -14.42 52.45 -41.92
C HIS H 571 -14.27 51.63 -40.65
N VAL H 572 -13.70 50.44 -40.78
CA VAL H 572 -13.41 49.61 -39.64
C VAL H 572 -11.95 49.70 -39.20
N ILE H 573 -11.13 50.51 -39.84
CA ILE H 573 -9.71 50.65 -39.54
C ILE H 573 -9.39 52.11 -39.23
N GLY H 574 -8.69 52.35 -38.16
CA GLY H 574 -8.09 53.64 -37.93
C GLY H 574 -6.59 53.47 -37.78
N ILE H 575 -5.81 54.25 -38.49
CA ILE H 575 -4.36 54.21 -38.43
C ILE H 575 -3.93 55.62 -38.06
N TYR H 576 -3.35 55.79 -36.88
CA TYR H 576 -3.07 57.11 -36.34
C TYR H 576 -1.64 57.21 -35.89
N PHE H 577 -1.01 58.27 -36.31
CA PHE H 577 0.34 58.60 -35.93
C PHE H 577 0.27 59.68 -34.88
N ALA H 578 0.65 59.35 -33.67
CA ALA H 578 0.64 60.31 -32.61
C ALA H 578 1.88 61.18 -32.75
N THR H 579 1.68 62.42 -33.18
CA THR H 579 2.76 63.38 -33.36
C THR H 579 3.44 63.76 -32.06
N ASP H 580 2.73 63.79 -30.96
CA ASP H 580 3.19 64.19 -29.64
C ASP H 580 2.13 63.78 -28.64
N ALA H 581 2.32 64.16 -27.39
CA ALA H 581 1.39 63.81 -26.32
C ALA H 581 0.01 64.43 -26.50
N ASN H 582 -0.08 65.65 -27.00
CA ASN H 582 -1.40 66.25 -27.19
C ASN H 582 -2.16 65.66 -28.36
N MET H 583 -1.48 65.23 -29.40
CA MET H 583 -2.12 64.49 -30.48
C MET H 583 -2.51 63.10 -30.02
N LEU H 584 -1.69 62.47 -29.18
CA LEU H 584 -2.04 61.19 -28.61
C LEU H 584 -3.32 61.24 -27.79
N LEU H 585 -3.49 62.30 -27.02
CA LEU H 585 -4.74 62.51 -26.29
C LEU H 585 -5.93 62.62 -27.22
N ALA H 586 -5.83 63.46 -28.24
CA ALA H 586 -6.91 63.61 -29.19
C ALA H 586 -7.24 62.29 -29.89
N ILE H 587 -6.22 61.52 -30.27
CA ILE H 587 -6.44 60.24 -30.92
C ILE H 587 -7.13 59.29 -29.98
N ALA H 588 -6.66 59.24 -28.73
CA ALA H 588 -7.11 58.28 -27.74
C ALA H 588 -8.55 58.48 -27.38
N GLU H 589 -8.95 59.73 -27.22
CA GLU H 589 -10.34 60.07 -26.99
C GLU H 589 -11.24 59.67 -28.17
N LYS H 590 -10.83 59.93 -29.40
CA LYS H 590 -11.56 59.47 -30.57
C LYS H 590 -11.69 57.94 -30.63
N CYS H 591 -10.59 57.23 -30.40
CA CYS H 591 -10.63 55.77 -30.37
C CYS H 591 -11.47 55.24 -29.21
N TYR H 592 -11.41 55.87 -28.04
CA TYR H 592 -12.19 55.43 -26.89
C TYR H 592 -13.68 55.71 -27.05
N LYS H 593 -14.05 56.69 -27.84
CA LYS H 593 -15.43 56.91 -28.24
C LYS H 593 -15.91 56.13 -29.46
N SER H 594 -15.03 55.53 -30.24
CA SER H 594 -15.42 54.89 -31.47
C SER H 594 -15.98 53.50 -31.22
N THR H 595 -16.77 53.05 -32.15
CA THR H 595 -17.33 51.71 -32.15
C THR H 595 -16.97 51.01 -33.46
N ASN H 596 -16.98 49.68 -33.42
CA ASN H 596 -16.82 48.79 -34.58
C ASN H 596 -15.53 49.03 -35.36
N LYS H 597 -14.42 49.25 -34.69
CA LYS H 597 -13.18 49.52 -35.38
C LYS H 597 -12.01 48.72 -34.82
N ILE H 598 -10.97 48.67 -35.61
CA ILE H 598 -9.64 48.37 -35.15
C ILE H 598 -8.84 49.66 -35.29
N ASN H 599 -8.40 50.18 -34.17
CA ASN H 599 -7.62 51.41 -34.08
C ASN H 599 -6.17 51.10 -33.73
N ALA H 600 -5.26 51.36 -34.63
CA ALA H 600 -3.84 51.30 -34.34
C ALA H 600 -3.33 52.69 -34.00
N ILE H 601 -2.70 52.83 -32.86
CA ILE H 601 -2.24 54.12 -32.40
C ILE H 601 -0.75 53.99 -32.29
N ILE H 602 -0.05 54.61 -33.18
CA ILE H 602 1.39 54.48 -33.25
C ILE H 602 1.94 55.70 -32.53
N ALA H 603 2.50 55.45 -31.36
CA ALA H 603 2.97 56.47 -30.45
C ALA H 603 4.36 56.11 -29.96
N GLY H 604 5.21 57.09 -29.88
CA GLY H 604 6.50 56.86 -29.30
C GLY H 604 6.46 56.94 -27.79
N LYS H 605 7.33 56.18 -27.18
CA LYS H 605 7.53 56.27 -25.75
C LYS H 605 8.88 56.88 -25.37
N GLN H 606 9.72 57.25 -26.31
CA GLN H 606 10.98 57.92 -26.05
C GLN H 606 10.77 59.41 -25.77
N PRO H 607 11.72 60.08 -25.13
CA PRO H 607 11.59 61.53 -24.93
C PRO H 607 11.61 62.26 -26.25
N ALA H 608 10.67 63.15 -26.46
CA ALA H 608 10.47 63.82 -27.73
C ALA H 608 9.82 65.17 -27.47
N ALA H 609 9.80 66.01 -28.46
CA ALA H 609 9.19 67.32 -28.37
C ALA H 609 7.68 67.24 -28.38
N THR H 610 7.04 68.27 -27.86
CA THR H 610 5.61 68.44 -28.02
C THR H 610 5.37 69.57 -29.00
N TRP H 611 4.64 69.28 -30.07
CA TRP H 611 4.51 70.18 -31.21
C TRP H 611 3.23 70.99 -31.19
N LEU H 612 2.14 70.43 -30.73
CA LEU H 612 0.81 71.00 -30.85
C LEU H 612 0.18 71.17 -29.48
N THR H 613 -0.71 72.14 -29.38
CA THR H 613 -1.62 72.18 -28.25
C THR H 613 -2.74 71.19 -28.52
N LEU H 614 -3.54 70.96 -27.50
CA LEU H 614 -4.63 70.01 -27.65
C LEU H 614 -5.68 70.53 -28.62
N ASP H 615 -5.95 71.83 -28.60
CA ASP H 615 -6.91 72.41 -29.53
C ASP H 615 -6.39 72.39 -30.96
N GLU H 616 -5.09 72.53 -31.18
CA GLU H 616 -4.58 72.32 -32.52
C GLU H 616 -4.60 70.85 -32.93
N ALA H 617 -4.27 69.96 -31.99
CA ALA H 617 -4.28 68.52 -32.26
C ALA H 617 -5.66 68.04 -32.65
N ARG H 618 -6.69 68.53 -31.97
CA ARG H 618 -8.07 68.18 -32.34
C ARG H 618 -8.46 68.74 -33.70
N ALA H 619 -7.88 69.84 -34.14
CA ALA H 619 -8.18 70.38 -35.46
C ALA H 619 -7.52 69.56 -36.56
N GLU H 620 -6.22 69.26 -36.42
CA GLU H 620 -5.54 68.39 -37.36
C GLU H 620 -6.18 67.02 -37.44
N LEU H 621 -6.62 66.47 -36.31
CA LEU H 621 -7.18 65.11 -36.27
C LEU H 621 -8.52 65.02 -36.99
N GLU H 622 -9.35 66.05 -36.93
CA GLU H 622 -10.65 66.01 -37.60
C GLU H 622 -10.53 65.90 -39.12
N LYS H 623 -9.59 66.64 -39.71
CA LYS H 623 -9.32 66.46 -41.13
C LYS H 623 -8.40 65.29 -41.38
N GLY H 624 -7.42 65.07 -40.55
CA GLY H 624 -6.56 63.93 -40.68
C GLY H 624 -5.15 64.34 -40.97
N ALA H 625 -5.01 65.34 -41.83
CA ALA H 625 -3.78 66.04 -42.12
C ALA H 625 -4.02 67.53 -42.00
N ALA H 626 -2.95 68.29 -41.78
CA ALA H 626 -3.06 69.75 -41.66
C ALA H 626 -1.75 70.42 -41.95
N ALA H 627 -1.81 71.57 -42.57
CA ALA H 627 -0.67 72.46 -42.67
C ALA H 627 -0.35 73.08 -41.33
N TRP H 628 0.91 73.29 -41.08
CA TRP H 628 1.39 73.92 -39.86
C TRP H 628 1.87 75.32 -40.26
N ASP H 629 0.94 76.28 -40.26
CA ASP H 629 1.31 77.61 -40.75
C ASP H 629 2.27 78.30 -39.81
N TRP H 630 2.26 77.95 -38.53
CA TRP H 630 3.26 78.47 -37.62
C TRP H 630 4.67 77.99 -37.96
N ALA H 631 4.81 76.89 -38.70
CA ALA H 631 6.12 76.37 -39.06
C ALA H 631 6.51 76.66 -40.50
N SER H 632 5.58 77.01 -41.37
CA SER H 632 5.92 77.31 -42.73
C SER H 632 6.57 78.68 -42.80
N THR H 633 7.46 78.87 -43.75
CA THR H 633 7.92 80.19 -44.15
C THR H 633 7.35 80.61 -45.49
N ALA H 634 6.75 79.71 -46.24
CA ALA H 634 5.87 80.13 -47.30
C ALA H 634 4.57 80.62 -46.71
N LYS H 635 3.99 81.61 -47.34
CA LYS H 635 2.81 82.24 -46.77
C LYS H 635 1.57 81.99 -47.61
N ASN H 636 1.70 81.32 -48.75
CA ASN H 636 0.62 80.59 -49.40
C ASN H 636 1.27 79.55 -50.31
N ASN H 637 0.45 78.90 -51.11
CA ASN H 637 0.89 77.75 -51.88
C ASN H 637 1.78 78.11 -53.07
N ASP H 638 1.65 79.32 -53.62
CA ASP H 638 2.48 79.67 -54.77
C ASP H 638 3.86 80.15 -54.42
N GLU H 639 4.13 80.56 -53.19
CA GLU H 639 5.52 80.90 -52.93
C GLU H 639 6.27 79.78 -52.23
N ALA H 640 5.61 78.68 -51.86
CA ALA H 640 6.34 77.51 -51.40
C ALA H 640 7.19 76.94 -52.52
N GLU H 641 8.42 76.65 -52.20
CA GLU H 641 9.24 75.89 -53.12
C GLU H 641 9.18 74.42 -52.85
N VAL H 642 8.85 74.01 -51.64
CA VAL H 642 8.87 72.61 -51.26
C VAL H 642 7.86 72.45 -50.13
N VAL H 643 7.30 71.26 -50.02
CA VAL H 643 6.38 70.93 -48.95
C VAL H 643 7.03 69.86 -48.10
N LEU H 644 7.22 70.14 -46.85
CA LEU H 644 7.82 69.20 -45.93
C LEU H 644 6.71 68.53 -45.13
N ALA H 645 6.37 67.32 -45.48
CA ALA H 645 5.32 66.59 -44.79
C ALA H 645 5.93 65.51 -43.93
N ALA H 646 5.24 65.12 -42.86
CA ALA H 646 5.66 64.06 -41.98
C ALA H 646 4.46 63.34 -41.38
N ALA H 647 4.59 62.04 -41.23
CA ALA H 647 3.68 61.21 -40.46
C ALA H 647 4.48 60.39 -39.47
N GLY H 648 4.27 60.60 -38.20
CA GLY H 648 4.92 59.96 -37.08
C GLY H 648 5.83 60.90 -36.31
N ASP H 649 6.06 60.59 -35.04
CA ASP H 649 6.83 61.48 -34.16
C ASP H 649 8.31 61.60 -34.54
N VAL H 650 8.98 60.51 -34.88
CA VAL H 650 10.36 60.64 -35.34
C VAL H 650 10.44 61.26 -36.73
N PRO H 651 9.62 60.93 -37.73
CA PRO H 651 9.63 61.75 -38.96
C PRO H 651 9.31 63.21 -38.75
N THR H 652 8.46 63.53 -37.79
CA THR H 652 8.12 64.91 -37.49
C THR H 652 9.33 65.64 -36.91
N GLN H 653 10.09 64.97 -36.05
CA GLN H 653 11.26 65.57 -35.44
C GLN H 653 12.31 65.89 -36.50
N GLU H 654 12.59 64.94 -37.39
CA GLU H 654 13.56 65.14 -38.45
C GLU H 654 13.11 66.17 -39.48
N ILE H 655 11.82 66.24 -39.79
CA ILE H 655 11.33 67.24 -40.74
C ILE H 655 11.35 68.63 -40.11
N MET H 656 11.07 68.74 -38.80
CA MET H 656 11.11 70.03 -38.14
C MET H 656 12.54 70.54 -37.97
N ALA H 657 13.49 69.63 -37.76
CA ALA H 657 14.90 69.98 -37.74
C ALA H 657 15.43 70.29 -39.13
N ALA H 658 14.86 69.71 -40.17
CA ALA H 658 15.25 70.07 -41.53
C ALA H 658 14.69 71.42 -41.93
N SER H 659 13.47 71.74 -41.49
CA SER H 659 12.89 73.04 -41.78
C SER H 659 13.64 74.19 -41.14
N ASP H 660 14.28 73.97 -40.00
CA ASP H 660 15.08 75.01 -39.36
C ASP H 660 16.36 75.29 -40.13
N LYS H 661 17.00 74.24 -40.65
CA LYS H 661 18.16 74.40 -41.52
C LYS H 661 17.78 74.96 -42.87
N LEU H 662 16.58 74.71 -43.35
CA LEU H 662 16.15 75.29 -44.61
C LEU H 662 15.84 76.77 -44.44
N LYS H 663 15.24 77.13 -43.32
CA LYS H 663 14.92 78.50 -42.96
C LYS H 663 16.18 79.35 -42.87
N GLU H 664 17.22 78.82 -42.20
CA GLU H 664 18.55 79.40 -42.16
C GLU H 664 19.15 79.65 -43.53
N LEU H 665 18.79 78.84 -44.53
CA LEU H 665 19.17 79.09 -45.91
C LEU H 665 18.25 80.02 -46.65
N GLY H 666 17.23 80.56 -46.00
CA GLY H 666 16.33 81.42 -46.69
C GLY H 666 15.19 80.78 -47.46
N VAL H 667 15.09 79.44 -47.51
CA VAL H 667 14.11 78.75 -48.36
C VAL H 667 12.67 78.99 -47.90
N LYS H 668 11.77 79.15 -48.87
CA LYS H 668 10.35 79.28 -48.63
C LYS H 668 9.71 77.89 -48.75
N PHE H 669 9.19 77.36 -47.65
CA PHE H 669 8.62 76.03 -47.63
C PHE H 669 7.32 76.03 -46.85
N LYS H 670 6.60 74.95 -46.97
CA LYS H 670 5.40 74.69 -46.21
C LYS H 670 5.56 73.37 -45.47
N VAL H 671 5.13 73.33 -44.22
CA VAL H 671 5.23 72.15 -43.37
C VAL H 671 3.83 71.54 -43.17
N VAL H 672 3.69 70.24 -43.40
CA VAL H 672 2.45 69.49 -43.25
C VAL H 672 2.62 68.36 -42.24
N ASN H 673 1.63 68.11 -41.42
CA ASN H 673 1.63 66.93 -40.58
C ASN H 673 0.44 66.06 -40.90
N VAL H 674 0.67 64.76 -40.92
CA VAL H 674 -0.35 63.76 -41.20
C VAL H 674 -0.53 62.95 -39.93
N ALA H 675 -1.65 63.09 -39.27
CA ALA H 675 -1.95 62.30 -38.10
C ALA H 675 -2.73 61.03 -38.42
N ASP H 676 -3.58 61.05 -39.44
CA ASP H 676 -4.51 59.97 -39.76
C ASP H 676 -4.21 59.54 -41.19
N LEU H 677 -3.74 58.31 -41.35
CA LEU H 677 -3.16 57.83 -42.59
C LEU H 677 -4.21 57.65 -43.68
N LEU H 678 -5.40 57.21 -43.34
CA LEU H 678 -6.47 57.04 -44.31
C LEU H 678 -7.08 58.34 -44.78
N SER H 679 -6.67 59.49 -44.28
CA SER H 679 -7.09 60.77 -44.85
C SER H 679 -6.50 60.99 -46.23
N LEU H 680 -5.44 60.28 -46.57
CA LEU H 680 -4.75 60.40 -47.85
C LEU H 680 -5.32 59.48 -48.91
N GLN H 681 -6.12 58.49 -48.51
CA GLN H 681 -6.80 57.55 -49.38
C GLN H 681 -7.64 58.30 -50.40
N SER H 682 -7.70 57.74 -51.60
CA SER H 682 -8.55 58.21 -52.69
C SER H 682 -9.93 58.63 -52.22
N ALA H 683 -10.29 59.85 -52.56
CA ALA H 683 -11.58 60.41 -52.17
C ALA H 683 -12.76 59.68 -52.79
N LYS H 684 -12.55 58.99 -53.89
CA LYS H 684 -13.55 58.10 -54.45
C LYS H 684 -13.73 56.88 -53.57
N GLU H 685 -12.64 56.32 -53.10
CA GLU H 685 -12.68 55.10 -52.32
C GLU H 685 -13.18 55.32 -50.90
N ASN H 686 -12.95 56.48 -50.32
CA ASN H 686 -13.11 56.74 -48.89
C ASN H 686 -13.80 58.09 -48.73
N ASP H 687 -15.04 58.12 -48.30
CA ASP H 687 -15.74 59.41 -48.15
C ASP H 687 -15.43 60.12 -46.84
N GLU H 688 -14.61 59.57 -45.97
CA GLU H 688 -14.03 60.33 -44.87
C GLU H 688 -12.67 60.93 -45.22
N ALA H 689 -12.03 60.51 -46.29
CA ALA H 689 -10.72 61.06 -46.59
C ALA H 689 -10.83 62.46 -47.17
N LEU H 690 -9.72 63.19 -47.12
CA LEU H 690 -9.59 64.51 -47.73
C LEU H 690 -10.13 64.56 -49.15
N THR H 691 -10.98 65.54 -49.44
CA THR H 691 -11.38 65.77 -50.82
C THR H 691 -10.15 66.13 -51.64
N ASP H 692 -10.27 66.05 -52.96
CA ASP H 692 -9.11 66.35 -53.81
C ASP H 692 -8.74 67.83 -53.75
N GLU H 693 -9.71 68.69 -53.47
CA GLU H 693 -9.47 70.11 -53.30
C GLU H 693 -8.84 70.41 -51.95
N GLU H 694 -9.31 69.79 -50.88
CA GLU H 694 -8.64 69.84 -49.58
C GLU H 694 -7.24 69.25 -49.64
N PHE H 695 -7.04 68.22 -50.44
CA PHE H 695 -5.72 67.60 -50.53
C PHE H 695 -4.76 68.53 -51.25
N ALA H 696 -5.21 69.20 -52.29
CA ALA H 696 -4.33 70.09 -53.00
C ALA H 696 -4.16 71.44 -52.33
N ASP H 697 -4.99 71.79 -51.37
CA ASP H 697 -4.67 72.97 -50.60
C ASP H 697 -3.53 72.68 -49.63
N ILE H 698 -3.59 71.51 -49.01
CA ILE H 698 -2.58 71.10 -48.05
C ILE H 698 -1.26 70.84 -48.76
N PHE H 699 -1.28 70.01 -49.78
CA PHE H 699 -0.02 69.51 -50.32
C PHE H 699 0.57 70.32 -51.46
N THR H 700 -0.16 70.64 -52.51
CA THR H 700 -0.15 71.87 -53.32
C THR H 700 -0.71 71.30 -54.61
N ALA H 701 -0.90 72.10 -55.64
CA ALA H 701 -1.14 71.49 -56.93
C ALA H 701 0.15 71.01 -57.60
N ASP H 702 1.29 71.67 -57.35
CA ASP H 702 2.48 71.38 -58.14
C ASP H 702 3.83 71.49 -57.44
N LYS H 703 3.92 71.61 -56.26
CA LYS H 703 5.24 71.74 -55.66
C LYS H 703 5.80 70.39 -55.26
N PRO H 704 7.11 70.23 -55.28
CA PRO H 704 7.73 69.04 -54.70
C PRO H 704 7.38 68.81 -53.23
N VAL H 705 6.83 67.65 -52.92
CA VAL H 705 6.54 67.28 -51.53
C VAL H 705 7.59 66.30 -51.08
N LEU H 706 8.35 66.65 -50.07
CA LEU H 706 9.17 65.71 -49.35
C LEU H 706 8.37 65.18 -48.17
N PHE H 707 8.24 63.87 -48.08
CA PHE H 707 7.33 63.20 -47.17
C PHE H 707 8.14 62.19 -46.34
N ALA H 708 8.37 62.49 -45.08
CA ALA H 708 9.01 61.54 -44.19
C ALA H 708 7.92 60.72 -43.53
N TYR H 709 7.93 59.43 -43.75
CA TYR H 709 6.88 58.52 -43.28
C TYR H 709 7.44 57.53 -42.29
N HIS H 710 6.66 57.19 -41.26
CA HIS H 710 7.11 56.31 -40.20
C HIS H 710 7.38 54.87 -40.70
N SER H 711 6.63 54.37 -41.66
CA SER H 711 6.65 52.95 -41.99
C SER H 711 7.15 52.85 -43.41
N TYR H 712 6.87 51.80 -44.14
CA TYR H 712 7.35 51.65 -45.51
C TYR H 712 6.71 52.68 -46.46
N ALA H 713 7.56 53.41 -47.17
CA ALA H 713 7.16 54.35 -48.22
C ALA H 713 6.16 53.78 -49.22
N HIS H 714 6.24 52.50 -49.49
CA HIS H 714 5.26 51.79 -50.31
C HIS H 714 3.81 51.96 -49.86
N ASP H 715 3.55 52.01 -48.53
CA ASP H 715 2.20 52.32 -48.01
C ASP H 715 1.66 53.62 -48.56
N VAL H 716 2.46 54.66 -48.54
CA VAL H 716 2.01 55.98 -48.95
C VAL H 716 1.90 56.07 -50.46
N ARG H 717 2.89 55.55 -51.18
CA ARG H 717 2.89 55.61 -52.64
C ARG H 717 1.67 54.91 -53.21
N GLY H 718 1.28 53.80 -52.60
CA GLY H 718 0.08 53.10 -53.00
C GLY H 718 -1.21 53.84 -52.72
N LEU H 719 -1.28 54.56 -51.63
CA LEU H 719 -2.47 55.29 -51.21
C LEU H 719 -2.74 56.53 -52.03
N ILE H 720 -1.71 57.25 -52.46
CA ILE H 720 -1.89 58.53 -53.12
C ILE H 720 -1.86 58.42 -54.64
N TYR H 721 -2.10 57.23 -55.19
CA TYR H 721 -1.80 56.94 -56.61
C TYR H 721 -2.63 57.77 -57.56
N ASP H 722 -3.81 58.21 -57.14
CA ASP H 722 -4.65 59.09 -57.93
C ASP H 722 -4.90 60.45 -57.27
N ARG H 723 -4.06 60.85 -56.37
CA ARG H 723 -4.20 62.16 -55.76
C ARG H 723 -3.56 63.23 -56.64
N PRO H 724 -4.04 64.48 -56.56
CA PRO H 724 -3.35 65.59 -57.24
C PRO H 724 -1.92 65.75 -56.77
N ASN H 725 -1.04 66.05 -57.70
CA ASN H 725 0.38 66.29 -57.45
C ASN H 725 1.10 65.06 -56.90
N HIS H 726 0.65 63.85 -57.19
CA HIS H 726 1.26 62.70 -56.52
C HIS H 726 2.58 62.29 -57.13
N ASP H 727 2.81 62.61 -58.40
CA ASP H 727 4.11 62.43 -59.04
C ASP H 727 5.18 63.31 -58.45
N ASN H 728 4.84 64.31 -57.66
CA ASN H 728 5.85 65.14 -57.05
C ASN H 728 6.19 64.72 -55.65
N PHE H 729 5.47 63.77 -55.08
CA PHE H 729 5.83 63.25 -53.78
C PHE H 729 7.14 62.50 -53.84
N ASN H 730 7.89 62.61 -52.76
CA ASN H 730 9.14 61.90 -52.57
C ASN H 730 9.10 61.31 -51.17
N VAL H 731 8.66 60.08 -51.06
CA VAL H 731 8.36 59.50 -49.77
C VAL H 731 9.63 58.87 -49.23
N HIS H 732 9.96 59.14 -47.98
CA HIS H 732 11.05 58.46 -47.28
C HIS H 732 10.43 57.71 -46.12
N GLY H 733 10.62 56.41 -46.09
CA GLY H 733 10.26 55.63 -44.95
C GLY H 733 11.33 54.75 -44.37
N TYR H 734 10.95 53.80 -43.53
CA TYR H 734 11.81 52.68 -43.19
C TYR H 734 12.19 51.91 -44.45
N GLU H 735 13.46 51.64 -44.61
CA GLU H 735 13.89 50.90 -45.79
C GLU H 735 14.72 49.70 -45.41
N GLU H 736 14.37 49.01 -44.33
CA GLU H 736 15.04 47.77 -43.91
C GLU H 736 16.52 47.98 -43.59
N GLU H 737 16.90 49.13 -43.09
CA GLU H 737 18.25 49.31 -42.62
C GLU H 737 18.22 49.58 -41.13
N GLY H 738 19.25 49.13 -40.46
CA GLY H 738 19.40 49.37 -39.05
C GLY H 738 20.25 48.29 -38.42
N SER H 739 20.54 48.49 -37.17
CA SER H 739 21.40 47.63 -36.37
C SER H 739 21.16 48.08 -34.94
N THR H 740 21.88 47.53 -33.99
CA THR H 740 21.86 48.12 -32.66
C THR H 740 22.78 49.32 -32.70
N THR H 741 22.26 50.52 -32.47
CA THR H 741 23.06 51.71 -32.79
C THR H 741 22.47 52.92 -32.05
N THR H 742 22.82 54.07 -32.42
CA THR H 742 22.28 55.27 -31.80
C THR H 742 21.01 55.69 -32.53
N PRO H 743 20.17 56.55 -31.94
CA PRO H 743 18.99 57.02 -32.68
C PRO H 743 19.26 57.77 -33.95
N TYR H 744 20.32 58.58 -33.99
CA TYR H 744 20.68 59.27 -35.22
C TYR H 744 21.04 58.28 -36.29
N ASP H 745 21.83 57.28 -35.96
CA ASP H 745 22.21 56.32 -36.96
C ASP H 745 21.04 55.53 -37.53
N MET H 746 19.96 55.31 -36.77
CA MET H 746 18.74 54.72 -37.31
C MET H 746 18.08 55.58 -38.37
N VAL H 747 17.98 56.88 -38.14
CA VAL H 747 17.36 57.70 -39.14
C VAL H 747 18.31 57.93 -40.32
N ARG H 748 19.62 57.92 -40.11
CA ARG H 748 20.59 58.15 -41.15
C ARG H 748 20.61 57.03 -42.18
N VAL H 749 20.63 55.78 -41.73
CA VAL H 749 20.74 54.66 -42.66
C VAL H 749 19.46 54.43 -43.43
N ASN H 750 18.34 54.99 -43.00
CA ASN H 750 17.09 54.88 -43.69
C ASN H 750 16.75 56.15 -44.46
N ARG H 751 17.69 57.11 -44.51
CA ARG H 751 17.62 58.32 -45.37
C ARG H 751 16.46 59.22 -44.99
N ILE H 752 16.28 59.37 -43.67
CA ILE H 752 15.21 60.15 -43.11
C ILE H 752 15.70 61.10 -42.03
N ASP H 753 16.99 61.09 -41.72
CA ASP H 753 17.62 62.06 -40.84
C ASP H 753 17.49 63.46 -41.38
N ARG H 754 17.57 64.43 -40.47
CA ARG H 754 17.42 65.84 -40.77
C ARG H 754 18.40 66.36 -41.82
N TYR H 755 19.59 65.80 -41.94
CA TYR H 755 20.56 66.33 -42.88
C TYR H 755 20.29 65.82 -44.26
N GLU H 756 19.93 64.56 -44.38
CA GLU H 756 19.52 64.01 -45.66
C GLU H 756 18.25 64.65 -46.17
N LEU H 757 17.28 64.85 -45.29
CA LEU H 757 16.03 65.51 -45.64
C LEU H 757 16.25 66.96 -46.05
N THR H 758 17.13 67.68 -45.36
CA THR H 758 17.52 69.01 -45.80
C THR H 758 18.12 68.98 -47.19
N ALA H 759 18.99 68.02 -47.43
CA ALA H 759 19.66 67.86 -48.72
C ALA H 759 18.71 67.46 -49.81
N GLU H 760 17.75 66.56 -49.53
CA GLU H 760 16.75 66.18 -50.52
C GLU H 760 15.85 67.34 -50.90
N ALA H 761 15.46 68.18 -49.93
CA ALA H 761 14.71 69.38 -50.25
C ALA H 761 15.47 70.31 -51.18
N LEU H 762 16.77 70.48 -50.98
CA LEU H 762 17.55 71.35 -51.85
C LEU H 762 17.73 70.76 -53.24
N ARG H 763 17.83 69.44 -53.35
CA ARG H 763 17.90 68.82 -54.67
C ARG H 763 16.59 68.95 -55.42
N MET H 764 15.47 68.90 -54.71
CA MET H 764 14.16 69.10 -55.29
C MET H 764 13.94 70.54 -55.72
N ILE H 765 14.53 71.52 -55.03
CA ILE H 765 14.29 72.92 -55.35
C ILE H 765 15.21 73.34 -56.49
N ASP H 766 16.51 73.18 -56.29
CA ASP H 766 17.53 73.46 -57.30
C ASP H 766 18.81 72.73 -56.86
N ALA H 767 19.10 71.59 -57.47
CA ALA H 767 20.21 70.76 -57.01
C ALA H 767 21.57 71.32 -57.37
N ASP H 768 21.59 72.46 -58.05
CA ASP H 768 22.70 73.05 -58.74
C ASP H 768 23.20 74.33 -58.09
N LYS H 769 22.29 75.23 -57.70
CA LYS H 769 22.67 76.39 -56.91
C LYS H 769 22.96 76.01 -55.45
N TYR H 770 22.39 74.92 -54.95
CA TYR H 770 22.65 74.49 -53.59
C TYR H 770 23.67 73.39 -53.55
N ALA H 771 24.44 73.22 -54.63
CA ALA H 771 25.34 72.08 -54.75
C ALA H 771 26.43 72.08 -53.69
N ASP H 772 26.90 73.26 -53.31
CA ASP H 772 27.92 73.35 -52.27
C ASP H 772 27.36 72.91 -50.94
N LYS H 773 26.20 73.43 -50.56
CA LYS H 773 25.58 73.16 -49.28
C LYS H 773 25.10 71.73 -49.19
N ILE H 774 24.67 71.14 -50.31
CA ILE H 774 24.31 69.73 -50.35
C ILE H 774 25.51 68.85 -50.02
N ASP H 775 26.65 69.06 -50.71
CA ASP H 775 27.89 68.33 -50.41
C ASP H 775 28.34 68.54 -48.97
N GLU H 776 28.05 69.68 -48.39
CA GLU H 776 28.32 69.93 -46.99
C GLU H 776 27.41 69.14 -46.05
N LEU H 777 26.13 69.02 -46.37
CA LEU H 777 25.24 68.26 -45.50
C LEU H 777 25.57 66.77 -45.53
N GLU H 778 25.88 66.23 -46.70
CA GLU H 778 26.25 64.82 -46.84
C GLU H 778 27.53 64.47 -46.11
N LYS H 779 28.48 65.41 -46.04
CA LYS H 779 29.71 65.16 -45.33
C LYS H 779 29.49 65.17 -43.82
N PHE H 780 28.60 66.03 -43.32
CA PHE H 780 28.25 66.01 -41.92
C PHE H 780 27.59 64.71 -41.50
N ARG H 781 26.82 64.09 -42.39
CA ARG H 781 26.14 62.85 -42.04
C ARG H 781 27.13 61.77 -41.71
N ASP H 782 28.21 61.71 -42.47
CA ASP H 782 29.28 60.78 -42.21
C ASP H 782 30.05 61.16 -40.97
N GLU H 783 30.10 62.45 -40.65
CA GLU H 783 30.85 62.92 -39.52
C GLU H 783 30.09 62.75 -38.22
N ALA H 784 28.80 63.04 -38.22
CA ALA H 784 27.97 62.71 -37.07
C ALA H 784 27.88 61.19 -36.84
N PHE H 785 27.96 60.37 -37.88
CA PHE H 785 28.11 58.93 -37.62
C PHE H 785 29.45 58.58 -37.03
N GLN H 786 30.52 59.18 -37.53
CA GLN H 786 31.83 58.91 -36.97
C GLN H 786 31.98 59.41 -35.53
N PHE H 787 31.25 60.45 -35.14
CA PHE H 787 31.21 60.88 -33.76
C PHE H 787 30.60 59.81 -32.86
N ALA H 788 29.48 59.22 -33.27
CA ALA H 788 28.82 58.19 -32.48
C ALA H 788 29.74 57.00 -32.27
N VAL H 789 30.44 56.57 -33.32
CA VAL H 789 31.40 55.49 -33.21
C VAL H 789 32.52 55.82 -32.22
N ASP H 790 33.06 57.03 -32.30
CA ASP H 790 34.19 57.40 -31.47
C ASP H 790 33.79 57.58 -30.00
N ASN H 791 32.68 58.24 -29.74
CA ASN H 791 32.37 58.71 -28.42
C ASN H 791 31.36 57.88 -27.69
N GLY H 792 30.48 57.18 -28.40
CA GLY H 792 29.48 56.38 -27.77
C GLY H 792 28.10 56.98 -27.60
N TYR H 793 27.78 58.07 -28.29
CA TYR H 793 26.53 58.81 -28.14
C TYR H 793 26.51 59.77 -29.31
N ASP H 794 25.33 60.30 -29.62
CA ASP H 794 25.15 61.08 -30.82
C ASP H 794 25.77 62.47 -30.71
N HIS H 795 26.10 63.01 -31.86
CA HIS H 795 26.71 64.32 -32.01
C HIS H 795 25.84 65.41 -31.38
N PRO H 796 26.43 66.38 -30.68
CA PRO H 796 25.62 67.40 -30.00
C PRO H 796 24.78 68.25 -30.90
N ASP H 797 25.14 68.42 -32.18
CA ASP H 797 24.22 69.10 -33.08
C ASP H 797 22.95 68.33 -33.27
N TYR H 798 23.00 67.01 -33.18
CA TYR H 798 21.81 66.21 -33.22
C TYR H 798 21.08 66.26 -31.88
N THR H 799 21.75 65.89 -30.79
CA THR H 799 21.05 65.66 -29.53
C THR H 799 20.57 66.94 -28.85
N ASP H 800 21.21 68.06 -29.09
CA ASP H 800 20.89 69.25 -28.34
C ASP H 800 19.97 70.19 -29.11
N TRP H 801 19.42 69.75 -30.23
CA TRP H 801 18.62 70.61 -31.08
C TRP H 801 17.25 70.88 -30.46
N VAL H 802 16.87 72.12 -30.43
CA VAL H 802 15.53 72.52 -30.06
C VAL H 802 15.01 73.37 -31.20
N TYR H 803 13.74 73.23 -31.51
CA TYR H 803 13.13 74.02 -32.55
C TYR H 803 13.12 75.50 -32.20
N SER H 804 13.40 76.32 -33.20
CA SER H 804 13.59 77.76 -33.03
C SER H 804 12.32 78.45 -32.51
N GLY H 805 11.16 77.89 -32.77
CA GLY H 805 9.91 78.28 -32.14
C GLY H 805 9.88 78.21 -30.62
N VAL H 806 10.82 77.54 -29.99
CA VAL H 806 10.84 77.43 -28.54
C VAL H 806 11.51 78.66 -27.95
N ASN H 807 10.78 79.34 -27.10
CA ASN H 807 11.30 80.41 -26.29
C ASN H 807 11.69 79.94 -24.94
N1' TPP I . -10.13 39.58 25.99
C2' TPP I . -10.72 38.68 26.83
CM2 TPP I . -9.95 37.85 27.83
N3' TPP I . -12.07 38.51 26.71
C4' TPP I . -12.80 39.22 25.81
N4' TPP I . -14.07 39.07 25.80
C5' TPP I . -12.20 40.17 24.99
C6' TPP I . -10.84 40.31 25.10
C7' TPP I . -13.00 40.94 24.00
N3 TPP I . -13.76 40.13 23.07
C2 TPP I . -15.10 39.81 23.07
S1 TPP I . -15.76 38.96 21.94
C5 TPP I . -14.28 38.89 21.38
C4 TPP I . -13.28 39.53 22.05
CM4 TPP I . -11.87 39.69 21.62
C6 TPP I . -14.17 38.07 20.15
C7 TPP I . -14.54 36.69 20.55
O7 TPP I . -14.27 35.74 19.55
PA TPP I . -14.85 34.34 19.42
O1A TPP I . -14.19 33.71 20.53
O2A TPP I . -14.15 34.20 18.22
O3A TPP I . -16.34 34.77 19.51
PB TPP I . -17.52 34.80 18.51
O1B TPP I . -17.05 34.87 17.24
O2B TPP I . -18.17 33.54 18.49
O3B TPP I . -18.33 35.97 18.54
CA CA J . -15.41 33.44 16.39
N1' TPP K . 2.92 28.17 39.27
C2' TPP K . 3.51 29.04 38.41
CM2 TPP K . 2.73 29.93 37.46
N3' TPP K . 4.87 29.06 38.39
C4' TPP K . 5.62 28.27 39.21
N4' TPP K . 6.89 28.40 39.19
C5' TPP K . 5.01 27.43 40.12
C6' TPP K . 3.64 27.38 40.11
C7' TPP K . 5.83 26.55 41.02
N3 TPP K . 6.75 25.68 40.33
C2 TPP K . 8.11 25.83 40.16
S1 TPP K . 8.98 24.75 39.44
C5 TPP K . 7.59 24.02 39.23
C4 TPP K . 6.45 24.60 39.72
CM4 TPP K . 5.08 24.03 39.75
C6 TPP K . 7.69 22.77 38.46
C7 TPP K . 8.17 23.16 37.11
O7 TPP K . 8.11 22.11 36.18
PA TPP K . 8.85 21.99 34.85
O1A TPP K . 8.30 20.72 34.69
O2A TPP K . 8.15 23.01 34.11
O3A TPP K . 10.26 22.27 35.43
PB TPP K . 11.54 21.40 35.63
O1B TPP K . 12.21 21.55 36.88
O2B TPP K . 12.32 21.42 34.46
O3B TPP K . 11.19 20.09 35.71
CA CA L . 9.82 19.02 34.16
N1' TPP M . -3.24 -40.14 -26.90
C2' TPP M . -3.79 -39.29 -27.82
CM2 TPP M . -2.96 -38.40 -28.71
N3' TPP M . -5.15 -39.24 -27.87
C4' TPP M . -5.93 -40.02 -27.08
N4' TPP M . -7.20 -39.96 -27.23
C5' TPP M . -5.37 -40.91 -26.18
C6' TPP M . -4.00 -40.94 -26.10
C7' TPP M . -6.24 -41.76 -25.30
N3 TPP M . -7.17 -41.01 -24.48
C2 TPP M . -8.52 -40.81 -24.67
S1 TPP M . -9.39 -40.03 -23.64
C5 TPP M . -8.01 -39.83 -22.88
C4 TPP M . -6.87 -40.38 -23.41
CM4 TPP M . -5.53 -40.42 -22.80
C6 TPP M . -8.13 -39.02 -21.66
C7 TPP M . -8.56 -37.67 -22.11
O7 TPP M . -8.51 -36.71 -21.09
PA TPP M . -9.21 -35.35 -21.04
O1A TPP M . -8.47 -34.67 -22.06
O2A TPP M . -8.68 -35.17 -19.77
O3A TPP M . -10.63 -35.90 -21.33
PB TPP M . -11.94 -36.04 -20.50
O1B TPP M . -11.62 -36.08 -19.18
O2B TPP M . -12.67 -34.85 -20.57
O3B TPP M . -12.63 -37.28 -20.62
CA CA N . -10.24 -34.53 -18.12
N1' TPP O . 10.47 -27.61 -38.39
C2' TPP O . 11.01 -28.44 -37.44
CM2 TPP O . 10.19 -29.39 -36.60
N3' TPP O . 12.36 -28.35 -37.24
C4' TPP O . 13.13 -27.50 -37.96
N4' TPP O . 14.40 -27.51 -37.77
C5' TPP O . 12.58 -26.70 -38.95
C6' TPP O . 11.23 -26.77 -39.13
C7' TPP O . 13.44 -25.75 -39.74
N3 TPP O . 14.19 -24.81 -38.94
C2 TPP O . 15.52 -24.84 -38.58
S1 TPP O . 16.19 -23.70 -37.75
C5 TPP O . 14.73 -23.09 -37.73
C4 TPP O . 13.72 -23.76 -38.38
CM4 TPP O . 12.33 -23.30 -38.60
C6 TPP O . 14.63 -21.84 -36.97
C7 TPP O . 14.95 -22.20 -35.57
O7 TPP O . 14.68 -21.16 -34.66
PA TPP O . 15.22 -20.99 -33.24
O1A TPP O . 14.55 -19.77 -33.17
O2A TPP O . 14.52 -22.06 -32.60
O3A TPP O . 16.72 -21.14 -33.63
PB TPP O . 17.93 -20.18 -33.66
O1B TPP O . 18.78 -20.26 -34.81
O2B TPP O . 18.55 -20.13 -32.39
O3B TPP O . 17.49 -18.90 -33.79
CA CA P . 15.84 -17.96 -32.44
N1' TPP Q . -8.25 -26.87 39.43
C2' TPP Q . -8.72 -27.78 38.52
CM2 TPP Q . -7.83 -28.69 37.71
N3' TPP Q . -10.07 -27.80 38.32
C4' TPP Q . -10.91 -26.99 39.01
N4' TPP Q . -12.17 -27.11 38.82
C5' TPP Q . -10.43 -26.11 39.96
C6' TPP Q . -9.07 -26.06 40.14
C7' TPP Q . -11.36 -25.20 40.71
N3 TPP Q . -12.18 -24.36 39.88
C2 TPP Q . -13.51 -24.51 39.53
S1 TPP Q . -14.27 -23.46 38.66
C5 TPP Q . -12.85 -22.74 38.61
C4 TPP Q . -11.80 -23.30 39.28
CM4 TPP Q . -10.45 -22.72 39.48
C6 TPP Q . -12.86 -21.51 37.80
C7 TPP Q . -13.15 -21.95 36.41
O7 TPP Q . -12.97 -20.93 35.46
PA TPP Q . -13.51 -20.86 34.04
O1A TPP Q . -12.73 -21.90 33.44
O2A TPP Q . -12.95 -19.59 33.92
O3A TPP Q . -15.00 -21.12 34.44
PB TPP Q . -16.29 -20.25 34.43
O1B TPP Q . -15.94 -18.94 34.51
O2B TPP Q . -16.89 -20.30 33.16
O3B TPP Q . -17.11 -20.36 35.58
CA CA R . -14.38 -17.92 33.12
N1' TPP S . 6.45 -38.68 28.41
C2' TPP S . 6.92 -37.76 29.29
CM2 TPP S . 6.03 -36.90 30.16
N3' TPP S . 8.28 -37.59 29.35
C4' TPP S . 9.12 -38.33 28.59
N4' TPP S . 10.38 -38.17 28.73
C5' TPP S . 8.64 -39.30 27.72
C6' TPP S . 7.27 -39.44 27.64
C7' TPP S . 9.57 -40.11 26.87
N3 TPP S . 10.44 -39.32 26.02
C2 TPP S . 11.77 -39.00 26.20
S1 TPP S . 12.58 -38.19 25.14
C5 TPP S . 11.19 -38.14 24.38
C4 TPP S . 10.10 -38.76 24.93
CM4 TPP S . 8.76 -38.94 24.32
C6 TPP S . 11.24 -37.37 23.12
C7 TPP S . 11.56 -35.97 23.52
O7 TPP S . 11.43 -35.06 22.47
PA TPP S . 12.02 -33.65 22.37
O1A TPP S . 11.49 -33.56 21.08
O2A TPP S . 11.22 -32.99 23.36
O3A TPP S . 13.48 -34.07 22.68
PB TPP S . 14.79 -34.14 21.84
O1B TPP S . 15.59 -35.31 22.02
O2B TPP S . 15.44 -32.89 21.87
O3B TPP S . 14.49 -34.25 20.53
CA CA T . 12.99 -32.86 19.42
N1' TPP U . 6.94 39.24 -27.52
C2' TPP U . 7.60 38.36 -28.33
CM2 TPP U . 6.90 37.44 -29.30
N3' TPP U . 8.96 38.31 -28.20
C4' TPP U . 9.63 39.10 -27.33
N4' TPP U . 10.90 39.05 -27.31
C5' TPP U . 8.95 40.03 -26.55
C6' TPP U . 7.59 40.06 -26.66
C7' TPP U . 9.70 40.91 -25.58
N3 TPP U . 10.50 40.19 -24.62
C2 TPP U . 11.87 39.99 -24.62
S1 TPP U . 12.59 39.24 -23.46
C5 TPP U . 11.13 39.06 -22.89
C4 TPP U . 10.07 39.60 -23.59
CM4 TPP U . 8.65 39.66 -23.16
C6 TPP U . 11.08 38.29 -21.63
C7 TPP U . 11.56 36.93 -21.98
O7 TPP U . 11.37 36.00 -20.95
PA TPP U . 12.05 34.66 -20.76
O1A TPP U . 11.36 34.51 -19.55
O2A TPP U . 11.45 33.94 -21.84
O3A TPP U . 13.50 35.20 -20.87
PB TPP U . 14.68 35.37 -19.87
O1B TPP U . 15.40 36.60 -19.94
O2B TPP U . 15.43 34.17 -19.80
O3B TPP U . 14.19 35.45 -18.61
CA CA V . 12.68 33.93 -17.70
N1' TPP W . -5.12 26.31 -40.33
C2' TPP W . -5.79 27.16 -39.50
CM2 TPP W . -5.09 28.14 -38.59
N3' TPP W . -7.15 27.07 -39.48
C4' TPP W . -7.82 26.19 -40.27
N4' TPP W . -9.10 26.21 -40.25
C5' TPP W . -7.15 25.36 -41.15
C6' TPP W . -5.77 25.43 -41.14
C7' TPP W . -7.89 24.39 -42.01
N3 TPP W . -8.74 23.48 -41.29
C2 TPP W . -10.11 23.52 -41.12
S1 TPP W . -10.89 22.40 -40.35
C5 TPP W . -9.43 21.80 -40.12
C4 TPP W . -8.35 22.45 -40.64
CM4 TPP W . -6.95 21.99 -40.65
C6 TPP W . -9.45 20.57 -39.30
C7 TPP W . -9.95 20.97 -37.97
O7 TPP W . -9.82 19.98 -37.01
PA TPP W . -10.54 19.85 -35.67
O1A TPP W . -9.93 20.94 -34.97
O2A TPP W . -9.89 18.63 -35.46
O3A TPP W . -11.97 19.98 -36.26
PB TPP W . -13.18 19.01 -36.42
O1B TPP W . -12.72 17.72 -36.45
O2B TPP W . -13.96 19.01 -35.25
O3B TPP W . -13.86 19.06 -37.67
CA CA X . -11.27 16.83 -34.86
#